data_8VHP
#
_entry.id   8VHP
#
_cell.length_a   288.719
_cell.length_b   316.613
_cell.length_c   158.940
_cell.angle_alpha   90.000
_cell.angle_beta   90.000
_cell.angle_gamma   90.000
#
_symmetry.space_group_name_H-M   'C 2 2 21'
#
loop_
_entity.id
_entity.type
_entity.pdbx_description
1 polymer 'Ribonucleoside-diphosphate reductase 1 subunit alpha'
2 non-polymer 'SULFATE ION'
3 non-polymer "ADENOSINE-5'-TRIPHOSPHATE"
4 non-polymer 'MAGNESIUM ION'
5 non-polymer "CYTIDINE-5'-DIPHOSPHATE"
6 water water
#
_entity_poly.entity_id   1
_entity_poly.type   'polypeptide(L)'
_entity_poly.pdbx_seq_one_letter_code
;MGSSHHHHHHSSGLVPRGSMNQNLLVTKRDGSTERINLDKIHRVLDAAAEGLHNVSISQVELRSHIQFYDGIKTSDIHET
IIKAAADLISRDAPDYQYLAARLAIFHLRKKAYGQFEPPALYDHVVKMVEMGKYDNHLLEDYTEEEFKQMDTFIDHDRDM
TFSYAAVKQLEGKYLVQNRVTGEIYESAQFLYILVAACLFSNYPRETRLQYVKRFYDAVSTFKISLPTPIMSGVRTPTRQ
FSSCVLIECGDSLDSINATSSAIVKYVSQRAGIGINAGRIRALGSPIRGGEAFHTGCIPFYKHFQTAVKSCSQGGVRGGA
ATLFYPMWHLEVESLLVLKNNRGVEGNRVRHMDYGVQINKLMYTRLLKGEDITLFSPSDVPGLYDAFFADQEEFERLYTK
YEKDDSIRKQRVKAVELFSLMMQERASTGRIYIQNVDHCNTHSPFDPAIAPVRQSNLCLEIALPTKPLNDVNDENGEIAL
CTLSAFNLGAINNLDELEELAILAVRALDALLDYQDYPIPAAKRGAMGRRTLGIGVINFAYYLAKHGKRYSDGSANNLTH
KTFEAIQYYLLKASNELAKEQGACPWFNETTYAKGILPIDTYKKDLDTIANEPLHYDWEALRESIKTHGLRNSTLSALMP
SETSSQISNATNGIEPPRGYVSIKASKDGILRQVVPDYEHLHDAYELLWEMPGNDGYLQLVGIMQKFIDQSISANTNYDP
SRFPSGKVPMQQLLKDLLTAYKFGVKTLYYQNTRDGAEDAQDDLVPSIQDDGCESGACK
;
_entity_poly.pdbx_strand_id   A,B,C,D,E,F,G,H
#
loop_
_chem_comp.id
_chem_comp.type
_chem_comp.name
_chem_comp.formula
ATP non-polymer ADENOSINE-5'-TRIPHOSPHATE 'C10 H16 N5 O13 P3'
CDP non-polymer CYTIDINE-5'-DIPHOSPHATE 'C9 H15 N3 O11 P2'
MG non-polymer 'MAGNESIUM ION' 'Mg 2'
SO4 non-polymer 'SULFATE ION' 'O4 S -2'
#
# COMPACT_ATOMS: atom_id res chain seq x y z
N GLN A 22 6.10 65.31 50.27
CA GLN A 22 4.65 65.19 50.42
C GLN A 22 4.32 64.59 51.78
N ASN A 23 3.06 64.70 52.19
CA ASN A 23 2.67 64.13 53.46
C ASN A 23 2.12 62.72 53.32
N LEU A 24 2.62 61.88 54.22
CA LEU A 24 2.22 60.50 54.40
C LEU A 24 0.79 60.48 54.91
N LEU A 25 -0.07 59.67 54.30
CA LEU A 25 -1.47 59.57 54.73
C LEU A 25 -1.80 58.18 55.27
N VAL A 26 -2.84 58.11 56.09
CA VAL A 26 -3.37 56.82 56.52
C VAL A 26 -4.78 56.70 56.00
N THR A 27 -5.25 55.47 55.85
CA THR A 27 -6.61 55.23 55.39
C THR A 27 -7.47 54.85 56.59
N LYS A 28 -8.49 55.65 56.85
CA LYS A 28 -9.40 55.42 57.97
C LYS A 28 -10.30 54.22 57.70
N ARG A 29 -11.18 53.92 58.63
CA ARG A 29 -12.05 52.76 58.47
C ARG A 29 -13.12 52.98 57.41
N ASP A 30 -13.59 54.21 57.26
CA ASP A 30 -14.64 54.51 56.29
C ASP A 30 -14.09 54.61 54.86
N GLY A 31 -12.78 54.51 54.71
CA GLY A 31 -12.17 54.53 53.39
C GLY A 31 -11.54 55.86 53.03
N SER A 32 -11.81 56.88 53.84
CA SER A 32 -11.23 58.19 53.62
C SER A 32 -9.78 58.21 54.07
N THR A 33 -9.09 59.31 53.80
CA THR A 33 -7.70 59.45 54.19
C THR A 33 -7.47 60.70 55.02
N GLU A 34 -6.46 60.66 55.89
CA GLU A 34 -6.04 61.85 56.62
C GLU A 34 -4.55 61.76 56.93
N ARG A 35 -3.95 62.91 57.19
CA ARG A 35 -2.53 63.00 57.48
C ARG A 35 -2.21 62.19 58.72
N ILE A 36 -1.09 61.46 58.69
CA ILE A 36 -0.74 60.60 59.80
C ILE A 36 -0.48 61.42 61.06
N ASN A 37 -0.97 60.89 62.18
CA ASN A 37 -0.86 61.53 63.48
C ASN A 37 -0.28 60.55 64.49
N LEU A 38 1.01 60.70 64.76
CA LEU A 38 1.71 59.77 65.64
C LEU A 38 1.27 59.95 67.09
N ASP A 39 0.65 61.09 67.37
CA ASP A 39 0.19 61.43 68.70
C ASP A 39 -1.03 60.59 69.07
N LYS A 40 -1.84 60.28 68.07
CA LYS A 40 -3.00 59.44 68.25
C LYS A 40 -2.60 58.04 68.68
N ILE A 41 -1.58 57.50 68.02
CA ILE A 41 -1.05 56.19 68.36
C ILE A 41 -0.42 56.20 69.75
N HIS A 42 0.32 57.26 70.04
CA HIS A 42 0.99 57.42 71.33
C HIS A 42 -0.01 57.44 72.48
N ARG A 43 -1.15 58.06 72.22
CA ARG A 43 -2.19 58.23 73.21
C ARG A 43 -2.83 56.88 73.52
N VAL A 44 -2.98 56.04 72.49
CA VAL A 44 -3.50 54.69 72.62
C VAL A 44 -2.57 53.81 73.44
N LEU A 45 -1.27 53.98 73.20
CA LEU A 45 -0.23 53.24 73.92
C LEU A 45 -0.17 53.61 75.41
N ASP A 46 -0.43 54.87 75.72
CA ASP A 46 -0.43 55.34 77.10
C ASP A 46 -1.55 54.70 77.92
N ALA A 47 -2.70 54.49 77.28
CA ALA A 47 -3.84 53.89 77.95
C ALA A 47 -3.57 52.42 78.28
N ALA A 48 -2.83 51.75 77.41
CA ALA A 48 -2.58 50.32 77.58
C ALA A 48 -1.39 50.06 78.50
N ALA A 49 -0.56 51.07 78.70
CA ALA A 49 0.64 50.91 79.50
C ALA A 49 0.44 51.35 80.95
N GLU A 50 -0.78 51.77 81.26
CA GLU A 50 -1.09 52.28 82.59
C GLU A 50 -0.95 51.20 83.67
N GLY A 51 -0.10 51.45 84.65
CA GLY A 51 0.07 50.56 85.77
C GLY A 51 1.09 49.47 85.53
N LEU A 52 1.70 49.50 84.34
CA LEU A 52 2.68 48.50 83.96
C LEU A 52 4.08 48.99 84.30
N HIS A 53 5.01 48.05 84.40
CA HIS A 53 6.39 48.38 84.76
C HIS A 53 7.40 47.88 83.75
N ASN A 54 8.49 48.64 83.62
CA ASN A 54 9.62 48.29 82.76
C ASN A 54 9.25 48.14 81.29
N VAL A 55 8.24 48.90 80.85
CA VAL A 55 7.89 48.95 79.43
C VAL A 55 8.23 50.32 78.86
N SER A 56 8.57 50.35 77.57
CA SER A 56 8.95 51.59 76.92
C SER A 56 8.09 51.83 75.69
N ILE A 57 7.33 52.92 75.69
CA ILE A 57 6.50 53.29 74.56
C ILE A 57 7.35 53.57 73.32
N SER A 58 8.51 54.19 73.54
CA SER A 58 9.42 54.51 72.44
C SER A 58 9.86 53.26 71.72
N GLN A 59 10.14 52.20 72.49
CA GLN A 59 10.56 50.93 71.90
C GLN A 59 9.48 50.35 71.00
N VAL A 60 8.24 50.41 71.45
CA VAL A 60 7.10 49.93 70.67
C VAL A 60 6.85 50.82 69.46
N GLU A 61 6.88 52.14 69.66
CA GLU A 61 6.65 53.09 68.58
C GLU A 61 7.68 52.98 67.46
N LEU A 62 8.95 52.85 67.84
CA LEU A 62 10.02 52.79 66.86
C LEU A 62 9.88 51.56 65.97
N ARG A 63 9.50 50.42 66.56
CA ARG A 63 9.35 49.19 65.81
C ARG A 63 8.13 49.24 64.91
N SER A 64 7.20 50.13 65.24
CA SER A 64 5.94 50.23 64.53
C SER A 64 6.04 51.22 63.39
N HIS A 65 6.63 52.38 63.68
CA HIS A 65 6.72 53.47 62.72
C HIS A 65 7.47 53.08 61.45
N ILE A 66 8.52 52.28 61.60
CA ILE A 66 9.34 51.89 60.44
C ILE A 66 8.56 51.02 59.45
N GLN A 67 7.47 50.41 59.89
CA GLN A 67 6.67 49.55 59.02
C GLN A 67 5.52 50.31 58.36
N PHE A 68 5.39 51.60 58.66
CA PHE A 68 4.33 52.41 58.08
C PHE A 68 4.65 52.78 56.62
N TYR A 69 3.60 52.95 55.82
CA TYR A 69 3.74 53.32 54.41
C TYR A 69 2.55 54.20 53.98
N ASP A 70 2.64 54.80 52.80
CA ASP A 70 1.62 55.74 52.36
C ASP A 70 0.26 55.06 52.06
N GLY A 71 -0.76 55.55 52.74
CA GLY A 71 -2.11 55.08 52.57
C GLY A 71 -2.34 53.84 53.41
N ILE A 72 -1.48 53.59 54.39
CA ILE A 72 -1.62 52.40 55.22
C ILE A 72 -2.96 52.41 55.97
N LYS A 73 -3.64 51.28 55.97
CA LYS A 73 -4.93 51.17 56.66
C LYS A 73 -4.72 51.35 58.15
N THR A 74 -5.65 52.03 58.78
CA THR A 74 -5.55 52.34 60.18
C THR A 74 -5.65 51.07 61.03
N SER A 75 -6.27 50.03 60.49
CA SER A 75 -6.38 48.76 61.18
C SER A 75 -5.05 48.01 61.13
N ASP A 76 -4.31 48.21 60.05
CA ASP A 76 -2.99 47.61 59.92
C ASP A 76 -2.01 48.32 60.83
N ILE A 77 -2.29 49.58 61.12
CA ILE A 77 -1.51 50.34 62.09
C ILE A 77 -1.68 49.72 63.47
N HIS A 78 -2.91 49.40 63.82
CA HIS A 78 -3.22 48.83 65.11
C HIS A 78 -2.63 47.42 65.28
N GLU A 79 -2.68 46.63 64.23
CA GLU A 79 -2.10 45.29 64.28
C GLU A 79 -0.58 45.35 64.41
N THR A 80 0.01 46.42 63.90
CA THR A 80 1.46 46.59 63.95
C THR A 80 1.96 46.87 65.36
N ILE A 81 1.26 47.75 66.08
CA ILE A 81 1.68 48.10 67.43
C ILE A 81 1.39 46.97 68.41
N ILE A 82 0.42 46.13 68.08
CA ILE A 82 0.15 44.92 68.85
C ILE A 82 1.32 43.94 68.68
N LYS A 83 1.74 43.73 67.44
CA LYS A 83 2.92 42.91 67.16
C LYS A 83 4.19 43.46 67.79
N ALA A 84 4.34 44.77 67.79
CA ALA A 84 5.52 45.41 68.35
C ALA A 84 5.63 45.15 69.84
N ALA A 85 4.51 45.27 70.54
CA ALA A 85 4.48 45.05 71.98
C ALA A 85 4.68 43.56 72.30
N ALA A 86 4.16 42.71 71.43
CA ALA A 86 4.24 41.27 71.64
C ALA A 86 5.65 40.74 71.45
N ASP A 87 6.43 41.40 70.60
CA ASP A 87 7.79 40.96 70.33
C ASP A 87 8.76 41.32 71.46
N LEU A 88 8.33 42.22 72.34
CA LEU A 88 9.18 42.66 73.44
C LEU A 88 8.91 41.89 74.73
N ILE A 89 8.02 40.90 74.66
CA ILE A 89 7.73 40.05 75.80
C ILE A 89 8.94 39.23 76.18
N SER A 90 9.42 39.42 77.40
CA SER A 90 10.64 38.74 77.85
C SER A 90 10.66 38.53 79.35
N ARG A 91 11.73 37.91 79.84
CA ARG A 91 11.93 37.67 81.27
C ARG A 91 12.23 38.98 81.97
N ASP A 92 12.93 39.86 81.25
CA ASP A 92 13.30 41.17 81.75
C ASP A 92 12.11 42.12 81.85
N ALA A 93 11.23 42.05 80.85
CA ALA A 93 10.07 42.92 80.81
C ALA A 93 8.82 42.12 80.48
N PRO A 94 8.33 41.37 81.47
CA PRO A 94 7.16 40.51 81.25
C PRO A 94 5.86 41.28 81.07
N ASP A 95 5.81 42.52 81.55
CA ASP A 95 4.57 43.29 81.50
C ASP A 95 4.15 43.69 80.08
N TYR A 96 5.00 43.38 79.10
CA TYR A 96 4.64 43.58 77.70
C TYR A 96 3.54 42.62 77.29
N GLN A 97 3.37 41.55 78.07
CA GLN A 97 2.32 40.58 77.78
C GLN A 97 0.96 41.21 78.04
N TYR A 98 0.94 42.20 78.91
CA TYR A 98 -0.29 42.92 79.23
C TYR A 98 -0.45 44.14 78.33
N LEU A 99 0.67 44.69 77.89
CA LEU A 99 0.64 45.81 76.96
C LEU A 99 0.06 45.35 75.63
N ALA A 100 0.58 44.23 75.13
CA ALA A 100 0.13 43.66 73.87
C ALA A 100 -1.33 43.22 73.93
N ALA A 101 -1.72 42.67 75.07
CA ALA A 101 -3.09 42.20 75.27
C ALA A 101 -4.12 43.32 75.26
N ARG A 102 -3.84 44.38 76.01
CA ARG A 102 -4.76 45.51 76.11
C ARG A 102 -4.92 46.21 74.77
N LEU A 103 -3.83 46.34 74.03
CA LEU A 103 -3.88 46.88 72.69
C LEU A 103 -4.75 46.01 71.78
N ALA A 104 -4.67 44.70 72.00
CA ALA A 104 -5.47 43.76 71.24
C ALA A 104 -6.94 43.84 71.64
N ILE A 105 -7.20 44.04 72.93
CA ILE A 105 -8.56 44.24 73.42
C ILE A 105 -9.16 45.52 72.82
N PHE A 106 -8.37 46.59 72.78
CA PHE A 106 -8.80 47.86 72.21
C PHE A 106 -9.30 47.68 70.78
N HIS A 107 -8.52 46.95 69.99
CA HIS A 107 -8.86 46.69 68.60
C HIS A 107 -10.10 45.81 68.46
N LEU A 108 -10.22 44.81 69.35
CA LEU A 108 -11.36 43.91 69.34
C LEU A 108 -12.66 44.63 69.66
N ARG A 109 -12.57 45.68 70.47
CA ARG A 109 -13.73 46.52 70.78
C ARG A 109 -14.26 47.18 69.53
N LYS A 110 -13.34 47.74 68.74
CA LYS A 110 -13.69 48.43 67.51
C LYS A 110 -14.34 47.50 66.50
N LYS A 111 -13.82 46.28 66.40
CA LYS A 111 -14.32 45.30 65.47
C LYS A 111 -15.73 44.86 65.80
N ALA A 112 -16.03 44.80 67.09
CA ALA A 112 -17.31 44.27 67.57
C ALA A 112 -18.36 45.36 67.73
N TYR A 113 -17.96 46.54 68.18
CA TYR A 113 -18.91 47.57 68.55
C TYR A 113 -18.75 48.85 67.75
N GLY A 114 -17.61 49.00 67.10
CA GLY A 114 -17.32 50.22 66.36
C GLY A 114 -16.80 51.31 67.27
N GLN A 115 -16.66 50.97 68.55
CA GLN A 115 -16.21 51.93 69.56
C GLN A 115 -15.59 51.16 70.72
N PHE A 116 -14.97 51.89 71.65
CA PHE A 116 -14.33 51.26 72.80
C PHE A 116 -15.35 50.76 73.81
N GLU A 117 -16.30 51.61 74.17
CA GLU A 117 -17.28 51.27 75.20
C GLU A 117 -18.35 50.35 74.64
N PRO A 118 -18.52 49.18 75.27
CA PRO A 118 -19.55 48.22 74.86
C PRO A 118 -20.95 48.76 75.10
N PRO A 119 -21.93 48.31 74.31
CA PRO A 119 -23.31 48.76 74.53
C PRO A 119 -23.88 48.16 75.80
N ALA A 120 -25.11 48.53 76.14
CA ALA A 120 -25.82 47.91 77.23
C ALA A 120 -26.04 46.45 76.89
N LEU A 121 -25.97 45.58 77.89
CA LEU A 121 -26.09 44.15 77.68
C LEU A 121 -27.35 43.78 76.93
N TYR A 122 -28.46 44.39 77.31
CA TYR A 122 -29.75 44.06 76.71
C TYR A 122 -29.82 44.39 75.22
N ASP A 123 -29.33 45.57 74.85
CA ASP A 123 -29.32 45.99 73.45
C ASP A 123 -28.46 45.05 72.61
N HIS A 124 -27.34 44.62 73.18
CA HIS A 124 -26.41 43.70 72.55
C HIS A 124 -27.08 42.35 72.29
N VAL A 125 -27.71 41.79 73.32
CA VAL A 125 -28.35 40.49 73.24
C VAL A 125 -29.46 40.46 72.21
N VAL A 126 -30.30 41.50 72.26
CA VAL A 126 -31.40 41.64 71.31
C VAL A 126 -30.92 41.63 69.86
N LYS A 127 -29.88 42.41 69.59
CA LYS A 127 -29.33 42.49 68.25
C LYS A 127 -28.72 41.16 67.81
N MET A 128 -28.02 40.50 68.72
CA MET A 128 -27.34 39.24 68.40
C MET A 128 -28.31 38.09 68.20
N VAL A 129 -29.40 38.08 68.95
CA VAL A 129 -30.44 37.09 68.77
C VAL A 129 -31.12 37.32 67.42
N GLU A 130 -31.32 38.60 67.10
CA GLU A 130 -31.95 39.00 65.85
C GLU A 130 -31.09 38.58 64.66
N MET A 131 -29.77 38.67 64.82
CA MET A 131 -28.82 38.27 63.78
C MET A 131 -28.62 36.76 63.74
N GLY A 132 -29.16 36.06 64.73
CA GLY A 132 -29.07 34.60 64.80
C GLY A 132 -27.75 34.12 65.36
N LYS A 133 -27.06 34.99 66.08
CA LYS A 133 -25.77 34.65 66.65
C LYS A 133 -25.90 34.16 68.08
N TYR A 134 -26.98 34.57 68.74
CA TYR A 134 -27.31 34.08 70.07
C TYR A 134 -28.57 33.23 70.05
N ASP A 135 -28.68 32.34 71.03
CA ASP A 135 -29.83 31.47 71.16
C ASP A 135 -31.06 32.26 71.58
N ASN A 136 -32.21 31.90 71.02
CA ASN A 136 -33.47 32.61 71.27
C ASN A 136 -33.89 32.63 72.73
N HIS A 137 -33.51 31.59 73.46
CA HIS A 137 -34.01 31.38 74.82
C HIS A 137 -33.65 32.51 75.77
N LEU A 138 -32.60 33.26 75.45
CA LEU A 138 -32.13 34.34 76.29
C LEU A 138 -33.17 35.43 76.46
N LEU A 139 -33.88 35.75 75.37
CA LEU A 139 -34.91 36.78 75.40
C LEU A 139 -36.21 36.24 75.98
N GLU A 140 -36.30 34.91 76.13
CA GLU A 140 -37.48 34.28 76.68
C GLU A 140 -37.36 34.04 78.18
N ASP A 141 -36.14 33.76 78.63
CA ASP A 141 -35.91 33.34 80.00
C ASP A 141 -35.60 34.51 80.92
N TYR A 142 -35.13 35.60 80.34
CA TYR A 142 -34.78 36.78 81.11
C TYR A 142 -35.52 38.01 80.59
N THR A 143 -35.98 38.84 81.52
CA THR A 143 -36.64 40.10 81.16
C THR A 143 -35.61 41.19 80.95
N GLU A 144 -36.05 42.30 80.36
CA GLU A 144 -35.16 43.44 80.13
C GLU A 144 -34.60 43.96 81.43
N GLU A 145 -35.41 43.92 82.48
CA GLU A 145 -35.00 44.37 83.80
C GLU A 145 -33.88 43.49 84.34
N GLU A 146 -33.96 42.20 84.05
CA GLU A 146 -32.96 41.25 84.51
C GLU A 146 -31.65 41.39 83.75
N PHE A 147 -31.73 41.80 82.49
CA PHE A 147 -30.53 42.05 81.69
C PHE A 147 -29.81 43.31 82.15
N LYS A 148 -30.58 44.34 82.50
CA LYS A 148 -30.00 45.59 82.99
C LYS A 148 -29.34 45.35 84.33
N GLN A 149 -29.89 44.42 85.11
CA GLN A 149 -29.34 44.05 86.39
C GLN A 149 -28.07 43.20 86.23
N MET A 150 -28.06 42.32 85.23
CA MET A 150 -26.87 41.53 84.95
C MET A 150 -25.76 42.42 84.40
N ASP A 151 -26.16 43.51 83.77
CA ASP A 151 -25.20 44.47 83.22
C ASP A 151 -24.44 45.16 84.36
N THR A 152 -25.07 45.25 85.52
CA THR A 152 -24.44 45.89 86.67
C THR A 152 -23.41 44.98 87.31
N PHE A 153 -23.50 43.68 87.01
CA PHE A 153 -22.53 42.71 87.50
C PHE A 153 -21.21 42.87 86.73
N ILE A 154 -21.34 43.27 85.47
CA ILE A 154 -20.23 43.30 84.53
C ILE A 154 -19.19 44.37 84.85
N ASP A 155 -17.92 43.96 84.84
CA ASP A 155 -16.80 44.89 84.90
C ASP A 155 -15.96 44.74 83.64
N HIS A 156 -16.18 45.62 82.66
CA HIS A 156 -15.47 45.52 81.40
C HIS A 156 -13.98 45.79 81.57
N ASP A 157 -13.60 46.39 82.68
CA ASP A 157 -12.19 46.68 82.94
C ASP A 157 -11.39 45.42 83.26
N ARG A 158 -12.09 44.31 83.40
CA ARG A 158 -11.44 43.02 83.63
C ARG A 158 -10.81 42.50 82.34
N ASP A 159 -11.16 43.13 81.22
CA ASP A 159 -10.52 42.83 79.94
C ASP A 159 -9.07 43.27 79.91
N MET A 160 -8.69 44.10 80.87
CA MET A 160 -7.33 44.61 80.93
C MET A 160 -6.45 43.74 81.82
N THR A 161 -7.01 42.62 82.28
CA THR A 161 -6.28 41.69 83.13
C THR A 161 -5.85 40.44 82.38
N PHE A 162 -6.24 40.34 81.11
CA PHE A 162 -5.79 39.25 80.25
C PHE A 162 -4.34 39.39 79.84
N SER A 163 -3.67 38.25 79.64
CA SER A 163 -2.35 38.25 79.02
C SER A 163 -2.55 38.13 77.52
N TYR A 164 -1.47 38.31 76.77
CA TYR A 164 -1.54 38.33 75.32
C TYR A 164 -1.99 36.99 74.73
N ALA A 165 -1.48 35.90 75.28
CA ALA A 165 -1.86 34.58 74.82
C ALA A 165 -3.35 34.33 75.02
N ALA A 166 -3.87 34.88 76.11
CA ALA A 166 -5.29 34.76 76.42
C ALA A 166 -6.15 35.42 75.35
N VAL A 167 -5.77 36.64 74.96
CA VAL A 167 -6.53 37.41 74.00
C VAL A 167 -6.44 36.79 72.60
N LYS A 168 -5.32 36.16 72.31
CA LYS A 168 -5.17 35.49 71.02
C LYS A 168 -6.11 34.29 70.92
N GLN A 169 -6.33 33.61 72.04
CA GLN A 169 -7.27 32.50 72.07
C GLN A 169 -8.70 33.01 72.07
N LEU A 170 -8.91 34.17 72.67
CA LEU A 170 -10.23 34.80 72.68
C LEU A 170 -10.68 35.15 71.28
N GLU A 171 -9.85 35.88 70.54
CA GLU A 171 -10.23 36.33 69.20
C GLU A 171 -10.14 35.19 68.18
N GLY A 172 -9.26 34.23 68.45
CA GLY A 172 -9.05 33.13 67.53
C GLY A 172 -10.10 32.03 67.61
N LYS A 173 -10.52 31.70 68.83
CA LYS A 173 -11.38 30.54 69.02
C LYS A 173 -12.68 30.85 69.75
N TYR A 174 -12.59 31.64 70.81
CA TYR A 174 -13.67 31.73 71.79
C TYR A 174 -14.75 32.78 71.52
N LEU A 175 -14.35 34.00 71.16
CA LEU A 175 -15.32 35.05 70.88
C LEU A 175 -16.21 34.70 69.69
N VAL A 176 -17.50 34.96 69.83
CA VAL A 176 -18.46 34.67 68.76
C VAL A 176 -18.13 35.50 67.54
N GLN A 177 -17.96 34.82 66.41
CA GLN A 177 -17.48 35.46 65.20
C GLN A 177 -17.92 34.72 63.95
N ASN A 178 -17.77 35.36 62.80
CA ASN A 178 -18.07 34.73 61.52
C ASN A 178 -16.83 33.97 61.05
N ARG A 179 -16.97 32.67 60.85
CA ARG A 179 -15.82 31.84 60.49
C ARG A 179 -15.46 31.93 59.02
N VAL A 180 -16.30 32.61 58.25
CA VAL A 180 -16.05 32.84 56.84
C VAL A 180 -15.55 34.26 56.61
N THR A 181 -16.19 35.19 57.30
CA THR A 181 -15.87 36.60 57.17
C THR A 181 -14.71 37.02 58.06
N GLY A 182 -14.73 36.58 59.31
CA GLY A 182 -13.74 36.98 60.28
C GLY A 182 -14.25 38.08 61.19
N GLU A 183 -15.52 38.45 61.01
CA GLU A 183 -16.13 39.51 61.79
C GLU A 183 -16.37 39.12 63.24
N ILE A 184 -15.86 39.92 64.17
CA ILE A 184 -16.03 39.71 65.60
C ILE A 184 -17.33 40.34 66.07
N TYR A 185 -18.05 39.65 66.96
CA TYR A 185 -19.37 40.11 67.37
C TYR A 185 -19.47 40.52 68.84
N GLU A 186 -18.50 40.16 69.65
CA GLU A 186 -18.60 40.40 71.09
C GLU A 186 -17.26 40.69 71.76
N SER A 187 -17.32 40.95 73.08
CA SER A 187 -16.11 41.08 73.89
C SER A 187 -16.16 40.07 75.04
N ALA A 188 -15.07 39.97 75.79
CA ALA A 188 -14.87 38.90 76.76
C ALA A 188 -15.87 38.85 77.91
N GLN A 189 -16.24 40.01 78.45
CA GLN A 189 -17.12 40.05 79.61
C GLN A 189 -18.56 39.71 79.22
N PHE A 190 -18.91 39.97 77.96
CA PHE A 190 -20.20 39.53 77.43
C PHE A 190 -20.23 38.02 77.28
N LEU A 191 -19.09 37.46 76.90
CA LEU A 191 -18.93 36.01 76.83
C LEU A 191 -19.20 35.41 78.21
N TYR A 192 -18.50 35.94 79.22
CA TYR A 192 -18.60 35.43 80.58
C TYR A 192 -19.98 35.55 81.19
N ILE A 193 -20.62 36.71 81.04
CA ILE A 193 -21.92 36.94 81.68
C ILE A 193 -23.02 36.10 81.05
N LEU A 194 -22.86 35.78 79.77
CA LEU A 194 -23.88 35.02 79.05
C LEU A 194 -23.69 33.52 79.18
N VAL A 195 -22.46 33.09 79.40
CA VAL A 195 -22.22 31.69 79.74
C VAL A 195 -22.91 31.38 81.06
N ALA A 196 -22.74 32.27 82.02
CA ALA A 196 -23.37 32.13 83.33
C ALA A 196 -24.89 32.25 83.24
N ALA A 197 -25.35 33.20 82.46
CA ALA A 197 -26.79 33.43 82.30
C ALA A 197 -27.48 32.24 81.65
N CYS A 198 -26.81 31.61 80.69
CA CYS A 198 -27.37 30.46 79.99
C CYS A 198 -27.42 29.22 80.85
N LEU A 199 -26.33 28.96 81.56
CA LEU A 199 -26.23 27.73 82.35
C LEU A 199 -27.14 27.74 83.56
N PHE A 200 -27.45 28.94 84.07
CA PHE A 200 -28.32 29.06 85.23
C PHE A 200 -29.70 29.59 84.84
N SER A 201 -30.02 29.50 83.55
CA SER A 201 -31.26 30.05 83.02
C SER A 201 -32.51 29.31 83.49
N ASN A 202 -32.35 28.06 83.91
CA ASN A 202 -33.49 27.26 84.36
C ASN A 202 -33.66 27.30 85.88
N TYR A 203 -32.80 28.08 86.54
CA TYR A 203 -32.84 28.23 87.98
C TYR A 203 -34.00 29.12 88.40
N PRO A 204 -34.54 28.89 89.61
CA PRO A 204 -35.60 29.73 90.14
C PRO A 204 -35.16 31.19 90.27
N ARG A 205 -36.03 32.13 89.94
CA ARG A 205 -35.69 33.56 89.96
C ARG A 205 -35.20 34.11 91.29
N GLU A 206 -35.53 33.40 92.37
CA GLU A 206 -35.13 33.82 93.72
C GLU A 206 -33.62 33.79 93.89
N THR A 207 -32.98 32.84 93.24
CA THR A 207 -31.56 32.63 93.44
C THR A 207 -30.79 32.73 92.14
N ARG A 208 -31.51 32.83 91.02
CA ARG A 208 -30.88 32.75 89.71
C ARG A 208 -29.79 33.80 89.49
N LEU A 209 -30.15 35.06 89.65
CA LEU A 209 -29.21 36.14 89.39
C LEU A 209 -28.06 36.18 90.40
N GLN A 210 -28.30 35.63 91.59
CA GLN A 210 -27.24 35.48 92.59
C GLN A 210 -26.21 34.45 92.14
N TYR A 211 -26.68 33.40 91.48
CA TYR A 211 -25.80 32.39 90.93
C TYR A 211 -25.08 32.94 89.71
N VAL A 212 -25.78 33.73 88.90
CA VAL A 212 -25.20 34.33 87.72
C VAL A 212 -24.07 35.28 88.08
N LYS A 213 -24.26 36.11 89.10
CA LYS A 213 -23.23 37.04 89.53
C LYS A 213 -22.03 36.32 90.14
N ARG A 214 -22.28 35.38 91.04
CA ARG A 214 -21.21 34.62 91.67
C ARG A 214 -20.40 33.81 90.67
N PHE A 215 -21.07 33.21 89.70
CA PHE A 215 -20.38 32.39 88.70
C PHE A 215 -19.62 33.25 87.71
N TYR A 216 -20.20 34.37 87.32
CA TYR A 216 -19.52 35.32 86.45
C TYR A 216 -18.23 35.84 87.09
N ASP A 217 -18.31 36.14 88.39
CA ASP A 217 -17.14 36.62 89.13
C ASP A 217 -16.06 35.55 89.20
N ALA A 218 -16.47 34.30 89.37
CA ALA A 218 -15.53 33.19 89.50
C ALA A 218 -14.73 32.95 88.21
N VAL A 219 -15.37 33.11 87.07
CA VAL A 219 -14.70 32.82 85.80
C VAL A 219 -13.97 34.03 85.22
N SER A 220 -14.50 35.23 85.46
CA SER A 220 -13.89 36.45 84.93
C SER A 220 -12.72 36.91 85.80
N THR A 221 -12.61 36.36 87.01
CA THR A 221 -11.46 36.64 87.85
C THR A 221 -10.56 35.41 87.94
N PHE A 222 -10.82 34.45 87.05
CA PHE A 222 -9.93 33.31 86.79
C PHE A 222 -9.84 32.28 87.91
N LYS A 223 -10.86 32.21 88.75
CA LYS A 223 -10.91 31.20 89.80
C LYS A 223 -11.31 29.85 89.24
N ILE A 224 -12.22 29.87 88.27
CA ILE A 224 -12.64 28.67 87.56
C ILE A 224 -12.28 28.80 86.07
N SER A 225 -11.72 27.75 85.51
CA SER A 225 -11.37 27.72 84.09
C SER A 225 -12.38 26.89 83.30
N LEU A 226 -12.88 27.45 82.21
CA LEU A 226 -13.85 26.77 81.37
C LEU A 226 -13.18 26.20 80.13
N PRO A 227 -13.65 25.04 79.65
CA PRO A 227 -13.08 24.40 78.46
C PRO A 227 -13.50 25.07 77.16
N THR A 228 -12.87 24.68 76.06
CA THR A 228 -13.08 25.30 74.75
C THR A 228 -14.54 25.29 74.24
N PRO A 229 -15.22 24.12 74.26
CA PRO A 229 -16.57 24.17 73.68
C PRO A 229 -17.57 24.98 74.53
N ILE A 230 -17.27 25.18 75.80
CA ILE A 230 -18.10 26.04 76.63
C ILE A 230 -17.78 27.50 76.37
N MET A 231 -16.49 27.82 76.33
CA MET A 231 -16.04 29.18 76.06
C MET A 231 -16.52 29.68 74.70
N SER A 232 -16.53 28.80 73.71
CA SER A 232 -16.92 29.18 72.36
C SER A 232 -18.38 28.85 72.04
N GLY A 233 -19.04 28.11 72.92
CA GLY A 233 -20.37 27.61 72.62
C GLY A 233 -21.56 28.13 73.40
N VAL A 234 -21.44 28.21 74.72
CA VAL A 234 -22.57 28.51 75.59
C VAL A 234 -23.04 29.96 75.47
N ARG A 235 -24.02 30.15 74.57
CA ARG A 235 -24.78 31.38 74.30
C ARG A 235 -25.19 31.36 72.83
N THR A 236 -24.59 30.44 72.07
CA THR A 236 -24.87 30.29 70.65
C THR A 236 -26.06 29.34 70.43
N PRO A 237 -26.69 29.41 69.25
CA PRO A 237 -27.84 28.53 68.96
C PRO A 237 -27.47 27.05 68.91
N THR A 238 -26.20 26.73 68.70
CA THR A 238 -25.75 25.35 68.65
C THR A 238 -25.34 24.88 70.04
N ARG A 239 -26.17 24.03 70.64
CA ARG A 239 -25.94 23.60 72.01
C ARG A 239 -25.28 22.24 72.13
N GLN A 240 -23.95 22.25 72.22
CA GLN A 240 -23.17 21.06 72.52
C GLN A 240 -21.86 21.53 73.13
N PHE A 241 -21.67 21.20 74.40
CA PHE A 241 -20.56 21.78 75.16
C PHE A 241 -19.72 20.73 75.86
N SER A 242 -20.05 19.46 75.65
CA SER A 242 -19.24 18.38 76.17
C SER A 242 -17.99 18.22 75.32
N SER A 243 -16.84 18.16 75.99
CA SER A 243 -15.56 18.14 75.29
C SER A 243 -15.17 16.75 74.85
N CYS A 244 -15.64 15.76 75.59
CA CYS A 244 -15.21 14.39 75.38
C CYS A 244 -16.39 13.48 75.05
N VAL A 245 -16.26 12.72 73.97
CA VAL A 245 -17.29 11.77 73.56
C VAL A 245 -16.68 10.38 73.38
N LEU A 246 -17.20 9.40 74.11
CA LEU A 246 -16.66 8.05 74.09
C LEU A 246 -17.61 7.06 73.43
N ILE A 247 -17.18 6.50 72.31
CA ILE A 247 -18.02 5.58 71.55
C ILE A 247 -17.42 4.18 71.46
N GLU A 248 -18.16 3.18 71.93
CA GLU A 248 -17.74 1.80 71.81
C GLU A 248 -18.34 1.17 70.56
N CYS A 249 -17.47 0.60 69.74
CA CYS A 249 -17.89 -0.04 68.51
C CYS A 249 -17.97 -1.56 68.67
N GLY A 250 -19.08 -2.14 68.21
CA GLY A 250 -19.25 -3.58 68.26
C GLY A 250 -18.74 -4.25 66.99
N ASP A 251 -18.66 -5.58 67.01
CA ASP A 251 -18.16 -6.33 65.87
C ASP A 251 -19.26 -6.60 64.84
N SER A 252 -19.78 -5.53 64.25
CA SER A 252 -20.79 -5.65 63.21
C SER A 252 -20.80 -4.39 62.35
N LEU A 253 -21.27 -4.50 61.11
CA LEU A 253 -21.33 -3.36 60.22
C LEU A 253 -22.31 -2.30 60.71
N ASP A 254 -23.42 -2.76 61.30
CA ASP A 254 -24.42 -1.86 61.87
C ASP A 254 -23.83 -1.01 62.98
N SER A 255 -22.95 -1.60 63.79
CA SER A 255 -22.29 -0.87 64.86
C SER A 255 -21.21 0.03 64.31
N ILE A 256 -20.48 -0.45 63.31
CA ILE A 256 -19.43 0.33 62.67
C ILE A 256 -20.02 1.55 61.98
N ASN A 257 -21.16 1.36 61.32
CA ASN A 257 -21.87 2.46 60.69
C ASN A 257 -22.41 3.46 61.69
N ALA A 258 -22.96 2.95 62.79
CA ALA A 258 -23.48 3.81 63.85
C ALA A 258 -22.36 4.63 64.48
N THR A 259 -21.21 3.99 64.71
CA THR A 259 -20.05 4.66 65.27
C THR A 259 -19.56 5.78 64.37
N SER A 260 -19.47 5.47 63.08
CA SER A 260 -18.99 6.42 62.10
C SER A 260 -19.87 7.66 62.02
N SER A 261 -21.18 7.47 62.12
CA SER A 261 -22.12 8.58 62.07
C SER A 261 -22.04 9.46 63.31
N ALA A 262 -21.92 8.83 64.47
CA ALA A 262 -21.85 9.55 65.73
C ALA A 262 -20.57 10.36 65.83
N ILE A 263 -19.49 9.83 65.25
CA ILE A 263 -18.22 10.55 65.20
C ILE A 263 -18.34 11.84 64.38
N VAL A 264 -18.86 11.73 63.17
CA VAL A 264 -19.02 12.89 62.30
C VAL A 264 -19.88 13.98 62.95
N LYS A 265 -20.98 13.56 63.57
CA LYS A 265 -21.90 14.49 64.21
C LYS A 265 -21.27 15.21 65.40
N TYR A 266 -20.52 14.50 66.21
CA TYR A 266 -20.00 15.09 67.44
C TYR A 266 -18.71 15.87 67.24
N VAL A 267 -17.91 15.48 66.26
CA VAL A 267 -16.75 16.27 65.89
C VAL A 267 -17.22 17.63 65.40
N SER A 268 -18.24 17.63 64.56
CA SER A 268 -18.78 18.86 64.00
C SER A 268 -19.37 19.76 65.07
N GLN A 269 -19.73 19.17 66.20
CA GLN A 269 -20.31 19.93 67.29
C GLN A 269 -19.38 19.98 68.50
N ARG A 270 -18.12 20.30 68.23
CA ARG A 270 -17.12 20.73 69.23
C ARG A 270 -16.48 19.65 70.10
N ALA A 271 -16.67 18.38 69.77
CA ALA A 271 -16.22 17.33 70.68
C ALA A 271 -15.01 16.55 70.19
N GLY A 272 -14.19 16.10 71.13
CA GLY A 272 -13.10 15.18 70.85
C GLY A 272 -13.56 13.75 71.10
N ILE A 273 -13.02 12.82 70.32
CA ILE A 273 -13.56 11.46 70.32
C ILE A 273 -12.60 10.42 70.85
N GLY A 274 -13.13 9.51 71.66
CA GLY A 274 -12.41 8.31 72.06
C GLY A 274 -13.15 7.12 71.47
N ILE A 275 -12.45 6.33 70.66
CA ILE A 275 -13.07 5.20 70.00
C ILE A 275 -12.57 3.86 70.53
N ASN A 276 -13.51 3.00 70.93
CA ASN A 276 -13.16 1.63 71.29
C ASN A 276 -13.53 0.72 70.13
N ALA A 277 -12.52 0.22 69.42
CA ALA A 277 -12.75 -0.65 68.28
C ALA A 277 -12.09 -2.01 68.47
N GLY A 278 -11.88 -2.41 69.71
CA GLY A 278 -11.22 -3.66 70.03
C GLY A 278 -12.06 -4.90 69.83
N ARG A 279 -13.37 -4.74 69.81
CA ARG A 279 -14.27 -5.89 69.68
C ARG A 279 -14.26 -6.44 68.25
N ILE A 280 -13.80 -5.63 67.31
CA ILE A 280 -13.78 -6.01 65.90
C ILE A 280 -12.86 -7.20 65.66
N ARG A 281 -13.40 -8.25 65.05
CA ARG A 281 -12.65 -9.47 64.84
C ARG A 281 -11.48 -9.27 63.89
N ALA A 282 -10.51 -10.18 63.97
CA ALA A 282 -9.25 -9.99 63.26
C ALA A 282 -9.33 -10.36 61.79
N LEU A 283 -8.35 -9.87 61.05
CA LEU A 283 -8.16 -10.22 59.65
C LEU A 283 -8.09 -11.74 59.47
N GLY A 284 -8.90 -12.26 58.56
CA GLY A 284 -8.87 -13.69 58.26
C GLY A 284 -9.97 -14.48 58.96
N SER A 285 -10.72 -13.82 59.82
CA SER A 285 -11.83 -14.45 60.52
C SER A 285 -12.98 -14.76 59.57
N PRO A 286 -13.69 -15.87 59.83
CA PRO A 286 -14.86 -16.20 59.02
C PRO A 286 -16.02 -15.26 59.27
N ILE A 287 -16.78 -14.97 58.20
CA ILE A 287 -17.99 -14.17 58.30
C ILE A 287 -19.14 -14.99 57.75
N ARG A 288 -20.24 -15.03 58.49
CA ARG A 288 -21.41 -15.83 58.10
C ARG A 288 -21.05 -17.28 57.81
N GLY A 289 -20.25 -17.87 58.69
CA GLY A 289 -19.90 -19.27 58.55
C GLY A 289 -18.90 -19.49 57.43
N GLY A 290 -18.37 -18.41 56.88
CA GLY A 290 -17.40 -18.49 55.81
C GLY A 290 -17.91 -17.96 54.49
N GLU A 291 -19.03 -17.23 54.51
CA GLU A 291 -19.53 -16.61 53.29
C GLU A 291 -18.58 -15.52 52.84
N ALA A 292 -17.80 -15.00 53.78
CA ALA A 292 -16.83 -13.95 53.49
C ALA A 292 -15.57 -14.10 54.34
N PHE A 293 -14.49 -13.53 53.82
CA PHE A 293 -13.19 -13.48 54.49
C PHE A 293 -13.03 -12.09 55.09
N HIS A 294 -12.86 -12.01 56.41
CA HIS A 294 -12.74 -10.72 57.06
C HIS A 294 -11.46 -10.01 56.65
N THR A 295 -11.60 -8.80 56.12
CA THR A 295 -10.48 -8.08 55.53
C THR A 295 -9.69 -7.26 56.55
N GLY A 296 -10.07 -7.35 57.82
CA GLY A 296 -9.29 -6.78 58.89
C GLY A 296 -9.83 -5.52 59.56
N CYS A 297 -9.15 -5.10 60.62
CA CYS A 297 -9.53 -3.90 61.37
C CYS A 297 -9.10 -2.61 60.69
N ILE A 298 -7.92 -2.65 60.08
CA ILE A 298 -7.33 -1.45 59.48
C ILE A 298 -8.23 -0.75 58.44
N PRO A 299 -8.90 -1.50 57.56
CA PRO A 299 -9.81 -0.76 56.66
C PRO A 299 -10.94 -0.04 57.38
N PHE A 300 -11.33 -0.52 58.55
CA PHE A 300 -12.38 0.14 59.32
C PHE A 300 -11.80 1.28 60.14
N TYR A 301 -10.55 1.12 60.57
CA TYR A 301 -9.85 2.20 61.26
C TYR A 301 -9.72 3.42 60.35
N LYS A 302 -9.40 3.16 59.09
CA LYS A 302 -9.29 4.20 58.07
C LYS A 302 -10.61 4.94 57.90
N HIS A 303 -11.71 4.20 58.01
CA HIS A 303 -13.04 4.76 57.85
C HIS A 303 -13.38 5.67 59.02
N PHE A 304 -12.89 5.32 60.20
CA PHE A 304 -13.05 6.14 61.37
C PHE A 304 -12.22 7.42 61.26
N GLN A 305 -11.03 7.30 60.67
CA GLN A 305 -10.14 8.45 60.52
C GLN A 305 -10.75 9.52 59.62
N THR A 306 -11.29 9.08 58.50
CA THR A 306 -11.90 10.01 57.57
C THR A 306 -13.17 10.60 58.16
N ALA A 307 -13.79 9.88 59.08
CA ALA A 307 -14.96 10.38 59.78
C ALA A 307 -14.59 11.51 60.73
N VAL A 308 -13.44 11.37 61.38
CA VAL A 308 -12.97 12.39 62.30
C VAL A 308 -12.48 13.62 61.54
N LYS A 309 -11.85 13.39 60.39
CA LYS A 309 -11.21 14.46 59.63
C LYS A 309 -12.15 15.09 58.61
N SER A 310 -13.40 14.62 58.56
CA SER A 310 -14.35 15.13 57.59
C SER A 310 -14.87 16.51 57.96
N CYS A 311 -14.85 16.82 59.26
CA CYS A 311 -15.38 18.08 59.77
C CYS A 311 -14.36 18.81 60.64
N SER A 312 -14.56 20.11 60.78
CA SER A 312 -13.87 20.87 61.82
C SER A 312 -14.65 20.74 63.12
N GLN A 313 -14.01 21.03 64.23
CA GLN A 313 -14.67 21.00 65.52
C GLN A 313 -15.44 22.28 65.80
N GLY A 314 -16.64 22.38 65.23
CA GLY A 314 -17.48 23.54 65.46
C GLY A 314 -16.92 24.81 64.87
N GLY A 315 -16.02 24.67 63.91
CA GLY A 315 -15.40 25.81 63.26
C GLY A 315 -14.24 26.39 64.04
N VAL A 316 -13.90 25.77 65.15
CA VAL A 316 -12.87 26.30 66.05
C VAL A 316 -11.50 25.70 65.79
N ARG A 317 -11.43 24.37 65.69
CA ARG A 317 -10.17 23.68 65.47
C ARG A 317 -10.41 22.38 64.72
N GLY A 318 -9.35 21.62 64.49
CA GLY A 318 -9.44 20.36 63.77
C GLY A 318 -9.99 19.24 64.63
N GLY A 319 -10.55 18.22 63.97
CA GLY A 319 -11.06 17.07 64.67
C GLY A 319 -9.95 16.11 65.03
N ALA A 320 -10.11 15.41 66.14
CA ALA A 320 -9.11 14.45 66.59
C ALA A 320 -9.76 13.30 67.36
N ALA A 321 -9.12 12.13 67.33
CA ALA A 321 -9.64 10.97 68.04
C ALA A 321 -8.54 10.02 68.49
N THR A 322 -8.80 9.31 69.58
CA THR A 322 -7.92 8.23 70.01
C THR A 322 -8.69 6.92 69.94
N LEU A 323 -8.08 5.90 69.31
CA LEU A 323 -8.74 4.61 69.16
C LEU A 323 -8.12 3.57 70.09
N PHE A 324 -8.95 2.72 70.69
CA PHE A 324 -8.48 1.78 71.72
C PHE A 324 -8.64 0.31 71.34
N TYR A 325 -7.66 -0.49 71.73
CA TYR A 325 -7.67 -1.92 71.49
C TYR A 325 -6.81 -2.65 72.53
N PRO A 326 -7.14 -3.92 72.83
CA PRO A 326 -6.35 -4.70 73.79
C PRO A 326 -5.00 -5.14 73.25
N MET A 327 -4.04 -5.32 74.14
CA MET A 327 -2.69 -5.74 73.77
C MET A 327 -2.67 -7.15 73.19
N TRP A 328 -3.63 -7.97 73.60
CA TRP A 328 -3.66 -9.36 73.17
C TRP A 328 -4.48 -9.58 71.89
N HIS A 329 -4.85 -8.49 71.22
CA HIS A 329 -5.57 -8.60 69.96
C HIS A 329 -4.67 -9.25 68.91
N LEU A 330 -5.26 -10.02 68.00
CA LEU A 330 -4.49 -10.79 67.04
C LEU A 330 -3.71 -9.91 66.07
N GLU A 331 -4.21 -8.71 65.79
CA GLU A 331 -3.54 -7.81 64.85
C GLU A 331 -2.67 -6.77 65.52
N VAL A 332 -2.41 -6.94 66.82
CA VAL A 332 -1.77 -5.89 67.62
C VAL A 332 -0.45 -5.39 67.03
N GLU A 333 0.31 -6.28 66.41
CA GLU A 333 1.62 -5.89 65.85
C GLU A 333 1.44 -5.01 64.63
N SER A 334 0.33 -5.19 63.93
CA SER A 334 0.03 -4.37 62.77
C SER A 334 -0.58 -3.04 63.20
N LEU A 335 -1.32 -3.07 64.31
CA LEU A 335 -2.02 -1.89 64.78
C LEU A 335 -1.06 -0.91 65.44
N LEU A 336 0.01 -1.43 66.02
CA LEU A 336 0.96 -0.61 66.76
C LEU A 336 1.78 0.30 65.85
N VAL A 337 1.95 -0.11 64.60
CA VAL A 337 2.82 0.62 63.68
C VAL A 337 2.01 1.46 62.70
N LEU A 338 0.77 1.77 63.05
CA LEU A 338 -0.12 2.51 62.16
C LEU A 338 0.29 3.98 61.97
N LYS A 339 1.06 4.51 62.91
CA LYS A 339 1.53 5.89 62.78
C LYS A 339 2.95 5.94 62.24
N ASN A 340 3.57 4.77 62.09
CA ASN A 340 4.92 4.69 61.55
C ASN A 340 4.94 5.16 60.11
N ASN A 341 5.80 6.14 59.82
CA ASN A 341 5.83 6.75 58.50
C ASN A 341 6.58 5.92 57.45
N ARG A 342 7.12 4.77 57.86
CA ARG A 342 7.82 3.89 56.94
C ARG A 342 6.95 2.73 56.45
N GLY A 343 5.91 3.06 55.68
CA GLY A 343 5.04 2.04 55.13
C GLY A 343 4.12 2.61 54.07
N VAL A 344 3.51 1.72 53.28
CA VAL A 344 2.55 2.15 52.27
C VAL A 344 1.27 2.58 52.94
N GLU A 345 0.45 3.34 52.22
CA GLU A 345 -0.80 3.86 52.76
C GLU A 345 -1.81 2.75 53.05
N GLY A 346 -1.58 1.57 52.49
CA GLY A 346 -2.47 0.44 52.67
C GLY A 346 -2.55 -0.07 54.09
N ASN A 347 -1.48 0.10 54.86
CA ASN A 347 -1.47 -0.35 56.24
C ASN A 347 -1.01 0.75 57.20
N ARG A 348 -1.43 1.98 56.92
CA ARG A 348 -1.06 3.11 57.74
C ARG A 348 -2.25 4.03 57.99
N VAL A 349 -2.56 4.25 59.25
CA VAL A 349 -3.59 5.19 59.65
C VAL A 349 -2.99 6.19 60.61
N ARG A 350 -2.36 7.23 60.07
CA ARG A 350 -1.47 8.10 60.84
C ARG A 350 -2.13 9.25 61.57
N HIS A 351 -3.32 9.67 61.13
CA HIS A 351 -3.93 10.87 61.69
C HIS A 351 -4.89 10.54 62.83
N MET A 352 -4.67 9.42 63.49
CA MET A 352 -5.36 9.13 64.74
C MET A 352 -4.37 8.68 65.79
N ASP A 353 -4.73 8.86 67.05
CA ASP A 353 -3.91 8.38 68.14
C ASP A 353 -4.48 7.06 68.64
N TYR A 354 -3.68 6.32 69.39
CA TYR A 354 -4.07 4.98 69.81
C TYR A 354 -3.79 4.73 71.28
N GLY A 355 -4.70 3.99 71.91
CA GLY A 355 -4.54 3.60 73.29
C GLY A 355 -4.48 2.09 73.41
N VAL A 356 -3.34 1.58 73.83
CA VAL A 356 -3.15 0.15 74.02
C VAL A 356 -3.62 -0.24 75.41
N GLN A 357 -4.51 -1.22 75.49
CA GLN A 357 -5.10 -1.61 76.75
C GLN A 357 -4.37 -2.80 77.37
N ILE A 358 -3.88 -2.59 78.58
CA ILE A 358 -3.03 -3.57 79.25
C ILE A 358 -3.54 -3.87 80.65
N ASN A 359 -3.32 -5.08 81.13
CA ASN A 359 -3.65 -5.43 82.50
C ASN A 359 -2.49 -6.14 83.18
N LYS A 360 -2.70 -6.54 84.43
CA LYS A 360 -1.66 -7.15 85.26
C LYS A 360 -1.02 -8.38 84.63
N LEU A 361 -1.83 -9.23 84.01
CA LEU A 361 -1.35 -10.47 83.44
C LEU A 361 -0.33 -10.23 82.33
N MET A 362 -0.55 -9.18 81.54
CA MET A 362 0.38 -8.83 80.47
C MET A 362 1.73 -8.41 81.02
N TYR A 363 1.72 -7.61 82.09
CA TYR A 363 2.94 -7.16 82.74
C TYR A 363 3.71 -8.30 83.38
N THR A 364 2.99 -9.28 83.91
CA THR A 364 3.60 -10.43 84.55
C THR A 364 4.41 -11.25 83.54
N ARG A 365 3.83 -11.43 82.36
CA ARG A 365 4.50 -12.13 81.27
C ARG A 365 5.79 -11.42 80.86
N LEU A 366 5.78 -10.09 80.95
CA LEU A 366 6.95 -9.30 80.64
C LEU A 366 8.05 -9.49 81.68
N LEU A 367 7.66 -9.40 82.95
CA LEU A 367 8.60 -9.50 84.05
C LEU A 367 9.21 -10.90 84.14
N LYS A 368 8.42 -11.92 83.79
CA LYS A 368 8.88 -13.30 83.84
C LYS A 368 9.53 -13.77 82.54
N GLY A 369 9.62 -12.89 81.56
CA GLY A 369 10.23 -13.23 80.29
C GLY A 369 9.48 -14.32 79.55
N GLU A 370 8.16 -14.27 79.63
CA GLU A 370 7.33 -15.29 79.00
C GLU A 370 6.65 -14.80 77.73
N ASP A 371 5.70 -15.59 77.24
CA ASP A 371 5.01 -15.27 75.99
C ASP A 371 3.66 -14.64 76.26
N ILE A 372 3.19 -13.85 75.30
CA ILE A 372 1.84 -13.34 75.32
C ILE A 372 1.10 -13.94 74.13
N THR A 373 -0.06 -14.52 74.38
CA THR A 373 -0.85 -15.14 73.32
C THR A 373 -1.88 -14.15 72.77
N LEU A 374 -1.94 -14.06 71.45
CA LEU A 374 -2.84 -13.15 70.77
C LEU A 374 -4.10 -13.86 70.27
N PHE A 375 -5.26 -13.24 70.49
CA PHE A 375 -6.53 -13.82 70.03
C PHE A 375 -7.36 -12.82 69.24
N SER A 376 -8.26 -13.34 68.41
CA SER A 376 -9.36 -12.53 67.91
C SER A 376 -10.50 -12.69 68.90
N PRO A 377 -11.07 -11.57 69.37
CA PRO A 377 -12.11 -11.59 70.40
C PRO A 377 -13.35 -12.41 70.01
N SER A 378 -13.50 -12.69 68.72
CA SER A 378 -14.63 -13.47 68.25
C SER A 378 -14.41 -14.95 68.50
N ASP A 379 -13.16 -15.33 68.80
CA ASP A 379 -12.80 -16.73 68.96
C ASP A 379 -12.64 -17.12 70.43
N VAL A 380 -12.71 -16.13 71.32
CA VAL A 380 -12.47 -16.36 72.74
C VAL A 380 -13.64 -15.87 73.59
N PRO A 381 -14.69 -16.69 73.70
CA PRO A 381 -15.93 -16.33 74.41
C PRO A 381 -15.70 -15.86 75.84
N GLY A 382 -16.15 -14.65 76.15
CA GLY A 382 -16.09 -14.12 77.49
C GLY A 382 -14.77 -13.46 77.87
N LEU A 383 -13.74 -13.64 77.06
CA LEU A 383 -12.42 -13.11 77.40
C LEU A 383 -12.37 -11.58 77.38
N TYR A 384 -13.01 -10.98 76.38
CA TYR A 384 -12.99 -9.54 76.22
C TYR A 384 -13.66 -8.81 77.38
N ASP A 385 -14.82 -9.31 77.80
CA ASP A 385 -15.55 -8.70 78.91
C ASP A 385 -14.76 -8.80 80.22
N ALA A 386 -14.17 -9.97 80.46
CA ALA A 386 -13.45 -10.22 81.68
C ALA A 386 -12.17 -9.40 81.75
N PHE A 387 -11.67 -9.02 80.58
CA PHE A 387 -10.45 -8.21 80.48
C PHE A 387 -10.57 -6.90 81.24
N PHE A 388 -11.79 -6.39 81.36
CA PHE A 388 -12.03 -5.14 82.06
C PHE A 388 -12.67 -5.34 83.42
N ALA A 389 -13.57 -6.33 83.51
CA ALA A 389 -14.45 -6.47 84.66
C ALA A 389 -13.92 -7.40 85.73
N ASP A 390 -13.25 -8.48 85.32
CA ASP A 390 -12.85 -9.52 86.27
C ASP A 390 -11.48 -10.08 85.91
N GLN A 391 -10.46 -9.62 86.62
CA GLN A 391 -9.09 -10.04 86.34
C GLN A 391 -8.87 -11.50 86.67
N GLU A 392 -9.62 -12.01 87.65
CA GLU A 392 -9.50 -13.40 88.02
C GLU A 392 -10.08 -14.28 86.93
N GLU A 393 -11.26 -13.90 86.45
CA GLU A 393 -11.93 -14.63 85.39
C GLU A 393 -11.17 -14.52 84.08
N PHE A 394 -10.53 -13.38 83.86
CA PHE A 394 -9.73 -13.18 82.66
C PHE A 394 -8.60 -14.18 82.62
N GLU A 395 -7.88 -14.31 83.73
CA GLU A 395 -6.75 -15.23 83.79
C GLU A 395 -7.18 -16.68 83.60
N ARG A 396 -8.37 -17.01 84.11
CA ARG A 396 -8.91 -18.35 83.95
C ARG A 396 -9.22 -18.62 82.48
N LEU A 397 -9.91 -17.69 81.84
CA LEU A 397 -10.24 -17.84 80.44
C LEU A 397 -9.00 -17.73 79.55
N TYR A 398 -8.09 -16.84 79.90
CA TYR A 398 -6.90 -16.63 79.09
C TYR A 398 -6.04 -17.89 79.01
N THR A 399 -5.73 -18.46 80.17
CA THR A 399 -4.89 -19.66 80.22
C THR A 399 -5.60 -20.87 79.65
N LYS A 400 -6.93 -20.92 79.81
CA LYS A 400 -7.73 -22.00 79.25
C LYS A 400 -7.69 -21.98 77.73
N TYR A 401 -7.89 -20.80 77.16
CA TYR A 401 -7.91 -20.63 75.71
C TYR A 401 -6.51 -20.73 75.13
N GLU A 402 -5.49 -20.45 75.93
CA GLU A 402 -4.12 -20.57 75.44
C GLU A 402 -3.73 -22.03 75.10
N LYS A 403 -4.39 -23.01 75.72
CA LYS A 403 -4.08 -24.44 75.51
C LYS A 403 -5.04 -25.13 74.55
N ASP A 404 -6.02 -24.39 74.06
CA ASP A 404 -6.97 -24.97 73.14
C ASP A 404 -6.39 -24.92 71.73
N ASP A 405 -6.18 -26.09 71.14
CA ASP A 405 -5.61 -26.18 69.81
C ASP A 405 -6.64 -25.75 68.75
N SER A 406 -7.92 -25.82 69.10
CA SER A 406 -8.96 -25.52 68.13
C SER A 406 -9.16 -24.03 67.97
N ILE A 407 -8.49 -23.26 68.82
CA ILE A 407 -8.63 -21.81 68.78
C ILE A 407 -7.46 -21.18 68.05
N ARG A 408 -7.78 -20.34 67.07
CA ARG A 408 -6.79 -19.59 66.33
C ARG A 408 -6.03 -18.68 67.28
N LYS A 409 -4.71 -18.71 67.21
CA LYS A 409 -3.91 -17.89 68.10
C LYS A 409 -2.52 -17.62 67.52
N GLN A 410 -1.78 -16.76 68.21
CA GLN A 410 -0.41 -16.45 67.86
C GLN A 410 0.37 -16.05 69.10
N ARG A 411 1.57 -16.59 69.25
CA ARG A 411 2.40 -16.32 70.41
C ARG A 411 3.54 -15.36 70.09
N VAL A 412 3.74 -14.39 70.98
CA VAL A 412 4.81 -13.42 70.84
C VAL A 412 5.53 -13.29 72.18
N LYS A 413 6.85 -13.12 72.15
CA LYS A 413 7.59 -12.83 73.36
C LYS A 413 7.12 -11.50 73.93
N ALA A 414 6.80 -11.49 75.22
CA ALA A 414 6.28 -10.29 75.87
C ALA A 414 7.28 -9.14 75.80
N VAL A 415 8.56 -9.46 75.84
CA VAL A 415 9.60 -8.46 75.75
C VAL A 415 9.58 -7.74 74.42
N GLU A 416 9.39 -8.51 73.35
CA GLU A 416 9.41 -7.94 72.01
C GLU A 416 8.15 -7.14 71.70
N LEU A 417 7.02 -7.58 72.24
CA LEU A 417 5.74 -6.89 72.02
C LEU A 417 5.72 -5.55 72.74
N PHE A 418 6.14 -5.54 74.00
CA PHE A 418 6.21 -4.31 74.79
C PHE A 418 7.22 -3.34 74.19
N SER A 419 8.34 -3.87 73.72
CA SER A 419 9.38 -3.03 73.14
C SER A 419 8.90 -2.36 71.86
N LEU A 420 8.13 -3.09 71.06
CA LEU A 420 7.55 -2.54 69.85
C LEU A 420 6.60 -1.37 70.18
N MET A 421 5.77 -1.57 71.19
CA MET A 421 4.83 -0.56 71.65
C MET A 421 5.53 0.70 72.15
N MET A 422 6.54 0.52 72.99
CA MET A 422 7.27 1.65 73.55
C MET A 422 8.12 2.32 72.48
N GLN A 423 8.50 1.55 71.47
CA GLN A 423 9.23 2.08 70.33
C GLN A 423 8.39 3.05 69.51
N GLU A 424 7.15 2.65 69.24
CA GLU A 424 6.23 3.49 68.47
C GLU A 424 5.75 4.66 69.31
N ARG A 425 5.66 4.45 70.61
CA ARG A 425 5.31 5.52 71.53
C ARG A 425 6.40 6.59 71.58
N ALA A 426 7.65 6.16 71.51
CA ALA A 426 8.78 7.08 71.54
C ALA A 426 8.92 7.85 70.22
N SER A 427 8.69 7.16 69.11
CA SER A 427 8.84 7.74 67.79
C SER A 427 7.79 8.81 67.51
N THR A 428 6.55 8.52 67.90
CA THR A 428 5.43 9.38 67.56
C THR A 428 4.96 10.24 68.74
N GLY A 429 5.11 9.71 69.94
CA GLY A 429 4.62 10.39 71.14
C GLY A 429 3.13 10.20 71.31
N ARG A 430 2.52 9.45 70.40
CA ARG A 430 1.07 9.39 70.30
C ARG A 430 0.53 7.99 70.42
N ILE A 431 1.33 7.08 70.98
CA ILE A 431 0.83 5.76 71.31
C ILE A 431 0.64 5.66 72.82
N TYR A 432 -0.61 5.52 73.24
CA TYR A 432 -0.95 5.65 74.65
C TYR A 432 -1.20 4.32 75.34
N ILE A 433 -1.22 4.36 76.66
CA ILE A 433 -1.42 3.17 77.48
C ILE A 433 -2.60 3.33 78.42
N GLN A 434 -3.48 2.34 78.44
CA GLN A 434 -4.55 2.30 79.42
C GLN A 434 -4.48 1.01 80.24
N ASN A 435 -4.26 1.14 81.53
CA ASN A 435 -4.29 0.02 82.45
C ASN A 435 -5.72 -0.26 82.87
N VAL A 436 -6.36 -1.20 82.18
CA VAL A 436 -7.79 -1.41 82.31
C VAL A 436 -8.21 -2.03 83.64
N ASP A 437 -7.29 -2.72 84.31
CA ASP A 437 -7.60 -3.27 85.63
C ASP A 437 -7.66 -2.15 86.67
N HIS A 438 -6.70 -1.23 86.62
CA HIS A 438 -6.69 -0.08 87.52
C HIS A 438 -7.95 0.76 87.35
N CYS A 439 -8.42 0.85 86.12
CA CYS A 439 -9.58 1.66 85.78
C CYS A 439 -10.89 1.08 86.30
N ASN A 440 -10.86 -0.17 86.76
CA ASN A 440 -12.08 -0.84 87.19
C ASN A 440 -12.02 -1.32 88.63
N THR A 441 -10.82 -1.48 89.18
CA THR A 441 -10.68 -1.83 90.59
C THR A 441 -10.67 -0.55 91.42
N HIS A 442 -10.19 0.53 90.81
CA HIS A 442 -10.22 1.84 91.44
C HIS A 442 -11.13 2.74 90.61
N SER A 443 -12.44 2.62 90.82
CA SER A 443 -13.40 3.27 89.96
C SER A 443 -14.68 3.65 90.69
N PRO A 444 -15.35 4.71 90.23
CA PRO A 444 -16.68 5.03 90.76
C PRO A 444 -17.76 4.13 90.18
N PHE A 445 -17.38 3.15 89.36
CA PHE A 445 -18.34 2.27 88.73
C PHE A 445 -18.13 0.81 89.11
N ASP A 446 -19.24 0.09 89.21
CA ASP A 446 -19.19 -1.34 89.46
C ASP A 446 -18.97 -2.06 88.15
N PRO A 447 -17.84 -2.76 88.02
CA PRO A 447 -17.43 -3.46 86.80
C PRO A 447 -18.42 -4.54 86.37
N ALA A 448 -19.20 -5.05 87.31
CA ALA A 448 -20.17 -6.09 86.99
C ALA A 448 -21.42 -5.51 86.35
N ILE A 449 -21.60 -4.20 86.50
CA ILE A 449 -22.78 -3.53 85.98
C ILE A 449 -22.41 -2.54 84.89
N ALA A 450 -21.40 -1.73 85.16
CA ALA A 450 -20.98 -0.70 84.21
C ALA A 450 -19.46 -0.59 84.17
N PRO A 451 -18.80 -1.52 83.48
CA PRO A 451 -17.34 -1.47 83.40
C PRO A 451 -16.83 -0.34 82.53
N VAL A 452 -15.63 0.13 82.82
CA VAL A 452 -14.94 1.12 82.00
C VAL A 452 -14.06 0.39 80.99
N ARG A 453 -14.41 0.49 79.72
CA ARG A 453 -13.72 -0.29 78.69
C ARG A 453 -12.87 0.56 77.74
N GLN A 454 -12.78 1.86 78.01
CA GLN A 454 -12.00 2.74 77.15
C GLN A 454 -11.72 4.07 77.81
N SER A 455 -10.99 4.92 77.08
CA SER A 455 -10.75 6.29 77.50
C SER A 455 -11.09 7.24 76.36
N ASN A 456 -10.56 8.46 76.43
CA ASN A 456 -10.85 9.48 75.42
C ASN A 456 -9.64 9.91 74.61
N LEU A 457 -9.72 11.12 74.06
CA LEU A 457 -8.66 11.66 73.23
C LEU A 457 -7.38 11.91 74.01
N CYS A 458 -7.51 12.51 75.19
CA CYS A 458 -6.34 12.90 75.97
C CYS A 458 -6.15 12.06 77.24
N LEU A 459 -6.90 10.96 77.31
CA LEU A 459 -6.67 9.89 78.30
C LEU A 459 -6.94 10.28 79.75
N GLU A 460 -7.85 11.22 79.96
CA GLU A 460 -8.21 11.61 81.32
C GLU A 460 -9.64 11.19 81.66
N ILE A 461 -10.37 10.75 80.65
CA ILE A 461 -11.77 10.33 80.84
C ILE A 461 -11.89 8.82 80.87
N ALA A 462 -12.64 8.31 81.85
CA ALA A 462 -12.86 6.89 81.98
C ALA A 462 -14.31 6.63 82.38
N LEU A 463 -15.15 6.34 81.38
CA LEU A 463 -16.59 6.20 81.60
C LEU A 463 -17.14 4.95 80.93
N PRO A 464 -18.29 4.44 81.42
CA PRO A 464 -18.96 3.28 80.82
C PRO A 464 -19.61 3.58 79.47
N THR A 465 -19.60 2.58 78.58
CA THR A 465 -20.19 2.71 77.25
C THR A 465 -20.93 1.44 76.88
N LYS A 466 -21.74 1.52 75.84
CA LYS A 466 -22.41 0.37 75.27
C LYS A 466 -22.56 0.57 73.77
N PRO A 467 -22.15 -0.43 72.98
CA PRO A 467 -22.19 -0.32 71.52
C PRO A 467 -23.60 -0.13 70.96
N LEU A 468 -23.70 0.51 69.79
CA LEU A 468 -24.97 0.79 69.14
C LEU A 468 -25.16 -0.13 67.94
N ASN A 469 -26.42 -0.39 67.58
CA ASN A 469 -26.72 -1.13 66.35
C ASN A 469 -27.29 -0.19 65.29
N ASP A 470 -27.49 1.06 65.68
CA ASP A 470 -28.00 2.11 64.81
C ASP A 470 -27.63 3.45 65.43
N VAL A 471 -27.55 4.50 64.62
CA VAL A 471 -27.19 5.81 65.14
C VAL A 471 -28.28 6.32 66.07
N ASN A 472 -29.50 5.81 65.89
CA ASN A 472 -30.63 6.20 66.72
C ASN A 472 -31.01 5.14 67.74
N ASP A 473 -30.09 4.21 67.99
CA ASP A 473 -30.33 3.12 68.94
C ASP A 473 -30.48 3.63 70.36
N GLU A 474 -31.62 3.31 70.98
CA GLU A 474 -31.95 3.75 72.32
C GLU A 474 -31.28 2.89 73.38
N ASN A 475 -30.77 1.74 72.96
CA ASN A 475 -30.17 0.81 73.91
C ASN A 475 -28.65 0.89 73.93
N GLY A 476 -28.08 1.81 73.17
CA GLY A 476 -26.64 2.00 73.20
C GLY A 476 -26.30 3.04 74.26
N GLU A 477 -25.03 3.15 74.61
CA GLU A 477 -24.61 4.17 75.56
C GLU A 477 -23.32 4.82 75.11
N ILE A 478 -23.40 6.11 74.83
CA ILE A 478 -22.23 6.91 74.53
C ILE A 478 -21.91 7.79 75.73
N ALA A 479 -20.65 7.78 76.16
CA ALA A 479 -20.23 8.57 77.30
C ALA A 479 -19.88 10.00 76.91
N LEU A 480 -20.48 10.96 77.59
CA LEU A 480 -20.12 12.37 77.41
C LEU A 480 -19.52 12.90 78.69
N CYS A 481 -18.47 13.69 78.59
CA CYS A 481 -17.96 14.35 79.78
C CYS A 481 -17.82 15.85 79.57
N THR A 482 -18.35 16.61 80.53
CA THR A 482 -18.31 18.05 80.52
C THR A 482 -17.27 18.55 81.51
N LEU A 483 -16.44 19.50 81.08
CA LEU A 483 -15.24 19.84 81.83
C LEU A 483 -15.23 21.21 82.50
N SER A 484 -14.28 21.38 83.41
CA SER A 484 -13.91 22.65 84.02
C SER A 484 -12.68 22.42 84.88
N ALA A 485 -12.11 23.48 85.43
CA ALA A 485 -10.91 23.33 86.23
C ALA A 485 -10.81 24.41 87.31
N PHE A 486 -10.23 24.03 88.44
CA PHE A 486 -9.93 24.97 89.51
C PHE A 486 -8.57 25.60 89.27
N ASN A 487 -8.49 26.91 89.40
CA ASN A 487 -7.21 27.60 89.31
C ASN A 487 -6.50 27.59 90.65
N LEU A 488 -5.54 26.70 90.80
CA LEU A 488 -4.83 26.52 92.07
C LEU A 488 -4.00 27.73 92.45
N GLY A 489 -3.68 28.57 91.48
CA GLY A 489 -2.90 29.77 91.72
C GLY A 489 -3.73 30.95 92.18
N ALA A 490 -5.03 30.75 92.29
CA ALA A 490 -5.94 31.84 92.65
C ALA A 490 -6.59 31.65 94.01
N ILE A 491 -6.18 30.62 94.74
CA ILE A 491 -6.77 30.35 96.05
C ILE A 491 -5.81 30.63 97.21
N ASN A 492 -6.35 31.09 98.33
CA ASN A 492 -5.56 31.38 99.52
C ASN A 492 -5.57 30.22 100.51
N ASN A 493 -6.69 29.50 100.55
CA ASN A 493 -6.80 28.33 101.39
C ASN A 493 -7.60 27.25 100.66
N LEU A 494 -7.41 26.00 101.09
CA LEU A 494 -8.05 24.87 100.44
C LEU A 494 -9.56 24.84 100.71
N ASP A 495 -9.98 25.54 101.76
CA ASP A 495 -11.39 25.58 102.11
C ASP A 495 -12.18 26.55 101.23
N GLU A 496 -11.47 27.30 100.39
CA GLU A 496 -12.12 28.14 99.38
C GLU A 496 -12.65 27.27 98.23
N LEU A 497 -12.21 26.02 98.19
CA LEU A 497 -12.66 25.08 97.18
C LEU A 497 -14.12 24.67 97.39
N GLU A 498 -14.62 24.84 98.61
CA GLU A 498 -16.00 24.48 98.92
C GLU A 498 -16.95 25.30 98.07
N GLU A 499 -16.74 26.61 98.07
CA GLU A 499 -17.52 27.56 97.28
C GLU A 499 -17.35 27.36 95.78
N LEU A 500 -16.11 27.16 95.35
CA LEU A 500 -15.80 27.00 93.94
C LEU A 500 -16.34 25.69 93.38
N ALA A 501 -16.33 24.64 94.21
CA ALA A 501 -16.85 23.35 93.79
C ALA A 501 -18.37 23.40 93.61
N ILE A 502 -19.05 24.10 94.51
CA ILE A 502 -20.49 24.28 94.41
C ILE A 502 -20.86 24.97 93.10
N LEU A 503 -20.15 26.04 92.77
CA LEU A 503 -20.40 26.78 91.54
C LEU A 503 -20.10 25.95 90.29
N ALA A 504 -18.97 25.27 90.30
CA ALA A 504 -18.53 24.49 89.15
C ALA A 504 -19.47 23.32 88.88
N VAL A 505 -19.83 22.60 89.94
CA VAL A 505 -20.69 21.43 89.81
C VAL A 505 -22.09 21.85 89.36
N ARG A 506 -22.63 22.89 89.98
CA ARG A 506 -23.97 23.37 89.64
C ARG A 506 -24.07 23.86 88.19
N ALA A 507 -23.01 24.51 87.72
CA ALA A 507 -23.00 25.04 86.36
C ALA A 507 -22.96 23.92 85.34
N LEU A 508 -22.10 22.94 85.56
CA LEU A 508 -21.94 21.83 84.63
C LEU A 508 -23.12 20.88 84.66
N ASP A 509 -23.74 20.74 85.81
CA ASP A 509 -24.89 19.85 85.94
C ASP A 509 -26.11 20.45 85.26
N ALA A 510 -26.24 21.76 85.36
CA ALA A 510 -27.34 22.46 84.70
C ALA A 510 -27.15 22.49 83.19
N LEU A 511 -25.88 22.47 82.77
CA LEU A 511 -25.53 22.45 81.36
C LEU A 511 -26.06 21.20 80.68
N LEU A 512 -26.10 20.10 81.42
CA LEU A 512 -26.55 18.82 80.89
C LEU A 512 -28.02 18.87 80.47
N ASP A 513 -28.84 19.57 81.23
CA ASP A 513 -30.26 19.71 80.91
C ASP A 513 -30.47 20.80 79.87
N TYR A 514 -29.51 21.70 79.78
CA TYR A 514 -29.60 22.86 78.91
C TYR A 514 -29.21 22.53 77.46
N GLN A 515 -28.17 21.73 77.29
CA GLN A 515 -27.67 21.44 75.96
C GLN A 515 -28.49 20.37 75.24
N ASP A 516 -28.24 20.22 73.95
CA ASP A 516 -28.94 19.25 73.13
C ASP A 516 -28.03 18.06 72.83
N TYR A 517 -28.62 17.01 72.28
CA TYR A 517 -27.88 15.77 72.01
C TYR A 517 -28.24 15.22 70.63
N PRO A 518 -27.31 15.33 69.68
CA PRO A 518 -27.53 14.86 68.31
C PRO A 518 -27.67 13.34 68.23
N ILE A 519 -27.06 12.63 69.18
CA ILE A 519 -27.15 11.19 69.23
C ILE A 519 -27.87 10.76 70.50
N PRO A 520 -28.97 10.01 70.35
CA PRO A 520 -29.79 9.54 71.48
C PRO A 520 -29.00 8.75 72.51
N ALA A 521 -28.04 7.93 72.07
CA ALA A 521 -27.24 7.12 72.98
C ALA A 521 -26.36 7.98 73.89
N ALA A 522 -26.02 9.18 73.42
CA ALA A 522 -25.20 10.10 74.18
C ALA A 522 -26.03 10.78 75.26
N LYS A 523 -27.30 11.06 74.96
CA LYS A 523 -28.21 11.63 75.94
C LYS A 523 -28.49 10.62 77.05
N ARG A 524 -28.51 9.34 76.70
CA ARG A 524 -28.72 8.26 77.67
C ARG A 524 -27.65 8.26 78.76
N GLY A 525 -26.39 8.31 78.34
CA GLY A 525 -25.29 8.33 79.28
C GLY A 525 -25.23 9.61 80.07
N ALA A 526 -25.54 10.72 79.42
CA ALA A 526 -25.49 12.02 80.05
C ALA A 526 -26.60 12.20 81.07
N MET A 527 -27.80 11.75 80.74
CA MET A 527 -28.93 11.90 81.64
C MET A 527 -28.93 10.82 82.72
N GLY A 528 -28.35 9.67 82.38
CA GLY A 528 -28.32 8.54 83.30
C GLY A 528 -27.24 8.64 84.36
N ARG A 529 -26.04 9.05 83.96
CA ARG A 529 -24.90 9.08 84.87
C ARG A 529 -24.51 10.50 85.26
N ARG A 530 -24.78 11.45 84.38
CA ARG A 530 -24.46 12.86 84.59
C ARG A 530 -23.00 13.06 84.99
N THR A 531 -22.10 12.48 84.21
CA THR A 531 -20.69 12.47 84.55
C THR A 531 -19.98 13.79 84.26
N LEU A 532 -19.28 14.29 85.27
CA LEU A 532 -18.51 15.52 85.12
C LEU A 532 -17.02 15.24 85.23
N GLY A 533 -16.21 16.13 84.69
CA GLY A 533 -14.77 15.99 84.76
C GLY A 533 -14.11 17.31 85.09
N ILE A 534 -13.98 17.60 86.37
CA ILE A 534 -13.38 18.84 86.83
C ILE A 534 -11.95 18.62 87.31
N GLY A 535 -11.02 19.37 86.74
CA GLY A 535 -9.62 19.21 87.07
C GLY A 535 -9.01 20.48 87.64
N VAL A 536 -7.70 20.65 87.41
CA VAL A 536 -6.98 21.80 87.92
C VAL A 536 -6.06 22.41 86.88
N ILE A 537 -5.70 23.68 87.10
CA ILE A 537 -4.65 24.34 86.35
C ILE A 537 -3.74 25.08 87.33
N ASN A 538 -2.62 25.59 86.83
CA ASN A 538 -1.67 26.36 87.64
C ASN A 538 -1.09 25.55 88.79
N PHE A 539 -0.92 24.25 88.57
CA PHE A 539 -0.36 23.37 89.59
C PHE A 539 1.12 23.61 89.78
N ALA A 540 1.83 23.91 88.69
CA ALA A 540 3.25 24.19 88.78
C ALA A 540 3.50 25.48 89.53
N TYR A 541 2.65 26.47 89.27
CA TYR A 541 2.69 27.74 89.97
C TYR A 541 2.36 27.54 91.45
N TYR A 542 1.42 26.64 91.70
CA TYR A 542 0.99 26.28 93.05
C TYR A 542 2.12 25.66 93.87
N LEU A 543 2.85 24.73 93.29
CA LEU A 543 3.96 24.08 93.98
C LEU A 543 5.10 25.07 94.21
N ALA A 544 5.30 25.96 93.25
CA ALA A 544 6.36 26.95 93.34
C ALA A 544 6.11 27.91 94.50
N LYS A 545 4.84 28.22 94.75
CA LYS A 545 4.50 29.10 95.86
C LYS A 545 4.72 28.40 97.21
N HIS A 546 4.69 27.08 97.23
CA HIS A 546 4.92 26.35 98.46
C HIS A 546 6.37 25.91 98.57
N GLY A 547 7.19 26.27 97.59
CA GLY A 547 8.59 25.94 97.58
C GLY A 547 8.85 24.45 97.42
N LYS A 548 8.00 23.79 96.66
CA LYS A 548 8.15 22.36 96.41
C LYS A 548 8.61 22.11 94.98
N ARG A 549 9.01 20.88 94.68
CA ARG A 549 9.42 20.55 93.32
C ARG A 549 8.65 19.31 92.88
N TYR A 550 8.72 19.01 91.60
CA TYR A 550 8.08 17.83 91.03
C TYR A 550 8.87 16.55 91.29
N SER A 551 10.18 16.66 91.23
CA SER A 551 11.04 15.49 91.06
C SER A 551 11.53 14.80 92.35
N ASP A 552 11.71 15.56 93.43
CA ASP A 552 12.39 15.00 94.60
C ASP A 552 11.46 14.32 95.60
N GLY A 553 10.15 14.50 95.42
CA GLY A 553 9.18 13.90 96.31
C GLY A 553 8.77 14.83 97.44
N SER A 554 9.21 16.08 97.36
CA SER A 554 8.93 17.07 98.39
C SER A 554 7.49 17.55 98.37
N ALA A 555 6.76 17.23 97.29
CA ALA A 555 5.39 17.69 97.14
C ALA A 555 4.37 16.58 97.30
N ASN A 556 4.81 15.38 97.70
CA ASN A 556 3.92 14.24 97.82
C ASN A 556 2.79 14.45 98.82
N ASN A 557 3.13 14.88 100.03
CA ASN A 557 2.13 15.12 101.06
C ASN A 557 1.26 16.34 100.76
N LEU A 558 1.85 17.37 100.16
CA LEU A 558 1.11 18.55 99.77
C LEU A 558 0.09 18.22 98.69
N THR A 559 0.50 17.38 97.74
CA THR A 559 -0.38 16.95 96.67
C THR A 559 -1.51 16.10 97.23
N HIS A 560 -1.17 15.24 98.18
CA HIS A 560 -2.16 14.41 98.87
C HIS A 560 -3.18 15.29 99.59
N LYS A 561 -2.69 16.27 100.32
CA LYS A 561 -3.53 17.20 101.07
C LYS A 561 -4.40 18.03 100.12
N THR A 562 -3.82 18.45 99.01
CA THR A 562 -4.52 19.30 98.04
C THR A 562 -5.64 18.58 97.32
N PHE A 563 -5.35 17.39 96.80
CA PHE A 563 -6.33 16.69 95.98
C PHE A 563 -7.37 15.95 96.81
N GLU A 564 -7.09 15.78 98.10
CA GLU A 564 -8.12 15.30 99.02
C GLU A 564 -9.22 16.33 99.19
N ALA A 565 -8.80 17.58 99.35
CA ALA A 565 -9.74 18.68 99.54
C ALA A 565 -10.58 18.89 98.29
N ILE A 566 -9.95 18.71 97.13
CA ILE A 566 -10.64 18.86 95.85
C ILE A 566 -11.74 17.84 95.67
N GLN A 567 -11.42 16.55 95.85
CA GLN A 567 -12.42 15.50 95.67
C GLN A 567 -13.50 15.55 96.73
N TYR A 568 -13.09 15.84 97.97
CA TYR A 568 -14.05 15.93 99.07
C TYR A 568 -15.10 17.00 98.81
N TYR A 569 -14.63 18.18 98.40
CA TYR A 569 -15.54 19.29 98.17
C TYR A 569 -16.34 19.11 96.89
N LEU A 570 -15.80 18.35 95.95
CA LEU A 570 -16.53 18.01 94.74
C LEU A 570 -17.66 17.04 95.06
N LEU A 571 -17.33 15.99 95.81
CA LEU A 571 -18.34 15.03 96.25
C LEU A 571 -19.38 15.68 97.14
N LYS A 572 -18.92 16.54 98.03
CA LYS A 572 -19.82 17.24 98.94
C LYS A 572 -20.78 18.15 98.20
N ALA A 573 -20.28 18.83 97.16
CA ALA A 573 -21.11 19.71 96.36
C ALA A 573 -22.17 18.91 95.61
N SER A 574 -21.74 17.78 95.04
CA SER A 574 -22.65 16.91 94.29
C SER A 574 -23.60 16.15 95.20
N ASN A 575 -23.17 15.91 96.43
CA ASN A 575 -24.01 15.25 97.41
C ASN A 575 -25.15 16.17 97.86
N GLU A 576 -24.82 17.44 98.07
CA GLU A 576 -25.83 18.43 98.44
C GLU A 576 -26.78 18.66 97.29
N LEU A 577 -26.26 18.58 96.07
CA LEU A 577 -27.06 18.79 94.87
C LEU A 577 -28.01 17.62 94.63
N ALA A 578 -27.66 16.46 95.17
CA ALA A 578 -28.53 15.29 95.11
C ALA A 578 -29.72 15.45 96.04
N LYS A 579 -29.48 16.09 97.18
CA LYS A 579 -30.55 16.36 98.14
C LYS A 579 -31.57 17.31 97.56
N GLU A 580 -31.09 18.27 96.78
CA GLU A 580 -31.91 19.35 96.27
C GLU A 580 -32.68 18.96 95.01
N GLN A 581 -32.05 18.19 94.14
CA GLN A 581 -32.65 17.89 92.85
C GLN A 581 -32.76 16.40 92.55
N GLY A 582 -32.27 15.57 93.45
CA GLY A 582 -32.35 14.13 93.26
C GLY A 582 -31.06 13.60 92.68
N ALA A 583 -30.69 12.38 93.07
CA ALA A 583 -29.49 11.73 92.55
C ALA A 583 -29.67 11.37 91.08
N CYS A 584 -28.58 11.10 90.38
CA CYS A 584 -28.67 10.69 88.98
C CYS A 584 -29.36 9.33 88.88
N PRO A 585 -30.15 9.13 87.82
CA PRO A 585 -30.95 7.92 87.60
C PRO A 585 -30.20 6.60 87.79
N TRP A 586 -28.97 6.52 87.31
CA TRP A 586 -28.22 5.27 87.36
C TRP A 586 -27.18 5.27 88.48
N PHE A 587 -27.47 5.97 89.57
CA PHE A 587 -26.54 6.04 90.70
C PHE A 587 -26.32 4.66 91.32
N ASN A 588 -27.30 3.77 91.19
CA ASN A 588 -27.21 2.43 91.74
C ASN A 588 -26.11 1.59 91.11
N GLU A 589 -25.57 2.06 89.99
CA GLU A 589 -24.52 1.36 89.27
C GLU A 589 -23.14 1.78 89.72
N THR A 590 -23.07 2.69 90.68
CA THR A 590 -21.80 3.21 91.15
C THR A 590 -21.30 2.51 92.41
N THR A 591 -20.01 2.62 92.65
CA THR A 591 -19.42 2.09 93.88
C THR A 591 -19.79 2.99 95.04
N TYR A 592 -20.06 4.26 94.73
CA TYR A 592 -20.48 5.24 95.72
C TYR A 592 -21.79 4.81 96.39
N ALA A 593 -22.67 4.17 95.61
CA ALA A 593 -23.97 3.73 96.10
C ALA A 593 -23.86 2.64 97.15
N LYS A 594 -22.79 1.86 97.07
CA LYS A 594 -22.54 0.79 98.02
C LYS A 594 -21.76 1.28 99.23
N GLY A 595 -21.51 2.58 99.29
CA GLY A 595 -20.78 3.16 100.41
C GLY A 595 -19.28 3.02 100.25
N ILE A 596 -18.84 2.85 99.01
CA ILE A 596 -17.42 2.71 98.70
C ILE A 596 -16.86 4.03 98.19
N LEU A 597 -15.70 4.42 98.73
CA LEU A 597 -15.06 5.68 98.39
C LEU A 597 -13.73 5.42 97.70
N PRO A 598 -13.19 6.42 96.98
CA PRO A 598 -11.85 6.30 96.37
C PRO A 598 -10.76 5.98 97.39
N ILE A 599 -10.95 6.43 98.63
CA ILE A 599 -9.96 6.19 99.67
C ILE A 599 -9.98 4.74 100.17
N ASP A 600 -10.89 3.95 99.62
CA ASP A 600 -10.99 2.54 99.97
C ASP A 600 -10.35 1.64 98.92
N THR A 601 -10.24 2.15 97.70
CA THR A 601 -9.88 1.30 96.56
C THR A 601 -8.59 1.67 95.84
N TYR A 602 -7.85 2.63 96.38
CA TYR A 602 -6.63 3.08 95.73
C TYR A 602 -5.55 2.01 95.85
N LYS A 603 -4.50 2.12 95.03
CA LYS A 603 -3.42 1.16 95.08
C LYS A 603 -2.57 1.36 96.32
N LYS A 604 -2.36 0.29 97.08
CA LYS A 604 -1.74 0.37 98.40
C LYS A 604 -0.29 0.80 98.37
N ASP A 605 0.35 0.75 97.21
CA ASP A 605 1.74 1.16 97.10
C ASP A 605 1.90 2.65 97.37
N LEU A 606 0.79 3.38 97.32
CA LEU A 606 0.79 4.80 97.61
C LEU A 606 1.14 5.07 99.07
N ASP A 607 0.91 4.08 99.92
CA ASP A 607 1.18 4.24 101.35
C ASP A 607 2.67 4.35 101.63
N THR A 608 3.49 3.98 100.66
CA THR A 608 4.93 3.98 100.82
C THR A 608 5.58 5.30 100.36
N ILE A 609 4.80 6.15 99.70
CA ILE A 609 5.35 7.39 99.17
C ILE A 609 4.64 8.64 99.73
N ALA A 610 3.70 8.43 100.63
CA ALA A 610 3.02 9.55 101.29
C ALA A 610 2.41 9.13 102.64
N ASN A 611 2.63 9.94 103.67
CA ASN A 611 2.04 9.65 104.98
C ASN A 611 1.11 10.76 105.48
N GLU A 612 0.59 11.55 104.55
CA GLU A 612 -0.33 12.63 104.89
C GLU A 612 -1.68 12.06 105.32
N PRO A 613 -2.15 12.45 106.50
CA PRO A 613 -3.45 11.94 106.96
C PRO A 613 -4.62 12.66 106.30
N LEU A 614 -5.80 12.05 106.31
CA LEU A 614 -7.00 12.66 105.79
C LEU A 614 -7.46 13.75 106.75
N HIS A 615 -7.70 14.94 106.24
CA HIS A 615 -8.03 16.08 107.10
C HIS A 615 -9.53 16.32 107.15
N TYR A 616 -10.26 15.72 106.22
CA TYR A 616 -11.70 15.91 106.15
C TYR A 616 -12.46 14.67 106.59
N ASP A 617 -13.71 14.86 106.97
CA ASP A 617 -14.53 13.78 107.51
C ASP A 617 -15.14 12.95 106.39
N TRP A 618 -14.37 12.00 105.88
CA TRP A 618 -14.79 11.15 104.77
C TRP A 618 -15.81 10.11 105.20
N GLU A 619 -15.82 9.78 106.49
CA GLU A 619 -16.76 8.79 107.01
C GLU A 619 -18.17 9.38 107.10
N ALA A 620 -18.24 10.66 107.46
CA ALA A 620 -19.53 11.36 107.49
C ALA A 620 -20.08 11.53 106.08
N LEU A 621 -19.18 11.81 105.14
CA LEU A 621 -19.54 11.96 103.74
C LEU A 621 -20.03 10.64 103.15
N ARG A 622 -19.37 9.55 103.54
CA ARG A 622 -19.75 8.21 103.10
C ARG A 622 -21.20 7.89 103.44
N GLU A 623 -21.61 8.23 104.66
CA GLU A 623 -22.97 7.95 105.10
C GLU A 623 -23.95 8.82 104.33
N SER A 624 -23.56 10.06 104.07
CA SER A 624 -24.42 11.00 103.36
C SER A 624 -24.62 10.60 101.91
N ILE A 625 -23.57 10.08 101.30
CA ILE A 625 -23.63 9.66 99.91
C ILE A 625 -24.51 8.41 99.77
N LYS A 626 -24.35 7.48 100.70
CA LYS A 626 -25.14 6.25 100.67
C LYS A 626 -26.63 6.53 100.85
N THR A 627 -26.93 7.61 101.56
CA THR A 627 -28.33 7.95 101.87
C THR A 627 -28.98 8.83 100.80
N HIS A 628 -28.29 9.89 100.40
CA HIS A 628 -28.89 10.86 99.50
C HIS A 628 -28.37 10.75 98.08
N GLY A 629 -27.28 10.01 97.91
CA GLY A 629 -26.71 9.80 96.60
C GLY A 629 -25.85 10.95 96.12
N LEU A 630 -25.40 10.86 94.88
CA LEU A 630 -24.69 11.93 94.21
C LEU A 630 -25.48 12.35 92.97
N ARG A 631 -25.43 13.63 92.64
CA ARG A 631 -26.07 14.13 91.44
C ARG A 631 -25.29 13.64 90.22
N ASN A 632 -24.00 13.38 90.43
CA ASN A 632 -23.09 13.03 89.35
C ASN A 632 -22.27 11.77 89.67
N SER A 633 -22.18 10.87 88.71
CA SER A 633 -21.45 9.62 88.91
C SER A 633 -19.94 9.82 89.04
N THR A 634 -19.41 10.77 88.27
CA THR A 634 -18.02 11.17 88.37
C THR A 634 -17.96 12.67 88.53
N LEU A 635 -16.84 13.17 89.07
CA LEU A 635 -16.70 14.59 89.30
C LEU A 635 -15.34 15.13 88.91
N SER A 636 -14.29 14.33 89.09
CA SER A 636 -12.94 14.81 88.85
C SER A 636 -12.23 14.09 87.71
N ALA A 637 -11.45 14.86 86.96
CA ALA A 637 -10.64 14.36 85.86
C ALA A 637 -9.61 15.43 85.54
N LEU A 638 -8.36 15.05 85.42
CA LEU A 638 -7.29 16.03 85.18
C LEU A 638 -6.93 16.14 83.70
N MET A 639 -7.52 17.13 83.03
CA MET A 639 -7.30 17.37 81.61
C MET A 639 -6.04 18.18 81.39
N PRO A 640 -5.49 18.15 80.16
CA PRO A 640 -4.27 18.94 79.89
C PRO A 640 -4.54 20.45 79.89
N SER A 641 -5.74 20.84 79.49
CA SER A 641 -6.17 22.23 79.43
C SER A 641 -5.18 23.10 78.68
N GLU A 642 -4.67 22.61 77.56
CA GLU A 642 -3.62 23.33 76.84
C GLU A 642 -4.09 24.68 76.30
N THR A 643 -5.34 24.76 75.86
CA THR A 643 -5.84 25.99 75.30
C THR A 643 -6.50 26.83 76.37
N SER A 644 -7.38 26.20 77.14
CA SER A 644 -8.23 26.91 78.07
C SER A 644 -7.48 27.55 79.22
N SER A 645 -6.32 27.00 79.58
CA SER A 645 -5.56 27.53 80.71
C SER A 645 -4.86 28.85 80.37
N GLN A 646 -4.74 29.15 79.08
CA GLN A 646 -4.04 30.34 78.65
C GLN A 646 -4.85 31.60 78.96
N ILE A 647 -6.15 31.42 79.16
CA ILE A 647 -7.04 32.53 79.46
C ILE A 647 -6.65 33.24 80.77
N SER A 648 -6.23 32.46 81.76
CA SER A 648 -5.81 33.02 83.04
C SER A 648 -4.29 33.07 83.13
N ASN A 649 -3.64 32.83 81.99
CA ASN A 649 -2.19 32.78 81.91
C ASN A 649 -1.61 31.74 82.86
N ALA A 650 -2.33 30.65 83.04
CA ALA A 650 -1.92 29.61 83.97
C ALA A 650 -0.94 28.65 83.32
N THR A 651 -0.17 27.96 84.14
CA THR A 651 0.60 26.81 83.68
C THR A 651 -0.40 25.71 83.41
N ASN A 652 -0.31 25.06 82.26
CA ASN A 652 -1.36 24.14 81.83
C ASN A 652 -1.43 22.92 82.73
N GLY A 653 -2.63 22.66 83.25
CA GLY A 653 -2.91 21.48 84.04
C GLY A 653 -1.94 21.24 85.18
N ILE A 654 -1.39 20.03 85.22
CA ILE A 654 -0.43 19.65 86.24
C ILE A 654 0.99 19.63 85.68
N GLU A 655 1.11 19.97 84.40
CA GLU A 655 2.40 19.89 83.72
C GLU A 655 3.31 21.05 84.11
N PRO A 656 4.61 20.76 84.28
CA PRO A 656 5.62 21.80 84.49
C PRO A 656 5.94 22.52 83.18
N PRO A 657 6.18 23.83 83.25
CA PRO A 657 6.47 24.61 82.03
C PRO A 657 7.79 24.21 81.34
N ARG A 658 7.88 24.39 80.03
CA ARG A 658 9.13 24.10 79.33
C ARG A 658 10.16 25.17 79.66
N GLY A 659 9.70 26.39 79.88
CA GLY A 659 10.59 27.49 80.20
C GLY A 659 9.84 28.64 80.85
N TYR A 660 10.60 29.62 81.34
CA TYR A 660 10.02 30.80 81.95
C TYR A 660 9.22 31.60 80.93
N VAL A 661 9.72 31.62 79.70
CA VAL A 661 8.97 32.17 78.58
C VAL A 661 8.69 31.06 77.59
N SER A 662 7.44 30.64 77.55
CA SER A 662 7.06 29.55 76.67
C SER A 662 6.63 30.09 75.32
N ILE A 663 7.04 29.40 74.26
CA ILE A 663 6.57 29.75 72.92
C ILE A 663 5.58 28.67 72.45
N LYS A 664 4.30 29.04 72.44
CA LYS A 664 3.25 28.07 72.13
C LYS A 664 2.59 28.39 70.78
N ASP A 668 -2.48 32.33 64.11
CA ASP A 668 -1.79 33.53 63.63
C ASP A 668 -0.29 33.31 63.50
N GLY A 669 0.30 32.67 64.50
CA GLY A 669 1.74 32.48 64.52
C GLY A 669 2.21 32.07 65.90
N ILE A 670 3.42 32.49 66.25
CA ILE A 670 4.01 32.16 67.55
C ILE A 670 3.55 33.12 68.66
N LEU A 671 3.36 32.58 69.85
CA LEU A 671 2.99 33.37 71.02
C LEU A 671 4.02 33.21 72.13
N ARG A 672 4.32 34.28 72.85
CA ARG A 672 5.17 34.19 74.04
C ARG A 672 4.32 34.26 75.30
N GLN A 673 4.49 33.28 76.17
CA GLN A 673 3.73 33.24 77.42
C GLN A 673 4.66 33.13 78.61
N VAL A 674 4.51 34.04 79.56
CA VAL A 674 5.35 34.02 80.76
C VAL A 674 4.64 33.29 81.90
N VAL A 675 5.38 32.49 82.65
CA VAL A 675 4.83 31.84 83.84
C VAL A 675 4.38 32.89 84.84
N PRO A 676 3.29 32.61 85.57
CA PRO A 676 2.78 33.59 86.54
C PRO A 676 3.80 33.97 87.62
N ASP A 677 3.91 35.27 87.85
CA ASP A 677 4.78 35.84 88.88
C ASP A 677 6.24 35.43 88.71
N TYR A 678 6.77 35.64 87.52
CA TYR A 678 8.16 35.29 87.22
C TYR A 678 9.14 36.07 88.07
N GLU A 679 8.79 37.30 88.40
CA GLU A 679 9.68 38.19 89.15
C GLU A 679 10.05 37.63 90.52
N HIS A 680 9.06 37.09 91.23
CA HIS A 680 9.28 36.63 92.60
C HIS A 680 9.59 35.14 92.66
N LEU A 681 9.25 34.39 91.63
CA LEU A 681 9.37 32.93 91.68
C LEU A 681 10.26 32.32 90.62
N HIS A 682 11.18 33.09 90.04
CA HIS A 682 12.05 32.56 89.00
C HIS A 682 12.92 31.39 89.50
N ASP A 683 13.23 31.39 90.80
CA ASP A 683 14.04 30.33 91.37
C ASP A 683 13.20 29.18 91.93
N ALA A 684 11.91 29.43 92.13
CA ALA A 684 11.02 28.46 92.76
C ALA A 684 10.50 27.42 91.78
N TYR A 685 10.42 27.79 90.50
CA TYR A 685 9.92 26.88 89.49
C TYR A 685 10.92 25.78 89.19
N GLU A 686 10.42 24.60 88.85
CA GLU A 686 11.25 23.53 88.33
C GLU A 686 10.84 23.21 86.90
N LEU A 687 11.63 23.67 85.94
CA LEU A 687 11.31 23.52 84.53
C LEU A 687 11.37 22.06 84.12
N LEU A 688 10.72 21.72 83.01
CA LEU A 688 10.58 20.34 82.57
C LEU A 688 11.91 19.62 82.37
N TRP A 689 12.87 20.27 81.72
CA TRP A 689 14.12 19.60 81.40
C TRP A 689 15.18 19.78 82.49
N GLU A 690 14.74 20.27 83.65
CA GLU A 690 15.62 20.38 84.80
C GLU A 690 15.43 19.18 85.72
N MET A 691 14.62 18.22 85.27
CA MET A 691 14.27 17.05 86.06
C MET A 691 15.07 15.80 85.70
N PRO A 692 15.40 14.99 86.71
CA PRO A 692 16.21 13.76 86.56
C PRO A 692 15.52 12.68 85.72
N GLY A 693 14.21 12.60 85.84
CA GLY A 693 13.45 11.57 85.17
C GLY A 693 11.97 11.77 85.41
N ASN A 694 11.20 10.68 85.37
CA ASN A 694 9.75 10.76 85.49
C ASN A 694 9.22 10.33 86.86
N ASP A 695 10.10 9.77 87.68
CA ASP A 695 9.75 9.19 88.97
C ASP A 695 8.98 10.12 89.90
N GLY A 696 9.52 11.31 90.14
CA GLY A 696 8.87 12.28 90.99
C GLY A 696 7.51 12.69 90.47
N TYR A 697 7.42 12.87 89.16
CA TYR A 697 6.17 13.22 88.50
C TYR A 697 5.15 12.10 88.60
N LEU A 698 5.59 10.88 88.32
CA LEU A 698 4.69 9.73 88.33
C LEU A 698 4.14 9.44 89.72
N GLN A 699 4.92 9.75 90.75
CA GLN A 699 4.45 9.57 92.11
C GLN A 699 3.35 10.57 92.43
N LEU A 700 3.49 11.79 91.95
CA LEU A 700 2.46 12.81 92.15
C LEU A 700 1.18 12.41 91.45
N VAL A 701 1.31 11.86 90.24
CA VAL A 701 0.15 11.40 89.48
C VAL A 701 -0.59 10.30 90.23
N GLY A 702 0.17 9.36 90.78
CA GLY A 702 -0.39 8.26 91.54
C GLY A 702 -1.13 8.74 92.78
N ILE A 703 -0.54 9.71 93.46
CA ILE A 703 -1.16 10.30 94.64
C ILE A 703 -2.44 11.04 94.26
N MET A 704 -2.41 11.74 93.14
CA MET A 704 -3.61 12.40 92.64
C MET A 704 -4.68 11.38 92.31
N GLN A 705 -4.28 10.29 91.66
CA GLN A 705 -5.21 9.28 91.18
C GLN A 705 -5.95 8.60 92.33
N LYS A 706 -5.40 8.73 93.53
CA LYS A 706 -6.04 8.19 94.72
C LYS A 706 -7.42 8.81 94.93
N PHE A 707 -7.58 10.06 94.52
CA PHE A 707 -8.81 10.80 94.76
C PHE A 707 -9.61 11.05 93.49
N ILE A 708 -8.92 11.08 92.35
CA ILE A 708 -9.57 11.39 91.08
C ILE A 708 -10.51 10.26 90.66
N ASP A 709 -11.75 10.61 90.34
CA ASP A 709 -12.76 9.65 89.91
C ASP A 709 -12.38 8.95 88.62
N GLN A 710 -11.94 9.74 87.65
CA GLN A 710 -11.59 9.20 86.35
C GLN A 710 -10.08 9.01 86.25
N SER A 711 -9.44 9.67 85.29
CA SER A 711 -7.99 9.52 85.14
C SER A 711 -7.30 10.87 84.94
N ILE A 712 -6.02 10.80 84.59
CA ILE A 712 -5.14 11.95 84.48
C ILE A 712 -4.34 11.89 83.19
N SER A 713 -4.23 13.00 82.50
CA SER A 713 -3.45 13.05 81.26
C SER A 713 -1.95 13.05 81.54
N ALA A 714 -1.45 11.93 82.04
CA ALA A 714 -0.06 11.86 82.49
C ALA A 714 0.94 11.78 81.34
N ASN A 715 1.93 12.65 81.37
CA ASN A 715 2.99 12.71 80.37
C ASN A 715 4.23 11.97 80.81
N THR A 716 5.00 11.45 79.86
CA THR A 716 6.35 10.99 80.14
C THR A 716 7.33 11.84 79.35
N ASN A 717 8.48 12.13 79.94
CA ASN A 717 9.44 13.03 79.31
C ASN A 717 10.84 12.45 79.27
N TYR A 718 11.54 12.66 78.16
CA TYR A 718 12.89 12.16 78.01
C TYR A 718 13.79 13.13 77.25
N ASP A 719 14.97 13.39 77.79
CA ASP A 719 15.99 14.16 77.12
C ASP A 719 17.10 13.23 76.67
N PRO A 720 17.17 12.96 75.35
CA PRO A 720 18.13 12.04 74.74
C PRO A 720 19.59 12.35 75.08
N SER A 721 19.90 13.62 75.27
CA SER A 721 21.27 14.04 75.55
C SER A 721 21.76 13.58 76.91
N ARG A 722 20.82 13.19 77.77
CA ARG A 722 21.16 12.67 79.09
C ARG A 722 21.52 11.19 79.06
N PHE A 723 21.37 10.58 77.89
CA PHE A 723 21.58 9.15 77.76
C PHE A 723 22.74 8.82 76.84
N PRO A 724 23.39 7.66 77.07
CA PRO A 724 24.52 7.23 76.24
C PRO A 724 24.17 7.15 74.77
N SER A 725 25.04 7.71 73.94
CA SER A 725 24.86 7.75 72.49
C SER A 725 23.61 8.51 72.07
N GLY A 726 23.08 9.32 72.99
CA GLY A 726 21.95 10.18 72.69
C GLY A 726 20.65 9.46 72.39
N LYS A 727 20.51 8.23 72.89
CA LYS A 727 19.27 7.47 72.71
C LYS A 727 18.79 6.87 74.01
N VAL A 728 17.51 7.05 74.31
CA VAL A 728 16.91 6.50 75.51
C VAL A 728 16.72 5.00 75.38
N PRO A 729 17.37 4.23 76.27
CA PRO A 729 17.31 2.76 76.23
C PRO A 729 15.90 2.24 76.52
N MET A 730 15.55 1.10 75.91
CA MET A 730 14.24 0.49 76.10
C MET A 730 14.02 0.09 77.55
N GLN A 731 15.09 -0.26 78.24
CA GLN A 731 15.04 -0.67 79.64
C GLN A 731 14.51 0.47 80.51
N GLN A 732 14.88 1.70 80.16
CA GLN A 732 14.43 2.88 80.89
C GLN A 732 12.96 3.21 80.59
N LEU A 733 12.57 3.02 79.33
CA LEU A 733 11.19 3.25 78.92
C LEU A 733 10.27 2.28 79.65
N LEU A 734 10.70 1.03 79.75
CA LEU A 734 9.92 0.00 80.43
C LEU A 734 9.91 0.20 81.94
N LYS A 735 10.98 0.75 82.50
CA LYS A 735 11.02 0.98 83.94
C LYS A 735 9.98 2.01 84.35
N ASP A 736 9.90 3.11 83.60
CA ASP A 736 8.93 4.16 83.87
C ASP A 736 7.51 3.65 83.67
N LEU A 737 7.34 2.78 82.69
CA LEU A 737 6.04 2.18 82.40
C LEU A 737 5.55 1.36 83.59
N LEU A 738 6.43 0.54 84.16
CA LEU A 738 6.10 -0.32 85.28
C LEU A 738 5.93 0.47 86.56
N THR A 739 6.67 1.57 86.69
CA THR A 739 6.56 2.44 87.84
C THR A 739 5.17 3.07 87.91
N ALA A 740 4.69 3.52 86.77
CA ALA A 740 3.37 4.11 86.67
C ALA A 740 2.31 3.11 87.10
N TYR A 741 2.41 1.88 86.60
CA TYR A 741 1.47 0.85 86.98
C TYR A 741 1.56 0.54 88.47
N LYS A 742 2.78 0.55 88.99
CA LYS A 742 3.05 0.27 90.40
C LYS A 742 2.28 1.22 91.31
N PHE A 743 2.15 2.47 90.89
CA PHE A 743 1.52 3.49 91.71
C PHE A 743 0.06 3.73 91.32
N GLY A 744 -0.49 2.83 90.52
CA GLY A 744 -1.90 2.83 90.22
C GLY A 744 -2.31 3.82 89.15
N VAL A 745 -1.33 4.29 88.38
CA VAL A 745 -1.60 5.19 87.27
C VAL A 745 -2.45 4.47 86.23
N LYS A 746 -3.59 5.07 85.89
CA LYS A 746 -4.54 4.43 84.99
C LYS A 746 -4.15 4.58 83.52
N THR A 747 -3.70 5.76 83.14
CA THR A 747 -3.39 6.04 81.73
C THR A 747 -2.08 6.81 81.55
N LEU A 748 -1.53 6.73 80.34
CA LEU A 748 -0.36 7.52 79.97
C LEU A 748 -0.64 8.29 78.68
N TYR A 749 -0.46 9.61 78.73
CA TYR A 749 -0.74 10.45 77.58
C TYR A 749 0.53 10.65 76.77
N TYR A 750 0.89 11.89 76.48
CA TYR A 750 2.05 12.20 75.65
C TYR A 750 3.34 11.60 76.17
N GLN A 751 4.23 11.20 75.26
CA GLN A 751 5.64 11.10 75.60
C GLN A 751 6.38 12.20 74.87
N ASN A 752 6.97 13.11 75.64
CA ASN A 752 7.70 14.23 75.07
C ASN A 752 9.18 13.94 74.98
N THR A 753 9.74 14.13 73.79
CA THR A 753 11.17 13.99 73.57
C THR A 753 11.78 15.33 73.21
N ARG A 754 12.74 15.77 74.02
CA ARG A 754 13.37 17.07 73.81
C ARG A 754 14.16 17.07 72.50
N ASP A 755 14.14 18.21 71.80
CA ASP A 755 14.92 18.35 70.58
C ASP A 755 16.27 19.02 70.87
N ASN B 23 10.28 -45.80 41.32
CA ASN B 23 10.16 -46.01 42.76
C ASN B 23 9.56 -44.78 43.44
N LEU B 24 9.03 -43.87 42.63
CA LEU B 24 8.49 -42.61 43.11
C LEU B 24 7.12 -42.81 43.77
N LEU B 25 6.86 -42.07 44.84
CA LEU B 25 5.57 -42.16 45.52
C LEU B 25 4.72 -40.91 45.36
N VAL B 26 3.41 -41.09 45.44
CA VAL B 26 2.48 -39.96 45.48
C VAL B 26 1.67 -40.04 46.76
N THR B 27 1.17 -38.90 47.23
CA THR B 27 0.36 -38.87 48.44
C THR B 27 -1.12 -38.73 48.10
N LYS B 28 -1.89 -39.75 48.45
CA LYS B 28 -3.33 -39.78 48.15
C LYS B 28 -4.10 -38.83 49.04
N ARG B 29 -5.41 -38.77 48.84
CA ARG B 29 -6.24 -37.84 49.60
C ARG B 29 -6.36 -38.23 51.07
N ASP B 30 -6.31 -39.53 51.35
CA ASP B 30 -6.44 -40.01 52.73
C ASP B 30 -5.15 -39.84 53.54
N GLY B 31 -4.09 -39.39 52.89
CA GLY B 31 -2.84 -39.13 53.58
C GLY B 31 -1.83 -40.24 53.39
N SER B 32 -2.29 -41.37 52.86
CA SER B 32 -1.43 -42.51 52.60
C SER B 32 -0.61 -42.28 51.34
N THR B 33 0.33 -43.18 51.07
CA THR B 33 1.17 -43.08 49.90
C THR B 33 1.08 -44.35 49.08
N GLU B 34 1.26 -44.22 47.78
CA GLU B 34 1.30 -45.38 46.90
C GLU B 34 2.22 -45.08 45.74
N ARG B 35 2.66 -46.11 45.05
CA ARG B 35 3.56 -45.93 43.92
C ARG B 35 2.92 -45.09 42.82
N ILE B 36 3.72 -44.21 42.22
CA ILE B 36 3.21 -43.34 41.16
C ILE B 36 2.77 -44.18 39.96
N ASN B 37 1.65 -43.81 39.37
CA ASN B 37 1.11 -44.53 38.21
C ASN B 37 0.76 -43.54 37.11
N LEU B 38 1.65 -43.44 36.12
CA LEU B 38 1.48 -42.48 35.04
C LEU B 38 0.32 -42.86 34.12
N ASP B 39 -0.13 -44.11 34.22
CA ASP B 39 -1.23 -44.60 33.41
C ASP B 39 -2.56 -44.04 33.91
N LYS B 40 -2.65 -43.82 35.21
CA LYS B 40 -3.84 -43.23 35.81
C LYS B 40 -4.04 -41.79 35.31
N ILE B 41 -2.94 -41.05 35.24
CA ILE B 41 -2.95 -39.69 34.74
C ILE B 41 -3.35 -39.66 33.27
N HIS B 42 -2.81 -40.59 32.50
CA HIS B 42 -3.11 -40.69 31.07
C HIS B 42 -4.60 -40.99 30.87
N ARG B 43 -5.19 -41.75 31.79
CA ARG B 43 -6.60 -42.10 31.72
C ARG B 43 -7.47 -40.85 31.86
N VAL B 44 -7.09 -39.98 32.78
CA VAL B 44 -7.82 -38.74 33.03
C VAL B 44 -7.68 -37.77 31.86
N LEU B 45 -6.50 -37.69 31.30
CA LEU B 45 -6.24 -36.83 30.14
C LEU B 45 -7.04 -37.30 28.92
N ASP B 46 -7.17 -38.60 28.76
CA ASP B 46 -7.93 -39.18 27.66
C ASP B 46 -9.40 -38.81 27.74
N ALA B 47 -9.94 -38.82 28.95
CA ALA B 47 -11.35 -38.52 29.15
C ALA B 47 -11.67 -37.07 28.83
N ALA B 48 -10.72 -36.19 29.10
CA ALA B 48 -10.89 -34.76 28.88
C ALA B 48 -10.60 -34.36 27.44
N ALA B 49 -9.89 -35.22 26.71
CA ALA B 49 -9.49 -34.88 25.35
C ALA B 49 -10.49 -35.43 24.33
N GLU B 50 -11.55 -36.05 24.82
CA GLU B 50 -12.56 -36.65 23.98
C GLU B 50 -13.29 -35.63 23.10
N GLY B 51 -13.23 -35.82 21.80
CA GLY B 51 -13.94 -34.97 20.86
C GLY B 51 -13.17 -33.72 20.46
N LEU B 52 -11.97 -33.57 21.02
CA LEU B 52 -11.15 -32.41 20.74
C LEU B 52 -10.20 -32.66 19.57
N HIS B 53 -9.76 -31.58 18.93
CA HIS B 53 -8.90 -31.69 17.77
C HIS B 53 -7.59 -30.92 17.98
N ASN B 54 -6.52 -31.45 17.40
CA ASN B 54 -5.21 -30.81 17.45
C ASN B 54 -4.68 -30.61 18.87
N VAL B 55 -5.07 -31.50 19.78
CA VAL B 55 -4.51 -31.49 21.12
C VAL B 55 -3.63 -32.72 21.33
N SER B 56 -2.61 -32.59 22.15
CA SER B 56 -1.67 -33.69 22.37
C SER B 56 -1.54 -34.02 23.85
N ILE B 57 -1.90 -35.25 24.20
CA ILE B 57 -1.77 -35.74 25.58
C ILE B 57 -0.32 -35.74 26.02
N SER B 58 0.56 -36.14 25.10
CA SER B 58 1.99 -36.23 25.37
C SER B 58 2.57 -34.87 25.77
N GLN B 59 2.12 -33.83 25.09
CA GLN B 59 2.59 -32.48 25.37
C GLN B 59 2.28 -32.04 26.80
N VAL B 60 1.07 -32.34 27.25
CA VAL B 60 0.66 -32.02 28.61
C VAL B 60 1.46 -32.86 29.60
N GLU B 61 1.66 -34.13 29.25
CA GLU B 61 2.42 -35.05 30.10
C GLU B 61 3.86 -34.58 30.26
N LEU B 62 4.48 -34.13 29.17
CA LEU B 62 5.85 -33.64 29.21
C LEU B 62 5.98 -32.41 30.10
N ARG B 63 5.01 -31.52 29.99
CA ARG B 63 5.02 -30.30 30.77
C ARG B 63 4.69 -30.57 32.25
N SER B 64 4.04 -31.70 32.51
CA SER B 64 3.60 -32.02 33.86
C SER B 64 4.55 -32.92 34.64
N HIS B 65 5.03 -33.98 34.00
CA HIS B 65 5.82 -35.01 34.68
C HIS B 65 7.08 -34.46 35.32
N ILE B 66 7.69 -33.48 34.67
CA ILE B 66 8.96 -32.92 35.13
C ILE B 66 8.81 -32.20 36.46
N GLN B 67 7.60 -31.79 36.81
CA GLN B 67 7.39 -31.01 38.02
C GLN B 67 7.04 -31.91 39.20
N PHE B 68 6.91 -33.21 38.95
CA PHE B 68 6.57 -34.14 40.01
C PHE B 68 7.78 -34.40 40.90
N TYR B 69 7.51 -34.72 42.17
CA TYR B 69 8.56 -35.00 43.15
C TYR B 69 8.05 -36.09 44.09
N ASP B 70 8.96 -36.66 44.87
CA ASP B 70 8.61 -37.77 45.75
C ASP B 70 7.62 -37.37 46.84
N GLY B 71 6.50 -38.07 46.89
CA GLY B 71 5.50 -37.83 47.92
C GLY B 71 4.55 -36.69 47.59
N ILE B 72 4.52 -36.29 46.32
CA ILE B 72 3.67 -35.20 45.88
C ILE B 72 2.20 -35.53 46.10
N LYS B 73 1.43 -34.55 46.58
CA LYS B 73 0.02 -34.74 46.80
C LYS B 73 -0.71 -34.97 45.48
N THR B 74 -1.73 -35.82 45.53
CA THR B 74 -2.49 -36.17 44.34
C THR B 74 -3.27 -34.98 43.79
N SER B 75 -3.59 -34.02 44.66
CA SER B 75 -4.31 -32.82 44.25
C SER B 75 -3.36 -31.86 43.55
N ASP B 76 -2.10 -31.89 43.96
CA ASP B 76 -1.09 -31.05 43.34
C ASP B 76 -0.75 -31.56 41.96
N ILE B 77 -0.86 -32.88 41.77
CA ILE B 77 -0.70 -33.49 40.47
C ILE B 77 -1.81 -33.05 39.53
N HIS B 78 -3.04 -33.06 40.04
CA HIS B 78 -4.19 -32.70 39.23
C HIS B 78 -4.13 -31.22 38.83
N GLU B 79 -3.71 -30.37 39.75
CA GLU B 79 -3.56 -28.96 39.45
C GLU B 79 -2.41 -28.71 38.46
N THR B 80 -1.43 -29.61 38.45
CA THR B 80 -0.30 -29.47 37.55
C THR B 80 -0.73 -29.68 36.10
N ILE B 81 -1.53 -30.72 35.87
CA ILE B 81 -1.95 -31.05 34.52
C ILE B 81 -3.00 -30.06 33.98
N ILE B 82 -3.75 -29.43 34.89
CA ILE B 82 -4.69 -28.39 34.51
C ILE B 82 -3.92 -27.17 34.01
N LYS B 83 -2.92 -26.78 34.79
CA LYS B 83 -2.05 -25.66 34.48
C LYS B 83 -1.28 -25.90 33.18
N ALA B 84 -0.84 -27.13 32.99
CA ALA B 84 -0.09 -27.51 31.79
C ALA B 84 -0.95 -27.40 30.53
N ALA B 85 -2.19 -27.86 30.63
CA ALA B 85 -3.10 -27.80 29.49
C ALA B 85 -3.51 -26.36 29.21
N ALA B 86 -3.62 -25.56 30.27
CA ALA B 86 -4.03 -24.17 30.13
C ALA B 86 -2.95 -23.32 29.46
N ASP B 87 -1.69 -23.70 29.65
CA ASP B 87 -0.59 -22.94 29.07
C ASP B 87 -0.45 -23.19 27.58
N LEU B 88 -1.09 -24.25 27.10
CA LEU B 88 -0.95 -24.65 25.70
C LEU B 88 -2.07 -24.09 24.84
N ILE B 89 -2.95 -23.30 25.45
CA ILE B 89 -4.03 -22.65 24.72
C ILE B 89 -3.46 -21.63 23.74
N SER B 90 -3.71 -21.85 22.45
CA SER B 90 -3.15 -20.97 21.42
C SER B 90 -4.01 -20.96 20.16
N ARG B 91 -3.57 -20.21 19.16
CA ARG B 91 -4.26 -20.11 17.89
C ARG B 91 -4.13 -21.41 17.09
N ASP B 92 -2.99 -22.07 17.24
CA ASP B 92 -2.71 -23.33 16.56
C ASP B 92 -3.54 -24.47 17.14
N ALA B 93 -3.75 -24.45 18.45
CA ALA B 93 -4.56 -25.47 19.11
C ALA B 93 -5.50 -24.88 20.15
N PRO B 94 -6.60 -24.24 19.71
CA PRO B 94 -7.52 -23.60 20.65
C PRO B 94 -8.30 -24.58 21.53
N ASP B 95 -8.40 -25.84 21.12
CA ASP B 95 -9.18 -26.83 21.86
C ASP B 95 -8.59 -27.19 23.22
N TYR B 96 -7.43 -26.62 23.53
CA TYR B 96 -6.84 -26.77 24.85
C TYR B 96 -7.68 -26.04 25.89
N GLN B 97 -8.54 -25.14 25.43
CA GLN B 97 -9.43 -24.41 26.32
C GLN B 97 -10.46 -25.34 26.93
N TYR B 98 -10.80 -26.41 26.24
CA TYR B 98 -11.77 -27.38 26.75
C TYR B 98 -11.06 -28.48 27.51
N LEU B 99 -9.85 -28.80 27.08
CA LEU B 99 -9.03 -29.80 27.75
C LEU B 99 -8.70 -29.31 29.15
N ALA B 100 -8.25 -28.07 29.25
CA ALA B 100 -7.93 -27.48 30.53
C ALA B 100 -9.17 -27.33 31.41
N ALA B 101 -10.28 -26.95 30.79
CA ALA B 101 -11.53 -26.74 31.51
C ALA B 101 -12.06 -28.03 32.12
N ARG B 102 -12.11 -29.09 31.31
CA ARG B 102 -12.64 -30.37 31.75
C ARG B 102 -11.81 -30.98 32.87
N LEU B 103 -10.49 -30.84 32.77
CA LEU B 103 -9.61 -31.32 33.84
C LEU B 103 -9.90 -30.61 35.15
N ALA B 104 -10.24 -29.32 35.04
CA ALA B 104 -10.60 -28.53 36.20
C ALA B 104 -11.95 -28.98 36.75
N ILE B 105 -12.87 -29.30 35.85
CA ILE B 105 -14.18 -29.81 36.23
C ILE B 105 -14.05 -31.09 37.02
N PHE B 106 -13.18 -31.99 36.55
CA PHE B 106 -12.93 -33.27 37.21
C PHE B 106 -12.52 -33.07 38.65
N HIS B 107 -11.57 -32.16 38.86
CA HIS B 107 -11.05 -31.89 40.20
C HIS B 107 -12.10 -31.25 41.09
N LEU B 108 -12.90 -30.37 40.51
CA LEU B 108 -13.94 -29.67 41.24
C LEU B 108 -15.01 -30.64 41.76
N ARG B 109 -15.24 -31.71 41.01
CA ARG B 109 -16.17 -32.76 41.43
C ARG B 109 -15.66 -33.43 42.71
N LYS B 110 -14.39 -33.81 42.70
CA LYS B 110 -13.73 -34.42 43.85
C LYS B 110 -13.74 -33.51 45.06
N LYS B 111 -13.53 -32.22 44.82
CA LYS B 111 -13.50 -31.22 45.88
C LYS B 111 -14.87 -31.07 46.53
N ALA B 112 -15.92 -31.17 45.72
CA ALA B 112 -17.27 -30.89 46.19
C ALA B 112 -17.97 -32.14 46.70
N TYR B 113 -17.74 -33.28 46.04
CA TYR B 113 -18.52 -34.47 46.31
C TYR B 113 -17.66 -35.64 46.79
N GLY B 114 -16.36 -35.56 46.56
CA GLY B 114 -15.47 -36.66 46.91
C GLY B 114 -15.45 -37.71 45.81
N GLN B 115 -16.19 -37.44 44.74
CA GLN B 115 -16.29 -38.35 43.61
C GLN B 115 -16.68 -37.58 42.35
N PHE B 116 -16.63 -38.25 41.20
CA PHE B 116 -16.96 -37.61 39.94
C PHE B 116 -18.45 -37.37 39.77
N GLU B 117 -19.26 -38.39 40.05
CA GLU B 117 -20.71 -38.28 39.87
C GLU B 117 -21.36 -37.49 41.00
N PRO B 118 -22.09 -36.42 40.65
CA PRO B 118 -22.80 -35.60 41.63
C PRO B 118 -23.94 -36.39 42.28
N PRO B 119 -24.27 -36.07 43.54
CA PRO B 119 -25.37 -36.75 44.24
C PRO B 119 -26.73 -36.34 43.70
N ALA B 120 -27.78 -36.96 44.23
CA ALA B 120 -29.14 -36.54 43.90
C ALA B 120 -29.37 -35.14 44.42
N LEU B 121 -30.12 -34.34 43.66
CA LEU B 121 -30.34 -32.94 43.99
C LEU B 121 -30.91 -32.75 45.39
N TYR B 122 -31.91 -33.56 45.74
CA TYR B 122 -32.56 -33.46 47.04
C TYR B 122 -31.61 -33.75 48.19
N ASP B 123 -30.82 -34.81 48.05
CA ASP B 123 -29.85 -35.17 49.07
C ASP B 123 -28.80 -34.06 49.22
N HIS B 124 -28.42 -33.47 48.09
CA HIS B 124 -27.48 -32.36 48.09
C HIS B 124 -28.05 -31.14 48.81
N VAL B 125 -29.26 -30.75 48.44
CA VAL B 125 -29.91 -29.58 49.04
C VAL B 125 -30.11 -29.74 50.54
N VAL B 126 -30.59 -30.91 50.96
CA VAL B 126 -30.82 -31.16 52.38
C VAL B 126 -29.53 -30.98 53.17
N LYS B 127 -28.46 -31.59 52.71
CA LYS B 127 -27.17 -31.52 53.41
C LYS B 127 -26.63 -30.09 53.41
N MET B 128 -26.79 -29.37 52.32
CA MET B 128 -26.29 -28.00 52.21
C MET B 128 -27.10 -27.01 53.05
N VAL B 129 -28.40 -27.25 53.17
CA VAL B 129 -29.24 -26.44 54.05
C VAL B 129 -28.88 -26.71 55.51
N GLU B 130 -28.59 -27.97 55.83
CA GLU B 130 -28.18 -28.34 57.18
C GLU B 130 -26.88 -27.66 57.57
N MET B 131 -25.98 -27.49 56.60
CA MET B 131 -24.69 -26.85 56.84
C MET B 131 -24.83 -25.35 56.85
N GLY B 132 -26.01 -24.88 56.43
CA GLY B 132 -26.30 -23.45 56.41
C GLY B 132 -25.74 -22.74 55.19
N LYS B 133 -25.48 -23.50 54.13
CA LYS B 133 -24.91 -22.94 52.91
C LYS B 133 -25.99 -22.56 51.91
N TYR B 134 -27.15 -23.19 52.01
CA TYR B 134 -28.29 -22.84 51.18
C TYR B 134 -29.39 -22.24 52.04
N ASP B 135 -30.27 -21.46 51.42
CA ASP B 135 -31.39 -20.86 52.12
C ASP B 135 -32.42 -21.91 52.52
N ASN B 136 -33.02 -21.76 53.70
CA ASN B 136 -33.99 -22.72 54.21
C ASN B 136 -35.22 -22.89 53.34
N HIS B 137 -35.59 -21.82 52.64
CA HIS B 137 -36.84 -21.79 51.87
C HIS B 137 -36.89 -22.87 50.81
N LEU B 138 -35.73 -23.37 50.41
CA LEU B 138 -35.65 -24.42 49.40
C LEU B 138 -36.38 -25.67 49.85
N LEU B 139 -36.22 -26.01 51.13
CA LEU B 139 -36.89 -27.19 51.67
C LEU B 139 -38.34 -26.91 52.04
N GLU B 140 -38.71 -25.63 52.09
CA GLU B 140 -40.08 -25.26 52.43
C GLU B 140 -40.94 -25.06 51.19
N ASP B 141 -40.33 -24.62 50.10
CA ASP B 141 -41.08 -24.27 48.91
C ASP B 141 -41.16 -25.42 47.92
N TYR B 142 -40.26 -26.40 48.06
CA TYR B 142 -40.25 -27.55 47.18
C TYR B 142 -40.27 -28.86 47.96
N THR B 143 -41.03 -29.84 47.46
CA THR B 143 -41.07 -31.16 48.09
C THR B 143 -40.00 -32.07 47.53
N GLU B 144 -39.77 -33.20 48.20
CA GLU B 144 -38.78 -34.17 47.75
C GLU B 144 -39.11 -34.69 46.36
N GLU B 145 -40.40 -34.79 46.07
CA GLU B 145 -40.85 -35.21 44.75
C GLU B 145 -40.46 -34.19 43.69
N GLU B 146 -40.51 -32.91 44.05
CA GLU B 146 -40.17 -31.85 43.13
C GLU B 146 -38.67 -31.71 42.89
N PHE B 147 -37.87 -32.03 43.91
CA PHE B 147 -36.43 -32.00 43.75
C PHE B 147 -35.97 -33.15 42.87
N LYS B 148 -36.61 -34.31 43.01
CA LYS B 148 -36.30 -35.45 42.15
C LYS B 148 -36.74 -35.17 40.72
N GLN B 149 -37.81 -34.41 40.58
CA GLN B 149 -38.32 -34.04 39.27
C GLN B 149 -37.42 -33.00 38.64
N MET B 150 -36.89 -32.09 39.46
CA MET B 150 -35.94 -31.09 38.98
C MET B 150 -34.59 -31.72 38.64
N ASP B 151 -34.27 -32.84 39.29
CA ASP B 151 -33.02 -33.53 39.04
C ASP B 151 -32.98 -34.10 37.63
N THR B 152 -34.15 -34.38 37.08
CA THR B 152 -34.26 -34.92 35.72
C THR B 152 -34.06 -33.84 34.68
N PHE B 153 -34.16 -32.59 35.11
CA PHE B 153 -33.91 -31.45 34.22
C PHE B 153 -32.41 -31.29 33.99
N ILE B 154 -31.63 -31.62 35.00
CA ILE B 154 -30.19 -31.38 35.00
C ILE B 154 -29.43 -32.27 34.03
N ASP B 155 -28.56 -31.66 33.24
CA ASP B 155 -27.61 -32.39 32.41
C ASP B 155 -26.20 -32.02 32.86
N HIS B 156 -25.62 -32.86 33.70
CA HIS B 156 -24.30 -32.60 34.25
C HIS B 156 -23.20 -32.63 33.19
N ASP B 157 -23.49 -33.21 32.03
CA ASP B 157 -22.52 -33.28 30.96
C ASP B 157 -22.32 -31.92 30.31
N ARG B 158 -23.14 -30.95 30.69
CA ARG B 158 -23.01 -29.59 30.19
C ARG B 158 -21.82 -28.87 30.83
N ASP B 159 -21.27 -29.45 31.90
CA ASP B 159 -20.07 -28.94 32.52
C ASP B 159 -18.85 -29.13 31.61
N MET B 160 -18.99 -29.99 30.61
CA MET B 160 -17.91 -30.27 29.68
C MET B 160 -17.97 -29.35 28.46
N THR B 161 -18.87 -28.37 28.52
CA THR B 161 -19.03 -27.40 27.44
C THR B 161 -18.40 -26.06 27.79
N PHE B 162 -17.94 -25.92 29.03
CA PHE B 162 -17.26 -24.71 29.47
C PHE B 162 -15.86 -24.57 28.89
N SER B 163 -15.43 -23.33 28.71
CA SER B 163 -14.03 -23.05 28.40
C SER B 163 -13.26 -22.85 29.69
N TYR B 164 -11.93 -22.84 29.61
CA TYR B 164 -11.11 -22.79 30.82
C TYR B 164 -11.34 -21.52 31.63
N ALA B 165 -11.46 -20.39 30.93
CA ALA B 165 -11.69 -19.12 31.59
C ALA B 165 -13.01 -19.14 32.36
N ALA B 166 -14.00 -19.83 31.82
CA ALA B 166 -15.31 -19.96 32.46
C ALA B 166 -15.21 -20.71 33.79
N VAL B 167 -14.46 -21.80 33.79
CA VAL B 167 -14.33 -22.65 34.95
C VAL B 167 -13.56 -21.96 36.07
N LYS B 168 -12.62 -21.10 35.69
CA LYS B 168 -11.85 -20.33 36.67
C LYS B 168 -12.71 -19.31 37.39
N GLN B 169 -13.69 -18.75 36.67
CA GLN B 169 -14.62 -17.82 37.28
C GLN B 169 -15.58 -18.57 38.19
N LEU B 170 -15.93 -19.80 37.78
CA LEU B 170 -16.80 -20.65 38.56
C LEU B 170 -16.20 -21.01 39.91
N GLU B 171 -14.97 -21.54 39.89
CA GLU B 171 -14.34 -21.96 41.14
C GLU B 171 -13.85 -20.76 41.93
N GLY B 172 -13.52 -19.68 41.24
CA GLY B 172 -12.99 -18.50 41.89
C GLY B 172 -14.04 -17.62 42.53
N LYS B 173 -15.18 -17.45 41.86
CA LYS B 173 -16.16 -16.47 42.29
C LYS B 173 -17.55 -17.03 42.53
N TYR B 174 -18.03 -17.83 41.59
CA TYR B 174 -19.46 -18.14 41.49
C TYR B 174 -19.92 -19.32 42.33
N LEU B 175 -19.19 -20.43 42.29
CA LEU B 175 -19.57 -21.63 43.04
C LEU B 175 -19.58 -21.36 44.55
N VAL B 176 -20.60 -21.87 45.23
CA VAL B 176 -20.71 -21.69 46.68
C VAL B 176 -19.53 -22.37 47.37
N GLN B 177 -18.83 -21.60 48.19
CA GLN B 177 -17.61 -22.08 48.80
C GLN B 177 -17.29 -21.37 50.10
N ASN B 178 -16.33 -21.90 50.84
CA ASN B 178 -15.84 -21.27 52.05
C ASN B 178 -14.70 -20.32 51.72
N ARG B 179 -14.88 -19.04 52.03
CA ARG B 179 -13.91 -18.02 51.65
C ARG B 179 -12.71 -17.98 52.60
N VAL B 180 -12.77 -18.78 53.66
CA VAL B 180 -11.68 -18.88 54.62
C VAL B 180 -10.90 -20.17 54.38
N THR B 181 -11.62 -21.26 54.18
CA THR B 181 -11.03 -22.58 53.97
C THR B 181 -10.67 -22.83 52.51
N GLY B 182 -11.56 -22.47 51.60
CA GLY B 182 -11.34 -22.74 50.19
C GLY B 182 -12.13 -23.95 49.73
N GLU B 183 -12.94 -24.52 50.62
CA GLU B 183 -13.71 -25.71 50.32
C GLU B 183 -14.86 -25.42 49.36
N ILE B 184 -14.91 -26.19 48.27
CA ILE B 184 -15.99 -26.09 47.29
C ILE B 184 -17.16 -26.98 47.71
N TYR B 185 -18.37 -26.47 47.55
CA TYR B 185 -19.53 -27.20 48.05
C TYR B 185 -20.47 -27.69 46.95
N GLU B 186 -20.33 -27.16 45.74
CA GLU B 186 -21.27 -27.49 44.67
C GLU B 186 -20.62 -27.57 43.31
N SER B 187 -21.42 -27.91 42.29
CA SER B 187 -20.97 -27.91 40.91
C SER B 187 -21.86 -27.00 40.07
N ALA B 188 -21.48 -26.79 38.82
CA ALA B 188 -22.07 -25.74 37.98
C ALA B 188 -23.56 -25.94 37.71
N GLN B 189 -23.97 -27.19 37.49
CA GLN B 189 -25.36 -27.45 37.14
C GLN B 189 -26.28 -27.34 38.35
N PHE B 190 -25.74 -27.59 39.54
CA PHE B 190 -26.51 -27.38 40.75
C PHE B 190 -26.71 -25.89 40.97
N LEU B 191 -25.70 -25.10 40.60
CA LEU B 191 -25.80 -23.66 40.63
C LEU B 191 -26.95 -23.19 39.74
N TYR B 192 -26.95 -23.65 38.49
CA TYR B 192 -27.93 -23.23 37.51
C TYR B 192 -29.36 -23.61 37.88
N ILE B 193 -29.57 -24.84 38.32
CA ILE B 193 -30.91 -25.31 38.62
C ILE B 193 -31.49 -24.63 39.86
N LEU B 194 -30.62 -24.25 40.80
CA LEU B 194 -31.08 -23.67 42.05
C LEU B 194 -31.28 -22.16 41.91
N VAL B 195 -30.57 -21.56 40.97
CA VAL B 195 -30.87 -20.18 40.60
C VAL B 195 -32.27 -20.12 40.04
N ALA B 196 -32.59 -21.04 39.13
CA ALA B 196 -33.92 -21.12 38.54
C ALA B 196 -34.98 -21.49 39.58
N ALA B 197 -34.65 -22.42 40.47
CA ALA B 197 -35.60 -22.88 41.48
C ALA B 197 -35.96 -21.77 42.46
N CYS B 198 -34.98 -20.98 42.86
CA CYS B 198 -35.20 -19.91 43.83
C CYS B 198 -35.96 -18.75 43.22
N LEU B 199 -35.62 -18.39 42.00
CA LEU B 199 -36.23 -17.23 41.36
C LEU B 199 -37.68 -17.47 41.00
N PHE B 200 -38.07 -18.72 40.80
CA PHE B 200 -39.46 -19.02 40.47
C PHE B 200 -40.18 -19.74 41.61
N SER B 201 -39.62 -19.66 42.81
CA SER B 201 -40.15 -20.38 43.96
C SER B 201 -41.53 -19.87 44.41
N ASN B 202 -41.89 -18.65 44.04
CA ASN B 202 -43.18 -18.09 44.41
C ASN B 202 -44.25 -18.26 43.34
N TYR B 203 -43.89 -18.93 42.25
CA TYR B 203 -44.84 -19.18 41.16
C TYR B 203 -45.81 -20.30 41.52
N PRO B 204 -47.03 -20.24 40.96
CA PRO B 204 -48.02 -21.29 41.19
C PRO B 204 -47.51 -22.65 40.71
N ARG B 205 -47.80 -23.71 41.46
CA ARG B 205 -47.33 -25.05 41.14
C ARG B 205 -47.80 -25.53 39.78
N GLU B 206 -48.84 -24.89 39.26
CA GLU B 206 -49.38 -25.22 37.95
C GLU B 206 -48.37 -24.92 36.84
N THR B 207 -47.57 -23.88 37.01
CA THR B 207 -46.61 -23.48 35.98
C THR B 207 -45.16 -23.37 36.46
N ARG B 208 -44.94 -23.55 37.76
CA ARG B 208 -43.65 -23.26 38.36
C ARG B 208 -42.47 -24.05 37.76
N LEU B 209 -42.58 -25.38 37.78
CA LEU B 209 -41.48 -26.23 37.32
C LEU B 209 -41.22 -26.09 35.83
N GLN B 210 -42.25 -25.68 35.10
CA GLN B 210 -42.13 -25.49 33.67
C GLN B 210 -41.22 -24.29 33.39
N TYR B 211 -41.33 -23.27 34.23
CA TYR B 211 -40.48 -22.09 34.14
C TYR B 211 -39.06 -22.41 34.60
N VAL B 212 -38.97 -23.23 35.65
CA VAL B 212 -37.68 -23.61 36.21
C VAL B 212 -36.85 -24.36 35.18
N LYS B 213 -37.48 -25.27 34.45
CA LYS B 213 -36.79 -26.03 33.41
C LYS B 213 -36.39 -25.16 32.23
N ARG B 214 -37.32 -24.33 31.76
CA ARG B 214 -37.06 -23.44 30.64
C ARG B 214 -35.94 -22.46 30.94
N PHE B 215 -35.92 -21.93 32.17
CA PHE B 215 -34.91 -20.97 32.58
C PHE B 215 -33.57 -21.66 32.80
N TYR B 216 -33.60 -22.86 33.34
CA TYR B 216 -32.38 -23.63 33.51
C TYR B 216 -31.70 -23.92 32.17
N ASP B 217 -32.49 -24.31 31.17
CA ASP B 217 -31.95 -24.58 29.85
C ASP B 217 -31.35 -23.33 29.23
N ALA B 218 -32.00 -22.20 29.45
CA ALA B 218 -31.59 -20.94 28.86
C ALA B 218 -30.22 -20.48 29.36
N VAL B 219 -29.95 -20.73 30.64
CA VAL B 219 -28.69 -20.28 31.23
C VAL B 219 -27.59 -21.32 31.12
N SER B 220 -27.95 -22.60 31.17
CA SER B 220 -26.96 -23.67 31.12
C SER B 220 -26.49 -23.95 29.70
N THR B 221 -27.26 -23.48 28.72
CA THR B 221 -26.84 -23.58 27.33
C THR B 221 -26.46 -22.20 26.82
N PHE B 222 -26.31 -21.26 27.75
CA PHE B 222 -25.67 -19.96 27.52
C PHE B 222 -26.45 -18.99 26.64
N LYS B 223 -27.76 -19.14 26.59
CA LYS B 223 -28.59 -18.21 25.85
C LYS B 223 -28.81 -16.92 26.62
N ILE B 224 -28.92 -17.05 27.95
CA ILE B 224 -29.02 -15.90 28.83
C ILE B 224 -27.82 -15.88 29.76
N SER B 225 -27.20 -14.72 29.91
CA SER B 225 -26.04 -14.60 30.79
C SER B 225 -26.45 -13.91 32.09
N LEU B 226 -26.07 -14.51 33.21
CA LEU B 226 -26.41 -13.97 34.52
C LEU B 226 -25.21 -13.25 35.13
N PRO B 227 -25.46 -12.17 35.89
CA PRO B 227 -24.41 -11.36 36.51
C PRO B 227 -23.78 -12.04 37.71
N THR B 228 -22.68 -11.48 38.19
CA THR B 228 -21.92 -12.03 39.30
C THR B 228 -22.72 -12.19 40.60
N PRO B 229 -23.45 -11.16 41.06
CA PRO B 229 -24.09 -11.37 42.36
C PRO B 229 -25.24 -12.37 42.31
N ILE B 230 -25.80 -12.60 41.13
CA ILE B 230 -26.83 -13.62 40.96
C ILE B 230 -26.19 -15.00 40.86
N MET B 231 -25.13 -15.10 40.06
CA MET B 231 -24.42 -16.35 39.88
C MET B 231 -23.87 -16.91 41.19
N SER B 232 -23.37 -16.02 42.05
CA SER B 232 -22.77 -16.46 43.30
C SER B 232 -23.72 -16.36 44.50
N GLY B 233 -24.86 -15.74 44.30
CA GLY B 233 -25.74 -15.42 45.41
C GLY B 233 -27.05 -16.18 45.50
N VAL B 234 -27.76 -16.32 44.39
CA VAL B 234 -29.12 -16.86 44.43
C VAL B 234 -29.15 -18.35 44.77
N ARG B 235 -29.27 -18.62 46.07
CA ARG B 235 -29.47 -19.93 46.72
C ARG B 235 -28.86 -19.86 48.11
N THR B 236 -28.10 -18.80 48.36
CA THR B 236 -27.45 -18.60 49.65
C THR B 236 -28.40 -17.91 50.62
N PRO B 237 -28.11 -18.02 51.93
CA PRO B 237 -28.97 -17.38 52.93
C PRO B 237 -28.95 -15.86 52.83
N THR B 238 -27.90 -15.30 52.24
CA THR B 238 -27.80 -13.85 52.05
C THR B 238 -28.42 -13.42 50.73
N ARG B 239 -29.58 -12.77 50.81
CA ARG B 239 -30.33 -12.40 49.61
C ARG B 239 -30.10 -10.96 49.17
N GLN B 240 -29.13 -10.75 48.29
CA GLN B 240 -28.91 -9.47 47.65
C GLN B 240 -28.24 -9.74 46.31
N PHE B 241 -28.93 -9.44 45.22
CA PHE B 241 -28.45 -9.86 43.90
C PHE B 241 -28.42 -8.73 42.87
N SER B 242 -28.74 -7.51 43.31
CA SER B 242 -28.62 -6.35 42.45
C SER B 242 -27.16 -5.94 42.33
N SER B 243 -26.71 -5.67 41.10
CA SER B 243 -25.32 -5.36 40.84
C SER B 243 -25.00 -3.90 41.07
N CYS B 244 -26.01 -3.05 40.90
CA CYS B 244 -25.81 -1.61 40.90
C CYS B 244 -26.64 -0.91 41.96
N VAL B 245 -25.97 -0.06 42.72
CA VAL B 245 -26.64 0.75 43.74
C VAL B 245 -26.30 2.22 43.53
N LEU B 246 -27.33 3.04 43.37
CA LEU B 246 -27.15 4.46 43.12
C LEU B 246 -27.63 5.28 44.31
N ILE B 247 -26.71 5.95 44.98
CA ILE B 247 -27.04 6.72 46.16
C ILE B 247 -26.77 8.20 45.94
N GLU B 248 -27.80 9.01 46.10
CA GLU B 248 -27.65 10.46 45.98
C GLU B 248 -27.42 11.06 47.35
N CYS B 249 -26.35 11.84 47.46
CA CYS B 249 -26.00 12.44 48.74
C CYS B 249 -26.47 13.89 48.78
N GLY B 250 -27.09 14.26 49.90
CA GLY B 250 -27.55 15.62 50.12
C GLY B 250 -26.51 16.49 50.79
N ASP B 251 -26.75 17.79 50.81
CA ASP B 251 -25.83 18.74 51.39
C ASP B 251 -26.05 18.91 52.90
N SER B 252 -25.87 17.81 53.65
CA SER B 252 -25.99 17.83 55.10
C SER B 252 -25.23 16.67 55.69
N LEU B 253 -24.86 16.78 56.96
CA LEU B 253 -24.13 15.71 57.62
C LEU B 253 -24.99 14.46 57.75
N ASP B 254 -26.28 14.66 57.99
CA ASP B 254 -27.20 13.54 58.12
C ASP B 254 -27.25 12.70 56.85
N SER B 255 -27.21 13.37 55.70
CA SER B 255 -27.24 12.68 54.42
C SER B 255 -25.91 12.02 54.10
N ILE B 256 -24.83 12.70 54.45
CA ILE B 256 -23.48 12.18 54.27
C ILE B 256 -23.28 10.92 55.12
N ASN B 257 -23.79 10.94 56.36
CA ASN B 257 -23.73 9.77 57.23
C ASN B 257 -24.60 8.64 56.69
N ALA B 258 -25.79 8.99 56.22
CA ALA B 258 -26.72 8.01 55.66
C ALA B 258 -26.13 7.37 54.41
N THR B 259 -25.54 8.20 53.56
CA THR B 259 -24.91 7.73 52.33
C THR B 259 -23.78 6.78 52.62
N SER B 260 -22.94 7.15 53.58
CA SER B 260 -21.81 6.33 53.99
C SER B 260 -22.25 4.97 54.52
N SER B 261 -23.32 4.96 55.29
CA SER B 261 -23.84 3.72 55.86
C SER B 261 -24.40 2.80 54.79
N ALA B 262 -25.12 3.38 53.83
CA ALA B 262 -25.72 2.61 52.75
C ALA B 262 -24.64 1.99 51.86
N ILE B 263 -23.54 2.70 51.68
CA ILE B 263 -22.41 2.20 50.91
C ILE B 263 -21.80 0.95 51.56
N VAL B 264 -21.47 1.06 52.84
CA VAL B 264 -20.87 -0.04 53.57
C VAL B 264 -21.75 -1.28 53.54
N LYS B 265 -23.05 -1.07 53.77
CA LYS B 265 -23.99 -2.18 53.80
C LYS B 265 -24.13 -2.85 52.44
N TYR B 266 -24.20 -2.07 51.38
CA TYR B 266 -24.45 -2.63 50.06
C TYR B 266 -23.19 -3.13 49.35
N VAL B 267 -22.04 -2.56 49.65
CA VAL B 267 -20.80 -3.12 49.12
C VAL B 267 -20.59 -4.51 49.67
N SER B 268 -20.79 -4.67 50.98
CA SER B 268 -20.61 -5.96 51.64
C SER B 268 -21.61 -7.00 51.14
N GLN B 269 -22.69 -6.54 50.52
CA GLN B 269 -23.70 -7.45 49.99
C GLN B 269 -23.77 -7.42 48.47
N ARG B 270 -22.59 -7.53 47.84
CA ARG B 270 -22.43 -7.85 46.41
C ARG B 270 -22.68 -6.71 45.42
N ALA B 271 -22.77 -5.47 45.88
CA ALA B 271 -23.14 -4.40 44.97
C ALA B 271 -22.01 -3.42 44.65
N GLY B 272 -22.03 -2.91 43.42
CA GLY B 272 -21.16 -1.82 43.02
C GLY B 272 -21.91 -0.51 43.18
N ILE B 273 -21.21 0.56 43.51
CA ILE B 273 -21.87 1.79 43.92
C ILE B 273 -21.68 2.96 42.96
N GLY B 274 -22.75 3.71 42.75
CA GLY B 274 -22.68 5.01 42.09
C GLY B 274 -23.06 6.08 43.09
N ILE B 275 -22.17 7.05 43.32
CA ILE B 275 -22.42 8.09 44.31
C ILE B 275 -22.57 9.47 43.68
N ASN B 276 -23.67 10.16 44.00
CA ASN B 276 -23.84 11.53 43.58
C ASN B 276 -23.58 12.49 44.75
N ALA B 277 -22.45 13.17 44.70
CA ALA B 277 -22.06 14.08 45.77
C ALA B 277 -21.93 15.50 45.25
N GLY B 278 -22.60 15.79 44.15
CA GLY B 278 -22.52 17.08 43.52
C GLY B 278 -23.26 18.18 44.27
N ARG B 279 -24.19 17.81 45.12
CA ARG B 279 -24.96 18.80 45.87
C ARG B 279 -24.18 19.43 47.02
N ILE B 280 -23.12 18.75 47.47
CA ILE B 280 -22.34 19.20 48.61
C ILE B 280 -21.67 20.55 48.31
N ARG B 281 -21.90 21.52 49.19
CA ARG B 281 -21.44 22.88 48.97
C ARG B 281 -19.91 22.96 48.95
N ALA B 282 -19.39 24.02 48.34
CA ALA B 282 -17.97 24.10 48.06
C ALA B 282 -17.16 24.53 49.28
N LEU B 283 -15.86 24.25 49.22
CA LEU B 283 -14.90 24.71 50.21
C LEU B 283 -14.98 26.21 50.41
N GLY B 284 -15.12 26.64 51.66
CA GLY B 284 -15.17 28.06 51.98
C GLY B 284 -16.57 28.58 52.18
N SER B 285 -17.56 27.72 51.95
CA SER B 285 -18.95 28.11 52.14
C SER B 285 -19.29 28.24 53.62
N PRO B 286 -20.17 29.19 53.96
CA PRO B 286 -20.63 29.33 55.34
C PRO B 286 -21.55 28.19 55.78
N ILE B 287 -21.44 27.83 57.06
CA ILE B 287 -22.30 26.83 57.66
C ILE B 287 -23.02 27.46 58.86
N ARG B 288 -24.33 27.25 58.93
CA ARG B 288 -25.16 27.80 60.01
C ARG B 288 -24.97 29.30 60.13
N GLY B 289 -25.01 30.00 58.99
CA GLY B 289 -24.90 31.45 58.98
C GLY B 289 -23.49 31.95 59.20
N GLY B 290 -22.53 31.05 59.19
CA GLY B 290 -21.14 31.41 59.37
C GLY B 290 -20.56 30.90 60.68
N GLU B 291 -21.27 29.98 61.32
CA GLU B 291 -20.78 29.37 62.55
C GLU B 291 -19.58 28.49 62.24
N ALA B 292 -19.50 28.04 61.00
CA ALA B 292 -18.40 27.20 60.56
C ALA B 292 -17.99 27.51 59.13
N PHE B 293 -16.74 27.22 58.82
CA PHE B 293 -16.14 27.36 57.51
C PHE B 293 -16.12 25.98 56.85
N HIS B 294 -16.82 25.84 55.72
CA HIS B 294 -16.91 24.52 55.08
C HIS B 294 -15.55 24.06 54.57
N THR B 295 -15.12 22.89 55.05
CA THR B 295 -13.77 22.42 54.80
C THR B 295 -13.64 21.68 53.48
N GLY B 296 -14.72 21.64 52.71
CA GLY B 296 -14.66 21.14 51.34
C GLY B 296 -15.28 19.78 51.08
N CYS B 297 -15.31 19.42 49.81
CA CYS B 297 -15.86 18.15 49.37
C CYS B 297 -14.88 16.99 49.54
N ILE B 298 -13.61 17.28 49.30
CA ILE B 298 -12.58 16.24 49.29
C ILE B 298 -12.48 15.44 50.61
N PRO B 299 -12.57 16.11 51.77
CA PRO B 299 -12.58 15.29 53.00
C PRO B 299 -13.78 14.36 53.10
N PHE B 300 -14.88 14.71 52.45
CA PHE B 300 -16.06 13.85 52.44
C PHE B 300 -15.92 12.75 51.39
N TYR B 301 -15.25 13.07 50.29
CA TYR B 301 -14.96 12.07 49.26
C TYR B 301 -14.10 10.96 49.82
N LYS B 302 -13.11 11.33 50.63
CA LYS B 302 -12.25 10.36 51.30
C LYS B 302 -13.07 9.44 52.19
N HIS B 303 -14.10 10.00 52.81
CA HIS B 303 -14.94 9.23 53.71
C HIS B 303 -15.80 8.23 52.94
N PHE B 304 -16.25 8.65 51.76
CA PHE B 304 -16.99 7.75 50.88
C PHE B 304 -16.07 6.65 50.37
N GLN B 305 -14.81 7.01 50.14
CA GLN B 305 -13.82 6.05 49.66
C GLN B 305 -13.53 4.94 50.67
N THR B 306 -13.33 5.31 51.93
CA THR B 306 -13.05 4.31 52.95
C THR B 306 -14.29 3.46 53.25
N ALA B 307 -15.46 4.00 52.96
CA ALA B 307 -16.70 3.25 53.10
C ALA B 307 -16.78 2.15 52.05
N VAL B 308 -16.30 2.45 50.84
CA VAL B 308 -16.27 1.50 49.75
C VAL B 308 -15.22 0.41 49.96
N LYS B 309 -14.07 0.81 50.51
CA LYS B 309 -12.94 -0.09 50.65
C LYS B 309 -12.94 -0.82 51.98
N SER B 310 -13.96 -0.57 52.80
CA SER B 310 -14.03 -1.17 54.13
C SER B 310 -14.41 -2.64 54.07
N CYS B 311 -15.14 -3.02 53.03
CA CYS B 311 -15.64 -4.39 52.89
C CYS B 311 -15.27 -4.97 51.53
N SER B 312 -15.26 -6.28 51.44
CA SER B 312 -15.19 -6.95 50.16
C SER B 312 -16.58 -7.01 49.57
N GLN B 313 -16.69 -7.23 48.26
CA GLN B 313 -18.01 -7.32 47.64
C GLN B 313 -18.63 -8.69 47.86
N GLY B 314 -19.17 -8.91 49.05
CA GLY B 314 -19.81 -10.17 49.38
C GLY B 314 -18.85 -11.33 49.48
N GLY B 315 -17.57 -11.03 49.69
CA GLY B 315 -16.55 -12.05 49.81
C GLY B 315 -16.03 -12.53 48.46
N VAL B 316 -16.52 -11.91 47.39
CA VAL B 316 -16.16 -12.32 46.03
C VAL B 316 -15.03 -11.48 45.43
N ARG B 317 -15.15 -10.16 45.52
CA ARG B 317 -14.15 -9.26 44.96
C ARG B 317 -14.11 -7.96 45.74
N GLY B 318 -13.28 -7.02 45.29
CA GLY B 318 -13.16 -5.75 45.97
C GLY B 318 -14.31 -4.81 45.66
N GLY B 319 -14.60 -3.91 46.59
CA GLY B 319 -15.65 -2.93 46.41
C GLY B 319 -15.19 -1.79 45.53
N ALA B 320 -16.11 -1.18 44.80
CA ALA B 320 -15.77 -0.10 43.90
C ALA B 320 -16.92 0.89 43.78
N ALA B 321 -16.59 2.14 43.49
CA ALA B 321 -17.61 3.17 43.35
C ALA B 321 -17.18 4.24 42.36
N THR B 322 -18.17 4.81 41.68
CA THR B 322 -17.93 5.97 40.84
C THR B 322 -18.72 7.12 41.42
N LEU B 323 -18.06 8.26 41.58
CA LEU B 323 -18.68 9.43 42.18
C LEU B 323 -18.95 10.49 41.12
N PHE B 324 -20.10 11.15 41.23
CA PHE B 324 -20.54 12.11 40.22
C PHE B 324 -20.66 13.52 40.75
N TYR B 325 -20.27 14.48 39.93
CA TYR B 325 -20.37 15.90 40.25
C TYR B 325 -20.49 16.69 38.95
N PRO B 326 -21.15 17.86 39.02
CA PRO B 326 -21.31 18.71 37.83
C PRO B 326 -20.03 19.40 37.39
N MET B 327 -19.90 19.68 36.10
CA MET B 327 -18.72 20.33 35.57
C MET B 327 -18.55 21.75 36.09
N TRP B 328 -19.67 22.39 36.39
CA TRP B 328 -19.64 23.79 36.82
C TRP B 328 -19.51 23.95 38.33
N HIS B 329 -19.21 22.86 39.03
CA HIS B 329 -18.98 22.92 40.47
C HIS B 329 -17.75 23.76 40.77
N LEU B 330 -17.78 24.52 41.85
CA LEU B 330 -16.71 25.45 42.16
C LEU B 330 -15.36 24.78 42.41
N GLU B 331 -15.39 23.55 42.91
CA GLU B 331 -14.14 22.83 43.21
C GLU B 331 -13.70 21.92 42.09
N VAL B 332 -14.33 22.03 40.92
CA VAL B 332 -14.13 21.06 39.84
C VAL B 332 -12.66 20.89 39.43
N GLU B 333 -11.87 21.95 39.52
CA GLU B 333 -10.46 21.86 39.15
C GLU B 333 -9.68 21.01 40.16
N SER B 334 -10.16 20.98 41.40
CA SER B 334 -9.55 20.17 42.44
C SER B 334 -10.05 18.73 42.36
N LEU B 335 -11.30 18.58 41.93
CA LEU B 335 -11.94 17.27 41.86
C LEU B 335 -11.45 16.45 40.68
N LEU B 336 -11.06 17.12 39.60
CA LEU B 336 -10.64 16.44 38.39
C LEU B 336 -9.31 15.71 38.53
N VAL B 337 -8.46 16.19 39.44
CA VAL B 337 -7.12 15.64 39.59
C VAL B 337 -6.98 14.77 40.84
N LEU B 338 -8.10 14.26 41.34
CA LEU B 338 -8.10 13.46 42.56
C LEU B 338 -7.43 12.11 42.37
N LYS B 339 -7.34 11.64 41.13
CA LYS B 339 -6.69 10.36 40.85
C LYS B 339 -5.24 10.53 40.43
N ASN B 340 -4.82 11.78 40.26
CA ASN B 340 -3.46 12.09 39.86
C ASN B 340 -2.46 11.66 40.94
N ASN B 341 -1.44 10.91 40.53
CA ASN B 341 -0.46 10.39 41.48
C ASN B 341 0.59 11.43 41.89
N ARG B 342 0.55 12.61 41.27
CA ARG B 342 1.53 13.65 41.59
C ARG B 342 0.96 14.70 42.54
N GLY B 343 0.67 14.29 43.77
CA GLY B 343 0.15 15.19 44.77
C GLY B 343 0.18 14.57 46.15
N VAL B 344 0.03 15.39 47.18
CA VAL B 344 0.00 14.91 48.56
C VAL B 344 -1.32 14.21 48.86
N GLU B 345 -1.33 13.41 49.93
CA GLU B 345 -2.53 12.64 50.28
C GLU B 345 -3.66 13.56 50.71
N GLY B 346 -3.33 14.80 51.04
CA GLY B 346 -4.31 15.77 51.49
C GLY B 346 -5.33 16.13 50.44
N ASN B 347 -4.95 16.03 49.17
CA ASN B 347 -5.85 16.35 48.08
C ASN B 347 -5.89 15.28 47.00
N ARG B 348 -5.84 14.02 47.43
CA ARG B 348 -5.88 12.90 46.50
C ARG B 348 -6.80 11.78 46.98
N VAL B 349 -7.80 11.45 46.17
CA VAL B 349 -8.69 10.33 46.44
C VAL B 349 -8.66 9.41 45.23
N ARG B 350 -7.66 8.53 45.18
CA ARG B 350 -7.33 7.80 43.95
C ARG B 350 -8.13 6.53 43.72
N HIS B 351 -8.68 5.95 44.79
CA HIS B 351 -9.30 4.64 44.69
C HIS B 351 -10.80 4.71 44.46
N MET B 352 -11.24 5.81 43.86
CA MET B 352 -12.61 5.90 43.35
C MET B 352 -12.58 6.43 41.93
N ASP B 353 -13.60 6.12 41.15
CA ASP B 353 -13.69 6.67 39.82
C ASP B 353 -14.63 7.86 39.83
N TYR B 354 -14.58 8.69 38.80
CA TYR B 354 -15.37 9.90 38.80
C TYR B 354 -16.04 10.12 37.45
N GLY B 355 -17.28 10.62 37.51
CA GLY B 355 -18.01 10.97 36.31
C GLY B 355 -18.33 12.45 36.31
N VAL B 356 -17.80 13.16 35.32
CA VAL B 356 -18.09 14.58 35.18
C VAL B 356 -19.38 14.76 34.41
N GLN B 357 -20.31 15.52 34.98
CA GLN B 357 -21.62 15.70 34.38
C GLN B 357 -21.67 16.95 33.52
N ILE B 358 -22.03 16.76 32.25
CA ILE B 358 -21.98 17.83 31.26
C ILE B 358 -23.31 17.97 30.51
N ASN B 359 -23.62 19.17 30.03
CA ASN B 359 -24.78 19.38 29.16
C ASN B 359 -24.41 20.22 27.94
N LYS B 360 -25.42 20.54 27.13
CA LYS B 360 -25.23 21.26 25.86
C LYS B 360 -24.51 22.59 26.04
N LEU B 361 -24.88 23.33 27.07
CA LEU B 361 -24.34 24.66 27.31
C LEU B 361 -22.83 24.66 27.53
N MET B 362 -22.34 23.66 28.25
CA MET B 362 -20.91 23.54 28.51
C MET B 362 -20.14 23.32 27.20
N TYR B 363 -20.68 22.46 26.34
CA TYR B 363 -20.06 22.18 25.05
C TYR B 363 -20.10 23.42 24.16
N THR B 364 -21.18 24.18 24.26
CA THR B 364 -21.35 25.39 23.46
C THR B 364 -20.26 26.40 23.81
N ARG B 365 -19.97 26.53 25.10
CA ARG B 365 -18.91 27.42 25.55
C ARG B 365 -17.57 26.98 25.01
N LEU B 366 -17.38 25.67 24.91
CA LEU B 366 -16.15 25.11 24.38
C LEU B 366 -16.01 25.44 22.90
N LEU B 367 -17.08 25.20 22.15
CA LEU B 367 -17.07 25.42 20.71
C LEU B 367 -16.93 26.91 20.38
N LYS B 368 -17.52 27.76 21.20
CA LYS B 368 -17.44 29.20 20.98
C LYS B 368 -16.17 29.80 21.56
N GLY B 369 -15.35 28.97 22.19
CA GLY B 369 -14.10 29.42 22.79
C GLY B 369 -14.33 30.41 23.91
N GLU B 370 -15.38 30.18 24.69
CA GLU B 370 -15.74 31.11 25.75
C GLU B 370 -15.40 30.57 27.14
N ASP B 371 -15.92 31.24 28.16
CA ASP B 371 -15.61 30.89 29.54
C ASP B 371 -16.74 30.10 30.18
N ILE B 372 -16.39 29.29 31.16
CA ILE B 372 -17.38 28.59 31.97
C ILE B 372 -17.31 29.15 33.38
N THR B 373 -18.47 29.49 33.93
CA THR B 373 -18.51 30.03 35.30
C THR B 373 -18.79 28.90 36.28
N LEU B 374 -17.97 28.85 37.33
CA LEU B 374 -18.10 27.83 38.36
C LEU B 374 -18.89 28.35 39.54
N PHE B 375 -19.85 27.55 40.01
CA PHE B 375 -20.67 27.94 41.15
C PHE B 375 -20.64 26.87 42.23
N SER B 376 -20.93 27.28 43.46
CA SER B 376 -21.28 26.33 44.50
C SER B 376 -22.79 26.16 44.47
N PRO B 377 -23.26 24.91 44.42
CA PRO B 377 -24.70 24.64 44.28
C PRO B 377 -25.53 25.23 45.42
N SER B 378 -24.88 25.63 46.50
CA SER B 378 -25.56 26.27 47.62
C SER B 378 -25.84 27.75 47.37
N ASP B 379 -25.16 28.32 46.38
CA ASP B 379 -25.25 29.75 46.12
C ASP B 379 -26.13 30.08 44.92
N VAL B 380 -26.61 29.05 44.22
CA VAL B 380 -27.36 29.25 42.99
C VAL B 380 -28.71 28.54 43.01
N PRO B 381 -29.72 29.19 43.61
CA PRO B 381 -31.06 28.59 43.75
C PRO B 381 -31.64 28.08 42.43
N GLY B 382 -31.98 26.80 42.39
CA GLY B 382 -32.63 26.22 41.24
C GLY B 382 -31.71 25.78 40.10
N LEU B 383 -30.44 26.16 40.16
CA LEU B 383 -29.51 25.85 39.07
C LEU B 383 -29.21 24.37 38.96
N TYR B 384 -29.02 23.71 40.11
CA TYR B 384 -28.68 22.30 40.15
C TYR B 384 -29.81 21.44 39.59
N ASP B 385 -31.03 21.73 40.01
CA ASP B 385 -32.20 20.98 39.54
C ASP B 385 -32.43 21.14 38.04
N ALA B 386 -32.27 22.36 37.54
CA ALA B 386 -32.50 22.66 36.13
C ALA B 386 -31.44 22.00 35.25
N PHE B 387 -30.28 21.73 35.84
CA PHE B 387 -29.17 21.12 35.13
C PHE B 387 -29.54 19.77 34.55
N PHE B 388 -30.47 19.07 35.21
CA PHE B 388 -30.87 17.74 34.76
C PHE B 388 -32.24 17.75 34.10
N ALA B 389 -33.15 18.57 34.61
CA ALA B 389 -34.55 18.49 34.22
C ALA B 389 -34.95 19.46 33.11
N ASP B 390 -34.36 20.64 33.11
CA ASP B 390 -34.80 21.71 32.21
C ASP B 390 -33.62 22.51 31.68
N GLN B 391 -33.20 22.22 30.46
CA GLN B 391 -32.03 22.89 29.89
C GLN B 391 -32.28 24.37 29.59
N GLU B 392 -33.53 24.69 29.27
CA GLU B 392 -33.89 26.07 29.01
C GLU B 392 -33.87 26.89 30.29
N GLU B 393 -34.40 26.30 31.36
CA GLU B 393 -34.38 26.93 32.67
C GLU B 393 -32.97 27.02 33.21
N PHE B 394 -32.15 26.02 32.90
CA PHE B 394 -30.76 26.04 33.33
C PHE B 394 -30.05 27.22 32.69
N GLU B 395 -30.22 27.37 31.38
CA GLU B 395 -29.57 28.44 30.64
C GLU B 395 -30.05 29.80 31.10
N ARG B 396 -31.32 29.88 31.49
CA ARG B 396 -31.87 31.13 32.00
C ARG B 396 -31.24 31.49 33.35
N LEU B 397 -31.22 30.53 34.27
CA LEU B 397 -30.65 30.73 35.60
C LEU B 397 -29.14 30.88 35.57
N TYR B 398 -28.48 30.12 34.70
CA TYR B 398 -27.02 30.14 34.62
C TYR B 398 -26.50 31.52 34.20
N THR B 399 -27.06 32.05 33.12
CA THR B 399 -26.65 33.34 32.61
C THR B 399 -27.03 34.46 33.58
N LYS B 400 -28.13 34.27 34.30
CA LYS B 400 -28.58 35.24 35.29
C LYS B 400 -27.59 35.33 36.45
N TYR B 401 -27.15 34.18 36.95
CA TYR B 401 -26.23 34.12 38.08
C TYR B 401 -24.82 34.52 37.70
N GLU B 402 -24.48 34.37 36.43
CA GLU B 402 -23.18 34.76 35.91
C GLU B 402 -23.00 36.28 35.96
N LYS B 403 -24.13 36.97 35.94
CA LYS B 403 -24.15 38.42 35.85
C LYS B 403 -24.35 39.04 37.22
N ASP B 404 -24.56 38.19 38.22
CA ASP B 404 -24.81 38.63 39.59
C ASP B 404 -23.51 38.75 40.37
N ASP B 405 -23.16 39.97 40.76
CA ASP B 405 -21.91 40.22 41.47
C ASP B 405 -21.97 39.76 42.92
N SER B 406 -23.18 39.63 43.44
CA SER B 406 -23.37 39.28 44.84
C SER B 406 -23.21 37.78 45.06
N ILE B 407 -23.05 37.03 43.98
CA ILE B 407 -22.92 35.58 44.08
C ILE B 407 -21.47 35.15 43.87
N ARG B 408 -20.96 34.35 44.80
CA ARG B 408 -19.60 33.80 44.73
C ARG B 408 -19.42 32.95 43.48
N LYS B 409 -18.35 33.20 42.73
CA LYS B 409 -18.12 32.47 41.49
C LYS B 409 -16.67 32.47 41.04
N GLN B 410 -16.39 31.71 39.99
CA GLN B 410 -15.06 31.69 39.40
C GLN B 410 -15.18 31.41 37.91
N ARG B 411 -14.44 32.17 37.09
CA ARG B 411 -14.44 31.98 35.63
C ARG B 411 -13.21 31.26 35.14
N VAL B 412 -13.45 30.27 34.28
CA VAL B 412 -12.37 29.51 33.66
C VAL B 412 -12.64 29.37 32.16
N LYS B 413 -11.58 29.38 31.35
CA LYS B 413 -11.72 29.11 29.93
C LYS B 413 -12.21 27.69 29.73
N ALA B 414 -13.25 27.52 28.92
CA ALA B 414 -13.85 26.21 28.69
C ALA B 414 -12.85 25.23 28.08
N VAL B 415 -11.96 25.73 27.23
CA VAL B 415 -10.96 24.90 26.59
C VAL B 415 -10.00 24.33 27.60
N GLU B 416 -9.61 25.15 28.57
CA GLU B 416 -8.69 24.74 29.61
C GLU B 416 -9.33 23.74 30.56
N LEU B 417 -10.62 23.93 30.83
CA LEU B 417 -11.34 23.04 31.73
C LEU B 417 -11.56 21.68 31.10
N PHE B 418 -12.00 21.68 29.85
CA PHE B 418 -12.21 20.45 29.11
C PHE B 418 -10.90 19.69 28.90
N SER B 419 -9.82 20.42 28.63
CA SER B 419 -8.53 19.79 28.41
C SER B 419 -8.00 19.13 29.67
N LEU B 420 -8.20 19.77 30.81
CA LEU B 420 -7.78 19.21 32.09
C LEU B 420 -8.51 17.89 32.35
N MET B 421 -9.81 17.89 32.08
CA MET B 421 -10.64 16.71 32.26
C MET B 421 -10.19 15.55 31.38
N MET B 422 -9.99 15.84 30.09
CA MET B 422 -9.58 14.82 29.14
C MET B 422 -8.15 14.37 29.38
N GLN B 423 -7.35 15.26 29.94
CA GLN B 423 -5.98 14.95 30.31
C GLN B 423 -5.94 13.93 31.45
N GLU B 424 -6.80 14.13 32.45
CA GLU B 424 -6.92 13.19 33.55
C GLU B 424 -7.62 11.90 33.14
N ARG B 425 -8.54 12.01 32.18
CA ARG B 425 -9.20 10.84 31.62
C ARG B 425 -8.21 10.00 30.84
N ALA B 426 -7.29 10.67 30.16
CA ALA B 426 -6.27 9.97 29.38
C ALA B 426 -5.22 9.33 30.30
N SER B 427 -4.87 10.03 31.38
CA SER B 427 -3.82 9.57 32.28
C SER B 427 -4.23 8.33 33.05
N THR B 428 -5.45 8.34 33.56
CA THR B 428 -5.95 7.27 34.42
C THR B 428 -6.91 6.33 33.72
N GLY B 429 -7.65 6.85 32.74
CA GLY B 429 -8.65 6.06 32.05
C GLY B 429 -9.94 5.98 32.83
N ARG B 430 -9.98 6.62 33.99
CA ARG B 430 -11.08 6.41 34.93
C ARG B 430 -11.81 7.70 35.26
N ILE B 431 -11.67 8.71 34.40
CA ILE B 431 -12.49 9.90 34.53
C ILE B 431 -13.57 9.82 33.47
N TYR B 432 -14.81 9.68 33.92
CA TYR B 432 -15.91 9.38 33.03
C TYR B 432 -16.75 10.61 32.73
N ILE B 433 -17.59 10.52 31.71
CA ILE B 433 -18.45 11.62 31.30
C ILE B 433 -19.90 11.17 31.27
N GLN B 434 -20.78 11.97 31.86
CA GLN B 434 -22.22 11.76 31.73
C GLN B 434 -22.90 12.99 31.13
N ASN B 435 -23.51 12.81 29.97
CA ASN B 435 -24.29 13.87 29.35
C ASN B 435 -25.70 13.92 29.94
N VAL B 436 -25.90 14.79 30.92
CA VAL B 436 -27.12 14.78 31.73
C VAL B 436 -28.36 15.24 30.96
N ASP B 437 -28.17 16.03 29.91
CA ASP B 437 -29.31 16.44 29.09
C ASP B 437 -29.83 15.27 28.28
N HIS B 438 -28.92 14.50 27.69
CA HIS B 438 -29.28 13.31 26.92
C HIS B 438 -29.97 12.28 27.81
N CYS B 439 -29.53 12.20 29.06
CA CYS B 439 -30.09 11.24 30.00
C CYS B 439 -31.50 11.58 30.42
N ASN B 440 -31.96 12.79 30.09
CA ASN B 440 -33.28 13.23 30.52
C ASN B 440 -34.21 13.65 29.40
N THR B 441 -33.65 13.98 28.23
CA THR B 441 -34.49 14.31 27.08
C THR B 441 -34.86 13.02 26.37
N HIS B 442 -33.94 12.05 26.45
CA HIS B 442 -34.15 10.72 25.91
C HIS B 442 -34.13 9.70 27.04
N SER B 443 -35.26 9.56 27.72
CA SER B 443 -35.33 8.77 28.95
C SER B 443 -36.70 8.12 29.15
N PRO B 444 -36.74 6.99 29.87
CA PRO B 444 -38.00 6.40 30.29
C PRO B 444 -38.66 7.14 31.45
N PHE B 445 -38.06 8.25 31.88
CA PHE B 445 -38.61 9.00 33.00
C PHE B 445 -38.94 10.45 32.66
N ASP B 446 -39.95 10.99 33.32
CA ASP B 446 -40.29 12.40 33.23
C ASP B 446 -39.38 13.18 34.18
N PRO B 447 -38.53 14.06 33.64
CA PRO B 447 -37.57 14.85 34.43
C PRO B 447 -38.24 15.75 35.44
N ALA B 448 -39.50 16.10 35.20
CA ALA B 448 -40.23 16.99 36.08
C ALA B 448 -40.71 16.26 37.32
N ILE B 449 -40.72 14.93 37.23
CA ILE B 449 -41.21 14.09 38.33
C ILE B 449 -40.08 13.26 38.92
N ALA B 450 -39.29 12.64 38.05
CA ALA B 450 -38.18 11.80 38.46
C ALA B 450 -36.97 11.93 37.55
N PRO B 451 -36.17 12.99 37.72
CA PRO B 451 -35.02 13.19 36.86
C PRO B 451 -33.88 12.20 37.11
N VAL B 452 -33.08 11.95 36.08
CA VAL B 452 -31.87 11.15 36.19
C VAL B 452 -30.69 12.07 36.47
N ARG B 453 -30.13 11.94 37.67
CA ARG B 453 -29.10 12.87 38.13
C ARG B 453 -27.73 12.25 38.31
N GLN B 454 -27.59 10.98 37.96
CA GLN B 454 -26.33 10.28 38.11
C GLN B 454 -26.30 8.97 37.35
N SER B 455 -25.16 8.30 37.40
CA SER B 455 -25.03 6.98 36.80
C SER B 455 -24.44 6.04 37.85
N ASN B 456 -23.88 4.92 37.41
CA ASN B 456 -23.36 3.95 38.36
C ASN B 456 -21.85 3.79 38.24
N LEU B 457 -21.34 2.62 38.64
CA LEU B 457 -19.92 2.34 38.58
C LEU B 457 -19.40 2.29 37.15
N CYS B 458 -20.14 1.63 36.26
CA CYS B 458 -19.67 1.41 34.90
C CYS B 458 -20.45 2.18 33.84
N LEU B 459 -21.28 3.13 34.29
CA LEU B 459 -21.89 4.14 33.43
C LEU B 459 -22.93 3.61 32.45
N GLU B 460 -23.59 2.51 32.80
CA GLU B 460 -24.62 1.97 31.94
C GLU B 460 -25.99 2.11 32.59
N ILE B 461 -25.99 2.46 33.86
CA ILE B 461 -27.24 2.59 34.62
C ILE B 461 -27.61 4.07 34.79
N ALA B 462 -28.87 4.38 34.55
CA ALA B 462 -29.38 5.74 34.70
C ALA B 462 -30.78 5.73 35.31
N LEU B 463 -30.86 5.95 36.62
CA LEU B 463 -32.11 5.84 37.35
C LEU B 463 -32.36 7.04 38.27
N PRO B 464 -33.63 7.29 38.62
CA PRO B 464 -33.99 8.35 39.57
C PRO B 464 -33.57 8.03 41.01
N THR B 465 -33.20 9.06 41.76
CA THR B 465 -32.76 8.90 43.14
C THR B 465 -33.28 10.04 44.02
N LYS B 466 -33.19 9.84 45.34
CA LYS B 466 -33.52 10.89 46.29
C LYS B 466 -32.65 10.77 47.54
N PRO B 467 -32.03 11.87 47.95
CA PRO B 467 -31.13 11.86 49.11
C PRO B 467 -31.84 11.46 50.40
N LEU B 468 -31.09 10.86 51.33
CA LEU B 468 -31.65 10.40 52.60
C LEU B 468 -31.24 11.33 53.73
N ASN B 469 -32.06 11.43 54.77
CA ASN B 469 -31.65 12.21 55.94
C ASN B 469 -31.28 11.27 57.08
N ASP B 470 -31.44 9.98 56.82
CA ASP B 470 -31.12 8.94 57.78
C ASP B 470 -31.01 7.62 57.02
N VAL B 471 -30.28 6.66 57.58
CA VAL B 471 -30.09 5.38 56.93
C VAL B 471 -31.42 4.63 56.82
N ASN B 472 -32.36 4.93 57.72
CA ASN B 472 -33.66 4.29 57.70
C ASN B 472 -34.78 5.22 57.22
N ASP B 473 -34.40 6.31 56.56
CA ASP B 473 -35.36 7.28 56.08
C ASP B 473 -36.27 6.67 55.02
N GLU B 474 -37.57 6.71 55.28
CA GLU B 474 -38.56 6.07 54.42
C GLU B 474 -38.83 6.93 53.19
N ASN B 475 -38.39 8.18 53.24
CA ASN B 475 -38.69 9.15 52.19
C ASN B 475 -37.53 9.37 51.21
N GLY B 476 -36.46 8.61 51.37
CA GLY B 476 -35.36 8.66 50.43
C GLY B 476 -35.53 7.61 49.35
N GLU B 477 -34.74 7.70 48.29
CA GLU B 477 -34.79 6.69 47.24
C GLU B 477 -33.39 6.33 46.72
N ILE B 478 -33.02 5.08 46.93
CA ILE B 478 -31.81 4.53 46.35
C ILE B 478 -32.18 3.64 45.19
N ALA B 479 -31.55 3.85 44.05
CA ALA B 479 -31.85 3.08 42.85
C ALA B 479 -31.11 1.75 42.82
N LEU B 480 -31.87 0.67 42.60
CA LEU B 480 -31.28 -0.64 42.41
C LEU B 480 -31.54 -1.11 40.99
N CYS B 481 -30.53 -1.70 40.36
CA CYS B 481 -30.73 -2.32 39.07
C CYS B 481 -30.22 -3.74 39.07
N THR B 482 -31.07 -4.65 38.63
CA THR B 482 -30.74 -6.06 38.54
C THR B 482 -30.48 -6.39 37.08
N LEU B 483 -29.39 -7.10 36.82
CA LEU B 483 -28.91 -7.23 35.45
C LEU B 483 -29.05 -8.64 34.89
N SER B 484 -28.87 -8.73 33.57
CA SER B 484 -28.74 -9.98 32.83
C SER B 484 -28.40 -9.59 31.41
N ALA B 485 -28.10 -10.58 30.57
CA ALA B 485 -27.73 -10.28 29.20
C ALA B 485 -28.15 -11.38 28.23
N PHE B 486 -28.49 -10.96 27.02
CA PHE B 486 -28.77 -11.90 25.93
C PHE B 486 -27.48 -12.27 25.23
N ASN B 487 -27.29 -13.55 24.97
CA ASN B 487 -26.14 -14.00 24.22
C ASN B 487 -26.42 -13.91 22.72
N LEU B 488 -25.90 -12.87 22.08
CA LEU B 488 -26.15 -12.63 20.67
C LEU B 488 -25.52 -13.68 19.78
N GLY B 489 -24.55 -14.43 20.31
CA GLY B 489 -23.90 -15.48 19.55
C GLY B 489 -24.60 -16.82 19.62
N ALA B 490 -25.69 -16.89 20.38
CA ALA B 490 -26.36 -18.17 20.61
C ALA B 490 -27.74 -18.23 19.96
N ILE B 491 -28.08 -17.20 19.18
CA ILE B 491 -29.37 -17.18 18.51
C ILE B 491 -29.22 -17.30 17.00
N ASN B 492 -30.20 -17.94 16.36
CA ASN B 492 -30.24 -18.06 14.90
C ASN B 492 -31.13 -16.99 14.28
N ASN B 493 -32.14 -16.57 15.01
CA ASN B 493 -33.06 -15.54 14.56
C ASN B 493 -33.37 -14.56 15.66
N LEU B 494 -33.77 -13.35 15.29
CA LEU B 494 -34.05 -12.31 16.27
C LEU B 494 -35.33 -12.61 17.04
N ASP B 495 -36.15 -13.49 16.50
CA ASP B 495 -37.43 -13.83 17.13
C ASP B 495 -37.25 -14.73 18.34
N GLU B 496 -36.04 -15.23 18.54
CA GLU B 496 -35.77 -16.05 19.70
C GLU B 496 -35.69 -15.17 20.93
N LEU B 497 -35.52 -13.88 20.70
CA LEU B 497 -35.39 -12.91 21.77
C LEU B 497 -36.69 -12.72 22.52
N GLU B 498 -37.80 -13.02 21.87
CA GLU B 498 -39.11 -12.89 22.48
C GLU B 498 -39.30 -13.81 23.68
N GLU B 499 -39.04 -15.09 23.48
CA GLU B 499 -39.16 -16.06 24.57
C GLU B 499 -38.06 -15.83 25.60
N LEU B 500 -36.87 -15.48 25.12
CA LEU B 500 -35.74 -15.20 26.01
C LEU B 500 -36.00 -13.96 26.85
N ALA B 501 -36.70 -12.98 26.29
CA ALA B 501 -37.03 -11.76 27.04
C ALA B 501 -38.05 -12.07 28.12
N ILE B 502 -39.02 -12.91 27.81
CA ILE B 502 -40.04 -13.30 28.77
C ILE B 502 -39.41 -14.00 29.97
N LEU B 503 -38.50 -14.93 29.70
CA LEU B 503 -37.81 -15.66 30.76
C LEU B 503 -36.94 -14.73 31.60
N ALA B 504 -36.21 -13.84 30.94
CA ALA B 504 -35.30 -12.93 31.62
C ALA B 504 -36.03 -11.92 32.50
N VAL B 505 -37.10 -11.33 31.96
CA VAL B 505 -37.86 -10.33 32.69
C VAL B 505 -38.58 -10.95 33.88
N ARG B 506 -39.18 -12.11 33.66
CA ARG B 506 -39.90 -12.82 34.72
C ARG B 506 -38.98 -13.24 35.86
N ALA B 507 -37.77 -13.67 35.52
CA ALA B 507 -36.81 -14.10 36.52
C ALA B 507 -36.30 -12.94 37.37
N LEU B 508 -35.97 -11.83 36.71
CA LEU B 508 -35.43 -10.66 37.41
C LEU B 508 -36.51 -9.95 38.22
N ASP B 509 -37.73 -9.95 37.72
CA ASP B 509 -38.83 -9.29 38.42
C ASP B 509 -39.24 -10.10 39.64
N ALA B 510 -39.17 -11.42 39.52
CA ALA B 510 -39.50 -12.30 40.64
C ALA B 510 -38.39 -12.22 41.68
N LEU B 511 -37.18 -11.94 41.23
CA LEU B 511 -36.02 -11.76 42.12
C LEU B 511 -36.24 -10.57 43.04
N LEU B 512 -36.89 -9.53 42.54
CA LEU B 512 -37.12 -8.33 43.32
C LEU B 512 -37.98 -8.59 44.55
N ASP B 513 -38.95 -9.49 44.41
CA ASP B 513 -39.81 -9.84 45.54
C ASP B 513 -39.14 -10.87 46.43
N TYR B 514 -38.20 -11.61 45.84
CA TYR B 514 -37.53 -12.71 46.54
C TYR B 514 -36.39 -12.23 47.43
N GLN B 515 -35.63 -11.24 46.95
CA GLN B 515 -34.44 -10.79 47.67
C GLN B 515 -34.79 -9.84 48.81
N ASP B 516 -33.82 -9.57 49.66
CA ASP B 516 -34.00 -8.67 50.80
C ASP B 516 -33.35 -7.32 50.53
N TYR B 517 -33.63 -6.36 51.41
CA TYR B 517 -33.13 -5.00 51.23
C TYR B 517 -32.62 -4.44 52.55
N PRO B 518 -31.29 -4.32 52.69
CA PRO B 518 -30.68 -3.82 53.92
C PRO B 518 -31.00 -2.35 54.19
N ILE B 519 -31.29 -1.58 53.15
CA ILE B 519 -31.65 -0.18 53.29
C ILE B 519 -33.08 0.06 52.78
N PRO B 520 -33.94 0.63 53.64
CA PRO B 520 -35.33 0.90 53.31
C PRO B 520 -35.52 1.76 52.05
N ALA B 521 -34.66 2.75 51.87
CA ALA B 521 -34.76 3.64 50.72
C ALA B 521 -34.47 2.91 49.42
N ALA B 522 -33.70 1.83 49.51
CA ALA B 522 -33.38 1.02 48.34
C ALA B 522 -34.57 0.15 47.96
N LYS B 523 -35.29 -0.32 48.97
CA LYS B 523 -36.48 -1.13 48.74
C LYS B 523 -37.56 -0.26 48.09
N ARG B 524 -37.56 1.02 48.44
CA ARG B 524 -38.50 1.96 47.85
C ARG B 524 -38.33 2.05 46.34
N GLY B 525 -37.10 2.25 45.89
CA GLY B 525 -36.80 2.38 44.49
C GLY B 525 -37.02 1.07 43.74
N ALA B 526 -36.67 -0.03 44.38
CA ALA B 526 -36.82 -1.35 43.78
C ALA B 526 -38.29 -1.76 43.66
N MET B 527 -39.07 -1.49 44.70
CA MET B 527 -40.47 -1.86 44.70
C MET B 527 -41.34 -0.85 43.97
N GLY B 528 -40.87 0.40 43.93
CA GLY B 528 -41.62 1.46 43.29
C GLY B 528 -41.47 1.44 41.78
N ARG B 529 -40.26 1.20 41.31
CA ARG B 529 -39.97 1.30 39.88
C ARG B 529 -39.71 -0.05 39.23
N ARG B 530 -39.23 -1.01 40.02
CA ARG B 530 -38.88 -2.35 39.54
C ARG B 530 -37.98 -2.29 38.33
N THR B 531 -36.87 -1.57 38.47
CA THR B 531 -35.98 -1.30 37.34
C THR B 531 -35.08 -2.48 36.99
N LEU B 532 -35.11 -2.87 35.72
CA LEU B 532 -34.26 -3.93 35.23
C LEU B 532 -33.26 -3.36 34.23
N GLY B 533 -32.14 -4.04 34.07
CA GLY B 533 -31.11 -3.63 33.12
C GLY B 533 -30.57 -4.83 32.40
N ILE B 534 -31.20 -5.17 31.27
CA ILE B 534 -30.80 -6.33 30.50
C ILE B 534 -30.03 -5.91 29.26
N GLY B 535 -28.84 -6.48 29.07
CA GLY B 535 -28.00 -6.11 27.94
C GLY B 535 -27.67 -7.26 27.01
N VAL B 536 -26.50 -7.20 26.38
CA VAL B 536 -26.07 -8.23 25.44
C VAL B 536 -24.61 -8.63 25.64
N ILE B 537 -24.26 -9.82 25.17
CA ILE B 537 -22.87 -10.25 25.06
C ILE B 537 -22.65 -10.87 23.69
N ASN B 538 -21.39 -11.14 23.35
CA ASN B 538 -21.02 -11.75 22.07
C ASN B 538 -21.44 -10.92 20.86
N PHE B 539 -21.41 -9.60 21.01
CA PHE B 539 -21.78 -8.71 19.93
C PHE B 539 -20.72 -8.69 18.83
N ALA B 540 -19.45 -8.78 19.22
CA ALA B 540 -18.35 -8.81 18.27
C ALA B 540 -18.40 -10.09 17.46
N TYR B 541 -18.74 -11.18 18.12
CA TYR B 541 -18.92 -12.47 17.47
C TYR B 541 -20.12 -12.41 16.53
N TYR B 542 -21.15 -11.70 16.96
CA TYR B 542 -22.36 -11.51 16.18
C TYR B 542 -22.06 -10.79 14.87
N LEU B 543 -21.28 -9.71 14.96
CA LEU B 543 -20.91 -8.94 13.78
C LEU B 543 -20.02 -9.76 12.86
N ALA B 544 -19.16 -10.59 13.44
CA ALA B 544 -18.25 -11.41 12.66
C ALA B 544 -19.00 -12.44 11.82
N LYS B 545 -20.08 -12.98 12.38
CA LYS B 545 -20.91 -13.96 11.68
C LYS B 545 -21.70 -13.33 10.54
N HIS B 546 -21.98 -12.04 10.65
CA HIS B 546 -22.69 -11.32 9.59
C HIS B 546 -21.73 -10.63 8.63
N GLY B 547 -20.43 -10.79 8.86
CA GLY B 547 -19.43 -10.21 7.99
C GLY B 547 -19.39 -8.69 8.03
N LYS B 548 -19.65 -8.11 9.19
CA LYS B 548 -19.63 -6.67 9.36
C LYS B 548 -18.44 -6.24 10.20
N ARG B 549 -18.18 -4.93 10.25
CA ARG B 549 -17.08 -4.39 11.04
C ARG B 549 -17.57 -3.28 11.96
N TYR B 550 -16.74 -2.91 12.93
CA TYR B 550 -17.05 -1.81 13.83
C TYR B 550 -16.79 -0.45 13.19
N SER B 551 -15.70 -0.37 12.44
CA SER B 551 -15.13 0.93 12.10
C SER B 551 -15.67 1.57 10.83
N ASP B 552 -16.09 0.77 9.85
CA ASP B 552 -16.42 1.31 8.54
C ASP B 552 -17.87 1.74 8.38
N GLY B 553 -18.72 1.35 9.32
CA GLY B 553 -20.13 1.70 9.25
C GLY B 553 -20.99 0.65 8.58
N SER B 554 -20.42 -0.51 8.33
CA SER B 554 -21.15 -1.59 7.67
C SER B 554 -22.16 -2.26 8.60
N ALA B 555 -22.03 -2.01 9.90
CA ALA B 555 -22.88 -2.66 10.89
C ALA B 555 -23.94 -1.73 11.46
N ASN B 556 -24.04 -0.52 10.90
CA ASN B 556 -24.98 0.48 11.40
C ASN B 556 -26.43 0.03 11.31
N ASN B 557 -26.84 -0.40 10.11
CA ASN B 557 -28.21 -0.86 9.89
C ASN B 557 -28.52 -2.17 10.57
N LEU B 558 -27.52 -3.08 10.62
CA LEU B 558 -27.70 -4.34 11.30
C LEU B 558 -27.87 -4.13 12.81
N THR B 559 -27.12 -3.18 13.36
CA THR B 559 -27.22 -2.84 14.77
C THR B 559 -28.59 -2.23 15.07
N HIS B 560 -29.06 -1.36 14.19
CA HIS B 560 -30.36 -0.75 14.33
C HIS B 560 -31.46 -1.80 14.37
N LYS B 561 -31.40 -2.73 13.42
CA LYS B 561 -32.36 -3.83 13.32
C LYS B 561 -32.33 -4.72 14.56
N THR B 562 -31.12 -5.00 15.03
CA THR B 562 -30.91 -5.91 16.14
C THR B 562 -31.42 -5.35 17.46
N PHE B 563 -31.08 -4.11 17.77
CA PHE B 563 -31.45 -3.55 19.06
C PHE B 563 -32.89 -3.05 19.09
N GLU B 564 -33.48 -2.89 17.91
CA GLU B 564 -34.92 -2.65 17.84
C GLU B 564 -35.66 -3.87 18.33
N ALA B 565 -35.20 -5.04 17.91
CA ALA B 565 -35.82 -6.30 18.29
C ALA B 565 -35.67 -6.56 19.78
N ILE B 566 -34.50 -6.23 20.33
CA ILE B 566 -34.23 -6.43 21.74
C ILE B 566 -35.15 -5.62 22.63
N GLN B 567 -35.23 -4.31 22.37
CA GLN B 567 -36.05 -3.44 23.19
C GLN B 567 -37.55 -3.73 23.02
N TYR B 568 -37.95 -4.05 21.80
CA TYR B 568 -39.35 -4.36 21.51
C TYR B 568 -39.83 -5.56 22.31
N TYR B 569 -39.03 -6.61 22.33
CA TYR B 569 -39.40 -7.84 23.01
C TYR B 569 -39.26 -7.72 24.51
N LEU B 570 -38.38 -6.83 24.95
CA LEU B 570 -38.24 -6.54 26.37
C LEU B 570 -39.47 -5.82 26.90
N LEU B 571 -39.89 -4.80 26.17
CA LEU B 571 -41.08 -4.03 26.50
C LEU B 571 -42.32 -4.91 26.44
N LYS B 572 -42.38 -5.75 25.41
CA LYS B 572 -43.53 -6.63 25.21
C LYS B 572 -43.66 -7.62 26.34
N ALA B 573 -42.53 -8.15 26.81
CA ALA B 573 -42.52 -9.08 27.93
C ALA B 573 -42.94 -8.40 29.23
N SER B 574 -42.43 -7.19 29.44
CA SER B 574 -42.75 -6.45 30.65
C SER B 574 -44.19 -5.95 30.62
N ASN B 575 -44.70 -5.69 29.42
CA ASN B 575 -46.07 -5.27 29.24
C ASN B 575 -47.05 -6.41 29.54
N GLU B 576 -46.72 -7.60 29.07
CA GLU B 576 -47.53 -8.79 29.33
C GLU B 576 -47.51 -9.16 30.80
N LEU B 577 -46.37 -8.94 31.45
CA LEU B 577 -46.22 -9.24 32.86
C LEU B 577 -47.00 -8.24 33.71
N ALA B 578 -47.25 -7.06 33.15
CA ALA B 578 -48.08 -6.06 33.80
C ALA B 578 -49.54 -6.48 33.78
N LYS B 579 -49.96 -7.12 32.69
CA LYS B 579 -51.32 -7.63 32.57
C LYS B 579 -51.58 -8.70 33.62
N GLU B 580 -50.56 -9.48 33.91
CA GLU B 580 -50.68 -10.64 34.78
C GLU B 580 -50.55 -10.27 36.25
N GLN B 581 -49.64 -9.37 36.57
CA GLN B 581 -49.32 -9.05 37.96
C GLN B 581 -49.43 -7.57 38.31
N GLY B 582 -49.75 -6.73 37.33
CA GLY B 582 -49.91 -5.32 37.60
C GLY B 582 -48.66 -4.52 37.29
N ALA B 583 -48.84 -3.30 36.83
CA ALA B 583 -47.72 -2.42 36.53
C ALA B 583 -47.03 -2.00 37.82
N CYS B 584 -45.80 -1.51 37.71
CA CYS B 584 -45.08 -1.03 38.88
C CYS B 584 -45.79 0.20 39.43
N PRO B 585 -45.82 0.32 40.77
CA PRO B 585 -46.54 1.39 41.48
C PRO B 585 -46.25 2.80 40.95
N TRP B 586 -45.01 3.06 40.57
CA TRP B 586 -44.63 4.40 40.11
C TRP B 586 -44.51 4.49 38.59
N PHE B 587 -45.30 3.69 37.88
CA PHE B 587 -45.27 3.69 36.42
C PHE B 587 -45.69 5.04 35.82
N ASN B 588 -46.56 5.75 36.52
CA ASN B 588 -47.09 7.03 36.04
C ASN B 588 -46.04 8.14 35.99
N GLU B 589 -44.86 7.89 36.57
CA GLU B 589 -43.78 8.85 36.55
C GLU B 589 -42.89 8.64 35.33
N THR B 590 -43.25 7.69 34.49
CA THR B 590 -42.47 7.37 33.30
C THR B 590 -42.99 8.10 32.06
N THR B 591 -42.14 8.18 31.04
CA THR B 591 -42.55 8.72 29.75
C THR B 591 -43.40 7.69 29.02
N TYR B 592 -43.20 6.42 29.35
CA TYR B 592 -44.00 5.35 28.78
C TYR B 592 -45.49 5.53 29.11
N ALA B 593 -45.76 6.05 30.29
CA ALA B 593 -47.12 6.27 30.74
C ALA B 593 -47.82 7.33 29.90
N LYS B 594 -47.05 8.28 29.37
CA LYS B 594 -47.61 9.34 28.54
C LYS B 594 -47.71 8.93 27.09
N GLY B 595 -47.37 7.67 26.81
CA GLY B 595 -47.44 7.16 25.44
C GLY B 595 -46.21 7.55 24.66
N ILE B 596 -45.13 7.85 25.36
CA ILE B 596 -43.88 8.22 24.71
C ILE B 596 -42.93 7.03 24.68
N LEU B 597 -42.36 6.78 23.51
CA LEU B 597 -41.47 5.63 23.32
C LEU B 597 -40.06 6.12 23.02
N PRO B 598 -39.06 5.24 23.21
CA PRO B 598 -37.67 5.59 22.88
C PRO B 598 -37.49 6.04 21.43
N ILE B 599 -38.35 5.54 20.55
CA ILE B 599 -38.27 5.87 19.14
C ILE B 599 -38.79 7.27 18.85
N ASP B 600 -39.31 7.93 19.88
CA ASP B 600 -39.85 9.27 19.73
C ASP B 600 -38.86 10.34 20.17
N THR B 601 -37.92 9.96 21.02
CA THR B 601 -37.10 10.95 21.70
C THR B 601 -35.61 10.85 21.44
N TYR B 602 -35.22 9.99 20.51
CA TYR B 602 -33.79 9.80 20.25
C TYR B 602 -33.20 11.04 19.59
N LYS B 603 -31.88 11.17 19.66
CA LYS B 603 -31.23 12.31 19.04
C LYS B 603 -31.25 12.15 17.52
N LYS B 604 -31.77 13.16 16.85
CA LYS B 604 -32.09 13.07 15.43
C LYS B 604 -30.88 12.94 14.52
N ASP B 605 -29.68 13.22 15.03
CA ASP B 605 -28.47 13.11 14.21
C ASP B 605 -28.22 11.66 13.80
N LEU B 606 -28.91 10.73 14.45
CA LEU B 606 -28.84 9.32 14.14
C LEU B 606 -29.40 9.01 12.75
N ASP B 607 -30.28 9.88 12.26
CA ASP B 607 -30.90 9.69 10.95
C ASP B 607 -29.88 9.83 9.82
N THR B 608 -28.71 10.37 10.13
CA THR B 608 -27.68 10.60 9.14
C THR B 608 -26.71 9.42 9.06
N ILE B 609 -26.79 8.50 10.01
CA ILE B 609 -25.87 7.37 10.04
C ILE B 609 -26.57 6.00 9.98
N ALA B 610 -27.88 6.01 9.85
CA ALA B 610 -28.64 4.76 9.72
C ALA B 610 -29.97 5.01 9.02
N ASN B 611 -30.27 4.19 8.02
CA ASN B 611 -31.54 4.32 7.29
C ASN B 611 -32.38 3.07 7.37
N GLU B 612 -32.11 2.25 8.39
CA GLU B 612 -32.89 1.05 8.65
C GLU B 612 -34.25 1.45 9.22
N PRO B 613 -35.34 0.99 8.58
CA PRO B 613 -36.69 1.27 9.06
C PRO B 613 -37.09 0.39 10.24
N LEU B 614 -38.12 0.80 10.97
CA LEU B 614 -38.66 0.01 12.07
C LEU B 614 -39.48 -1.15 11.52
N HIS B 615 -39.21 -2.36 11.99
CA HIS B 615 -39.85 -3.55 11.46
C HIS B 615 -40.97 -4.08 12.34
N TYR B 616 -41.04 -3.59 13.56
CA TYR B 616 -42.02 -4.07 14.52
C TYR B 616 -43.14 -3.07 14.74
N ASP B 617 -44.28 -3.56 15.23
CA ASP B 617 -45.46 -2.73 15.43
C ASP B 617 -45.39 -1.99 16.75
N TRP B 618 -44.72 -0.84 16.75
CA TRP B 618 -44.54 -0.05 17.95
C TRP B 618 -45.79 0.72 18.35
N GLU B 619 -46.64 1.02 17.37
CA GLU B 619 -47.85 1.78 17.64
C GLU B 619 -48.86 0.92 18.39
N ALA B 620 -48.92 -0.35 18.03
CA ALA B 620 -49.77 -1.29 18.75
C ALA B 620 -49.20 -1.48 20.14
N LEU B 621 -47.88 -1.50 20.22
CA LEU B 621 -47.18 -1.62 21.49
C LEU B 621 -47.35 -0.38 22.35
N ARG B 622 -47.34 0.79 21.70
CA ARG B 622 -47.51 2.06 22.40
C ARG B 622 -48.81 2.12 23.17
N GLU B 623 -49.89 1.69 22.53
CA GLU B 623 -51.21 1.71 23.14
C GLU B 623 -51.33 0.67 24.25
N SER B 624 -50.72 -0.48 24.04
CA SER B 624 -50.79 -1.56 25.02
C SER B 624 -50.06 -1.15 26.29
N ILE B 625 -48.97 -0.41 26.13
CA ILE B 625 -48.24 0.12 27.26
C ILE B 625 -49.05 1.22 27.94
N LYS B 626 -49.64 2.09 27.13
CA LYS B 626 -50.44 3.19 27.63
C LYS B 626 -51.68 2.67 28.37
N THR B 627 -52.15 1.49 28.00
CA THR B 627 -53.34 0.91 28.61
C THR B 627 -53.04 0.04 29.84
N HIS B 628 -52.10 -0.89 29.71
CA HIS B 628 -51.83 -1.85 30.77
C HIS B 628 -50.58 -1.52 31.59
N GLY B 629 -49.75 -0.62 31.06
CA GLY B 629 -48.55 -0.21 31.75
C GLY B 629 -47.40 -1.18 31.56
N LEU B 630 -46.30 -0.92 32.26
CA LEU B 630 -45.17 -1.83 32.26
C LEU B 630 -44.92 -2.35 33.66
N ARG B 631 -44.47 -3.60 33.75
CA ARG B 631 -44.11 -4.18 35.03
C ARG B 631 -42.83 -3.53 35.55
N ASN B 632 -42.02 -3.04 34.62
CA ASN B 632 -40.71 -2.47 34.94
C ASN B 632 -40.50 -1.12 34.27
N SER B 633 -39.99 -0.15 35.02
CA SER B 633 -39.77 1.19 34.50
C SER B 633 -38.65 1.24 33.47
N THR B 634 -37.61 0.44 33.70
CA THR B 634 -36.53 0.29 32.73
C THR B 634 -36.33 -1.19 32.44
N LEU B 635 -35.73 -1.51 31.31
CA LEU B 635 -35.53 -2.90 30.95
C LEU B 635 -34.15 -3.15 30.36
N SER B 636 -33.62 -2.17 29.63
CA SER B 636 -32.37 -2.37 28.93
C SER B 636 -31.24 -1.48 29.43
N ALA B 637 -30.05 -2.06 29.45
CA ALA B 637 -28.81 -1.36 29.80
C ALA B 637 -27.64 -2.21 29.34
N LEU B 638 -26.66 -1.61 28.68
CA LEU B 638 -25.54 -2.38 28.14
C LEU B 638 -24.33 -2.35 29.05
N MET B 639 -24.22 -3.37 29.89
CA MET B 639 -23.12 -3.50 30.83
C MET B 639 -21.89 -4.10 30.15
N PRO B 640 -20.70 -3.90 30.73
CA PRO B 640 -19.49 -4.48 30.14
C PRO B 640 -19.43 -5.99 30.24
N SER B 641 -20.05 -6.58 31.26
CA SER B 641 -20.04 -8.03 31.47
C SER B 641 -18.62 -8.60 31.42
N GLU B 642 -17.70 -7.90 32.08
CA GLU B 642 -16.28 -8.22 32.06
C GLU B 642 -16.02 -9.64 32.56
N THR B 643 -16.73 -10.03 33.60
CA THR B 643 -16.56 -11.33 34.24
C THR B 643 -17.61 -12.36 33.80
N SER B 644 -18.87 -11.96 33.82
CA SER B 644 -19.98 -12.88 33.60
C SER B 644 -20.04 -13.46 32.19
N SER B 645 -19.49 -12.73 31.21
CA SER B 645 -19.54 -13.18 29.83
C SER B 645 -18.55 -14.30 29.56
N GLN B 646 -17.62 -14.48 30.48
CA GLN B 646 -16.59 -15.51 30.31
C GLN B 646 -17.17 -16.90 30.48
N ILE B 647 -18.33 -16.97 31.13
CA ILE B 647 -19.00 -18.23 31.40
C ILE B 647 -19.40 -18.94 30.10
N SER B 648 -19.83 -18.17 29.11
CA SER B 648 -20.21 -18.72 27.82
C SER B 648 -19.11 -18.55 26.79
N ASN B 649 -17.92 -18.17 27.26
CA ASN B 649 -16.77 -17.89 26.42
C ASN B 649 -17.08 -16.82 25.37
N ALA B 650 -17.92 -15.88 25.75
CA ALA B 650 -18.35 -14.82 24.84
C ALA B 650 -17.38 -13.65 24.85
N THR B 651 -17.40 -12.87 23.77
CA THR B 651 -16.76 -11.58 23.77
C THR B 651 -17.57 -10.68 24.70
N ASN B 652 -16.92 -9.96 25.59
CA ASN B 652 -17.62 -9.24 26.64
C ASN B 652 -18.44 -8.07 26.10
N GLY B 653 -19.72 -8.05 26.46
CA GLY B 653 -20.60 -6.95 26.11
C GLY B 653 -20.59 -6.63 24.62
N ILE B 654 -20.37 -5.36 24.30
CA ILE B 654 -20.32 -4.93 22.92
C ILE B 654 -18.89 -4.65 22.46
N GLU B 655 -17.93 -4.91 23.34
CA GLU B 655 -16.53 -4.61 23.05
C GLU B 655 -15.88 -5.62 22.11
N PRO B 656 -15.07 -5.14 21.17
CA PRO B 656 -14.28 -6.00 20.31
C PRO B 656 -13.11 -6.60 21.07
N PRO B 657 -12.78 -7.87 20.79
CA PRO B 657 -11.68 -8.54 21.50
C PRO B 657 -10.32 -7.88 21.25
N ARG B 658 -9.44 -7.97 22.24
CA ARG B 658 -8.10 -7.40 22.17
C ARG B 658 -7.24 -8.21 21.20
N GLY B 659 -7.49 -9.52 21.17
CA GLY B 659 -6.77 -10.42 20.30
C GLY B 659 -7.55 -11.71 20.14
N TYR B 660 -7.09 -12.57 19.23
CA TYR B 660 -7.76 -13.85 19.01
C TYR B 660 -7.64 -14.74 20.24
N VAL B 661 -6.50 -14.67 20.91
CA VAL B 661 -6.34 -15.28 22.22
C VAL B 661 -6.00 -14.20 23.22
N SER B 662 -6.97 -13.84 24.06
CA SER B 662 -6.82 -12.77 25.02
C SER B 662 -6.23 -13.29 26.33
N ILE B 663 -5.39 -12.47 26.95
CA ILE B 663 -4.88 -12.80 28.27
C ILE B 663 -5.55 -11.95 29.33
N LYS B 664 -6.41 -12.58 30.13
CA LYS B 664 -7.20 -11.86 31.14
C LYS B 664 -6.74 -12.19 32.55
N ALA B 665 -7.16 -11.35 33.50
CA ALA B 665 -6.69 -11.45 34.89
C ALA B 665 -7.55 -12.39 35.72
N SER B 666 -6.91 -13.00 36.72
CA SER B 666 -7.60 -13.87 37.65
C SER B 666 -6.83 -13.96 38.96
N LYS B 667 -7.49 -14.43 40.01
CA LYS B 667 -6.88 -14.59 41.32
C LYS B 667 -5.78 -15.64 41.32
N ASP B 668 -5.92 -16.62 40.43
CA ASP B 668 -4.96 -17.72 40.36
C ASP B 668 -3.75 -17.32 39.52
N GLY B 669 -4.00 -16.56 38.46
CA GLY B 669 -2.93 -16.12 37.59
C GLY B 669 -3.50 -15.58 36.29
N ILE B 670 -2.73 -15.68 35.22
CA ILE B 670 -3.21 -15.24 33.91
C ILE B 670 -4.04 -16.34 33.25
N LEU B 671 -5.07 -15.93 32.52
CA LEU B 671 -5.90 -16.85 31.77
C LEU B 671 -5.83 -16.56 30.29
N ARG B 672 -5.90 -17.61 29.48
CA ARG B 672 -5.98 -17.44 28.04
C ARG B 672 -7.41 -17.71 27.56
N GLN B 673 -7.99 -16.75 26.86
CA GLN B 673 -9.36 -16.90 26.37
C GLN B 673 -9.42 -16.72 24.86
N VAL B 674 -10.01 -17.71 24.18
CA VAL B 674 -10.14 -17.69 22.74
C VAL B 674 -11.48 -17.13 22.31
N VAL B 675 -11.49 -16.35 21.24
CA VAL B 675 -12.74 -15.87 20.65
C VAL B 675 -13.57 -17.06 20.18
N PRO B 676 -14.90 -16.94 20.27
CA PRO B 676 -15.76 -18.02 19.78
C PRO B 676 -15.56 -18.29 18.30
N ASP B 677 -15.40 -19.57 17.95
CA ASP B 677 -15.25 -20.01 16.57
C ASP B 677 -14.09 -19.35 15.85
N TYR B 678 -12.90 -19.41 16.47
CA TYR B 678 -11.71 -18.81 15.87
C TYR B 678 -11.33 -19.52 14.57
N GLU B 679 -11.61 -20.82 14.50
CA GLU B 679 -11.24 -21.63 13.35
C GLU B 679 -11.88 -21.12 12.07
N HIS B 680 -13.16 -20.74 12.13
CA HIS B 680 -13.86 -20.29 10.93
C HIS B 680 -13.84 -18.77 10.78
N LEU B 681 -13.64 -18.04 11.87
CA LEU B 681 -13.81 -16.59 11.84
C LEU B 681 -12.54 -15.82 12.19
N HIS B 682 -11.39 -16.45 11.98
CA HIS B 682 -10.12 -15.81 12.29
C HIS B 682 -9.93 -14.53 11.49
N ASP B 683 -10.48 -14.49 10.28
CA ASP B 683 -10.37 -13.31 9.43
C ASP B 683 -11.57 -12.37 9.55
N ALA B 684 -12.63 -12.83 10.19
CA ALA B 684 -13.88 -12.08 10.25
C ALA B 684 -13.90 -11.01 11.34
N TYR B 685 -13.15 -11.25 12.40
CA TYR B 685 -13.08 -10.33 13.54
C TYR B 685 -12.30 -9.07 13.24
N GLU B 686 -12.70 -7.98 13.89
CA GLU B 686 -11.90 -6.76 13.89
C GLU B 686 -11.45 -6.52 15.32
N LEU B 687 -10.17 -6.80 15.57
CA LEU B 687 -9.61 -6.70 16.91
C LEU B 687 -9.58 -5.24 17.35
N LEU B 688 -9.45 -5.02 18.66
CA LEU B 688 -9.56 -3.67 19.20
C LEU B 688 -8.58 -2.69 18.55
N TRP B 689 -7.33 -3.11 18.43
CA TRP B 689 -6.28 -2.21 17.94
C TRP B 689 -6.10 -2.30 16.44
N GLU B 690 -7.06 -2.92 15.76
CA GLU B 690 -7.08 -2.93 14.31
C GLU B 690 -7.99 -1.84 13.76
N MET B 691 -8.55 -1.03 14.65
CA MET B 691 -9.49 -0.01 14.23
C MET B 691 -8.78 1.35 14.06
N PRO B 692 -9.15 2.07 13.00
CA PRO B 692 -8.56 3.38 12.69
C PRO B 692 -8.85 4.44 13.75
N GLY B 693 -10.02 4.34 14.40
CA GLY B 693 -10.41 5.32 15.39
C GLY B 693 -11.68 4.90 16.11
N ASN B 694 -12.39 5.86 16.68
CA ASN B 694 -13.57 5.55 17.49
C ASN B 694 -14.89 5.85 16.81
N ASP B 695 -14.83 6.48 15.64
CA ASP B 695 -16.00 6.93 14.91
C ASP B 695 -17.02 5.83 14.64
N GLY B 696 -16.56 4.72 14.07
CA GLY B 696 -17.45 3.62 13.77
C GLY B 696 -18.08 3.04 15.02
N TYR B 697 -17.28 2.92 16.07
CA TYR B 697 -17.75 2.41 17.35
C TYR B 697 -18.76 3.33 18.00
N LEU B 698 -18.46 4.62 18.02
CA LEU B 698 -19.32 5.62 18.64
C LEU B 698 -20.65 5.74 17.92
N GLN B 699 -20.64 5.47 16.61
CA GLN B 699 -21.85 5.47 15.81
C GLN B 699 -22.75 4.29 16.17
N LEU B 700 -22.14 3.12 16.40
CA LEU B 700 -22.89 1.94 16.80
C LEU B 700 -23.52 2.15 18.16
N VAL B 701 -22.76 2.75 19.07
CA VAL B 701 -23.24 3.04 20.41
C VAL B 701 -24.43 3.98 20.38
N GLY B 702 -24.34 5.02 19.54
CA GLY B 702 -25.42 5.97 19.39
C GLY B 702 -26.68 5.32 18.87
N ILE B 703 -26.53 4.44 17.89
CA ILE B 703 -27.65 3.71 17.30
C ILE B 703 -28.28 2.78 18.34
N MET B 704 -27.45 2.13 19.15
CA MET B 704 -27.95 1.31 20.25
C MET B 704 -28.76 2.15 21.23
N GLN B 705 -28.25 3.34 21.54
CA GLN B 705 -28.87 4.21 22.53
C GLN B 705 -30.26 4.68 22.13
N LYS B 706 -30.57 4.59 20.85
CA LYS B 706 -31.90 4.94 20.35
C LYS B 706 -32.97 4.08 21.01
N PHE B 707 -32.63 2.84 21.33
CA PHE B 707 -33.60 1.90 21.86
C PHE B 707 -33.37 1.59 23.34
N ILE B 708 -32.13 1.72 23.80
CA ILE B 708 -31.78 1.40 25.18
C ILE B 708 -32.38 2.38 26.19
N ASP B 709 -33.05 1.83 27.21
CA ASP B 709 -33.68 2.63 28.25
C ASP B 709 -32.71 3.47 29.06
N GLN B 710 -31.64 2.83 29.52
CA GLN B 710 -30.66 3.48 30.37
C GLN B 710 -29.47 3.90 29.53
N SER B 711 -28.28 3.40 29.84
CA SER B 711 -27.09 3.80 29.09
C SER B 711 -26.23 2.62 28.67
N ILE B 712 -25.04 2.94 28.15
CA ILE B 712 -24.12 1.96 27.62
C ILE B 712 -22.71 2.24 28.14
N SER B 713 -22.00 1.20 28.59
CA SER B 713 -20.64 1.37 29.07
C SER B 713 -19.65 1.56 27.93
N ALA B 714 -19.71 2.72 27.29
CA ALA B 714 -18.93 2.99 26.08
C ALA B 714 -17.47 3.31 26.37
N ASN B 715 -16.58 2.60 25.67
CA ASN B 715 -15.14 2.80 25.77
C ASN B 715 -14.62 3.71 24.66
N THR B 716 -13.52 4.41 24.93
CA THR B 716 -12.76 5.06 23.89
C THR B 716 -11.38 4.44 23.85
N ASN B 717 -10.81 4.32 22.66
CA ASN B 717 -9.53 3.64 22.51
C ASN B 717 -8.55 4.46 21.68
N TYR B 718 -7.29 4.46 22.10
CA TYR B 718 -6.27 5.21 21.39
C TYR B 718 -4.95 4.45 21.35
N ASP B 719 -4.37 4.36 20.15
CA ASP B 719 -3.05 3.79 19.97
C ASP B 719 -2.06 4.90 19.70
N PRO B 720 -1.20 5.21 20.69
CA PRO B 720 -0.22 6.29 20.60
C PRO B 720 0.69 6.17 19.37
N SER B 721 0.98 4.95 18.94
CA SER B 721 1.86 4.75 17.80
C SER B 721 1.24 5.18 16.47
N ARG B 722 -0.09 5.33 16.44
CA ARG B 722 -0.76 5.77 15.22
C ARG B 722 -0.70 7.29 15.10
N PHE B 723 -0.11 7.94 16.09
CA PHE B 723 -0.04 9.40 16.10
C PHE B 723 1.41 9.87 16.03
N PRO B 724 1.64 11.05 15.42
CA PRO B 724 2.98 11.66 15.34
C PRO B 724 3.58 11.90 16.73
N SER B 725 4.85 11.59 16.87
CA SER B 725 5.58 11.75 18.14
C SER B 725 5.00 10.90 19.26
N GLY B 726 4.19 9.91 18.90
CA GLY B 726 3.70 8.94 19.85
C GLY B 726 2.82 9.51 20.96
N LYS B 727 2.22 10.67 20.70
CA LYS B 727 1.34 11.28 21.68
C LYS B 727 0.01 11.68 21.06
N VAL B 728 -1.07 11.28 21.73
CA VAL B 728 -2.41 11.60 21.25
C VAL B 728 -2.73 13.07 21.51
N PRO B 729 -3.02 13.81 20.44
CA PRO B 729 -3.32 15.24 20.57
C PRO B 729 -4.64 15.47 21.31
N MET B 730 -4.71 16.58 22.06
CA MET B 730 -5.91 16.93 22.79
C MET B 730 -7.07 17.16 21.83
N GLN B 731 -6.76 17.63 20.64
CA GLN B 731 -7.77 17.93 19.63
C GLN B 731 -8.55 16.67 19.23
N GLN B 732 -7.86 15.54 19.21
CA GLN B 732 -8.51 14.28 18.84
C GLN B 732 -9.42 13.82 19.97
N LEU B 733 -8.96 14.01 21.20
CA LEU B 733 -9.73 13.63 22.37
C LEU B 733 -11.04 14.42 22.44
N LEU B 734 -10.95 15.72 22.18
CA LEU B 734 -12.11 16.60 22.23
C LEU B 734 -13.06 16.34 21.07
N LYS B 735 -12.50 15.94 19.93
CA LYS B 735 -13.26 15.63 18.74
C LYS B 735 -14.13 14.40 18.94
N ASP B 736 -13.57 13.33 19.51
CA ASP B 736 -14.33 12.13 19.80
C ASP B 736 -15.38 12.38 20.87
N LEU B 737 -15.05 13.26 21.82
CA LEU B 737 -15.98 13.64 22.87
C LEU B 737 -17.21 14.32 22.28
N LEU B 738 -16.98 15.23 21.33
CA LEU B 738 -18.05 15.96 20.67
C LEU B 738 -18.83 15.08 19.71
N THR B 739 -18.14 14.12 19.09
CA THR B 739 -18.80 13.17 18.20
C THR B 739 -19.79 12.32 18.98
N ALA B 740 -19.38 11.87 20.16
CA ALA B 740 -20.24 11.08 21.03
C ALA B 740 -21.49 11.86 21.42
N TYR B 741 -21.32 13.12 21.81
CA TYR B 741 -22.46 13.93 22.18
C TYR B 741 -23.39 14.15 20.99
N LYS B 742 -22.79 14.34 19.82
CA LYS B 742 -23.53 14.57 18.58
C LYS B 742 -24.52 13.45 18.28
N PHE B 743 -24.13 12.22 18.59
CA PHE B 743 -24.95 11.06 18.27
C PHE B 743 -25.75 10.58 19.47
N GLY B 744 -25.83 11.42 20.49
CA GLY B 744 -26.70 11.18 21.62
C GLY B 744 -26.18 10.19 22.65
N VAL B 745 -24.88 9.94 22.62
CA VAL B 745 -24.26 9.05 23.61
C VAL B 745 -24.40 9.66 25.00
N LYS B 746 -24.98 8.90 25.92
CA LYS B 746 -25.27 9.39 27.26
C LYS B 746 -24.04 9.42 28.16
N THR B 747 -23.24 8.36 28.11
CA THR B 747 -22.09 8.27 28.99
C THR B 747 -20.84 7.75 28.28
N LEU B 748 -19.68 8.03 28.87
CA LEU B 748 -18.42 7.50 28.40
C LEU B 748 -17.69 6.81 29.54
N TYR B 749 -17.37 5.53 29.33
CA TYR B 749 -16.73 4.72 30.35
C TYR B 749 -15.21 4.77 30.19
N TYR B 750 -14.57 3.61 30.14
CA TYR B 750 -13.12 3.52 30.05
C TYR B 750 -12.54 4.28 28.85
N GLN B 751 -11.35 4.83 29.02
CA GLN B 751 -10.50 5.14 27.89
C GLN B 751 -9.30 4.21 27.91
N ASN B 752 -9.19 3.38 26.89
CA ASN B 752 -8.08 2.45 26.78
C ASN B 752 -6.97 3.05 25.93
N THR B 753 -5.77 3.10 26.49
CA THR B 753 -4.60 3.55 25.76
C THR B 753 -3.63 2.39 25.60
N ARG B 754 -3.32 2.03 24.37
CA ARG B 754 -2.49 0.86 24.09
C ARG B 754 -1.07 1.01 24.59
N ASP B 755 -0.51 -0.09 25.09
CA ASP B 755 0.89 -0.13 25.53
C ASP B 755 1.79 -0.65 24.42
N ASN C 23 11.74 -1.48 104.65
CA ASN C 23 11.67 -2.85 104.16
C ASN C 23 12.19 -2.95 102.71
N LEU C 24 12.76 -1.85 102.22
CA LEU C 24 13.30 -1.82 100.87
C LEU C 24 14.67 -2.45 100.86
N LEU C 25 14.96 -3.26 99.85
CA LEU C 25 16.24 -3.95 99.79
C LEU C 25 17.12 -3.45 98.66
N VAL C 26 18.43 -3.64 98.84
CA VAL C 26 19.40 -3.36 97.78
C VAL C 26 20.17 -4.65 97.47
N THR C 27 20.71 -4.74 96.27
CA THR C 27 21.51 -5.89 95.88
C THR C 27 22.99 -5.55 95.97
N LYS C 28 23.71 -6.25 96.83
CA LYS C 28 25.14 -6.00 97.01
C LYS C 28 25.96 -6.53 95.84
N ARG C 29 27.26 -6.30 95.87
CA ARG C 29 28.14 -6.72 94.78
C ARG C 29 28.31 -8.23 94.75
N ASP C 30 28.28 -8.86 95.91
CA ASP C 30 28.45 -10.30 96.01
C ASP C 30 27.17 -11.05 95.64
N GLY C 31 26.09 -10.29 95.40
CA GLY C 31 24.83 -10.87 94.99
C GLY C 31 23.82 -10.98 96.11
N SER C 32 24.27 -10.79 97.35
CA SER C 32 23.37 -10.87 98.49
C SER C 32 22.54 -9.60 98.60
N THR C 33 21.54 -9.61 99.47
CA THR C 33 20.70 -8.45 99.66
C THR C 33 20.66 -8.05 101.12
N GLU C 34 20.52 -6.76 101.37
CA GLU C 34 20.37 -6.23 102.72
C GLU C 34 19.54 -4.96 102.69
N ARG C 35 19.04 -4.58 103.85
CA ARG C 35 18.18 -3.40 103.99
C ARG C 35 18.91 -2.15 103.53
N ILE C 36 18.16 -1.24 102.88
CA ILE C 36 18.72 0.00 102.41
C ILE C 36 19.14 0.87 103.59
N ASN C 37 20.30 1.51 103.45
CA ASN C 37 20.84 2.36 104.50
C ASN C 37 21.21 3.72 103.93
N LEU C 38 20.35 4.70 104.14
CA LEU C 38 20.56 6.03 103.58
C LEU C 38 21.74 6.74 104.25
N ASP C 39 22.14 6.23 105.41
CA ASP C 39 23.27 6.78 106.14
C ASP C 39 24.59 6.43 105.46
N LYS C 40 24.65 5.23 104.87
CA LYS C 40 25.84 4.80 104.15
C LYS C 40 26.10 5.67 102.94
N ILE C 41 25.04 6.00 102.21
CA ILE C 41 25.14 6.88 101.06
C ILE C 41 25.52 8.30 101.50
N HIS C 42 24.89 8.76 102.58
CA HIS C 42 25.18 10.09 103.14
C HIS C 42 26.64 10.20 103.56
N ARG C 43 27.13 9.09 104.09
CA ARG C 43 28.49 8.99 104.60
C ARG C 43 29.49 9.10 103.45
N VAL C 44 29.19 8.46 102.33
CA VAL C 44 30.01 8.55 101.12
C VAL C 44 29.97 9.95 100.54
N LEU C 45 28.80 10.57 100.58
CA LEU C 45 28.62 11.93 100.08
C LEU C 45 29.41 12.95 100.89
N ASP C 46 29.54 12.72 102.20
CA ASP C 46 30.32 13.60 103.06
C ASP C 46 31.78 13.58 102.69
N ALA C 47 32.29 12.41 102.36
CA ALA C 47 33.70 12.23 102.05
C ALA C 47 34.07 12.97 100.77
N ALA C 48 33.13 13.04 99.83
CA ALA C 48 33.38 13.70 98.57
C ALA C 48 33.15 15.21 98.65
N ALA C 49 32.42 15.64 99.67
CA ALA C 49 32.07 17.04 99.82
C ALA C 49 33.04 17.79 100.74
N GLU C 50 34.05 17.07 101.22
CA GLU C 50 35.02 17.65 102.12
C GLU C 50 35.83 18.75 101.44
N GLY C 51 35.75 19.95 101.98
CA GLY C 51 36.51 21.08 101.47
C GLY C 51 35.80 21.87 100.39
N LEU C 52 34.59 21.44 100.03
CA LEU C 52 33.82 22.13 99.01
C LEU C 52 32.88 23.17 99.60
N HIS C 53 32.51 24.15 98.80
CA HIS C 53 31.66 25.24 99.28
C HIS C 53 30.39 25.33 98.45
N ASN C 54 29.29 25.73 99.09
CA ASN C 54 27.99 25.90 98.44
C ASN C 54 27.47 24.62 97.78
N VAL C 55 27.81 23.47 98.34
CA VAL C 55 27.25 22.21 97.87
C VAL C 55 26.30 21.66 98.93
N SER C 56 25.27 20.95 98.48
CA SER C 56 24.28 20.44 99.40
C SER C 56 24.11 18.93 99.27
N ILE C 57 24.43 18.23 100.34
CA ILE C 57 24.24 16.80 100.42
C ILE C 57 22.75 16.49 100.29
N SER C 58 21.94 17.37 100.84
CA SER C 58 20.49 17.23 100.82
C SER C 58 19.94 17.16 99.40
N GLN C 59 20.38 18.09 98.55
CA GLN C 59 19.93 18.18 97.17
C GLN C 59 20.27 16.91 96.39
N VAL C 60 21.48 16.41 96.61
CA VAL C 60 21.96 15.22 95.92
C VAL C 60 21.16 14.00 96.34
N GLU C 61 20.88 13.90 97.64
CA GLU C 61 20.09 12.79 98.17
C GLU C 61 18.68 12.79 97.62
N LEU C 62 18.07 13.97 97.55
CA LEU C 62 16.71 14.13 97.05
C LEU C 62 16.60 13.71 95.59
N ARG C 63 17.59 14.09 94.80
CA ARG C 63 17.63 13.77 93.38
C ARG C 63 17.96 12.28 93.14
N SER C 64 18.55 11.63 94.13
CA SER C 64 18.98 10.24 93.98
C SER C 64 17.95 9.24 94.50
N HIS C 65 17.39 9.52 95.67
CA HIS C 65 16.51 8.57 96.35
C HIS C 65 15.29 8.18 95.51
N ILE C 66 14.80 9.15 94.74
CA ILE C 66 13.58 8.97 93.96
C ILE C 66 13.74 7.94 92.84
N GLN C 67 14.97 7.66 92.44
CA GLN C 67 15.19 6.77 91.31
C GLN C 67 15.46 5.35 91.79
N PHE C 68 15.45 5.16 93.11
CA PHE C 68 15.71 3.85 93.70
C PHE C 68 14.48 2.95 93.61
N TYR C 69 14.72 1.64 93.59
CA TYR C 69 13.66 0.66 93.53
C TYR C 69 14.06 -0.61 94.29
N ASP C 70 13.11 -1.50 94.51
CA ASP C 70 13.34 -2.70 95.31
C ASP C 70 14.38 -3.62 94.67
N GLY C 71 15.45 -3.90 95.41
CA GLY C 71 16.48 -4.79 94.94
C GLY C 71 17.49 -4.12 94.03
N ILE C 72 17.52 -2.79 94.05
CA ILE C 72 18.41 -2.04 93.19
C ILE C 72 19.86 -2.40 93.46
N LYS C 73 20.64 -2.58 92.39
CA LYS C 73 22.04 -2.93 92.53
C LYS C 73 22.78 -1.78 93.19
N THR C 74 23.73 -2.15 94.04
CA THR C 74 24.48 -1.15 94.80
C THR C 74 25.35 -0.30 93.87
N SER C 75 25.69 -0.86 92.71
CA SER C 75 26.49 -0.13 91.73
C SER C 75 25.64 0.88 90.99
N ASP C 76 24.35 0.58 90.84
CA ASP C 76 23.42 1.50 90.20
C ASP C 76 23.11 2.66 91.14
N ILE C 77 23.19 2.42 92.44
CA ILE C 77 23.06 3.46 93.44
C ILE C 77 24.20 4.45 93.32
N HIS C 78 25.41 3.94 93.15
CA HIS C 78 26.57 4.81 93.06
C HIS C 78 26.55 5.64 91.77
N GLU C 79 26.16 5.02 90.66
CA GLU C 79 26.07 5.73 89.39
C GLU C 79 24.96 6.78 89.41
N THR C 80 23.95 6.56 90.23
CA THR C 80 22.84 7.50 90.36
C THR C 80 23.27 8.78 91.08
N ILE C 81 24.02 8.63 92.16
CA ILE C 81 24.41 9.79 92.95
C ILE C 81 25.51 10.59 92.24
N ILE C 82 26.27 9.93 91.36
CA ILE C 82 27.25 10.63 90.54
C ILE C 82 26.54 11.52 89.54
N LYS C 83 25.58 10.94 88.83
CA LYS C 83 24.76 11.65 87.87
C LYS C 83 23.98 12.78 88.52
N ALA C 84 23.49 12.52 89.73
CA ALA C 84 22.71 13.51 90.47
C ALA C 84 23.54 14.74 90.82
N ALA C 85 24.77 14.52 91.26
CA ALA C 85 25.66 15.61 91.60
C ALA C 85 26.13 16.33 90.34
N ALA C 86 26.28 15.58 89.26
CA ALA C 86 26.76 16.12 88.00
C ALA C 86 25.73 17.06 87.36
N ASP C 87 24.45 16.81 87.62
CA ASP C 87 23.40 17.63 87.07
C ASP C 87 23.30 18.97 87.79
N LEU C 88 23.89 19.06 88.98
CA LEU C 88 23.77 20.25 89.79
C LEU C 88 24.94 21.21 89.58
N ILE C 89 25.83 20.84 88.68
CA ILE C 89 26.95 21.71 88.32
C ILE C 89 26.43 22.98 87.65
N SER C 90 26.69 24.13 88.26
CA SER C 90 26.18 25.39 87.75
C SER C 90 27.08 26.56 88.12
N ARG C 91 26.69 27.76 87.68
CA ARG C 91 27.42 28.98 88.00
C ARG C 91 27.25 29.33 89.48
N ASP C 92 26.06 29.04 90.01
CA ASP C 92 25.75 29.30 91.41
C ASP C 92 26.54 28.40 92.33
N ALA C 93 26.69 27.13 91.95
CA ALA C 93 27.44 26.17 92.74
C ALA C 93 28.39 25.33 91.89
N PRO C 94 29.52 25.91 91.46
CA PRO C 94 30.46 25.20 90.60
C PRO C 94 31.19 24.05 91.29
N ASP C 95 31.25 24.06 92.62
CA ASP C 95 32.00 23.04 93.35
C ASP C 95 31.38 21.64 93.23
N TYR C 96 30.24 21.55 92.56
CA TYR C 96 29.65 20.25 92.27
C TYR C 96 30.48 19.48 91.25
N GLN C 97 31.35 20.19 90.53
CA GLN C 97 32.22 19.55 89.56
C GLN C 97 33.22 18.62 90.23
N TYR C 98 33.55 18.92 91.48
CA TYR C 98 34.49 18.09 92.23
C TYR C 98 33.76 17.02 93.04
N LEU C 99 32.53 17.33 93.45
CA LEU C 99 31.71 16.36 94.18
C LEU C 99 31.39 15.16 93.32
N ALA C 100 30.92 15.43 92.10
CA ALA C 100 30.60 14.38 91.15
C ALA C 100 31.85 13.62 90.73
N ALA C 101 32.96 14.34 90.60
CA ALA C 101 34.23 13.74 90.18
C ALA C 101 34.73 12.75 91.21
N ARG C 102 34.74 13.17 92.47
CA ARG C 102 35.23 12.32 93.55
C ARG C 102 34.37 11.08 93.75
N LEU C 103 33.05 11.25 93.63
CA LEU C 103 32.13 10.12 93.70
C LEU C 103 32.43 9.12 92.59
N ALA C 104 32.82 9.63 91.43
CA ALA C 104 33.19 8.79 90.29
C ALA C 104 34.50 8.08 90.54
N ILE C 105 35.44 8.79 91.16
CA ILE C 105 36.72 8.20 91.54
C ILE C 105 36.52 7.04 92.51
N PHE C 106 35.66 7.26 93.49
CA PHE C 106 35.34 6.24 94.50
C PHE C 106 34.87 4.96 93.82
N HIS C 107 33.97 5.11 92.86
CA HIS C 107 33.41 3.97 92.15
C HIS C 107 34.48 3.31 91.28
N LEU C 108 35.32 4.13 90.64
CA LEU C 108 36.40 3.61 89.80
C LEU C 108 37.43 2.84 90.61
N ARG C 109 37.63 3.23 91.87
CA ARG C 109 38.51 2.50 92.77
C ARG C 109 37.96 1.10 93.01
N LYS C 110 36.67 1.01 93.27
CA LYS C 110 36.01 -0.28 93.50
C LYS C 110 36.04 -1.17 92.27
N LYS C 111 35.84 -0.59 91.10
CA LYS C 111 35.80 -1.34 89.85
C LYS C 111 37.16 -1.94 89.52
N ALA C 112 38.21 -1.23 89.87
CA ALA C 112 39.56 -1.65 89.49
C ALA C 112 40.21 -2.54 90.53
N TYR C 113 39.95 -2.25 91.81
CA TYR C 113 40.69 -2.90 92.88
C TYR C 113 39.80 -3.71 93.82
N GLY C 114 38.50 -3.46 93.79
CA GLY C 114 37.59 -4.12 94.70
C GLY C 114 37.55 -3.43 96.05
N GLN C 115 38.31 -2.35 96.16
CA GLN C 115 38.40 -1.58 97.38
C GLN C 115 38.81 -0.15 97.07
N PHE C 116 38.75 0.73 98.06
CA PHE C 116 39.10 2.13 97.84
C PHE C 116 40.61 2.33 97.69
N GLU C 117 41.38 1.72 98.60
CA GLU C 117 42.82 1.88 98.62
C GLU C 117 43.49 1.04 97.53
N PRO C 118 44.27 1.69 96.67
CA PRO C 118 45.02 1.00 95.61
C PRO C 118 46.11 0.10 96.19
N PRO C 119 46.44 -0.99 95.49
CA PRO C 119 47.47 -1.93 95.95
C PRO C 119 48.87 -1.33 95.83
N ALA C 120 49.88 -2.08 96.25
CA ALA C 120 51.25 -1.67 96.03
C ALA C 120 51.51 -1.67 94.52
N LEU C 121 52.28 -0.68 94.06
CA LEU C 121 52.54 -0.51 92.65
C LEU C 121 53.13 -1.76 92.01
N TYR C 122 54.07 -2.40 92.70
CA TYR C 122 54.72 -3.59 92.18
C TYR C 122 53.72 -4.72 92.00
N ASP C 123 52.85 -4.89 92.99
CA ASP C 123 51.84 -5.94 92.95
C ASP C 123 50.88 -5.72 91.79
N HIS C 124 50.54 -4.45 91.57
CA HIS C 124 49.65 -4.08 90.49
C HIS C 124 50.27 -4.39 89.14
N VAL C 125 51.50 -3.95 88.93
CA VAL C 125 52.20 -4.17 87.66
C VAL C 125 52.40 -5.65 87.35
N VAL C 126 52.85 -6.41 88.33
CA VAL C 126 53.08 -7.84 88.15
C VAL C 126 51.80 -8.53 87.69
N LYS C 127 50.70 -8.21 88.36
CA LYS C 127 49.40 -8.79 88.05
C LYS C 127 48.93 -8.42 86.64
N MET C 128 49.12 -7.15 86.28
CA MET C 128 48.66 -6.65 84.99
C MET C 128 49.48 -7.21 83.84
N VAL C 129 50.76 -7.44 84.08
CA VAL C 129 51.61 -8.08 83.08
C VAL C 129 51.19 -9.55 82.92
N GLU C 130 50.85 -10.20 84.02
CA GLU C 130 50.36 -11.57 83.99
C GLU C 130 49.07 -11.65 83.18
N MET C 131 48.25 -10.61 83.32
CA MET C 131 46.99 -10.55 82.59
C MET C 131 47.21 -10.08 81.16
N GLY C 132 48.40 -9.56 80.88
CA GLY C 132 48.74 -9.11 79.55
C GLY C 132 48.21 -7.72 79.22
N LYS C 133 47.93 -6.93 80.25
CA LYS C 133 47.40 -5.58 80.05
C LYS C 133 48.50 -4.55 80.01
N TYR C 134 49.63 -4.86 80.62
CA TYR C 134 50.81 -3.99 80.57
C TYR C 134 51.93 -4.64 79.77
N ASP C 135 52.83 -3.81 79.25
CA ASP C 135 53.97 -4.27 78.49
C ASP C 135 54.95 -5.04 79.38
N ASN C 136 55.54 -6.10 78.84
CA ASN C 136 56.51 -6.91 79.57
C ASN C 136 57.76 -6.16 80.01
N HIS C 137 58.13 -5.12 79.26
CA HIS C 137 59.38 -4.40 79.50
C HIS C 137 59.45 -3.80 80.89
N LEU C 138 58.29 -3.56 81.49
CA LEU C 138 58.24 -2.95 82.82
C LEU C 138 58.93 -3.79 83.88
N LEU C 139 58.73 -5.10 83.84
CA LEU C 139 59.34 -5.99 84.82
C LEU C 139 60.79 -6.30 84.49
N GLU C 140 61.20 -5.98 83.27
CA GLU C 140 62.57 -6.21 82.84
C GLU C 140 63.44 -4.97 83.04
N ASP C 141 62.84 -3.79 82.98
CA ASP C 141 63.59 -2.54 83.08
C ASP C 141 63.68 -2.00 84.50
N TYR C 142 62.77 -2.44 85.36
CA TYR C 142 62.77 -1.97 86.74
C TYR C 142 62.77 -3.12 87.73
N THR C 143 63.50 -2.97 88.82
CA THR C 143 63.53 -3.96 89.88
C THR C 143 62.37 -3.72 90.83
N GLU C 144 62.09 -4.68 91.70
CA GLU C 144 61.02 -4.54 92.67
C GLU C 144 61.26 -3.36 93.60
N GLU C 145 62.53 -3.12 93.92
CA GLU C 145 62.89 -2.00 94.77
C GLU C 145 62.60 -0.67 94.09
N GLU C 146 62.80 -0.62 92.78
CA GLU C 146 62.56 0.60 92.03
C GLU C 146 61.06 0.87 91.86
N PHE C 147 60.26 -0.18 91.84
CA PHE C 147 58.81 -0.01 91.81
C PHE C 147 58.30 0.52 93.14
N LYS C 148 58.88 0.00 94.23
CA LYS C 148 58.51 0.46 95.56
C LYS C 148 58.99 1.89 95.78
N GLN C 149 60.09 2.25 95.12
CA GLN C 149 60.61 3.60 95.22
C GLN C 149 59.73 4.56 94.41
N MET C 150 59.23 4.08 93.27
CA MET C 150 58.30 4.86 92.46
C MET C 150 56.96 4.96 93.16
N ASP C 151 56.66 3.98 93.99
CA ASP C 151 55.41 3.95 94.74
C ASP C 151 55.37 5.08 95.77
N THR C 152 56.54 5.48 96.25
CA THR C 152 56.63 6.56 97.23
C THR C 152 56.42 7.92 96.59
N PHE C 153 56.56 8.00 95.27
CA PHE C 153 56.31 9.22 94.53
C PHE C 153 54.82 9.48 94.44
N ILE C 154 54.05 8.39 94.36
CA ILE C 154 52.63 8.47 94.08
C ILE C 154 51.81 9.07 95.20
N ASP C 155 50.98 10.04 94.84
CA ASP C 155 49.99 10.60 95.75
C ASP C 155 48.61 10.36 95.19
N HIS C 156 47.96 9.31 95.66
CA HIS C 156 46.63 8.94 95.16
C HIS C 156 45.58 9.99 95.49
N ASP C 157 45.90 10.90 96.40
CA ASP C 157 44.98 11.96 96.77
C ASP C 157 44.84 12.99 95.66
N ARG C 158 45.69 12.90 94.65
CA ARG C 158 45.63 13.81 93.52
C ARG C 158 44.45 13.47 92.63
N ASP C 159 43.85 12.32 92.89
CA ASP C 159 42.64 11.91 92.20
C ASP C 159 41.47 12.79 92.63
N MET C 160 41.63 13.50 93.73
CA MET C 160 40.58 14.36 94.25
C MET C 160 40.70 15.78 93.73
N THR C 161 41.64 16.00 92.81
CA THR C 161 41.83 17.32 92.21
C THR C 161 41.21 17.37 90.81
N PHE C 162 40.75 16.22 90.33
CA PHE C 162 40.07 16.14 89.04
C PHE C 162 38.69 16.77 89.10
N SER C 163 38.28 17.37 87.98
CA SER C 163 36.90 17.83 87.81
C SER C 163 36.11 16.70 87.19
N TYR C 164 34.78 16.84 87.12
CA TYR C 164 33.94 15.76 86.64
C TYR C 164 34.20 15.39 85.19
N ALA C 165 34.38 16.39 84.34
CA ALA C 165 34.67 16.16 82.93
C ALA C 165 35.96 15.38 82.76
N ALA C 166 36.92 15.67 83.63
CA ALA C 166 38.21 15.00 83.60
C ALA C 166 38.08 13.51 83.90
N VAL C 167 37.29 13.17 84.91
CA VAL C 167 37.13 11.78 85.33
C VAL C 167 36.37 10.97 84.29
N LYS C 168 35.44 11.61 83.60
CA LYS C 168 34.66 10.93 82.57
C LYS C 168 35.53 10.57 81.36
N GLN C 169 36.52 11.39 81.07
CA GLN C 169 37.46 11.08 80.01
C GLN C 169 38.42 9.97 80.45
N LEU C 170 38.75 9.94 81.73
CA LEU C 170 39.59 8.89 82.26
C LEU C 170 38.93 7.52 82.13
N GLU C 171 37.70 7.38 82.61
CA GLU C 171 37.04 6.08 82.57
C GLU C 171 36.55 5.77 81.15
N GLY C 172 36.28 6.80 80.38
CA GLY C 172 35.76 6.63 79.03
C GLY C 172 36.83 6.29 78.02
N LYS C 173 37.99 6.92 78.11
CA LYS C 173 39.01 6.80 77.09
C LYS C 173 40.38 6.35 77.59
N TYR C 174 40.84 6.95 78.70
CA TYR C 174 42.25 6.87 79.05
C TYR C 174 42.65 5.68 79.91
N LEU C 175 41.88 5.38 80.95
CA LEU C 175 42.22 4.28 81.85
C LEU C 175 42.24 2.93 81.12
N VAL C 176 43.24 2.11 81.42
CA VAL C 176 43.34 0.79 80.80
C VAL C 176 42.15 -0.06 81.21
N GLN C 177 41.45 -0.60 80.21
CA GLN C 177 40.18 -1.27 80.45
C GLN C 177 39.88 -2.29 79.36
N ASN C 178 38.88 -3.13 79.61
CA ASN C 178 38.40 -4.06 78.60
C ASN C 178 37.32 -3.42 77.75
N ARG C 179 37.56 -3.31 76.44
CA ARG C 179 36.65 -2.59 75.55
C ARG C 179 35.43 -3.40 75.18
N VAL C 180 35.41 -4.68 75.56
CA VAL C 180 34.28 -5.54 75.29
C VAL C 180 33.45 -5.72 76.55
N THR C 181 34.14 -5.90 77.67
CA THR C 181 33.51 -6.11 78.97
C THR C 181 33.13 -4.82 79.67
N GLY C 182 34.02 -3.83 79.62
CA GLY C 182 33.81 -2.57 80.30
C GLY C 182 34.56 -2.50 81.63
N GLU C 183 35.32 -3.56 81.92
CA GLU C 183 36.04 -3.66 83.18
C GLU C 183 37.24 -2.72 83.24
N ILE C 184 37.29 -1.92 84.30
CA ILE C 184 38.41 -1.01 84.53
C ILE C 184 39.52 -1.73 85.30
N TYR C 185 40.77 -1.48 84.91
CA TYR C 185 41.90 -2.20 85.49
C TYR C 185 42.85 -1.35 86.33
N GLU C 186 42.76 -0.04 86.22
CA GLU C 186 43.72 0.84 86.89
C GLU C 186 43.09 2.13 87.41
N SER C 187 43.89 2.95 88.08
CA SER C 187 43.45 4.28 88.51
C SER C 187 44.40 5.35 87.96
N ALA C 188 44.04 6.62 88.18
CA ALA C 188 44.69 7.74 87.51
C ALA C 188 46.18 7.91 87.82
N GLN C 189 46.55 7.71 89.08
CA GLN C 189 47.95 7.93 89.47
C GLN C 189 48.85 6.80 88.99
N PHE C 190 48.28 5.62 88.82
CA PHE C 190 49.02 4.51 88.22
C PHE C 190 49.26 4.80 86.74
N LEU C 191 48.28 5.43 86.11
CA LEU C 191 48.42 5.87 84.73
C LEU C 191 49.60 6.81 84.59
N TYR C 192 49.61 7.86 85.41
CA TYR C 192 50.61 8.91 85.36
C TYR C 192 52.02 8.39 85.63
N ILE C 193 52.17 7.58 86.67
CA ILE C 193 53.48 7.12 87.09
C ILE C 193 54.09 6.15 86.09
N LEU C 194 53.24 5.40 85.38
CA LEU C 194 53.72 4.40 84.44
C LEU C 194 53.98 4.98 83.07
N VAL C 195 53.29 6.07 82.73
CA VAL C 195 53.61 6.82 81.53
C VAL C 195 55.03 7.37 81.68
N ALA C 196 55.31 7.93 82.86
CA ALA C 196 56.63 8.44 83.16
C ALA C 196 57.67 7.33 83.23
N ALA C 197 57.29 6.21 83.83
CA ALA C 197 58.21 5.08 83.96
C ALA C 197 58.59 4.50 82.60
N CYS C 198 57.61 4.42 81.71
CA CYS C 198 57.85 3.85 80.38
C CYS C 198 58.66 4.78 79.49
N LEU C 199 58.34 6.06 79.53
CA LEU C 199 59.01 7.03 78.67
C LEU C 199 60.45 7.27 79.08
N PHE C 200 60.79 7.03 80.35
CA PHE C 200 62.16 7.20 80.80
C PHE C 200 62.85 5.87 81.14
N SER C 201 62.29 4.76 80.66
CA SER C 201 62.81 3.45 81.02
C SER C 201 64.20 3.14 80.44
N ASN C 202 64.57 3.86 79.38
CA ASN C 202 65.86 3.64 78.73
C ASN C 202 66.94 4.61 79.22
N TYR C 203 66.59 5.46 80.18
CA TYR C 203 67.54 6.40 80.75
C TYR C 203 68.49 5.70 81.70
N PRO C 204 69.72 6.22 81.85
CA PRO C 204 70.71 5.68 82.78
C PRO C 204 70.19 5.69 84.22
N ARG C 205 70.51 4.65 84.96
CA ARG C 205 70.03 4.48 86.33
C ARG C 205 70.47 5.63 87.23
N GLU C 206 71.52 6.34 86.82
CA GLU C 206 72.02 7.48 87.58
C GLU C 206 70.99 8.60 87.67
N THR C 207 70.22 8.78 86.61
CA THR C 207 69.27 9.90 86.55
C THR C 207 67.84 9.47 86.28
N ARG C 208 67.64 8.17 86.02
CA ARG C 208 66.34 7.67 85.55
C ARG C 208 65.18 8.00 86.48
N LEU C 209 65.26 7.59 87.74
CA LEU C 209 64.16 7.80 88.67
C LEU C 209 63.96 9.27 89.03
N GLN C 210 65.01 10.07 88.88
CA GLN C 210 64.88 11.51 89.09
C GLN C 210 64.00 12.14 88.03
N TYR C 211 64.12 11.64 86.80
CA TYR C 211 63.28 12.11 85.71
C TYR C 211 61.86 11.60 85.85
N VAL C 212 61.71 10.38 86.34
CA VAL C 212 60.39 9.79 86.54
C VAL C 212 59.54 10.57 87.54
N LYS C 213 60.14 10.96 88.67
CA LYS C 213 59.41 11.69 89.70
C LYS C 213 59.03 13.09 89.21
N ARG C 214 59.98 13.78 88.59
CA ARG C 214 59.74 15.12 88.08
C ARG C 214 58.64 15.14 87.02
N PHE C 215 58.64 14.14 86.13
CA PHE C 215 57.65 14.11 85.07
C PHE C 215 56.28 13.73 85.62
N TYR C 216 56.25 12.78 86.54
CA TYR C 216 55.00 12.40 87.19
C TYR C 216 54.38 13.58 87.92
N ASP C 217 55.21 14.35 88.62
CA ASP C 217 54.75 15.53 89.32
C ASP C 217 54.19 16.57 88.35
N ALA C 218 54.86 16.73 87.22
CA ALA C 218 54.48 17.73 86.22
C ALA C 218 53.12 17.44 85.59
N VAL C 219 52.80 16.16 85.36
CA VAL C 219 51.57 15.82 84.67
C VAL C 219 50.39 15.58 85.62
N SER C 220 50.65 15.06 86.82
CA SER C 220 49.58 14.78 87.76
C SER C 220 49.14 16.03 88.50
N THR C 221 49.94 17.08 88.42
CA THR C 221 49.56 18.37 88.98
C THR C 221 49.23 19.36 87.87
N PHE C 222 49.08 18.83 86.66
CA PHE C 222 48.48 19.53 85.51
C PHE C 222 49.32 20.67 84.92
N LYS C 223 50.64 20.60 85.10
CA LYS C 223 51.54 21.55 84.47
C LYS C 223 51.74 21.22 83.00
N ILE C 224 51.76 19.91 82.71
CA ILE C 224 51.86 19.42 81.34
C ILE C 224 50.63 18.59 80.99
N SER C 225 50.10 18.80 79.79
CA SER C 225 48.97 18.03 79.30
C SER C 225 49.42 17.00 78.27
N LEU C 226 49.03 15.75 78.46
CA LEU C 226 49.39 14.68 77.54
C LEU C 226 48.22 14.35 76.62
N PRO C 227 48.53 13.96 75.37
CA PRO C 227 47.51 13.65 74.36
C PRO C 227 46.81 12.32 74.59
N THR C 228 45.74 12.08 73.84
CA THR C 228 44.94 10.86 73.98
C THR C 228 45.73 9.56 73.77
N PRO C 229 46.51 9.46 72.68
CA PRO C 229 47.17 8.15 72.51
C PRO C 229 48.29 7.89 73.53
N ILE C 230 48.84 8.93 74.13
CA ILE C 230 49.83 8.76 75.20
C ILE C 230 49.13 8.40 76.50
N MET C 231 48.08 9.14 76.83
CA MET C 231 47.31 8.91 78.05
C MET C 231 46.71 7.50 78.10
N SER C 232 46.22 7.02 76.96
CA SER C 232 45.55 5.73 76.92
C SER C 232 46.45 4.59 76.48
N GLY C 233 47.65 4.93 76.01
CA GLY C 233 48.51 3.93 75.41
C GLY C 233 49.80 3.57 76.14
N VAL C 234 50.53 4.56 76.63
CA VAL C 234 51.87 4.32 77.16
C VAL C 234 51.87 3.56 78.48
N ARG C 235 51.95 2.24 78.36
CA ARG C 235 52.11 1.25 79.44
C ARG C 235 51.51 -0.06 78.93
N THR C 236 50.78 0.03 77.83
CA THR C 236 50.14 -1.11 77.19
C THR C 236 51.10 -1.78 76.20
N PRO C 237 50.85 -3.06 75.87
CA PRO C 237 51.72 -3.78 74.94
C PRO C 237 51.74 -3.21 73.52
N THR C 238 50.71 -2.47 73.14
CA THR C 238 50.66 -1.85 71.81
C THR C 238 51.32 -0.48 71.84
N ARG C 239 52.50 -0.39 71.25
CA ARG C 239 53.26 0.85 71.33
C ARG C 239 53.10 1.72 70.09
N GLN C 240 52.15 2.63 70.15
CA GLN C 240 51.97 3.64 69.12
C GLN C 240 51.29 4.84 69.77
N PHE C 241 52.00 5.95 69.86
CA PHE C 241 51.52 7.08 70.65
C PHE C 241 51.59 8.43 69.94
N SER C 242 51.99 8.42 68.68
CA SER C 242 51.96 9.64 67.87
C SER C 242 50.52 9.93 67.46
N SER C 243 50.09 11.16 67.63
CA SER C 243 48.70 11.53 67.38
C SER C 243 48.45 11.80 65.91
N CYS C 244 49.49 12.23 65.21
CA CYS C 244 49.34 12.71 63.84
C CYS C 244 50.15 11.90 62.85
N VAL C 245 49.50 11.47 61.77
CA VAL C 245 50.16 10.75 60.70
C VAL C 245 49.89 11.40 59.35
N LEU C 246 50.95 11.79 58.65
CA LEU C 246 50.81 12.48 57.37
C LEU C 246 51.33 11.63 56.21
N ILE C 247 50.43 11.25 55.33
CA ILE C 247 50.78 10.38 54.21
C ILE C 247 50.57 11.06 52.86
N GLU C 248 51.62 11.12 52.06
CA GLU C 248 51.52 11.65 50.71
C GLU C 248 51.28 10.53 49.71
N CYS C 249 50.25 10.70 48.89
CA CYS C 249 49.91 9.71 47.88
C CYS C 249 50.46 10.12 46.52
N GLY C 250 51.09 9.17 45.84
CA GLY C 250 51.61 9.43 44.50
C GLY C 250 50.58 9.11 43.45
N ASP C 251 50.85 9.53 42.22
CA ASP C 251 49.91 9.32 41.13
C ASP C 251 50.11 7.94 40.50
N SER C 252 49.87 6.90 41.29
CA SER C 252 50.01 5.52 40.82
C SER C 252 49.20 4.58 41.70
N LEU C 253 48.82 3.42 41.15
CA LEU C 253 48.03 2.45 41.91
C LEU C 253 48.79 1.88 43.10
N ASP C 254 50.08 1.67 42.92
CA ASP C 254 50.92 1.17 43.99
C ASP C 254 50.97 2.13 45.16
N SER C 255 51.00 3.42 44.85
CA SER C 255 51.06 4.44 45.88
C SER C 255 49.72 4.56 46.59
N ILE C 256 48.64 4.42 45.82
CA ILE C 256 47.30 4.46 46.38
C ILE C 256 47.07 3.26 47.31
N ASN C 257 47.55 2.09 46.91
CA ASN C 257 47.46 0.90 47.74
C ASN C 257 48.29 1.01 49.01
N ALA C 258 49.50 1.55 48.88
CA ALA C 258 50.38 1.76 50.02
C ALA C 258 49.78 2.74 51.01
N THR C 259 49.20 3.81 50.48
CA THR C 259 48.56 4.83 51.30
C THR C 259 47.38 4.26 52.07
N SER C 260 46.54 3.49 51.39
CA SER C 260 45.36 2.89 52.00
C SER C 260 45.71 1.94 53.13
N SER C 261 46.75 1.14 52.91
CA SER C 261 47.21 0.18 53.90
C SER C 261 47.76 0.88 55.13
N ALA C 262 48.52 1.95 54.88
CA ALA C 262 49.14 2.71 55.96
C ALA C 262 48.09 3.38 56.82
N ILE C 263 47.00 3.81 56.19
CA ILE C 263 45.89 4.42 56.91
C ILE C 263 45.25 3.43 57.87
N VAL C 264 44.88 2.27 57.36
CA VAL C 264 44.23 1.24 58.16
C VAL C 264 45.08 0.88 59.38
N LYS C 265 46.37 0.71 59.16
CA LYS C 265 47.29 0.34 60.22
C LYS C 265 47.41 1.40 61.30
N TYR C 266 47.52 2.67 60.90
CA TYR C 266 47.76 3.73 61.88
C TYR C 266 46.49 4.23 62.54
N VAL C 267 45.37 4.13 61.85
CA VAL C 267 44.08 4.46 62.46
C VAL C 267 43.82 3.47 63.59
N SER C 268 44.06 2.20 63.32
CA SER C 268 43.83 1.14 64.30
C SER C 268 44.75 1.30 65.51
N GLN C 269 45.85 2.02 65.31
CA GLN C 269 46.81 2.25 66.38
C GLN C 269 46.85 3.71 66.82
N ARG C 270 45.66 4.26 67.08
CA ARG C 270 45.46 5.50 67.83
C ARG C 270 45.75 6.81 67.10
N ALA C 271 45.95 6.78 65.80
CA ALA C 271 46.37 8.00 65.08
C ALA C 271 45.32 8.59 64.17
N GLY C 272 45.32 9.92 64.07
CA GLY C 272 44.51 10.63 63.10
C GLY C 272 45.35 10.92 61.87
N ILE C 273 44.71 10.96 60.70
CA ILE C 273 45.44 10.96 59.45
C ILE C 273 45.31 12.24 58.63
N GLY C 274 46.42 12.65 58.02
CA GLY C 274 46.41 13.69 57.01
C GLY C 274 46.84 13.07 55.69
N ILE C 275 45.99 13.19 54.68
CA ILE C 275 46.24 12.57 53.38
C ILE C 275 46.46 13.61 52.29
N ASN C 276 47.56 13.48 51.56
CA ASN C 276 47.80 14.33 50.41
C ASN C 276 47.53 13.57 49.11
N ALA C 277 46.43 13.93 48.43
CA ALA C 277 46.06 13.26 47.20
C ALA C 277 45.99 14.23 46.02
N GLY C 278 46.71 15.34 46.12
CA GLY C 278 46.69 16.37 45.09
C GLY C 278 47.46 15.98 43.85
N ARG C 279 48.35 15.00 43.99
CA ARG C 279 49.16 14.51 42.88
C ARG C 279 48.39 13.64 41.89
N ILE C 280 47.27 13.09 42.35
CA ILE C 280 46.49 12.19 41.51
C ILE C 280 45.90 12.94 40.31
N ARG C 281 46.16 12.41 39.12
CA ARG C 281 45.74 13.07 37.88
C ARG C 281 44.23 13.11 37.74
N ALA C 282 43.73 14.05 36.95
CA ALA C 282 42.31 14.33 36.89
C ALA C 282 41.52 13.35 36.02
N LEU C 283 40.21 13.34 36.24
CA LEU C 283 39.26 12.56 35.45
C LEU C 283 39.43 12.86 33.96
N GLY C 284 39.53 11.81 33.17
CA GLY C 284 39.64 11.97 31.72
C GLY C 284 41.07 11.88 31.22
N SER C 285 42.02 11.77 32.15
CA SER C 285 43.41 11.64 31.80
C SER C 285 43.73 10.28 31.19
N PRO C 286 44.64 10.24 30.22
CA PRO C 286 45.10 8.97 29.66
C PRO C 286 45.96 8.17 30.63
N ILE C 287 45.86 6.85 30.57
CA ILE C 287 46.69 5.96 31.36
C ILE C 287 47.45 5.04 30.42
N ARG C 288 48.77 4.96 30.60
CA ARG C 288 49.63 4.16 29.73
C ARG C 288 49.43 4.50 28.25
N GLY C 289 49.40 5.78 27.93
CA GLY C 289 49.30 6.22 26.55
C GLY C 289 47.91 6.11 25.98
N GLY C 290 46.93 5.83 26.82
CA GLY C 290 45.55 5.74 26.37
C GLY C 290 44.94 4.35 26.46
N GLU C 291 45.61 3.46 27.18
CA GLU C 291 45.08 2.12 27.41
C GLU C 291 43.86 2.16 28.33
N ALA C 292 43.76 3.23 29.11
CA ALA C 292 42.62 3.40 30.01
C ALA C 292 42.23 4.86 30.14
N PHE C 293 40.96 5.07 30.49
CA PHE C 293 40.40 6.38 30.76
C PHE C 293 40.37 6.59 32.27
N HIS C 294 41.08 7.59 32.78
CA HIS C 294 41.15 7.79 34.22
C HIS C 294 39.79 8.16 34.77
N THR C 295 39.33 7.40 35.75
CA THR C 295 37.98 7.50 36.26
C THR C 295 37.84 8.55 37.35
N GLY C 296 38.92 9.28 37.64
CA GLY C 296 38.85 10.41 38.54
C GLY C 296 39.47 10.22 39.92
N CYS C 297 39.47 11.29 40.69
CA CYS C 297 39.98 11.28 42.06
C CYS C 297 38.97 10.75 43.07
N ILE C 298 37.71 11.09 42.89
CA ILE C 298 36.66 10.77 43.86
C ILE C 298 36.53 9.26 44.18
N PRO C 299 36.58 8.38 43.17
CA PRO C 299 36.52 6.96 43.53
C PRO C 299 37.69 6.50 44.40
N PHE C 300 38.83 7.17 44.28
CA PHE C 300 39.97 6.87 45.12
C PHE C 300 39.82 7.53 46.48
N TYR C 301 39.18 8.70 46.50
CA TYR C 301 38.87 9.38 47.76
C TYR C 301 37.94 8.51 48.60
N LYS C 302 36.98 7.88 47.94
CA LYS C 302 36.08 6.95 48.59
C LYS C 302 36.83 5.80 49.22
N HIS C 303 37.89 5.36 48.56
CA HIS C 303 38.68 4.23 49.03
C HIS C 303 39.50 4.63 50.25
N PHE C 304 39.95 5.88 50.28
CA PHE C 304 40.66 6.40 51.44
C PHE C 304 39.71 6.54 52.61
N GLN C 305 38.47 6.92 52.33
CA GLN C 305 37.47 7.12 53.37
C GLN C 305 37.12 5.82 54.09
N THR C 306 36.91 4.75 53.33
CA THR C 306 36.55 3.46 53.92
C THR C 306 37.73 2.86 54.68
N ALA C 307 38.93 3.26 54.30
CA ALA C 307 40.14 2.82 55.00
C ALA C 307 40.18 3.47 56.39
N VAL C 308 39.74 4.72 56.46
CA VAL C 308 39.72 5.46 57.71
C VAL C 308 38.64 4.91 58.64
N LYS C 309 37.52 4.50 58.06
CA LYS C 309 36.35 4.10 58.83
C LYS C 309 36.28 2.60 59.11
N SER C 310 37.30 1.87 58.65
CA SER C 310 37.32 0.42 58.84
C SER C 310 37.67 0.05 60.27
N CYS C 311 38.41 0.91 60.94
CA CYS C 311 38.88 0.65 62.29
C CYS C 311 38.54 1.76 63.27
N SER C 312 38.46 1.40 64.54
CA SER C 312 38.41 2.39 65.60
C SER C 312 39.84 2.83 65.91
N GLN C 313 39.98 3.98 66.54
CA GLN C 313 41.29 4.47 66.91
C GLN C 313 41.78 3.81 68.19
N GLY C 314 42.27 2.59 68.09
CA GLY C 314 42.78 1.86 69.23
C GLY C 314 41.70 1.50 70.23
N GLY C 315 40.45 1.50 69.77
CA GLY C 315 39.32 1.15 70.61
C GLY C 315 38.82 2.32 71.44
N VAL C 316 39.42 3.48 71.25
CA VAL C 316 39.10 4.65 72.07
C VAL C 316 38.05 5.53 71.40
N ARG C 317 38.22 5.77 70.10
CA ARG C 317 37.29 6.60 69.35
C ARG C 317 37.30 6.22 67.88
N GLY C 318 36.53 6.94 67.09
CA GLY C 318 36.45 6.70 65.66
C GLY C 318 37.64 7.27 64.92
N GLY C 319 37.90 6.73 63.73
CA GLY C 319 38.96 7.23 62.87
C GLY C 319 38.52 8.48 62.12
N ALA C 320 39.48 9.35 61.81
CA ALA C 320 39.18 10.56 61.07
C ALA C 320 40.36 10.97 60.20
N ALA C 321 40.09 11.65 59.09
CA ALA C 321 41.16 12.07 58.20
C ALA C 321 40.81 13.34 57.44
N THR C 322 41.83 14.13 57.13
CA THR C 322 41.68 15.29 56.26
C THR C 322 42.51 15.08 55.00
N LEU C 323 41.89 15.32 53.83
CA LEU C 323 42.58 15.15 52.57
C LEU C 323 42.90 16.51 51.94
N PHE C 324 44.08 16.61 51.34
CA PHE C 324 44.56 17.89 50.83
C PHE C 324 44.74 17.87 49.31
N TYR C 325 44.40 18.99 48.69
CA TYR C 325 44.56 19.16 47.25
C TYR C 325 44.73 20.64 46.93
N PRO C 326 45.45 20.95 45.84
CA PRO C 326 45.63 22.35 45.46
C PRO C 326 44.34 22.93 44.88
N MET C 327 44.16 24.24 45.04
CA MET C 327 42.98 24.92 44.54
C MET C 327 42.90 24.90 43.02
N TRP C 328 44.04 24.80 42.36
CA TRP C 328 44.08 24.84 40.91
C TRP C 328 43.96 23.46 40.26
N HIS C 329 43.60 22.46 41.04
CA HIS C 329 43.38 21.12 40.50
C HIS C 329 42.16 21.14 39.58
N LEU C 330 42.22 20.34 38.52
CA LEU C 330 41.20 20.37 37.47
C LEU C 330 39.81 19.98 37.96
N GLU C 331 39.76 19.14 39.00
CA GLU C 331 38.49 18.64 39.51
C GLU C 331 38.00 19.41 40.73
N VAL C 332 38.65 20.53 41.04
CA VAL C 332 38.42 21.23 42.31
C VAL C 332 36.96 21.61 42.56
N GLU C 333 36.21 21.93 41.50
CA GLU C 333 34.82 22.32 41.67
C GLU C 333 33.99 21.13 42.13
N SER C 334 34.42 19.94 41.74
CA SER C 334 33.74 18.71 42.14
C SER C 334 34.18 18.27 43.52
N LEU C 335 35.44 18.59 43.86
CA LEU C 335 36.01 18.18 45.13
C LEU C 335 35.52 19.03 46.30
N LEU C 336 35.17 20.28 46.02
CA LEU C 336 34.75 21.22 47.05
C LEU C 336 33.40 20.86 47.62
N VAL C 337 32.59 20.17 46.83
CA VAL C 337 31.22 19.87 47.22
C VAL C 337 31.04 18.43 47.67
N LEU C 338 32.13 17.77 48.06
CA LEU C 338 32.08 16.37 48.44
C LEU C 338 31.36 16.12 49.77
N LYS C 339 31.30 17.14 50.62
CA LYS C 339 30.62 17.00 51.90
C LYS C 339 29.19 17.52 51.84
N ASN C 340 28.82 18.12 50.71
CA ASN C 340 27.47 18.63 50.49
C ASN C 340 26.46 17.49 50.47
N ASN C 341 25.40 17.63 51.25
CA ASN C 341 24.40 16.57 51.36
C ASN C 341 23.41 16.53 50.19
N ARG C 342 23.52 17.51 49.29
CA ARG C 342 22.60 17.58 48.15
C ARG C 342 23.20 16.94 46.90
N GLY C 343 23.38 15.63 46.94
CA GLY C 343 23.91 14.91 45.79
C GLY C 343 23.79 13.41 45.94
N VAL C 344 23.99 12.70 44.84
CA VAL C 344 23.98 11.24 44.87
C VAL C 344 25.26 10.73 45.51
N GLU C 345 25.27 9.48 45.95
CA GLU C 345 26.45 8.92 46.62
C GLU C 345 27.63 8.78 45.66
N GLY C 346 27.35 8.82 44.37
CA GLY C 346 28.38 8.63 43.35
C GLY C 346 29.45 9.70 43.35
N ASN C 347 29.07 10.90 43.78
CA ASN C 347 30.01 12.02 43.83
C ASN C 347 30.02 12.70 45.17
N ARG C 348 29.89 11.91 46.23
CA ARG C 348 29.90 12.45 47.59
C ARG C 348 30.76 11.60 48.52
N VAL C 349 31.76 12.23 49.10
CA VAL C 349 32.62 11.60 50.09
C VAL C 349 32.57 12.45 51.35
N ARG C 350 31.56 12.21 52.18
CA ARG C 350 31.22 13.13 53.27
C ARG C 350 31.95 12.89 54.58
N HIS C 351 32.41 11.67 54.81
CA HIS C 351 32.94 11.33 56.12
C HIS C 351 34.44 11.54 56.19
N MET C 352 34.94 12.46 55.38
CA MET C 352 36.29 12.96 55.51
C MET C 352 36.30 14.47 55.42
N ASP C 353 37.32 15.09 56.01
CA ASP C 353 37.48 16.52 55.92
C ASP C 353 38.49 16.85 54.83
N TYR C 354 38.52 18.10 54.39
CA TYR C 354 39.36 18.50 53.27
C TYR C 354 40.07 19.82 53.52
N GLY C 355 41.30 19.92 53.03
CA GLY C 355 42.06 21.15 53.11
C GLY C 355 42.40 21.66 51.72
N VAL C 356 41.88 22.82 51.36
CA VAL C 356 42.19 23.42 50.07
C VAL C 356 43.48 24.21 50.18
N GLN C 357 44.42 23.92 49.29
CA GLN C 357 45.74 24.54 49.36
C GLN C 357 45.81 25.77 48.46
N ILE C 358 46.16 26.90 49.05
CA ILE C 358 46.13 28.18 48.36
C ILE C 358 47.47 28.89 48.51
N ASN C 359 47.84 29.70 47.52
CA ASN C 359 49.03 30.52 47.60
C ASN C 359 48.75 31.97 47.23
N LYS C 360 49.79 32.78 47.22
CA LYS C 360 49.67 34.22 46.98
C LYS C 360 48.99 34.53 45.65
N LEU C 361 49.38 33.81 44.61
CA LEU C 361 48.89 34.04 43.26
C LEU C 361 47.38 33.82 43.14
N MET C 362 46.86 32.84 43.85
CA MET C 362 45.42 32.59 43.82
C MET C 362 44.67 33.77 44.41
N TYR C 363 45.18 34.30 45.51
CA TYR C 363 44.56 35.45 46.17
C TYR C 363 44.61 36.69 45.28
N THR C 364 45.70 36.83 44.54
CA THR C 364 45.88 37.95 43.64
C THR C 364 44.83 37.96 42.53
N ARG C 365 44.55 36.79 41.97
CA ARG C 365 43.53 36.66 40.95
C ARG C 365 42.16 37.02 41.52
N LEU C 366 41.95 36.70 42.79
CA LEU C 366 40.71 37.01 43.48
C LEU C 366 40.56 38.52 43.67
N LEU C 367 41.63 39.16 44.11
CA LEU C 367 41.63 40.59 44.36
C LEU C 367 41.49 41.40 43.08
N LYS C 368 42.10 40.94 42.01
CA LYS C 368 42.09 41.66 40.75
C LYS C 368 40.84 41.36 39.93
N GLY C 369 39.97 40.50 40.47
CA GLY C 369 38.75 40.13 39.78
C GLY C 369 39.04 39.38 38.49
N GLU C 370 40.05 38.53 38.53
CA GLU C 370 40.50 37.81 37.34
C GLU C 370 40.13 36.34 37.35
N ASP C 371 40.74 35.57 36.46
CA ASP C 371 40.45 34.16 36.30
C ASP C 371 41.51 33.26 36.93
N ILE C 372 41.10 32.08 37.33
CA ILE C 372 42.02 31.04 37.80
C ILE C 372 41.96 29.88 36.82
N THR C 373 43.12 29.41 36.37
CA THR C 373 43.18 28.29 35.44
C THR C 373 43.38 26.98 36.18
N LEU C 374 42.54 25.99 35.86
CA LEU C 374 42.64 24.69 36.51
C LEU C 374 43.43 23.72 35.64
N PHE C 375 44.36 23.00 36.27
CA PHE C 375 45.18 22.02 35.56
C PHE C 375 45.13 20.67 36.24
N SER C 376 45.41 19.63 35.48
CA SER C 376 45.74 18.34 36.06
C SER C 376 47.25 18.30 36.27
N PRO C 377 47.70 17.97 37.49
CA PRO C 377 49.12 17.99 37.83
C PRO C 377 49.98 17.10 36.93
N SER C 378 49.35 16.18 36.21
CA SER C 378 50.06 15.31 35.29
C SER C 378 50.37 16.01 33.97
N ASP C 379 49.72 17.14 33.72
CA ASP C 379 49.87 17.87 32.47
C ASP C 379 50.78 19.08 32.58
N VAL C 380 51.20 19.43 33.80
CA VAL C 380 51.96 20.64 34.02
C VAL C 380 53.26 20.38 34.77
N PRO C 381 54.31 20.00 34.04
CA PRO C 381 55.62 19.63 34.61
C PRO C 381 56.20 20.69 35.54
N GLY C 382 56.49 20.31 36.78
CA GLY C 382 57.14 21.18 37.73
C GLY C 382 56.21 22.13 38.45
N LEU C 383 54.98 22.24 37.96
CA LEU C 383 54.02 23.20 38.49
C LEU C 383 53.60 22.80 39.91
N TYR C 384 53.44 21.50 40.14
CA TYR C 384 53.03 21.01 41.45
C TYR C 384 54.10 21.26 42.51
N ASP C 385 55.35 20.97 42.18
CA ASP C 385 56.45 21.15 43.11
C ASP C 385 56.66 22.62 43.45
N ALA C 386 56.56 23.48 42.45
CA ALA C 386 56.79 24.91 42.63
C ALA C 386 55.71 25.55 43.49
N PHE C 387 54.53 24.94 43.48
CA PHE C 387 53.39 25.43 44.25
C PHE C 387 53.71 25.52 45.75
N PHE C 388 54.63 24.67 46.20
CA PHE C 388 55.04 24.62 47.59
C PHE C 388 56.42 25.24 47.84
N ALA C 389 57.34 25.04 46.89
CA ALA C 389 58.73 25.40 47.12
C ALA C 389 59.18 26.76 46.59
N ASP C 390 58.69 27.16 45.42
CA ASP C 390 59.20 28.35 44.74
C ASP C 390 58.07 29.12 44.09
N GLN C 391 57.63 30.18 44.75
CA GLN C 391 56.48 30.95 44.29
C GLN C 391 56.73 31.72 43.01
N GLU C 392 57.96 32.17 42.80
CA GLU C 392 58.30 32.86 41.56
C GLU C 392 58.39 31.87 40.41
N GLU C 393 58.96 30.70 40.67
CA GLU C 393 59.01 29.65 39.67
C GLU C 393 57.59 29.16 39.36
N PHE C 394 56.75 29.15 40.38
CA PHE C 394 55.36 28.76 40.19
C PHE C 394 54.66 29.71 39.24
N GLU C 395 54.80 31.00 39.50
CA GLU C 395 54.17 32.03 38.68
C GLU C 395 54.72 32.01 37.25
N ARG C 396 55.99 31.67 37.11
CA ARG C 396 56.60 31.54 35.80
C ARG C 396 55.97 30.36 35.06
N LEU C 397 55.91 29.21 35.72
CA LEU C 397 55.33 28.01 35.11
C LEU C 397 53.83 28.14 34.93
N TYR C 398 53.17 28.76 35.90
CA TYR C 398 51.72 28.89 35.84
C TYR C 398 51.29 29.72 34.65
N THR C 399 51.89 30.91 34.50
CA THR C 399 51.53 31.79 33.41
C THR C 399 51.98 31.22 32.06
N LYS C 400 53.10 30.51 32.08
CA LYS C 400 53.61 29.86 30.88
C LYS C 400 52.62 28.79 30.40
N TYR C 401 52.15 27.99 31.34
CA TYR C 401 51.21 26.92 31.01
C TYR C 401 49.81 27.48 30.71
N GLU C 402 49.50 28.64 31.27
CA GLU C 402 48.22 29.29 30.97
C GLU C 402 48.22 29.75 29.52
N LYS C 403 49.41 29.91 28.97
CA LYS C 403 49.57 30.46 27.63
C LYS C 403 49.67 29.37 26.57
N ASP C 404 49.71 28.12 27.02
CA ASP C 404 49.85 26.96 26.14
C ASP C 404 48.51 26.35 25.75
N ASP C 405 48.20 26.37 24.45
CA ASP C 405 46.94 25.84 23.97
C ASP C 405 46.95 24.32 23.94
N SER C 406 48.14 23.72 23.95
CA SER C 406 48.28 22.27 23.86
C SER C 406 48.02 21.59 25.20
N ILE C 407 47.87 22.39 26.24
CA ILE C 407 47.68 21.86 27.58
C ILE C 407 46.21 21.89 27.97
N ARG C 408 45.70 20.74 28.41
CA ARG C 408 44.33 20.64 28.89
C ARG C 408 44.14 21.53 30.11
N LYS C 409 43.11 22.36 30.09
CA LYS C 409 42.90 23.30 31.19
C LYS C 409 41.44 23.73 31.26
N GLN C 410 41.10 24.50 32.29
CA GLN C 410 39.76 25.04 32.45
C GLN C 410 39.84 26.36 33.21
N ARG C 411 39.08 27.36 32.76
CA ARG C 411 39.13 28.67 33.41
C ARG C 411 37.93 28.89 34.32
N VAL C 412 38.20 29.43 35.51
CA VAL C 412 37.13 29.78 36.43
C VAL C 412 37.37 31.20 36.95
N LYS C 413 36.29 31.96 37.16
CA LYS C 413 36.41 33.25 37.79
C LYS C 413 36.87 33.03 39.22
N ALA C 414 37.91 33.77 39.63
CA ALA C 414 38.50 33.62 40.94
C ALA C 414 37.49 33.88 42.05
N VAL C 415 36.57 34.80 41.81
CA VAL C 415 35.54 35.12 42.79
C VAL C 415 34.61 33.93 43.00
N GLU C 416 34.25 33.25 41.92
CA GLU C 416 33.33 32.12 41.97
C GLU C 416 33.93 30.89 42.62
N LEU C 417 35.21 30.65 42.35
CA LEU C 417 35.91 29.50 42.90
C LEU C 417 36.08 29.66 44.41
N PHE C 418 36.49 30.85 44.82
CA PHE C 418 36.63 31.16 46.24
C PHE C 418 35.28 31.12 46.93
N SER C 419 34.25 31.62 46.24
CA SER C 419 32.91 31.67 46.81
C SER C 419 32.33 30.28 47.00
N LEU C 420 32.58 29.39 46.04
CA LEU C 420 32.15 28.01 46.14
C LEU C 420 32.79 27.36 47.35
N MET C 421 34.08 27.61 47.52
CA MET C 421 34.84 27.07 48.63
C MET C 421 34.34 27.54 49.99
N MET C 422 34.18 28.85 50.13
CA MET C 422 33.78 29.43 51.41
C MET C 422 32.34 29.10 51.74
N GLN C 423 31.54 28.88 50.70
CA GLN C 423 30.15 28.47 50.89
C GLN C 423 30.10 27.07 51.48
N GLU C 424 30.96 26.20 50.98
CA GLU C 424 31.04 24.83 51.47
C GLU C 424 31.68 24.78 52.85
N ARG C 425 32.60 25.70 53.10
CA ARG C 425 33.22 25.80 54.42
C ARG C 425 32.21 26.28 55.44
N ALA C 426 31.30 27.15 55.01
CA ALA C 426 30.28 27.68 55.91
C ALA C 426 29.23 26.62 56.25
N SER C 427 28.86 25.82 55.25
CA SER C 427 27.82 24.81 55.41
C SER C 427 28.23 23.68 56.33
N THR C 428 29.45 23.19 56.15
CA THR C 428 29.93 22.02 56.90
C THR C 428 30.86 22.42 58.04
N GLY C 429 31.59 23.51 57.87
CA GLY C 429 32.56 23.94 58.85
C GLY C 429 33.85 23.16 58.75
N ARG C 430 33.90 22.23 57.80
CA ARG C 430 34.99 21.28 57.71
C ARG C 430 35.67 21.27 56.34
N ILE C 431 35.57 22.38 55.63
CA ILE C 431 36.39 22.61 54.45
C ILE C 431 37.49 23.58 54.84
N TYR C 432 38.73 23.09 54.89
CA TYR C 432 39.82 23.84 55.50
C TYR C 432 40.72 24.53 54.49
N ILE C 433 41.54 25.44 54.99
CA ILE C 433 42.44 26.23 54.15
C ILE C 433 43.88 26.08 54.60
N GLN C 434 44.77 25.79 53.66
CA GLN C 434 46.20 25.81 53.94
C GLN C 434 46.91 26.77 52.99
N ASN C 435 47.54 27.81 53.55
CA ASN C 435 48.37 28.72 52.77
C ASN C 435 49.77 28.13 52.61
N VAL C 436 50.00 27.43 51.51
CA VAL C 436 51.20 26.62 51.35
C VAL C 436 52.47 27.45 51.20
N ASP C 437 52.32 28.70 50.79
CA ASP C 437 53.46 29.59 50.66
C ASP C 437 53.98 30.01 52.03
N HIS C 438 53.08 30.33 52.94
CA HIS C 438 53.46 30.66 54.32
C HIS C 438 54.11 29.48 55.01
N CYS C 439 53.63 28.27 54.70
CA CYS C 439 54.13 27.06 55.33
C CYS C 439 55.55 26.72 54.91
N ASN C 440 56.06 27.40 53.89
CA ASN C 440 57.38 27.11 53.38
C ASN C 440 58.35 28.29 53.41
N THR C 441 57.81 29.51 53.45
CA THR C 441 58.67 30.69 53.58
C THR C 441 58.96 30.96 55.05
N HIS C 442 57.99 30.64 55.90
CA HIS C 442 58.16 30.74 57.34
C HIS C 442 58.09 29.34 57.91
N SER C 443 59.20 28.61 57.83
CA SER C 443 59.20 27.19 58.13
C SER C 443 60.54 26.75 58.71
N PRO C 444 60.52 25.71 59.55
CA PRO C 444 61.78 25.12 60.02
C PRO C 444 62.45 24.22 58.96
N PHE C 445 61.86 24.13 57.77
CA PHE C 445 62.44 23.28 56.73
C PHE C 445 62.78 24.06 55.46
N ASP C 446 63.83 23.61 54.78
CA ASP C 446 64.22 24.17 53.50
C ASP C 446 63.38 23.51 52.40
N PRO C 447 62.56 24.33 51.70
CA PRO C 447 61.64 23.89 50.64
C PRO C 447 62.36 23.23 49.47
N ALA C 448 63.65 23.52 49.31
CA ALA C 448 64.45 22.92 48.25
C ALA C 448 64.88 21.50 48.62
N ILE C 449 64.80 21.17 49.90
CA ILE C 449 65.23 19.85 50.36
C ILE C 449 64.07 19.07 50.95
N ALA C 450 63.30 19.72 51.81
CA ALA C 450 62.18 19.08 52.49
C ALA C 450 60.98 20.00 52.58
N PRO C 451 60.24 20.13 51.48
CA PRO C 451 59.08 21.01 51.45
C PRO C 451 57.91 20.47 52.27
N VAL C 452 57.07 21.38 52.77
CA VAL C 452 55.83 21.02 53.44
C VAL C 452 54.69 21.10 52.45
N ARG C 453 54.10 19.95 52.12
CA ARG C 453 53.11 19.90 51.05
C ARG C 453 51.71 19.55 51.53
N GLN C 454 51.53 19.43 52.84
CA GLN C 454 50.24 19.08 53.40
C GLN C 454 50.20 19.37 54.89
N SER C 455 49.04 19.13 55.49
CA SER C 455 48.90 19.24 56.93
C SER C 455 48.26 17.96 57.46
N ASN C 456 47.68 18.04 58.65
CA ASN C 456 47.11 16.87 59.29
C ASN C 456 45.60 16.97 59.40
N LEU C 457 45.04 16.24 60.36
CA LEU C 457 43.60 16.21 60.58
C LEU C 457 43.07 17.57 61.05
N CYS C 458 43.77 18.19 62.01
CA CYS C 458 43.28 19.41 62.62
C CYS C 458 44.10 20.65 62.23
N LEU C 459 44.97 20.48 61.24
CA LEU C 459 45.65 21.59 60.58
C LEU C 459 46.67 22.33 61.45
N GLU C 460 47.29 21.63 62.39
CA GLU C 460 48.34 22.24 63.21
C GLU C 460 49.69 21.64 62.90
N ILE C 461 49.71 20.58 62.11
CA ILE C 461 50.95 19.89 61.77
C ILE C 461 51.40 20.24 60.35
N ALA C 462 52.69 20.53 60.20
CA ALA C 462 53.26 20.82 58.89
C ALA C 462 54.63 20.18 58.77
N LEU C 463 54.68 19.00 58.17
CA LEU C 463 55.93 18.24 58.11
C LEU C 463 56.19 17.72 56.70
N PRO C 464 57.46 17.41 56.38
CA PRO C 464 57.80 16.84 55.08
C PRO C 464 57.35 15.39 54.91
N THR C 465 56.96 15.03 53.69
CA THR C 465 56.54 13.66 53.39
C THR C 465 57.06 13.24 52.03
N LYS C 466 57.02 11.95 51.76
CA LYS C 466 57.34 11.41 50.45
C LYS C 466 56.49 10.18 50.19
N PRO C 467 55.86 10.11 49.00
CA PRO C 467 54.97 9.00 48.67
C PRO C 467 55.67 7.64 48.64
N LEU C 468 54.89 6.59 48.88
CA LEU C 468 55.40 5.22 48.93
C LEU C 468 54.98 4.47 47.67
N ASN C 469 55.74 3.46 47.26
CA ASN C 469 55.32 2.59 46.16
C ASN C 469 54.84 1.25 46.69
N ASP C 470 55.00 1.08 47.99
CA ASP C 470 54.62 -0.15 48.68
C ASP C 470 54.49 0.18 50.16
N VAL C 471 53.70 -0.60 50.88
CA VAL C 471 53.48 -0.33 52.30
C VAL C 471 54.78 -0.52 53.09
N ASN C 472 55.69 -1.33 52.56
CA ASN C 472 56.98 -1.55 53.19
C ASN C 472 58.13 -0.86 52.47
N ASP C 473 57.81 0.14 51.65
CA ASP C 473 58.80 0.90 50.92
C ASP C 473 59.73 1.67 51.86
N GLU C 474 61.03 1.46 51.71
CA GLU C 474 62.02 2.10 52.56
C GLU C 474 62.33 3.53 52.14
N ASN C 475 61.96 3.89 50.91
CA ASN C 475 62.32 5.20 50.38
C ASN C 475 61.18 6.21 50.45
N GLY C 476 60.07 5.82 51.07
CA GLY C 476 58.98 6.74 51.29
C GLY C 476 59.15 7.40 52.64
N GLU C 477 58.40 8.46 52.88
CA GLU C 477 58.43 9.11 54.18
C GLU C 477 57.05 9.49 54.68
N ILE C 478 56.65 8.90 55.79
CA ILE C 478 55.43 9.29 56.46
C ILE C 478 55.79 10.12 57.66
N ALA C 479 55.18 11.30 57.78
CA ALA C 479 55.46 12.19 58.88
C ALA C 479 54.63 11.83 60.11
N LEU C 480 55.30 11.63 61.24
CA LEU C 480 54.62 11.44 62.52
C LEU C 480 54.90 12.61 63.44
N CYS C 481 53.89 13.05 64.18
CA CYS C 481 54.14 14.07 65.19
C CYS C 481 53.61 13.64 66.54
N THR C 482 54.46 13.78 67.55
CA THR C 482 54.11 13.45 68.92
C THR C 482 53.83 14.72 69.70
N LEU C 483 52.74 14.72 70.46
CA LEU C 483 52.24 15.97 71.03
C LEU C 483 52.33 16.05 72.55
N SER C 484 52.12 17.28 73.03
CA SER C 484 51.94 17.60 74.43
C SER C 484 51.60 19.09 74.51
N ALA C 485 51.26 19.58 75.70
CA ALA C 485 50.92 20.99 75.82
C ALA C 485 51.28 21.56 77.18
N PHE C 486 51.65 22.84 77.19
CA PHE C 486 51.89 23.56 78.44
C PHE C 486 50.58 24.13 78.95
N ASN C 487 50.32 23.95 80.24
CA ASN C 487 49.15 24.55 80.87
C ASN C 487 49.47 25.98 81.30
N LEU C 488 49.01 26.94 80.53
CA LEU C 488 49.30 28.34 80.77
C LEU C 488 48.70 28.86 82.07
N GLY C 489 47.70 28.13 82.59
CA GLY C 489 47.08 28.50 83.84
C GLY C 489 47.79 27.91 85.05
N ALA C 490 48.85 27.16 84.81
CA ALA C 490 49.55 26.46 85.89
C ALA C 490 50.93 27.04 86.17
N ILE C 491 51.27 28.11 85.48
CA ILE C 491 52.58 28.75 85.68
C ILE C 491 52.42 30.11 86.36
N ASN C 492 53.40 30.46 87.19
CA ASN C 492 53.41 31.74 87.88
C ASN C 492 54.26 32.77 87.15
N ASN C 493 55.29 32.30 86.44
CA ASN C 493 56.13 33.17 85.61
C ASN C 493 56.47 32.46 84.30
N LEU C 494 56.85 33.22 83.29
CA LEU C 494 57.17 32.63 81.99
C LEU C 494 58.46 31.82 82.02
N ASP C 495 59.31 32.08 83.01
CA ASP C 495 60.59 31.37 83.13
C ASP C 495 60.42 29.99 83.74
N GLU C 496 59.20 29.67 84.20
CA GLU C 496 58.91 28.32 84.68
C GLU C 496 58.80 27.35 83.52
N LEU C 497 58.73 27.91 82.31
CA LEU C 497 58.65 27.12 81.08
C LEU C 497 59.96 26.40 80.77
N GLU C 498 61.07 26.89 81.31
CA GLU C 498 62.37 26.28 81.02
C GLU C 498 62.45 24.85 81.54
N GLU C 499 62.08 24.64 82.79
CA GLU C 499 62.09 23.31 83.38
C GLU C 499 61.03 22.44 82.71
N LEU C 500 59.87 23.02 82.43
CA LEU C 500 58.78 22.30 81.78
C LEU C 500 59.10 21.91 80.35
N ALA C 501 59.84 22.75 79.63
CA ALA C 501 60.21 22.45 78.26
C ALA C 501 61.17 21.28 78.22
N ILE C 502 62.10 21.26 79.16
CA ILE C 502 63.05 20.16 79.27
C ILE C 502 62.34 18.83 79.51
N LEU C 503 61.39 18.83 80.43
CA LEU C 503 60.64 17.62 80.75
C LEU C 503 59.80 17.13 79.58
N ALA C 504 59.12 18.05 78.91
CA ALA C 504 58.23 17.69 77.82
C ALA C 504 59.02 17.18 76.62
N VAL C 505 60.08 17.87 76.25
CA VAL C 505 60.89 17.49 75.10
C VAL C 505 61.60 16.15 75.33
N ARG C 506 62.18 15.98 76.52
CA ARG C 506 62.90 14.75 76.85
C ARG C 506 61.99 13.54 76.84
N ALA C 507 60.76 13.72 77.30
CA ALA C 507 59.79 12.62 77.35
C ALA C 507 59.34 12.21 75.96
N LEU C 508 59.04 13.19 75.12
CA LEU C 508 58.54 12.92 73.77
C LEU C 508 59.65 12.40 72.87
N ASP C 509 60.88 12.86 73.12
CA ASP C 509 62.02 12.43 72.31
C ASP C 509 62.41 11.00 72.67
N ALA C 510 62.23 10.64 73.93
CA ALA C 510 62.50 9.29 74.38
C ALA C 510 61.39 8.35 73.89
N LEU C 511 60.20 8.91 73.70
CA LEU C 511 59.06 8.16 73.21
C LEU C 511 59.30 7.60 71.83
N LEU C 512 59.99 8.37 71.00
CA LEU C 512 60.24 8.00 69.62
C LEU C 512 61.04 6.71 69.51
N ASP C 513 62.00 6.56 70.42
CA ASP C 513 62.83 5.37 70.47
C ASP C 513 62.16 4.23 71.24
N TYR C 514 61.17 4.56 72.05
CA TYR C 514 60.48 3.58 72.86
C TYR C 514 59.36 2.85 72.10
N GLN C 515 58.62 3.59 71.30
CA GLN C 515 57.45 3.05 70.61
C GLN C 515 57.81 2.28 69.35
N ASP C 516 56.83 1.56 68.80
CA ASP C 516 57.03 0.78 67.58
C ASP C 516 56.45 1.50 66.37
N TYR C 517 56.79 1.02 65.19
CA TYR C 517 56.34 1.64 63.94
C TYR C 517 55.87 0.58 62.95
N PRO C 518 54.55 0.48 62.75
CA PRO C 518 53.97 -0.53 61.85
C PRO C 518 54.33 -0.29 60.38
N ILE C 519 54.62 0.96 60.03
CA ILE C 519 54.99 1.30 58.68
C ILE C 519 56.43 1.81 58.65
N PRO C 520 57.29 1.17 57.85
CA PRO C 520 58.71 1.54 57.71
C PRO C 520 58.92 3.00 57.31
N ALA C 521 58.05 3.53 56.45
CA ALA C 521 58.20 4.91 55.99
C ALA C 521 57.97 5.90 57.13
N ALA C 522 57.20 5.49 58.12
CA ALA C 522 56.92 6.35 59.25
C ALA C 522 58.10 6.40 60.19
N LYS C 523 58.80 5.28 60.33
CA LYS C 523 59.98 5.23 61.17
C LYS C 523 61.11 6.09 60.61
N ARG C 524 61.21 6.14 59.28
CA ARG C 524 62.24 6.95 58.64
C ARG C 524 62.07 8.43 59.00
N GLY C 525 60.85 8.93 58.89
CA GLY C 525 60.57 10.31 59.19
C GLY C 525 60.74 10.61 60.67
N ALA C 526 60.33 9.66 61.50
CA ALA C 526 60.41 9.82 62.93
C ALA C 526 61.85 9.78 63.42
N MET C 527 62.64 8.84 62.90
CA MET C 527 64.03 8.71 63.34
C MET C 527 64.93 9.75 62.69
N GLY C 528 64.56 10.19 61.49
CA GLY C 528 65.35 11.15 60.75
C GLY C 528 65.15 12.58 61.20
N ARG C 529 63.90 12.95 61.47
CA ARG C 529 63.57 14.34 61.80
C ARG C 529 63.21 14.55 63.26
N ARG C 530 62.69 13.50 63.89
CA ARG C 530 62.28 13.53 65.30
C ARG C 530 61.38 14.71 65.61
N THR C 531 60.32 14.85 64.83
CA THR C 531 59.44 16.02 64.93
C THR C 531 58.49 15.95 66.12
N LEU C 532 58.47 17.03 66.91
CA LEU C 532 57.58 17.14 68.05
C LEU C 532 56.56 18.26 67.83
N GLY C 533 55.43 18.18 68.53
CA GLY C 533 54.42 19.20 68.43
C GLY C 533 53.87 19.56 69.80
N ILE C 534 54.51 20.50 70.45
CA ILE C 534 54.10 20.90 71.79
C ILE C 534 53.39 22.24 71.74
N GLY C 535 52.18 22.28 72.27
CA GLY C 535 51.37 23.49 72.24
C GLY C 535 51.00 24.00 73.61
N VAL C 536 49.83 24.63 73.70
CA VAL C 536 49.36 25.19 74.97
C VAL C 536 47.89 24.88 75.23
N ILE C 537 47.50 24.96 76.48
CA ILE C 537 46.10 24.93 76.87
C ILE C 537 45.86 26.05 77.87
N ASN C 538 44.59 26.32 78.18
CA ASN C 538 44.20 27.34 79.14
C ASN C 538 44.61 28.76 78.74
N PHE C 539 44.60 29.04 77.44
CA PHE C 539 45.01 30.35 76.96
C PHE C 539 43.97 31.41 77.31
N ALA C 540 42.69 31.04 77.25
CA ALA C 540 41.61 31.95 77.59
C ALA C 540 41.63 32.28 79.08
N TYR C 541 41.93 31.28 79.89
CA TYR C 541 42.08 31.45 81.33
C TYR C 541 43.27 32.35 81.62
N TYR C 542 44.33 32.16 80.84
CA TYR C 542 45.55 32.94 80.95
C TYR C 542 45.33 34.41 80.64
N LEU C 543 44.57 34.70 79.58
CA LEU C 543 44.27 36.08 79.22
C LEU C 543 43.38 36.75 80.25
N ALA C 544 42.46 35.98 80.82
CA ALA C 544 41.52 36.48 81.82
C ALA C 544 42.22 36.89 83.11
N LYS C 545 43.25 36.14 83.50
CA LYS C 545 44.02 36.45 84.69
C LYS C 545 44.85 37.71 84.50
N HIS C 546 45.18 38.03 83.25
CA HIS C 546 45.96 39.22 82.95
C HIS C 546 45.06 40.38 82.56
N GLY C 547 43.75 40.15 82.61
CA GLY C 547 42.79 41.18 82.29
C GLY C 547 42.80 41.58 80.83
N LYS C 548 43.07 40.62 79.96
CA LYS C 548 43.11 40.88 78.52
C LYS C 548 41.93 40.22 77.79
N ARG C 549 41.70 40.63 76.54
CA ARG C 549 40.65 40.04 75.71
C ARG C 549 41.17 39.65 74.33
N TYR C 550 40.37 38.88 73.60
CA TYR C 550 40.71 38.42 72.27
C TYR C 550 40.50 39.48 71.21
N SER C 551 39.42 40.24 71.34
CA SER C 551 38.89 41.02 70.23
C SER C 551 39.46 42.44 70.10
N ASP C 552 39.86 43.04 71.20
CA ASP C 552 40.25 44.45 71.18
C ASP C 552 41.73 44.69 70.87
N GLY C 553 42.54 43.63 70.91
CA GLY C 553 43.96 43.77 70.65
C GLY C 553 44.75 44.02 71.92
N SER C 554 44.08 43.87 73.05
CA SER C 554 44.71 44.12 74.35
C SER C 554 45.67 43.02 74.74
N ALA C 555 45.58 41.89 74.07
CA ALA C 555 46.40 40.74 74.43
C ALA C 555 47.54 40.52 73.47
N ASN C 556 47.69 41.43 72.51
CA ASN C 556 48.68 41.30 71.46
C ASN C 556 50.12 41.24 71.97
N ASN C 557 50.50 42.22 72.79
CA ASN C 557 51.86 42.29 73.32
C ASN C 557 52.15 41.17 74.31
N LEU C 558 51.14 40.81 75.09
CA LEU C 558 51.26 39.73 76.06
C LEU C 558 51.44 38.40 75.34
N THR C 559 50.72 38.21 74.24
CA THR C 559 50.83 37.00 73.44
C THR C 559 52.21 36.90 72.82
N HIS C 560 52.71 38.02 72.33
CA HIS C 560 54.06 38.08 71.76
C HIS C 560 55.10 37.68 72.82
N LYS C 561 54.95 38.26 74.01
CA LYS C 561 55.86 37.98 75.11
C LYS C 561 55.81 36.52 75.53
N THR C 562 54.60 35.98 75.58
CA THR C 562 54.38 34.61 76.07
C THR C 562 54.93 33.55 75.11
N PHE C 563 54.60 33.68 73.84
CA PHE C 563 54.96 32.67 72.87
C PHE C 563 56.41 32.82 72.42
N GLU C 564 57.02 33.97 72.70
CA GLU C 564 58.45 34.11 72.52
C GLU C 564 59.18 33.21 73.51
N ALA C 565 58.71 33.23 74.75
CA ALA C 565 59.31 32.44 75.81
C ALA C 565 59.12 30.94 75.57
N ILE C 566 57.95 30.58 75.08
CA ILE C 566 57.62 29.18 74.81
C ILE C 566 58.58 28.60 73.79
N GLN C 567 58.69 29.28 72.66
CA GLN C 567 59.55 28.80 71.58
C GLN C 567 61.01 28.85 71.96
N TYR C 568 61.41 29.88 72.69
CA TYR C 568 62.79 30.00 73.13
C TYR C 568 63.21 28.83 74.00
N TYR C 569 62.37 28.50 74.98
CA TYR C 569 62.71 27.45 75.93
C TYR C 569 62.56 26.05 75.33
N LEU C 570 61.72 25.94 74.31
CA LEU C 570 61.59 24.69 73.56
C LEU C 570 62.84 24.43 72.73
N LEU C 571 63.31 25.45 72.02
CA LEU C 571 64.54 25.35 71.26
C LEU C 571 65.74 25.09 72.16
N LYS C 572 65.78 25.77 73.30
CA LYS C 572 66.87 25.62 74.23
C LYS C 572 66.91 24.20 74.80
N ALA C 573 65.74 23.64 75.07
CA ALA C 573 65.65 22.27 75.56
C ALA C 573 66.12 21.27 74.52
N SER C 574 65.72 21.49 73.27
CA SER C 574 66.09 20.61 72.18
C SER C 574 67.56 20.77 71.79
N ASN C 575 68.07 21.98 71.98
CA ASN C 575 69.47 22.27 71.73
C ASN C 575 70.38 21.61 72.77
N GLU C 576 69.96 21.66 74.03
CA GLU C 576 70.71 21.04 75.11
C GLU C 576 70.66 19.52 74.96
N LEU C 577 69.53 19.01 74.49
CA LEU C 577 69.35 17.57 74.30
C LEU C 577 70.14 17.08 73.10
N ALA C 578 70.41 17.98 72.17
CA ALA C 578 71.25 17.64 71.03
C ALA C 578 72.69 17.52 71.47
N LYS C 579 73.10 18.36 72.42
CA LYS C 579 74.45 18.31 72.97
C LYS C 579 74.69 16.99 73.69
N GLU C 580 73.66 16.48 74.34
CA GLU C 580 73.79 15.28 75.17
C GLU C 580 73.70 13.99 74.35
N GLN C 581 72.83 13.97 73.36
CA GLN C 581 72.53 12.73 72.65
C GLN C 581 72.73 12.81 71.13
N GLY C 582 73.08 13.99 70.63
CA GLY C 582 73.30 14.18 69.21
C GLY C 582 72.09 14.74 68.51
N ALA C 583 72.31 15.58 67.51
CA ALA C 583 71.21 16.16 66.74
C ALA C 583 70.52 15.11 65.87
N CYS C 584 69.31 15.40 65.44
CA CYS C 584 68.59 14.47 64.56
C CYS C 584 69.34 14.33 63.25
N PRO C 585 69.39 13.12 62.70
CA PRO C 585 70.14 12.78 61.48
C PRO C 585 69.92 13.73 60.31
N TRP C 586 68.68 14.18 60.11
CA TRP C 586 68.37 15.02 58.96
C TRP C 586 68.25 16.49 59.34
N PHE C 587 69.02 16.91 60.33
CA PHE C 587 68.99 18.30 60.79
C PHE C 587 69.42 19.28 59.72
N ASN C 588 70.32 18.87 58.83
CA ASN C 588 70.79 19.76 57.77
C ASN C 588 69.73 20.11 56.75
N GLU C 589 68.55 19.50 56.83
CA GLU C 589 67.46 19.83 55.92
C GLU C 589 66.61 20.95 56.50
N THR C 590 67.00 21.44 57.67
CA THR C 590 66.23 22.47 58.35
C THR C 590 66.78 23.86 58.07
N THR C 591 65.94 24.87 58.29
CA THR C 591 66.39 26.25 58.19
C THR C 591 67.24 26.60 59.41
N TYR C 592 67.04 25.85 60.49
CA TYR C 592 67.84 26.02 61.69
C TYR C 592 69.32 25.73 61.45
N ALA C 593 69.59 24.76 60.58
CA ALA C 593 70.96 24.35 60.28
C ALA C 593 71.75 25.47 59.61
N LYS C 594 71.04 26.34 58.89
CA LYS C 594 71.65 27.50 58.25
C LYS C 594 71.70 28.71 59.18
N GLY C 595 71.27 28.56 60.42
CA GLY C 595 71.27 29.65 61.36
C GLY C 595 70.07 30.57 61.22
N ILE C 596 69.00 30.04 60.64
CA ILE C 596 67.77 30.80 60.46
C ILE C 596 66.76 30.45 61.55
N LEU C 597 66.16 31.48 62.13
CA LEU C 597 65.21 31.34 63.23
C LEU C 597 63.82 31.79 62.81
N PRO C 598 62.78 31.41 63.56
CA PRO C 598 61.42 31.89 63.25
C PRO C 598 61.32 33.43 63.27
N ILE C 599 62.15 34.08 64.07
CA ILE C 599 62.13 35.54 64.19
C ILE C 599 62.73 36.21 62.96
N ASP C 600 63.26 35.41 62.04
CA ASP C 600 63.86 35.93 60.82
C ASP C 600 62.90 35.87 59.65
N THR C 601 61.90 34.98 59.73
CA THR C 601 61.10 34.66 58.56
C THR C 601 59.60 34.91 58.72
N TYR C 602 59.20 35.53 59.82
CA TYR C 602 57.78 35.75 60.06
C TYR C 602 57.24 36.80 59.08
N LYS C 603 55.93 36.87 58.94
CA LYS C 603 55.35 37.87 58.05
C LYS C 603 55.45 39.25 58.69
N LYS C 604 56.03 40.21 57.96
CA LYS C 604 56.36 41.51 58.51
C LYS C 604 55.13 42.34 58.89
N ASP C 605 53.96 41.96 58.39
CA ASP C 605 52.74 42.69 58.71
C ASP C 605 52.40 42.58 60.19
N LEU C 606 53.03 41.63 60.88
CA LEU C 606 52.85 41.46 62.31
C LEU C 606 53.39 42.65 63.09
N ASP C 607 54.33 43.38 62.49
CA ASP C 607 54.96 44.52 63.14
C ASP C 607 54.01 45.69 63.34
N THR C 608 52.87 45.67 62.66
CA THR C 608 51.92 46.77 62.73
C THR C 608 50.89 46.56 63.83
N ILE C 609 50.86 45.35 64.39
CA ILE C 609 49.86 45.02 65.39
C ILE C 609 50.47 44.65 66.73
N ALA C 610 51.80 44.75 66.83
CA ALA C 610 52.49 44.47 68.07
C ALA C 610 53.85 45.17 68.13
N ASN C 611 54.16 45.78 69.27
CA ASN C 611 55.44 46.44 69.44
C ASN C 611 56.26 45.85 70.58
N GLU C 612 55.93 44.62 70.99
CA GLU C 612 56.66 43.95 72.05
C GLU C 612 58.04 43.50 71.56
N PRO C 613 59.09 43.91 72.29
CA PRO C 613 60.46 43.51 71.93
C PRO C 613 60.78 42.10 72.40
N LEU C 614 61.82 41.51 71.83
CA LEU C 614 62.28 40.20 72.26
C LEU C 614 63.03 40.35 73.59
N HIS C 615 62.68 39.53 74.58
CA HIS C 615 63.26 39.67 75.91
C HIS C 615 64.41 38.68 76.11
N TYR C 616 64.49 37.69 75.23
CA TYR C 616 65.49 36.64 75.36
C TYR C 616 66.59 36.79 74.32
N ASP C 617 67.73 36.17 74.60
CA ASP C 617 68.91 36.27 73.75
C ASP C 617 68.85 35.26 72.60
N TRP C 618 68.24 35.66 71.50
CA TRP C 618 68.07 34.77 70.36
C TRP C 618 69.36 34.61 69.56
N GLU C 619 70.25 35.59 69.66
CA GLU C 619 71.50 35.56 68.92
C GLU C 619 72.46 34.54 69.51
N ALA C 620 72.46 34.40 70.83
CA ALA C 620 73.23 33.37 71.49
C ALA C 620 72.65 31.99 71.18
N LEU C 621 71.33 31.91 71.13
CA LEU C 621 70.64 30.66 70.83
C LEU C 621 70.88 30.26 69.37
N ARG C 622 70.86 31.25 68.50
CA ARG C 622 71.14 31.04 67.08
C ARG C 622 72.50 30.39 66.86
N GLU C 623 73.50 30.88 67.60
CA GLU C 623 74.85 30.38 67.49
C GLU C 623 74.98 28.95 67.99
N SER C 624 74.29 28.64 69.09
CA SER C 624 74.34 27.33 69.69
C SER C 624 73.63 26.30 68.82
N ILE C 625 72.53 26.71 68.18
CA ILE C 625 71.78 25.86 67.27
C ILE C 625 72.58 25.61 65.99
N LYS C 626 73.18 26.67 65.47
CA LYS C 626 73.98 26.58 64.25
C LYS C 626 75.20 25.68 64.48
N THR C 627 75.69 25.65 65.71
CA THR C 627 76.89 24.87 66.03
C THR C 627 76.56 23.45 66.48
N HIS C 628 75.64 23.31 67.42
CA HIS C 628 75.38 22.00 68.03
C HIS C 628 74.09 21.35 67.55
N GLY C 629 73.25 22.11 66.84
CA GLY C 629 72.04 21.55 66.26
C GLY C 629 70.85 21.40 67.19
N LEU C 630 69.79 20.79 66.67
CA LEU C 630 68.61 20.46 67.48
C LEU C 630 68.34 18.96 67.45
N ARG C 631 67.87 18.43 68.57
CA ARG C 631 67.48 17.03 68.67
C ARG C 631 66.21 16.79 67.87
N ASN C 632 65.42 17.85 67.72
CA ASN C 632 64.13 17.76 67.06
C ASN C 632 63.97 18.84 65.99
N SER C 633 63.52 18.43 64.81
CA SER C 633 63.37 19.36 63.69
C SER C 633 62.24 20.35 63.93
N THR C 634 61.18 19.90 64.57
CA THR C 634 60.10 20.79 65.00
C THR C 634 59.85 20.58 66.49
N LEU C 635 59.23 21.56 67.13
CA LEU C 635 58.96 21.48 68.56
C LEU C 635 57.58 21.99 68.92
N SER C 636 57.10 23.00 68.21
CA SER C 636 55.85 23.64 68.58
C SER C 636 54.76 23.48 67.52
N ALA C 637 53.54 23.29 68.01
CA ALA C 637 52.35 23.20 67.19
C ALA C 637 51.15 23.36 68.11
N LEU C 638 50.20 24.21 67.72
CA LEU C 638 49.07 24.48 68.60
C LEU C 638 47.84 23.66 68.23
N MET C 639 47.68 22.53 68.90
CA MET C 639 46.55 21.63 68.68
C MET C 639 45.34 22.10 69.47
N PRO C 640 44.14 21.66 69.08
CA PRO C 640 42.92 22.06 69.78
C PRO C 640 42.80 21.46 71.18
N SER C 641 43.35 20.26 71.37
CA SER C 641 43.29 19.55 72.65
C SER C 641 41.87 19.42 73.19
N GLU C 642 40.96 19.04 72.32
CA GLU C 642 39.54 18.96 72.67
C GLU C 642 39.24 18.02 73.85
N THR C 643 39.94 16.90 73.89
CA THR C 643 39.73 15.91 74.94
C THR C 643 40.74 16.05 76.07
N SER C 644 42.00 16.14 75.71
CA SER C 644 43.09 16.09 76.69
C SER C 644 43.14 17.29 77.63
N SER C 645 42.59 18.43 77.21
CA SER C 645 42.61 19.62 78.05
C SER C 645 41.59 19.53 79.17
N GLN C 646 40.65 18.60 79.04
CA GLN C 646 39.60 18.46 80.03
C GLN C 646 40.13 17.82 81.31
N ILE C 647 41.26 17.13 81.20
CA ILE C 647 41.88 16.44 82.33
C ILE C 647 42.26 17.41 83.43
N SER C 648 42.74 18.59 83.02
CA SER C 648 43.13 19.61 83.95
C SER C 648 42.04 20.68 84.08
N ASN C 649 40.87 20.36 83.52
CA ASN C 649 39.74 21.28 83.49
C ASN C 649 40.08 22.59 82.82
N ALA C 650 40.98 22.53 81.84
CA ALA C 650 41.46 23.73 81.18
C ALA C 650 40.54 24.16 80.05
N THR C 651 40.57 25.45 79.72
CA THR C 651 39.97 25.91 78.49
C THR C 651 40.83 25.36 77.36
N ASN C 652 40.20 24.73 76.37
CA ASN C 652 40.94 24.00 75.35
C ASN C 652 41.75 24.87 74.40
N GLY C 653 43.04 24.54 74.26
CA GLY C 653 43.94 25.22 73.35
C GLY C 653 44.01 26.71 73.51
N ILE C 654 43.83 27.43 72.41
CA ILE C 654 43.83 28.88 72.41
C ILE C 654 42.41 29.41 72.27
N GLU C 655 41.45 28.50 72.23
CA GLU C 655 40.06 28.86 71.99
C GLU C 655 39.38 29.44 73.21
N PRO C 656 38.56 30.47 73.01
CA PRO C 656 37.71 30.98 74.09
C PRO C 656 36.56 30.02 74.34
N PRO C 657 36.21 29.81 75.62
CA PRO C 657 35.12 28.89 75.99
C PRO C 657 33.75 29.31 75.48
N ARG C 658 32.89 28.33 75.27
CA ARG C 658 31.52 28.56 74.81
C ARG C 658 30.69 29.25 75.88
N GLY C 659 30.95 28.91 77.14
CA GLY C 659 30.24 29.50 78.26
C GLY C 659 31.00 29.27 79.55
N TYR C 660 30.53 29.92 80.62
CA TYR C 660 31.14 29.73 81.93
C TYR C 660 30.91 28.28 82.34
N VAL C 661 29.74 27.77 81.98
CA VAL C 661 29.47 26.34 82.08
C VAL C 661 29.18 25.80 80.68
N SER C 662 30.16 25.09 80.12
CA SER C 662 30.03 24.54 78.78
C SER C 662 29.45 23.14 78.83
N ILE C 663 28.63 22.81 77.84
CA ILE C 663 28.09 21.46 77.71
C ILE C 663 28.82 20.70 76.61
N LYS C 664 29.58 19.68 77.02
CA LYS C 664 30.37 18.90 76.07
C LYS C 664 29.84 17.48 75.89
N ALA C 665 30.26 16.85 74.80
CA ALA C 665 29.75 15.54 74.42
C ALA C 665 30.56 14.42 75.05
N SER C 666 29.89 13.29 75.27
CA SER C 666 30.54 12.10 75.81
C SER C 666 29.76 10.86 75.42
N LYS C 667 30.40 9.70 75.53
CA LYS C 667 29.76 8.43 75.21
C LYS C 667 28.63 8.12 76.19
N ASP C 668 28.77 8.61 77.42
CA ASP C 668 27.80 8.35 78.47
C ASP C 668 26.65 9.36 78.43
N GLY C 669 26.95 10.60 78.10
CA GLY C 669 25.94 11.64 77.99
C GLY C 669 26.58 13.01 77.90
N ILE C 670 25.84 14.04 78.31
CA ILE C 670 26.38 15.40 78.27
C ILE C 670 27.19 15.68 79.52
N LEU C 671 28.27 16.45 79.38
CA LEU C 671 29.08 16.84 80.51
C LEU C 671 29.04 18.34 80.69
N ARG C 672 29.01 18.78 81.94
CA ARG C 672 29.09 20.20 82.24
C ARG C 672 30.49 20.53 82.73
N GLN C 673 31.13 21.51 82.09
CA GLN C 673 32.47 21.90 82.44
C GLN C 673 32.53 23.38 82.77
N VAL C 674 33.08 23.70 83.94
CA VAL C 674 33.21 25.07 84.39
C VAL C 674 34.58 25.63 84.06
N VAL C 675 34.62 26.88 83.61
CA VAL C 675 35.87 27.57 83.38
C VAL C 675 36.65 27.64 84.69
N PRO C 676 37.98 27.55 84.61
CA PRO C 676 38.82 27.62 85.81
C PRO C 676 38.66 28.94 86.56
N ASP C 677 38.48 28.85 87.87
CA ASP C 677 38.37 30.03 88.74
C ASP C 677 37.23 30.93 88.31
N TYR C 678 36.05 30.35 88.14
CA TYR C 678 34.87 31.11 87.73
C TYR C 678 34.47 32.17 88.74
N GLU C 679 34.64 31.82 90.01
CA GLU C 679 34.22 32.67 91.12
C GLU C 679 34.90 34.03 91.08
N HIS C 680 36.19 34.03 90.76
CA HIS C 680 36.98 35.24 90.76
C HIS C 680 37.04 35.91 89.39
N LEU C 681 36.77 35.15 88.33
CA LEU C 681 36.96 35.66 86.97
C LEU C 681 35.72 35.62 86.09
N HIS C 682 34.53 35.62 86.70
CA HIS C 682 33.30 35.52 85.93
C HIS C 682 33.13 36.68 84.95
N ASP C 683 33.65 37.85 85.31
CA ASP C 683 33.58 39.01 84.43
C ASP C 683 34.79 39.13 83.52
N ALA C 684 35.84 38.38 83.84
CA ALA C 684 37.11 38.54 83.15
C ALA C 684 37.16 37.81 81.81
N TYR C 685 36.42 36.72 81.71
CA TYR C 685 36.40 35.94 80.49
C TYR C 685 35.68 36.64 79.37
N GLU C 686 36.12 36.40 78.14
CA GLU C 686 35.39 36.83 76.96
C GLU C 686 34.91 35.58 76.25
N LEU C 687 33.63 35.27 76.40
CA LEU C 687 33.08 34.04 75.83
C LEU C 687 33.11 34.10 74.31
N LEU C 688 32.98 32.93 73.70
CA LEU C 688 33.12 32.79 72.25
C LEU C 688 32.21 33.72 71.47
N TRP C 689 30.94 33.75 71.85
CA TRP C 689 29.96 34.53 71.10
C TRP C 689 29.78 35.94 71.66
N GLU C 690 30.69 36.37 72.52
CA GLU C 690 30.67 37.73 73.01
C GLU C 690 31.62 38.59 72.19
N MET C 691 32.20 37.98 71.16
CA MET C 691 33.19 38.64 70.33
C MET C 691 32.53 39.22 69.08
N PRO C 692 32.94 40.44 68.71
CA PRO C 692 32.38 41.16 67.56
C PRO C 692 32.68 40.47 66.23
N GLY C 693 33.84 39.84 66.13
CA GLY C 693 34.25 39.21 64.90
C GLY C 693 35.54 38.43 65.08
N ASN C 694 36.27 38.22 63.99
CA ASN C 694 37.46 37.39 64.02
C ASN C 694 38.78 38.15 63.94
N ASP C 695 38.71 39.46 63.70
CA ASP C 695 39.88 40.30 63.51
C ASP C 695 40.87 40.19 64.66
N GLY C 696 40.38 40.39 65.88
CA GLY C 696 41.21 40.32 67.07
C GLY C 696 41.81 38.95 67.31
N TYR C 697 41.03 37.91 67.09
CA TYR C 697 41.50 36.54 67.26
C TYR C 697 42.58 36.19 66.24
N LEU C 698 42.36 36.58 65.00
CA LEU C 698 43.30 36.28 63.92
C LEU C 698 44.63 36.98 64.12
N GLN C 699 44.61 38.14 64.77
CA GLN C 699 45.84 38.86 65.07
C GLN C 699 46.65 38.10 66.11
N LEU C 700 45.97 37.54 67.10
CA LEU C 700 46.62 36.74 68.14
C LEU C 700 47.22 35.48 67.53
N VAL C 701 46.49 34.84 66.63
CA VAL C 701 46.98 33.67 65.93
C VAL C 701 48.21 34.02 65.10
N GLY C 702 48.14 35.16 64.43
CA GLY C 702 49.25 35.63 63.62
C GLY C 702 50.50 35.87 64.46
N ILE C 703 50.31 36.44 65.64
CA ILE C 703 51.42 36.70 66.56
C ILE C 703 52.02 35.40 67.09
N MET C 704 51.17 34.43 67.39
CA MET C 704 51.63 33.11 67.83
C MET C 704 52.47 32.45 66.76
N GLN C 705 52.00 32.56 65.52
CA GLN C 705 52.63 31.90 64.38
C GLN C 705 54.05 32.40 64.12
N LYS C 706 54.36 33.57 64.64
CA LYS C 706 55.69 34.15 64.51
C LYS C 706 56.75 33.24 65.13
N PHE C 707 56.36 32.50 66.16
CA PHE C 707 57.30 31.66 66.89
C PHE C 707 57.05 30.17 66.67
N ILE C 708 55.82 29.80 66.35
CA ILE C 708 55.44 28.39 66.21
C ILE C 708 56.08 27.71 64.99
N ASP C 709 56.72 26.56 65.21
CA ASP C 709 57.38 25.81 64.15
C ASP C 709 56.42 25.33 63.07
N GLN C 710 55.33 24.70 63.50
CA GLN C 710 54.37 24.16 62.56
C GLN C 710 53.20 25.13 62.38
N SER C 711 51.99 24.69 62.71
CA SER C 711 50.84 25.56 62.54
C SER C 711 49.93 25.59 63.75
N ILE C 712 48.77 26.20 63.55
CA ILE C 712 47.80 26.43 64.61
C ILE C 712 46.41 26.05 64.12
N SER C 713 45.67 25.35 64.96
CA SER C 713 44.29 24.97 64.63
C SER C 713 43.35 26.16 64.76
N ALA C 714 43.49 27.13 63.86
CA ALA C 714 42.76 28.39 63.99
C ALA C 714 41.29 28.26 63.58
N ASN C 715 40.40 28.68 64.48
CA ASN C 715 38.98 28.65 64.22
C ASN C 715 38.47 29.99 63.73
N THR C 716 37.41 29.97 62.92
CA THR C 716 36.69 31.18 62.59
C THR C 716 35.27 31.03 63.13
N ASN C 717 34.69 32.13 63.59
CA ASN C 717 33.38 32.07 64.20
C ASN C 717 32.43 33.13 63.65
N TYR C 718 31.18 32.74 63.45
CA TYR C 718 30.19 33.66 62.93
C TYR C 718 28.82 33.47 63.58
N ASP C 719 28.24 34.59 64.02
CA ASP C 719 26.89 34.62 64.57
C ASP C 719 25.96 35.31 63.58
N PRO C 720 25.12 34.52 62.88
CA PRO C 720 24.19 35.03 61.87
C PRO C 720 23.28 36.14 62.38
N SER C 721 22.93 36.09 63.67
CA SER C 721 22.04 37.08 64.27
C SER C 721 22.71 38.46 64.36
N ARG C 722 24.03 38.49 64.22
CA ARG C 722 24.76 39.74 64.27
C ARG C 722 24.78 40.43 62.91
N PHE C 723 24.23 39.75 61.91
CA PHE C 723 24.26 40.25 60.54
C PHE C 723 22.86 40.56 60.02
N PRO C 724 22.77 41.53 59.10
CA PRO C 724 21.50 41.87 58.46
C PRO C 724 20.88 40.69 57.73
N SER C 725 19.58 40.50 57.90
CA SER C 725 18.82 39.41 57.29
C SER C 725 19.28 38.03 57.75
N GLY C 726 20.04 37.98 58.84
CA GLY C 726 20.42 36.73 59.47
C GLY C 726 21.30 35.80 58.64
N LYS C 727 21.99 36.36 57.66
CA LYS C 727 22.91 35.56 56.85
C LYS C 727 24.25 36.25 56.70
N VAL C 728 25.32 35.50 56.96
CA VAL C 728 26.67 36.04 56.88
C VAL C 728 27.07 36.24 55.42
N PRO C 729 27.36 37.50 55.05
CA PRO C 729 27.71 37.81 53.66
C PRO C 729 29.03 37.18 53.24
N MET C 730 29.12 36.80 51.97
CA MET C 730 30.33 36.19 51.43
C MET C 730 31.50 37.16 51.51
N GLN C 731 31.19 38.45 51.42
CA GLN C 731 32.21 39.48 51.49
C GLN C 731 32.93 39.46 52.83
N GLN C 732 32.20 39.12 53.88
CA GLN C 732 32.78 39.04 55.22
C GLN C 732 33.62 37.77 55.37
N LEU C 733 33.17 36.68 54.77
CA LEU C 733 33.91 35.43 54.80
C LEU C 733 35.25 35.57 54.08
N LEU C 734 35.22 36.23 52.94
CA LEU C 734 36.43 36.44 52.16
C LEU C 734 37.33 37.46 52.82
N LYS C 735 36.75 38.41 53.53
CA LYS C 735 37.51 39.45 54.23
C LYS C 735 38.36 38.87 55.36
N ASP C 736 37.76 38.02 56.17
CA ASP C 736 38.49 37.37 57.26
C ASP C 736 39.54 36.43 56.72
N LEU C 737 39.24 35.81 55.58
CA LEU C 737 40.16 34.91 54.91
C LEU C 737 41.43 35.63 54.48
N LEU C 738 41.27 36.82 53.92
CA LEU C 738 42.40 37.63 53.47
C LEU C 738 43.17 38.20 54.64
N THR C 739 42.45 38.48 55.72
CA THR C 739 43.05 38.99 56.95
C THR C 739 44.01 37.98 57.55
N ALA C 740 43.58 36.72 57.58
CA ALA C 740 44.41 35.63 58.07
C ALA C 740 45.69 35.52 57.27
N TYR C 741 45.58 35.59 55.96
CA TYR C 741 46.74 35.53 55.09
C TYR C 741 47.65 36.74 55.32
N LYS C 742 47.04 37.91 55.52
CA LYS C 742 47.77 39.15 55.72
C LYS C 742 48.71 39.07 56.91
N PHE C 743 48.27 38.38 57.95
CA PHE C 743 49.03 38.28 59.19
C PHE C 743 49.79 36.95 59.30
N GLY C 744 49.92 36.24 58.18
CA GLY C 744 50.78 35.07 58.11
C GLY C 744 50.19 33.78 58.66
N VAL C 745 48.88 33.73 58.82
CA VAL C 745 48.22 32.52 59.28
C VAL C 745 48.40 31.41 58.25
N LYS C 746 48.93 30.27 58.69
CA LYS C 746 49.23 29.18 57.77
C LYS C 746 47.99 28.37 57.41
N THR C 747 47.18 28.04 58.40
CA THR C 747 46.05 27.16 58.18
C THR C 747 44.79 27.68 58.88
N LEU C 748 43.64 27.23 58.39
CA LEU C 748 42.37 27.53 59.02
C LEU C 748 41.60 26.24 59.28
N TYR C 749 41.22 26.03 60.54
CA TYR C 749 40.53 24.82 60.94
C TYR C 749 39.02 25.02 60.87
N TYR C 750 38.31 24.70 61.95
N TYR C 750 38.30 24.65 61.91
CA TYR C 750 36.86 24.79 62.03
CA TYR C 750 36.83 24.67 61.92
C TYR C 750 36.35 26.18 61.70
C TYR C 750 36.26 26.09 61.83
N GLN C 751 35.17 26.24 61.08
CA GLN C 751 34.38 27.47 61.10
C GLN C 751 33.13 27.23 61.90
N ASN C 752 32.94 27.97 62.99
N ASN C 752 32.95 28.01 62.96
CA ASN C 752 31.76 27.83 63.84
CA ASN C 752 31.77 27.90 63.77
C ASN C 752 30.63 28.78 63.47
C ASN C 752 30.65 28.77 63.27
N THR C 753 29.43 28.22 63.28
CA THR C 753 28.25 29.00 63.04
C THR C 753 27.30 28.79 64.21
N ARG C 754 26.96 29.85 64.92
CA ARG C 754 26.09 29.73 66.09
C ARG C 754 24.67 29.29 65.73
N ASP C 755 24.06 28.46 66.58
CA ASP C 755 22.66 28.08 66.41
C ASP C 755 21.75 28.96 67.24
N ASN D 23 22.44 17.87 -6.06
CA ASN D 23 23.23 19.09 -6.25
C ASN D 23 23.94 19.48 -4.96
N LEU D 24 23.91 18.57 -4.00
CA LEU D 24 24.49 18.76 -2.67
C LEU D 24 26.00 18.48 -2.63
N LEU D 25 26.67 18.99 -1.61
CA LEU D 25 28.08 18.68 -1.39
C LEU D 25 28.26 17.81 -0.14
N VAL D 26 29.35 17.05 -0.11
CA VAL D 26 29.74 16.28 1.07
C VAL D 26 31.15 16.67 1.52
N THR D 27 31.45 16.44 2.79
CA THR D 27 32.77 16.73 3.33
C THR D 27 33.57 15.44 3.50
N LYS D 28 34.69 15.36 2.80
CA LYS D 28 35.54 14.17 2.81
C LYS D 28 36.32 14.05 4.12
N ARG D 29 37.13 13.00 4.23
CA ARG D 29 37.90 12.77 5.45
C ARG D 29 39.05 13.74 5.66
N ASP D 30 39.66 14.19 4.56
CA ASP D 30 40.76 15.15 4.65
C ASP D 30 40.27 16.57 4.90
N GLY D 31 38.95 16.73 4.88
CA GLY D 31 38.35 18.03 5.16
C GLY D 31 37.89 18.73 3.90
N SER D 32 38.30 18.22 2.74
CA SER D 32 37.90 18.79 1.48
C SER D 32 36.47 18.41 1.16
N THR D 33 35.92 18.99 0.10
CA THR D 33 34.55 18.70 -0.29
C THR D 33 34.45 18.24 -1.74
N GLU D 34 33.41 17.47 -2.04
CA GLU D 34 33.12 17.09 -3.41
C GLU D 34 31.62 16.90 -3.61
N ARG D 35 31.19 16.89 -4.87
CA ARG D 35 29.78 16.75 -5.19
C ARG D 35 29.20 15.43 -4.71
N ILE D 36 27.95 15.48 -4.24
CA ILE D 36 27.27 14.30 -3.73
C ILE D 36 27.12 13.25 -4.83
N ASN D 37 27.38 12.00 -4.50
CA ASN D 37 27.21 10.93 -5.46
C ASN D 37 26.46 9.76 -4.84
N LEU D 38 25.16 9.68 -5.08
CA LEU D 38 24.34 8.64 -4.46
C LEU D 38 24.71 7.27 -4.99
N ASP D 39 25.42 7.22 -6.10
CA ASP D 39 25.87 5.96 -6.67
C ASP D 39 26.99 5.36 -5.83
N LYS D 40 27.79 6.23 -5.21
CA LYS D 40 28.87 5.78 -4.35
C LYS D 40 28.35 5.10 -3.09
N ILE D 41 27.34 5.68 -2.47
CA ILE D 41 26.69 5.11 -1.29
C ILE D 41 26.04 3.80 -1.67
N HIS D 42 25.46 3.85 -2.86
CA HIS D 42 24.70 2.80 -3.49
C HIS D 42 25.55 1.53 -3.69
N ARG D 43 26.77 1.75 -4.14
CA ARG D 43 27.72 0.68 -4.42
C ARG D 43 28.14 -0.01 -3.15
N VAL D 44 28.35 0.78 -2.11
CA VAL D 44 28.77 0.27 -0.81
C VAL D 44 27.69 -0.60 -0.18
N LEU D 45 26.44 -0.18 -0.31
CA LEU D 45 25.34 -0.93 0.25
C LEU D 45 25.18 -2.29 -0.42
N ASP D 46 25.40 -2.31 -1.73
CA ASP D 46 25.26 -3.55 -2.49
C ASP D 46 26.36 -4.53 -2.13
N ALA D 47 27.53 -3.98 -1.87
CA ALA D 47 28.71 -4.75 -1.52
C ALA D 47 28.51 -5.43 -0.17
N ALA D 48 27.78 -4.77 0.71
CA ALA D 48 27.50 -5.30 2.04
C ALA D 48 26.28 -6.21 2.03
N ALA D 49 25.47 -6.14 0.98
CA ALA D 49 24.25 -6.93 0.89
C ALA D 49 24.46 -8.22 0.12
N GLU D 50 25.71 -8.46 -0.28
CA GLU D 50 26.07 -9.62 -1.07
C GLU D 50 25.81 -10.94 -0.35
N GLY D 51 24.93 -11.75 -0.91
CA GLY D 51 24.65 -13.07 -0.36
C GLY D 51 23.59 -13.04 0.72
N LEU D 52 23.09 -11.86 1.04
CA LEU D 52 22.10 -11.73 2.10
C LEU D 52 20.70 -11.88 1.54
N HIS D 53 19.76 -12.28 2.38
CA HIS D 53 18.40 -12.50 1.91
C HIS D 53 17.37 -11.63 2.60
N ASN D 54 16.35 -11.26 1.84
CA ASN D 54 15.22 -10.48 2.31
C ASN D 54 15.63 -9.12 2.88
N VAL D 55 16.72 -8.58 2.35
CA VAL D 55 17.15 -7.23 2.73
C VAL D 55 16.90 -6.27 1.58
N SER D 56 16.60 -5.02 1.91
CA SER D 56 16.25 -4.05 0.89
C SER D 56 17.16 -2.83 0.92
N ILE D 57 17.97 -2.68 -0.12
CA ILE D 57 18.82 -1.49 -0.27
C ILE D 57 17.93 -0.28 -0.44
N SER D 58 16.82 -0.47 -1.15
CA SER D 58 15.88 0.60 -1.41
C SER D 58 15.37 1.18 -0.10
N GLN D 59 15.00 0.30 0.82
CA GLN D 59 14.54 0.71 2.14
C GLN D 59 15.60 1.48 2.90
N VAL D 60 16.84 0.99 2.85
CA VAL D 60 17.92 1.64 3.58
C VAL D 60 18.22 3.02 3.02
N GLU D 61 18.24 3.15 1.70
CA GLU D 61 18.52 4.43 1.06
C GLU D 61 17.45 5.47 1.40
N LEU D 62 16.19 5.07 1.39
CA LEU D 62 15.12 6.01 1.72
C LEU D 62 15.26 6.51 3.16
N ARG D 63 15.65 5.63 4.07
CA ARG D 63 15.81 6.00 5.47
C ARG D 63 17.05 6.85 5.67
N SER D 64 17.98 6.77 4.71
CA SER D 64 19.27 7.43 4.84
C SER D 64 19.31 8.81 4.16
N HIS D 65 18.76 8.89 2.96
CA HIS D 65 18.82 10.11 2.15
C HIS D 65 18.19 11.31 2.82
N ILE D 66 17.09 11.10 3.53
CA ILE D 66 16.34 12.20 4.14
C ILE D 66 17.14 12.90 5.23
N GLN D 67 18.14 12.23 5.78
CA GLN D 67 18.92 12.83 6.85
C GLN D 67 20.15 13.52 6.27
N PHE D 68 20.32 13.41 4.96
CA PHE D 68 21.46 14.03 4.29
C PHE D 68 21.24 15.53 4.14
N TYR D 69 22.34 16.27 4.18
CA TYR D 69 22.30 17.72 4.07
C TYR D 69 23.56 18.22 3.37
N ASP D 70 23.54 19.47 2.93
CA ASP D 70 24.67 20.03 2.20
C ASP D 70 25.92 20.12 3.07
N GLY D 71 26.99 19.51 2.59
CA GLY D 71 28.27 19.56 3.28
C GLY D 71 28.38 18.53 4.38
N ILE D 72 27.48 17.54 4.37
CA ILE D 72 27.47 16.50 5.39
C ILE D 72 28.76 15.71 5.35
N LYS D 73 29.31 15.43 6.54
CA LYS D 73 30.54 14.66 6.63
C LYS D 73 30.36 13.25 6.10
N THR D 74 31.40 12.76 5.46
CA THR D 74 31.39 11.44 4.84
C THR D 74 31.27 10.33 5.89
N SER D 75 31.72 10.61 7.10
CA SER D 75 31.64 9.63 8.18
C SER D 75 30.24 9.57 8.76
N ASP D 76 29.55 10.70 8.77
CA ASP D 76 28.17 10.75 9.26
C ASP D 76 27.22 10.12 8.25
N ILE D 77 27.61 10.14 6.99
CA ILE D 77 26.86 9.44 5.96
C ILE D 77 26.94 7.95 6.24
N HIS D 78 28.15 7.50 6.57
CA HIS D 78 28.38 6.09 6.84
C HIS D 78 27.68 5.64 8.11
N GLU D 79 27.72 6.48 9.13
CA GLU D 79 27.04 6.17 10.38
C GLU D 79 25.54 6.17 10.21
N THR D 80 25.05 6.93 9.22
CA THR D 80 23.63 6.99 8.94
C THR D 80 23.10 5.72 8.29
N ILE D 81 23.83 5.19 7.31
CA ILE D 81 23.38 3.98 6.61
C ILE D 81 23.54 2.73 7.46
N ILE D 82 24.47 2.77 8.41
CA ILE D 82 24.64 1.67 9.35
C ILE D 82 23.43 1.60 10.27
N LYS D 83 23.04 2.75 10.81
CA LYS D 83 21.88 2.85 11.68
C LYS D 83 20.61 2.42 10.97
N ALA D 84 20.51 2.78 9.71
CA ALA D 84 19.33 2.46 8.91
C ALA D 84 19.14 0.96 8.73
N ALA D 85 20.23 0.26 8.45
CA ALA D 85 20.17 -1.18 8.27
C ALA D 85 19.93 -1.90 9.60
N ALA D 86 20.49 -1.35 10.67
CA ALA D 86 20.39 -1.96 11.98
C ALA D 86 18.98 -1.88 12.56
N ASP D 87 18.24 -0.85 12.16
CA ASP D 87 16.89 -0.67 12.66
C ASP D 87 15.90 -1.62 11.98
N LEU D 88 16.31 -2.20 10.86
CA LEU D 88 15.45 -3.12 10.11
C LEU D 88 15.68 -4.57 10.49
N ILE D 89 16.55 -4.79 11.47
CA ILE D 89 16.79 -6.14 11.98
C ILE D 89 15.52 -6.66 12.63
N SER D 90 15.00 -7.77 12.11
CA SER D 90 13.75 -8.33 12.60
C SER D 90 13.69 -9.84 12.42
N ARG D 91 12.56 -10.42 12.79
CA ARG D 91 12.31 -11.84 12.60
C ARG D 91 12.10 -12.14 11.12
N ASP D 92 11.48 -11.20 10.42
CA ASP D 92 11.19 -11.34 9.00
C ASP D 92 12.46 -11.28 8.18
N ALA D 93 13.33 -10.35 8.55
CA ALA D 93 14.56 -10.12 7.82
C ALA D 93 15.73 -10.02 8.76
N PRO D 94 16.21 -11.17 9.25
CA PRO D 94 17.33 -11.25 10.20
C PRO D 94 18.66 -10.88 9.55
N ASP D 95 18.74 -10.99 8.23
CA ASP D 95 20.00 -10.77 7.53
C ASP D 95 20.43 -9.30 7.51
N TYR D 96 19.60 -8.41 8.03
CA TYR D 96 19.98 -7.01 8.16
C TYR D 96 21.06 -6.83 9.22
N GLN D 97 21.18 -7.82 10.11
CA GLN D 97 22.17 -7.77 11.17
C GLN D 97 23.56 -7.96 10.59
N TYR D 98 23.63 -8.60 9.43
CA TYR D 98 24.89 -8.78 8.71
C TYR D 98 25.13 -7.64 7.74
N LEU D 99 24.07 -7.00 7.27
CA LEU D 99 24.22 -5.81 6.45
C LEU D 99 24.80 -4.66 7.26
N ALA D 100 24.23 -4.42 8.43
CA ALA D 100 24.68 -3.37 9.33
C ALA D 100 26.09 -3.64 9.82
N ALA D 101 26.38 -4.92 10.04
CA ALA D 101 27.69 -5.33 10.51
C ALA D 101 28.77 -5.05 9.49
N ARG D 102 28.54 -5.47 8.25
CA ARG D 102 29.51 -5.28 7.18
C ARG D 102 29.76 -3.82 6.88
N LEU D 103 28.70 -3.03 6.93
CA LEU D 103 28.82 -1.59 6.76
C LEU D 103 29.68 -0.98 7.85
N ALA D 104 29.54 -1.52 9.07
CA ALA D 104 30.33 -1.08 10.21
C ALA D 104 31.78 -1.51 10.07
N ILE D 105 31.99 -2.71 9.53
CA ILE D 105 33.33 -3.21 9.25
C ILE D 105 34.04 -2.31 8.25
N PHE D 106 33.32 -1.90 7.22
CA PHE D 106 33.85 -1.01 6.19
C PHE D 106 34.37 0.27 6.83
N HIS D 107 33.56 0.84 7.73
CA HIS D 107 33.89 2.09 8.39
C HIS D 107 35.11 1.94 9.30
N LEU D 108 35.19 0.82 10.00
CA LEU D 108 36.29 0.54 10.90
C LEU D 108 37.60 0.36 10.16
N ARG D 109 37.53 -0.13 8.92
CA ARG D 109 38.73 -0.26 8.10
C ARG D 109 39.37 1.10 7.88
N LYS D 110 38.54 2.06 7.49
CA LYS D 110 38.98 3.42 7.25
C LYS D 110 39.51 4.06 8.53
N LYS D 111 38.83 3.78 9.64
CA LYS D 111 39.24 4.34 10.93
C LYS D 111 40.60 3.84 11.36
N ALA D 112 40.92 2.59 11.03
CA ALA D 112 42.16 1.98 11.47
C ALA D 112 43.29 2.14 10.46
N TYR D 113 42.97 2.09 9.17
CA TYR D 113 43.98 2.04 8.13
C TYR D 113 43.92 3.19 7.14
N GLY D 114 42.80 3.90 7.12
CA GLY D 114 42.61 4.99 6.16
C GLY D 114 42.19 4.47 4.81
N GLN D 115 42.02 3.16 4.73
CA GLN D 115 41.64 2.50 3.50
C GLN D 115 40.95 1.18 3.83
N PHE D 116 40.38 0.53 2.83
CA PHE D 116 39.69 -0.72 3.05
C PHE D 116 40.68 -1.86 3.24
N GLU D 117 41.65 -1.97 2.35
CA GLU D 117 42.58 -3.08 2.39
C GLU D 117 43.61 -2.86 3.50
N PRO D 118 43.68 -3.80 4.44
CA PRO D 118 44.67 -3.71 5.54
C PRO D 118 46.09 -3.83 5.02
N PRO D 119 47.05 -3.23 5.73
CA PRO D 119 48.45 -3.31 5.31
C PRO D 119 49.01 -4.71 5.51
N ALA D 120 50.27 -4.91 5.13
CA ALA D 120 50.95 -6.16 5.41
C ALA D 120 51.08 -6.30 6.91
N LEU D 121 50.95 -7.53 7.41
CA LEU D 121 50.96 -7.81 8.83
C LEU D 121 52.23 -7.28 9.51
N TYR D 122 53.37 -7.45 8.83
CA TYR D 122 54.64 -7.01 9.38
C TYR D 122 54.70 -5.50 9.54
N ASP D 123 54.26 -4.77 8.53
CA ASP D 123 54.27 -3.32 8.55
C ASP D 123 53.39 -2.79 9.66
N HIS D 124 52.25 -3.44 9.86
CA HIS D 124 51.32 -3.07 10.90
C HIS D 124 51.93 -3.28 12.29
N VAL D 125 52.50 -4.45 12.52
CA VAL D 125 53.09 -4.77 13.81
C VAL D 125 54.25 -3.84 14.14
N VAL D 126 55.13 -3.62 13.16
CA VAL D 126 56.27 -2.73 13.33
C VAL D 126 55.79 -1.34 13.74
N LYS D 127 54.79 -0.84 13.03
CA LYS D 127 54.23 0.48 13.32
C LYS D 127 53.61 0.51 14.72
N MET D 128 52.90 -0.55 15.06
CA MET D 128 52.20 -0.63 16.34
C MET D 128 53.13 -0.81 17.52
N VAL D 129 54.19 -1.58 17.32
CA VAL D 129 55.20 -1.75 18.37
C VAL D 129 55.96 -0.44 18.61
N GLU D 130 56.23 0.31 17.54
CA GLU D 130 56.87 1.61 17.68
C GLU D 130 56.04 2.58 18.51
N MET D 131 54.72 2.54 18.33
CA MET D 131 53.83 3.42 19.08
C MET D 131 53.52 2.91 20.47
N GLY D 132 53.95 1.69 20.78
CA GLY D 132 53.75 1.13 22.09
C GLY D 132 52.36 0.55 22.28
N LYS D 133 51.73 0.20 21.17
CA LYS D 133 50.38 -0.35 21.22
C LYS D 133 50.41 -1.87 21.23
N TYR D 134 51.49 -2.45 20.71
CA TYR D 134 51.70 -3.88 20.78
C TYR D 134 52.90 -4.21 21.65
N ASP D 135 52.95 -5.44 22.14
CA ASP D 135 54.05 -5.90 22.97
C ASP D 135 55.34 -5.99 22.15
N ASN D 136 56.46 -5.60 22.75
CA ASN D 136 57.76 -5.62 22.09
C ASN D 136 58.20 -7.00 21.62
N HIS D 137 57.78 -8.03 22.34
CA HIS D 137 58.25 -9.39 22.11
C HIS D 137 57.93 -9.88 20.72
N LEU D 138 56.90 -9.30 20.10
CA LEU D 138 56.45 -9.72 18.79
C LEU D 138 57.54 -9.63 17.73
N LEU D 139 58.31 -8.55 17.78
CA LEU D 139 59.37 -8.33 16.81
C LEU D 139 60.62 -9.14 17.15
N GLU D 140 60.65 -9.67 18.37
CA GLU D 140 61.80 -10.44 18.82
C GLU D 140 61.58 -11.93 18.60
N ASP D 141 60.32 -12.36 18.69
CA ASP D 141 59.98 -13.78 18.63
C ASP D 141 59.67 -14.24 17.21
N TYR D 142 59.35 -13.31 16.33
CA TYR D 142 59.05 -13.67 14.94
C TYR D 142 59.89 -12.86 13.97
N THR D 143 60.34 -13.51 12.90
CA THR D 143 61.09 -12.83 11.85
C THR D 143 60.13 -12.22 10.85
N GLU D 144 60.63 -11.33 10.00
CA GLU D 144 59.81 -10.70 8.99
C GLU D 144 59.25 -11.74 8.03
N GLU D 145 60.04 -12.76 7.75
CA GLU D 145 59.61 -13.84 6.87
C GLU D 145 58.45 -14.60 7.50
N GLU D 146 58.49 -14.74 8.83
CA GLU D 146 57.45 -15.46 9.56
C GLU D 146 56.17 -14.65 9.64
N PHE D 147 56.29 -13.33 9.67
CA PHE D 147 55.12 -12.45 9.65
C PHE D 147 54.46 -12.47 8.28
N LYS D 148 55.27 -12.55 7.23
CA LYS D 148 54.74 -12.63 5.88
C LYS D 148 54.05 -13.98 5.68
N GLN D 149 54.54 -15.00 6.37
CA GLN D 149 53.95 -16.32 6.28
C GLN D 149 52.63 -16.38 7.03
N MET D 150 52.58 -15.71 8.18
CA MET D 150 51.37 -15.64 8.97
C MET D 150 50.33 -14.79 8.28
N ASP D 151 50.79 -13.86 7.44
CA ASP D 151 49.91 -12.99 6.70
C ASP D 151 49.11 -13.79 5.68
N THR D 152 49.68 -14.88 5.21
CA THR D 152 49.00 -15.74 4.24
C THR D 152 47.94 -16.61 4.90
N PHE D 153 47.99 -16.71 6.23
CA PHE D 153 46.97 -17.43 6.97
C PHE D 153 45.68 -16.62 7.01
N ILE D 154 45.83 -15.31 7.06
CA ILE D 154 44.73 -14.39 7.30
C ILE D 154 43.74 -14.32 6.14
N ASP D 155 42.45 -14.43 6.46
CA ASP D 155 41.40 -14.17 5.49
C ASP D 155 40.57 -13.00 6.01
N HIS D 156 40.89 -11.80 5.56
CA HIS D 156 40.24 -10.59 6.03
C HIS D 156 38.76 -10.53 5.68
N ASP D 157 38.35 -11.34 4.70
CA ASP D 157 36.95 -11.39 4.31
C ASP D 157 36.10 -12.11 5.34
N ARG D 158 36.74 -12.68 6.35
CA ARG D 158 36.00 -13.32 7.44
C ARG D 158 35.38 -12.26 8.33
N ASP D 159 35.78 -11.01 8.12
CA ASP D 159 35.17 -9.88 8.81
C ASP D 159 33.74 -9.67 8.37
N MET D 160 33.38 -10.28 7.24
CA MET D 160 32.04 -10.13 6.69
C MET D 160 31.12 -11.20 7.25
N THR D 161 31.63 -11.98 8.20
CA THR D 161 30.86 -13.06 8.82
C THR D 161 30.36 -12.67 10.20
N PHE D 162 30.80 -11.50 10.69
CA PHE D 162 30.33 -10.96 11.98
C PHE D 162 28.90 -10.44 11.88
N SER D 163 28.16 -10.57 12.98
CA SER D 163 26.86 -9.93 13.10
C SER D 163 27.06 -8.54 13.70
N TYR D 164 25.99 -7.73 13.71
CA TYR D 164 26.12 -6.35 14.14
C TYR D 164 26.50 -6.28 15.62
N ALA D 165 25.94 -7.18 16.42
CA ALA D 165 26.27 -7.25 17.83
C ALA D 165 27.75 -7.57 18.03
N ALA D 166 28.29 -8.42 17.16
CA ALA D 166 29.71 -8.77 17.20
C ALA D 166 30.59 -7.55 16.91
N VAL D 167 30.22 -6.78 15.89
CA VAL D 167 31.00 -5.63 15.48
C VAL D 167 30.93 -4.51 16.53
N LYS D 168 29.79 -4.40 17.19
CA LYS D 168 29.62 -3.39 18.24
C LYS D 168 30.50 -3.69 19.44
N GLN D 169 30.69 -4.96 19.75
CA GLN D 169 31.58 -5.38 20.83
C GLN D 169 33.04 -5.23 20.42
N LEU D 170 33.33 -5.45 19.15
CA LEU D 170 34.67 -5.30 18.63
C LEU D 170 35.16 -3.86 18.73
N GLU D 171 34.38 -2.93 18.19
CA GLU D 171 34.78 -1.53 18.18
C GLU D 171 34.61 -0.93 19.56
N GLY D 172 33.70 -1.50 20.35
CA GLY D 172 33.43 -1.02 21.69
C GLY D 172 34.43 -1.49 22.74
N LYS D 173 34.83 -2.76 22.65
CA LYS D 173 35.65 -3.36 23.72
C LYS D 173 36.95 -4.00 23.25
N TYR D 174 36.88 -4.81 22.21
CA TYR D 174 37.94 -5.76 21.90
C TYR D 174 39.07 -5.19 21.05
N LEU D 175 38.72 -4.45 20.00
CA LEU D 175 39.73 -3.89 19.11
C LEU D 175 40.65 -2.92 19.86
N VAL D 176 41.95 -3.02 19.59
CA VAL D 176 42.92 -2.14 20.23
C VAL D 176 42.63 -0.69 19.89
N GLN D 177 42.46 0.14 20.90
CA GLN D 177 42.00 1.50 20.70
C GLN D 177 42.44 2.43 21.83
N ASN D 178 42.33 3.73 21.58
CA ASN D 178 42.60 4.74 22.58
C ASN D 178 41.34 5.09 23.37
N ARG D 179 41.37 4.88 24.68
CA ARG D 179 40.19 5.05 25.51
C ARG D 179 39.92 6.52 25.82
N VAL D 180 40.86 7.38 25.43
CA VAL D 180 40.69 8.82 25.58
C VAL D 180 40.38 9.48 24.23
N THR D 181 41.10 9.06 23.20
CA THR D 181 40.95 9.64 21.87
C THR D 181 39.79 9.00 21.11
N GLY D 182 39.69 7.67 21.19
CA GLY D 182 38.66 6.95 20.47
C GLY D 182 39.20 6.34 19.19
N GLU D 183 40.50 6.50 18.98
CA GLU D 183 41.15 6.00 17.77
C GLU D 183 41.27 4.49 17.73
N ILE D 184 40.78 3.88 16.65
CA ILE D 184 40.94 2.45 16.42
C ILE D 184 42.27 2.19 15.72
N TYR D 185 42.96 1.13 16.11
CA TYR D 185 44.30 0.85 15.60
C TYR D 185 44.38 -0.40 14.74
N GLU D 186 43.36 -1.25 14.78
CA GLU D 186 43.42 -2.53 14.10
C GLU D 186 42.08 -3.02 13.57
N SER D 187 42.12 -4.17 12.91
CA SER D 187 40.91 -4.85 12.45
C SER D 187 40.83 -6.25 13.05
N ALA D 188 39.71 -6.92 12.83
CA ALA D 188 39.40 -8.17 13.54
C ALA D 188 40.37 -9.32 13.28
N GLN D 189 40.83 -9.46 12.05
CA GLN D 189 41.68 -10.60 11.71
C GLN D 189 43.10 -10.43 12.23
N PHE D 190 43.51 -9.18 12.41
CA PHE D 190 44.80 -8.90 13.04
C PHE D 190 44.75 -9.24 14.53
N LEU D 191 43.59 -9.00 15.14
CA LEU D 191 43.37 -9.38 16.53
C LEU D 191 43.56 -10.89 16.68
N TYR D 192 42.85 -11.64 15.84
CA TYR D 192 42.85 -13.09 15.91
C TYR D 192 44.23 -13.70 15.66
N ILE D 193 44.92 -13.22 14.63
CA ILE D 193 46.19 -13.80 14.24
C ILE D 193 47.27 -13.50 15.27
N LEU D 194 47.13 -12.38 15.97
CA LEU D 194 48.14 -11.98 16.95
C LEU D 194 47.88 -12.57 18.32
N VAL D 195 46.63 -12.86 18.63
CA VAL D 195 46.32 -13.62 19.84
C VAL D 195 46.98 -14.98 19.70
N ALA D 196 46.81 -15.59 18.53
CA ALA D 196 47.41 -16.87 18.23
C ALA D 196 48.94 -16.80 18.19
N ALA D 197 49.47 -15.75 17.59
CA ALA D 197 50.92 -15.58 17.47
C ALA D 197 51.59 -15.42 18.84
N CYS D 198 50.94 -14.69 19.74
CA CYS D 198 51.49 -14.44 21.06
C CYS D 198 51.43 -15.67 21.93
N LEU D 199 50.31 -16.38 21.90
CA LEU D 199 50.09 -17.51 22.79
C LEU D 199 50.96 -18.70 22.42
N PHE D 200 51.36 -18.80 21.16
CA PHE D 200 52.22 -19.90 20.74
C PHE D 200 53.63 -19.43 20.44
N SER D 201 53.97 -18.24 20.93
CA SER D 201 55.26 -17.63 20.62
C SER D 201 56.44 -18.39 21.22
N ASN D 202 56.18 -19.18 22.25
CA ASN D 202 57.25 -19.89 22.92
C ASN D 202 57.40 -21.32 22.41
N TYR D 203 56.59 -21.68 21.42
CA TYR D 203 56.65 -23.01 20.80
C TYR D 203 57.86 -23.13 19.86
N PRO D 204 58.40 -24.35 19.73
CA PRO D 204 59.53 -24.63 18.83
C PRO D 204 59.21 -24.24 17.39
N ARG D 205 60.20 -23.74 16.68
CA ARG D 205 60.02 -23.21 15.33
C ARG D 205 59.48 -24.25 14.35
N GLU D 206 59.69 -25.52 14.67
CA GLU D 206 59.26 -26.61 13.82
C GLU D 206 57.74 -26.75 13.75
N THR D 207 57.06 -26.42 14.85
CA THR D 207 55.62 -26.63 14.93
C THR D 207 54.83 -25.36 15.22
N ARG D 208 55.51 -24.26 15.51
CA ARG D 208 54.86 -23.04 15.99
C ARG D 208 53.80 -22.49 15.05
N LEU D 209 54.19 -22.21 13.80
CA LEU D 209 53.28 -21.59 12.84
C LEU D 209 52.14 -22.52 12.48
N GLN D 210 52.37 -23.82 12.63
CA GLN D 210 51.33 -24.81 12.40
C GLN D 210 50.27 -24.69 13.48
N TYR D 211 50.70 -24.39 14.70
CA TYR D 211 49.77 -24.17 15.80
C TYR D 211 49.07 -22.83 15.66
N VAL D 212 49.80 -21.83 15.19
CA VAL D 212 49.24 -20.50 14.99
C VAL D 212 48.14 -20.53 13.94
N LYS D 213 48.38 -21.24 12.84
CA LYS D 213 47.39 -21.33 11.77
C LYS D 213 46.14 -22.06 12.20
N ARG D 214 46.32 -23.22 12.83
CA ARG D 214 45.19 -24.02 13.31
C ARG D 214 44.36 -23.25 14.33
N PHE D 215 45.02 -22.54 15.24
CA PHE D 215 44.32 -21.82 16.27
C PHE D 215 43.62 -20.59 15.70
N TYR D 216 44.27 -19.88 14.79
CA TYR D 216 43.64 -18.75 14.12
C TYR D 216 42.41 -19.19 13.36
N ASP D 217 42.50 -20.34 12.68
CA ASP D 217 41.36 -20.87 11.94
C ASP D 217 40.20 -21.20 12.86
N ALA D 218 40.51 -21.76 14.02
CA ALA D 218 39.50 -22.18 14.97
C ALA D 218 38.72 -21.01 15.57
N VAL D 219 39.40 -19.91 15.85
CA VAL D 219 38.76 -18.78 16.52
C VAL D 219 38.11 -17.81 15.54
N SER D 220 38.68 -17.67 14.36
CA SER D 220 38.16 -16.74 13.37
C SER D 220 36.97 -17.32 12.60
N THR D 221 36.79 -18.64 12.69
CA THR D 221 35.62 -19.28 12.11
C THR D 221 34.65 -19.72 13.21
N PHE D 222 34.90 -19.20 14.43
CA PHE D 222 33.97 -19.28 15.55
C PHE D 222 33.80 -20.66 16.14
N LYS D 223 34.78 -21.54 15.99
CA LYS D 223 34.72 -22.85 16.61
C LYS D 223 35.06 -22.76 18.09
N ILE D 224 35.99 -21.87 18.41
CA ILE D 224 36.37 -21.59 19.80
C ILE D 224 36.07 -20.14 20.14
N SER D 225 35.48 -19.90 21.30
CA SER D 225 35.16 -18.54 21.72
C SER D 225 36.13 -18.05 22.80
N LEU D 226 36.69 -16.87 22.59
CA LEU D 226 37.66 -16.30 23.53
C LEU D 226 37.01 -15.25 24.44
N PRO D 227 37.49 -15.16 25.70
CA PRO D 227 36.94 -14.23 26.69
C PRO D 227 37.32 -12.79 26.43
N THR D 228 36.69 -11.87 27.17
CA THR D 228 36.93 -10.44 27.00
C THR D 228 38.40 -10.01 27.24
N PRO D 229 39.03 -10.46 28.35
CA PRO D 229 40.40 -9.97 28.53
C PRO D 229 41.42 -10.56 27.55
N ILE D 230 41.13 -11.71 26.97
CA ILE D 230 41.99 -12.29 25.94
C ILE D 230 41.79 -11.58 24.61
N MET D 231 40.53 -11.38 24.25
CA MET D 231 40.17 -10.68 23.02
C MET D 231 40.74 -9.27 22.95
N SER D 232 40.71 -8.58 24.08
CA SER D 232 41.12 -7.19 24.11
C SER D 232 42.54 -7.02 24.61
N GLY D 233 43.15 -8.10 25.10
CA GLY D 233 44.44 -8.01 25.75
C GLY D 233 45.63 -8.63 25.06
N VAL D 234 45.49 -9.85 24.56
CA VAL D 234 46.66 -10.59 24.07
C VAL D 234 47.21 -10.03 22.77
N ARG D 235 48.19 -9.14 22.91
CA ARG D 235 49.02 -8.53 21.85
C ARG D 235 49.45 -7.17 22.37
N THR D 236 48.82 -6.73 23.46
CA THR D 236 49.12 -5.45 24.08
C THR D 236 50.25 -5.59 25.10
N PRO D 237 50.89 -4.49 25.47
CA PRO D 237 51.99 -4.56 26.44
C PRO D 237 51.55 -5.01 27.84
N THR D 238 50.28 -4.85 28.18
CA THR D 238 49.79 -5.28 29.49
C THR D 238 49.35 -6.73 29.42
N ARG D 239 50.15 -7.61 30.01
CA ARG D 239 49.88 -9.04 29.94
C ARG D 239 49.12 -9.53 31.15
N GLN D 240 47.81 -9.51 31.06
CA GLN D 240 46.94 -10.07 32.08
C GLN D 240 45.64 -10.47 31.39
N PHE D 241 45.38 -11.76 31.31
CA PHE D 241 44.27 -12.25 30.51
C PHE D 241 43.38 -13.23 31.27
N SER D 242 43.68 -13.44 32.54
CA SER D 242 42.81 -14.26 33.38
C SER D 242 41.56 -13.48 33.75
N SER D 243 40.41 -14.10 33.58
CA SER D 243 39.14 -13.42 33.79
C SER D 243 38.72 -13.41 35.25
N CYS D 244 39.13 -14.43 35.97
CA CYS D 244 38.64 -14.64 37.33
C CYS D 244 39.78 -14.64 38.34
N VAL D 245 39.61 -13.87 39.40
CA VAL D 245 40.58 -13.81 40.48
C VAL D 245 39.92 -14.12 41.82
N LEU D 246 40.44 -15.12 42.52
CA LEU D 246 39.85 -15.54 43.78
C LEU D 246 40.79 -15.25 44.93
N ILE D 247 40.36 -14.34 45.81
CA ILE D 247 41.18 -13.93 46.94
C ILE D 247 40.52 -14.27 48.26
N GLU D 248 41.22 -15.04 49.08
CA GLU D 248 40.75 -15.37 50.42
C GLU D 248 41.33 -14.39 51.43
N CYS D 249 40.47 -13.78 52.22
CA CYS D 249 40.92 -12.82 53.20
C CYS D 249 40.99 -13.46 54.57
N GLY D 250 42.09 -13.22 55.28
CA GLY D 250 42.25 -13.74 56.62
C GLY D 250 41.72 -12.76 57.64
N ASP D 251 41.60 -13.22 58.89
CA ASP D 251 41.07 -12.38 59.96
C ASP D 251 42.15 -11.50 60.56
N SER D 252 42.69 -10.60 59.75
CA SER D 252 43.72 -9.67 60.20
C SER D 252 43.77 -8.44 59.32
N LEU D 253 44.27 -7.33 59.89
CA LEU D 253 44.40 -6.09 59.13
C LEU D 253 45.39 -6.25 57.99
N ASP D 254 46.44 -7.03 58.22
CA ASP D 254 47.44 -7.30 57.19
C ASP D 254 46.84 -8.01 55.99
N SER D 255 45.96 -8.96 56.25
CA SER D 255 45.33 -9.73 55.19
C SER D 255 44.28 -8.90 54.47
N ILE D 256 43.56 -8.08 55.23
CA ILE D 256 42.56 -7.18 54.67
C ILE D 256 43.20 -6.15 53.74
N ASN D 257 44.34 -5.61 54.15
CA ASN D 257 45.09 -4.68 53.33
C ASN D 257 45.66 -5.33 52.09
N ALA D 258 46.17 -6.55 52.26
CA ALA D 258 46.71 -7.32 51.14
C ALA D 258 45.61 -7.63 50.15
N THR D 259 44.45 -8.02 50.66
CA THR D 259 43.30 -8.32 49.83
C THR D 259 42.84 -7.10 49.04
N SER D 260 42.74 -5.97 49.73
CA SER D 260 42.33 -4.72 49.11
C SER D 260 43.30 -4.29 48.01
N SER D 261 44.59 -4.49 48.26
CA SER D 261 45.62 -4.13 47.30
C SER D 261 45.58 -5.03 46.06
N ALA D 262 45.34 -6.32 46.28
CA ALA D 262 45.25 -7.28 45.19
C ALA D 262 44.02 -7.05 44.33
N ILE D 263 42.92 -6.62 44.95
CA ILE D 263 41.71 -6.30 44.21
C ILE D 263 41.94 -5.16 43.24
N VAL D 264 42.46 -4.05 43.75
CA VAL D 264 42.73 -2.87 42.96
C VAL D 264 43.63 -3.18 41.77
N LYS D 265 44.67 -3.96 42.03
CA LYS D 265 45.62 -4.31 40.98
C LYS D 265 45.00 -5.17 39.90
N TYR D 266 44.19 -6.15 40.29
CA TYR D 266 43.66 -7.10 39.32
C TYR D 266 42.41 -6.60 38.62
N VAL D 267 41.62 -5.77 39.28
CA VAL D 267 40.50 -5.13 38.61
C VAL D 267 41.01 -4.25 37.48
N SER D 268 42.05 -3.48 37.76
CA SER D 268 42.62 -2.58 36.76
C SER D 268 43.21 -3.34 35.58
N GLN D 269 43.54 -4.61 35.79
CA GLN D 269 44.13 -5.43 34.74
C GLN D 269 43.18 -6.53 34.27
N ARG D 270 41.94 -6.13 33.99
CA ARG D 270 40.97 -6.91 33.22
C ARG D 270 40.29 -8.07 33.95
N ALA D 271 40.41 -8.14 35.27
CA ALA D 271 39.89 -9.31 35.99
C ALA D 271 38.66 -9.02 36.84
N GLY D 272 37.79 -10.01 36.96
CA GLY D 272 36.68 -9.97 37.90
C GLY D 272 37.05 -10.69 39.18
N ILE D 273 36.52 -10.25 40.30
CA ILE D 273 37.00 -10.73 41.60
C ILE D 273 35.97 -11.53 42.38
N GLY D 274 36.44 -12.61 43.00
CA GLY D 274 35.67 -13.32 43.99
C GLY D 274 36.38 -13.18 45.32
N ILE D 275 35.66 -12.67 46.32
CA ILE D 275 36.26 -12.40 47.63
C ILE D 275 35.71 -13.31 48.72
N ASN D 276 36.59 -13.97 49.45
CA ASN D 276 36.16 -14.73 50.62
C ASN D 276 36.49 -13.93 51.87
N ALA D 277 35.45 -13.43 52.52
CA ALA D 277 35.63 -12.63 53.73
C ALA D 277 34.94 -13.25 54.93
N GLY D 278 34.73 -14.56 54.88
CA GLY D 278 34.04 -15.27 55.94
C GLY D 278 34.83 -15.51 57.20
N ARG D 279 36.16 -15.45 57.11
CA ARG D 279 37.03 -15.71 58.26
C ARG D 279 37.01 -14.52 59.22
N ILE D 280 36.59 -13.37 58.73
CA ILE D 280 36.58 -12.15 59.53
C ILE D 280 35.61 -12.29 60.70
N ARG D 281 36.10 -12.03 61.91
CA ARG D 281 35.30 -12.19 63.11
C ARG D 281 34.15 -11.20 63.17
N ALA D 282 33.14 -11.51 63.96
CA ALA D 282 31.90 -10.75 63.99
C ALA D 282 31.97 -9.48 64.83
N LEU D 283 31.03 -8.58 64.60
CA LEU D 283 30.86 -7.38 65.39
C LEU D 283 30.76 -7.69 66.88
N GLY D 284 31.58 -7.02 67.69
CA GLY D 284 31.54 -7.20 69.11
C GLY D 284 32.60 -8.13 69.68
N SER D 285 33.35 -8.78 68.79
CA SER D 285 34.42 -9.68 69.20
C SER D 285 35.60 -8.90 69.79
N PRO D 286 36.26 -9.50 70.80
CA PRO D 286 37.46 -8.88 71.37
C PRO D 286 38.67 -8.90 70.43
N ILE D 287 39.48 -7.86 70.51
CA ILE D 287 40.73 -7.78 69.76
C ILE D 287 41.88 -7.60 70.73
N ARG D 288 42.92 -8.41 70.58
CA ARG D 288 44.08 -8.35 71.47
C ARG D 288 43.70 -8.42 72.94
N GLY D 289 42.84 -9.38 73.27
CA GLY D 289 42.45 -9.62 74.64
C GLY D 289 41.44 -8.63 75.20
N GLY D 290 40.92 -7.78 74.33
CA GLY D 290 39.93 -6.81 74.76
C GLY D 290 40.46 -5.38 74.71
N GLU D 291 41.59 -5.19 74.04
CA GLU D 291 42.16 -3.86 73.85
C GLU D 291 41.28 -3.04 72.92
N ALA D 292 40.51 -3.72 72.09
CA ALA D 292 39.61 -3.04 71.17
C ALA D 292 38.33 -3.85 70.95
N PHE D 293 37.29 -3.14 70.56
CA PHE D 293 35.99 -3.70 70.24
C PHE D 293 35.89 -3.82 68.72
N HIS D 294 35.68 -5.03 68.21
CA HIS D 294 35.60 -5.23 66.76
C HIS D 294 34.36 -4.56 66.20
N THR D 295 34.58 -3.69 65.20
CA THR D 295 33.51 -2.85 64.68
C THR D 295 32.70 -3.53 63.57
N GLY D 296 33.01 -4.79 63.29
CA GLY D 296 32.21 -5.59 62.39
C GLY D 296 32.79 -5.83 61.01
N CYS D 297 32.12 -6.67 60.24
CA CYS D 297 32.55 -7.00 58.89
C CYS D 297 32.17 -5.94 57.87
N ILE D 298 31.00 -5.35 58.05
CA ILE D 298 30.44 -4.41 57.09
C ILE D 298 31.36 -3.21 56.78
N PRO D 299 32.02 -2.62 57.79
CA PRO D 299 32.95 -1.54 57.42
C PRO D 299 34.10 -2.02 56.54
N PHE D 300 34.46 -3.29 56.66
CA PHE D 300 35.52 -3.86 55.83
C PHE D 300 34.99 -4.24 54.45
N TYR D 301 33.73 -4.64 54.38
CA TYR D 301 33.08 -4.92 53.11
C TYR D 301 33.02 -3.66 52.26
N LYS D 302 32.71 -2.54 52.91
CA LYS D 302 32.68 -1.24 52.24
C LYS D 302 34.05 -0.92 51.65
N HIS D 303 35.09 -1.30 52.36
CA HIS D 303 36.45 -1.05 51.93
C HIS D 303 36.81 -1.91 50.74
N PHE D 304 36.27 -3.12 50.71
CA PHE D 304 36.46 -3.99 49.56
C PHE D 304 35.70 -3.45 48.35
N GLN D 305 34.53 -2.86 48.60
CA GLN D 305 33.71 -2.31 47.54
C GLN D 305 34.38 -1.13 46.84
N THR D 306 34.95 -0.22 47.61
CA THR D 306 35.61 0.95 47.04
C THR D 306 36.90 0.56 46.31
N ALA D 307 37.46 -0.58 46.67
CA ALA D 307 38.64 -1.10 45.97
C ALA D 307 38.24 -1.60 44.59
N VAL D 308 37.08 -2.22 44.51
CA VAL D 308 36.58 -2.77 43.26
C VAL D 308 36.16 -1.66 42.29
N LYS D 309 35.60 -0.59 42.84
CA LYS D 309 35.04 0.47 42.01
C LYS D 309 36.02 1.60 41.75
N SER D 310 37.23 1.49 42.27
CA SER D 310 38.21 2.55 42.11
C SER D 310 38.80 2.55 40.71
N CYS D 311 38.79 1.39 40.06
CA CYS D 311 39.36 1.27 38.73
C CYS D 311 38.35 0.67 37.76
N SER D 312 38.56 0.98 36.48
CA SER D 312 37.85 0.29 35.41
C SER D 312 38.60 -1.01 35.14
N GLN D 313 37.93 -1.95 34.48
CA GLN D 313 38.56 -3.22 34.15
C GLN D 313 39.40 -3.09 32.89
N GLY D 314 40.59 -2.54 33.02
CA GLY D 314 41.49 -2.39 31.88
C GLY D 314 40.98 -1.39 30.85
N GLY D 315 40.08 -0.50 31.27
CA GLY D 315 39.54 0.51 30.39
C GLY D 315 38.40 0.01 29.53
N VAL D 316 38.01 -1.24 29.73
CA VAL D 316 36.98 -1.89 28.92
C VAL D 316 35.58 -1.79 29.53
N ARG D 317 35.49 -2.12 30.82
CA ARG D 317 34.20 -2.07 31.50
C ARG D 317 34.40 -1.77 32.99
N GLY D 318 33.32 -1.78 33.75
CA GLY D 318 33.39 -1.52 35.17
C GLY D 318 33.86 -2.71 35.97
N GLY D 319 34.41 -2.46 37.15
CA GLY D 319 34.86 -3.51 38.03
C GLY D 319 33.72 -4.14 38.81
N ALA D 320 33.84 -5.42 39.14
CA ALA D 320 32.80 -6.12 39.85
C ALA D 320 33.37 -7.20 40.77
N ALA D 321 32.66 -7.50 41.84
CA ALA D 321 33.09 -8.53 42.78
C ALA D 321 31.93 -9.22 43.49
N THR D 322 32.12 -10.49 43.81
CA THR D 322 31.19 -11.24 44.65
C THR D 322 31.89 -11.64 45.93
N LEU D 323 31.25 -11.37 47.06
CA LEU D 323 31.84 -11.67 48.35
C LEU D 323 31.13 -12.88 48.96
N PHE D 324 31.92 -13.76 49.58
CA PHE D 324 31.40 -15.02 50.10
C PHE D 324 31.53 -15.11 51.61
N TYR D 325 30.51 -15.70 52.24
CA TYR D 325 30.50 -15.91 53.68
C TYR D 325 29.60 -17.08 54.02
N PRO D 326 29.92 -17.78 55.12
CA PRO D 326 29.09 -18.93 55.52
C PRO D 326 27.74 -18.50 56.10
N MET D 327 26.74 -19.35 55.93
CA MET D 327 25.39 -19.07 56.38
C MET D 327 25.30 -18.96 57.90
N TRP D 328 26.20 -19.63 58.60
CA TRP D 328 26.18 -19.65 60.06
C TRP D 328 27.03 -18.53 60.68
N HIS D 329 27.44 -17.56 59.88
CA HIS D 329 28.18 -16.42 60.41
C HIS D 329 27.27 -15.65 61.36
N LEU D 330 27.84 -15.09 62.41
CA LEU D 330 27.06 -14.42 63.44
C LEU D 330 26.35 -13.19 62.89
N GLU D 331 26.94 -12.55 61.89
CA GLU D 331 26.37 -11.32 61.33
C GLU D 331 25.52 -11.58 60.08
N VAL D 332 25.23 -12.84 59.79
CA VAL D 332 24.61 -13.21 58.53
C VAL D 332 23.29 -12.48 58.25
N GLU D 333 22.53 -12.20 59.30
CA GLU D 333 21.25 -11.51 59.14
C GLU D 333 21.46 -10.08 58.67
N SER D 334 22.60 -9.50 59.03
CA SER D 334 22.95 -8.16 58.57
C SER D 334 23.59 -8.21 57.18
N LEU D 335 24.27 -9.31 56.88
CA LEU D 335 24.99 -9.45 55.63
C LEU D 335 24.06 -9.73 54.46
N LEU D 336 22.93 -10.37 54.73
CA LEU D 336 22.00 -10.74 53.67
C LEU D 336 21.30 -9.55 53.06
N VAL D 337 21.15 -8.48 53.83
CA VAL D 337 20.37 -7.32 53.40
C VAL D 337 21.25 -6.14 52.97
N LEU D 338 22.50 -6.44 52.62
CA LEU D 338 23.45 -5.39 52.24
C LEU D 338 23.11 -4.73 50.90
N LYS D 339 22.34 -5.42 50.07
CA LYS D 339 21.94 -4.86 48.77
C LYS D 339 20.55 -4.25 48.83
N ASN D 340 19.89 -4.38 49.98
CA ASN D 340 18.56 -3.83 50.19
C ASN D 340 18.58 -2.31 50.13
N ASN D 341 17.71 -1.73 49.31
CA ASN D 341 17.68 -0.28 49.13
C ASN D 341 16.97 0.45 50.28
N ARG D 342 16.40 -0.31 51.20
CA ARG D 342 15.68 0.26 52.33
C ARG D 342 16.51 0.28 53.62
N GLY D 343 17.56 1.11 53.63
CA GLY D 343 18.40 1.23 54.81
C GLY D 343 19.36 2.40 54.74
N VAL D 344 19.95 2.75 55.88
CA VAL D 344 20.94 3.81 55.93
C VAL D 344 22.26 3.33 55.33
N GLU D 345 23.12 4.27 54.93
CA GLU D 345 24.39 3.90 54.30
C GLU D 345 25.33 3.20 55.27
N GLY D 346 25.07 3.34 56.56
CA GLY D 346 25.91 2.77 57.59
C GLY D 346 25.92 1.25 57.55
N ASN D 347 24.85 0.66 57.04
CA ASN D 347 24.75 -0.79 56.97
C ASN D 347 24.30 -1.29 55.60
N ARG D 348 24.79 -0.65 54.54
CA ARG D 348 24.45 -1.05 53.18
C ARG D 348 25.67 -1.04 52.26
N VAL D 349 25.95 -2.19 51.66
CA VAL D 349 27.01 -2.31 50.67
C VAL D 349 26.42 -2.90 49.39
N ARG D 350 25.84 -2.04 48.56
CA ARG D 350 24.98 -2.49 47.46
C ARG D 350 25.70 -2.82 46.16
N HIS D 351 26.90 -2.28 45.96
CA HIS D 351 27.57 -2.43 44.68
C HIS D 351 28.52 -3.62 44.64
N MET D 352 28.25 -4.62 45.47
CA MET D 352 28.90 -5.91 45.38
C MET D 352 27.84 -6.98 45.43
N ASP D 353 28.13 -8.14 44.84
CA ASP D 353 27.23 -9.26 44.91
C ASP D 353 27.70 -10.22 45.99
N TYR D 354 26.84 -11.13 46.42
CA TYR D 354 27.18 -12.00 47.53
C TYR D 354 26.80 -13.45 47.29
N GLY D 355 27.65 -14.35 47.76
CA GLY D 355 27.39 -15.77 47.70
C GLY D 355 27.31 -16.34 49.10
N VAL D 356 26.14 -16.85 49.45
CA VAL D 356 25.93 -17.46 50.76
C VAL D 356 26.32 -18.93 50.68
N GLN D 357 27.20 -19.35 51.59
CA GLN D 357 27.75 -20.69 51.58
C GLN D 357 26.96 -21.62 52.50
N ILE D 358 26.45 -22.70 51.92
CA ILE D 358 25.52 -23.62 52.59
C ILE D 358 25.98 -25.08 52.47
N ASN D 359 25.67 -25.89 53.48
CA ASN D 359 25.94 -27.32 53.39
C ASN D 359 24.74 -28.17 53.82
N LYS D 360 24.92 -29.49 53.83
CA LYS D 360 23.83 -30.43 54.09
C LYS D 360 23.15 -30.20 55.44
N LEU D 361 23.94 -29.91 56.47
CA LEU D 361 23.41 -29.71 57.80
C LEU D 361 22.47 -28.51 57.85
N MET D 362 22.81 -27.46 57.09
CA MET D 362 21.95 -26.29 57.03
C MET D 362 20.61 -26.61 56.38
N TYR D 363 20.64 -27.37 55.29
CA TYR D 363 19.42 -27.79 54.62
C TYR D 363 18.59 -28.72 55.49
N THR D 364 19.26 -29.56 56.27
CA THR D 364 18.60 -30.50 57.16
C THR D 364 17.79 -29.79 58.24
N ARG D 365 18.37 -28.76 58.85
CA ARG D 365 17.69 -27.97 59.87
C ARG D 365 16.45 -27.30 59.29
N LEU D 366 16.54 -26.92 58.01
CA LEU D 366 15.42 -26.32 57.32
C LEU D 366 14.29 -27.32 57.13
N LEU D 367 14.65 -28.52 56.69
CA LEU D 367 13.68 -29.58 56.43
C LEU D 367 13.02 -30.09 57.71
N LYS D 368 13.79 -30.12 58.80
CA LYS D 368 13.26 -30.61 60.07
C LYS D 368 12.56 -29.51 60.87
N GLY D 369 12.55 -28.29 60.32
CA GLY D 369 11.93 -27.17 60.98
C GLY D 369 12.60 -26.82 62.29
N GLU D 370 13.93 -26.95 62.31
CA GLU D 370 14.71 -26.73 63.53
C GLU D 370 15.45 -25.40 63.47
N ASP D 371 16.37 -25.20 64.42
CA ASP D 371 17.11 -23.95 64.51
C ASP D 371 18.50 -24.04 63.94
N ILE D 372 19.02 -22.90 63.49
CA ILE D 372 20.40 -22.78 63.09
C ILE D 372 21.12 -21.85 64.06
N THR D 373 22.27 -22.29 64.56
CA THR D 373 23.05 -21.48 65.49
C THR D 373 24.11 -20.69 64.74
N LEU D 374 24.20 -19.39 65.02
CA LEU D 374 25.18 -18.53 64.38
C LEU D 374 26.41 -18.34 65.26
N PHE D 375 27.59 -18.44 64.65
CA PHE D 375 28.84 -18.26 65.38
C PHE D 375 29.75 -17.23 64.73
N SER D 376 30.64 -16.67 65.52
CA SER D 376 31.79 -15.97 64.98
C SER D 376 32.90 -16.98 64.81
N PRO D 377 33.49 -17.08 63.61
CA PRO D 377 34.52 -18.07 63.29
C PRO D 377 35.75 -18.00 64.20
N SER D 378 35.90 -16.90 64.93
CA SER D 378 37.00 -16.74 65.86
C SER D 378 36.75 -17.49 67.17
N ASP D 379 35.50 -17.86 67.41
CA ASP D 379 35.10 -18.50 68.65
C ASP D 379 34.86 -20.01 68.51
N VAL D 380 34.93 -20.51 67.28
CA VAL D 380 34.63 -21.92 67.03
C VAL D 380 35.78 -22.62 66.31
N PRO D 381 36.80 -23.04 67.08
CA PRO D 381 38.02 -23.65 66.54
C PRO D 381 37.76 -24.85 65.64
N GLY D 382 38.26 -24.77 64.40
CA GLY D 382 38.18 -25.87 63.47
C GLY D 382 36.88 -25.96 62.69
N LEU D 383 35.88 -25.19 63.13
CA LEU D 383 34.57 -25.26 62.51
C LEU D 383 34.59 -24.75 61.07
N TYR D 384 35.32 -23.66 60.85
CA TYR D 384 35.38 -23.04 59.54
C TYR D 384 36.03 -23.98 58.52
N ASP D 385 37.13 -24.61 58.92
CA ASP D 385 37.82 -25.54 58.05
C ASP D 385 36.96 -26.74 57.70
N ALA D 386 36.24 -27.26 58.69
CA ALA D 386 35.42 -28.45 58.51
C ALA D 386 34.23 -28.17 57.60
N PHE D 387 33.82 -26.90 57.56
CA PHE D 387 32.69 -26.47 56.74
C PHE D 387 32.92 -26.80 55.26
N PHE D 388 34.18 -26.79 54.84
CA PHE D 388 34.52 -27.03 53.45
C PHE D 388 35.13 -28.41 53.21
N ALA D 389 35.91 -28.90 54.17
CA ALA D 389 36.71 -30.10 53.98
C ALA D 389 36.06 -31.39 54.51
N ASP D 390 35.35 -31.31 55.62
CA ASP D 390 34.86 -32.52 56.30
C ASP D 390 33.48 -32.32 56.94
N GLN D 391 32.45 -32.84 56.28
CA GLN D 391 31.06 -32.65 56.75
C GLN D 391 30.79 -33.39 58.05
N GLU D 392 31.47 -34.51 58.25
CA GLU D 392 31.31 -35.29 59.47
C GLU D 392 31.90 -34.55 60.64
N GLU D 393 33.09 -34.01 60.43
CA GLU D 393 33.79 -33.24 61.45
C GLU D 393 33.04 -31.95 61.73
N PHE D 394 32.42 -31.39 60.71
CA PHE D 394 31.63 -30.17 60.88
C PHE D 394 30.46 -30.39 61.82
N GLU D 395 29.70 -31.46 61.60
CA GLU D 395 28.54 -31.74 62.45
C GLU D 395 28.96 -32.04 63.88
N ARG D 396 30.10 -32.69 64.04
CA ARG D 396 30.60 -33.02 65.36
C ARG D 396 30.93 -31.74 66.11
N LEU D 397 31.69 -30.85 65.47
CA LEU D 397 32.05 -29.59 66.08
C LEU D 397 30.85 -28.67 66.25
N TYR D 398 29.95 -28.69 65.27
CA TYR D 398 28.80 -27.81 65.28
C TYR D 398 27.88 -28.11 66.45
N THR D 399 27.52 -29.38 66.61
CA THR D 399 26.64 -29.80 67.70
C THR D 399 27.33 -29.64 69.05
N LYS D 400 28.65 -29.79 69.06
CA LYS D 400 29.45 -29.60 70.27
C LYS D 400 29.44 -28.15 70.71
N TYR D 401 29.65 -27.23 69.78
CA TYR D 401 29.69 -25.81 70.09
C TYR D 401 28.30 -25.24 70.38
N GLU D 402 27.27 -25.88 69.81
CA GLU D 402 25.88 -25.46 70.03
C GLU D 402 25.45 -25.68 71.47
N LYS D 403 26.07 -26.63 72.15
CA LYS D 403 25.73 -26.98 73.52
C LYS D 403 26.68 -26.37 74.54
N ASP D 404 27.65 -25.61 74.05
CA ASP D 404 28.64 -24.97 74.91
C ASP D 404 28.16 -23.59 75.35
N ASP D 405 27.90 -23.43 76.65
CA ASP D 405 27.37 -22.18 77.19
C ASP D 405 28.42 -21.07 77.23
N SER D 406 29.69 -21.46 77.19
CA SER D 406 30.77 -20.50 77.27
C SER D 406 31.06 -19.82 75.93
N ILE D 407 30.41 -20.30 74.88
CA ILE D 407 30.66 -19.78 73.54
C ILE D 407 29.57 -18.81 73.08
N ARG D 408 29.99 -17.65 72.60
CA ARG D 408 29.07 -16.65 72.05
C ARG D 408 28.32 -17.20 70.84
N LYS D 409 27.01 -17.09 70.86
CA LYS D 409 26.19 -17.65 69.78
C LYS D 409 24.85 -16.97 69.68
N GLN D 410 24.10 -17.32 68.63
CA GLN D 410 22.75 -16.84 68.43
C GLN D 410 21.94 -17.87 67.66
N ARG D 411 20.72 -18.13 68.12
CA ARG D 411 19.87 -19.11 67.48
C ARG D 411 18.79 -18.46 66.63
N VAL D 412 18.64 -18.97 65.42
CA VAL D 412 17.64 -18.48 64.48
C VAL D 412 16.90 -19.68 63.90
N LYS D 413 15.61 -19.52 63.64
CA LYS D 413 14.85 -20.56 62.96
C LYS D 413 15.38 -20.70 61.54
N ALA D 414 15.67 -21.93 61.14
CA ALA D 414 16.24 -22.19 59.82
C ALA D 414 15.32 -21.71 58.70
N VAL D 415 14.02 -21.85 58.92
CA VAL D 415 13.03 -21.40 57.94
C VAL D 415 13.09 -19.89 57.79
N GLU D 416 13.27 -19.18 58.90
CA GLU D 416 13.34 -17.74 58.89
C GLU D 416 14.63 -17.24 58.24
N LEU D 417 15.72 -17.98 58.47
CA LEU D 417 17.01 -17.61 57.89
C LEU D 417 17.05 -17.85 56.39
N PHE D 418 16.60 -19.02 55.94
CA PHE D 418 16.56 -19.33 54.52
C PHE D 418 15.63 -18.40 53.77
N SER D 419 14.50 -18.07 54.38
CA SER D 419 13.51 -17.20 53.76
C SER D 419 14.03 -15.79 53.57
N LEU D 420 14.76 -15.30 54.55
CA LEU D 420 15.38 -13.98 54.47
C LEU D 420 16.34 -13.93 53.29
N MET D 421 17.13 -14.99 53.15
CA MET D 421 18.09 -15.10 52.06
C MET D 421 17.41 -15.11 50.69
N MET D 422 16.38 -15.94 50.56
CA MET D 422 15.69 -16.07 49.28
C MET D 422 14.87 -14.83 48.97
N GLN D 423 14.44 -14.13 50.01
CA GLN D 423 13.71 -12.88 49.86
C GLN D 423 14.60 -11.80 49.24
N GLU D 424 15.84 -11.71 49.75
CA GLU D 424 16.81 -10.76 49.23
C GLU D 424 17.32 -11.19 47.87
N ARG D 425 17.39 -12.49 47.65
CA ARG D 425 17.78 -13.04 46.35
C ARG D 425 16.71 -12.70 45.31
N ALA D 426 15.46 -12.70 45.72
CA ALA D 426 14.38 -12.40 44.79
C ALA D 426 14.35 -10.92 44.44
N SER D 427 14.61 -10.07 45.43
CA SER D 427 14.56 -8.64 45.25
C SER D 427 15.67 -8.12 44.36
N THR D 428 16.88 -8.60 44.59
CA THR D 428 18.06 -8.09 43.91
C THR D 428 18.48 -8.97 42.75
N GLY D 429 18.23 -10.27 42.87
CA GLY D 429 18.62 -11.23 41.87
C GLY D 429 20.09 -11.59 41.96
N ARG D 430 20.78 -10.97 42.92
CA ARG D 430 22.23 -11.05 43.01
C ARG D 430 22.70 -11.52 44.38
N ILE D 431 21.85 -12.26 45.08
CA ILE D 431 22.28 -12.99 46.26
C ILE D 431 22.44 -14.45 45.85
N TYR D 432 23.68 -14.93 45.85
CA TYR D 432 23.99 -16.23 45.27
C TYR D 432 24.19 -17.31 46.31
N ILE D 433 24.19 -18.57 45.85
CA ILE D 433 24.32 -19.71 46.73
C ILE D 433 25.48 -20.59 46.31
N GLN D 434 26.33 -20.98 47.28
CA GLN D 434 27.35 -21.96 47.01
C GLN D 434 27.19 -23.14 47.95
N ASN D 435 26.92 -24.31 47.38
CA ASN D 435 26.87 -25.54 48.14
C ASN D 435 28.28 -26.08 48.33
N VAL D 436 28.89 -25.74 49.46
CA VAL D 436 30.31 -25.98 49.65
C VAL D 436 30.66 -27.45 49.82
N ASP D 437 29.70 -28.26 50.23
CA ASP D 437 29.95 -29.69 50.33
C ASP D 437 30.04 -30.31 48.95
N HIS D 438 29.14 -29.92 48.05
CA HIS D 438 29.16 -30.39 46.67
C HIS D 438 30.46 -29.97 46.00
N CYS D 439 30.94 -28.79 46.35
CA CYS D 439 32.15 -28.25 45.76
C CYS D 439 33.40 -28.99 46.19
N ASN D 440 33.28 -29.82 47.22
CA ASN D 440 34.44 -30.51 47.75
C ASN D 440 34.33 -32.04 47.76
N THR D 441 33.11 -32.55 47.69
CA THR D 441 32.92 -34.00 47.57
C THR D 441 32.96 -34.40 46.10
N HIS D 442 32.55 -33.48 45.23
CA HIS D 442 32.64 -33.69 43.79
C HIS D 442 33.61 -32.68 43.22
N SER D 443 34.90 -32.95 43.34
CA SER D 443 35.90 -31.95 43.04
C SER D 443 37.18 -32.55 42.48
N PRO D 444 37.89 -31.78 41.65
CA PRO D 444 39.21 -32.21 41.20
C PRO D 444 40.28 -32.01 42.27
N PHE D 445 39.91 -31.54 43.46
CA PHE D 445 40.88 -31.30 44.52
C PHE D 445 40.57 -32.09 45.78
N ASP D 446 41.63 -32.50 46.49
CA ASP D 446 41.49 -33.16 47.77
C ASP D 446 41.29 -32.11 48.86
N PRO D 447 40.12 -32.12 49.52
CA PRO D 447 39.77 -31.14 50.54
C PRO D 447 40.72 -31.15 51.74
N ALA D 448 41.43 -32.27 51.91
CA ALA D 448 42.40 -32.40 52.99
C ALA D 448 43.69 -31.69 52.63
N ILE D 449 43.86 -31.39 51.35
CA ILE D 449 45.08 -30.74 50.89
C ILE D 449 44.80 -29.35 50.35
N ALA D 450 43.79 -29.26 49.48
CA ALA D 450 43.42 -28.01 48.84
C ALA D 450 41.92 -27.86 48.71
N PRO D 451 41.24 -27.51 49.80
CA PRO D 451 39.77 -27.37 49.75
C PRO D 451 39.33 -26.16 48.96
N VAL D 452 38.12 -26.24 48.42
CA VAL D 452 37.50 -25.11 47.73
C VAL D 452 36.65 -24.34 48.72
N ARG D 453 37.05 -23.12 49.03
CA ARG D 453 36.38 -22.34 50.07
C ARG D 453 35.60 -21.16 49.55
N GLN D 454 35.55 -21.01 48.22
CA GLN D 454 34.83 -19.88 47.62
C GLN D 454 34.59 -20.09 46.14
N SER D 455 33.90 -19.14 45.53
CA SER D 455 33.71 -19.11 44.09
C SER D 455 34.09 -17.73 43.58
N ASN D 456 33.64 -17.38 42.38
CA ASN D 456 34.02 -16.11 41.79
C ASN D 456 32.84 -15.15 41.61
N LEU D 457 32.97 -14.24 40.65
CA LEU D 457 31.95 -13.25 40.37
C LEU D 457 30.65 -13.87 39.83
N CYS D 458 30.79 -14.80 38.90
CA CYS D 458 29.62 -15.38 38.24
C CYS D 458 29.38 -16.82 38.63
N LEU D 459 30.09 -17.28 39.64
CA LEU D 459 29.80 -18.54 40.32
C LEU D 459 30.06 -19.80 39.49
N GLU D 460 30.99 -19.74 38.55
CA GLU D 460 31.34 -20.92 37.77
C GLU D 460 32.74 -21.42 38.11
N ILE D 461 33.48 -20.62 38.86
CA ILE D 461 34.85 -20.97 39.20
C ILE D 461 34.94 -21.48 40.63
N ALA D 462 35.67 -22.56 40.83
CA ALA D 462 35.84 -23.13 42.16
C ALA D 462 37.26 -23.66 42.33
N LEU D 463 38.12 -22.86 42.97
CA LEU D 463 39.53 -23.17 43.10
C LEU D 463 40.06 -23.01 44.52
N PRO D 464 41.19 -23.66 44.85
CA PRO D 464 41.81 -23.50 46.17
C PRO D 464 42.44 -22.11 46.36
N THR D 465 42.39 -21.63 47.60
CA THR D 465 42.98 -20.33 47.92
C THR D 465 43.72 -20.39 49.24
N LYS D 466 44.55 -19.39 49.51
CA LYS D 466 45.17 -19.23 50.82
C LYS D 466 45.41 -17.74 51.09
N PRO D 467 44.97 -17.26 52.26
CA PRO D 467 45.09 -15.84 52.62
C PRO D 467 46.52 -15.34 52.69
N LEU D 468 46.70 -14.03 52.46
CA LEU D 468 48.01 -13.40 52.45
C LEU D 468 48.22 -12.59 53.71
N ASN D 469 49.48 -12.39 54.10
CA ASN D 469 49.78 -11.48 55.20
C ASN D 469 50.34 -10.16 54.69
N ASP D 470 50.55 -10.10 53.37
CA ASP D 470 51.09 -8.94 52.70
C ASP D 470 50.76 -9.06 51.22
N VAL D 471 50.73 -7.95 50.49
CA VAL D 471 50.40 -8.00 49.07
C VAL D 471 51.48 -8.77 48.29
N ASN D 472 52.69 -8.81 48.84
CA ASN D 472 53.79 -9.54 48.21
C ASN D 472 54.14 -10.83 48.94
N ASP D 473 53.20 -11.33 49.73
CA ASP D 473 53.39 -12.56 50.48
C ASP D 473 53.60 -13.75 49.54
N GLU D 474 54.71 -14.44 49.72
CA GLU D 474 55.07 -15.57 48.87
C GLU D 474 54.34 -16.85 49.29
N ASN D 475 53.76 -16.86 50.49
CA ASN D 475 53.14 -18.06 51.04
C ASN D 475 51.61 -18.09 50.93
N GLY D 476 51.04 -17.07 50.29
CA GLY D 476 49.61 -17.04 50.04
C GLY D 476 49.26 -17.63 48.70
N GLU D 477 47.98 -17.87 48.46
CA GLU D 477 47.56 -18.39 47.16
C GLU D 477 46.29 -17.72 46.64
N ILE D 478 46.43 -17.01 45.53
CA ILE D 478 45.29 -16.44 44.84
C ILE D 478 44.99 -17.27 43.59
N ALA D 479 43.72 -17.62 43.42
CA ALA D 479 43.31 -18.44 42.28
C ALA D 479 43.00 -17.61 41.04
N LEU D 480 43.63 -17.97 39.93
CA LEU D 480 43.32 -17.38 38.64
C LEU D 480 42.70 -18.43 37.73
N CYS D 481 41.71 -18.05 36.95
CA CYS D 481 41.21 -18.97 35.94
C CYS D 481 41.17 -18.31 34.57
N THR D 482 41.73 -19.01 33.60
CA THR D 482 41.75 -18.54 32.22
C THR D 482 40.70 -19.30 31.43
N LEU D 483 39.90 -18.56 30.66
CA LEU D 483 38.69 -19.12 30.07
C LEU D 483 38.70 -19.28 28.55
N SER D 484 37.72 -20.04 28.08
CA SER D 484 37.37 -20.19 26.67
C SER D 484 36.11 -21.04 26.58
N ALA D 485 35.57 -21.18 25.39
CA ALA D 485 34.34 -21.95 25.23
C ALA D 485 34.27 -22.60 23.86
N PHE D 486 33.64 -23.76 23.81
CA PHE D 486 33.35 -24.44 22.55
C PHE D 486 32.04 -23.93 22.00
N ASN D 487 32.02 -23.61 20.71
CA ASN D 487 30.77 -23.24 20.05
C ASN D 487 30.06 -24.49 19.55
N LEU D 488 29.04 -24.91 20.30
CA LEU D 488 28.31 -26.14 20.00
C LEU D 488 27.53 -26.07 18.69
N GLY D 489 27.28 -24.87 18.20
CA GLY D 489 26.55 -24.69 16.96
C GLY D 489 27.46 -24.78 15.75
N ALA D 490 28.74 -25.01 15.99
CA ALA D 490 29.75 -25.03 14.94
C ALA D 490 30.36 -26.41 14.71
N ILE D 491 29.82 -27.44 15.38
CA ILE D 491 30.34 -28.80 15.21
C ILE D 491 29.32 -29.72 14.52
N ASN D 492 29.82 -30.72 13.79
CA ASN D 492 28.94 -31.69 13.14
C ASN D 492 28.80 -32.94 13.98
N ASN D 493 29.88 -33.30 14.67
CA ASN D 493 29.89 -34.43 15.58
C ASN D 493 30.80 -34.15 16.77
N LEU D 494 30.58 -34.89 17.86
CA LEU D 494 31.29 -34.66 19.12
C LEU D 494 32.78 -35.03 19.06
N ASP D 495 33.19 -35.80 18.06
CA ASP D 495 34.58 -36.19 17.94
C ASP D 495 35.44 -35.06 17.39
N GLU D 496 34.79 -33.98 16.95
CA GLU D 496 35.50 -32.80 16.51
C GLU D 496 36.03 -32.02 17.71
N LEU D 497 35.53 -32.37 18.89
CA LEU D 497 35.95 -31.73 20.13
C LEU D 497 37.37 -32.11 20.51
N GLU D 498 37.87 -33.21 19.97
CA GLU D 498 39.22 -33.67 20.27
C GLU D 498 40.24 -32.64 19.81
N GLU D 499 40.10 -32.22 18.56
CA GLU D 499 40.97 -31.21 17.96
C GLU D 499 40.79 -29.85 18.62
N LEU D 500 39.54 -29.49 18.89
CA LEU D 500 39.24 -28.19 19.47
C LEU D 500 39.76 -28.08 20.90
N ALA D 501 39.73 -29.18 21.63
CA ALA D 501 40.25 -29.22 22.99
C ALA D 501 41.77 -29.10 22.99
N ILE D 502 42.42 -29.75 22.03
CA ILE D 502 43.87 -29.67 21.90
C ILE D 502 44.31 -28.23 21.66
N LEU D 503 43.64 -27.56 20.74
CA LEU D 503 43.96 -26.17 20.45
C LEU D 503 43.68 -25.26 21.64
N ALA D 504 42.53 -25.44 22.28
CA ALA D 504 42.11 -24.59 23.37
C ALA D 504 42.98 -24.75 24.61
N VAL D 505 43.27 -25.99 24.98
CA VAL D 505 44.07 -26.26 26.16
C VAL D 505 45.52 -25.79 25.98
N ARG D 506 46.09 -26.06 24.82
CA ARG D 506 47.47 -25.66 24.56
C ARG D 506 47.64 -24.14 24.56
N ALA D 507 46.64 -23.43 24.02
CA ALA D 507 46.70 -21.99 23.93
C ALA D 507 46.62 -21.34 25.31
N LEU D 508 45.69 -21.82 26.14
CA LEU D 508 45.49 -21.23 27.46
C LEU D 508 46.61 -21.59 28.41
N ASP D 509 47.17 -22.78 28.25
CA ASP D 509 48.24 -23.23 29.13
C ASP D 509 49.54 -22.47 28.83
N ALA D 510 49.75 -22.17 27.55
CA ALA D 510 50.90 -21.38 27.16
C ALA D 510 50.71 -19.92 27.58
N LEU D 511 49.45 -19.49 27.64
CA LEU D 511 49.10 -18.15 28.08
C LEU D 511 49.58 -17.91 29.50
N LEU D 512 49.56 -18.97 30.32
CA LEU D 512 49.97 -18.87 31.70
C LEU D 512 51.45 -18.51 31.85
N ASP D 513 52.30 -19.08 31.00
CA ASP D 513 53.72 -18.78 31.05
C ASP D 513 54.02 -17.48 30.35
N TYR D 514 53.11 -17.07 29.48
CA TYR D 514 53.29 -15.88 28.67
C TYR D 514 52.94 -14.60 29.42
N GLN D 515 51.85 -14.65 30.18
CA GLN D 515 51.34 -13.45 30.83
C GLN D 515 52.11 -13.12 32.11
N ASP D 516 51.89 -11.91 32.62
CA ASP D 516 52.55 -11.47 33.85
C ASP D 516 51.60 -11.57 35.03
N TYR D 517 52.14 -11.42 36.23
CA TYR D 517 51.37 -11.55 37.46
C TYR D 517 51.74 -10.43 38.42
N PRO D 518 50.83 -9.45 38.57
CA PRO D 518 51.04 -8.28 39.44
C PRO D 518 51.11 -8.64 40.92
N ILE D 519 50.50 -9.76 41.29
CA ILE D 519 50.54 -10.23 42.66
C ILE D 519 51.27 -11.58 42.70
N PRO D 520 52.34 -11.68 43.50
CA PRO D 520 53.11 -12.92 43.62
C PRO D 520 52.28 -14.13 44.01
N ALA D 521 51.27 -13.95 44.87
CA ALA D 521 50.42 -15.04 45.30
C ALA D 521 49.57 -15.60 44.16
N ALA D 522 49.30 -14.75 43.16
CA ALA D 522 48.52 -15.17 42.01
C ALA D 522 49.35 -16.01 41.05
N LYS D 523 50.62 -15.66 40.91
CA LYS D 523 51.53 -16.45 40.08
C LYS D 523 51.75 -17.82 40.69
N ARG D 524 51.79 -17.87 42.02
CA ARG D 524 51.95 -19.11 42.73
C ARG D 524 50.81 -20.08 42.44
N GLY D 525 49.58 -19.60 42.54
CA GLY D 525 48.41 -20.42 42.25
C GLY D 525 48.31 -20.78 40.79
N ALA D 526 48.67 -19.83 39.92
CA ALA D 526 48.61 -20.05 38.49
C ALA D 526 49.69 -21.01 38.01
N MET D 527 50.90 -20.89 38.54
CA MET D 527 52.00 -21.75 38.13
C MET D 527 51.95 -23.10 38.82
N GLY D 528 51.32 -23.14 39.99
CA GLY D 528 51.23 -24.37 40.75
C GLY D 528 50.17 -25.31 40.24
N ARG D 529 48.99 -24.78 39.92
CA ARG D 529 47.85 -25.59 39.52
C ARG D 529 47.51 -25.49 38.05
N ARG D 530 47.84 -24.35 37.44
CA ARG D 530 47.56 -24.10 36.02
C ARG D 530 46.10 -24.37 35.67
N THR D 531 45.20 -23.77 36.44
CA THR D 531 43.77 -24.05 36.32
C THR D 531 43.12 -23.34 35.15
N LEU D 532 42.43 -24.10 34.32
CA LEU D 532 41.71 -23.55 33.18
C LEU D 532 40.21 -23.70 33.35
N GLY D 533 39.45 -22.90 32.62
CA GLY D 533 37.99 -22.97 32.69
C GLY D 533 37.39 -22.85 31.31
N ILE D 534 37.22 -23.98 30.64
CA ILE D 534 36.68 -23.99 29.29
C ILE D 534 35.22 -24.45 29.32
N GLY D 535 34.34 -23.64 28.74
CA GLY D 535 32.92 -23.94 28.75
C GLY D 535 32.29 -24.08 27.38
N VAL D 536 31.02 -23.71 27.27
CA VAL D 536 30.29 -23.82 26.01
C VAL D 536 29.46 -22.58 25.70
N ILE D 537 29.16 -22.38 24.43
CA ILE D 537 28.17 -21.38 24.02
C ILE D 537 27.23 -22.02 22.99
N ASN D 538 26.14 -21.33 22.67
CA ASN D 538 25.16 -21.79 21.71
C ASN D 538 24.49 -23.12 22.09
N PHE D 539 24.30 -23.34 23.39
CA PHE D 539 23.71 -24.58 23.87
C PHE D 539 22.23 -24.69 23.50
N ALA D 540 21.53 -23.57 23.55
CA ALA D 540 20.13 -23.52 23.18
C ALA D 540 19.96 -23.79 21.68
N TYR D 541 20.89 -23.25 20.89
CA TYR D 541 20.91 -23.47 19.46
C TYR D 541 21.18 -24.93 19.16
N TYR D 542 22.06 -25.53 19.96
CA TYR D 542 22.43 -26.92 19.85
C TYR D 542 21.24 -27.85 20.13
N LEU D 543 20.49 -27.56 21.18
CA LEU D 543 19.34 -28.39 21.53
C LEU D 543 18.24 -28.29 20.49
N ALA D 544 18.07 -27.09 19.95
CA ALA D 544 17.03 -26.83 18.95
C ALA D 544 17.27 -27.64 17.69
N LYS D 545 18.54 -27.79 17.32
CA LYS D 545 18.90 -28.56 16.13
C LYS D 545 18.62 -30.04 16.33
N HIS D 546 18.63 -30.48 17.57
CA HIS D 546 18.35 -31.88 17.87
C HIS D 546 16.89 -32.10 18.23
N GLY D 547 16.12 -31.02 18.21
CA GLY D 547 14.70 -31.09 18.51
C GLY D 547 14.41 -31.40 19.96
N LYS D 548 15.27 -30.91 20.85
CA LYS D 548 15.10 -31.14 22.28
C LYS D 548 14.69 -29.85 22.98
N ARG D 549 14.24 -29.95 24.22
CA ARG D 549 13.83 -28.77 24.98
C ARG D 549 14.56 -28.72 26.32
N TYR D 550 14.53 -27.56 26.96
CA TYR D 550 15.13 -27.42 28.29
C TYR D 550 14.25 -28.01 29.38
N SER D 551 12.94 -27.85 29.22
CA SER D 551 12.01 -27.98 30.34
C SER D 551 11.46 -29.38 30.61
N ASP D 552 11.29 -30.20 29.58
CA ASP D 552 10.58 -31.48 29.75
C ASP D 552 11.48 -32.67 30.09
N GLY D 553 12.79 -32.50 30.01
CA GLY D 553 13.72 -33.58 30.30
C GLY D 553 14.11 -34.36 29.07
N SER D 554 13.71 -33.86 27.90
CA SER D 554 14.01 -34.54 26.65
C SER D 554 15.46 -34.38 26.23
N ALA D 555 16.17 -33.47 26.88
CA ALA D 555 17.54 -33.17 26.51
C ALA D 555 18.53 -33.77 27.51
N ASN D 556 18.02 -34.56 28.44
CA ASN D 556 18.84 -35.13 29.50
C ASN D 556 19.93 -36.08 28.99
N ASN D 557 19.55 -37.07 28.18
CA ASN D 557 20.53 -38.02 27.68
C ASN D 557 21.50 -37.39 26.69
N LEU D 558 20.99 -36.44 25.90
CA LEU D 558 21.82 -35.73 24.95
C LEU D 558 22.86 -34.86 25.65
N THR D 559 22.45 -34.21 26.73
CA THR D 559 23.35 -33.38 27.52
C THR D 559 24.42 -34.23 28.19
N HIS D 560 24.01 -35.38 28.71
CA HIS D 560 24.94 -36.34 29.30
C HIS D 560 25.97 -36.78 28.28
N LYS D 561 25.50 -37.14 27.10
CA LYS D 561 26.34 -37.58 26.00
C LYS D 561 27.28 -36.47 25.54
N THR D 562 26.75 -35.25 25.48
CA THR D 562 27.50 -34.11 24.99
C THR D 562 28.63 -33.69 25.93
N PHE D 563 28.31 -33.57 27.21
CA PHE D 563 29.30 -33.09 28.17
C PHE D 563 30.25 -34.18 28.64
N GLU D 564 29.90 -35.44 28.40
CA GLU D 564 30.84 -36.53 28.61
C GLU D 564 31.98 -36.37 27.61
N ALA D 565 31.61 -36.06 26.37
CA ALA D 565 32.57 -35.88 25.30
C ALA D 565 33.45 -34.65 25.53
N ILE D 566 32.84 -33.58 26.05
CA ILE D 566 33.57 -32.35 26.30
C ILE D 566 34.67 -32.56 27.33
N GLN D 567 34.31 -33.12 28.48
CA GLN D 567 35.27 -33.34 29.55
C GLN D 567 36.31 -34.39 29.16
N TYR D 568 35.88 -35.42 28.45
CA TYR D 568 36.78 -36.49 28.04
C TYR D 568 37.93 -35.95 27.19
N TYR D 569 37.59 -35.14 26.21
CA TYR D 569 38.59 -34.58 25.30
C TYR D 569 39.39 -33.44 25.92
N LEU D 570 38.81 -32.78 26.91
CA LEU D 570 39.53 -31.77 27.67
C LEU D 570 40.61 -32.42 28.51
N LEU D 571 40.24 -33.51 29.19
CA LEU D 571 41.18 -34.29 29.98
C LEU D 571 42.24 -34.96 29.12
N LYS D 572 41.82 -35.52 27.99
CA LYS D 572 42.74 -36.21 27.09
C LYS D 572 43.75 -35.23 26.49
N ALA D 573 43.31 -34.02 26.17
CA ALA D 573 44.20 -33.01 25.63
C ALA D 573 45.22 -32.57 26.67
N SER D 574 44.76 -32.38 27.90
CA SER D 574 45.61 -31.96 29.00
C SER D 574 46.53 -33.09 29.46
N ASN D 575 46.07 -34.32 29.28
CA ASN D 575 46.86 -35.49 29.60
C ASN D 575 48.01 -35.66 28.62
N GLU D 576 47.73 -35.46 27.33
CA GLU D 576 48.75 -35.56 26.31
C GLU D 576 49.77 -34.45 26.45
N LEU D 577 49.30 -33.28 26.87
CA LEU D 577 50.14 -32.11 27.06
C LEU D 577 51.05 -32.29 28.27
N ALA D 578 50.63 -33.11 29.22
CA ALA D 578 51.45 -33.44 30.37
C ALA D 578 52.56 -34.40 30.00
N LYS D 579 52.30 -35.31 29.07
CA LYS D 579 53.32 -36.22 28.59
C LYS D 579 54.44 -35.45 27.91
N GLU D 580 54.07 -34.38 27.23
CA GLU D 580 55.00 -33.60 26.43
C GLU D 580 55.79 -32.57 27.25
N GLN D 581 55.12 -31.93 28.20
CA GLN D 581 55.72 -30.79 28.91
C GLN D 581 55.77 -30.97 30.42
N GLY D 582 55.20 -32.05 30.92
CA GLY D 582 55.18 -32.30 32.35
C GLY D 582 53.89 -31.85 32.97
N ALA D 583 53.43 -32.57 33.99
CA ALA D 583 52.22 -32.23 34.72
C ALA D 583 52.41 -30.97 35.55
N CYS D 584 51.32 -30.36 35.98
CA CYS D 584 51.40 -29.18 36.83
C CYS D 584 52.05 -29.56 38.16
N PRO D 585 52.89 -28.67 38.71
CA PRO D 585 53.68 -28.90 39.92
C PRO D 585 52.86 -29.44 41.10
N TRP D 586 51.64 -28.95 41.29
CA TRP D 586 50.84 -29.37 42.43
C TRP D 586 49.76 -30.36 42.03
N PHE D 587 50.05 -31.17 41.02
CA PHE D 587 49.10 -32.18 40.54
C PHE D 587 48.76 -33.21 41.62
N ASN D 588 49.71 -33.47 42.52
CA ASN D 588 49.51 -34.45 43.58
C ASN D 588 48.46 -34.04 44.59
N GLU D 589 47.98 -32.81 44.48
CA GLU D 589 46.96 -32.31 45.37
C GLU D 589 45.56 -32.51 44.79
N THR D 590 45.50 -33.13 43.61
CA THR D 590 44.22 -33.35 42.94
C THR D 590 43.66 -34.75 43.19
N THR D 591 42.35 -34.91 42.99
CA THR D 591 41.75 -36.23 43.09
C THR D 591 42.13 -37.04 41.86
N TYR D 592 42.45 -36.34 40.77
CA TYR D 592 42.92 -36.99 39.57
C TYR D 592 44.21 -37.76 39.82
N ALA D 593 45.04 -37.22 40.70
CA ALA D 593 46.30 -37.84 41.06
C ALA D 593 46.08 -39.16 41.77
N LYS D 594 44.94 -39.27 42.44
CA LYS D 594 44.58 -40.49 43.15
C LYS D 594 43.93 -41.49 42.21
N GLY D 595 43.80 -41.11 40.94
CA GLY D 595 43.13 -41.95 39.96
C GLY D 595 41.63 -41.82 40.05
N ILE D 596 41.15 -40.71 40.61
CA ILE D 596 39.72 -40.47 40.76
C ILE D 596 39.20 -39.52 39.68
N LEU D 597 38.08 -39.88 39.08
CA LEU D 597 37.48 -39.12 37.99
C LEU D 597 36.14 -38.53 38.41
N PRO D 598 35.65 -37.51 37.68
CA PRO D 598 34.33 -36.93 37.96
C PRO D 598 33.20 -37.96 37.90
N ILE D 599 33.38 -39.00 37.11
CA ILE D 599 32.37 -40.05 36.93
C ILE D 599 32.30 -40.95 38.16
N ASP D 600 33.19 -40.71 39.12
CA ASP D 600 33.23 -41.51 40.33
C ASP D 600 32.57 -40.81 41.52
N THR D 601 32.47 -39.49 41.45
CA THR D 601 32.09 -38.70 42.62
C THR D 601 30.82 -37.87 42.47
N TYR D 602 30.10 -38.05 41.37
CA TYR D 602 28.90 -37.27 41.15
C TYR D 602 27.79 -37.68 42.11
N LYS D 603 26.78 -36.82 42.25
CA LYS D 603 25.67 -37.11 43.15
C LYS D 603 24.75 -38.18 42.57
N LYS D 604 24.42 -39.19 43.37
CA LYS D 604 23.72 -40.39 42.91
C LYS D 604 22.36 -40.13 42.29
N ASP D 605 21.74 -39.02 42.67
CA ASP D 605 20.39 -38.72 42.22
C ASP D 605 20.33 -38.46 40.71
N LEU D 606 21.48 -38.24 40.09
CA LEU D 606 21.55 -38.06 38.66
C LEU D 606 21.20 -39.35 37.91
N ASP D 607 21.37 -40.49 38.58
CA ASP D 607 21.10 -41.77 37.95
C ASP D 607 19.61 -41.98 37.70
N THR D 608 18.79 -41.16 38.35
CA THR D 608 17.34 -41.30 38.23
C THR D 608 16.75 -40.42 37.14
N ILE D 609 17.56 -39.51 36.60
CA ILE D 609 17.08 -38.57 35.60
C ILE D 609 17.81 -38.71 34.27
N ALA D 610 18.70 -39.68 34.18
CA ALA D 610 19.42 -39.97 32.94
C ALA D 610 19.96 -41.40 32.92
N ASN D 611 19.77 -42.10 31.81
CA ASN D 611 20.26 -43.45 31.67
C ASN D 611 21.23 -43.61 30.48
N GLU D 612 21.82 -42.50 30.05
CA GLU D 612 22.78 -42.51 28.95
C GLU D 612 24.09 -43.13 29.41
N PRO D 613 24.58 -44.16 28.67
CA PRO D 613 25.83 -44.82 29.03
C PRO D 613 27.06 -44.01 28.61
N LEU D 614 28.22 -44.31 29.20
CA LEU D 614 29.45 -43.66 28.80
C LEU D 614 29.92 -44.24 27.46
N HIS D 615 30.26 -43.35 26.54
CA HIS D 615 30.62 -43.78 25.20
C HIS D 615 32.13 -43.82 24.99
N TYR D 616 32.87 -43.19 25.90
CA TYR D 616 34.33 -43.14 25.77
C TYR D 616 35.01 -44.02 26.79
N ASP D 617 36.27 -44.35 26.54
CA ASP D 617 37.03 -45.23 27.40
C ASP D 617 37.63 -44.46 28.57
N TRP D 618 36.83 -44.27 29.62
CA TRP D 618 37.26 -43.52 30.79
C TRP D 618 38.24 -44.31 31.65
N GLU D 619 38.20 -45.63 31.52
CA GLU D 619 39.11 -46.48 32.29
C GLU D 619 40.53 -46.39 31.76
N ALA D 620 40.68 -46.32 30.44
CA ALA D 620 41.98 -46.12 29.85
C ALA D 620 42.49 -44.72 30.16
N LEU D 621 41.57 -43.76 30.15
CA LEU D 621 41.90 -42.37 30.46
C LEU D 621 42.33 -42.23 31.92
N ARG D 622 41.64 -42.94 32.81
CA ARG D 622 41.97 -42.93 34.23
C ARG D 622 43.41 -43.35 34.48
N GLU D 623 43.81 -44.43 33.81
CA GLU D 623 45.15 -44.97 33.95
C GLU D 623 46.20 -44.03 33.38
N SER D 624 45.86 -43.38 32.28
CA SER D 624 46.76 -42.45 31.63
C SER D 624 46.96 -41.19 32.47
N ILE D 625 45.90 -40.75 33.13
CA ILE D 625 45.95 -39.57 33.98
C ILE D 625 46.75 -39.80 35.26
N LYS D 626 46.51 -40.93 35.93
CA LYS D 626 47.22 -41.22 37.16
C LYS D 626 48.73 -41.38 36.95
N THR D 627 49.09 -41.81 35.75
CA THR D 627 50.49 -42.11 35.44
C THR D 627 51.25 -40.90 34.93
N HIS D 628 50.68 -40.18 33.96
CA HIS D 628 51.37 -39.07 33.33
C HIS D 628 50.88 -37.72 33.83
N GLY D 629 49.77 -37.73 34.55
CA GLY D 629 49.24 -36.52 35.14
C GLY D 629 48.45 -35.66 34.18
N LEU D 630 48.02 -34.51 34.68
CA LEU D 630 47.37 -33.50 33.84
C LEU D 630 48.22 -32.25 33.87
N ARG D 631 48.26 -31.55 32.75
CA ARG D 631 48.96 -30.28 32.66
C ARG D 631 48.20 -29.24 33.47
N ASN D 632 46.90 -29.44 33.61
CA ASN D 632 46.02 -28.50 34.28
C ASN D 632 45.13 -29.18 35.31
N SER D 633 45.04 -28.60 36.51
CA SER D 633 44.26 -29.19 37.59
C SER D 633 42.76 -29.15 37.32
N THR D 634 42.32 -28.09 36.65
CA THR D 634 40.93 -27.99 36.19
C THR D 634 40.93 -27.70 34.71
N LEU D 635 39.83 -28.00 34.04
CA LEU D 635 39.74 -27.79 32.60
C LEU D 635 38.41 -27.20 32.18
N SER D 636 37.34 -27.56 32.87
CA SER D 636 36.01 -27.12 32.47
C SER D 636 35.30 -26.25 33.50
N ALA D 637 34.54 -25.29 32.99
CA ALA D 637 33.70 -24.41 33.78
C ALA D 637 32.71 -23.74 32.84
N LEU D 638 31.44 -23.70 33.20
CA LEU D 638 30.44 -23.14 32.31
C LEU D 638 30.13 -21.69 32.66
N MET D 639 30.82 -20.78 32.00
CA MET D 639 30.64 -19.35 32.21
C MET D 639 29.45 -18.83 31.43
N PRO D 640 28.92 -17.66 31.83
CA PRO D 640 27.77 -17.12 31.09
C PRO D 640 28.11 -16.65 29.69
N SER D 641 29.34 -16.21 29.46
CA SER D 641 29.79 -15.68 28.17
C SER D 641 28.82 -14.63 27.63
N GLU D 642 28.37 -13.75 28.52
CA GLU D 642 27.35 -12.75 28.20
C GLU D 642 27.80 -11.85 27.05
N THR D 643 29.08 -11.47 27.07
CA THR D 643 29.65 -10.57 26.07
C THR D 643 30.33 -11.31 24.93
N SER D 644 31.19 -12.26 25.25
CA SER D 644 32.03 -12.93 24.27
C SER D 644 31.26 -13.78 23.27
N SER D 645 30.08 -14.27 23.66
CA SER D 645 29.27 -15.12 22.79
C SER D 645 28.62 -14.34 21.66
N GLN D 646 28.62 -13.02 21.79
CA GLN D 646 28.03 -12.15 20.77
C GLN D 646 28.90 -12.09 19.52
N ILE D 647 30.17 -12.45 19.68
CA ILE D 647 31.12 -12.44 18.57
C ILE D 647 30.72 -13.43 17.47
N SER D 648 30.19 -14.58 17.87
CA SER D 648 29.74 -15.57 16.90
C SER D 648 28.21 -15.55 16.77
N ASN D 649 27.59 -14.54 17.34
CA ASN D 649 26.13 -14.38 17.37
C ASN D 649 25.47 -15.59 18.01
N ALA D 650 26.12 -16.14 19.02
CA ALA D 650 25.63 -17.34 19.70
C ALA D 650 24.63 -17.01 20.80
N THR D 651 23.81 -17.99 21.16
CA THR D 651 23.03 -17.89 22.38
C THR D 651 24.02 -18.07 23.51
N ASN D 652 23.99 -17.20 24.51
CA ASN D 652 25.04 -17.16 25.52
C ASN D 652 25.04 -18.38 26.43
N GLY D 653 26.21 -19.00 26.55
CA GLY D 653 26.43 -20.11 27.45
C GLY D 653 25.44 -21.25 27.30
N ILE D 654 24.83 -21.64 28.41
CA ILE D 654 23.85 -22.71 28.41
C ILE D 654 22.44 -22.12 28.53
N GLU D 655 22.36 -20.80 28.56
CA GLU D 655 21.09 -20.12 28.78
C GLU D 655 20.20 -20.10 27.55
N PRO D 656 18.90 -20.33 27.75
CA PRO D 656 17.89 -20.19 26.70
C PRO D 656 17.56 -18.73 26.41
N PRO D 657 17.34 -18.40 25.13
CA PRO D 657 17.01 -17.01 24.79
C PRO D 657 15.64 -16.59 25.36
N ARG D 658 15.54 -15.32 25.72
CA ARG D 658 14.30 -14.76 26.23
C ARG D 658 13.31 -14.54 25.10
N GLY D 659 13.86 -14.28 23.91
CA GLY D 659 13.07 -14.09 22.71
C GLY D 659 13.88 -14.33 21.46
N TYR D 660 13.18 -14.41 20.32
CA TYR D 660 13.83 -14.62 19.04
C TYR D 660 14.72 -13.45 18.66
N VAL D 661 14.28 -12.25 19.02
CA VAL D 661 15.08 -11.05 18.84
C VAL D 661 15.39 -10.40 20.18
N SER D 662 16.64 -10.46 20.59
CA SER D 662 17.06 -9.92 21.86
C SER D 662 17.52 -8.47 21.74
N ILE D 663 17.16 -7.65 22.73
CA ILE D 663 17.71 -6.30 22.83
C ILE D 663 18.64 -6.27 24.04
N LYS D 664 19.94 -6.21 23.78
CA LYS D 664 20.95 -6.29 24.84
C LYS D 664 21.60 -4.93 25.05
N LEU D 671 20.84 -2.58 20.82
CA LEU D 671 21.19 -3.49 19.74
C LEU D 671 20.12 -4.57 19.58
N ARG D 672 19.84 -4.96 18.34
CA ARG D 672 18.97 -6.09 18.10
C ARG D 672 19.79 -7.32 17.70
N GLN D 673 19.56 -8.42 18.41
CA GLN D 673 20.27 -9.66 18.11
C GLN D 673 19.26 -10.79 17.91
N VAL D 674 19.34 -11.45 16.75
CA VAL D 674 18.43 -12.53 16.42
C VAL D 674 19.07 -13.88 16.75
N VAL D 675 18.27 -14.83 17.21
CA VAL D 675 18.73 -16.19 17.46
C VAL D 675 19.28 -16.78 16.15
N PRO D 676 20.35 -17.58 16.24
CA PRO D 676 20.94 -18.18 15.05
C PRO D 676 19.97 -19.12 14.32
N ASP D 677 19.88 -18.96 13.00
CA ASP D 677 19.04 -19.79 12.13
C ASP D 677 17.58 -19.77 12.54
N TYR D 678 17.02 -18.57 12.72
CA TYR D 678 15.63 -18.41 13.11
C TYR D 678 14.66 -18.93 12.05
N GLU D 679 15.06 -18.81 10.78
CA GLU D 679 14.18 -19.20 9.68
C GLU D 679 13.79 -20.67 9.76
N HIS D 680 14.76 -21.52 10.08
CA HIS D 680 14.51 -22.95 10.12
C HIS D 680 14.14 -23.47 11.50
N LEU D 681 14.50 -22.72 12.55
CA LEU D 681 14.38 -23.25 13.90
C LEU D 681 13.45 -22.44 14.81
N HIS D 682 12.54 -21.68 14.22
CA HIS D 682 11.65 -20.84 15.01
C HIS D 682 10.77 -21.68 15.94
N ASP D 683 10.41 -22.87 15.50
CA ASP D 683 9.57 -23.75 16.31
C ASP D 683 10.41 -24.65 17.22
N ALA D 684 11.70 -24.71 16.94
CA ALA D 684 12.60 -25.60 17.66
C ALA D 684 13.07 -24.99 18.97
N TYR D 685 13.18 -23.66 19.00
CA TYR D 685 13.64 -22.98 20.20
C TYR D 685 12.58 -23.01 21.29
N GLU D 686 13.03 -23.09 22.53
CA GLU D 686 12.15 -22.91 23.67
C GLU D 686 12.59 -21.67 24.44
N LEU D 687 11.83 -20.60 24.29
CA LEU D 687 12.19 -19.34 24.93
C LEU D 687 12.06 -19.45 26.44
N LEU D 688 12.75 -18.55 27.14
CA LEU D 688 12.84 -18.61 28.59
C LEU D 688 11.48 -18.63 29.28
N TRP D 689 10.59 -17.73 28.87
CA TRP D 689 9.32 -17.57 29.56
C TRP D 689 8.22 -18.46 28.98
N GLU D 690 8.62 -19.43 28.17
CA GLU D 690 7.69 -20.45 27.68
C GLU D 690 7.79 -21.72 28.51
N MET D 691 8.59 -21.67 29.56
CA MET D 691 8.88 -22.83 30.39
C MET D 691 8.03 -22.85 31.66
N PRO D 692 7.61 -24.05 32.08
CA PRO D 692 6.76 -24.22 33.27
C PRO D 692 7.46 -23.80 34.56
N GLY D 693 8.77 -24.05 34.61
CA GLY D 693 9.55 -23.78 35.81
C GLY D 693 11.02 -24.03 35.60
N ASN D 694 11.73 -24.33 36.68
CA ASN D 694 13.18 -24.47 36.63
C ASN D 694 13.65 -25.92 36.65
N ASP D 695 12.71 -26.84 36.81
CA ASP D 695 12.99 -28.28 36.97
C ASP D 695 13.84 -28.87 35.85
N GLY D 696 13.40 -28.69 34.61
CA GLY D 696 14.11 -29.22 33.47
C GLY D 696 15.51 -28.65 33.33
N TYR D 697 15.63 -27.35 33.57
CA TYR D 697 16.91 -26.65 33.49
C TYR D 697 17.87 -27.12 34.57
N LEU D 698 17.37 -27.22 35.80
CA LEU D 698 18.20 -27.65 36.92
C LEU D 698 18.64 -29.10 36.76
N GLN D 699 17.82 -29.90 36.10
CA GLN D 699 18.19 -31.27 35.80
C GLN D 699 19.33 -31.31 34.78
N LEU D 700 19.26 -30.44 33.78
CA LEU D 700 20.32 -30.36 32.79
C LEU D 700 21.61 -29.87 33.44
N VAL D 701 21.50 -28.90 34.33
CA VAL D 701 22.65 -28.36 35.05
C VAL D 701 23.31 -29.42 35.91
N GLY D 702 22.51 -30.22 36.60
CA GLY D 702 23.01 -31.30 37.42
C GLY D 702 23.76 -32.33 36.62
N ILE D 703 23.22 -32.66 35.45
CA ILE D 703 23.84 -33.62 34.54
C ILE D 703 25.16 -33.08 33.99
N MET D 704 25.19 -31.80 33.65
CA MET D 704 26.43 -31.16 33.21
C MET D 704 27.48 -31.21 34.31
N GLN D 705 27.05 -30.94 35.54
CA GLN D 705 27.95 -30.85 36.68
C GLN D 705 28.65 -32.18 36.96
N LYS D 706 28.10 -33.27 36.44
CA LYS D 706 28.70 -34.59 36.57
C LYS D 706 30.10 -34.62 35.98
N PHE D 707 30.31 -33.83 34.94
CA PHE D 707 31.59 -33.85 34.22
C PHE D 707 32.40 -32.58 34.43
N ILE D 708 31.74 -31.49 34.76
CA ILE D 708 32.41 -30.20 34.92
C ILE D 708 33.32 -30.21 36.14
N ASP D 709 34.57 -29.83 35.94
CA ASP D 709 35.56 -29.79 37.01
C ASP D 709 35.17 -28.79 38.09
N GLN D 710 34.80 -27.59 37.65
CA GLN D 710 34.44 -26.52 38.57
C GLN D 710 32.93 -26.42 38.73
N SER D 711 32.35 -25.28 38.41
CA SER D 711 30.91 -25.12 38.58
C SER D 711 30.24 -24.52 37.35
N ILE D 712 28.97 -24.16 37.51
CA ILE D 712 28.15 -23.66 36.41
C ILE D 712 27.37 -22.42 36.83
N SER D 713 27.35 -21.40 35.99
CA SER D 713 26.61 -20.18 36.28
C SER D 713 25.11 -20.38 36.10
N ALA D 714 24.53 -21.18 36.99
CA ALA D 714 23.13 -21.58 36.86
C ALA D 714 22.16 -20.48 37.27
N ASN D 715 21.19 -20.20 36.40
CA ASN D 715 20.16 -19.21 36.66
C ASN D 715 18.86 -19.83 37.15
N THR D 716 18.11 -19.09 37.94
CA THR D 716 16.73 -19.46 38.25
C THR D 716 15.83 -18.39 37.68
N ASN D 717 14.67 -18.79 37.18
CA ASN D 717 13.77 -17.85 36.52
C ASN D 717 12.34 -17.97 37.01
N TYR D 718 11.68 -16.83 37.18
CA TYR D 718 10.31 -16.82 37.66
C TYR D 718 9.47 -15.75 36.96
N ASP D 719 8.29 -16.17 36.50
CA ASP D 719 7.32 -15.26 35.91
C ASP D 719 6.19 -15.04 36.91
N PRO D 720 6.19 -13.88 37.58
CA PRO D 720 5.20 -13.54 38.60
C PRO D 720 3.76 -13.61 38.10
N SER D 721 3.55 -13.33 36.82
CA SER D 721 2.20 -13.31 36.26
C SER D 721 1.59 -14.72 36.23
N ARG D 722 2.45 -15.72 36.37
CA ARG D 722 2.03 -17.12 36.41
C ARG D 722 1.59 -17.55 37.81
N PHE D 723 1.77 -16.66 38.78
CA PHE D 723 1.53 -17.02 40.18
C PHE D 723 0.36 -16.24 40.77
N PRO D 724 -0.33 -16.84 41.75
CA PRO D 724 -1.45 -16.17 42.41
C PRO D 724 -1.07 -14.81 42.99
N SER D 725 -1.89 -13.81 42.71
CA SER D 725 -1.67 -12.44 43.16
C SER D 725 -0.37 -11.86 42.62
N GLY D 726 0.19 -12.48 41.59
CA GLY D 726 1.37 -11.99 40.92
C GLY D 726 2.63 -11.99 41.75
N LYS D 727 2.69 -12.84 42.77
CA LYS D 727 3.88 -12.94 43.60
C LYS D 727 4.30 -14.39 43.80
N VAL D 728 5.59 -14.65 43.59
CA VAL D 728 6.14 -15.99 43.73
C VAL D 728 6.23 -16.39 45.19
N PRO D 729 5.53 -17.47 45.57
CA PRO D 729 5.54 -17.91 46.96
C PRO D 729 6.91 -18.39 47.40
N MET D 730 7.23 -18.20 48.68
CA MET D 730 8.52 -18.61 49.23
C MET D 730 8.70 -20.11 49.11
N GLN D 731 7.60 -20.84 49.20
CA GLN D 731 7.62 -22.30 49.15
C GLN D 731 8.18 -22.78 47.82
N GLN D 732 7.88 -22.05 46.75
CA GLN D 732 8.37 -22.39 45.42
C GLN D 732 9.86 -22.08 45.28
N LEU D 733 10.27 -20.95 45.85
CA LEU D 733 11.67 -20.55 45.82
C LEU D 733 12.54 -21.56 46.57
N LEU D 734 12.06 -22.02 47.71
CA LEU D 734 12.78 -23.00 48.51
C LEU D 734 12.76 -24.38 47.88
N LYS D 735 11.71 -24.69 47.14
CA LYS D 735 11.60 -25.98 46.45
C LYS D 735 12.66 -26.11 45.38
N ASP D 736 12.83 -25.06 44.57
CA ASP D 736 13.84 -25.07 43.52
C ASP D 736 15.24 -25.09 44.08
N LEU D 737 15.44 -24.43 45.21
CA LEU D 737 16.72 -24.43 45.91
C LEU D 737 17.11 -25.85 46.33
N LEU D 738 16.13 -26.59 46.84
CA LEU D 738 16.36 -27.96 47.30
C LEU D 738 16.54 -28.91 46.12
N THR D 739 15.85 -28.62 45.02
CA THR D 739 15.98 -29.41 43.81
C THR D 739 17.40 -29.32 43.26
N ALA D 740 17.93 -28.10 43.25
CA ALA D 740 19.30 -27.88 42.79
C ALA D 740 20.28 -28.68 43.63
N TYR D 741 20.12 -28.62 44.94
CA TYR D 741 21.00 -29.35 45.85
C TYR D 741 20.85 -30.85 45.63
N LYS D 742 19.61 -31.29 45.42
CA LYS D 742 19.31 -32.70 45.22
C LYS D 742 20.09 -33.30 44.05
N PHE D 743 20.25 -32.50 42.99
CA PHE D 743 20.89 -32.99 41.78
C PHE D 743 22.36 -32.59 41.70
N GLY D 744 22.92 -32.15 42.82
CA GLY D 744 24.34 -31.92 42.94
C GLY D 744 24.84 -30.59 42.38
N VAL D 745 23.92 -29.66 42.17
CA VAL D 745 24.28 -28.33 41.69
C VAL D 745 25.13 -27.60 42.74
N LYS D 746 26.30 -27.14 42.33
CA LYS D 746 27.25 -26.51 43.24
C LYS D 746 26.92 -25.07 43.56
N THR D 747 26.51 -24.30 42.55
CA THR D 747 26.23 -22.88 42.74
C THR D 747 24.96 -22.42 42.02
N LEU D 748 24.42 -21.29 42.47
CA LEU D 748 23.31 -20.62 41.81
C LEU D 748 23.65 -19.17 41.51
N TYR D 749 23.57 -18.79 40.25
CA TYR D 749 23.91 -17.44 39.81
C TYR D 749 22.66 -16.57 39.85
N TYR D 750 22.36 -15.88 38.76
CA TYR D 750 21.24 -14.96 38.71
C TYR D 750 19.90 -15.60 39.05
N GLN D 751 19.03 -14.84 39.70
CA GLN D 751 17.60 -15.13 39.67
C GLN D 751 16.94 -14.05 38.83
N ASN D 752 16.38 -14.47 37.71
CA ASN D 752 15.72 -13.55 36.79
C ASN D 752 14.22 -13.48 37.06
N THR D 753 13.72 -12.28 37.25
CA THR D 753 12.29 -12.06 37.40
C THR D 753 11.73 -11.26 36.23
N ARG D 754 10.77 -11.84 35.52
CA ARG D 754 10.19 -11.23 34.34
C ARG D 754 9.43 -9.94 34.69
N ASP D 755 9.56 -8.93 33.83
CA ASP D 755 8.79 -7.70 33.99
C ASP D 755 7.56 -7.70 33.11
N ASN E 23 26.18 28.58 -47.44
CA ASN E 23 26.45 28.78 -48.87
C ASN E 23 25.14 28.70 -49.65
N LEU E 24 24.05 28.66 -48.90
CA LEU E 24 22.71 28.44 -49.45
C LEU E 24 22.04 29.73 -49.92
N LEU E 25 21.15 29.61 -50.90
CA LEU E 25 20.35 30.77 -51.32
C LEU E 25 18.94 30.59 -50.80
N VAL E 26 18.25 31.71 -50.62
CA VAL E 26 16.86 31.70 -50.25
C VAL E 26 16.07 32.39 -51.35
N THR E 27 14.80 32.07 -51.45
CA THR E 27 13.94 32.72 -52.43
C THR E 27 13.04 33.74 -51.75
N LYS E 28 13.21 35.00 -52.09
CA LYS E 28 12.43 36.07 -51.48
C LYS E 28 11.00 36.06 -52.03
N ARG E 29 10.17 36.95 -51.53
CA ARG E 29 8.77 36.99 -51.95
C ARG E 29 8.59 37.49 -53.37
N ASP E 30 9.46 38.40 -53.80
CA ASP E 30 9.36 38.97 -55.14
C ASP E 30 9.88 38.01 -56.21
N GLY E 31 10.45 36.90 -55.78
CA GLY E 31 10.94 35.88 -56.69
C GLY E 31 12.45 35.89 -56.88
N SER E 32 13.10 36.95 -56.40
CA SER E 32 14.55 37.03 -56.52
C SER E 32 15.19 36.15 -55.46
N THR E 33 16.52 35.99 -55.55
CA THR E 33 17.23 35.19 -54.57
C THR E 33 18.36 35.97 -53.93
N GLU E 34 18.68 35.62 -52.70
CA GLU E 34 19.82 36.20 -52.00
C GLU E 34 20.39 35.13 -51.07
N ARG E 35 21.65 35.27 -50.68
CA ARG E 35 22.26 34.27 -49.79
C ARG E 35 21.55 34.27 -48.46
N ILE E 36 21.52 33.10 -47.85
CA ILE E 36 20.89 32.91 -46.57
C ILE E 36 21.57 33.75 -45.48
N ASN E 37 20.76 34.37 -44.65
CA ASN E 37 21.23 35.19 -43.55
C ASN E 37 20.55 34.75 -42.27
N LEU E 38 21.27 33.97 -41.46
CA LEU E 38 20.70 33.40 -40.24
C LEU E 38 20.44 34.47 -39.19
N ASP E 39 21.08 35.62 -39.35
CA ASP E 39 20.91 36.73 -38.42
C ASP E 39 19.55 37.39 -38.62
N LYS E 40 19.07 37.39 -39.86
CA LYS E 40 17.75 37.92 -40.16
C LYS E 40 16.69 37.10 -39.45
N ILE E 41 16.87 35.78 -39.46
CA ILE E 41 15.99 34.85 -38.76
C ILE E 41 16.10 35.03 -37.25
N HIS E 42 17.31 35.19 -36.76
CA HIS E 42 17.56 35.31 -35.33
C HIS E 42 16.88 36.50 -34.67
N ARG E 43 16.85 37.63 -35.37
CA ARG E 43 16.18 38.82 -34.84
C ARG E 43 14.67 38.68 -34.75
N VAL E 44 14.10 38.00 -35.73
CA VAL E 44 12.66 37.74 -35.73
C VAL E 44 12.32 36.88 -34.52
N LEU E 45 13.19 35.91 -34.21
CA LEU E 45 13.01 35.08 -33.05
C LEU E 45 13.16 35.91 -31.78
N ASP E 46 14.07 36.88 -31.80
CA ASP E 46 14.24 37.79 -30.68
C ASP E 46 13.03 38.68 -30.46
N ALA E 47 12.41 39.12 -31.55
CA ALA E 47 11.25 39.98 -31.47
C ALA E 47 10.06 39.26 -30.84
N ALA E 48 9.95 37.97 -31.11
CA ALA E 48 8.84 37.17 -30.61
C ALA E 48 9.10 36.63 -29.21
N ALA E 49 10.37 36.62 -28.80
CA ALA E 49 10.76 36.05 -27.52
C ALA E 49 10.82 37.11 -26.43
N GLU E 50 10.44 38.33 -26.78
CA GLU E 50 10.49 39.45 -25.86
C GLU E 50 9.57 39.25 -24.67
N GLY E 51 10.14 39.23 -23.47
CA GLY E 51 9.35 39.15 -22.26
C GLY E 51 9.00 37.73 -21.84
N LEU E 52 9.46 36.75 -22.62
CA LEU E 52 9.14 35.36 -22.34
C LEU E 52 10.22 34.70 -21.47
N HIS E 53 9.85 33.61 -20.80
CA HIS E 53 10.75 32.94 -19.88
C HIS E 53 10.95 31.47 -20.23
N ASN E 54 12.16 30.98 -19.95
CA ASN E 54 12.53 29.58 -20.15
C ASN E 54 12.36 29.12 -21.60
N VAL E 55 12.53 30.04 -22.54
CA VAL E 55 12.52 29.71 -23.96
C VAL E 55 13.92 29.84 -24.53
N SER E 56 14.22 29.06 -25.56
CA SER E 56 15.55 29.07 -26.16
C SER E 56 15.49 29.34 -27.65
N ILE E 57 16.10 30.46 -28.06
CA ILE E 57 16.21 30.79 -29.47
C ILE E 57 17.02 29.73 -30.20
N SER E 58 18.07 29.26 -29.54
CA SER E 58 18.96 28.25 -30.11
C SER E 58 18.24 26.95 -30.44
N GLN E 59 17.40 26.49 -29.51
CA GLN E 59 16.66 25.25 -29.69
C GLN E 59 15.75 25.33 -30.91
N VAL E 60 15.10 26.48 -31.10
CA VAL E 60 14.23 26.68 -32.25
C VAL E 60 15.03 26.70 -33.55
N GLU E 61 16.18 27.36 -33.52
CA GLU E 61 17.06 27.44 -34.67
C GLU E 61 17.58 26.07 -35.11
N LEU E 62 17.95 25.25 -34.13
CA LEU E 62 18.47 23.93 -34.40
C LEU E 62 17.44 23.06 -35.13
N ARG E 63 16.18 23.14 -34.70
CA ARG E 63 15.12 22.37 -35.34
C ARG E 63 14.72 22.94 -36.70
N SER E 64 15.03 24.21 -36.93
CA SER E 64 14.60 24.90 -38.14
C SER E 64 15.62 24.79 -39.26
N HIS E 65 16.88 25.02 -38.93
CA HIS E 65 17.96 25.08 -39.90
C HIS E 65 18.10 23.80 -40.71
N ILE E 66 17.90 22.66 -40.06
CA ILE E 66 18.09 21.37 -40.68
C ILE E 66 17.10 21.11 -41.83
N GLN E 67 15.98 21.81 -41.83
CA GLN E 67 14.94 21.58 -42.81
C GLN E 67 15.13 22.53 -43.98
N PHE E 68 16.13 23.39 -43.89
CA PHE E 68 16.44 24.35 -44.95
C PHE E 68 17.18 23.66 -46.10
N TYR E 69 16.98 24.18 -47.30
CA TYR E 69 17.62 23.66 -48.50
C TYR E 69 17.89 24.80 -49.46
N ASP E 70 18.75 24.56 -50.45
CA ASP E 70 19.13 25.63 -51.37
C ASP E 70 17.95 26.13 -52.19
N GLY E 71 17.71 27.44 -52.11
CA GLY E 71 16.63 28.07 -52.85
C GLY E 71 15.30 27.97 -52.13
N ILE E 72 15.33 27.65 -50.84
CA ILE E 72 14.12 27.52 -50.06
C ILE E 72 13.37 28.84 -50.02
N LYS E 73 12.05 28.79 -50.20
CA LYS E 73 11.24 29.99 -50.18
C LYS E 73 11.28 30.59 -48.80
N THR E 74 11.30 31.92 -48.74
CA THR E 74 11.40 32.64 -47.48
C THR E 74 10.16 32.47 -46.62
N SER E 75 9.03 32.18 -47.27
CA SER E 75 7.78 31.96 -46.56
C SER E 75 7.77 30.59 -45.91
N ASP E 76 8.44 29.63 -46.54
CA ASP E 76 8.56 28.29 -45.97
C ASP E 76 9.54 28.32 -44.80
N ILE E 77 10.47 29.27 -44.83
CA ILE E 77 11.37 29.48 -43.71
C ILE E 77 10.58 29.95 -42.49
N HIS E 78 9.67 30.89 -42.71
CA HIS E 78 8.88 31.44 -41.62
C HIS E 78 7.93 30.41 -41.03
N GLU E 79 7.32 29.59 -41.89
CA GLU E 79 6.44 28.53 -41.42
C GLU E 79 7.21 27.44 -40.68
N THR E 80 8.48 27.29 -41.01
CA THR E 80 9.32 26.28 -40.37
C THR E 80 9.60 26.62 -38.92
N ILE E 81 9.91 27.89 -38.67
CA ILE E 81 10.25 28.32 -37.32
C ILE E 81 9.00 28.43 -36.43
N ILE E 82 7.84 28.62 -37.06
CA ILE E 82 6.58 28.61 -36.33
C ILE E 82 6.30 27.21 -35.81
N LYS E 83 6.38 26.24 -36.71
CA LYS E 83 6.20 24.84 -36.35
C LYS E 83 7.26 24.37 -35.35
N ALA E 84 8.48 24.86 -35.53
CA ALA E 84 9.58 24.48 -34.64
C ALA E 84 9.32 24.93 -33.21
N ALA E 85 8.84 26.17 -33.06
CA ALA E 85 8.52 26.71 -31.75
C ALA E 85 7.28 26.04 -31.16
N ALA E 86 6.36 25.66 -32.03
CA ALA E 86 5.11 25.05 -31.58
C ALA E 86 5.34 23.66 -31.00
N ASP E 87 6.38 22.97 -31.48
CA ASP E 87 6.67 21.63 -31.00
C ASP E 87 7.32 21.65 -29.63
N LEU E 88 7.81 22.81 -29.22
CA LEU E 88 8.55 22.92 -27.97
C LEU E 88 7.64 23.34 -26.83
N ILE E 89 6.35 23.54 -27.14
CA ILE E 89 5.37 23.88 -26.13
C ILE E 89 5.25 22.73 -25.14
N SER E 90 5.57 23.00 -23.88
CA SER E 90 5.60 21.94 -22.87
C SER E 90 5.30 22.46 -21.48
N ARG E 91 5.28 21.55 -20.51
CA ARG E 91 5.06 21.91 -19.11
C ARG E 91 6.30 22.60 -18.54
N ASP E 92 7.46 22.18 -19.00
CA ASP E 92 8.73 22.78 -18.58
C ASP E 92 8.90 24.18 -19.13
N ALA E 93 8.45 24.39 -20.37
CA ALA E 93 8.55 25.69 -21.01
C ALA E 93 7.26 26.07 -21.72
N PRO E 94 6.23 26.47 -20.95
CA PRO E 94 4.92 26.80 -21.52
C PRO E 94 4.92 28.07 -22.35
N ASP E 95 5.91 28.94 -22.15
CA ASP E 95 5.94 30.23 -22.84
C ASP E 95 6.22 30.10 -24.34
N TYR E 96 6.45 28.88 -24.80
CA TYR E 96 6.60 28.63 -26.23
C TYR E 96 5.28 28.85 -26.96
N GLN E 97 4.19 28.88 -26.21
CA GLN E 97 2.87 29.13 -26.78
C GLN E 97 2.74 30.54 -27.31
N TYR E 98 3.48 31.49 -26.71
CA TYR E 98 3.41 32.88 -27.15
C TYR E 98 4.49 33.14 -28.19
N LEU E 99 5.59 32.43 -28.08
CA LEU E 99 6.67 32.54 -29.05
C LEU E 99 6.20 32.06 -30.41
N ALA E 100 5.56 30.90 -30.44
CA ALA E 100 5.02 30.35 -31.69
C ALA E 100 3.89 31.23 -32.21
N ALA E 101 3.09 31.75 -31.30
CA ALA E 101 1.95 32.57 -31.65
C ALA E 101 2.38 33.87 -32.31
N ARG E 102 3.35 34.55 -31.71
CA ARG E 102 3.83 35.82 -32.22
C ARG E 102 4.50 35.65 -33.57
N LEU E 103 5.26 34.58 -33.74
CA LEU E 103 5.88 34.28 -35.01
C LEU E 103 4.84 34.08 -36.10
N ALA E 104 3.71 33.47 -35.74
CA ALA E 104 2.63 33.27 -36.68
C ALA E 104 1.93 34.59 -36.99
N ILE E 105 1.77 35.43 -35.97
CA ILE E 105 1.21 36.75 -36.14
C ILE E 105 2.04 37.57 -37.12
N PHE E 106 3.36 37.49 -36.96
CA PHE E 106 4.28 38.20 -37.85
C PHE E 106 4.06 37.81 -39.31
N HIS E 107 3.96 36.51 -39.56
CA HIS E 107 3.79 35.99 -40.91
C HIS E 107 2.43 36.39 -41.45
N LEU E 108 1.43 36.38 -40.59
CA LEU E 108 0.07 36.75 -40.98
C LEU E 108 -0.03 38.22 -41.36
N ARG E 109 0.78 39.06 -40.73
CA ARG E 109 0.83 40.48 -41.08
C ARG E 109 1.31 40.66 -42.51
N LYS E 110 2.39 39.95 -42.83
CA LYS E 110 3.00 39.99 -44.15
C LYS E 110 2.04 39.45 -45.21
N LYS E 111 1.29 38.41 -44.85
CA LYS E 111 0.33 37.79 -45.75
C LYS E 111 -0.84 38.70 -46.08
N ALA E 112 -1.25 39.51 -45.11
CA ALA E 112 -2.43 40.36 -45.26
C ALA E 112 -2.09 41.74 -45.81
N TYR E 113 -0.94 42.29 -45.40
CA TYR E 113 -0.61 43.68 -45.70
C TYR E 113 0.68 43.85 -46.49
N GLY E 114 1.52 42.82 -46.49
CA GLY E 114 2.82 42.91 -47.15
C GLY E 114 3.86 43.56 -46.25
N GLN E 115 3.45 43.86 -45.02
CA GLN E 115 4.33 44.49 -44.05
C GLN E 115 3.85 44.18 -42.64
N PHE E 116 4.64 44.51 -41.64
CA PHE E 116 4.25 44.23 -40.26
C PHE E 116 3.15 45.16 -39.77
N GLU E 117 3.35 46.46 -39.97
CA GLU E 117 2.41 47.45 -39.47
C GLU E 117 1.16 47.51 -40.34
N PRO E 118 -0.02 47.34 -39.72
CA PRO E 118 -1.30 47.41 -40.41
C PRO E 118 -1.59 48.82 -40.93
N PRO E 119 -2.34 48.92 -42.04
CA PRO E 119 -2.71 50.21 -42.61
C PRO E 119 -3.75 50.93 -41.75
N ALA E 120 -4.11 52.15 -42.13
CA ALA E 120 -5.18 52.86 -41.47
C ALA E 120 -6.50 52.13 -41.69
N LEU E 121 -7.36 52.15 -40.68
CA LEU E 121 -8.62 51.45 -40.74
C LEU E 121 -9.49 51.85 -41.93
N TYR E 122 -9.54 53.15 -42.22
CA TYR E 122 -10.37 53.64 -43.32
C TYR E 122 -9.89 53.09 -44.66
N ASP E 123 -8.58 53.16 -44.90
CA ASP E 123 -7.99 52.66 -46.12
C ASP E 123 -8.17 51.16 -46.27
N HIS E 124 -8.07 50.45 -45.16
CA HIS E 124 -8.29 49.00 -45.15
C HIS E 124 -9.73 48.69 -45.56
N VAL E 125 -10.69 49.34 -44.91
CA VAL E 125 -12.09 49.09 -45.20
C VAL E 125 -12.45 49.45 -46.64
N VAL E 126 -11.99 50.61 -47.10
CA VAL E 126 -12.26 51.05 -48.47
C VAL E 126 -11.77 50.03 -49.48
N LYS E 127 -10.55 49.55 -49.27
CA LYS E 127 -9.96 48.58 -50.17
C LYS E 127 -10.74 47.27 -50.15
N MET E 128 -11.13 46.83 -48.96
CA MET E 128 -11.83 45.55 -48.81
C MET E 128 -13.25 45.58 -49.35
N VAL E 129 -13.93 46.71 -49.20
CA VAL E 129 -15.28 46.84 -49.72
C VAL E 129 -15.29 46.83 -51.25
N GLU E 130 -14.29 47.47 -51.85
CA GLU E 130 -14.13 47.43 -53.29
C GLU E 130 -13.84 46.03 -53.80
N MET E 131 -13.09 45.26 -53.03
CA MET E 131 -12.76 43.90 -53.40
C MET E 131 -13.94 42.97 -53.14
N GLY E 132 -14.94 43.48 -52.41
CA GLY E 132 -16.14 42.73 -52.11
C GLY E 132 -16.00 41.77 -50.94
N LYS E 133 -15.01 42.02 -50.09
CA LYS E 133 -14.73 41.15 -48.96
C LYS E 133 -15.43 41.63 -47.70
N TYR E 134 -15.72 42.93 -47.66
CA TYR E 134 -16.50 43.52 -46.56
C TYR E 134 -17.85 43.99 -47.04
N ASP E 135 -18.80 44.11 -46.11
CA ASP E 135 -20.13 44.59 -46.44
C ASP E 135 -20.10 46.07 -46.81
N ASN E 136 -20.95 46.45 -47.78
CA ASN E 136 -21.02 47.83 -48.23
C ASN E 136 -21.45 48.82 -47.16
N HIS E 137 -22.27 48.35 -46.22
CA HIS E 137 -22.91 49.23 -45.24
C HIS E 137 -21.91 49.99 -44.38
N LEU E 138 -20.71 49.45 -44.26
CA LEU E 138 -19.66 50.03 -43.44
C LEU E 138 -19.30 51.44 -43.90
N LEU E 139 -19.22 51.63 -45.21
CA LEU E 139 -18.89 52.92 -45.78
C LEU E 139 -20.10 53.85 -45.81
N GLU E 140 -21.28 53.29 -45.57
CA GLU E 140 -22.52 54.06 -45.58
C GLU E 140 -22.91 54.53 -44.19
N ASP E 141 -22.53 53.78 -43.17
CA ASP E 141 -22.92 54.06 -41.80
C ASP E 141 -21.88 54.87 -41.02
N TYR E 142 -20.63 54.86 -41.49
CA TYR E 142 -19.57 55.60 -40.82
C TYR E 142 -18.84 56.54 -41.77
N THR E 143 -18.50 57.72 -41.27
CA THR E 143 -17.72 58.67 -42.03
C THR E 143 -16.23 58.39 -41.85
N GLU E 144 -15.40 59.01 -42.69
CA GLU E 144 -13.95 58.82 -42.59
C GLU E 144 -13.44 59.25 -41.22
N GLU E 145 -14.06 60.29 -40.66
CA GLU E 145 -13.71 60.77 -39.34
C GLU E 145 -13.99 59.72 -38.26
N GLU E 146 -15.08 58.99 -38.43
CA GLU E 146 -15.47 57.98 -37.46
C GLU E 146 -14.57 56.75 -37.54
N PHE E 147 -14.05 56.47 -38.72
CA PHE E 147 -13.10 55.37 -38.88
C PHE E 147 -11.75 55.71 -38.26
N LYS E 148 -11.33 56.97 -38.43
CA LYS E 148 -10.07 57.42 -37.86
C LYS E 148 -10.14 57.41 -36.34
N GLN E 149 -11.34 57.67 -35.82
CA GLN E 149 -11.55 57.65 -34.38
C GLN E 149 -11.57 56.23 -33.83
N MET E 150 -12.18 55.33 -34.60
CA MET E 150 -12.22 53.93 -34.21
C MET E 150 -10.83 53.31 -34.27
N ASP E 151 -10.00 53.86 -35.15
CA ASP E 151 -8.63 53.39 -35.29
C ASP E 151 -7.83 53.69 -34.04
N THR E 152 -8.19 54.77 -33.35
CA THR E 152 -7.49 55.16 -32.13
C THR E 152 -7.87 54.27 -30.97
N PHE E 153 -8.96 53.52 -31.12
CA PHE E 153 -9.36 52.54 -30.13
C PHE E 153 -8.45 51.34 -30.22
N ILE E 154 -8.02 51.05 -31.44
CA ILE E 154 -7.29 49.83 -31.74
C ILE E 154 -5.90 49.76 -31.13
N ASP E 155 -5.61 48.64 -30.48
CA ASP E 155 -4.26 48.34 -30.01
C ASP E 155 -3.79 47.06 -30.69
N HIS E 156 -3.03 47.20 -31.76
CA HIS E 156 -2.56 46.06 -32.53
C HIS E 156 -1.58 45.19 -31.73
N ASP E 157 -1.03 45.75 -30.66
CA ASP E 157 -0.09 45.01 -29.83
C ASP E 157 -0.79 43.94 -29.01
N ARG E 158 -2.12 43.92 -29.08
CA ARG E 158 -2.89 42.88 -28.41
C ARG E 158 -2.79 41.55 -29.16
N ASP E 159 -2.28 41.60 -30.39
CA ASP E 159 -2.03 40.40 -31.18
C ASP E 159 -0.91 39.58 -30.57
N MET E 160 -0.15 40.21 -29.67
CA MET E 160 0.96 39.56 -29.01
C MET E 160 0.55 38.91 -27.69
N THR E 161 -0.76 38.91 -27.40
CA THR E 161 -1.27 38.27 -26.19
C THR E 161 -1.94 36.94 -26.51
N PHE E 162 -2.08 36.65 -27.79
CA PHE E 162 -2.65 35.39 -28.25
C PHE E 162 -1.71 34.21 -28.00
N SER E 163 -2.31 33.05 -27.72
CA SER E 163 -1.56 31.81 -27.65
C SER E 163 -1.54 31.17 -29.03
N TYR E 164 -0.74 30.12 -29.20
CA TYR E 164 -0.57 29.52 -30.51
C TYR E 164 -1.86 28.92 -31.04
N ALA E 165 -2.61 28.25 -30.17
CA ALA E 165 -3.87 27.64 -30.56
C ALA E 165 -4.86 28.69 -31.05
N ALA E 166 -4.83 29.86 -30.43
CA ALA E 166 -5.70 30.97 -30.81
C ALA E 166 -5.39 31.47 -32.21
N VAL E 167 -4.12 31.64 -32.51
CA VAL E 167 -3.69 32.19 -33.78
C VAL E 167 -3.98 31.23 -34.92
N LYS E 168 -3.91 29.93 -34.62
CA LYS E 168 -4.21 28.91 -35.63
C LYS E 168 -5.68 28.88 -35.97
N GLN E 169 -6.54 29.15 -34.99
CA GLN E 169 -7.97 29.24 -35.23
C GLN E 169 -8.30 30.52 -35.98
N LEU E 170 -7.53 31.57 -35.70
CA LEU E 170 -7.69 32.84 -36.38
C LEU E 170 -7.42 32.70 -37.86
N GLU E 171 -6.26 32.14 -38.21
CA GLU E 171 -5.88 32.03 -39.62
C GLU E 171 -6.64 30.92 -40.33
N GLY E 172 -7.02 29.89 -39.59
CA GLY E 172 -7.69 28.74 -40.18
C GLY E 172 -9.15 28.99 -40.46
N LYS E 173 -9.81 29.69 -39.54
CA LYS E 173 -11.25 29.80 -39.60
C LYS E 173 -11.77 31.24 -39.58
N TYR E 174 -11.25 32.04 -38.66
CA TYR E 174 -11.90 33.30 -38.32
C TYR E 174 -11.54 34.49 -39.20
N LEU E 175 -10.25 34.68 -39.46
CA LEU E 175 -9.82 35.81 -40.28
C LEU E 175 -10.38 35.70 -41.69
N VAL E 176 -10.86 36.82 -42.22
CA VAL E 176 -11.41 36.85 -43.58
C VAL E 176 -10.35 36.47 -44.60
N GLN E 177 -10.66 35.49 -45.43
CA GLN E 177 -9.70 34.91 -46.34
C GLN E 177 -10.37 34.30 -47.57
N ASN E 178 -9.57 33.99 -48.57
CA ASN E 178 -10.06 33.30 -49.76
C ASN E 178 -9.96 31.79 -49.56
N ARG E 179 -11.10 31.10 -49.61
CA ARG E 179 -11.15 29.68 -49.29
C ARG E 179 -10.66 28.78 -50.43
N VAL E 180 -10.39 29.38 -51.58
CA VAL E 180 -9.85 28.65 -52.71
C VAL E 180 -8.35 28.93 -52.85
N THR E 181 -8.00 30.20 -52.70
CA THR E 181 -6.63 30.66 -52.86
C THR E 181 -5.81 30.50 -51.59
N GLY E 182 -6.41 30.85 -50.45
CA GLY E 182 -5.73 30.79 -49.18
C GLY E 182 -5.24 32.16 -48.73
N GLU E 183 -5.54 33.18 -49.52
CA GLU E 183 -5.06 34.53 -49.25
C GLU E 183 -5.74 35.12 -48.02
N ILE E 184 -4.94 35.58 -47.07
CA ILE E 184 -5.44 36.26 -45.87
C ILE E 184 -5.60 37.75 -46.16
N TYR E 185 -6.69 38.35 -45.68
CA TYR E 185 -6.99 39.74 -46.01
C TYR E 185 -6.92 40.70 -44.83
N GLU E 186 -6.93 40.18 -43.61
CA GLU E 186 -7.02 41.05 -42.43
C GLU E 186 -6.21 40.51 -41.25
N SER E 187 -6.21 41.26 -40.16
CA SER E 187 -5.58 40.84 -38.91
C SER E 187 -6.60 40.87 -37.78
N ALA E 188 -6.17 40.39 -36.61
CA ALA E 188 -7.08 40.13 -35.49
C ALA E 188 -7.81 41.36 -34.97
N GLN E 189 -7.12 42.49 -34.88
CA GLN E 189 -7.73 43.68 -34.29
C GLN E 189 -8.72 44.35 -35.24
N PHE E 190 -8.50 44.19 -36.53
CA PHE E 190 -9.45 44.67 -37.53
C PHE E 190 -10.71 43.83 -37.47
N LEU E 191 -10.56 42.55 -37.17
CA LEU E 191 -11.69 41.66 -36.94
C LEU E 191 -12.53 42.20 -35.77
N TYR E 192 -11.87 42.43 -34.65
CA TYR E 192 -12.56 42.83 -33.42
C TYR E 192 -13.29 44.16 -33.53
N ILE E 193 -12.62 45.17 -34.07
CA ILE E 193 -13.18 46.50 -34.12
C ILE E 193 -14.35 46.57 -35.11
N LEU E 194 -14.29 45.73 -36.15
CA LEU E 194 -15.33 45.76 -37.17
C LEU E 194 -16.51 44.87 -36.80
N VAL E 195 -16.27 43.86 -36.00
CA VAL E 195 -17.36 43.10 -35.40
C VAL E 195 -18.17 44.05 -34.53
N ALA E 196 -17.48 44.84 -33.72
CA ALA E 196 -18.12 45.83 -32.86
C ALA E 196 -18.81 46.91 -33.68
N ALA E 197 -18.15 47.37 -34.74
CA ALA E 197 -18.69 48.44 -35.56
C ALA E 197 -19.98 48.05 -36.26
N CYS E 198 -20.03 46.80 -36.73
CA CYS E 198 -21.19 46.33 -37.47
C CYS E 198 -22.38 46.07 -36.56
N LEU E 199 -22.12 45.49 -35.40
CA LEU E 199 -23.19 45.15 -34.47
C LEU E 199 -23.81 46.38 -33.83
N PHE E 200 -23.04 47.46 -33.74
CA PHE E 200 -23.54 48.69 -33.15
C PHE E 200 -23.76 49.79 -34.19
N SER E 201 -23.82 49.40 -35.46
CA SER E 201 -23.91 50.36 -36.55
C SER E 201 -25.23 51.13 -36.58
N ASN E 202 -26.27 50.55 -35.99
CA ASN E 202 -27.59 51.17 -36.01
C ASN E 202 -27.88 51.97 -34.74
N TYR E 203 -26.90 52.04 -33.86
CA TYR E 203 -27.04 52.83 -32.63
C TYR E 203 -26.93 54.31 -32.95
N PRO E 204 -27.61 55.15 -32.16
CA PRO E 204 -27.55 56.60 -32.33
C PRO E 204 -26.12 57.14 -32.23
N ARG E 205 -25.78 58.11 -33.05
CA ARG E 205 -24.42 58.68 -33.11
C ARG E 205 -23.99 59.25 -31.76
N GLU E 206 -24.98 59.53 -30.92
CA GLU E 206 -24.75 60.03 -29.58
C GLU E 206 -23.95 59.08 -28.71
N THR E 207 -24.24 57.79 -28.84
CA THR E 207 -23.66 56.78 -27.96
C THR E 207 -22.98 55.66 -28.73
N ARG E 208 -23.07 55.71 -30.06
CA ARG E 208 -22.61 54.61 -30.90
C ARG E 208 -21.14 54.26 -30.68
N LEU E 209 -20.25 55.24 -30.82
CA LEU E 209 -18.81 54.98 -30.71
C LEU E 209 -18.40 54.63 -29.28
N GLN E 210 -19.17 55.07 -28.29
CA GLN E 210 -18.88 54.71 -26.91
C GLN E 210 -19.11 53.23 -26.70
N TYR E 211 -20.13 52.69 -27.37
CA TYR E 211 -20.40 51.26 -27.31
C TYR E 211 -19.38 50.44 -28.10
N VAL E 212 -18.95 50.96 -29.24
CA VAL E 212 -17.98 50.26 -30.08
C VAL E 212 -16.65 50.06 -29.36
N LYS E 213 -16.17 51.12 -28.70
CA LYS E 213 -14.91 51.06 -27.98
C LYS E 213 -15.00 50.09 -26.81
N ARG E 214 -16.07 50.21 -26.04
CA ARG E 214 -16.27 49.37 -24.88
C ARG E 214 -16.36 47.90 -25.27
N PHE E 215 -17.05 47.62 -26.37
CA PHE E 215 -17.22 46.25 -26.83
C PHE E 215 -15.94 45.71 -27.44
N TYR E 216 -15.21 46.57 -28.16
CA TYR E 216 -13.93 46.17 -28.72
C TYR E 216 -12.96 45.77 -27.61
N ASP E 217 -12.91 46.57 -26.55
CA ASP E 217 -12.01 46.27 -25.44
C ASP E 217 -12.40 44.96 -24.76
N ALA E 218 -13.70 44.73 -24.63
CA ALA E 218 -14.20 43.56 -23.93
C ALA E 218 -13.85 42.24 -24.64
N VAL E 219 -13.88 42.25 -25.97
CA VAL E 219 -13.61 41.03 -26.73
C VAL E 219 -12.13 40.87 -27.05
N SER E 220 -11.42 41.99 -27.23
CA SER E 220 -10.01 41.94 -27.59
C SER E 220 -9.13 41.71 -26.36
N THR E 221 -9.70 41.94 -25.18
CA THR E 221 -8.99 41.65 -23.94
C THR E 221 -9.61 40.42 -23.28
N PHE E 222 -10.42 39.70 -24.04
CA PHE E 222 -10.88 38.35 -23.72
C PHE E 222 -11.86 38.25 -22.55
N LYS E 223 -12.58 39.32 -22.26
CA LYS E 223 -13.60 39.30 -21.23
C LYS E 223 -14.89 38.64 -21.77
N ILE E 224 -15.17 38.89 -23.05
CA ILE E 224 -16.29 38.23 -23.72
C ILE E 224 -15.79 37.39 -24.90
N SER E 225 -16.29 36.17 -25.00
CA SER E 225 -15.92 35.25 -26.06
C SER E 225 -17.01 35.18 -27.13
N LEU E 226 -16.61 35.33 -28.39
CA LEU E 226 -17.56 35.30 -29.50
C LEU E 226 -17.50 33.96 -30.24
N PRO E 227 -18.65 33.48 -30.73
CA PRO E 227 -18.73 32.20 -31.43
C PRO E 227 -18.12 32.24 -32.81
N THR E 228 -17.96 31.07 -33.43
CA THR E 228 -17.36 30.96 -34.75
C THR E 228 -18.07 31.75 -35.85
N PRO E 229 -19.40 31.62 -35.97
CA PRO E 229 -20.01 32.34 -37.09
C PRO E 229 -20.00 33.86 -36.93
N ILE E 230 -19.86 34.34 -35.70
CA ILE E 230 -19.73 35.77 -35.47
C ILE E 230 -18.28 36.21 -35.73
N MET E 231 -17.34 35.46 -35.18
CA MET E 231 -15.91 35.73 -35.36
C MET E 231 -15.50 35.75 -36.82
N SER E 232 -16.07 34.84 -37.61
CA SER E 232 -15.68 34.73 -39.01
C SER E 232 -16.67 35.43 -39.95
N GLY E 233 -17.79 35.89 -39.42
CA GLY E 233 -18.86 36.40 -40.26
C GLY E 233 -19.18 37.88 -40.22
N VAL E 234 -19.26 38.46 -39.02
CA VAL E 234 -19.74 39.84 -38.87
C VAL E 234 -18.74 40.88 -39.38
N ARG E 235 -18.90 41.22 -40.65
CA ARG E 235 -18.18 42.28 -41.38
C ARG E 235 -18.19 41.90 -42.87
N THR E 236 -18.53 40.64 -43.12
CA THR E 236 -18.58 40.08 -44.48
C THR E 236 -19.93 40.35 -45.13
N PRO E 237 -20.00 40.29 -46.47
CA PRO E 237 -21.27 40.53 -47.16
C PRO E 237 -22.36 39.50 -46.86
N THR E 238 -21.97 38.31 -46.42
CA THR E 238 -22.94 37.26 -46.07
C THR E 238 -23.34 37.34 -44.61
N ARG E 239 -24.56 37.79 -44.35
CA ARG E 239 -25.02 38.01 -42.98
C ARG E 239 -25.85 36.86 -42.42
N GLN E 240 -25.17 35.96 -41.72
CA GLN E 240 -25.82 34.89 -40.96
C GLN E 240 -24.87 34.49 -39.84
N PHE E 241 -25.24 34.77 -38.60
CA PHE E 241 -24.30 34.62 -37.49
C PHE E 241 -24.85 33.78 -36.35
N SER E 242 -26.04 33.23 -36.54
CA SER E 242 -26.61 32.31 -35.56
C SER E 242 -25.97 30.93 -35.68
N SER E 243 -25.56 30.37 -34.54
CA SER E 243 -24.85 29.10 -34.52
C SER E 243 -25.81 27.92 -34.56
N CYS E 244 -27.01 28.13 -34.03
CA CYS E 244 -27.95 27.06 -33.83
C CYS E 244 -29.24 27.28 -34.59
N VAL E 245 -29.64 26.27 -35.35
CA VAL E 245 -30.90 26.31 -36.07
C VAL E 245 -31.70 25.07 -35.73
N LEU E 246 -32.92 25.27 -35.24
CA LEU E 246 -33.78 24.16 -34.81
C LEU E 246 -34.99 24.04 -35.70
N ILE E 247 -35.08 22.92 -36.43
CA ILE E 247 -36.18 22.72 -37.37
C ILE E 247 -37.04 21.50 -37.02
N GLU E 248 -38.34 21.71 -36.86
CA GLU E 248 -39.26 20.61 -36.60
C GLU E 248 -39.91 20.12 -37.89
N CYS E 249 -39.83 18.81 -38.11
CA CYS E 249 -40.39 18.22 -39.32
C CYS E 249 -41.77 17.59 -39.06
N GLY E 250 -42.73 17.87 -39.94
CA GLY E 250 -44.06 17.29 -39.81
C GLY E 250 -44.18 16.00 -40.59
N ASP E 251 -45.25 15.26 -40.35
CA ASP E 251 -45.44 13.96 -40.98
C ASP E 251 -46.03 14.11 -42.38
N SER E 252 -45.29 14.77 -43.27
CA SER E 252 -45.74 14.97 -44.64
C SER E 252 -44.55 15.22 -45.56
N LEU E 253 -44.73 14.91 -46.83
CA LEU E 253 -43.68 15.13 -47.82
C LEU E 253 -43.37 16.61 -47.97
N ASP E 254 -44.42 17.44 -47.87
CA ASP E 254 -44.27 18.89 -47.96
C ASP E 254 -43.35 19.42 -46.88
N SER E 255 -43.52 18.90 -45.67
CA SER E 255 -42.72 19.33 -44.53
C SER E 255 -41.31 18.76 -44.60
N ILE E 256 -41.21 17.52 -45.04
CA ILE E 256 -39.93 16.85 -45.21
C ILE E 256 -39.10 17.59 -46.25
N ASN E 257 -39.75 18.01 -47.33
CA ASN E 257 -39.07 18.80 -48.35
C ASN E 257 -38.66 20.16 -47.83
N ALA E 258 -39.54 20.80 -47.08
CA ALA E 258 -39.26 22.11 -46.51
C ALA E 258 -38.10 22.04 -45.53
N THR E 259 -38.10 21.01 -44.69
CA THR E 259 -37.05 20.80 -43.71
C THR E 259 -35.70 20.60 -44.39
N SER E 260 -35.69 19.77 -45.43
CA SER E 260 -34.49 19.47 -46.18
C SER E 260 -33.91 20.72 -46.83
N SER E 261 -34.79 21.59 -47.33
CA SER E 261 -34.37 22.84 -47.95
C SER E 261 -33.77 23.79 -46.93
N ALA E 262 -34.39 23.86 -45.76
CA ALA E 262 -33.93 24.74 -44.69
C ALA E 262 -32.58 24.29 -44.15
N ILE E 263 -32.34 22.98 -44.14
CA ILE E 263 -31.07 22.42 -43.72
C ILE E 263 -29.94 22.88 -44.64
N VAL E 264 -30.11 22.66 -45.93
CA VAL E 264 -29.10 23.01 -46.92
C VAL E 264 -28.75 24.49 -46.87
N LYS E 265 -29.77 25.33 -46.75
CA LYS E 265 -29.57 26.77 -46.71
C LYS E 265 -28.80 27.24 -45.48
N TYR E 266 -29.16 26.69 -44.31
CA TYR E 266 -28.57 27.18 -43.07
C TYR E 266 -27.23 26.53 -42.74
N VAL E 267 -27.01 25.30 -43.19
CA VAL E 267 -25.69 24.69 -43.05
C VAL E 267 -24.68 25.51 -43.85
N SER E 268 -25.06 25.84 -45.09
CA SER E 268 -24.19 26.61 -45.97
C SER E 268 -23.90 28.02 -45.42
N GLN E 269 -24.74 28.49 -44.51
CA GLN E 269 -24.55 29.80 -43.92
C GLN E 269 -24.22 29.73 -42.44
N ARG E 270 -23.24 28.88 -42.11
CA ARG E 270 -22.54 28.88 -40.82
C ARG E 270 -23.30 28.27 -39.63
N ALA E 271 -24.42 27.60 -39.88
CA ALA E 271 -25.24 27.14 -38.77
C ALA E 271 -25.21 25.62 -38.56
N GLY E 272 -25.26 25.22 -37.30
CA GLY E 272 -25.41 23.82 -36.93
C GLY E 272 -26.88 23.52 -36.73
N ILE E 273 -27.29 22.29 -37.02
CA ILE E 273 -28.71 21.98 -37.12
C ILE E 273 -29.23 21.03 -36.04
N GLY E 274 -30.41 21.34 -35.52
CA GLY E 274 -31.15 20.40 -34.71
C GLY E 274 -32.42 20.03 -35.46
N ILE E 275 -32.59 18.74 -35.72
CA ILE E 275 -33.74 18.26 -36.49
C ILE E 275 -34.68 17.44 -35.62
N ASN E 276 -35.95 17.82 -35.60
CA ASN E 276 -36.96 17.02 -34.93
C ASN E 276 -37.77 16.24 -35.96
N ALA E 277 -37.55 14.94 -36.00
CA ALA E 277 -38.23 14.09 -36.98
C ALA E 277 -39.08 13.00 -36.32
N GLY E 278 -39.49 13.21 -35.08
CA GLY E 278 -40.25 12.23 -34.34
C GLY E 278 -41.70 12.09 -34.77
N ARG E 279 -42.22 13.09 -35.45
CA ARG E 279 -43.61 13.10 -35.87
C ARG E 279 -43.85 12.17 -37.05
N ILE E 280 -42.78 11.84 -37.77
CA ILE E 280 -42.88 10.99 -38.96
C ILE E 280 -43.36 9.60 -38.58
N ARG E 281 -44.43 9.15 -39.23
CA ARG E 281 -45.06 7.87 -38.91
C ARG E 281 -44.12 6.71 -39.24
N ALA E 282 -44.36 5.58 -38.59
CA ALA E 282 -43.45 4.45 -38.65
C ALA E 282 -43.62 3.60 -39.90
N LEU E 283 -42.58 2.81 -40.19
CA LEU E 283 -42.59 1.82 -41.27
C LEU E 283 -43.80 0.90 -41.17
N GLY E 284 -44.52 0.76 -42.28
CA GLY E 284 -45.66 -0.13 -42.35
C GLY E 284 -46.99 0.58 -42.15
N SER E 285 -46.94 1.87 -41.86
CA SER E 285 -48.16 2.65 -41.69
C SER E 285 -48.85 2.85 -43.03
N PRO E 286 -50.18 2.87 -43.01
CA PRO E 286 -50.93 3.13 -44.24
C PRO E 286 -50.80 4.57 -44.70
N ILE E 287 -50.79 4.78 -46.00
CA ILE E 287 -50.78 6.12 -46.57
C ILE E 287 -52.01 6.27 -47.46
N ARG E 288 -52.77 7.34 -47.21
CA ARG E 288 -54.01 7.60 -47.93
C ARG E 288 -54.94 6.39 -47.95
N GLY E 289 -55.11 5.78 -46.78
CA GLY E 289 -56.01 4.65 -46.62
C GLY E 289 -55.48 3.34 -47.15
N GLY E 290 -54.20 3.32 -47.52
CA GLY E 290 -53.59 2.10 -48.02
C GLY E 290 -53.20 2.15 -49.48
N GLU E 291 -53.18 3.35 -50.06
CA GLU E 291 -52.73 3.52 -51.43
C GLU E 291 -51.23 3.28 -51.49
N ALA E 292 -50.57 3.41 -50.34
CA ALA E 292 -49.14 3.18 -50.26
C ALA E 292 -48.75 2.57 -48.91
N PHE E 293 -47.63 1.87 -48.92
CA PHE E 293 -47.04 1.27 -47.73
C PHE E 293 -45.90 2.17 -47.28
N HIS E 294 -46.00 2.71 -46.06
CA HIS E 294 -44.97 3.63 -45.57
C HIS E 294 -43.63 2.93 -45.38
N THR E 295 -42.61 3.47 -46.02
CA THR E 295 -41.31 2.80 -46.08
C THR E 295 -40.39 3.14 -44.91
N GLY E 296 -40.88 3.92 -43.95
CA GLY E 296 -40.15 4.13 -42.72
C GLY E 296 -39.48 5.49 -42.56
N CYS E 297 -38.88 5.69 -41.39
CA CYS E 297 -38.19 6.94 -41.09
C CYS E 297 -36.79 6.99 -41.68
N ILE E 298 -36.12 5.84 -41.67
CA ILE E 298 -34.72 5.75 -42.08
C ILE E 298 -34.43 6.29 -43.49
N PRO E 299 -35.29 5.98 -44.48
CA PRO E 299 -35.01 6.60 -45.79
C PRO E 299 -35.10 8.13 -45.78
N PHE E 300 -35.87 8.69 -44.85
CA PHE E 300 -35.97 10.14 -44.73
C PHE E 300 -34.83 10.71 -43.90
N TYR E 301 -34.37 9.95 -42.92
CA TYR E 301 -33.20 10.32 -42.14
C TYR E 301 -31.99 10.43 -43.05
N LYS E 302 -31.87 9.49 -43.98
CA LYS E 302 -30.82 9.50 -44.97
C LYS E 302 -30.85 10.75 -45.83
N HIS E 303 -32.05 11.21 -46.14
CA HIS E 303 -32.22 12.40 -46.98
C HIS E 303 -31.82 13.66 -46.21
N PHE E 304 -32.06 13.64 -44.89
CA PHE E 304 -31.64 14.75 -44.05
C PHE E 304 -30.13 14.76 -43.92
N GLN E 305 -29.52 13.58 -43.86
CA GLN E 305 -28.07 13.45 -43.73
C GLN E 305 -27.34 14.00 -44.94
N THR E 306 -27.81 13.67 -46.13
CA THR E 306 -27.18 14.15 -47.35
C THR E 306 -27.40 15.64 -47.54
N ALA E 307 -28.44 16.18 -46.94
CA ALA E 307 -28.69 17.62 -46.95
C ALA E 307 -27.65 18.32 -46.07
N VAL E 308 -27.31 17.69 -44.96
CA VAL E 308 -26.32 18.22 -44.03
C VAL E 308 -24.91 18.19 -44.60
N LYS E 309 -24.59 17.12 -45.32
CA LYS E 309 -23.24 16.91 -45.80
C LYS E 309 -23.03 17.46 -47.20
N SER E 310 -24.07 18.07 -47.78
CA SER E 310 -23.98 18.57 -49.15
C SER E 310 -23.19 19.86 -49.22
N CYS E 311 -23.17 20.59 -48.10
CA CYS E 311 -22.49 21.87 -48.04
C CYS E 311 -21.51 21.95 -46.87
N SER E 312 -20.52 22.82 -47.01
CA SER E 312 -19.67 23.20 -45.90
C SER E 312 -20.38 24.28 -45.09
N GLN E 313 -19.95 24.46 -43.85
CA GLN E 313 -20.56 25.49 -43.01
C GLN E 313 -19.96 26.86 -43.29
N GLY E 314 -20.42 27.50 -44.36
CA GLY E 314 -19.93 28.83 -44.69
C GLY E 314 -18.48 28.83 -45.12
N GLY E 315 -17.97 27.69 -45.55
CA GLY E 315 -16.61 27.57 -46.01
C GLY E 315 -15.61 27.44 -44.88
N VAL E 316 -16.13 27.39 -43.65
CA VAL E 316 -15.28 27.37 -42.47
C VAL E 316 -15.01 25.94 -41.99
N ARG E 317 -16.06 25.14 -41.88
CA ARG E 317 -15.95 23.76 -41.42
C ARG E 317 -17.06 22.89 -42.00
N GLY E 318 -17.07 21.61 -41.60
CA GLY E 318 -18.07 20.69 -42.09
C GLY E 318 -19.41 20.83 -41.38
N GLY E 319 -20.48 20.46 -42.07
CA GLY E 319 -21.81 20.54 -41.51
C GLY E 319 -22.12 19.38 -40.59
N ALA E 320 -22.94 19.64 -39.59
CA ALA E 320 -23.31 18.63 -38.60
C ALA E 320 -24.73 18.85 -38.11
N ALA E 321 -25.39 17.77 -37.72
CA ALA E 321 -26.75 17.85 -37.22
C ALA E 321 -27.05 16.77 -36.21
N THR E 322 -27.93 17.08 -35.27
CA THR E 322 -28.45 16.08 -34.35
C THR E 322 -29.94 15.93 -34.57
N LEU E 323 -30.39 14.69 -34.71
CA LEU E 323 -31.80 14.41 -34.99
C LEU E 323 -32.50 13.88 -33.74
N PHE E 324 -33.73 14.31 -33.54
CA PHE E 324 -34.44 13.98 -32.31
C PHE E 324 -35.70 13.16 -32.54
N TYR E 325 -35.93 12.20 -31.65
CA TYR E 325 -37.12 11.36 -31.70
C TYR E 325 -37.47 10.86 -30.30
N PRO E 326 -38.76 10.62 -30.04
CA PRO E 326 -39.18 10.10 -28.74
C PRO E 326 -38.82 8.63 -28.56
N MET E 327 -38.57 8.23 -27.32
CA MET E 327 -38.16 6.87 -27.00
C MET E 327 -39.27 5.85 -27.31
N TRP E 328 -40.51 6.29 -27.28
CA TRP E 328 -41.64 5.40 -27.48
C TRP E 328 -42.03 5.27 -28.95
N HIS E 329 -41.18 5.78 -29.84
CA HIS E 329 -41.44 5.65 -31.27
C HIS E 329 -41.36 4.18 -31.67
N LEU E 330 -42.20 3.79 -32.63
CA LEU E 330 -42.32 2.39 -33.00
C LEU E 330 -41.03 1.80 -33.58
N GLU E 331 -40.22 2.64 -34.21
CA GLU E 331 -38.99 2.19 -34.84
C GLU E 331 -37.75 2.41 -33.97
N VAL E 332 -37.96 2.77 -32.70
CA VAL E 332 -36.88 3.24 -31.85
C VAL E 332 -35.71 2.25 -31.75
N GLU E 333 -35.99 0.96 -31.84
CA GLU E 333 -34.92 -0.03 -31.76
C GLU E 333 -34.02 0.00 -32.99
N SER E 334 -34.59 0.36 -34.13
CA SER E 334 -33.83 0.46 -35.36
C SER E 334 -33.07 1.77 -35.44
N LEU E 335 -33.65 2.79 -34.82
CA LEU E 335 -33.11 4.15 -34.86
C LEU E 335 -31.88 4.28 -33.95
N LEU E 336 -31.83 3.48 -32.89
CA LEU E 336 -30.74 3.55 -31.93
C LEU E 336 -29.42 3.03 -32.47
N VAL E 337 -29.48 2.14 -33.45
CA VAL E 337 -28.27 1.51 -33.97
C VAL E 337 -27.85 2.06 -35.33
N LEU E 338 -28.30 3.27 -35.65
CA LEU E 338 -28.02 3.87 -36.96
C LEU E 338 -26.56 4.24 -37.14
N LYS E 339 -25.84 4.43 -36.03
CA LYS E 339 -24.43 4.78 -36.09
C LYS E 339 -23.54 3.56 -35.88
N ASN E 340 -24.18 2.43 -35.57
CA ASN E 340 -23.46 1.18 -35.38
C ASN E 340 -22.82 0.72 -36.69
N ASN E 341 -21.52 0.47 -36.66
CA ASN E 341 -20.78 0.12 -37.85
C ASN E 341 -20.97 -1.34 -38.30
N ARG E 342 -21.72 -2.11 -37.52
CA ARG E 342 -21.97 -3.50 -37.87
C ARG E 342 -23.33 -3.68 -38.55
N GLY E 343 -23.47 -3.14 -39.75
CA GLY E 343 -24.72 -3.25 -40.49
C GLY E 343 -24.61 -2.82 -41.95
N VAL E 344 -25.62 -3.17 -42.74
CA VAL E 344 -25.68 -2.76 -44.14
C VAL E 344 -26.04 -1.29 -44.27
N GLU E 345 -25.73 -0.68 -45.43
CA GLU E 345 -25.98 0.74 -45.62
C GLU E 345 -27.48 1.04 -45.69
N GLY E 346 -28.27 0.00 -45.91
CA GLY E 346 -29.71 0.14 -46.02
C GLY E 346 -30.36 0.59 -44.73
N ASN E 347 -29.72 0.28 -43.60
CA ASN E 347 -30.25 0.65 -42.30
C ASN E 347 -29.21 1.34 -41.43
N ARG E 348 -28.39 2.17 -42.06
CA ARG E 348 -27.35 2.91 -41.35
C ARG E 348 -27.26 4.36 -41.78
N VAL E 349 -27.44 5.26 -40.83
CA VAL E 349 -27.27 6.69 -41.06
C VAL E 349 -26.26 7.20 -40.04
N ARG E 350 -24.98 7.04 -40.36
CA ARG E 350 -23.91 7.18 -39.37
C ARG E 350 -23.38 8.60 -39.18
N HIS E 351 -23.55 9.46 -40.18
CA HIS E 351 -22.92 10.78 -40.15
C HIS E 351 -23.85 11.86 -39.61
N MET E 352 -24.80 11.44 -38.80
CA MET E 352 -25.60 12.35 -38.00
C MET E 352 -25.62 11.85 -36.57
N ASP E 353 -25.83 12.76 -35.62
CA ASP E 353 -25.98 12.37 -34.23
C ASP E 353 -27.45 12.33 -33.86
N TYR E 354 -27.78 11.69 -32.75
CA TYR E 354 -29.16 11.50 -32.38
C TYR E 354 -29.40 11.78 -30.92
N GLY E 355 -30.57 12.36 -30.63
CA GLY E 355 -30.99 12.64 -29.28
C GLY E 355 -32.26 11.89 -28.94
N VAL E 356 -32.18 11.00 -27.96
CA VAL E 356 -33.35 10.25 -27.51
C VAL E 356 -34.13 11.05 -26.48
N GLN E 357 -35.42 11.22 -26.73
CA GLN E 357 -36.26 12.04 -25.86
C GLN E 357 -37.00 11.19 -24.83
N ILE E 358 -36.79 11.51 -23.55
CA ILE E 358 -37.31 10.71 -22.46
C ILE E 358 -38.08 11.59 -21.46
N ASN E 359 -39.05 11.01 -20.78
CA ASN E 359 -39.75 11.70 -19.69
C ASN E 359 -39.87 10.83 -18.44
N LYS E 360 -40.56 11.34 -17.43
CA LYS E 360 -40.65 10.67 -16.14
C LYS E 360 -41.21 9.25 -16.23
N LEU E 361 -42.25 9.09 -17.03
CA LEU E 361 -42.93 7.79 -17.15
C LEU E 361 -42.01 6.70 -17.70
N MET E 362 -41.17 7.05 -18.66
CA MET E 362 -40.23 6.09 -19.23
C MET E 362 -39.25 5.63 -18.16
N TYR E 363 -38.75 6.58 -17.37
CA TYR E 363 -37.84 6.27 -16.27
C TYR E 363 -38.51 5.44 -15.20
N THR E 364 -39.80 5.69 -14.99
CA THR E 364 -40.57 4.96 -14.00
C THR E 364 -40.64 3.48 -14.36
N ARG E 365 -40.89 3.21 -15.63
CA ARG E 365 -40.94 1.83 -16.13
C ARG E 365 -39.61 1.14 -15.94
N LEU E 366 -38.53 1.90 -16.06
CA LEU E 366 -37.19 1.37 -15.91
C LEU E 366 -36.93 0.91 -14.47
N LEU E 367 -37.31 1.75 -13.51
CA LEU E 367 -37.09 1.42 -12.11
C LEU E 367 -37.97 0.26 -11.64
N LYS E 368 -39.20 0.19 -12.16
CA LYS E 368 -40.13 -0.84 -11.75
C LYS E 368 -39.92 -2.13 -12.53
N GLY E 369 -38.99 -2.10 -13.48
CA GLY E 369 -38.70 -3.26 -14.30
C GLY E 369 -39.87 -3.70 -15.13
N GLU E 370 -40.64 -2.76 -15.65
CA GLU E 370 -41.83 -3.06 -16.43
C GLU E 370 -41.57 -2.89 -17.91
N ASP E 371 -42.63 -2.91 -18.71
CA ASP E 371 -42.51 -2.80 -20.16
C ASP E 371 -42.80 -1.40 -20.66
N ILE E 372 -42.20 -1.06 -21.80
CA ILE E 372 -42.49 0.19 -22.48
C ILE E 372 -43.20 -0.14 -23.79
N THR E 373 -44.31 0.55 -24.04
CA THR E 373 -45.07 0.32 -25.27
C THR E 373 -44.67 1.31 -26.36
N LEU E 374 -44.38 0.79 -27.55
CA LEU E 374 -43.97 1.62 -28.66
C LEU E 374 -45.14 1.96 -29.58
N PHE E 375 -45.25 3.22 -29.97
CA PHE E 375 -46.31 3.65 -30.86
C PHE E 375 -45.78 4.41 -32.07
N SER E 376 -46.57 4.40 -33.14
CA SER E 376 -46.39 5.33 -34.22
C SER E 376 -47.23 6.56 -33.89
N PRO E 377 -46.61 7.76 -33.91
CA PRO E 377 -47.30 8.99 -33.51
C PRO E 377 -48.56 9.25 -34.33
N SER E 378 -48.68 8.58 -35.47
CA SER E 378 -49.84 8.72 -36.34
C SER E 378 -51.05 7.96 -35.82
N ASP E 379 -50.83 7.05 -34.88
CA ASP E 379 -51.88 6.18 -34.37
C ASP E 379 -52.36 6.61 -32.99
N VAL E 380 -51.67 7.58 -32.40
CA VAL E 380 -51.97 7.98 -31.02
C VAL E 380 -52.24 9.47 -30.89
N PRO E 381 -53.48 9.89 -31.20
CA PRO E 381 -53.89 11.30 -31.21
C PRO E 381 -53.61 12.02 -29.90
N GLY E 382 -52.87 13.12 -29.98
CA GLY E 382 -52.61 13.94 -28.82
C GLY E 382 -51.46 13.48 -27.94
N LEU E 383 -50.96 12.26 -28.18
CA LEU E 383 -49.90 11.70 -27.37
C LEU E 383 -48.60 12.45 -27.55
N TYR E 384 -48.29 12.79 -28.80
CA TYR E 384 -47.05 13.47 -29.12
C TYR E 384 -46.98 14.85 -28.48
N ASP E 385 -48.08 15.60 -28.57
CA ASP E 385 -48.15 16.93 -28.00
C ASP E 385 -48.01 16.87 -26.49
N ALA E 386 -48.69 15.90 -25.89
CA ALA E 386 -48.71 15.75 -24.44
C ALA E 386 -47.34 15.32 -23.91
N PHE E 387 -46.55 14.68 -24.76
CA PHE E 387 -45.22 14.22 -24.39
C PHE E 387 -44.32 15.37 -23.93
N PHE E 388 -44.56 16.56 -24.46
CA PHE E 388 -43.75 17.71 -24.12
C PHE E 388 -44.49 18.68 -23.21
N ALA E 389 -45.79 18.83 -23.44
CA ALA E 389 -46.54 19.92 -22.81
C ALA E 389 -47.18 19.53 -21.47
N ASP E 390 -47.67 18.30 -21.38
CA ASP E 390 -48.45 17.90 -20.20
C ASP E 390 -48.17 16.46 -19.81
N GLN E 391 -47.40 16.28 -18.75
CA GLN E 391 -47.02 14.94 -18.30
C GLN E 391 -48.19 14.12 -17.78
N GLU E 392 -49.18 14.80 -17.19
CA GLU E 392 -50.37 14.08 -16.73
C GLU E 392 -51.24 13.64 -17.89
N GLU E 393 -51.44 14.53 -18.85
CA GLU E 393 -52.23 14.19 -20.02
C GLU E 393 -51.52 13.11 -20.83
N PHE E 394 -50.19 13.15 -20.81
CA PHE E 394 -49.42 12.12 -21.48
C PHE E 394 -49.63 10.78 -20.80
N GLU E 395 -49.54 10.75 -19.48
CA GLU E 395 -49.70 9.51 -18.73
C GLU E 395 -51.11 8.96 -18.90
N ARG E 396 -52.08 9.85 -19.02
CA ARG E 396 -53.46 9.45 -19.23
C ARG E 396 -53.63 8.78 -20.58
N LEU E 397 -53.15 9.45 -21.63
CA LEU E 397 -53.27 8.96 -23.00
C LEU E 397 -52.43 7.72 -23.24
N TYR E 398 -51.24 7.70 -22.64
CA TYR E 398 -50.31 6.59 -22.83
C TYR E 398 -50.91 5.29 -22.31
N THR E 399 -51.44 5.32 -21.09
CA THR E 399 -52.05 4.15 -20.48
C THR E 399 -53.34 3.75 -21.20
N LYS E 400 -54.06 4.76 -21.69
CA LYS E 400 -55.29 4.53 -22.45
C LYS E 400 -55.00 3.77 -23.73
N TYR E 401 -53.99 4.23 -24.46
CA TYR E 401 -53.61 3.63 -25.74
C TYR E 401 -52.90 2.29 -25.55
N GLU E 402 -52.29 2.11 -24.38
CA GLU E 402 -51.65 0.84 -24.07
C GLU E 402 -52.68 -0.28 -23.91
N LYS E 403 -53.91 0.11 -23.60
CA LYS E 403 -54.97 -0.85 -23.31
C LYS E 403 -55.85 -1.05 -24.54
N ASP E 404 -55.58 -0.28 -25.59
CA ASP E 404 -56.40 -0.29 -26.79
C ASP E 404 -55.91 -1.32 -27.80
N ASP E 405 -56.75 -2.32 -28.08
CA ASP E 405 -56.39 -3.39 -28.99
C ASP E 405 -56.44 -2.95 -30.45
N SER E 406 -57.19 -1.89 -30.72
CA SER E 406 -57.40 -1.43 -32.08
C SER E 406 -56.22 -0.61 -32.60
N ILE E 407 -55.26 -0.34 -31.72
CA ILE E 407 -54.11 0.48 -32.07
C ILE E 407 -52.84 -0.35 -32.26
N ARG E 408 -52.17 -0.17 -33.40
CA ARG E 408 -50.90 -0.84 -33.69
C ARG E 408 -49.84 -0.46 -32.68
N LYS E 409 -49.18 -1.46 -32.09
CA LYS E 409 -48.20 -1.21 -31.05
C LYS E 409 -47.25 -2.37 -30.80
N GLN E 410 -46.23 -2.12 -29.98
CA GLN E 410 -45.24 -3.14 -29.61
C GLN E 410 -44.70 -2.90 -28.21
N ARG E 411 -44.58 -3.96 -27.44
CA ARG E 411 -44.11 -3.85 -26.06
C ARG E 411 -42.68 -4.35 -25.93
N VAL E 412 -41.84 -3.56 -25.26
CA VAL E 412 -40.45 -3.94 -25.02
C VAL E 412 -40.12 -3.67 -23.55
N LYS E 413 -39.32 -4.53 -22.94
CA LYS E 413 -38.88 -4.30 -21.57
C LYS E 413 -38.01 -3.05 -21.46
N ALA E 414 -38.33 -2.22 -20.47
CA ALA E 414 -37.65 -0.94 -20.27
C ALA E 414 -36.15 -1.11 -20.04
N VAL E 415 -35.77 -2.19 -19.36
CA VAL E 415 -34.36 -2.46 -19.11
C VAL E 415 -33.63 -2.73 -20.41
N GLU E 416 -34.27 -3.47 -21.31
CA GLU E 416 -33.66 -3.80 -22.60
C GLU E 416 -33.56 -2.58 -23.50
N LEU E 417 -34.58 -1.74 -23.46
CA LEU E 417 -34.62 -0.55 -24.29
C LEU E 417 -33.60 0.48 -23.84
N PHE E 418 -33.54 0.73 -22.54
CA PHE E 418 -32.57 1.65 -21.97
C PHE E 418 -31.14 1.16 -22.15
N SER E 419 -30.95 -0.15 -22.04
CA SER E 419 -29.63 -0.74 -22.17
C SER E 419 -29.09 -0.60 -23.59
N LEU E 420 -29.97 -0.82 -24.57
CA LEU E 420 -29.58 -0.69 -25.97
C LEU E 420 -29.13 0.73 -26.26
N MET E 421 -29.87 1.70 -25.72
CA MET E 421 -29.55 3.11 -25.89
C MET E 421 -28.19 3.46 -25.32
N MET E 422 -27.95 3.03 -24.08
CA MET E 422 -26.70 3.34 -23.40
C MET E 422 -25.52 2.57 -23.99
N GLN E 423 -25.79 1.39 -24.54
CA GLN E 423 -24.77 0.61 -25.21
C GLN E 423 -24.30 1.33 -26.47
N GLU E 424 -25.26 1.86 -27.21
CA GLU E 424 -24.96 2.60 -28.43
C GLU E 424 -24.33 3.94 -28.10
N ARG E 425 -24.70 4.50 -26.96
CA ARG E 425 -24.13 5.75 -26.49
C ARG E 425 -22.66 5.54 -26.11
N ALA E 426 -22.35 4.37 -25.59
CA ALA E 426 -20.98 4.05 -25.20
C ALA E 426 -20.08 3.81 -26.40
N SER E 427 -20.61 3.14 -27.42
CA SER E 427 -19.83 2.80 -28.60
C SER E 427 -19.45 4.00 -29.44
N THR E 428 -20.41 4.89 -29.67
CA THR E 428 -20.20 6.02 -30.56
C THR E 428 -19.95 7.31 -29.80
N GLY E 429 -20.55 7.44 -28.62
CA GLY E 429 -20.43 8.67 -27.86
C GLY E 429 -21.36 9.74 -28.36
N ARG E 430 -22.18 9.39 -29.35
CA ARG E 430 -22.97 10.38 -30.08
C ARG E 430 -24.47 10.07 -30.02
N ILE E 431 -24.88 9.28 -29.03
CA ILE E 431 -26.30 9.10 -28.77
C ILE E 431 -26.67 9.91 -27.55
N TYR E 432 -27.47 10.94 -27.75
CA TYR E 432 -27.73 11.92 -26.70
C TYR E 432 -29.09 11.72 -26.06
N ILE E 433 -29.28 12.36 -24.91
CA ILE E 433 -30.53 12.24 -24.16
C ILE E 433 -31.13 13.59 -23.89
N GLN E 434 -32.43 13.73 -24.14
CA GLN E 434 -33.16 14.93 -23.76
C GLN E 434 -34.34 14.59 -22.86
N ASN E 435 -34.30 15.06 -21.62
CA ASN E 435 -35.42 14.92 -20.71
C ASN E 435 -36.46 15.98 -20.99
N VAL E 436 -37.45 15.64 -21.80
CA VAL E 436 -38.39 16.63 -22.31
C VAL E 436 -39.34 17.18 -21.25
N ASP E 437 -39.52 16.43 -20.16
CA ASP E 437 -40.36 16.93 -19.07
C ASP E 437 -39.64 18.07 -18.35
N HIS E 438 -38.36 17.88 -18.08
CA HIS E 438 -37.54 18.90 -17.43
C HIS E 438 -37.46 20.18 -18.25
N CYS E 439 -37.40 20.02 -19.57
CA CYS E 439 -37.25 21.15 -20.48
C CYS E 439 -38.51 22.00 -20.55
N ASN E 440 -39.59 21.52 -19.94
CA ASN E 440 -40.87 22.20 -20.02
C ASN E 440 -41.46 22.58 -18.66
N THR E 441 -41.05 21.88 -17.61
CA THR E 441 -41.49 22.21 -16.26
C THR E 441 -40.59 23.29 -15.67
N HIS E 442 -39.32 23.23 -16.06
CA HIS E 442 -38.35 24.24 -15.68
C HIS E 442 -37.90 24.97 -16.94
N SER E 443 -38.70 25.93 -17.36
CA SER E 443 -38.49 26.59 -18.65
C SER E 443 -38.97 28.04 -18.65
N PRO E 444 -38.35 28.87 -19.51
CA PRO E 444 -38.85 30.22 -19.75
C PRO E 444 -40.05 30.27 -20.68
N PHE E 445 -40.57 29.11 -21.09
CA PHE E 445 -41.70 29.07 -22.01
C PHE E 445 -42.89 28.33 -21.42
N ASP E 446 -44.10 28.79 -21.77
CA ASP E 446 -45.33 28.11 -21.38
C ASP E 446 -45.62 26.96 -22.35
N PRO E 447 -45.58 25.72 -21.86
CA PRO E 447 -45.78 24.53 -22.70
C PRO E 447 -47.16 24.49 -23.35
N ALA E 448 -48.11 25.21 -22.76
CA ALA E 448 -49.47 25.27 -23.28
C ALA E 448 -49.55 26.21 -24.47
N ILE E 449 -48.52 27.04 -24.62
CA ILE E 449 -48.48 28.02 -25.69
C ILE E 449 -47.33 27.76 -26.67
N ALA E 450 -46.14 27.56 -26.12
CA ALA E 450 -44.95 27.34 -26.94
C ALA E 450 -44.00 26.34 -26.28
N PRO E 451 -44.30 25.04 -26.42
CA PRO E 451 -43.50 23.96 -25.82
C PRO E 451 -42.15 23.76 -26.51
N VAL E 452 -41.20 23.23 -25.75
CA VAL E 452 -39.90 22.85 -26.30
C VAL E 452 -39.91 21.36 -26.66
N ARG E 453 -39.81 21.07 -27.95
CA ARG E 453 -39.96 19.70 -28.41
C ARG E 453 -38.67 19.10 -28.96
N GLN E 454 -37.57 19.85 -28.86
CA GLN E 454 -36.29 19.38 -29.37
C GLN E 454 -35.13 20.20 -28.85
N SER E 455 -33.92 19.82 -29.25
CA SER E 455 -32.72 20.58 -28.94
C SER E 455 -31.91 20.85 -30.21
N ASN E 456 -30.63 21.15 -30.04
CA ASN E 456 -29.77 21.49 -31.17
C ASN E 456 -28.67 20.46 -31.43
N LEU E 457 -27.59 20.89 -32.05
CA LEU E 457 -26.47 20.01 -32.34
C LEU E 457 -25.75 19.54 -31.10
N CYS E 458 -25.46 20.46 -30.18
CA CYS E 458 -24.65 20.15 -29.01
C CYS E 458 -25.44 20.14 -27.70
N LEU E 459 -26.77 20.18 -27.82
CA LEU E 459 -27.69 19.92 -26.72
C LEU E 459 -27.69 20.95 -25.60
N GLU E 460 -27.42 22.22 -25.94
CA GLU E 460 -27.49 23.28 -24.94
C GLU E 460 -28.64 24.24 -25.25
N ILE E 461 -29.25 24.06 -26.42
CA ILE E 461 -30.33 24.94 -26.86
C ILE E 461 -31.70 24.27 -26.70
N ALA E 462 -32.65 25.02 -26.17
CA ALA E 462 -34.01 24.54 -26.00
C ALA E 462 -35.02 25.64 -26.30
N LEU E 463 -35.53 25.64 -27.53
CA LEU E 463 -36.43 26.69 -28.00
C LEU E 463 -37.68 26.10 -28.67
N PRO E 464 -38.77 26.88 -28.74
CA PRO E 464 -39.99 26.45 -29.42
C PRO E 464 -39.87 26.40 -30.95
N THR E 465 -40.56 25.46 -31.57
CA THR E 465 -40.56 25.32 -33.02
C THR E 465 -41.95 25.00 -33.54
N LYS E 466 -42.13 25.17 -34.85
CA LYS E 466 -43.36 24.77 -35.53
C LYS E 466 -43.03 24.33 -36.94
N PRO E 467 -43.53 23.16 -37.36
CA PRO E 467 -43.25 22.61 -38.69
C PRO E 467 -43.72 23.49 -39.85
N LEU E 468 -43.06 23.34 -40.99
CA LEU E 468 -43.34 24.12 -42.19
C LEU E 468 -44.04 23.24 -43.22
N ASN E 469 -44.84 23.82 -44.11
CA ASN E 469 -45.43 23.06 -45.21
C ASN E 469 -44.69 23.37 -46.50
N ASP E 470 -43.80 24.36 -46.42
CA ASP E 470 -43.06 24.85 -47.55
C ASP E 470 -41.86 25.63 -47.01
N VAL E 471 -40.83 25.80 -47.82
CA VAL E 471 -39.64 26.52 -47.40
C VAL E 471 -39.95 27.99 -47.11
N ASN E 472 -40.98 28.53 -47.75
CA ASN E 472 -41.37 29.91 -47.56
C ASN E 472 -42.65 30.06 -46.74
N ASP E 473 -42.99 29.03 -45.98
CA ASP E 473 -44.18 29.04 -45.15
C ASP E 473 -44.10 30.11 -44.07
N GLU E 474 -45.09 30.99 -44.04
CA GLU E 474 -45.10 32.12 -43.10
C GLU E 474 -45.56 31.70 -41.71
N ASN E 475 -46.22 30.54 -41.61
CA ASN E 475 -46.80 30.11 -40.36
C ASN E 475 -45.99 29.05 -39.63
N GLY E 476 -44.83 28.72 -40.15
CA GLY E 476 -43.94 27.81 -39.46
C GLY E 476 -43.00 28.58 -38.56
N GLU E 477 -42.29 27.90 -37.68
CA GLU E 477 -41.31 28.57 -36.84
C GLU E 477 -40.01 27.78 -36.73
N ILE E 478 -38.93 28.35 -37.22
CA ILE E 478 -37.61 27.78 -37.04
C ILE E 478 -36.88 28.59 -35.97
N ALA E 479 -36.37 27.90 -34.96
CA ALA E 479 -35.68 28.57 -33.85
C ALA E 479 -34.20 28.82 -34.15
N LEU E 480 -33.77 30.06 -33.96
CA LEU E 480 -32.38 30.44 -34.09
C LEU E 480 -31.84 30.85 -32.72
N CYS E 481 -30.59 30.52 -32.43
CA CYS E 481 -29.97 31.05 -31.23
C CYS E 481 -28.61 31.67 -31.52
N THR E 482 -28.40 32.89 -31.03
CA THR E 482 -27.13 33.58 -31.18
C THR E 482 -26.36 33.53 -29.86
N LEU E 483 -25.08 33.21 -29.95
CA LEU E 483 -24.32 32.85 -28.76
C LEU E 483 -23.25 33.86 -28.36
N SER E 484 -22.73 33.68 -27.15
CA SER E 484 -21.56 34.38 -26.66
C SER E 484 -21.24 33.80 -25.29
N ALA E 485 -20.13 34.21 -24.70
CA ALA E 485 -19.73 33.64 -23.43
C ALA E 485 -18.96 34.63 -22.56
N PHE E 486 -19.16 34.51 -21.25
CA PHE E 486 -18.40 35.27 -20.28
C PHE E 486 -17.13 34.50 -19.93
N ASN E 487 -16.00 35.19 -19.93
CA ASN E 487 -14.76 34.57 -19.50
C ASN E 487 -14.62 34.66 -17.98
N LEU E 488 -14.91 33.56 -17.30
CA LEU E 488 -14.88 33.56 -15.84
C LEU E 488 -13.47 33.74 -15.29
N GLY E 489 -12.48 33.50 -16.14
CA GLY E 489 -11.09 33.66 -15.72
C GLY E 489 -10.60 35.08 -15.87
N ALA E 490 -11.46 35.98 -16.35
CA ALA E 490 -11.04 37.35 -16.61
C ALA E 490 -11.67 38.38 -15.69
N ILE E 491 -12.42 37.92 -14.68
CA ILE E 491 -13.07 38.83 -13.74
C ILE E 491 -12.48 38.71 -12.33
N ASN E 492 -12.48 39.81 -11.60
CA ASN E 492 -11.98 39.80 -10.22
C ASN E 492 -13.11 39.58 -9.22
N ASN E 493 -14.31 40.04 -9.59
CA ASN E 493 -15.50 39.84 -8.77
C ASN E 493 -16.76 39.69 -9.64
N LEU E 494 -17.81 39.13 -9.06
CA LEU E 494 -19.02 38.83 -9.82
C LEU E 494 -19.83 40.04 -10.30
N ASP E 495 -19.66 41.20 -9.68
CA ASP E 495 -20.41 42.38 -10.10
C ASP E 495 -19.87 43.00 -11.38
N GLU E 496 -18.76 42.46 -11.88
CA GLU E 496 -18.24 42.90 -13.16
C GLU E 496 -19.09 42.32 -14.29
N LEU E 497 -19.92 41.35 -13.95
CA LEU E 497 -20.79 40.68 -14.91
C LEU E 497 -21.91 41.60 -15.37
N GLU E 498 -22.21 42.61 -14.56
CA GLU E 498 -23.30 43.53 -14.87
C GLU E 498 -23.06 44.30 -16.17
N GLU E 499 -21.90 44.94 -16.30
CA GLU E 499 -21.56 45.66 -17.52
C GLU E 499 -21.31 44.68 -18.66
N LEU E 500 -20.69 43.54 -18.35
CA LEU E 500 -20.39 42.54 -19.38
C LEU E 500 -21.67 41.95 -19.96
N ALA E 501 -22.70 41.80 -19.13
CA ALA E 501 -23.99 41.31 -19.60
C ALA E 501 -24.66 42.36 -20.47
N ILE E 502 -24.54 43.63 -20.07
CA ILE E 502 -25.11 44.73 -20.84
C ILE E 502 -24.52 44.76 -22.25
N LEU E 503 -23.20 44.64 -22.33
CA LEU E 503 -22.50 44.65 -23.61
C LEU E 503 -22.88 43.45 -24.49
N ALA E 504 -22.92 42.27 -23.88
CA ALA E 504 -23.20 41.05 -24.61
C ALA E 504 -24.63 41.01 -25.14
N VAL E 505 -25.58 41.37 -24.28
CA VAL E 505 -26.98 41.34 -24.65
C VAL E 505 -27.28 42.39 -25.72
N ARG E 506 -26.76 43.60 -25.54
CA ARG E 506 -26.98 44.66 -26.51
C ARG E 506 -26.39 44.32 -27.87
N ALA E 507 -25.23 43.67 -27.85
CA ALA E 507 -24.55 43.31 -29.10
C ALA E 507 -25.30 42.22 -29.85
N LEU E 508 -25.73 41.19 -29.12
CA LEU E 508 -26.43 40.07 -29.74
C LEU E 508 -27.85 40.43 -30.18
N ASP E 509 -28.50 41.32 -29.42
CA ASP E 509 -29.84 41.73 -29.77
C ASP E 509 -29.83 42.64 -31.00
N ALA E 510 -28.77 43.43 -31.13
CA ALA E 510 -28.61 44.30 -32.29
C ALA E 510 -28.24 43.48 -33.52
N LEU E 511 -27.57 42.36 -33.30
CA LEU E 511 -27.19 41.45 -34.38
C LEU E 511 -28.42 40.90 -35.09
N LEU E 512 -29.48 40.67 -34.32
CA LEU E 512 -30.70 40.07 -34.84
C LEU E 512 -31.36 40.95 -35.91
N ASP E 513 -31.31 42.26 -35.69
CA ASP E 513 -31.86 43.20 -36.66
C ASP E 513 -30.87 43.45 -37.77
N TYR E 514 -29.60 43.17 -37.51
CA TYR E 514 -28.54 43.44 -38.46
C TYR E 514 -28.40 42.32 -39.50
N GLN E 515 -28.52 41.07 -39.06
CA GLN E 515 -28.29 39.93 -39.94
C GLN E 515 -29.50 39.64 -40.82
N ASP E 516 -29.31 38.77 -41.80
CA ASP E 516 -30.37 38.39 -42.72
C ASP E 516 -30.91 37.00 -42.40
N TYR E 517 -32.01 36.65 -43.03
CA TYR E 517 -32.67 35.37 -42.79
C TYR E 517 -33.08 34.71 -44.09
N PRO E 518 -32.36 33.67 -44.50
CA PRO E 518 -32.64 32.97 -45.76
C PRO E 518 -33.97 32.24 -45.73
N ILE E 519 -34.45 31.87 -44.55
CA ILE E 519 -35.75 31.23 -44.40
C ILE E 519 -36.70 32.08 -43.58
N PRO E 520 -37.87 32.42 -44.15
CA PRO E 520 -38.87 33.27 -43.50
C PRO E 520 -39.33 32.77 -42.13
N ALA E 521 -39.47 31.46 -41.98
CA ALA E 521 -39.90 30.88 -40.71
C ALA E 521 -38.85 31.07 -39.63
N ALA E 522 -37.59 31.19 -40.04
CA ALA E 522 -36.51 31.41 -39.10
C ALA E 522 -36.50 32.85 -38.62
N LYS E 523 -36.83 33.78 -39.51
CA LYS E 523 -36.91 35.19 -39.17
C LYS E 523 -38.03 35.43 -38.17
N ARG E 524 -39.12 34.69 -38.36
CA ARG E 524 -40.27 34.80 -37.47
C ARG E 524 -39.92 34.42 -36.04
N GLY E 525 -39.23 33.30 -35.87
CA GLY E 525 -38.83 32.85 -34.55
C GLY E 525 -37.80 33.77 -33.92
N ALA E 526 -36.92 34.30 -34.76
CA ALA E 526 -35.87 35.20 -34.30
C ALA E 526 -36.42 36.56 -33.89
N MET E 527 -37.36 37.08 -34.67
CA MET E 527 -37.93 38.39 -34.38
C MET E 527 -39.00 38.31 -33.30
N GLY E 528 -39.63 37.15 -33.17
CA GLY E 528 -40.69 36.98 -32.21
C GLY E 528 -40.23 36.77 -30.80
N ARG E 529 -39.19 35.95 -30.62
CA ARG E 529 -38.71 35.60 -29.30
C ARG E 529 -37.38 36.26 -28.98
N ARG E 530 -36.60 36.55 -30.03
CA ARG E 530 -35.28 37.15 -29.91
C ARG E 530 -34.42 36.38 -28.92
N THR E 531 -34.31 35.07 -29.14
CA THR E 531 -33.66 34.17 -28.19
C THR E 531 -32.14 34.22 -28.24
N LEU E 532 -31.53 34.40 -27.07
CA LEU E 532 -30.09 34.44 -26.95
C LEU E 532 -29.60 33.25 -26.13
N GLY E 533 -28.35 32.86 -26.33
CA GLY E 533 -27.76 31.79 -25.57
C GLY E 533 -26.35 32.15 -25.16
N ILE E 534 -26.22 32.80 -24.02
CA ILE E 534 -24.93 33.23 -23.53
C ILE E 534 -24.46 32.36 -22.39
N GLY E 535 -23.26 31.80 -22.52
CA GLY E 535 -22.72 30.89 -21.52
C GLY E 535 -21.42 31.35 -20.92
N VAL E 536 -20.57 30.40 -20.53
CA VAL E 536 -19.30 30.72 -19.90
C VAL E 536 -18.16 29.89 -20.48
N ILE E 537 -16.93 30.39 -20.29
CA ILE E 537 -15.73 29.61 -20.56
C ILE E 537 -14.78 29.77 -19.37
N ASN E 538 -13.71 28.97 -19.36
CA ASN E 538 -12.71 29.01 -18.30
C ASN E 538 -13.25 28.69 -16.92
N PHE E 539 -14.24 27.81 -16.84
CA PHE E 539 -14.85 27.45 -15.56
C PHE E 539 -13.90 26.62 -14.71
N ALA E 540 -13.12 25.75 -15.34
CA ALA E 540 -12.14 24.93 -14.64
C ALA E 540 -11.03 25.80 -14.06
N TYR E 541 -10.62 26.81 -14.82
CA TYR E 541 -9.64 27.79 -14.36
C TYR E 541 -10.19 28.60 -13.20
N TYR E 542 -11.48 28.91 -13.31
CA TYR E 542 -12.20 29.65 -12.28
C TYR E 542 -12.20 28.90 -10.95
N LEU E 543 -12.50 27.60 -11.01
CA LEU E 543 -12.51 26.76 -9.82
C LEU E 543 -11.11 26.56 -9.26
N ALA E 544 -10.12 26.49 -10.13
CA ALA E 544 -8.74 26.29 -9.70
C ALA E 544 -8.26 27.49 -8.90
N LYS E 545 -8.69 28.69 -9.29
CA LYS E 545 -8.32 29.91 -8.57
C LYS E 545 -8.98 29.98 -7.20
N HIS E 546 -10.12 29.30 -7.04
CA HIS E 546 -10.81 29.28 -5.76
C HIS E 546 -10.46 28.05 -4.94
N GLY E 547 -9.59 27.20 -5.48
CA GLY E 547 -9.15 26.01 -4.77
C GLY E 547 -10.25 24.98 -4.57
N LYS E 548 -11.15 24.89 -5.54
CA LYS E 548 -12.27 23.94 -5.51
C LYS E 548 -12.02 22.83 -6.52
N ARG E 549 -12.87 21.80 -6.48
CA ARG E 549 -12.73 20.66 -7.39
C ARG E 549 -14.06 20.33 -8.03
N TYR E 550 -14.05 19.49 -9.06
CA TYR E 550 -15.29 19.04 -9.68
C TYR E 550 -15.98 17.91 -8.91
N SER E 551 -15.18 16.99 -8.39
CA SER E 551 -15.70 15.69 -7.98
C SER E 551 -16.21 15.61 -6.55
N ASP E 552 -15.61 16.36 -5.64
CA ASP E 552 -15.87 16.17 -4.22
C ASP E 552 -17.09 16.95 -3.72
N GLY E 553 -17.60 17.85 -4.54
CA GLY E 553 -18.74 18.65 -4.17
C GLY E 553 -18.33 19.95 -3.51
N SER E 554 -17.03 20.24 -3.56
CA SER E 554 -16.49 21.41 -2.90
C SER E 554 -16.85 22.71 -3.62
N ALA E 555 -17.31 22.60 -4.86
CA ALA E 555 -17.62 23.76 -5.66
C ALA E 555 -19.11 23.99 -5.80
N ASN E 556 -19.90 23.23 -5.07
CA ASN E 556 -21.35 23.29 -5.16
C ASN E 556 -21.93 24.66 -4.83
N ASN E 557 -21.56 25.20 -3.68
CA ASN E 557 -22.07 26.51 -3.27
C ASN E 557 -21.50 27.65 -4.11
N LEU E 558 -20.23 27.51 -4.50
CA LEU E 558 -19.58 28.52 -5.33
C LEU E 558 -20.23 28.57 -6.70
N THR E 559 -20.61 27.40 -7.23
CA THR E 559 -21.29 27.33 -8.51
C THR E 559 -22.66 27.97 -8.44
N HIS E 560 -23.39 27.69 -7.36
CA HIS E 560 -24.69 28.28 -7.13
C HIS E 560 -24.59 29.80 -7.08
N LYS E 561 -23.61 30.27 -6.30
CA LYS E 561 -23.37 31.70 -6.14
C LYS E 561 -22.98 32.35 -7.46
N THR E 562 -22.19 31.65 -8.25
CA THR E 562 -21.65 32.19 -9.49
C THR E 562 -22.71 32.33 -10.58
N PHE E 563 -23.47 31.26 -10.80
CA PHE E 563 -24.44 31.24 -11.88
C PHE E 563 -25.74 31.94 -11.51
N GLU E 564 -25.93 32.22 -10.23
CA GLU E 564 -27.02 33.09 -9.82
C GLU E 564 -26.75 34.50 -10.31
N ALA E 565 -25.51 34.95 -10.15
CA ALA E 565 -25.10 36.28 -10.58
C ALA E 565 -25.14 36.41 -12.10
N ILE E 566 -24.76 35.35 -12.79
CA ILE E 566 -24.75 35.36 -14.24
C ILE E 566 -26.15 35.55 -14.81
N GLN E 567 -27.09 34.73 -14.37
CA GLN E 567 -28.46 34.82 -14.86
C GLN E 567 -29.13 36.11 -14.41
N TYR E 568 -28.82 36.54 -13.19
CA TYR E 568 -29.40 37.76 -12.65
C TYR E 568 -29.05 38.98 -13.51
N TYR E 569 -27.77 39.11 -13.85
CA TYR E 569 -27.31 40.26 -14.62
C TYR E 569 -27.66 40.14 -16.10
N LEU E 570 -27.84 38.91 -16.57
CA LEU E 570 -28.33 38.69 -17.93
C LEU E 570 -29.78 39.13 -18.05
N LEU E 571 -30.59 38.70 -17.10
CA LEU E 571 -32.00 39.11 -17.05
C LEU E 571 -32.11 40.61 -16.83
N LYS E 572 -31.28 41.14 -15.95
CA LYS E 572 -31.30 42.56 -15.63
C LYS E 572 -30.97 43.40 -16.87
N ALA E 573 -30.02 42.93 -17.66
CA ALA E 573 -29.63 43.63 -18.88
C ALA E 573 -30.76 43.60 -19.91
N SER E 574 -31.39 42.44 -20.06
CA SER E 574 -32.45 42.28 -21.04
C SER E 574 -33.71 43.02 -20.60
N ASN E 575 -33.87 43.15 -19.28
CA ASN E 575 -34.99 43.90 -18.71
C ASN E 575 -34.86 45.39 -18.98
N GLU E 576 -33.64 45.91 -18.83
CA GLU E 576 -33.36 47.31 -19.11
C GLU E 576 -33.52 47.59 -20.60
N LEU E 577 -33.17 46.60 -21.42
CA LEU E 577 -33.25 46.73 -22.86
C LEU E 577 -34.71 46.71 -23.32
N ALA E 578 -35.57 46.11 -22.51
CA ALA E 578 -37.01 46.11 -22.79
C ALA E 578 -37.60 47.48 -22.48
N LYS E 579 -37.06 48.14 -21.46
CA LYS E 579 -37.48 49.49 -21.11
C LYS E 579 -37.15 50.47 -22.23
N GLU E 580 -36.01 50.24 -22.88
CA GLU E 580 -35.50 51.17 -23.88
C GLU E 580 -36.06 50.93 -25.28
N GLN E 581 -36.20 49.67 -25.67
CA GLN E 581 -36.56 49.37 -27.05
C GLN E 581 -37.82 48.52 -27.16
N GLY E 582 -38.39 48.15 -26.03
CA GLY E 582 -39.60 47.35 -26.03
C GLY E 582 -39.33 45.88 -25.88
N ALA E 583 -40.24 45.17 -25.24
CA ALA E 583 -40.10 43.73 -25.07
C ALA E 583 -40.27 43.02 -26.40
N CYS E 584 -39.81 41.78 -26.48
CA CYS E 584 -39.96 40.99 -27.69
C CYS E 584 -41.45 40.73 -27.95
N PRO E 585 -41.85 40.75 -29.22
CA PRO E 585 -43.26 40.62 -29.63
C PRO E 585 -44.00 39.47 -28.97
N TRP E 586 -43.35 38.32 -28.84
CA TRP E 586 -44.02 37.14 -28.30
C TRP E 586 -43.63 36.89 -26.86
N PHE E 587 -43.35 37.96 -26.12
CA PHE E 587 -42.98 37.84 -24.71
C PHE E 587 -44.10 37.24 -23.88
N ASN E 588 -45.34 37.46 -24.32
CA ASN E 588 -46.52 36.99 -23.61
C ASN E 588 -46.61 35.47 -23.53
N GLU E 589 -45.76 34.78 -24.29
CA GLU E 589 -45.74 33.33 -24.31
C GLU E 589 -44.73 32.74 -23.34
N THR E 590 -44.06 33.62 -22.57
CA THR E 590 -43.04 33.17 -21.63
C THR E 590 -43.58 33.01 -20.21
N THR E 591 -42.86 32.24 -19.40
CA THR E 591 -43.21 32.10 -17.99
C THR E 591 -42.82 33.36 -17.23
N TYR E 592 -41.85 34.08 -17.76
CA TYR E 592 -41.42 35.35 -17.20
C TYR E 592 -42.54 36.37 -17.20
N ALA E 593 -43.37 36.33 -18.24
CA ALA E 593 -44.45 37.31 -18.40
C ALA E 593 -45.48 37.22 -17.29
N LYS E 594 -45.68 36.01 -16.78
CA LYS E 594 -46.62 35.80 -15.69
C LYS E 594 -45.94 35.98 -14.34
N GLY E 595 -44.67 36.37 -14.39
CA GLY E 595 -43.89 36.62 -13.18
C GLY E 595 -43.21 35.42 -12.58
N ILE E 596 -42.94 34.41 -13.40
CA ILE E 596 -42.26 33.21 -12.92
C ILE E 596 -40.77 33.24 -13.23
N LEU E 597 -39.94 32.89 -12.25
CA LEU E 597 -38.50 32.92 -12.39
C LEU E 597 -37.93 31.50 -12.32
N PRO E 598 -36.69 31.31 -12.81
CA PRO E 598 -36.03 30.01 -12.72
C PRO E 598 -35.89 29.51 -11.29
N ILE E 599 -35.82 30.45 -10.34
CA ILE E 599 -35.68 30.10 -8.93
C ILE E 599 -36.97 29.56 -8.34
N ASP E 600 -38.03 29.55 -9.14
CA ASP E 600 -39.33 29.05 -8.71
C ASP E 600 -39.61 27.64 -9.21
N THR E 601 -38.96 27.24 -10.30
CA THR E 601 -39.32 26.03 -11.01
C THR E 601 -38.20 25.00 -11.13
N TYR E 602 -37.09 25.21 -10.44
CA TYR E 602 -35.97 24.28 -10.52
C TYR E 602 -36.32 22.95 -9.86
N LYS E 603 -35.52 21.92 -10.14
CA LYS E 603 -35.73 20.61 -9.55
C LYS E 603 -35.44 20.63 -8.05
N LYS E 604 -36.38 20.13 -7.28
CA LYS E 604 -36.37 20.27 -5.83
C LYS E 604 -35.18 19.58 -5.15
N ASP E 605 -34.62 18.58 -5.82
CA ASP E 605 -33.53 17.81 -5.25
C ASP E 605 -32.23 18.61 -5.11
N LEU E 606 -32.17 19.76 -5.77
CA LEU E 606 -31.00 20.62 -5.69
C LEU E 606 -30.78 21.15 -4.28
N ASP E 607 -31.85 21.21 -3.50
CA ASP E 607 -31.77 21.74 -2.14
C ASP E 607 -30.98 20.80 -1.22
N THR E 608 -30.77 19.58 -1.68
CA THR E 608 -30.08 18.57 -0.89
C THR E 608 -28.58 18.57 -1.16
N ILE E 609 -28.16 19.30 -2.19
CA ILE E 609 -26.76 19.30 -2.58
C ILE E 609 -26.14 20.70 -2.52
N ALA E 610 -26.94 21.68 -2.14
CA ALA E 610 -26.44 23.05 -2.01
C ALA E 610 -27.35 23.86 -1.08
N ASN E 611 -26.74 24.55 -0.12
CA ASN E 611 -27.50 25.36 0.82
C ASN E 611 -27.16 26.83 0.67
N GLU E 612 -26.60 27.18 -0.49
CA GLU E 612 -26.26 28.55 -0.78
C GLU E 612 -27.53 29.35 -1.01
N PRO E 613 -27.70 30.44 -0.24
CA PRO E 613 -28.85 31.32 -0.39
C PRO E 613 -28.73 32.26 -1.58
N LEU E 614 -29.84 32.84 -2.01
CA LEU E 614 -29.82 33.84 -3.07
C LEU E 614 -29.29 35.16 -2.54
N HIS E 615 -28.34 35.74 -3.25
CA HIS E 615 -27.70 36.98 -2.79
C HIS E 615 -28.21 38.22 -3.51
N TYR E 616 -28.91 38.03 -4.62
CA TYR E 616 -29.39 39.16 -5.39
C TYR E 616 -30.90 39.34 -5.24
N ASP E 617 -31.36 40.54 -5.55
CA ASP E 617 -32.77 40.89 -5.32
C ASP E 617 -33.63 40.41 -6.47
N TRP E 618 -34.03 39.14 -6.41
CA TRP E 618 -34.81 38.52 -7.46
C TRP E 618 -36.28 38.95 -7.41
N GLU E 619 -36.73 39.37 -6.24
CA GLU E 619 -38.11 39.79 -6.05
C GLU E 619 -38.37 41.15 -6.69
N ALA E 620 -37.38 42.04 -6.61
CA ALA E 620 -37.46 43.32 -7.29
C ALA E 620 -37.40 43.13 -8.79
N LEU E 621 -36.58 42.17 -9.21
CA LEU E 621 -36.41 41.86 -10.62
C LEU E 621 -37.68 41.25 -11.20
N ARG E 622 -38.36 40.42 -10.41
CA ARG E 622 -39.60 39.80 -10.83
C ARG E 622 -40.67 40.82 -11.20
N GLU E 623 -40.82 41.86 -10.39
CA GLU E 623 -41.79 42.91 -10.68
C GLU E 623 -41.38 43.78 -11.86
N SER E 624 -40.09 44.02 -12.00
CA SER E 624 -39.61 44.82 -13.12
C SER E 624 -39.83 44.09 -14.44
N ILE E 625 -39.65 42.77 -14.41
CA ILE E 625 -39.90 41.93 -15.57
C ILE E 625 -41.39 41.88 -15.86
N LYS E 626 -42.19 41.73 -14.81
CA LYS E 626 -43.63 41.64 -14.96
C LYS E 626 -44.18 42.95 -15.52
N THR E 627 -43.49 44.05 -15.23
CA THR E 627 -43.93 45.37 -15.67
C THR E 627 -43.38 45.75 -17.04
N HIS E 628 -42.08 45.60 -17.25
CA HIS E 628 -41.46 46.06 -18.48
C HIS E 628 -41.15 44.94 -19.47
N GLY E 629 -41.16 43.70 -18.98
CA GLY E 629 -40.90 42.58 -19.85
C GLY E 629 -39.43 42.34 -20.10
N LEU E 630 -39.13 41.41 -21.00
CA LEU E 630 -37.77 41.12 -21.40
C LEU E 630 -37.60 41.37 -22.89
N ARG E 631 -36.44 41.85 -23.30
CA ARG E 631 -36.12 42.04 -24.70
C ARG E 631 -35.94 40.68 -25.38
N ASN E 632 -35.52 39.69 -24.59
CA ASN E 632 -35.21 38.37 -25.10
C ASN E 632 -35.88 37.27 -24.29
N SER E 633 -36.47 36.30 -24.98
CA SER E 633 -37.18 35.22 -24.30
C SER E 633 -36.22 34.32 -23.53
N THR E 634 -35.02 34.13 -24.08
CA THR E 634 -33.97 33.40 -23.37
C THR E 634 -32.67 34.20 -23.38
N LEU E 635 -31.78 33.87 -22.45
CA LEU E 635 -30.51 34.58 -22.34
C LEU E 635 -29.32 33.66 -22.12
N SER E 636 -29.53 32.60 -21.35
CA SER E 636 -28.41 31.76 -20.96
C SER E 636 -28.49 30.35 -21.53
N ALA E 637 -27.33 29.83 -21.91
CA ALA E 637 -27.16 28.46 -22.40
C ALA E 637 -25.69 28.14 -22.35
N LEU E 638 -25.34 26.97 -21.82
CA LEU E 638 -23.94 26.63 -21.65
C LEU E 638 -23.43 25.75 -22.79
N MET E 639 -22.81 26.39 -23.78
CA MET E 639 -22.28 25.72 -24.95
C MET E 639 -20.91 25.10 -24.68
N PRO E 640 -20.46 24.15 -25.52
CA PRO E 640 -19.14 23.53 -25.32
C PRO E 640 -17.98 24.47 -25.63
N SER E 641 -18.16 25.40 -26.56
CA SER E 641 -17.16 26.38 -26.96
C SER E 641 -15.82 25.76 -27.34
N GLU E 642 -15.86 24.65 -28.08
CA GLU E 642 -14.64 23.91 -28.41
C GLU E 642 -13.62 24.71 -29.21
N THR E 643 -14.08 25.53 -30.14
CA THR E 643 -13.17 26.30 -30.98
C THR E 643 -12.97 27.70 -30.43
N SER E 644 -14.09 28.37 -30.15
CA SER E 644 -14.09 29.78 -29.80
C SER E 644 -13.39 30.09 -28.48
N SER E 645 -13.32 29.12 -27.58
CA SER E 645 -12.68 29.33 -26.28
C SER E 645 -11.16 29.35 -26.39
N GLN E 646 -10.63 28.87 -27.50
CA GLN E 646 -9.20 28.80 -27.70
C GLN E 646 -8.59 30.18 -27.95
N ILE E 647 -9.44 31.11 -28.38
CA ILE E 647 -9.02 32.47 -28.68
C ILE E 647 -8.45 33.16 -27.46
N SER E 648 -9.05 32.89 -26.31
CA SER E 648 -8.60 33.47 -25.05
C SER E 648 -7.75 32.50 -24.24
N ASN E 649 -7.38 31.39 -24.87
CA ASN E 649 -6.63 30.31 -24.23
C ASN E 649 -7.36 29.77 -23.01
N ALA E 650 -8.68 29.79 -23.07
CA ALA E 650 -9.50 29.35 -21.96
C ALA E 650 -9.72 27.85 -22.01
N THR E 651 -10.01 27.27 -20.86
CA THR E 651 -10.53 25.91 -20.81
C THR E 651 -11.96 25.97 -21.35
N ASN E 652 -12.30 25.05 -22.24
CA ASN E 652 -13.57 25.15 -22.96
C ASN E 652 -14.79 24.94 -22.05
N GLY E 653 -15.70 25.91 -22.08
CA GLY E 653 -16.95 25.83 -21.35
C GLY E 653 -16.79 25.53 -19.87
N ILE E 654 -17.51 24.49 -19.42
CA ILE E 654 -17.46 24.07 -18.03
C ILE E 654 -16.63 22.81 -17.86
N GLU E 655 -16.08 22.32 -18.96
CA GLU E 655 -15.34 21.06 -18.96
C GLU E 655 -13.93 21.21 -18.39
N PRO E 656 -13.50 20.21 -17.63
CA PRO E 656 -12.12 20.14 -17.14
C PRO E 656 -11.16 19.76 -18.26
N PRO E 657 -9.96 20.35 -18.26
CA PRO E 657 -9.00 20.04 -19.32
C PRO E 657 -8.57 18.58 -19.29
N ARG E 658 -8.22 18.04 -20.47
CA ARG E 658 -7.72 16.68 -20.60
C ARG E 658 -6.37 16.52 -19.94
N GLY E 659 -5.59 17.59 -20.02
CA GLY E 659 -4.25 17.59 -19.47
C GLY E 659 -3.76 19.00 -19.30
N TYR E 660 -2.61 19.17 -18.64
CA TYR E 660 -2.02 20.49 -18.47
C TYR E 660 -1.63 21.06 -19.81
N VAL E 661 -1.17 20.19 -20.70
CA VAL E 661 -0.96 20.52 -22.09
C VAL E 661 -1.85 19.61 -22.94
N SER E 662 -2.92 20.17 -23.49
CA SER E 662 -3.85 19.41 -24.29
C SER E 662 -3.43 19.40 -25.75
N ILE E 663 -3.62 18.26 -26.41
CA ILE E 663 -3.38 18.17 -27.84
C ILE E 663 -4.71 18.21 -28.58
N LYS E 664 -4.98 19.32 -29.25
CA LYS E 664 -6.25 19.49 -29.95
C LYS E 664 -6.05 19.46 -31.45
N ALA E 665 -7.14 19.24 -32.18
CA ALA E 665 -7.07 19.02 -33.62
C ALA E 665 -7.14 20.31 -34.40
N SER E 666 -6.54 20.30 -35.59
CA SER E 666 -6.58 21.43 -36.50
C SER E 666 -6.38 20.97 -37.94
N LYS E 667 -6.75 21.82 -38.87
CA LYS E 667 -6.60 21.52 -40.29
C LYS E 667 -5.14 21.44 -40.69
N ASP E 668 -4.30 22.19 -39.99
CA ASP E 668 -2.88 22.27 -40.30
C ASP E 668 -2.13 21.10 -39.66
N GLY E 669 -2.53 20.73 -38.45
CA GLY E 669 -1.91 19.62 -37.76
C GLY E 669 -2.32 19.60 -36.30
N ILE E 670 -1.45 19.03 -35.46
CA ILE E 670 -1.73 18.98 -34.04
C ILE E 670 -1.34 20.27 -33.34
N LEU E 671 -2.14 20.66 -32.36
CA LEU E 671 -1.90 21.86 -31.58
C LEU E 671 -1.69 21.50 -30.12
N ARG E 672 -0.76 22.20 -29.48
CA ARG E 672 -0.54 22.05 -28.05
C ARG E 672 -1.11 23.26 -27.34
N GLN E 673 -1.98 23.02 -26.37
CA GLN E 673 -2.60 24.11 -25.62
C GLN E 673 -2.37 23.94 -24.13
N VAL E 674 -1.84 24.99 -23.53
CA VAL E 674 -1.54 24.98 -22.10
C VAL E 674 -2.71 25.57 -21.30
N VAL E 675 -2.99 24.97 -20.14
CA VAL E 675 -3.98 25.54 -19.24
C VAL E 675 -3.50 26.92 -18.80
N PRO E 676 -4.45 27.86 -18.63
CA PRO E 676 -4.07 29.20 -18.18
C PRO E 676 -3.39 29.19 -16.82
N ASP E 677 -2.28 29.90 -16.70
CA ASP E 677 -1.54 30.03 -15.45
C ASP E 677 -1.12 28.67 -14.91
N TYR E 678 -0.48 27.87 -15.74
CA TYR E 678 -0.01 26.54 -15.36
C TYR E 678 1.06 26.63 -14.27
N GLU E 679 1.83 27.70 -14.32
CA GLU E 679 2.93 27.91 -13.39
C GLU E 679 2.48 27.95 -11.94
N HIS E 680 1.38 28.65 -11.66
CA HIS E 680 0.90 28.81 -10.30
C HIS E 680 -0.17 27.80 -9.91
N LEU E 681 -0.85 27.21 -10.90
CA LEU E 681 -2.01 26.39 -10.62
C LEU E 681 -1.89 24.95 -11.11
N HIS E 682 -0.67 24.47 -11.27
CA HIS E 682 -0.44 23.11 -11.75
C HIS E 682 -1.04 22.07 -10.78
N ASP E 683 -1.05 22.38 -9.50
CA ASP E 683 -1.59 21.47 -8.51
C ASP E 683 -3.07 21.74 -8.26
N ALA E 684 -3.56 22.86 -8.75
CA ALA E 684 -4.92 23.31 -8.47
C ALA E 684 -5.96 22.67 -9.38
N TYR E 685 -5.56 22.35 -10.61
CA TYR E 685 -6.48 21.76 -11.57
C TYR E 685 -6.82 20.32 -11.25
N GLU E 686 -8.04 19.92 -11.58
CA GLU E 686 -8.41 18.52 -11.56
C GLU E 686 -8.68 18.09 -12.99
N LEU E 687 -7.75 17.36 -13.57
CA LEU E 687 -7.84 16.97 -14.97
C LEU E 687 -9.02 16.03 -15.21
N LEU E 688 -9.41 15.87 -16.47
CA LEU E 688 -10.60 15.10 -16.80
C LEU E 688 -10.59 13.71 -16.22
N TRP E 689 -9.47 13.02 -16.36
CA TRP E 689 -9.38 11.64 -15.92
C TRP E 689 -8.85 11.48 -14.51
N GLU E 690 -8.79 12.57 -13.75
CA GLU E 690 -8.41 12.50 -12.35
C GLU E 690 -9.65 12.42 -11.49
N MET E 691 -10.82 12.35 -12.14
CA MET E 691 -12.07 12.34 -11.41
C MET E 691 -12.51 10.92 -11.17
N PRO E 692 -12.99 10.64 -9.95
CA PRO E 692 -13.50 9.33 -9.54
C PRO E 692 -14.75 8.94 -10.33
N GLY E 693 -15.54 9.93 -10.72
CA GLY E 693 -16.76 9.66 -11.45
C GLY E 693 -17.43 10.92 -11.98
N ASN E 694 -18.73 10.81 -12.24
CA ASN E 694 -19.47 11.91 -12.86
C ASN E 694 -20.37 12.64 -11.87
N ASP E 695 -20.50 12.08 -10.67
CA ASP E 695 -21.43 12.58 -9.67
C ASP E 695 -21.20 14.05 -9.32
N GLY E 696 -19.95 14.40 -9.03
CA GLY E 696 -19.63 15.77 -8.69
C GLY E 696 -19.90 16.72 -9.84
N TYR E 697 -19.55 16.29 -11.05
CA TYR E 697 -19.78 17.08 -12.26
C TYR E 697 -21.26 17.26 -12.53
N LEU E 698 -22.02 16.17 -12.42
CA LEU E 698 -23.45 16.22 -12.69
C LEU E 698 -24.20 17.08 -11.68
N GLN E 699 -23.71 17.11 -10.44
CA GLN E 699 -24.30 17.97 -9.42
C GLN E 699 -24.09 19.42 -9.78
N LEU E 700 -22.89 19.73 -10.28
CA LEU E 700 -22.56 21.08 -10.70
C LEU E 700 -23.42 21.49 -11.88
N VAL E 701 -23.60 20.57 -12.83
CA VAL E 701 -24.45 20.82 -13.98
C VAL E 701 -25.88 21.06 -13.50
N GLY E 702 -26.32 20.23 -12.55
CA GLY E 702 -27.64 20.35 -11.98
C GLY E 702 -27.84 21.67 -11.27
N ILE E 703 -26.83 22.11 -10.55
CA ILE E 703 -26.88 23.40 -9.86
C ILE E 703 -26.94 24.55 -10.84
N MET E 704 -26.18 24.45 -11.93
CA MET E 704 -26.21 25.45 -12.98
C MET E 704 -27.59 25.56 -13.64
N GLN E 705 -28.22 24.42 -13.90
CA GLN E 705 -29.48 24.38 -14.63
C GLN E 705 -30.60 25.10 -13.88
N LYS E 706 -30.41 25.31 -12.58
CA LYS E 706 -31.34 26.05 -11.75
C LYS E 706 -31.54 27.46 -12.29
N PHE E 707 -30.50 28.01 -12.90
CA PHE E 707 -30.54 29.38 -13.38
C PHE E 707 -30.54 29.49 -14.90
N ILE E 708 -30.00 28.48 -15.57
CA ILE E 708 -29.89 28.51 -17.03
C ILE E 708 -31.24 28.41 -17.71
N ASP E 709 -31.52 29.33 -18.62
CA ASP E 709 -32.78 29.37 -19.34
C ASP E 709 -32.98 28.14 -20.21
N GLN E 710 -31.95 27.81 -20.98
CA GLN E 710 -32.04 26.69 -21.90
C GLN E 710 -31.41 25.45 -21.29
N SER E 711 -30.37 24.92 -21.91
CA SER E 711 -29.75 23.71 -21.39
C SER E 711 -28.23 23.80 -21.32
N ILE E 712 -27.59 22.67 -21.07
CA ILE E 712 -26.15 22.61 -20.86
C ILE E 712 -25.56 21.44 -21.65
N SER E 713 -24.45 21.66 -22.33
CA SER E 713 -23.78 20.59 -23.07
C SER E 713 -23.02 19.67 -22.12
N ALA E 714 -23.75 18.93 -21.30
CA ALA E 714 -23.16 18.11 -20.25
C ALA E 714 -22.55 16.82 -20.78
N ASN E 715 -21.31 16.56 -20.38
CA ASN E 715 -20.59 15.35 -20.76
C ASN E 715 -20.67 14.25 -19.71
N THR E 716 -20.57 13.00 -20.14
CA THR E 716 -20.33 11.91 -19.19
C THR E 716 -18.98 11.31 -19.51
N ASN E 717 -18.24 10.93 -18.48
CA ASN E 717 -16.89 10.42 -18.68
C ASN E 717 -16.65 9.11 -17.95
N TYR E 718 -15.96 8.20 -18.62
CA TYR E 718 -15.65 6.90 -18.02
C TYR E 718 -14.25 6.43 -18.40
N ASP E 719 -13.50 6.01 -17.40
CA ASP E 719 -12.17 5.42 -17.60
C ASP E 719 -12.28 3.91 -17.41
N PRO E 720 -12.21 3.16 -18.51
CA PRO E 720 -12.38 1.70 -18.47
C PRO E 720 -11.41 0.99 -17.53
N SER E 721 -10.18 1.51 -17.40
CA SER E 721 -9.17 0.88 -16.56
C SER E 721 -9.51 0.99 -15.07
N ARG E 722 -10.47 1.85 -14.75
CA ARG E 722 -10.94 2.01 -13.38
C ARG E 722 -11.99 0.96 -13.01
N PHE E 723 -12.35 0.09 -13.95
CA PHE E 723 -13.38 -0.92 -13.72
C PHE E 723 -12.87 -2.36 -13.79
N PRO E 724 -13.55 -3.28 -13.07
CA PRO E 724 -13.19 -4.70 -13.12
C PRO E 724 -13.25 -5.25 -14.54
N SER E 725 -12.23 -6.01 -14.93
CA SER E 725 -12.11 -6.58 -16.27
C SER E 725 -12.07 -5.49 -17.36
N GLY E 726 -11.80 -4.25 -16.94
CA GLY E 726 -11.58 -3.16 -17.86
C GLY E 726 -12.77 -2.76 -18.71
N LYS E 727 -13.98 -3.10 -18.27
CA LYS E 727 -15.17 -2.75 -19.02
C LYS E 727 -16.25 -2.13 -18.13
N VAL E 728 -16.78 -1.00 -18.59
CA VAL E 728 -17.79 -0.26 -17.84
C VAL E 728 -19.14 -0.96 -17.86
N PRO E 729 -19.65 -1.31 -16.68
CA PRO E 729 -20.94 -2.00 -16.53
C PRO E 729 -22.13 -1.13 -16.90
N MET E 730 -23.16 -1.75 -17.46
CA MET E 730 -24.38 -1.06 -17.83
C MET E 730 -25.09 -0.46 -16.60
N GLN E 731 -24.93 -1.12 -15.46
CA GLN E 731 -25.54 -0.69 -14.21
C GLN E 731 -25.04 0.70 -13.81
N GLN E 732 -23.77 0.97 -14.10
CA GLN E 732 -23.17 2.26 -13.81
C GLN E 732 -23.65 3.33 -14.78
N LEU E 733 -23.81 2.95 -16.05
CA LEU E 733 -24.29 3.86 -17.08
C LEU E 733 -25.70 4.33 -16.77
N LEU E 734 -26.55 3.39 -16.35
CA LEU E 734 -27.93 3.71 -16.02
C LEU E 734 -28.01 4.50 -14.72
N LYS E 735 -27.04 4.28 -13.83
CA LYS E 735 -27.01 4.97 -12.55
C LYS E 735 -26.78 6.45 -12.74
N ASP E 736 -25.78 6.80 -13.55
CA ASP E 736 -25.46 8.19 -13.84
C ASP E 736 -26.56 8.88 -14.62
N LEU E 737 -27.19 8.12 -15.51
CA LEU E 737 -28.31 8.62 -16.29
C LEU E 737 -29.45 9.04 -15.39
N LEU E 738 -29.74 8.22 -14.39
CA LEU E 738 -30.80 8.50 -13.43
C LEU E 738 -30.40 9.62 -12.49
N THR E 739 -29.11 9.72 -12.21
CA THR E 739 -28.59 10.79 -11.36
C THR E 739 -28.83 12.14 -12.02
N ALA E 740 -28.58 12.21 -13.32
CA ALA E 740 -28.80 13.44 -14.07
C ALA E 740 -30.26 13.88 -14.02
N TYR E 741 -31.18 12.95 -14.27
CA TYR E 741 -32.60 13.25 -14.22
C TYR E 741 -33.01 13.65 -12.81
N LYS E 742 -32.39 13.03 -11.82
CA LYS E 742 -32.65 13.31 -10.42
C LYS E 742 -32.41 14.78 -10.07
N PHE E 743 -31.37 15.38 -10.65
CA PHE E 743 -31.00 16.75 -10.33
C PHE E 743 -31.47 17.76 -11.37
N GLY E 744 -32.36 17.33 -12.25
CA GLY E 744 -32.99 18.23 -13.20
C GLY E 744 -32.17 18.53 -14.44
N VAL E 745 -31.17 17.71 -14.72
CA VAL E 745 -30.38 17.86 -15.92
C VAL E 745 -31.25 17.63 -17.15
N LYS E 746 -31.26 18.61 -18.05
CA LYS E 746 -32.13 18.56 -19.21
C LYS E 746 -31.59 17.68 -20.33
N THR E 747 -30.30 17.80 -20.59
CA THR E 747 -29.70 17.08 -21.71
C THR E 747 -28.36 16.44 -21.35
N LEU E 748 -27.98 15.43 -22.13
CA LEU E 748 -26.66 14.83 -22.00
C LEU E 748 -25.97 14.82 -23.35
N TYR E 749 -24.78 15.40 -23.41
CA TYR E 749 -24.05 15.52 -24.66
C TYR E 749 -23.09 14.33 -24.86
N TYR E 750 -21.82 14.63 -25.11
N TYR E 750 -21.82 14.61 -25.08
CA TYR E 750 -20.81 13.61 -25.34
CA TYR E 750 -20.85 13.59 -25.45
C TYR E 750 -20.68 12.64 -24.19
C TYR E 750 -20.46 12.70 -24.27
N GLN E 751 -20.39 11.38 -24.51
CA GLN E 751 -19.86 10.45 -23.54
C GLN E 751 -18.43 10.11 -23.91
N ASN E 752 -17.49 10.46 -23.02
CA ASN E 752 -16.08 10.23 -23.27
C ASN E 752 -15.62 8.90 -22.72
N THR E 753 -15.00 8.10 -23.58
CA THR E 753 -14.38 6.85 -23.14
C THR E 753 -12.88 6.94 -23.39
N ARG E 754 -12.09 6.87 -22.32
CA ARG E 754 -10.64 7.02 -22.40
C ARG E 754 -10.00 5.85 -23.15
N ASP E 755 -8.93 6.14 -23.90
CA ASP E 755 -8.21 5.09 -24.62
C ASP E 755 -7.09 4.53 -23.76
N GLN F 22 -59.76 -40.77 -40.08
CA GLN F 22 -58.75 -40.94 -41.10
C GLN F 22 -59.11 -40.21 -42.39
N ASN F 23 -60.05 -39.26 -42.29
CA ASN F 23 -60.42 -38.42 -43.43
C ASN F 23 -59.71 -37.08 -43.46
N LEU F 24 -59.18 -36.75 -44.64
CA LEU F 24 -58.56 -35.45 -44.85
C LEU F 24 -59.63 -34.38 -44.94
N LEU F 25 -59.38 -33.28 -44.24
CA LEU F 25 -60.31 -32.16 -44.22
C LEU F 25 -59.69 -30.92 -44.88
N VAL F 26 -60.57 -30.02 -45.35
CA VAL F 26 -60.11 -28.74 -45.86
C VAL F 26 -60.74 -27.63 -45.03
N THR F 27 -60.10 -26.47 -45.01
CA THR F 27 -60.62 -25.34 -44.25
C THR F 27 -61.26 -24.34 -45.20
N LYS F 28 -62.56 -24.13 -45.04
CA LYS F 28 -63.30 -23.20 -45.91
C LYS F 28 -62.99 -21.75 -45.57
N ARG F 29 -63.58 -20.83 -46.33
CA ARG F 29 -63.33 -19.41 -46.13
C ARG F 29 -63.96 -18.91 -44.83
N ASP F 30 -65.10 -19.49 -44.46
CA ASP F 30 -65.79 -19.07 -43.25
C ASP F 30 -65.14 -19.66 -41.99
N GLY F 31 -64.12 -20.48 -42.17
CA GLY F 31 -63.38 -21.02 -41.05
C GLY F 31 -63.79 -22.43 -40.71
N SER F 32 -64.91 -22.86 -41.31
CA SER F 32 -65.43 -24.19 -41.09
C SER F 32 -64.64 -25.22 -41.88
N THR F 33 -64.93 -26.49 -41.65
CA THR F 33 -64.25 -27.57 -42.35
C THR F 33 -65.23 -28.51 -43.04
N GLU F 34 -64.78 -29.12 -44.12
CA GLU F 34 -65.55 -30.17 -44.77
C GLU F 34 -64.59 -31.15 -45.41
N ARG F 35 -65.05 -32.39 -45.61
CA ARG F 35 -64.21 -33.41 -46.22
C ARG F 35 -63.86 -33.03 -47.64
N ILE F 36 -62.62 -33.33 -48.03
CA ILE F 36 -62.11 -32.93 -49.32
C ILE F 36 -62.88 -33.57 -50.47
N ASN F 37 -63.11 -32.78 -51.50
CA ASN F 37 -63.83 -33.21 -52.68
C ASN F 37 -63.02 -32.87 -53.92
N LEU F 38 -62.32 -33.86 -54.47
CA LEU F 38 -61.45 -33.66 -55.61
C LEU F 38 -62.24 -33.34 -56.88
N ASP F 39 -63.54 -33.60 -56.85
CA ASP F 39 -64.40 -33.29 -57.98
C ASP F 39 -64.68 -31.79 -58.08
N LYS F 40 -64.74 -31.11 -56.94
CA LYS F 40 -64.93 -29.66 -56.93
C LYS F 40 -63.74 -28.97 -57.58
N ILE F 41 -62.54 -29.46 -57.29
CA ILE F 41 -61.32 -28.95 -57.90
C ILE F 41 -61.33 -29.27 -59.40
N HIS F 42 -61.76 -30.48 -59.73
CA HIS F 42 -61.80 -30.93 -61.11
C HIS F 42 -62.71 -30.08 -61.99
N ARG F 43 -63.86 -29.66 -61.44
CA ARG F 43 -64.82 -28.84 -62.16
C ARG F 43 -64.21 -27.48 -62.49
N VAL F 44 -63.49 -26.93 -61.52
CA VAL F 44 -62.82 -25.64 -61.67
C VAL F 44 -61.75 -25.73 -62.74
N LEU F 45 -61.02 -26.84 -62.76
CA LEU F 45 -59.98 -27.04 -63.76
C LEU F 45 -60.50 -27.18 -65.18
N ASP F 46 -61.66 -27.82 -65.34
CA ASP F 46 -62.24 -27.99 -66.66
C ASP F 46 -62.72 -26.65 -67.23
N ALA F 47 -63.25 -25.79 -66.37
CA ALA F 47 -63.78 -24.51 -66.78
C ALA F 47 -62.67 -23.63 -67.34
N ALA F 48 -61.46 -23.78 -66.78
CA ALA F 48 -60.33 -22.98 -67.21
C ALA F 48 -59.64 -23.62 -68.41
N ALA F 49 -59.93 -24.89 -68.66
CA ALA F 49 -59.26 -25.62 -69.73
C ALA F 49 -60.05 -25.62 -71.03
N GLU F 50 -61.20 -24.96 -71.03
CA GLU F 50 -62.06 -24.92 -72.20
C GLU F 50 -61.42 -24.18 -73.36
N GLY F 51 -61.32 -24.85 -74.51
CA GLY F 51 -60.79 -24.24 -75.71
C GLY F 51 -59.29 -24.35 -75.84
N LEU F 52 -58.66 -24.98 -74.85
CA LEU F 52 -57.21 -25.12 -74.86
C LEU F 52 -56.80 -26.45 -75.50
N HIS F 53 -55.57 -26.49 -76.01
CA HIS F 53 -55.05 -27.68 -76.68
C HIS F 53 -53.76 -28.18 -76.04
N ASN F 54 -53.57 -29.50 -76.08
CA ASN F 54 -52.37 -30.15 -75.56
C ASN F 54 -52.15 -29.86 -74.08
N VAL F 55 -53.23 -29.67 -73.35
CA VAL F 55 -53.17 -29.51 -71.90
C VAL F 55 -53.82 -30.72 -71.22
N SER F 56 -53.33 -31.08 -70.04
CA SER F 56 -53.83 -32.25 -69.33
C SER F 56 -54.25 -31.93 -67.89
N ILE F 57 -55.52 -32.15 -67.59
CA ILE F 57 -56.04 -31.93 -66.24
C ILE F 57 -55.37 -32.85 -65.21
N SER F 58 -55.15 -34.10 -65.59
CA SER F 58 -54.54 -35.09 -64.71
C SER F 58 -53.14 -34.68 -64.26
N GLN F 59 -52.38 -34.13 -65.19
CA GLN F 59 -51.02 -33.67 -64.89
C GLN F 59 -51.02 -32.59 -63.81
N VAL F 60 -51.96 -31.65 -63.92
CA VAL F 60 -52.10 -30.58 -62.94
C VAL F 60 -52.55 -31.14 -61.59
N GLU F 61 -53.51 -32.07 -61.66
CA GLU F 61 -54.04 -32.69 -60.46
C GLU F 61 -52.95 -33.46 -59.69
N LEU F 62 -52.09 -34.18 -60.40
CA LEU F 62 -51.01 -34.89 -59.73
C LEU F 62 -50.03 -33.95 -59.04
N ARG F 63 -49.70 -32.83 -59.67
CA ARG F 63 -48.77 -31.90 -59.06
C ARG F 63 -49.42 -31.16 -57.90
N SER F 64 -50.76 -31.15 -57.89
CA SER F 64 -51.49 -30.42 -56.87
C SER F 64 -51.86 -31.29 -55.68
N HIS F 65 -52.35 -32.50 -55.97
CA HIS F 65 -52.83 -33.39 -54.92
C HIS F 65 -51.75 -33.76 -53.90
N ILE F 66 -50.53 -33.93 -54.37
CA ILE F 66 -49.45 -34.38 -53.50
C ILE F 66 -49.05 -33.34 -52.44
N GLN F 67 -49.41 -32.08 -52.68
CA GLN F 67 -49.04 -31.00 -51.76
C GLN F 67 -50.14 -30.72 -50.75
N PHE F 68 -51.23 -31.48 -50.82
CA PHE F 68 -52.33 -31.29 -49.89
C PHE F 68 -52.01 -31.87 -48.52
N TYR F 69 -52.63 -31.29 -47.49
CA TYR F 69 -52.45 -31.77 -46.12
C TYR F 69 -53.74 -31.56 -45.34
N ASP F 70 -53.85 -32.21 -44.19
CA ASP F 70 -55.06 -32.13 -43.38
C ASP F 70 -55.29 -30.71 -42.87
N GLY F 71 -56.45 -30.16 -43.19
CA GLY F 71 -56.83 -28.83 -42.74
C GLY F 71 -56.30 -27.71 -43.63
N ILE F 72 -55.86 -28.06 -44.84
CA ILE F 72 -55.32 -27.09 -45.78
C ILE F 72 -56.38 -26.05 -46.13
N LYS F 73 -55.96 -24.78 -46.17
CA LYS F 73 -56.89 -23.70 -46.49
C LYS F 73 -57.36 -23.81 -47.93
N THR F 74 -58.62 -23.46 -48.16
CA THR F 74 -59.22 -23.57 -49.48
C THR F 74 -58.56 -22.61 -50.47
N SER F 75 -57.99 -21.52 -49.95
CA SER F 75 -57.31 -20.55 -50.79
C SER F 75 -55.92 -21.05 -51.17
N ASP F 76 -55.31 -21.81 -50.27
CA ASP F 76 -54.01 -22.41 -50.56
C ASP F 76 -54.16 -23.54 -51.56
N ILE F 77 -55.34 -24.15 -51.59
CA ILE F 77 -55.65 -25.15 -52.61
C ILE F 77 -55.68 -24.50 -53.99
N HIS F 78 -56.35 -23.35 -54.08
CA HIS F 78 -56.45 -22.63 -55.34
C HIS F 78 -55.10 -22.11 -55.79
N GLU F 79 -54.29 -21.63 -54.85
CA GLU F 79 -52.95 -21.16 -55.17
C GLU F 79 -52.05 -22.29 -55.67
N THR F 80 -52.34 -23.49 -55.20
CA THR F 80 -51.56 -24.67 -55.58
C THR F 80 -51.81 -25.09 -57.03
N ILE F 81 -53.08 -25.12 -57.42
CA ILE F 81 -53.43 -25.55 -58.77
C ILE F 81 -53.04 -24.50 -59.80
N ILE F 82 -52.95 -23.25 -59.38
CA ILE F 82 -52.48 -22.19 -60.25
C ILE F 82 -51.01 -22.37 -60.56
N LYS F 83 -50.22 -22.57 -59.51
CA LYS F 83 -48.78 -22.76 -59.64
C LYS F 83 -48.45 -24.03 -60.39
N ALA F 84 -49.20 -25.09 -60.11
CA ALA F 84 -48.99 -26.39 -60.75
C ALA F 84 -49.22 -26.25 -62.25
N ALA F 85 -50.23 -25.48 -62.60
CA ALA F 85 -50.54 -25.21 -63.99
C ALA F 85 -49.46 -24.33 -64.61
N ALA F 86 -48.93 -23.41 -63.81
CA ALA F 86 -47.93 -22.47 -64.29
C ALA F 86 -46.59 -23.15 -64.53
N ASP F 87 -46.32 -24.19 -63.76
CA ASP F 87 -45.05 -24.92 -63.88
C ASP F 87 -45.02 -25.80 -65.13
N LEU F 88 -46.18 -26.02 -65.72
CA LEU F 88 -46.26 -26.87 -66.91
C LEU F 88 -46.20 -26.04 -68.19
N ILE F 89 -46.02 -24.74 -68.05
CA ILE F 89 -45.84 -23.86 -69.19
C ILE F 89 -44.54 -24.18 -69.92
N SER F 90 -44.65 -24.56 -71.18
CA SER F 90 -43.47 -24.92 -71.96
C SER F 90 -43.68 -24.66 -73.44
N ARG F 91 -42.66 -24.96 -74.23
CA ARG F 91 -42.73 -24.81 -75.68
C ARG F 91 -43.68 -25.82 -76.28
N ASP F 92 -43.72 -27.01 -75.67
CA ASP F 92 -44.55 -28.11 -76.13
C ASP F 92 -46.03 -27.85 -75.90
N ALA F 93 -46.34 -27.29 -74.74
CA ALA F 93 -47.72 -27.04 -74.34
C ALA F 93 -47.86 -25.62 -73.82
N PRO F 94 -47.87 -24.63 -74.74
CA PRO F 94 -47.92 -23.22 -74.39
C PRO F 94 -49.27 -22.81 -73.81
N ASP F 95 -50.31 -23.57 -74.08
CA ASP F 95 -51.66 -23.20 -73.65
C ASP F 95 -51.84 -23.31 -72.15
N TYR F 96 -50.82 -23.78 -71.44
CA TYR F 96 -50.85 -23.80 -69.98
C TYR F 96 -50.77 -22.38 -69.43
N GLN F 97 -50.31 -21.45 -70.26
CA GLN F 97 -50.21 -20.06 -69.85
C GLN F 97 -51.61 -19.47 -69.67
N TYR F 98 -52.58 -20.01 -70.40
CA TYR F 98 -53.96 -19.57 -70.30
C TYR F 98 -54.72 -20.37 -69.27
N LEU F 99 -54.34 -21.62 -69.08
CA LEU F 99 -54.95 -22.47 -68.07
C LEU F 99 -54.61 -21.89 -66.71
N ALA F 100 -53.34 -21.58 -66.51
CA ALA F 100 -52.89 -20.97 -65.26
C ALA F 100 -53.46 -19.58 -65.05
N ALA F 101 -53.57 -18.81 -66.14
CA ALA F 101 -54.10 -17.45 -66.08
C ALA F 101 -55.56 -17.42 -65.64
N ARG F 102 -56.38 -18.27 -66.26
CA ARG F 102 -57.80 -18.31 -65.96
C ARG F 102 -58.04 -18.74 -64.53
N LEU F 103 -57.24 -19.68 -64.05
CA LEU F 103 -57.32 -20.12 -62.66
C LEU F 103 -57.00 -18.97 -61.71
N ALA F 104 -56.08 -18.11 -62.10
CA ALA F 104 -55.72 -16.94 -61.29
C ALA F 104 -56.83 -15.91 -61.27
N ILE F 105 -57.47 -15.72 -62.43
CA ILE F 105 -58.60 -14.82 -62.56
C ILE F 105 -59.74 -15.22 -61.63
N PHE F 106 -60.02 -16.53 -61.60
CA PHE F 106 -61.08 -17.07 -60.75
C PHE F 106 -60.87 -16.70 -59.29
N HIS F 107 -59.65 -16.86 -58.81
CA HIS F 107 -59.30 -16.55 -57.43
C HIS F 107 -59.43 -15.05 -57.17
N LEU F 108 -59.04 -14.25 -58.16
CA LEU F 108 -59.12 -12.80 -58.06
C LEU F 108 -60.56 -12.31 -58.00
N ARG F 109 -61.46 -13.02 -58.66
CA ARG F 109 -62.88 -12.71 -58.58
C ARG F 109 -63.37 -12.85 -57.15
N LYS F 110 -63.00 -13.96 -56.51
CA LYS F 110 -63.37 -14.24 -55.14
C LYS F 110 -62.80 -13.22 -54.17
N LYS F 111 -61.56 -12.80 -54.42
CA LYS F 111 -60.86 -11.87 -53.55
C LYS F 111 -61.51 -10.50 -53.55
N ALA F 112 -62.03 -10.08 -54.70
CA ALA F 112 -62.58 -8.75 -54.84
C ALA F 112 -64.09 -8.68 -54.56
N TYR F 113 -64.81 -9.73 -54.95
CA TYR F 113 -66.27 -9.68 -54.93
C TYR F 113 -66.88 -10.72 -53.99
N GLY F 114 -66.08 -11.71 -53.63
CA GLY F 114 -66.56 -12.82 -52.81
C GLY F 114 -67.26 -13.88 -53.64
N GLN F 115 -67.30 -13.66 -54.95
CA GLN F 115 -67.95 -14.59 -55.87
C GLN F 115 -67.35 -14.44 -57.26
N PHE F 116 -67.74 -15.34 -58.17
CA PHE F 116 -67.19 -15.32 -59.52
C PHE F 116 -67.75 -14.20 -60.39
N GLU F 117 -69.06 -14.06 -60.41
CA GLU F 117 -69.71 -13.09 -61.29
C GLU F 117 -69.57 -11.68 -60.73
N PRO F 118 -69.02 -10.76 -61.53
CA PRO F 118 -68.87 -9.36 -61.09
C PRO F 118 -70.21 -8.67 -60.92
N PRO F 119 -70.30 -7.70 -60.00
CA PRO F 119 -71.54 -6.95 -59.78
C PRO F 119 -71.82 -5.99 -60.92
N ALA F 120 -72.95 -5.29 -60.84
CA ALA F 120 -73.25 -4.25 -61.81
C ALA F 120 -72.23 -3.13 -61.66
N LEU F 121 -71.85 -2.52 -62.77
CA LEU F 121 -70.83 -1.48 -62.77
C LEU F 121 -71.18 -0.31 -61.83
N TYR F 122 -72.43 0.13 -61.88
CA TYR F 122 -72.87 1.25 -61.06
C TYR F 122 -72.78 0.96 -59.57
N ASP F 123 -73.24 -0.23 -59.17
CA ASP F 123 -73.19 -0.64 -57.78
C ASP F 123 -71.75 -0.72 -57.29
N HIS F 124 -70.87 -1.20 -58.16
CA HIS F 124 -69.44 -1.30 -57.84
C HIS F 124 -68.81 0.06 -57.63
N VAL F 125 -69.04 0.98 -58.56
CA VAL F 125 -68.47 2.31 -58.50
C VAL F 125 -68.92 3.04 -57.23
N VAL F 126 -70.22 2.96 -56.95
CA VAL F 126 -70.79 3.61 -55.77
C VAL F 126 -70.11 3.13 -54.50
N LYS F 127 -69.97 1.81 -54.36
CA LYS F 127 -69.37 1.24 -53.17
C LYS F 127 -67.91 1.66 -53.04
N MET F 128 -67.21 1.67 -54.15
CA MET F 128 -65.78 2.00 -54.16
C MET F 128 -65.52 3.49 -53.90
N VAL F 129 -66.41 4.35 -54.39
CA VAL F 129 -66.29 5.78 -54.12
C VAL F 129 -66.54 6.06 -52.65
N GLU F 130 -67.49 5.32 -52.07
CA GLU F 130 -67.78 5.39 -50.66
C GLU F 130 -66.60 4.97 -49.81
N MET F 131 -65.86 3.97 -50.29
CA MET F 131 -64.69 3.49 -49.57
C MET F 131 -63.49 4.39 -49.82
N GLY F 132 -63.63 5.32 -50.78
CA GLY F 132 -62.58 6.27 -51.08
C GLY F 132 -61.51 5.67 -51.97
N LYS F 133 -61.86 4.61 -52.68
CA LYS F 133 -60.91 3.92 -53.55
C LYS F 133 -61.04 4.45 -54.97
N TYR F 134 -62.20 4.99 -55.30
CA TYR F 134 -62.40 5.63 -56.59
C TYR F 134 -62.61 7.12 -56.44
N ASP F 135 -62.31 7.86 -57.50
CA ASP F 135 -62.48 9.31 -57.50
C ASP F 135 -63.96 9.68 -57.45
N ASN F 136 -64.26 10.74 -56.73
CA ASN F 136 -65.64 11.22 -56.58
C ASN F 136 -66.28 11.64 -57.90
N HIS F 137 -65.46 12.13 -58.82
CA HIS F 137 -65.96 12.72 -60.07
C HIS F 137 -66.74 11.73 -60.91
N LEU F 138 -66.47 10.45 -60.72
CA LEU F 138 -67.14 9.40 -61.47
C LEU F 138 -68.65 9.43 -61.27
N LEU F 139 -69.08 9.65 -60.04
CA LEU F 139 -70.49 9.72 -59.72
C LEU F 139 -71.09 11.06 -60.09
N GLU F 140 -70.22 12.04 -60.36
CA GLU F 140 -70.63 13.38 -60.73
C GLU F 140 -70.73 13.57 -62.24
N ASP F 141 -69.89 12.86 -62.98
CA ASP F 141 -69.81 13.05 -64.42
C ASP F 141 -70.70 12.11 -65.20
N TYR F 142 -71.10 11.00 -64.58
CA TYR F 142 -71.95 10.02 -65.24
C TYR F 142 -73.20 9.71 -64.42
N THR F 143 -74.31 9.50 -65.12
CA THR F 143 -75.55 9.10 -64.47
C THR F 143 -75.59 7.58 -64.34
N GLU F 144 -76.51 7.07 -63.52
CA GLU F 144 -76.69 5.62 -63.38
C GLU F 144 -77.07 5.01 -64.72
N GLU F 145 -77.82 5.77 -65.51
CA GLU F 145 -78.24 5.35 -66.84
C GLU F 145 -77.04 5.13 -67.76
N GLU F 146 -76.04 6.00 -67.62
CA GLU F 146 -74.83 5.92 -68.43
C GLU F 146 -73.89 4.81 -67.98
N PHE F 147 -73.90 4.51 -66.69
CA PHE F 147 -73.09 3.41 -66.16
C PHE F 147 -73.63 2.06 -66.61
N LYS F 148 -74.96 1.95 -66.69
CA LYS F 148 -75.58 0.74 -67.20
C LYS F 148 -75.27 0.60 -68.68
N GLN F 149 -75.16 1.74 -69.34
CA GLN F 149 -74.88 1.79 -70.77
C GLN F 149 -73.42 1.40 -71.02
N MET F 150 -72.55 1.80 -70.11
CA MET F 150 -71.14 1.38 -70.16
C MET F 150 -70.99 -0.08 -69.79
N ASP F 151 -71.89 -0.58 -68.96
CA ASP F 151 -71.85 -1.97 -68.53
C ASP F 151 -72.13 -2.92 -69.68
N THR F 152 -72.90 -2.45 -70.67
CA THR F 152 -73.22 -3.26 -71.84
C THR F 152 -72.03 -3.34 -72.79
N PHE F 153 -71.09 -2.43 -72.61
CA PHE F 153 -69.85 -2.45 -73.39
C PHE F 153 -68.95 -3.56 -72.89
N ILE F 154 -69.02 -3.81 -71.59
CA ILE F 154 -68.12 -4.74 -70.91
C ILE F 154 -68.34 -6.19 -71.29
N ASP F 155 -67.26 -6.87 -71.64
CA ASP F 155 -67.27 -8.31 -71.83
C ASP F 155 -66.27 -8.94 -70.85
N HIS F 156 -66.79 -9.43 -69.73
CA HIS F 156 -65.97 -9.99 -68.67
C HIS F 156 -65.23 -11.24 -69.09
N ASP F 157 -65.66 -11.86 -70.19
CA ASP F 157 -65.01 -13.07 -70.67
C ASP F 157 -63.66 -12.75 -71.29
N ARG F 158 -63.38 -11.46 -71.45
CA ARG F 158 -62.10 -11.02 -71.97
C ARG F 158 -61.00 -11.20 -70.95
N ASP F 159 -61.39 -11.46 -69.70
CA ASP F 159 -60.45 -11.81 -68.64
C ASP F 159 -59.84 -13.18 -68.87
N MET F 160 -60.45 -13.96 -69.75
CA MET F 160 -59.97 -15.31 -70.05
C MET F 160 -58.99 -15.31 -71.22
N THR F 161 -58.66 -14.12 -71.71
CA THR F 161 -57.72 -14.00 -72.83
C THR F 161 -56.36 -13.56 -72.32
N PHE F 162 -56.28 -13.26 -71.02
CA PHE F 162 -54.99 -12.92 -70.42
C PHE F 162 -54.12 -14.16 -70.31
N SER F 163 -52.82 -13.99 -70.45
CA SER F 163 -51.88 -15.04 -70.15
C SER F 163 -51.44 -14.90 -68.70
N TYR F 164 -50.71 -15.89 -68.18
CA TYR F 164 -50.39 -15.93 -66.76
C TYR F 164 -49.54 -14.75 -66.31
N ALA F 165 -48.56 -14.36 -67.11
CA ALA F 165 -47.71 -13.21 -66.79
C ALA F 165 -48.53 -11.94 -66.69
N ALA F 166 -49.55 -11.81 -67.55
CA ALA F 166 -50.42 -10.66 -67.54
C ALA F 166 -51.20 -10.55 -66.23
N VAL F 167 -51.74 -11.66 -65.77
CA VAL F 167 -52.57 -11.68 -64.57
C VAL F 167 -51.74 -11.41 -63.32
N LYS F 168 -50.49 -11.85 -63.32
CA LYS F 168 -49.61 -11.59 -62.19
C LYS F 168 -49.27 -10.10 -62.08
N GLN F 169 -49.18 -9.42 -63.22
CA GLN F 169 -48.95 -7.98 -63.21
C GLN F 169 -50.21 -7.25 -62.80
N LEU F 170 -51.37 -7.80 -63.17
CA LEU F 170 -52.65 -7.25 -62.77
C LEU F 170 -52.80 -7.31 -61.25
N GLU F 171 -52.53 -8.49 -60.69
CA GLU F 171 -52.70 -8.70 -59.26
C GLU F 171 -51.63 -8.01 -58.43
N GLY F 172 -50.44 -7.89 -59.01
CA GLY F 172 -49.32 -7.32 -58.30
C GLY F 172 -49.27 -5.81 -58.29
N LYS F 173 -49.63 -5.19 -59.40
CA LYS F 173 -49.42 -3.75 -59.57
C LYS F 173 -50.67 -2.96 -59.93
N TYR F 174 -51.44 -3.47 -60.89
CA TYR F 174 -52.44 -2.67 -61.58
C TYR F 174 -53.80 -2.58 -60.90
N LEU F 175 -54.33 -3.73 -60.47
CA LEU F 175 -55.65 -3.75 -59.83
C LEU F 175 -55.65 -2.93 -58.54
N VAL F 176 -56.70 -2.13 -58.35
CA VAL F 176 -56.82 -1.30 -57.16
C VAL F 176 -56.87 -2.17 -55.91
N GLN F 177 -55.97 -1.89 -54.97
CA GLN F 177 -55.81 -2.76 -53.82
C GLN F 177 -55.23 -2.02 -52.63
N ASN F 178 -55.29 -2.65 -51.46
CA ASN F 178 -54.70 -2.10 -50.26
C ASN F 178 -53.26 -2.57 -50.15
N ARG F 179 -52.32 -1.63 -50.15
CA ARG F 179 -50.89 -1.95 -50.18
C ARG F 179 -50.36 -2.37 -48.82
N VAL F 180 -51.19 -2.25 -47.80
CA VAL F 180 -50.80 -2.67 -46.46
C VAL F 180 -51.45 -4.02 -46.14
N THR F 181 -52.71 -4.16 -46.53
CA THR F 181 -53.49 -5.37 -46.29
C THR F 181 -53.29 -6.43 -47.37
N GLY F 182 -53.29 -5.99 -48.62
CA GLY F 182 -53.18 -6.89 -49.75
C GLY F 182 -54.53 -7.19 -50.37
N GLU F 183 -55.58 -6.55 -49.84
CA GLU F 183 -56.93 -6.80 -50.31
C GLU F 183 -57.16 -6.24 -51.70
N ILE F 184 -57.63 -7.10 -52.60
CA ILE F 184 -57.96 -6.72 -53.98
C ILE F 184 -59.39 -6.20 -54.03
N TYR F 185 -59.63 -5.13 -54.81
CA TYR F 185 -60.94 -4.50 -54.83
C TYR F 185 -61.68 -4.58 -56.17
N GLU F 186 -61.00 -4.93 -57.25
CA GLU F 186 -61.62 -4.89 -58.57
C GLU F 186 -61.15 -6.01 -59.50
N SER F 187 -61.69 -6.03 -60.71
CA SER F 187 -61.22 -6.94 -61.75
C SER F 187 -60.80 -6.17 -63.01
N ALA F 188 -60.24 -6.90 -63.97
CA ALA F 188 -59.58 -6.31 -65.13
C ALA F 188 -60.50 -5.47 -66.04
N GLN F 189 -61.73 -5.93 -66.27
CA GLN F 189 -62.61 -5.21 -67.18
C GLN F 189 -63.15 -3.94 -66.54
N PHE F 190 -63.21 -3.91 -65.22
CA PHE F 190 -63.58 -2.70 -64.51
C PHE F 190 -62.45 -1.69 -64.61
N LEU F 191 -61.21 -2.19 -64.59
CA LEU F 191 -60.04 -1.36 -64.79
C LEU F 191 -60.12 -0.66 -66.15
N TYR F 192 -60.34 -1.44 -67.20
CA TYR F 192 -60.35 -0.92 -68.56
C TYR F 192 -61.47 0.09 -68.81
N ILE F 193 -62.68 -0.22 -68.37
CA ILE F 193 -63.83 0.63 -68.65
C ILE F 193 -63.77 1.94 -67.88
N LEU F 194 -63.14 1.92 -66.70
CA LEU F 194 -63.09 3.09 -65.85
C LEU F 194 -61.92 3.99 -66.23
N VAL F 195 -60.87 3.41 -66.79
CA VAL F 195 -59.81 4.21 -67.37
C VAL F 195 -60.36 5.02 -68.53
N ALA F 196 -61.13 4.34 -69.39
CA ALA F 196 -61.76 4.99 -70.52
C ALA F 196 -62.78 6.03 -70.09
N ALA F 197 -63.54 5.70 -69.05
CA ALA F 197 -64.58 6.58 -68.53
C ALA F 197 -63.98 7.87 -67.96
N CYS F 198 -62.86 7.76 -67.27
CA CYS F 198 -62.23 8.90 -66.64
C CYS F 198 -61.56 9.83 -67.64
N LEU F 199 -60.88 9.25 -68.62
CA LEU F 199 -60.11 10.05 -69.57
C LEU F 199 -61.00 10.85 -70.52
N PHE F 200 -62.21 10.36 -70.76
CA PHE F 200 -63.13 11.03 -71.66
C PHE F 200 -64.30 11.64 -70.88
N SER F 201 -64.10 11.81 -69.58
CA SER F 201 -65.17 12.29 -68.71
C SER F 201 -65.55 13.74 -68.99
N ASN F 202 -64.63 14.48 -69.59
CA ASN F 202 -64.87 15.90 -69.89
C ASN F 202 -65.40 16.10 -71.30
N TYR F 203 -65.59 15.01 -72.03
CA TYR F 203 -66.12 15.08 -73.38
C TYR F 203 -67.62 15.32 -73.39
N PRO F 204 -68.13 15.99 -74.43
CA PRO F 204 -69.56 16.23 -74.59
C PRO F 204 -70.33 14.92 -74.68
N ARG F 205 -71.52 14.85 -74.09
CA ARG F 205 -72.33 13.65 -74.14
C ARG F 205 -72.66 13.20 -75.54
N GLU F 206 -72.54 14.12 -76.49
CA GLU F 206 -72.82 13.83 -77.88
C GLU F 206 -71.87 12.78 -78.44
N THR F 207 -70.62 12.80 -77.98
CA THR F 207 -69.62 11.88 -78.49
C THR F 207 -68.92 11.08 -77.39
N ARG F 208 -69.20 11.42 -76.13
CA ARG F 208 -68.45 10.87 -75.01
C ARG F 208 -68.44 9.35 -74.94
N LEU F 209 -69.63 8.75 -74.87
CA LEU F 209 -69.74 7.30 -74.74
C LEU F 209 -69.28 6.54 -75.99
N GLN F 210 -69.27 7.22 -77.13
CA GLN F 210 -68.76 6.61 -78.35
C GLN F 210 -67.25 6.41 -78.24
N TYR F 211 -66.58 7.39 -77.64
CA TYR F 211 -65.14 7.32 -77.43
C TYR F 211 -64.81 6.31 -76.35
N VAL F 212 -65.65 6.26 -75.33
CA VAL F 212 -65.46 5.34 -74.22
C VAL F 212 -65.54 3.90 -74.69
N LYS F 213 -66.51 3.61 -75.54
CA LYS F 213 -66.69 2.27 -76.07
C LYS F 213 -65.54 1.88 -76.99
N ARG F 214 -65.21 2.80 -77.90
CA ARG F 214 -64.14 2.59 -78.86
C ARG F 214 -62.81 2.38 -78.17
N PHE F 215 -62.55 3.15 -77.13
CA PHE F 215 -61.28 3.05 -76.41
C PHE F 215 -61.23 1.82 -75.53
N TYR F 216 -62.36 1.46 -74.92
CA TYR F 216 -62.44 0.25 -74.11
C TYR F 216 -62.16 -0.98 -74.98
N ASP F 217 -62.72 -1.00 -76.18
CA ASP F 217 -62.51 -2.11 -77.10
C ASP F 217 -61.05 -2.23 -77.49
N ALA F 218 -60.41 -1.09 -77.71
CA ALA F 218 -59.02 -1.05 -78.15
C ALA F 218 -58.05 -1.59 -77.09
N VAL F 219 -58.32 -1.30 -75.82
CA VAL F 219 -57.40 -1.71 -74.77
C VAL F 219 -57.71 -3.09 -74.21
N SER F 220 -58.99 -3.48 -74.22
CA SER F 220 -59.40 -4.77 -73.68
C SER F 220 -59.17 -5.90 -74.69
N THR F 221 -59.00 -5.53 -75.95
CA THR F 221 -58.66 -6.50 -76.98
C THR F 221 -57.21 -6.33 -77.41
N PHE F 222 -56.47 -5.54 -76.61
CA PHE F 222 -55.02 -5.46 -76.69
C PHE F 222 -54.49 -4.74 -77.93
N LYS F 223 -55.31 -3.88 -78.51
CA LYS F 223 -54.87 -3.10 -79.66
C LYS F 223 -54.00 -1.93 -79.21
N ILE F 224 -54.35 -1.36 -78.07
CA ILE F 224 -53.54 -0.30 -77.48
C ILE F 224 -53.06 -0.72 -76.10
N SER F 225 -51.78 -0.48 -75.82
CA SER F 225 -51.19 -0.82 -74.53
C SER F 225 -51.01 0.42 -73.66
N LEU F 226 -51.47 0.33 -72.42
CA LEU F 226 -51.40 1.44 -71.47
C LEU F 226 -50.26 1.23 -70.48
N PRO F 227 -49.60 2.33 -70.06
CA PRO F 227 -48.46 2.26 -69.12
C PRO F 227 -48.89 1.97 -67.70
N THR F 228 -47.91 1.68 -66.85
CA THR F 228 -48.16 1.32 -65.45
C THR F 228 -48.94 2.37 -64.65
N PRO F 229 -48.52 3.66 -64.70
CA PRO F 229 -49.25 4.59 -63.85
C PRO F 229 -50.68 4.87 -64.31
N ILE F 230 -50.97 4.64 -65.57
CA ILE F 230 -52.34 4.78 -66.08
C ILE F 230 -53.16 3.56 -65.68
N MET F 231 -52.60 2.37 -65.87
CA MET F 231 -53.26 1.13 -65.53
C MET F 231 -53.64 1.02 -64.06
N SER F 232 -52.75 1.49 -63.18
CA SER F 232 -52.98 1.37 -61.75
C SER F 232 -53.55 2.64 -61.14
N GLY F 233 -53.60 3.72 -61.91
CA GLY F 233 -53.97 5.02 -61.37
C GLY F 233 -55.29 5.61 -61.80
N VAL F 234 -55.58 5.57 -63.09
CA VAL F 234 -56.74 6.28 -63.64
C VAL F 234 -58.07 5.66 -63.22
N ARG F 235 -58.56 6.15 -62.07
CA ARG F 235 -59.86 5.87 -61.46
C ARG F 235 -59.72 6.07 -59.96
N THR F 236 -58.49 6.23 -59.51
CA THR F 236 -58.17 6.46 -58.10
C THR F 236 -58.17 7.96 -57.80
N PRO F 237 -58.34 8.34 -56.52
CA PRO F 237 -58.38 9.76 -56.14
C PRO F 237 -57.09 10.53 -56.38
N THR F 238 -55.96 9.82 -56.46
CA THR F 238 -54.66 10.47 -56.71
C THR F 238 -54.39 10.56 -58.20
N ARG F 239 -54.43 11.78 -58.73
CA ARG F 239 -54.29 11.97 -60.16
C ARG F 239 -52.87 12.37 -60.59
N GLN F 240 -52.09 11.35 -60.95
CA GLN F 240 -50.78 11.55 -61.57
C GLN F 240 -50.48 10.29 -62.38
N PHE F 241 -50.44 10.44 -63.70
CA PHE F 241 -50.36 9.28 -64.58
C PHE F 241 -49.27 9.40 -65.64
N SER F 242 -48.50 10.48 -65.56
CA SER F 242 -47.34 10.65 -66.43
C SER F 242 -46.19 9.79 -65.91
N SER F 243 -45.55 9.04 -66.81
CA SER F 243 -44.50 8.11 -66.43
C SER F 243 -43.14 8.78 -66.29
N CYS F 244 -42.94 9.87 -67.02
CA CYS F 244 -41.63 10.48 -67.12
C CYS F 244 -41.61 11.91 -66.62
N VAL F 245 -40.68 12.20 -65.73
CA VAL F 245 -40.50 13.54 -65.20
C VAL F 245 -39.06 13.99 -65.38
N LEU F 246 -38.88 15.10 -66.10
CA LEU F 246 -37.56 15.61 -66.42
C LEU F 246 -37.31 16.92 -65.70
N ILE F 247 -36.34 16.93 -64.80
CA ILE F 247 -36.04 18.11 -64.01
C ILE F 247 -34.62 18.58 -64.27
N GLU F 248 -34.47 19.84 -64.67
CA GLU F 248 -33.15 20.43 -64.86
C GLU F 248 -32.74 21.21 -63.62
N CYS F 249 -31.55 20.92 -63.11
CA CYS F 249 -31.05 21.57 -61.91
C CYS F 249 -30.06 22.68 -62.26
N GLY F 250 -30.23 23.84 -61.63
CA GLY F 250 -29.33 24.96 -61.83
C GLY F 250 -28.16 24.97 -60.86
N ASP F 251 -27.20 25.84 -61.11
CA ASP F 251 -26.00 25.91 -60.27
C ASP F 251 -26.23 26.82 -59.06
N SER F 252 -27.19 26.45 -58.22
CA SER F 252 -27.48 27.21 -57.02
C SER F 252 -28.18 26.32 -56.00
N LEU F 253 -28.06 26.66 -54.73
CA LEU F 253 -28.68 25.90 -53.66
C LEU F 253 -30.20 25.94 -53.76
N ASP F 254 -30.74 27.07 -54.20
CA ASP F 254 -32.18 27.22 -54.40
C ASP F 254 -32.71 26.23 -55.44
N SER F 255 -31.95 26.07 -56.52
CA SER F 255 -32.34 25.16 -57.59
C SER F 255 -32.17 23.72 -57.16
N ILE F 256 -31.09 23.46 -56.42
CA ILE F 256 -30.81 22.14 -55.89
C ILE F 256 -31.90 21.69 -54.91
N ASN F 257 -32.33 22.62 -54.05
CA ASN F 257 -33.41 22.35 -53.11
C ASN F 257 -34.74 22.14 -53.81
N ALA F 258 -35.01 22.96 -54.82
CA ALA F 258 -36.23 22.85 -55.61
C ALA F 258 -36.27 21.52 -56.36
N THR F 259 -35.13 21.14 -56.94
CA THR F 259 -35.03 19.90 -57.68
C THR F 259 -35.29 18.71 -56.78
N SER F 260 -34.68 18.72 -55.59
CA SER F 260 -34.85 17.64 -54.63
C SER F 260 -36.31 17.49 -54.21
N SER F 261 -36.99 18.61 -54.03
CA SER F 261 -38.40 18.60 -53.63
C SER F 261 -39.29 18.04 -54.74
N ALA F 262 -38.99 18.39 -55.98
CA ALA F 262 -39.75 17.92 -57.12
C ALA F 262 -39.59 16.41 -57.33
N ILE F 263 -38.40 15.91 -57.02
CA ILE F 263 -38.12 14.48 -57.11
C ILE F 263 -38.99 13.70 -56.13
N VAL F 264 -38.94 14.10 -54.87
CA VAL F 264 -39.70 13.44 -53.82
C VAL F 264 -41.20 13.43 -54.11
N LYS F 265 -41.72 14.57 -54.55
CA LYS F 265 -43.14 14.69 -54.83
C LYS F 265 -43.59 13.80 -55.97
N TYR F 266 -42.79 13.74 -57.03
CA TYR F 266 -43.19 13.01 -58.24
C TYR F 266 -42.85 11.53 -58.21
N VAL F 267 -41.81 11.15 -57.47
CA VAL F 267 -41.52 9.73 -57.29
C VAL F 267 -42.69 9.06 -56.59
N SER F 268 -43.15 9.69 -55.52
CA SER F 268 -44.26 9.17 -54.72
C SER F 268 -45.56 9.11 -55.51
N GLN F 269 -45.62 9.84 -56.62
CA GLN F 269 -46.82 9.83 -57.46
C GLN F 269 -46.56 9.20 -58.83
N ARG F 270 -45.94 8.01 -58.79
CA ARG F 270 -45.87 7.06 -59.90
C ARG F 270 -44.88 7.39 -61.01
N ALA F 271 -44.00 8.37 -60.80
CA ALA F 271 -43.16 8.82 -61.89
C ALA F 271 -41.69 8.44 -61.74
N GLY F 272 -41.05 8.16 -62.87
CA GLY F 272 -39.61 7.96 -62.92
C GLY F 272 -38.95 9.27 -63.30
N ILE F 273 -37.73 9.48 -62.82
CA ILE F 273 -37.11 10.79 -62.93
C ILE F 273 -35.90 10.83 -63.84
N GLY F 274 -35.81 11.89 -64.63
CA GLY F 274 -34.59 12.21 -65.36
C GLY F 274 -34.05 13.51 -64.79
N ILE F 275 -32.82 13.46 -64.27
CA ILE F 275 -32.22 14.62 -63.63
C ILE F 275 -31.03 15.15 -64.42
N ASN F 276 -31.07 16.44 -64.72
CA ASN F 276 -29.92 17.10 -65.32
C ASN F 276 -29.19 17.92 -64.28
N ALA F 277 -28.01 17.45 -63.90
CA ALA F 277 -27.20 18.13 -62.88
C ALA F 277 -25.85 18.55 -63.45
N GLY F 278 -25.80 18.76 -64.76
CA GLY F 278 -24.56 19.13 -65.43
C GLY F 278 -24.12 20.57 -65.21
N ARG F 279 -25.07 21.42 -64.85
CA ARG F 279 -24.79 22.84 -64.64
C ARG F 279 -24.05 23.09 -63.33
N ILE F 280 -24.10 22.12 -62.42
CA ILE F 280 -23.47 22.27 -61.11
C ILE F 280 -21.95 22.38 -61.26
N ARG F 281 -21.38 23.44 -60.71
CA ARG F 281 -19.96 23.72 -60.87
C ARG F 281 -19.11 22.66 -60.19
N ALA F 282 -17.85 22.56 -60.61
CA ALA F 282 -16.99 21.48 -60.17
C ALA F 282 -16.41 21.70 -58.79
N LEU F 283 -15.95 20.61 -58.19
CA LEU F 283 -15.24 20.62 -56.92
C LEU F 283 -14.04 21.56 -56.97
N GLY F 284 -13.97 22.46 -55.99
CA GLY F 284 -12.86 23.39 -55.91
C GLY F 284 -13.13 24.76 -56.48
N SER F 285 -14.31 24.92 -57.08
CA SER F 285 -14.72 26.19 -57.65
C SER F 285 -15.00 27.20 -56.55
N PRO F 286 -14.70 28.49 -56.80
CA PRO F 286 -15.01 29.52 -55.81
C PRO F 286 -16.50 29.78 -55.69
N ILE F 287 -16.94 30.10 -54.47
CA ILE F 287 -18.32 30.47 -54.23
C ILE F 287 -18.34 31.87 -53.66
N ARG F 288 -19.14 32.74 -54.26
CA ARG F 288 -19.22 34.15 -53.86
C ARG F 288 -17.84 34.80 -53.80
N GLY F 289 -17.05 34.59 -54.86
CA GLY F 289 -15.76 35.22 -54.98
C GLY F 289 -14.67 34.61 -54.12
N GLY F 290 -14.97 33.46 -53.52
CA GLY F 290 -13.98 32.76 -52.72
C GLY F 290 -14.30 32.70 -51.24
N GLU F 291 -15.53 33.04 -50.87
CA GLU F 291 -15.97 32.95 -49.49
C GLU F 291 -16.11 31.49 -49.05
N ALA F 292 -16.28 30.60 -50.03
CA ALA F 292 -16.40 29.18 -49.75
C ALA F 292 -15.75 28.34 -50.84
N PHE F 293 -15.34 27.13 -50.46
CA PHE F 293 -14.74 26.17 -51.37
C PHE F 293 -15.82 25.17 -51.78
N HIS F 294 -16.12 25.10 -53.07
CA HIS F 294 -17.18 24.21 -53.55
C HIS F 294 -16.77 22.76 -53.34
N THR F 295 -17.62 22.00 -52.65
CA THR F 295 -17.27 20.64 -52.24
C THR F 295 -17.60 19.57 -53.29
N GLY F 296 -18.09 19.99 -54.44
CA GLY F 296 -18.28 19.07 -55.56
C GLY F 296 -19.70 18.69 -55.89
N CYS F 297 -19.86 17.96 -56.99
CA CYS F 297 -21.17 17.51 -57.45
C CYS F 297 -21.66 16.30 -56.70
N ILE F 298 -20.72 15.41 -56.37
CA ILE F 298 -21.06 14.11 -55.77
C ILE F 298 -21.84 14.22 -54.46
N PRO F 299 -21.50 15.16 -53.56
CA PRO F 299 -22.38 15.27 -52.39
C PRO F 299 -23.80 15.69 -52.73
N PHE F 300 -23.99 16.38 -53.85
CA PHE F 300 -25.33 16.77 -54.29
C PHE F 300 -26.01 15.63 -55.02
N TYR F 301 -25.23 14.82 -55.72
CA TYR F 301 -25.75 13.61 -56.36
C TYR F 301 -26.29 12.67 -55.30
N LYS F 302 -25.57 12.56 -54.19
CA LYS F 302 -26.01 11.74 -53.06
C LYS F 302 -27.34 12.23 -52.51
N HIS F 303 -27.53 13.55 -52.53
CA HIS F 303 -28.75 14.15 -52.02
C HIS F 303 -29.92 13.86 -52.94
N PHE F 304 -29.64 13.81 -54.24
CA PHE F 304 -30.66 13.45 -55.22
C PHE F 304 -31.03 11.99 -55.09
N GLN F 305 -30.04 11.15 -54.79
CA GLN F 305 -30.29 9.72 -54.66
C GLN F 305 -31.20 9.43 -53.48
N THR F 306 -30.97 10.09 -52.35
CA THR F 306 -31.79 9.87 -51.18
C THR F 306 -33.19 10.40 -51.39
N ALA F 307 -33.33 11.37 -52.28
CA ALA F 307 -34.64 11.89 -52.64
C ALA F 307 -35.41 10.87 -53.47
N VAL F 308 -34.69 10.19 -54.34
CA VAL F 308 -35.29 9.18 -55.21
C VAL F 308 -35.69 7.95 -54.40
N LYS F 309 -34.89 7.62 -53.40
CA LYS F 309 -35.10 6.40 -52.62
C LYS F 309 -35.94 6.61 -51.37
N SER F 310 -36.39 7.84 -51.12
CA SER F 310 -37.13 8.14 -49.91
C SER F 310 -38.57 7.62 -49.97
N CYS F 311 -39.11 7.51 -51.18
CA CYS F 311 -40.48 7.08 -51.36
C CYS F 311 -40.57 5.90 -52.32
N SER F 312 -41.65 5.15 -52.23
CA SER F 312 -41.97 4.17 -53.25
C SER F 312 -42.66 4.90 -54.40
N GLN F 313 -42.66 4.28 -55.58
CA GLN F 313 -43.27 4.89 -56.76
C GLN F 313 -44.77 4.66 -56.77
N GLY F 314 -45.50 5.46 -56.01
CA GLY F 314 -46.94 5.35 -55.94
C GLY F 314 -47.42 4.07 -55.27
N GLY F 315 -46.53 3.45 -54.51
CA GLY F 315 -46.85 2.24 -53.78
C GLY F 315 -46.77 0.98 -54.64
N VAL F 316 -46.43 1.16 -55.91
CA VAL F 316 -46.41 0.07 -56.87
C VAL F 316 -45.03 -0.53 -57.00
N ARG F 317 -44.01 0.32 -57.11
CA ARG F 317 -42.64 -0.14 -57.27
C ARG F 317 -41.65 0.84 -56.65
N GLY F 318 -40.37 0.54 -56.75
CA GLY F 318 -39.34 1.39 -56.18
C GLY F 318 -39.04 2.62 -57.01
N GLY F 319 -38.52 3.67 -56.37
CA GLY F 319 -38.19 4.88 -57.10
C GLY F 319 -36.89 4.74 -57.85
N ALA F 320 -36.81 5.39 -59.00
CA ALA F 320 -35.64 5.28 -59.85
C ALA F 320 -35.40 6.57 -60.63
N ALA F 321 -34.14 6.84 -60.92
CA ALA F 321 -33.77 8.05 -61.63
C ALA F 321 -32.50 7.87 -62.44
N THR F 322 -32.40 8.60 -63.54
CA THR F 322 -31.18 8.68 -64.32
C THR F 322 -30.68 10.12 -64.27
N LEU F 323 -29.40 10.31 -63.97
CA LEU F 323 -28.84 11.65 -63.88
C LEU F 323 -27.94 11.91 -65.08
N PHE F 324 -28.01 13.13 -65.63
CA PHE F 324 -27.29 13.46 -66.85
C PHE F 324 -26.23 14.52 -66.63
N TYR F 325 -25.10 14.37 -67.31
CA TYR F 325 -24.02 15.34 -67.24
C TYR F 325 -23.20 15.29 -68.53
N PRO F 326 -22.59 16.42 -68.91
CA PRO F 326 -21.78 16.47 -70.12
C PRO F 326 -20.45 15.72 -69.97
N MET F 327 -19.95 15.19 -71.08
CA MET F 327 -18.72 14.41 -71.07
C MET F 327 -17.51 15.26 -70.71
N TRP F 328 -17.60 16.56 -70.98
CA TRP F 328 -16.50 17.47 -70.73
C TRP F 328 -16.53 18.13 -69.36
N HIS F 329 -17.39 17.63 -68.47
CA HIS F 329 -17.44 18.16 -67.11
C HIS F 329 -16.12 17.89 -66.42
N LEU F 330 -15.70 18.79 -65.55
CA LEU F 330 -14.38 18.69 -64.93
C LEU F 330 -14.27 17.46 -64.04
N GLU F 331 -15.40 17.01 -63.48
CA GLU F 331 -15.39 15.87 -62.57
C GLU F 331 -15.75 14.55 -63.23
N VAL F 332 -15.82 14.55 -64.56
CA VAL F 332 -16.40 13.43 -65.31
C VAL F 332 -15.76 12.07 -65.00
N GLU F 333 -14.46 12.05 -64.74
CA GLU F 333 -13.76 10.79 -64.47
C GLU F 333 -14.19 10.18 -63.14
N SER F 334 -14.57 11.01 -62.18
CA SER F 334 -15.07 10.55 -60.90
C SER F 334 -16.56 10.22 -61.00
N LEU F 335 -17.25 10.90 -61.92
CA LEU F 335 -18.67 10.70 -62.10
C LEU F 335 -18.95 9.39 -62.84
N LEU F 336 -18.02 8.98 -63.69
CA LEU F 336 -18.21 7.78 -64.49
C LEU F 336 -18.13 6.52 -63.64
N VAL F 337 -17.45 6.61 -62.51
CA VAL F 337 -17.22 5.45 -61.66
C VAL F 337 -18.09 5.45 -60.41
N LEU F 338 -19.21 6.16 -60.46
CA LEU F 338 -20.08 6.29 -59.31
C LEU F 338 -20.82 4.99 -58.95
N LYS F 339 -20.96 4.10 -59.93
CA LYS F 339 -21.64 2.82 -59.72
C LYS F 339 -20.64 1.70 -59.47
N ASN F 340 -19.37 2.00 -59.61
CA ASN F 340 -18.31 1.03 -59.39
C ASN F 340 -18.29 0.57 -57.94
N ASN F 341 -18.38 -0.74 -57.72
CA ASN F 341 -18.45 -1.27 -56.36
C ASN F 341 -17.09 -1.32 -55.68
N ARG F 342 -16.03 -1.01 -56.42
CA ARG F 342 -14.68 -1.06 -55.88
C ARG F 342 -14.23 0.32 -55.42
N GLY F 343 -14.91 0.83 -54.39
CA GLY F 343 -14.58 2.13 -53.84
C GLY F 343 -15.29 2.42 -52.54
N VAL F 344 -14.82 3.45 -51.84
CA VAL F 344 -15.43 3.86 -50.58
C VAL F 344 -16.76 4.58 -50.81
N GLU F 345 -17.60 4.63 -49.79
CA GLU F 345 -18.93 5.23 -49.93
C GLU F 345 -18.86 6.74 -50.14
N GLY F 346 -17.70 7.33 -49.82
CA GLY F 346 -17.54 8.76 -49.94
C GLY F 346 -17.63 9.28 -51.36
N ASN F 347 -17.29 8.43 -52.32
CA ASN F 347 -17.34 8.81 -53.72
C ASN F 347 -18.08 7.78 -54.56
N ARG F 348 -19.15 7.25 -53.99
CA ARG F 348 -19.98 6.26 -54.69
C ARG F 348 -21.46 6.57 -54.53
N VAL F 349 -22.13 6.73 -55.67
CA VAL F 349 -23.56 6.93 -55.71
C VAL F 349 -24.16 5.87 -56.63
N ARG F 350 -24.36 4.67 -56.09
CA ARG F 350 -24.63 3.50 -56.92
C ARG F 350 -26.09 3.27 -57.33
N HIS F 351 -27.03 3.81 -56.57
CA HIS F 351 -28.44 3.48 -56.79
C HIS F 351 -29.12 4.45 -57.73
N MET F 352 -28.33 5.10 -58.58
CA MET F 352 -28.88 5.89 -59.67
C MET F 352 -28.18 5.50 -60.96
N ASP F 353 -28.86 5.71 -62.08
CA ASP F 353 -28.25 5.46 -63.37
C ASP F 353 -27.77 6.77 -63.97
N TYR F 354 -26.90 6.70 -64.97
CA TYR F 354 -26.30 7.92 -65.51
C TYR F 354 -26.26 7.95 -67.02
N GLY F 355 -26.50 9.14 -67.57
CA GLY F 355 -26.40 9.35 -69.00
C GLY F 355 -25.33 10.37 -69.33
N VAL F 356 -24.30 9.92 -70.02
CA VAL F 356 -23.22 10.80 -70.44
C VAL F 356 -23.59 11.45 -71.76
N GLN F 357 -23.50 12.78 -71.80
CA GLN F 357 -23.94 13.54 -72.96
C GLN F 357 -22.76 13.84 -73.89
N ILE F 358 -22.91 13.46 -75.15
CA ILE F 358 -21.82 13.56 -76.12
C ILE F 358 -22.29 14.27 -77.40
N ASN F 359 -21.37 14.97 -78.06
CA ASN F 359 -21.68 15.56 -79.36
C ASN F 359 -20.59 15.23 -80.38
N LYS F 360 -20.75 15.77 -81.60
CA LYS F 360 -19.84 15.45 -82.70
C LYS F 360 -18.39 15.75 -82.39
N LEU F 361 -18.14 16.88 -81.72
CA LEU F 361 -16.77 17.29 -81.42
C LEU F 361 -16.04 16.29 -80.54
N MET F 362 -16.74 15.72 -79.57
CA MET F 362 -16.16 14.72 -78.69
C MET F 362 -15.77 13.46 -79.46
N TYR F 363 -16.65 13.01 -80.36
CA TYR F 363 -16.37 11.84 -81.18
C TYR F 363 -15.20 12.06 -82.12
N THR F 364 -15.07 13.29 -82.62
CA THR F 364 -13.97 13.65 -83.50
C THR F 364 -12.61 13.53 -82.82
N ARG F 365 -12.53 14.03 -81.58
CA ARG F 365 -11.29 13.96 -80.80
C ARG F 365 -10.87 12.51 -80.60
N LEU F 366 -11.86 11.64 -80.48
CA LEU F 366 -11.62 10.20 -80.37
C LEU F 366 -11.08 9.63 -81.67
N LEU F 367 -11.70 9.99 -82.77
CA LEU F 367 -11.32 9.46 -84.08
C LEU F 367 -9.93 9.92 -84.51
N LYS F 368 -9.57 11.15 -84.14
CA LYS F 368 -8.27 11.72 -84.49
C LYS F 368 -7.17 11.40 -83.49
N GLY F 369 -7.53 10.68 -82.42
CA GLY F 369 -6.57 10.33 -81.39
C GLY F 369 -6.04 11.55 -80.66
N GLU F 370 -6.91 12.54 -80.46
CA GLU F 370 -6.52 13.79 -79.82
C GLU F 370 -7.07 13.86 -78.40
N ASP F 371 -6.97 15.03 -77.79
CA ASP F 371 -7.37 15.20 -76.40
C ASP F 371 -8.74 15.86 -76.24
N ILE F 372 -9.37 15.58 -75.10
CA ILE F 372 -10.59 16.27 -74.70
C ILE F 372 -10.31 17.13 -73.48
N THR F 373 -10.71 18.40 -73.53
CA THR F 373 -10.49 19.30 -72.42
C THR F 373 -11.70 19.35 -71.50
N LEU F 374 -11.46 19.21 -70.20
CA LEU F 374 -12.53 19.25 -69.22
C LEU F 374 -12.63 20.64 -68.61
N PHE F 375 -13.86 21.14 -68.51
CA PHE F 375 -14.11 22.44 -67.91
C PHE F 375 -15.15 22.35 -66.82
N SER F 376 -15.13 23.31 -65.90
CA SER F 376 -16.26 23.53 -65.02
C SER F 376 -17.19 24.51 -65.73
N PRO F 377 -18.48 24.16 -65.83
CA PRO F 377 -19.45 24.97 -66.56
C PRO F 377 -19.59 26.40 -66.02
N SER F 378 -19.11 26.63 -64.80
CA SER F 378 -19.15 27.95 -64.20
C SER F 378 -18.05 28.86 -64.73
N ASP F 379 -17.05 28.27 -65.36
CA ASP F 379 -15.88 29.02 -65.84
C ASP F 379 -15.91 29.23 -67.35
N VAL F 380 -16.90 28.64 -68.02
CA VAL F 380 -16.94 28.69 -69.47
C VAL F 380 -18.27 29.27 -69.98
N PRO F 381 -18.37 30.60 -70.02
CA PRO F 381 -19.58 31.33 -70.41
C PRO F 381 -20.12 30.91 -71.77
N GLY F 382 -21.39 30.49 -71.79
CA GLY F 382 -22.08 30.17 -73.02
C GLY F 382 -21.82 28.77 -73.54
N LEU F 383 -20.82 28.10 -72.99
CA LEU F 383 -20.41 26.78 -73.49
C LEU F 383 -21.46 25.72 -73.25
N TYR F 384 -22.09 25.76 -72.08
CA TYR F 384 -23.11 24.79 -71.72
C TYR F 384 -24.34 24.87 -72.61
N ASP F 385 -24.83 26.09 -72.85
CA ASP F 385 -26.01 26.28 -73.68
C ASP F 385 -25.74 25.84 -75.11
N ALA F 386 -24.56 26.19 -75.61
CA ALA F 386 -24.19 25.89 -76.99
C ALA F 386 -24.01 24.39 -77.21
N PHE F 387 -23.68 23.68 -76.14
CA PHE F 387 -23.48 22.24 -76.18
C PHE F 387 -24.72 21.52 -76.71
N PHE F 388 -25.88 22.11 -76.45
CA PHE F 388 -27.14 21.50 -76.86
C PHE F 388 -27.75 22.21 -78.06
N ALA F 389 -27.62 23.54 -78.10
CA ALA F 389 -28.37 24.37 -79.04
C ALA F 389 -27.64 24.66 -80.35
N ASP F 390 -26.33 24.84 -80.28
CA ASP F 390 -25.57 25.27 -81.45
C ASP F 390 -24.18 24.62 -81.52
N GLN F 391 -24.03 23.62 -82.37
CA GLN F 391 -22.77 22.88 -82.45
C GLN F 391 -21.63 23.73 -82.98
N GLU F 392 -21.97 24.69 -83.84
CA GLU F 392 -20.99 25.59 -84.41
C GLU F 392 -20.48 26.56 -83.36
N GLU F 393 -21.41 27.11 -82.58
CA GLU F 393 -21.08 28.02 -81.49
C GLU F 393 -20.31 27.29 -80.40
N PHE F 394 -20.65 26.02 -80.17
CA PHE F 394 -19.94 25.21 -79.19
C PHE F 394 -18.48 25.04 -79.58
N GLU F 395 -18.24 24.69 -80.83
CA GLU F 395 -16.87 24.46 -81.31
C GLU F 395 -16.06 25.74 -81.20
N ARG F 396 -16.72 26.88 -81.41
CA ARG F 396 -16.07 28.18 -81.29
C ARG F 396 -15.68 28.47 -79.85
N LEU F 397 -16.62 28.30 -78.92
CA LEU F 397 -16.37 28.54 -77.52
C LEU F 397 -15.44 27.50 -76.91
N TYR F 398 -15.59 26.25 -77.30
CA TYR F 398 -14.79 25.18 -76.73
C TYR F 398 -13.31 25.33 -77.06
N THR F 399 -13.00 25.50 -78.33
CA THR F 399 -11.61 25.63 -78.76
C THR F 399 -10.98 26.92 -78.25
N LYS F 400 -11.80 27.96 -78.12
CA LYS F 400 -11.33 29.23 -77.58
C LYS F 400 -10.91 29.09 -76.12
N TYR F 401 -11.76 28.47 -75.31
CA TYR F 401 -11.50 28.31 -73.89
C TYR F 401 -10.40 27.30 -73.64
N GLU F 402 -10.18 26.42 -74.61
CA GLU F 402 -9.10 25.43 -74.51
C GLU F 402 -7.73 26.08 -74.51
N LYS F 403 -7.61 27.23 -75.16
CA LYS F 403 -6.35 27.97 -75.26
C LYS F 403 -6.25 29.10 -74.26
N ASP F 404 -7.30 29.30 -73.48
CA ASP F 404 -7.31 30.40 -72.52
C ASP F 404 -6.63 29.95 -71.24
N ASP F 405 -5.49 30.56 -70.93
CA ASP F 405 -4.68 30.15 -69.79
C ASP F 405 -5.29 30.56 -68.46
N SER F 406 -6.19 31.54 -68.49
CA SER F 406 -6.82 32.04 -67.28
C SER F 406 -7.96 31.16 -66.79
N ILE F 407 -8.33 30.16 -67.59
CA ILE F 407 -9.45 29.28 -67.24
C ILE F 407 -8.97 27.93 -66.71
N ARG F 408 -9.50 27.52 -65.56
CA ARG F 408 -9.18 26.21 -65.01
C ARG F 408 -9.67 25.11 -65.92
N LYS F 409 -8.78 24.16 -66.23
CA LYS F 409 -9.10 23.09 -67.15
C LYS F 409 -8.22 21.89 -66.89
N GLN F 410 -8.55 20.78 -67.56
CA GLN F 410 -7.77 19.56 -67.48
C GLN F 410 -7.93 18.79 -68.78
N ARG F 411 -6.82 18.29 -69.31
CA ARG F 411 -6.86 17.57 -70.58
C ARG F 411 -6.73 16.06 -70.37
N VAL F 412 -7.54 15.31 -71.12
CA VAL F 412 -7.53 13.85 -71.10
C VAL F 412 -7.53 13.31 -72.52
N LYS F 413 -6.83 12.20 -72.76
CA LYS F 413 -6.88 11.56 -74.06
C LYS F 413 -8.30 11.09 -74.30
N ALA F 414 -8.85 11.43 -75.46
CA ALA F 414 -10.23 11.10 -75.78
C ALA F 414 -10.44 9.59 -75.77
N VAL F 415 -9.41 8.86 -76.17
CA VAL F 415 -9.46 7.40 -76.20
C VAL F 415 -9.61 6.87 -74.79
N GLU F 416 -8.89 7.46 -73.85
CA GLU F 416 -8.93 7.03 -72.45
C GLU F 416 -10.26 7.38 -71.78
N LEU F 417 -10.83 8.53 -72.13
CA LEU F 417 -12.08 8.95 -71.54
C LEU F 417 -13.24 8.10 -72.04
N PHE F 418 -13.29 7.88 -73.35
CA PHE F 418 -14.33 7.05 -73.95
C PHE F 418 -14.26 5.61 -73.44
N SER F 419 -13.04 5.10 -73.30
CA SER F 419 -12.83 3.73 -72.85
C SER F 419 -13.27 3.55 -71.41
N LEU F 420 -12.98 4.54 -70.57
CA LEU F 420 -13.41 4.52 -69.18
C LEU F 420 -14.93 4.47 -69.08
N MET F 421 -15.59 5.27 -69.91
CA MET F 421 -17.04 5.31 -69.95
C MET F 421 -17.63 3.97 -70.36
N MET F 422 -17.11 3.41 -71.45
CA MET F 422 -17.62 2.15 -71.98
C MET F 422 -17.26 0.98 -71.08
N GLN F 423 -16.16 1.13 -70.34
CA GLN F 423 -15.76 0.13 -69.35
C GLN F 423 -16.77 0.08 -68.20
N GLU F 424 -17.19 1.26 -67.74
CA GLU F 424 -18.18 1.33 -66.67
C GLU F 424 -19.57 0.97 -67.18
N ARG F 425 -19.83 1.27 -68.45
CA ARG F 425 -21.09 0.90 -69.06
C ARG F 425 -21.21 -0.61 -69.17
N ALA F 426 -20.09 -1.27 -69.43
CA ALA F 426 -20.07 -2.72 -69.57
C ALA F 426 -20.24 -3.42 -68.23
N SER F 427 -19.63 -2.84 -67.19
CA SER F 427 -19.65 -3.44 -65.86
C SER F 427 -21.03 -3.42 -65.22
N THR F 428 -21.73 -2.30 -65.36
CA THR F 428 -23.02 -2.12 -64.71
C THR F 428 -24.17 -2.29 -65.70
N GLY F 429 -23.92 -1.96 -66.97
CA GLY F 429 -24.95 -2.01 -67.98
C GLY F 429 -25.86 -0.79 -67.93
N ARG F 430 -25.57 0.10 -66.99
CA ARG F 430 -26.48 1.18 -66.65
C ARG F 430 -25.82 2.56 -66.74
N ILE F 431 -24.75 2.65 -67.54
CA ILE F 431 -24.19 3.95 -67.92
C ILE F 431 -24.62 4.24 -69.35
N TYR F 432 -25.43 5.27 -69.52
CA TYR F 432 -26.11 5.52 -70.78
C TYR F 432 -25.47 6.65 -71.58
N ILE F 433 -25.85 6.77 -72.84
CA ILE F 433 -25.29 7.77 -73.72
C ILE F 433 -26.40 8.62 -74.34
N GLN F 434 -26.24 9.94 -74.32
CA GLN F 434 -27.13 10.81 -75.07
C GLN F 434 -26.36 11.66 -76.06
N ASN F 435 -26.67 11.49 -77.35
CA ASN F 435 -26.09 12.32 -78.39
C ASN F 435 -26.90 13.60 -78.49
N VAL F 436 -26.45 14.64 -77.79
CA VAL F 436 -27.25 15.84 -77.60
C VAL F 436 -27.36 16.66 -78.89
N ASP F 437 -26.42 16.50 -79.81
CA ASP F 437 -26.53 17.18 -81.09
C ASP F 437 -27.64 16.55 -81.92
N HIS F 438 -27.71 15.23 -81.96
CA HIS F 438 -28.77 14.52 -82.67
C HIS F 438 -30.14 14.86 -82.08
N CYS F 439 -30.18 15.05 -80.78
CA CYS F 439 -31.44 15.36 -80.10
C CYS F 439 -31.95 16.75 -80.43
N ASN F 440 -31.13 17.58 -81.08
CA ASN F 440 -31.55 18.94 -81.39
C ASN F 440 -31.51 19.31 -82.87
N THR F 441 -30.74 18.58 -83.66
CA THR F 441 -30.71 18.82 -85.11
C THR F 441 -31.83 18.04 -85.76
N HIS F 442 -32.18 16.91 -85.15
CA HIS F 442 -33.32 16.11 -85.58
C HIS F 442 -34.35 16.08 -84.46
N SER F 443 -35.14 17.15 -84.35
CA SER F 443 -36.02 17.31 -83.20
C SER F 443 -37.29 18.06 -83.56
N PRO F 444 -38.37 17.80 -82.81
CA PRO F 444 -39.60 18.58 -82.97
C PRO F 444 -39.52 19.95 -82.31
N PHE F 445 -38.38 20.28 -81.72
CA PHE F 445 -38.22 21.58 -81.06
C PHE F 445 -37.09 22.40 -81.67
N ASP F 446 -37.26 23.72 -81.67
CA ASP F 446 -36.23 24.63 -82.12
C ASP F 446 -35.26 24.90 -80.98
N PRO F 447 -33.99 24.51 -81.16
CA PRO F 447 -32.92 24.64 -80.16
C PRO F 447 -32.66 26.08 -79.73
N ALA F 448 -33.04 27.04 -80.56
CA ALA F 448 -32.84 28.45 -80.25
C ALA F 448 -33.90 28.96 -79.27
N ILE F 449 -34.99 28.21 -79.15
CA ILE F 449 -36.09 28.61 -78.27
C ILE F 449 -36.25 27.63 -77.11
N ALA F 450 -36.26 26.35 -77.44
CA ALA F 450 -36.48 25.30 -76.45
C ALA F 450 -35.61 24.08 -76.72
N PRO F 451 -34.34 24.13 -76.29
CA PRO F 451 -33.41 23.03 -76.50
C PRO F 451 -33.72 21.80 -75.65
N VAL F 452 -33.32 20.64 -76.13
CA VAL F 452 -33.39 19.42 -75.34
C VAL F 452 -32.04 19.21 -74.66
N ARG F 453 -32.02 19.31 -73.34
CA ARG F 453 -30.77 19.27 -72.59
C ARG F 453 -30.61 18.00 -71.75
N GLN F 454 -31.56 17.08 -71.87
CA GLN F 454 -31.52 15.83 -71.12
C GLN F 454 -32.50 14.81 -71.66
N SER F 455 -32.49 13.63 -71.05
CA SER F 455 -33.46 12.59 -71.34
C SER F 455 -34.09 12.11 -70.04
N ASN F 456 -34.68 10.91 -70.05
CA ASN F 456 -35.39 10.43 -68.87
C ASN F 456 -34.72 9.22 -68.24
N LEU F 457 -35.51 8.43 -67.51
CA LEU F 457 -35.00 7.23 -66.84
C LEU F 457 -34.55 6.17 -67.83
N CYS F 458 -35.36 5.93 -68.86
CA CYS F 458 -35.09 4.83 -69.80
C CYS F 458 -34.64 5.35 -71.16
N LEU F 459 -34.33 6.64 -71.22
CA LEU F 459 -33.64 7.24 -72.37
C LEU F 459 -34.46 7.27 -73.65
N GLU F 460 -35.79 7.34 -73.54
CA GLU F 460 -36.64 7.42 -74.72
C GLU F 460 -37.35 8.77 -74.81
N ILE F 461 -37.26 9.58 -73.76
CA ILE F 461 -37.92 10.88 -73.72
C ILE F 461 -36.90 12.01 -73.93
N ALA F 462 -37.26 12.97 -74.76
CA ALA F 462 -36.40 14.13 -75.02
C ALA F 462 -37.23 15.40 -75.12
N LEU F 463 -37.30 16.14 -74.02
CA LEU F 463 -38.15 17.32 -73.94
C LEU F 463 -37.41 18.52 -73.36
N PRO F 464 -37.89 19.73 -73.66
CA PRO F 464 -37.30 20.95 -73.09
C PRO F 464 -37.55 21.12 -71.60
N THR F 465 -36.58 21.70 -70.90
CA THR F 465 -36.70 21.98 -69.48
C THR F 465 -36.12 23.36 -69.15
N LYS F 466 -36.47 23.90 -67.99
CA LYS F 466 -35.86 25.12 -67.48
C LYS F 466 -35.77 25.00 -65.97
N PRO F 467 -34.58 25.25 -65.40
CA PRO F 467 -34.34 25.09 -63.96
C PRO F 467 -35.21 26.00 -63.11
N LEU F 468 -35.46 25.56 -61.88
CA LEU F 468 -36.31 26.29 -60.94
C LEU F 468 -35.47 26.96 -59.87
N ASN F 469 -35.96 28.06 -59.32
CA ASN F 469 -35.28 28.70 -58.18
C ASN F 469 -36.04 28.44 -56.89
N ASP F 470 -37.17 27.77 -57.02
CA ASP F 470 -38.04 27.42 -55.92
C ASP F 470 -38.94 26.28 -56.38
N VAL F 471 -39.45 25.48 -55.44
CA VAL F 471 -40.31 24.37 -55.81
C VAL F 471 -41.61 24.88 -56.43
N ASN F 472 -41.99 26.11 -56.08
CA ASN F 472 -43.21 26.71 -56.59
C ASN F 472 -42.92 27.80 -57.62
N ASP F 473 -41.72 27.77 -58.19
CA ASP F 473 -41.30 28.74 -59.20
C ASP F 473 -42.14 28.64 -60.47
N GLU F 474 -42.75 29.77 -60.85
CA GLU F 474 -43.62 29.80 -62.01
C GLU F 474 -42.85 29.92 -63.32
N ASN F 475 -41.58 30.27 -63.22
CA ASN F 475 -40.78 30.48 -64.42
C ASN F 475 -39.91 29.29 -64.77
N GLY F 476 -40.06 28.19 -64.03
CA GLY F 476 -39.35 26.98 -64.34
C GLY F 476 -40.18 26.09 -65.26
N GLU F 477 -39.54 25.07 -65.83
CA GLU F 477 -40.26 24.10 -66.65
C GLU F 477 -39.79 22.68 -66.40
N ILE F 478 -40.69 21.86 -65.87
CA ILE F 478 -40.45 20.44 -65.73
C ILE F 478 -41.21 19.70 -66.82
N ALA F 479 -40.51 18.82 -67.52
CA ALA F 479 -41.10 18.08 -68.62
C ALA F 479 -41.85 16.82 -68.18
N LEU F 480 -43.09 16.69 -68.63
CA LEU F 480 -43.87 15.47 -68.40
C LEU F 480 -44.16 14.75 -69.72
N CYS F 481 -44.07 13.43 -69.72
CA CYS F 481 -44.51 12.68 -70.88
C CYS F 481 -45.47 11.58 -70.47
N THR F 482 -46.61 11.53 -71.14
CA THR F 482 -47.61 10.52 -70.91
C THR F 482 -47.54 9.51 -72.03
N LEU F 483 -47.55 8.23 -71.67
CA LEU F 483 -47.19 7.19 -72.62
C LEU F 483 -48.36 6.31 -73.06
N SER F 484 -48.11 5.53 -74.11
CA SER F 484 -48.96 4.46 -74.58
C SER F 484 -48.25 3.78 -75.72
N ALA F 485 -48.81 2.69 -76.23
CA ALA F 485 -48.15 1.96 -77.30
C ALA F 485 -49.14 1.28 -78.21
N PHE F 486 -48.77 1.18 -79.49
CA PHE F 486 -49.52 0.40 -80.45
C PHE F 486 -49.04 -1.04 -80.42
N ASN F 487 -49.99 -1.97 -80.40
CA ASN F 487 -49.66 -3.39 -80.49
C ASN F 487 -49.55 -3.80 -81.96
N LEU F 488 -48.31 -3.91 -82.44
CA LEU F 488 -48.06 -4.21 -83.84
C LEU F 488 -48.51 -5.62 -84.23
N GLY F 489 -48.69 -6.48 -83.25
CA GLY F 489 -49.13 -7.83 -83.51
C GLY F 489 -50.64 -7.96 -83.59
N ALA F 490 -51.34 -6.84 -83.42
CA ALA F 490 -52.80 -6.86 -83.38
C ALA F 490 -53.44 -6.16 -84.58
N ILE F 491 -52.62 -5.72 -85.53
CA ILE F 491 -53.16 -5.06 -86.71
C ILE F 491 -52.99 -5.93 -87.96
N ASN F 492 -53.97 -5.85 -88.85
CA ASN F 492 -53.94 -6.60 -90.10
C ASN F 492 -53.43 -5.71 -91.23
N ASN F 493 -53.67 -4.42 -91.07
CA ASN F 493 -53.28 -3.44 -92.07
C ASN F 493 -52.70 -2.22 -91.36
N LEU F 494 -51.80 -1.50 -92.00
CA LEU F 494 -51.19 -0.32 -91.39
C LEU F 494 -52.18 0.84 -91.32
N ASP F 495 -53.21 0.78 -92.15
CA ASP F 495 -54.19 1.84 -92.22
C ASP F 495 -55.15 1.77 -91.03
N GLU F 496 -55.01 0.69 -90.26
CA GLU F 496 -55.76 0.55 -89.02
C GLU F 496 -55.18 1.45 -87.93
N LEU F 497 -53.99 1.97 -88.19
CA LEU F 497 -53.32 2.88 -87.26
C LEU F 497 -53.98 4.24 -87.21
N GLU F 498 -54.74 4.59 -88.24
CA GLU F 498 -55.44 5.87 -88.27
C GLU F 498 -56.46 5.97 -87.13
N GLU F 499 -57.28 4.94 -86.99
CA GLU F 499 -58.24 4.86 -85.90
C GLU F 499 -57.56 4.78 -84.54
N LEU F 500 -56.51 3.96 -84.45
CA LEU F 500 -55.81 3.74 -83.21
C LEU F 500 -55.08 4.99 -82.72
N ALA F 501 -54.55 5.78 -83.65
CA ALA F 501 -53.87 7.00 -83.29
C ALA F 501 -54.85 8.02 -82.76
N ILE F 502 -56.02 8.10 -83.38
CA ILE F 502 -57.07 9.02 -82.94
C ILE F 502 -57.48 8.71 -81.51
N LEU F 503 -57.71 7.44 -81.22
CA LEU F 503 -58.08 7.02 -79.87
C LEU F 503 -56.96 7.27 -78.87
N ALA F 504 -55.73 6.93 -79.25
CA ALA F 504 -54.59 7.07 -78.36
C ALA F 504 -54.25 8.54 -78.08
N VAL F 505 -54.22 9.36 -79.12
CA VAL F 505 -53.86 10.77 -78.97
C VAL F 505 -54.92 11.52 -78.17
N ARG F 506 -56.18 11.29 -78.50
CA ARG F 506 -57.28 11.92 -77.81
C ARG F 506 -57.38 11.51 -76.34
N ALA F 507 -57.09 10.24 -76.07
CA ALA F 507 -57.16 9.75 -74.70
C ALA F 507 -56.07 10.35 -73.83
N LEU F 508 -54.85 10.39 -74.37
CA LEU F 508 -53.71 10.90 -73.61
C LEU F 508 -53.72 12.42 -73.48
N ASP F 509 -54.26 13.11 -74.47
CA ASP F 509 -54.32 14.56 -74.41
C ASP F 509 -55.36 15.03 -73.41
N ALA F 510 -56.48 14.31 -73.34
CA ALA F 510 -57.54 14.64 -72.40
C ALA F 510 -57.08 14.33 -70.99
N LEU F 511 -56.18 13.36 -70.88
CA LEU F 511 -55.58 12.98 -69.62
C LEU F 511 -54.83 14.15 -69.00
N LEU F 512 -54.21 14.98 -69.85
CA LEU F 512 -53.43 16.11 -69.40
C LEU F 512 -54.26 17.12 -68.64
N ASP F 513 -55.49 17.35 -69.09
CA ASP F 513 -56.39 18.28 -68.43
C ASP F 513 -57.09 17.62 -67.24
N TYR F 514 -57.11 16.30 -67.25
CA TYR F 514 -57.80 15.52 -66.24
C TYR F 514 -56.98 15.36 -64.96
N GLN F 515 -55.68 15.10 -65.11
CA GLN F 515 -54.83 14.82 -63.97
C GLN F 515 -54.38 16.09 -63.25
N ASP F 516 -53.77 15.91 -62.08
CA ASP F 516 -53.29 17.02 -61.27
C ASP F 516 -51.79 17.16 -61.37
N TYR F 517 -51.27 18.29 -60.88
CA TYR F 517 -49.85 18.57 -60.97
C TYR F 517 -49.35 19.16 -59.66
N PRO F 518 -48.60 18.35 -58.88
CA PRO F 518 -48.08 18.78 -57.59
C PRO F 518 -47.04 19.90 -57.70
N ILE F 519 -46.38 19.99 -58.85
CA ILE F 519 -45.38 21.02 -59.07
C ILE F 519 -45.80 21.95 -60.21
N PRO F 520 -45.88 23.26 -59.93
CA PRO F 520 -46.29 24.27 -60.90
C PRO F 520 -45.47 24.27 -62.20
N ALA F 521 -44.17 24.03 -62.09
CA ALA F 521 -43.30 24.02 -63.26
C ALA F 521 -43.63 22.85 -64.18
N ALA F 522 -44.17 21.79 -63.60
CA ALA F 522 -44.56 20.61 -64.35
C ALA F 522 -45.87 20.84 -65.10
N LYS F 523 -46.79 21.55 -64.47
CA LYS F 523 -48.05 21.90 -65.13
C LYS F 523 -47.76 22.86 -66.28
N ARG F 524 -46.73 23.68 -66.10
CA ARG F 524 -46.30 24.61 -67.14
C ARG F 524 -45.89 23.86 -68.40
N GLY F 525 -45.03 22.86 -68.22
CA GLY F 525 -44.54 22.06 -69.32
C GLY F 525 -45.61 21.19 -69.95
N ALA F 526 -46.47 20.63 -69.11
CA ALA F 526 -47.53 19.76 -69.60
C ALA F 526 -48.58 20.53 -70.38
N MET F 527 -48.97 21.69 -69.86
CA MET F 527 -50.01 22.49 -70.51
C MET F 527 -49.46 23.30 -71.68
N GLY F 528 -48.18 23.63 -71.61
CA GLY F 528 -47.54 24.42 -72.64
C GLY F 528 -47.19 23.61 -73.87
N ARG F 529 -46.71 22.39 -73.64
CA ARG F 529 -46.20 21.57 -74.73
C ARG F 529 -47.15 20.45 -75.11
N ARG F 530 -47.89 19.96 -74.11
CA ARG F 530 -48.81 18.84 -74.27
C ARG F 530 -48.11 17.66 -74.95
N THR F 531 -46.93 17.33 -74.43
CA THR F 531 -46.08 16.31 -75.04
C THR F 531 -46.52 14.89 -74.72
N LEU F 532 -46.67 14.10 -75.78
CA LEU F 532 -47.04 12.70 -75.67
C LEU F 532 -45.90 11.80 -76.13
N GLY F 533 -45.91 10.56 -75.68
CA GLY F 533 -44.92 9.59 -76.07
C GLY F 533 -45.57 8.25 -76.38
N ILE F 534 -45.99 8.07 -77.62
CA ILE F 534 -46.62 6.82 -78.03
C ILE F 534 -45.64 5.96 -78.80
N GLY F 535 -45.48 4.72 -78.34
CA GLY F 535 -44.53 3.80 -78.94
C GLY F 535 -45.19 2.56 -79.47
N VAL F 536 -44.44 1.46 -79.47
CA VAL F 536 -44.94 0.19 -79.98
C VAL F 536 -44.58 -0.97 -79.06
N ILE F 537 -45.34 -2.06 -79.18
CA ILE F 537 -44.98 -3.33 -78.57
C ILE F 537 -45.16 -4.41 -79.62
N ASN F 538 -44.68 -5.62 -79.32
CA ASN F 538 -44.79 -6.78 -80.21
C ASN F 538 -44.11 -6.56 -81.56
N PHE F 539 -43.00 -5.83 -81.56
CA PHE F 539 -42.27 -5.58 -82.80
C PHE F 539 -41.57 -6.82 -83.30
N ALA F 540 -41.06 -7.64 -82.39
CA ALA F 540 -40.39 -8.89 -82.74
C ALA F 540 -41.37 -9.89 -83.35
N TYR F 541 -42.57 -9.94 -82.80
CA TYR F 541 -43.64 -10.78 -83.30
C TYR F 541 -44.06 -10.30 -84.70
N TYR F 542 -44.07 -8.99 -84.87
CA TYR F 542 -44.42 -8.34 -86.13
C TYR F 542 -43.44 -8.72 -87.24
N LEU F 543 -42.15 -8.71 -86.93
CA LEU F 543 -41.14 -9.06 -87.92
C LEU F 543 -41.21 -10.54 -88.29
N ALA F 544 -41.52 -11.38 -87.30
CA ALA F 544 -41.61 -12.82 -87.51
C ALA F 544 -42.76 -13.18 -88.44
N LYS F 545 -43.86 -12.44 -88.35
CA LYS F 545 -45.02 -12.67 -89.21
C LYS F 545 -44.73 -12.29 -90.64
N HIS F 546 -43.78 -11.38 -90.84
CA HIS F 546 -43.41 -10.91 -92.16
C HIS F 546 -42.20 -11.65 -92.71
N GLY F 547 -41.67 -12.59 -91.93
CA GLY F 547 -40.52 -13.36 -92.35
C GLY F 547 -39.25 -12.53 -92.44
N LYS F 548 -39.13 -11.53 -91.57
CA LYS F 548 -37.95 -10.68 -91.54
C LYS F 548 -37.13 -10.96 -90.29
N ARG F 549 -35.91 -10.43 -90.27
CA ARG F 549 -35.00 -10.65 -89.14
C ARG F 549 -34.48 -9.31 -88.65
N TYR F 550 -33.87 -9.30 -87.47
CA TYR F 550 -33.24 -8.11 -86.94
C TYR F 550 -31.87 -7.87 -87.52
N SER F 551 -31.15 -8.97 -87.76
CA SER F 551 -29.69 -8.92 -87.91
C SER F 551 -29.16 -8.66 -89.32
N ASP F 552 -29.86 -9.16 -90.33
CA ASP F 552 -29.32 -9.13 -91.68
C ASP F 552 -29.68 -7.87 -92.46
N GLY F 553 -30.59 -7.07 -91.92
CA GLY F 553 -31.03 -5.85 -92.57
C GLY F 553 -32.25 -6.09 -93.44
N SER F 554 -32.81 -7.28 -93.33
CA SER F 554 -33.95 -7.68 -94.15
C SER F 554 -35.24 -6.98 -93.70
N ALA F 555 -35.20 -6.33 -92.54
CA ALA F 555 -36.38 -5.67 -92.00
C ALA F 555 -36.29 -4.15 -92.11
N ASN F 556 -35.25 -3.67 -92.79
CA ASN F 556 -35.02 -2.23 -92.89
C ASN F 556 -36.15 -1.46 -93.59
N ASN F 557 -36.55 -1.91 -94.78
CA ASN F 557 -37.62 -1.24 -95.52
C ASN F 557 -39.00 -1.42 -94.90
N LEU F 558 -39.23 -2.59 -94.29
CA LEU F 558 -40.49 -2.85 -93.60
C LEU F 558 -40.63 -1.92 -92.40
N THR F 559 -39.53 -1.71 -91.71
CA THR F 559 -39.48 -0.83 -90.56
C THR F 559 -39.71 0.62 -90.97
N HIS F 560 -39.10 1.03 -92.07
CA HIS F 560 -39.30 2.36 -92.62
C HIS F 560 -40.77 2.60 -92.95
N LYS F 561 -41.36 1.63 -93.62
CA LYS F 561 -42.76 1.68 -94.02
C LYS F 561 -43.70 1.70 -92.81
N THR F 562 -43.35 0.90 -91.81
CA THR F 562 -44.18 0.75 -90.61
C THR F 562 -44.20 2.01 -89.75
N PHE F 563 -43.03 2.56 -89.49
CA PHE F 563 -42.92 3.70 -88.60
C PHE F 563 -43.22 5.01 -89.31
N GLU F 564 -43.24 4.97 -90.64
CA GLU F 564 -43.75 6.09 -91.42
C GLU F 564 -45.25 6.22 -91.20
N ALA F 565 -45.93 5.07 -91.21
CA ALA F 565 -47.38 5.02 -91.01
C ALA F 565 -47.75 5.44 -89.61
N ILE F 566 -46.94 5.04 -88.63
CA ILE F 566 -47.18 5.37 -87.23
C ILE F 566 -47.11 6.88 -87.00
N GLN F 567 -46.03 7.50 -87.44
CA GLN F 567 -45.85 8.93 -87.22
C GLN F 567 -46.85 9.76 -88.02
N TYR F 568 -47.14 9.34 -89.25
CA TYR F 568 -48.08 10.06 -90.11
C TYR F 568 -49.47 10.15 -89.49
N TYR F 569 -49.95 9.02 -88.97
CA TYR F 569 -51.29 8.96 -88.41
C TYR F 569 -51.36 9.61 -87.03
N LEU F 570 -50.22 9.67 -86.34
CA LEU F 570 -50.15 10.39 -85.08
C LEU F 570 -50.20 11.89 -85.31
N LEU F 571 -49.42 12.37 -86.27
CA LEU F 571 -49.41 13.78 -86.64
C LEU F 571 -50.75 14.21 -87.19
N LYS F 572 -51.36 13.36 -88.01
CA LYS F 572 -52.66 13.64 -88.59
C LYS F 572 -53.74 13.73 -87.52
N ALA F 573 -53.68 12.82 -86.55
CA ALA F 573 -54.66 12.80 -85.46
C ALA F 573 -54.51 14.04 -84.58
N SER F 574 -53.27 14.41 -84.30
CA SER F 574 -52.98 15.56 -83.47
C SER F 574 -53.29 16.86 -84.21
N ASN F 575 -53.17 16.82 -85.54
CA ASN F 575 -53.51 17.96 -86.37
C ASN F 575 -55.02 18.20 -86.40
N GLU F 576 -55.77 17.12 -86.51
CA GLU F 576 -57.22 17.19 -86.51
C GLU F 576 -57.72 17.64 -85.13
N LEU F 577 -57.01 17.21 -84.10
CA LEU F 577 -57.36 17.56 -82.73
C LEU F 577 -57.06 19.02 -82.46
N ALA F 578 -56.12 19.57 -83.21
CA ALA F 578 -55.80 20.99 -83.12
C ALA F 578 -56.90 21.82 -83.81
N LYS F 579 -57.46 21.29 -84.88
CA LYS F 579 -58.57 21.95 -85.56
C LYS F 579 -59.78 22.06 -84.64
N GLU F 580 -59.95 21.05 -83.79
CA GLU F 580 -61.12 20.96 -82.93
C GLU F 580 -60.97 21.72 -81.61
N GLN F 581 -59.78 21.65 -81.00
CA GLN F 581 -59.61 22.19 -79.66
C GLN F 581 -58.50 23.22 -79.55
N GLY F 582 -57.79 23.46 -80.65
CA GLY F 582 -56.72 24.43 -80.65
C GLY F 582 -55.36 23.80 -80.46
N ALA F 583 -54.34 24.37 -81.08
CA ALA F 583 -52.99 23.88 -80.92
C ALA F 583 -52.49 24.17 -79.51
N CYS F 584 -51.43 23.47 -79.10
CA CYS F 584 -50.84 23.68 -77.78
C CYS F 584 -50.24 25.08 -77.71
N PRO F 585 -50.31 25.71 -76.54
CA PRO F 585 -49.86 27.09 -76.31
C PRO F 585 -48.46 27.40 -76.84
N TRP F 586 -47.53 26.48 -76.68
CA TRP F 586 -46.14 26.72 -77.08
C TRP F 586 -45.79 26.01 -78.38
N PHE F 587 -46.77 25.86 -79.26
CA PHE F 587 -46.57 25.20 -80.55
C PHE F 587 -45.59 25.95 -81.44
N ASN F 588 -45.55 27.27 -81.29
CA ASN F 588 -44.67 28.09 -82.12
C ASN F 588 -43.20 27.82 -81.87
N GLU F 589 -42.90 27.11 -80.80
CA GLU F 589 -41.52 26.82 -80.43
C GLU F 589 -41.06 25.52 -81.06
N THR F 590 -41.95 24.91 -81.83
CA THR F 590 -41.65 23.63 -82.46
C THR F 590 -41.14 23.84 -83.88
N THR F 591 -40.44 22.84 -84.40
CA THR F 591 -39.99 22.88 -85.79
C THR F 591 -41.18 22.64 -86.71
N TYR F 592 -42.21 21.98 -86.18
CA TYR F 592 -43.44 21.74 -86.90
C TYR F 592 -44.10 23.06 -87.31
N ALA F 593 -43.98 24.06 -86.45
CA ALA F 593 -44.58 25.37 -86.68
C ALA F 593 -43.94 26.08 -87.87
N LYS F 594 -42.67 25.77 -88.13
CA LYS F 594 -41.92 26.39 -89.21
C LYS F 594 -42.13 25.65 -90.53
N GLY F 595 -42.95 24.61 -90.50
CA GLY F 595 -43.18 23.79 -91.67
C GLY F 595 -42.10 22.75 -91.86
N ILE F 596 -41.40 22.43 -90.79
CA ILE F 596 -40.32 21.44 -90.84
C ILE F 596 -40.81 20.10 -90.32
N LEU F 597 -40.49 19.04 -91.05
CA LEU F 597 -40.94 17.69 -90.72
C LEU F 597 -39.77 16.77 -90.36
N PRO F 598 -40.07 15.64 -89.68
CA PRO F 598 -39.03 14.65 -89.37
C PRO F 598 -38.32 14.15 -90.62
N ILE F 599 -39.03 14.12 -91.74
CA ILE F 599 -38.50 13.66 -93.01
C ILE F 599 -37.56 14.68 -93.65
N ASP F 600 -37.42 15.84 -93.01
CA ASP F 600 -36.52 16.88 -93.52
C ASP F 600 -35.19 16.90 -92.78
N THR F 601 -35.16 16.42 -91.54
CA THR F 601 -34.02 16.65 -90.66
C THR F 601 -33.33 15.39 -90.17
N TYR F 602 -33.70 14.24 -90.72
CA TYR F 602 -33.10 12.98 -90.29
C TYR F 602 -31.65 12.92 -90.74
N LYS F 603 -30.88 12.02 -90.14
CA LYS F 603 -29.49 11.86 -90.53
C LYS F 603 -29.40 11.16 -91.87
N LYS F 604 -28.66 11.77 -92.79
CA LYS F 604 -28.67 11.36 -94.19
C LYS F 604 -28.08 9.97 -94.47
N ASP F 605 -27.33 9.43 -93.53
CA ASP F 605 -26.71 8.11 -93.72
C ASP F 605 -27.76 7.00 -93.81
N LEU F 606 -28.98 7.31 -93.38
CA LEU F 606 -30.09 6.38 -93.43
C LEU F 606 -30.48 6.06 -94.87
N ASP F 607 -30.13 6.96 -95.78
CA ASP F 607 -30.42 6.80 -97.19
C ASP F 607 -29.61 5.66 -97.82
N THR F 608 -28.57 5.23 -97.10
CA THR F 608 -27.69 4.18 -97.58
C THR F 608 -28.10 2.79 -97.10
N ILE F 609 -29.04 2.73 -96.16
CA ILE F 609 -29.43 1.46 -95.58
C ILE F 609 -30.91 1.15 -95.78
N ALA F 610 -31.61 2.04 -96.47
CA ALA F 610 -33.01 1.83 -96.81
C ALA F 610 -33.43 2.69 -98.00
N ASN F 611 -34.13 2.10 -98.96
CA ASN F 611 -34.59 2.84 -100.13
C ASN F 611 -36.11 2.84 -100.26
N GLU F 612 -36.80 2.58 -99.15
CA GLU F 612 -38.25 2.56 -99.14
C GLU F 612 -38.80 3.97 -99.30
N PRO F 613 -39.67 4.17 -100.28
CA PRO F 613 -40.27 5.49 -100.54
C PRO F 613 -41.37 5.84 -99.55
N LEU F 614 -41.69 7.12 -99.43
CA LEU F 614 -42.80 7.55 -98.59
C LEU F 614 -44.13 7.24 -99.29
N HIS F 615 -45.05 6.64 -98.55
CA HIS F 615 -46.31 6.20 -99.14
C HIS F 615 -47.46 7.17 -98.84
N TYR F 616 -47.23 8.08 -97.91
CA TYR F 616 -48.28 9.03 -97.53
C TYR F 616 -47.98 10.46 -97.98
N ASP F 617 -49.02 11.27 -98.06
CA ASP F 617 -48.89 12.65 -98.52
C ASP F 617 -48.44 13.56 -97.38
N TRP F 618 -47.13 13.62 -97.16
CA TRP F 618 -46.55 14.41 -96.09
C TRP F 618 -46.61 15.90 -96.42
N GLU F 619 -46.70 16.21 -97.71
CA GLU F 619 -46.79 17.61 -98.15
C GLU F 619 -48.14 18.21 -97.83
N ALA F 620 -49.20 17.41 -97.96
CA ALA F 620 -50.53 17.85 -97.58
C ALA F 620 -50.59 18.06 -96.08
N LEU F 621 -49.92 17.16 -95.36
CA LEU F 621 -49.85 17.24 -93.91
C LEU F 621 -49.01 18.44 -93.48
N ARG F 622 -47.94 18.69 -94.22
CA ARG F 622 -47.07 19.82 -93.95
C ARG F 622 -47.84 21.13 -93.97
N GLU F 623 -48.71 21.30 -94.97
CA GLU F 623 -49.53 22.49 -95.07
C GLU F 623 -50.59 22.54 -93.98
N SER F 624 -51.20 21.40 -93.70
CA SER F 624 -52.27 21.32 -92.71
C SER F 624 -51.74 21.57 -91.32
N ILE F 625 -50.53 21.09 -91.04
CA ILE F 625 -49.88 21.34 -89.75
C ILE F 625 -49.47 22.80 -89.64
N LYS F 626 -48.92 23.34 -90.72
CA LYS F 626 -48.48 24.71 -90.75
C LYS F 626 -49.65 25.67 -90.56
N THR F 627 -50.83 25.23 -90.99
CA THR F 627 -52.02 26.06 -90.96
C THR F 627 -52.78 25.96 -89.63
N HIS F 628 -53.06 24.74 -89.18
CA HIS F 628 -53.89 24.54 -87.99
C HIS F 628 -53.07 24.16 -86.76
N GLY F 629 -51.81 23.78 -86.95
CA GLY F 629 -50.95 23.43 -85.84
C GLY F 629 -51.12 22.02 -85.33
N LEU F 630 -50.45 21.71 -84.23
CA LEU F 630 -50.59 20.43 -83.57
C LEU F 630 -51.09 20.60 -82.14
N ARG F 631 -51.89 19.66 -81.68
CA ARG F 631 -52.37 19.67 -80.31
C ARG F 631 -51.22 19.33 -79.36
N ASN F 632 -50.26 18.58 -79.88
CA ASN F 632 -49.14 18.08 -79.09
C ASN F 632 -47.78 18.33 -79.74
N SER F 633 -46.82 18.81 -78.97
CA SER F 633 -45.49 19.09 -79.50
C SER F 633 -44.74 17.82 -79.89
N THR F 634 -44.94 16.76 -79.13
CA THR F 634 -44.39 15.45 -79.47
C THR F 634 -45.51 14.42 -79.47
N LEU F 635 -45.30 13.30 -80.15
CA LEU F 635 -46.31 12.27 -80.20
C LEU F 635 -45.72 10.87 -80.03
N SER F 636 -44.52 10.66 -80.54
CA SER F 636 -43.92 9.34 -80.54
C SER F 636 -42.65 9.25 -79.69
N ALA F 637 -42.52 8.10 -79.03
CA ALA F 637 -41.34 7.76 -78.24
C ALA F 637 -41.40 6.26 -77.98
N LEU F 638 -40.30 5.57 -78.19
CA LEU F 638 -40.29 4.12 -78.05
C LEU F 638 -39.77 3.68 -76.68
N MET F 639 -40.70 3.42 -75.77
CA MET F 639 -40.38 2.96 -74.43
C MET F 639 -40.14 1.46 -74.42
N PRO F 640 -39.43 0.95 -73.41
CA PRO F 640 -39.19 -0.50 -73.33
C PRO F 640 -40.45 -1.31 -73.02
N SER F 641 -41.37 -0.72 -72.26
CA SER F 641 -42.61 -1.39 -71.85
C SER F 641 -42.37 -2.75 -71.21
N GLU F 642 -41.39 -2.83 -70.33
CA GLU F 642 -41.01 -4.08 -69.69
C GLU F 642 -42.18 -4.73 -68.97
N THR F 643 -42.99 -3.91 -68.30
CA THR F 643 -44.08 -4.44 -67.50
C THR F 643 -45.39 -4.44 -68.27
N SER F 644 -45.73 -3.30 -68.85
CA SER F 644 -47.03 -3.09 -69.46
C SER F 644 -47.29 -3.94 -70.71
N SER F 645 -46.22 -4.36 -71.39
CA SER F 645 -46.38 -5.15 -72.61
C SER F 645 -46.75 -6.59 -72.28
N GLN F 646 -46.60 -6.98 -71.02
CA GLN F 646 -46.90 -8.34 -70.60
C GLN F 646 -48.40 -8.58 -70.54
N ILE F 647 -49.17 -7.50 -70.45
CA ILE F 647 -50.62 -7.58 -70.36
C ILE F 647 -51.24 -8.21 -71.61
N SER F 648 -50.66 -7.92 -72.77
CA SER F 648 -51.16 -8.50 -74.01
C SER F 648 -50.30 -9.68 -74.43
N ASN F 649 -49.43 -10.11 -73.51
CA ASN F 649 -48.47 -11.19 -73.77
C ASN F 649 -47.59 -10.87 -74.96
N ALA F 650 -47.27 -9.59 -75.13
CA ALA F 650 -46.49 -9.13 -76.26
C ALA F 650 -44.99 -9.24 -76.00
N THR F 651 -44.21 -9.31 -77.07
CA THR F 651 -42.78 -9.11 -76.94
C THR F 651 -42.59 -7.65 -76.63
N ASN F 652 -41.78 -7.35 -75.62
CA ASN F 652 -41.67 -5.98 -75.12
C ASN F 652 -41.03 -5.03 -76.11
N GLY F 653 -41.72 -3.92 -76.38
CA GLY F 653 -41.20 -2.87 -77.23
C GLY F 653 -40.68 -3.31 -78.58
N ILE F 654 -39.45 -2.92 -78.88
CA ILE F 654 -38.81 -3.30 -80.12
C ILE F 654 -37.76 -4.39 -79.89
N GLU F 655 -37.66 -4.84 -78.64
CA GLU F 655 -36.63 -5.81 -78.28
C GLU F 655 -36.97 -7.22 -78.71
N PRO F 656 -35.97 -7.96 -79.21
CA PRO F 656 -36.13 -9.39 -79.50
C PRO F 656 -36.12 -10.21 -78.22
N PRO F 657 -36.96 -11.25 -78.15
CA PRO F 657 -37.05 -12.09 -76.96
C PRO F 657 -35.75 -12.83 -76.66
N ARG F 658 -35.50 -13.09 -75.39
CA ARG F 658 -34.32 -13.82 -74.96
C ARG F 658 -34.46 -15.29 -75.35
N GLY F 659 -35.71 -15.78 -75.32
CA GLY F 659 -36.01 -17.14 -75.67
C GLY F 659 -37.47 -17.32 -76.02
N TYR F 660 -37.83 -18.50 -76.51
CA TYR F 660 -39.21 -18.81 -76.85
C TYR F 660 -40.10 -18.81 -75.61
N VAL F 661 -39.53 -19.28 -74.49
CA VAL F 661 -40.19 -19.15 -73.19
C VAL F 661 -39.29 -18.33 -72.27
N SER F 662 -39.69 -17.09 -72.02
CA SER F 662 -38.87 -16.18 -71.21
C SER F 662 -39.22 -16.29 -69.74
N ILE F 663 -38.18 -16.18 -68.90
CA ILE F 663 -38.36 -16.12 -67.46
C ILE F 663 -38.16 -14.70 -66.95
N LYS F 664 -39.24 -14.05 -66.53
CA LYS F 664 -39.16 -12.68 -66.06
C LYS F 664 -39.42 -12.57 -64.56
N LYS F 667 -42.64 -9.67 -57.96
CA LYS F 667 -42.62 -9.64 -56.50
C LYS F 667 -42.89 -11.02 -55.92
N ASP F 668 -43.64 -11.83 -56.65
CA ASP F 668 -44.03 -13.16 -56.17
C ASP F 668 -42.92 -14.19 -56.41
N GLY F 669 -42.35 -14.15 -57.61
CA GLY F 669 -41.34 -15.12 -57.98
C GLY F 669 -41.11 -15.13 -59.48
N ILE F 670 -40.74 -16.30 -60.00
CA ILE F 670 -40.47 -16.44 -61.43
C ILE F 670 -41.74 -16.67 -62.25
N LEU F 671 -41.76 -16.09 -63.44
CA LEU F 671 -42.87 -16.24 -64.38
C LEU F 671 -42.40 -16.85 -65.69
N ARG F 672 -43.24 -17.68 -66.30
CA ARG F 672 -42.94 -18.20 -67.63
C ARG F 672 -43.82 -17.50 -68.67
N GLN F 673 -43.18 -16.91 -69.67
CA GLN F 673 -43.90 -16.19 -70.72
C GLN F 673 -43.52 -16.70 -72.10
N VAL F 674 -44.51 -17.10 -72.88
CA VAL F 674 -44.29 -17.62 -74.22
C VAL F 674 -44.49 -16.54 -75.29
N VAL F 675 -43.64 -16.56 -76.31
CA VAL F 675 -43.79 -15.66 -77.45
C VAL F 675 -45.13 -15.93 -78.13
N PRO F 676 -45.78 -14.86 -78.62
CA PRO F 676 -47.08 -15.01 -79.27
C PRO F 676 -47.01 -15.91 -80.52
N ASP F 677 -47.96 -16.84 -80.62
CA ASP F 677 -48.07 -17.73 -81.77
C ASP F 677 -46.79 -18.54 -81.99
N TYR F 678 -46.32 -19.21 -80.95
CA TYR F 678 -45.10 -20.00 -81.05
C TYR F 678 -45.26 -21.17 -82.01
N GLU F 679 -46.46 -21.73 -82.05
CA GLU F 679 -46.73 -22.93 -82.83
C GLU F 679 -46.45 -22.73 -84.32
N HIS F 680 -46.87 -21.59 -84.86
CA HIS F 680 -46.73 -21.34 -86.28
C HIS F 680 -45.45 -20.59 -86.62
N LEU F 681 -44.86 -19.95 -85.62
CA LEU F 681 -43.74 -19.05 -85.86
C LEU F 681 -42.45 -19.40 -85.10
N HIS F 682 -42.30 -20.65 -84.69
CA HIS F 682 -41.11 -21.04 -83.95
C HIS F 682 -39.80 -20.84 -84.73
N ASP F 683 -39.88 -20.99 -86.05
CA ASP F 683 -38.70 -20.81 -86.90
C ASP F 683 -38.57 -19.37 -87.38
N ALA F 684 -39.62 -18.58 -87.20
CA ALA F 684 -39.66 -17.23 -87.73
C ALA F 684 -38.96 -16.24 -86.80
N TYR F 685 -38.96 -16.55 -85.51
CA TYR F 685 -38.34 -15.68 -84.51
C TYR F 685 -36.82 -15.70 -84.58
N GLU F 686 -36.22 -14.55 -84.28
CA GLU F 686 -34.79 -14.46 -84.09
C GLU F 686 -34.49 -14.02 -82.66
N LEU F 687 -34.08 -14.97 -81.82
CA LEU F 687 -33.83 -14.70 -80.42
C LEU F 687 -32.63 -13.78 -80.24
N LEU F 688 -32.53 -13.16 -79.06
CA LEU F 688 -31.48 -12.16 -78.79
C LEU F 688 -30.07 -12.69 -79.00
N TRP F 689 -29.79 -13.89 -78.50
CA TRP F 689 -28.43 -14.41 -78.54
C TRP F 689 -28.14 -15.23 -79.79
N GLU F 690 -29.01 -15.10 -80.79
CA GLU F 690 -28.79 -15.69 -82.11
C GLU F 690 -28.24 -14.64 -83.07
N MET F 691 -27.90 -13.48 -82.53
CA MET F 691 -27.48 -12.34 -83.34
C MET F 691 -25.96 -12.20 -83.45
N PRO F 692 -25.47 -11.84 -84.65
CA PRO F 692 -24.04 -11.64 -84.91
C PRO F 692 -23.47 -10.46 -84.15
N GLY F 693 -24.30 -9.44 -83.99
CA GLY F 693 -23.89 -8.22 -83.32
C GLY F 693 -25.06 -7.26 -83.21
N ASN F 694 -24.74 -5.97 -83.11
CA ASN F 694 -25.75 -4.95 -82.89
C ASN F 694 -26.06 -4.16 -84.16
N ASP F 695 -25.32 -4.46 -85.23
CA ASP F 695 -25.40 -3.73 -86.49
C ASP F 695 -26.82 -3.65 -87.06
N GLY F 696 -27.46 -4.80 -87.24
CA GLY F 696 -28.80 -4.85 -87.80
C GLY F 696 -29.82 -4.15 -86.94
N TYR F 697 -29.70 -4.35 -85.63
CA TYR F 697 -30.60 -3.73 -84.67
C TYR F 697 -30.44 -2.21 -84.67
N LEU F 698 -29.21 -1.74 -84.62
CA LEU F 698 -28.95 -0.31 -84.59
C LEU F 698 -29.42 0.38 -85.87
N GLN F 699 -29.40 -0.36 -86.98
CA GLN F 699 -29.90 0.15 -88.24
C GLN F 699 -31.42 0.31 -88.20
N LEU F 700 -32.10 -0.64 -87.57
CA LEU F 700 -33.55 -0.55 -87.40
C LEU F 700 -33.92 0.62 -86.51
N VAL F 701 -33.15 0.81 -85.44
CA VAL F 701 -33.36 1.91 -84.51
C VAL F 701 -33.18 3.26 -85.21
N GLY F 702 -32.14 3.36 -86.03
CA GLY F 702 -31.86 4.57 -86.78
C GLY F 702 -32.99 4.90 -87.74
N ILE F 703 -33.54 3.88 -88.39
CA ILE F 703 -34.65 4.07 -89.31
C ILE F 703 -35.92 4.49 -88.56
N MET F 704 -36.15 3.90 -87.40
CA MET F 704 -37.27 4.31 -86.55
C MET F 704 -37.11 5.77 -86.15
N GLN F 705 -35.89 6.15 -85.81
CA GLN F 705 -35.62 7.50 -85.33
C GLN F 705 -35.88 8.57 -86.38
N LYS F 706 -35.93 8.16 -87.63
CA LYS F 706 -36.23 9.05 -88.74
C LYS F 706 -37.62 9.69 -88.56
N PHE F 707 -38.52 8.94 -87.94
CA PHE F 707 -39.89 9.41 -87.75
C PHE F 707 -40.23 9.69 -86.29
N ILE F 708 -39.53 9.06 -85.36
CA ILE F 708 -39.82 9.24 -83.94
C ILE F 708 -39.46 10.65 -83.47
N ASP F 709 -40.43 11.31 -82.83
CA ASP F 709 -40.22 12.68 -82.34
C ASP F 709 -39.15 12.76 -81.27
N GLN F 710 -39.24 11.87 -80.28
CA GLN F 710 -38.30 11.90 -79.18
C GLN F 710 -37.18 10.90 -79.41
N SER F 711 -37.02 9.93 -78.52
CA SER F 711 -35.94 8.97 -78.70
C SER F 711 -36.43 7.54 -78.47
N ILE F 712 -35.47 6.63 -78.43
CA ILE F 712 -35.75 5.20 -78.35
C ILE F 712 -34.87 4.54 -77.30
N SER F 713 -35.45 3.65 -76.50
CA SER F 713 -34.68 2.92 -75.48
C SER F 713 -33.83 1.83 -76.12
N ALA F 714 -32.78 2.23 -76.82
CA ALA F 714 -31.96 1.30 -77.59
C ALA F 714 -31.00 0.50 -76.70
N ASN F 715 -31.05 -0.82 -76.84
CA ASN F 715 -30.16 -1.71 -76.10
C ASN F 715 -28.96 -2.12 -76.94
N THR F 716 -27.83 -2.39 -76.27
CA THR F 716 -26.71 -3.04 -76.92
C THR F 716 -26.50 -4.38 -76.25
N ASN F 717 -26.12 -5.39 -77.03
CA ASN F 717 -26.04 -6.74 -76.50
C ASN F 717 -24.73 -7.43 -76.86
N TYR F 718 -24.16 -8.15 -75.89
CA TYR F 718 -22.91 -8.86 -76.13
C TYR F 718 -22.86 -10.22 -75.45
N ASP F 719 -22.44 -11.22 -76.23
CA ASP F 719 -22.18 -12.56 -75.71
C ASP F 719 -20.67 -12.75 -75.64
N PRO F 720 -20.10 -12.64 -74.44
CA PRO F 720 -18.66 -12.72 -74.21
C PRO F 720 -18.03 -13.99 -74.77
N SER F 721 -18.79 -15.08 -74.79
CA SER F 721 -18.28 -16.36 -75.22
C SER F 721 -17.93 -16.42 -76.70
N ARG F 722 -18.46 -15.50 -77.49
CA ARG F 722 -18.16 -15.48 -78.91
C ARG F 722 -16.90 -14.67 -79.21
N PHE F 723 -16.32 -14.09 -78.18
CA PHE F 723 -15.18 -13.21 -78.35
C PHE F 723 -13.94 -13.90 -77.82
N PRO F 724 -12.77 -13.56 -78.36
CA PRO F 724 -11.52 -14.18 -77.94
C PRO F 724 -11.28 -14.07 -76.44
N SER F 725 -10.93 -15.18 -75.82
CA SER F 725 -10.66 -15.27 -74.39
C SER F 725 -11.87 -14.87 -73.55
N GLY F 726 -13.05 -14.88 -74.15
CA GLY F 726 -14.29 -14.63 -73.45
C GLY F 726 -14.45 -13.20 -72.93
N LYS F 727 -13.76 -12.26 -73.56
CA LYS F 727 -13.87 -10.87 -73.16
C LYS F 727 -14.11 -9.97 -74.36
N VAL F 728 -15.11 -9.10 -74.24
CA VAL F 728 -15.47 -8.19 -75.31
C VAL F 728 -14.43 -7.08 -75.43
N PRO F 729 -13.79 -6.97 -76.61
CA PRO F 729 -12.76 -5.95 -76.79
C PRO F 729 -13.35 -4.54 -76.77
N MET F 730 -12.57 -3.59 -76.25
CA MET F 730 -13.00 -2.20 -76.20
C MET F 730 -13.22 -1.66 -77.60
N GLN F 731 -12.47 -2.19 -78.56
CA GLN F 731 -12.59 -1.79 -79.95
C GLN F 731 -14.00 -2.05 -80.48
N GLN F 732 -14.59 -3.15 -80.05
CA GLN F 732 -15.93 -3.52 -80.47
C GLN F 732 -16.99 -2.63 -79.83
N LEU F 733 -16.77 -2.30 -78.57
CA LEU F 733 -17.68 -1.43 -77.84
C LEU F 733 -17.71 -0.05 -78.48
N LEU F 734 -16.54 0.44 -78.86
CA LEU F 734 -16.42 1.74 -79.50
C LEU F 734 -16.96 1.73 -80.93
N LYS F 735 -16.88 0.59 -81.59
CA LYS F 735 -17.37 0.46 -82.95
C LYS F 735 -18.89 0.62 -83.01
N ASP F 736 -19.58 -0.10 -82.13
CA ASP F 736 -21.04 -0.04 -82.08
C ASP F 736 -21.54 1.33 -81.66
N LEU F 737 -20.78 1.97 -80.76
CA LEU F 737 -21.10 3.30 -80.29
C LEU F 737 -21.07 4.30 -81.43
N LEU F 738 -20.05 4.19 -82.27
CA LEU F 738 -19.90 5.08 -83.42
C LEU F 738 -20.90 4.75 -84.51
N THR F 739 -21.25 3.48 -84.61
CA THR F 739 -22.26 3.04 -85.57
C THR F 739 -23.61 3.67 -85.22
N ALA F 740 -23.93 3.70 -83.92
CA ALA F 740 -25.15 4.31 -83.46
C ALA F 740 -25.21 5.78 -83.85
N TYR F 741 -24.13 6.51 -83.59
CA TYR F 741 -24.07 7.92 -83.90
C TYR F 741 -24.18 8.16 -85.39
N LYS F 742 -23.55 7.30 -86.17
CA LYS F 742 -23.56 7.37 -87.62
C LYS F 742 -24.98 7.36 -88.21
N PHE F 743 -25.86 6.58 -87.58
CA PHE F 743 -27.23 6.43 -88.08
C PHE F 743 -28.24 7.29 -87.33
N GLY F 744 -27.76 8.27 -86.58
CA GLY F 744 -28.62 9.26 -85.96
C GLY F 744 -29.30 8.80 -84.69
N VAL F 745 -28.80 7.72 -84.11
CA VAL F 745 -29.32 7.22 -82.85
C VAL F 745 -29.08 8.26 -81.77
N LYS F 746 -30.15 8.67 -81.10
CA LYS F 746 -30.07 9.75 -80.12
C LYS F 746 -29.54 9.29 -78.78
N THR F 747 -29.99 8.13 -78.32
CA THR F 747 -29.62 7.63 -77.01
C THR F 747 -29.30 6.15 -77.00
N LEU F 748 -28.57 5.71 -75.98
CA LEU F 748 -28.29 4.31 -75.77
C LEU F 748 -28.70 3.92 -74.36
N TYR F 749 -29.55 2.90 -74.26
CA TYR F 749 -30.07 2.45 -72.98
C TYR F 749 -29.19 1.33 -72.42
N TYR F 750 -29.80 0.22 -72.02
CA TYR F 750 -29.08 -0.90 -71.42
C TYR F 750 -27.98 -1.46 -72.31
N GLN F 751 -26.91 -1.93 -71.70
CA GLN F 751 -26.01 -2.86 -72.37
C GLN F 751 -26.18 -4.21 -71.72
N ASN F 752 -26.69 -5.17 -72.47
CA ASN F 752 -26.90 -6.50 -71.91
C ASN F 752 -25.71 -7.39 -72.20
N THR F 753 -25.15 -7.96 -71.13
CA THR F 753 -24.06 -8.90 -71.26
C THR F 753 -24.55 -10.28 -70.83
N ARG F 754 -24.49 -11.23 -71.77
CA ARG F 754 -24.99 -12.57 -71.52
C ARG F 754 -24.21 -13.29 -70.43
N ASP F 755 -24.93 -14.07 -69.63
CA ASP F 755 -24.32 -14.91 -68.61
C ASP F 755 -24.14 -16.35 -69.09
N ASN G 23 -4.87 -26.73 2.56
CA ASN G 23 -4.37 -28.01 2.10
C ASN G 23 -4.04 -28.01 0.61
N LEU G 24 -3.73 -26.85 0.05
CA LEU G 24 -3.46 -26.77 -1.38
C LEU G 24 -2.14 -27.44 -1.70
N LEU G 25 -2.15 -28.21 -2.77
CA LEU G 25 -1.00 -29.00 -3.17
C LEU G 25 -0.42 -28.48 -4.47
N VAL G 26 0.86 -28.76 -4.70
CA VAL G 26 1.49 -28.46 -5.97
C VAL G 26 2.00 -29.76 -6.56
N THR G 27 2.17 -29.80 -7.88
CA THR G 27 2.69 -31.00 -8.52
C THR G 27 4.15 -30.81 -8.89
N LYS G 28 5.02 -31.62 -8.28
CA LYS G 28 6.45 -31.53 -8.53
C LYS G 28 6.81 -32.10 -9.89
N ARG G 29 8.08 -32.02 -10.25
CA ARG G 29 8.55 -32.49 -11.54
C ARG G 29 8.54 -34.01 -11.65
N ASP G 30 8.76 -34.68 -10.53
CA ASP G 30 8.81 -36.14 -10.51
C ASP G 30 7.41 -36.74 -10.59
N GLY G 31 6.40 -35.88 -10.51
CA GLY G 31 5.02 -36.29 -10.64
C GLY G 31 4.30 -36.40 -9.30
N SER G 32 5.05 -36.39 -8.22
CA SER G 32 4.46 -36.46 -6.88
C SER G 32 3.93 -35.10 -6.48
N THR G 33 3.22 -35.04 -5.36
CA THR G 33 2.65 -33.79 -4.89
C THR G 33 3.12 -33.47 -3.49
N GLU G 34 3.13 -32.20 -3.14
CA GLU G 34 3.47 -31.77 -1.79
C GLU G 34 2.72 -30.48 -1.43
N ARG G 35 2.66 -30.18 -0.13
CA ARG G 35 1.94 -29.02 0.35
C ARG G 35 2.57 -27.74 -0.21
N ILE G 36 1.74 -26.76 -0.53
CA ILE G 36 2.25 -25.52 -1.10
C ILE G 36 3.11 -24.81 -0.06
N ASN G 37 4.24 -24.28 -0.53
CA ASN G 37 5.18 -23.59 0.34
C ASN G 37 5.57 -22.24 -0.26
N LEU G 38 4.95 -21.17 0.23
CA LEU G 38 5.16 -19.85 -0.32
C LEU G 38 6.56 -19.31 -0.01
N ASP G 39 7.24 -19.91 0.96
CA ASP G 39 8.59 -19.51 1.31
C ASP G 39 9.60 -19.93 0.26
N LYS G 40 9.36 -21.09 -0.35
CA LYS G 40 10.23 -21.59 -1.40
C LYS G 40 10.18 -20.65 -2.60
N ILE G 41 8.99 -20.17 -2.93
CA ILE G 41 8.81 -19.19 -4.00
C ILE G 41 9.48 -17.88 -3.62
N HIS G 42 9.30 -17.47 -2.38
CA HIS G 42 9.89 -16.23 -1.90
C HIS G 42 11.41 -16.28 -1.94
N ARG G 43 11.97 -17.45 -1.63
CA ARG G 43 13.42 -17.59 -1.65
C ARG G 43 13.96 -17.46 -3.07
N VAL G 44 13.25 -18.04 -4.04
CA VAL G 44 13.66 -17.93 -5.44
C VAL G 44 13.56 -16.49 -5.93
N LEU G 45 12.48 -15.81 -5.53
CA LEU G 45 12.26 -14.43 -5.93
C LEU G 45 13.32 -13.51 -5.33
N ASP G 46 13.70 -13.79 -4.09
CA ASP G 46 14.71 -13.00 -3.40
C ASP G 46 16.08 -13.17 -4.07
N ALA G 47 16.36 -14.39 -4.50
CA ALA G 47 17.63 -14.70 -5.14
C ALA G 47 17.78 -13.98 -6.48
N ALA G 48 16.67 -13.80 -7.18
CA ALA G 48 16.67 -13.17 -8.50
C ALA G 48 16.68 -11.65 -8.39
N ALA G 49 16.35 -11.13 -7.21
CA ALA G 49 16.29 -9.70 -7.00
C ALA G 49 17.55 -9.15 -6.36
N GLU G 50 18.55 -10.00 -6.14
CA GLU G 50 19.77 -9.57 -5.47
C GLU G 50 20.53 -8.54 -6.30
N GLY G 51 20.70 -7.35 -5.73
CA GLY G 51 21.41 -6.27 -6.39
C GLY G 51 20.51 -5.41 -7.24
N LEU G 52 19.23 -5.74 -7.28
CA LEU G 52 18.25 -4.98 -8.07
C LEU G 52 17.57 -3.89 -7.25
N HIS G 53 17.01 -2.90 -7.96
CA HIS G 53 16.41 -1.76 -7.28
C HIS G 53 14.99 -1.39 -7.64
N ASN G 54 14.32 -0.87 -6.62
CA ASN G 54 12.94 -0.41 -6.73
C ASN G 54 12.02 -1.52 -7.21
N VAL G 55 12.37 -2.76 -6.89
CA VAL G 55 11.53 -3.91 -7.22
C VAL G 55 10.92 -4.49 -5.96
N SER G 56 9.73 -5.06 -6.12
CA SER G 56 8.96 -5.56 -4.99
C SER G 56 8.61 -7.02 -5.12
N ILE G 57 9.12 -7.83 -4.21
CA ILE G 57 8.79 -9.25 -4.15
C ILE G 57 7.30 -9.43 -3.86
N SER G 58 6.76 -8.55 -3.03
CA SER G 58 5.35 -8.59 -2.65
C SER G 58 4.44 -8.43 -3.86
N GLN G 59 4.76 -7.47 -4.73
CA GLN G 59 3.96 -7.22 -5.92
C GLN G 59 3.94 -8.44 -6.82
N VAL G 60 5.09 -9.08 -6.96
CA VAL G 60 5.20 -10.29 -7.77
C VAL G 60 4.39 -11.41 -7.15
N GLU G 61 4.48 -11.53 -5.82
CA GLU G 61 3.74 -12.55 -5.09
C GLU G 61 2.22 -12.38 -5.16
N LEU G 62 1.75 -11.15 -4.97
CA LEU G 62 0.30 -10.89 -4.99
C LEU G 62 -0.32 -11.23 -6.34
N ARG G 63 0.37 -10.84 -7.41
CA ARG G 63 -0.10 -11.07 -8.75
C ARG G 63 0.02 -12.54 -9.15
N SER G 64 0.85 -13.27 -8.42
CA SER G 64 1.11 -14.67 -8.74
C SER G 64 0.22 -15.63 -7.96
N HIS G 65 0.06 -15.36 -6.67
CA HIS G 65 -0.66 -16.28 -5.77
C HIS G 65 -2.10 -16.53 -6.21
N ILE G 66 -2.77 -15.48 -6.66
CA ILE G 66 -4.19 -15.56 -7.02
C ILE G 66 -4.45 -16.45 -8.22
N GLN G 67 -3.42 -16.74 -9.01
CA GLN G 67 -3.61 -17.55 -10.20
C GLN G 67 -3.32 -19.01 -9.88
N PHE G 68 -2.89 -19.28 -8.65
CA PHE G 68 -2.56 -20.65 -8.24
C PHE G 68 -3.82 -21.44 -7.94
N TYR G 69 -3.76 -22.75 -8.15
CA TYR G 69 -4.89 -23.61 -7.85
C TYR G 69 -4.38 -24.93 -7.33
N ASP G 70 -5.27 -25.74 -6.77
CA ASP G 70 -4.87 -26.99 -6.15
C ASP G 70 -4.30 -27.95 -7.18
N GLY G 71 -3.08 -28.42 -6.92
CA GLY G 71 -2.43 -29.38 -7.78
C GLY G 71 -1.72 -28.76 -8.97
N ILE G 72 -1.53 -27.44 -8.92
CA ILE G 72 -0.86 -26.74 -10.00
C ILE G 72 0.58 -27.23 -10.14
N LYS G 73 1.01 -27.43 -11.38
CA LYS G 73 2.36 -27.89 -11.64
C LYS G 73 3.38 -26.82 -11.21
N THR G 74 4.51 -27.29 -10.70
CA THR G 74 5.54 -26.42 -10.18
C THR G 74 6.19 -25.58 -11.28
N SER G 75 6.15 -26.08 -12.51
CA SER G 75 6.72 -25.37 -13.65
C SER G 75 5.79 -24.23 -14.07
N ASP G 76 4.50 -24.41 -13.87
CA ASP G 76 3.52 -23.37 -14.15
C ASP G 76 3.61 -22.26 -13.12
N ILE G 77 4.03 -22.60 -11.91
CA ILE G 77 4.25 -21.62 -10.86
C ILE G 77 5.40 -20.71 -11.27
N HIS G 78 6.45 -21.32 -11.81
CA HIS G 78 7.63 -20.59 -12.24
C HIS G 78 7.31 -19.68 -13.43
N GLU G 79 6.52 -20.19 -14.36
CA GLU G 79 6.11 -19.42 -15.53
C GLU G 79 5.18 -18.27 -15.12
N THR G 80 4.47 -18.46 -14.01
CA THR G 80 3.56 -17.46 -13.50
C THR G 80 4.30 -16.27 -12.90
N ILE G 81 5.34 -16.54 -12.12
CA ILE G 81 6.10 -15.47 -11.48
C ILE G 81 7.01 -14.75 -12.47
N ILE G 82 7.39 -15.43 -13.55
CA ILE G 82 8.14 -14.80 -14.62
C ILE G 82 7.26 -13.75 -15.30
N LYS G 83 6.03 -14.15 -15.62
CA LYS G 83 5.05 -13.21 -16.18
C LYS G 83 4.71 -12.07 -15.23
N ALA G 84 4.63 -12.37 -13.94
CA ALA G 84 4.29 -11.36 -12.95
C ALA G 84 5.35 -10.27 -12.90
N ALA G 85 6.61 -10.68 -12.95
CA ALA G 85 7.71 -9.72 -12.93
C ALA G 85 7.81 -8.95 -14.24
N ALA G 86 7.53 -9.63 -15.35
CA ALA G 86 7.66 -9.02 -16.67
C ALA G 86 6.57 -7.98 -16.93
N ASP G 87 5.41 -8.17 -16.31
CA ASP G 87 4.31 -7.24 -16.48
C ASP G 87 4.52 -5.97 -15.65
N LEU G 88 5.47 -6.02 -14.72
CA LEU G 88 5.76 -4.89 -13.87
C LEU G 88 6.92 -4.03 -14.38
N ILE G 89 7.46 -4.40 -15.54
CA ILE G 89 8.53 -3.63 -16.18
C ILE G 89 8.01 -2.26 -16.62
N SER G 90 8.61 -1.20 -16.10
CA SER G 90 8.14 0.15 -16.39
C SER G 90 9.25 1.19 -16.29
N ARG G 91 8.88 2.46 -16.48
CA ARG G 91 9.82 3.57 -16.34
C ARG G 91 10.21 3.75 -14.89
N ASP G 92 9.24 3.49 -14.01
CA ASP G 92 9.39 3.64 -12.57
C ASP G 92 10.30 2.58 -11.98
N ALA G 93 10.16 1.37 -12.48
CA ALA G 93 10.95 0.25 -12.00
C ALA G 93 11.48 -0.58 -13.17
N PRO G 94 12.52 -0.06 -13.84
CA PRO G 94 13.10 -0.76 -14.99
C PRO G 94 13.80 -2.04 -14.57
N ASP G 95 14.18 -2.15 -13.30
CA ASP G 95 14.93 -3.31 -12.84
C ASP G 95 14.10 -4.59 -12.79
N TYR G 96 12.81 -4.49 -13.09
CA TYR G 96 11.98 -5.67 -13.21
C TYR G 96 12.37 -6.49 -14.45
N GLN G 97 13.07 -5.83 -15.38
CA GLN G 97 13.51 -6.50 -16.60
C GLN G 97 14.60 -7.52 -16.29
N TYR G 98 15.33 -7.28 -15.21
CA TYR G 98 16.36 -8.20 -14.76
C TYR G 98 15.80 -9.22 -13.78
N LEU G 99 14.78 -8.82 -13.05
CA LEU G 99 14.09 -9.76 -12.16
C LEU G 99 13.41 -10.84 -12.99
N ALA G 100 12.71 -10.43 -14.05
CA ALA G 100 12.04 -11.36 -14.93
C ALA G 100 13.03 -12.25 -15.68
N ALA G 101 14.15 -11.66 -16.09
CA ALA G 101 15.16 -12.39 -16.85
C ALA G 101 15.80 -13.50 -16.04
N ARG G 102 16.20 -13.17 -14.81
CA ARG G 102 16.85 -14.12 -13.93
C ARG G 102 15.92 -15.27 -13.55
N LEU G 103 14.65 -14.96 -13.35
CA LEU G 103 13.66 -15.99 -13.08
C LEU G 103 13.53 -16.96 -14.25
N ALA G 104 13.64 -16.42 -15.46
CA ALA G 104 13.59 -17.25 -16.67
C ALA G 104 14.86 -18.08 -16.82
N ILE G 105 16.00 -17.50 -16.44
CA ILE G 105 17.27 -18.23 -16.44
C ILE G 105 17.20 -19.42 -15.49
N PHE G 106 16.64 -19.19 -14.31
CA PHE G 106 16.49 -20.24 -13.31
C PHE G 106 15.72 -21.44 -13.86
N HIS G 107 14.60 -21.15 -14.52
CA HIS G 107 13.78 -22.21 -15.07
C HIS G 107 14.49 -22.91 -16.23
N LEU G 108 15.19 -22.12 -17.05
CA LEU G 108 15.94 -22.67 -18.18
C LEU G 108 17.07 -23.58 -17.72
N ARG G 109 17.66 -23.28 -16.58
CA ARG G 109 18.68 -24.12 -15.98
C ARG G 109 18.08 -25.48 -15.65
N LYS G 110 16.92 -25.46 -15.01
CA LYS G 110 16.20 -26.67 -14.67
C LYS G 110 15.78 -27.46 -15.90
N LYS G 111 15.34 -26.74 -16.93
CA LYS G 111 14.92 -27.36 -18.18
C LYS G 111 16.08 -28.05 -18.88
N ALA G 112 17.27 -27.47 -18.76
CA ALA G 112 18.43 -27.97 -19.49
C ALA G 112 19.22 -29.03 -18.73
N TYR G 113 19.33 -28.88 -17.43
CA TYR G 113 20.21 -29.72 -16.63
C TYR G 113 19.50 -30.49 -15.54
N GLY G 114 18.29 -30.09 -15.19
CA GLY G 114 17.56 -30.70 -14.10
C GLY G 114 17.99 -30.11 -12.78
N GLN G 115 18.90 -29.14 -12.85
CA GLN G 115 19.41 -28.46 -11.67
C GLN G 115 19.93 -27.08 -12.05
N PHE G 116 20.24 -26.26 -11.05
CA PHE G 116 20.70 -24.90 -11.30
C PHE G 116 22.13 -24.89 -11.81
N GLU G 117 23.00 -25.63 -11.13
CA GLU G 117 24.42 -25.62 -11.46
C GLU G 117 24.66 -26.41 -12.74
N PRO G 118 25.24 -25.75 -13.75
CA PRO G 118 25.58 -26.41 -15.01
C PRO G 118 26.66 -27.45 -14.81
N PRO G 119 26.65 -28.52 -15.62
CA PRO G 119 27.65 -29.58 -15.52
C PRO G 119 29.03 -29.11 -15.98
N ALA G 120 30.01 -30.00 -15.90
CA ALA G 120 31.32 -29.70 -16.45
C ALA G 120 31.19 -29.55 -17.97
N LEU G 121 31.94 -28.61 -18.53
CA LEU G 121 31.86 -28.32 -19.96
C LEU G 121 32.13 -29.56 -20.78
N TYR G 122 33.14 -30.34 -20.40
CA TYR G 122 33.50 -31.55 -21.13
C TYR G 122 32.38 -32.57 -21.08
N ASP G 123 31.80 -32.76 -19.90
CA ASP G 123 30.70 -33.71 -19.74
C ASP G 123 29.51 -33.32 -20.59
N HIS G 124 29.25 -32.01 -20.65
CA HIS G 124 28.15 -31.48 -21.44
C HIS G 124 28.35 -31.76 -22.93
N VAL G 125 29.54 -31.44 -23.43
CA VAL G 125 29.87 -31.60 -24.83
C VAL G 125 29.78 -33.06 -25.29
N VAL G 126 30.36 -33.95 -24.49
CA VAL G 126 30.36 -35.37 -24.81
C VAL G 126 28.93 -35.88 -24.99
N LYS G 127 28.04 -35.52 -24.07
CA LYS G 127 26.65 -35.94 -24.14
C LYS G 127 25.93 -35.37 -25.35
N MET G 128 26.17 -34.10 -25.64
CA MET G 128 25.49 -33.41 -26.73
C MET G 128 25.96 -33.88 -28.10
N VAL G 129 27.23 -34.25 -28.20
CA VAL G 129 27.74 -34.82 -29.43
C VAL G 129 27.14 -36.20 -29.68
N GLU G 130 26.99 -37.00 -28.62
CA GLU G 130 26.38 -38.32 -28.76
C GLU G 130 24.94 -38.24 -29.21
N MET G 131 24.25 -37.21 -28.74
CA MET G 131 22.85 -37.01 -29.12
C MET G 131 22.75 -36.35 -30.49
N GLY G 132 23.88 -35.90 -31.03
CA GLY G 132 23.92 -35.31 -32.34
C GLY G 132 23.47 -33.85 -32.35
N LYS G 133 23.57 -33.21 -31.20
CA LYS G 133 23.17 -31.81 -31.06
C LYS G 133 24.36 -30.87 -31.26
N TYR G 134 25.56 -31.35 -31.00
CA TYR G 134 26.78 -30.60 -31.27
C TYR G 134 27.57 -31.29 -32.36
N ASP G 135 28.40 -30.52 -33.07
CA ASP G 135 29.21 -31.07 -34.14
C ASP G 135 30.31 -32.00 -33.58
N ASN G 136 30.60 -33.07 -34.30
CA ASN G 136 31.59 -34.06 -33.87
C ASN G 136 32.98 -33.47 -33.68
N HIS G 137 33.28 -32.43 -34.44
CA HIS G 137 34.63 -31.88 -34.50
C HIS G 137 35.15 -31.39 -33.15
N LEU G 138 34.25 -31.05 -32.24
CA LEU G 138 34.65 -30.54 -30.93
C LEU G 138 35.50 -31.55 -30.16
N LEU G 139 35.11 -32.82 -30.22
CA LEU G 139 35.84 -33.86 -29.52
C LEU G 139 37.08 -34.27 -30.30
N GLU G 140 37.16 -33.84 -31.55
CA GLU G 140 38.31 -34.15 -32.39
C GLU G 140 39.36 -33.04 -32.32
N ASP G 141 38.89 -31.80 -32.14
CA ASP G 141 39.78 -30.65 -32.19
C ASP G 141 40.28 -30.21 -30.81
N TYR G 142 39.55 -30.57 -29.76
CA TYR G 142 39.95 -30.22 -28.41
C TYR G 142 40.03 -31.44 -27.52
N THR G 143 41.04 -31.50 -26.68
CA THR G 143 41.19 -32.58 -25.72
C THR G 143 40.38 -32.29 -24.47
N GLU G 144 40.22 -33.29 -23.62
CA GLU G 144 39.48 -33.12 -22.38
C GLU G 144 40.11 -32.07 -21.49
N GLU G 145 41.45 -32.03 -21.48
CA GLU G 145 42.18 -31.07 -20.68
C GLU G 145 41.91 -29.65 -21.14
N GLU G 146 41.74 -29.47 -22.46
CA GLU G 146 41.48 -28.16 -23.03
C GLU G 146 40.05 -27.71 -22.74
N PHE G 147 39.14 -28.66 -22.62
CA PHE G 147 37.77 -28.33 -22.27
C PHE G 147 37.70 -27.92 -20.81
N LYS G 148 38.49 -28.59 -19.98
CA LYS G 148 38.58 -28.26 -18.57
C LYS G 148 39.20 -26.88 -18.39
N GLN G 149 40.09 -26.54 -19.31
CA GLN G 149 40.73 -25.23 -19.28
C GLN G 149 39.77 -24.15 -19.76
N MET G 150 38.94 -24.50 -20.75
CA MET G 150 37.92 -23.58 -21.26
C MET G 150 36.78 -23.40 -20.26
N ASP G 151 36.55 -24.42 -19.43
CA ASP G 151 35.51 -24.35 -18.42
C ASP G 151 35.87 -23.30 -17.36
N THR G 152 37.16 -23.06 -17.17
CA THR G 152 37.63 -22.06 -16.22
C THR G 152 37.48 -20.66 -16.79
N PHE G 153 37.32 -20.56 -18.12
CA PHE G 153 37.06 -19.28 -18.75
C PHE G 153 35.64 -18.85 -18.46
N ILE G 154 34.76 -19.85 -18.36
CA ILE G 154 33.33 -19.63 -18.25
C ILE G 154 32.94 -19.01 -16.91
N ASP G 155 32.13 -17.95 -16.99
CA ASP G 155 31.50 -17.39 -15.80
C ASP G 155 29.99 -17.50 -15.97
N HIS G 156 29.40 -18.54 -15.38
CA HIS G 156 27.97 -18.78 -15.52
C HIS G 156 27.12 -17.69 -14.89
N ASP G 157 27.72 -16.90 -13.99
CA ASP G 157 27.00 -15.83 -13.32
C ASP G 157 26.70 -14.66 -14.24
N ARG G 158 27.21 -14.70 -15.46
CA ARG G 158 26.92 -13.68 -16.45
C ARG G 158 25.53 -13.82 -17.02
N ASP G 159 24.89 -14.96 -16.74
CA ASP G 159 23.51 -15.17 -17.15
C ASP G 159 22.56 -14.25 -16.41
N MET G 160 23.05 -13.67 -15.31
CA MET G 160 22.24 -12.79 -14.48
C MET G 160 22.35 -11.36 -14.96
N THR G 161 23.05 -11.16 -16.07
CA THR G 161 23.23 -9.83 -16.64
C THR G 161 22.33 -9.61 -17.84
N PHE G 162 21.65 -10.67 -18.29
CA PHE G 162 20.70 -10.55 -19.38
C PHE G 162 19.45 -9.83 -18.90
N SER G 163 18.84 -9.04 -19.77
CA SER G 163 17.52 -8.50 -19.48
C SER G 163 16.47 -9.46 -20.04
N TYR G 164 15.21 -9.19 -19.74
CA TYR G 164 14.15 -10.13 -20.06
C TYR G 164 13.96 -10.37 -21.55
N ALA G 165 14.04 -9.32 -22.36
CA ALA G 165 13.91 -9.47 -23.80
C ALA G 165 15.01 -10.34 -24.37
N ALA G 166 16.20 -10.24 -23.78
CA ALA G 166 17.35 -11.05 -24.18
C ALA G 166 17.09 -12.53 -23.94
N VAL G 167 16.54 -12.86 -22.79
CA VAL G 167 16.31 -14.26 -22.41
C VAL G 167 15.22 -14.90 -23.24
N LYS G 168 14.23 -14.11 -23.63
CA LYS G 168 13.14 -14.62 -24.46
C LYS G 168 13.67 -14.99 -25.83
N GLN G 169 14.65 -14.23 -26.31
CA GLN G 169 15.30 -14.53 -27.58
C GLN G 169 16.22 -15.74 -27.46
N LEU G 170 16.83 -15.88 -26.29
CA LEU G 170 17.70 -17.02 -26.02
C LEU G 170 16.92 -18.33 -26.05
N GLU G 171 15.82 -18.40 -25.30
CA GLU G 171 15.05 -19.62 -25.25
C GLU G 171 14.18 -19.81 -26.49
N GLY G 172 13.79 -18.72 -27.11
CA GLY G 172 12.94 -18.77 -28.29
C GLY G 172 13.68 -19.12 -29.56
N LYS G 173 14.89 -18.58 -29.71
CA LYS G 173 15.60 -18.71 -30.97
C LYS G 173 16.99 -19.33 -30.84
N TYR G 174 17.77 -18.86 -29.87
CA TYR G 174 19.21 -19.09 -29.88
C TYR G 174 19.69 -20.38 -29.20
N LEU G 175 19.18 -20.68 -28.01
CA LEU G 175 19.60 -21.88 -27.30
C LEU G 175 19.27 -23.15 -28.06
N VAL G 176 20.21 -24.08 -28.10
CA VAL G 176 20.02 -25.35 -28.80
C VAL G 176 18.86 -26.13 -28.18
N GLN G 177 17.92 -26.52 -29.02
CA GLN G 177 16.69 -27.13 -28.54
C GLN G 177 16.03 -28.00 -29.59
N ASN G 178 15.07 -28.82 -29.17
CA ASN G 178 14.26 -29.61 -30.06
C ASN G 178 13.06 -28.81 -30.52
N ARG G 179 12.92 -28.60 -31.83
CA ARG G 179 11.88 -27.73 -32.35
C ARG G 179 10.51 -28.41 -32.38
N VAL G 180 10.48 -29.71 -32.12
CA VAL G 180 9.23 -30.47 -32.04
C VAL G 180 8.86 -30.75 -30.59
N THR G 181 9.87 -31.13 -29.81
CA THR G 181 9.66 -31.49 -28.41
C THR G 181 9.57 -30.23 -27.55
N GLY G 182 10.46 -29.29 -27.80
CA GLY G 182 10.50 -28.06 -27.03
C GLY G 182 11.56 -28.12 -25.96
N GLU G 183 12.31 -29.22 -25.94
CA GLU G 183 13.32 -29.45 -24.92
C GLU G 183 14.56 -28.58 -25.10
N ILE G 184 14.93 -27.87 -24.04
CA ILE G 184 16.14 -27.05 -24.02
C ILE G 184 17.33 -27.91 -23.61
N TYR G 185 18.47 -27.73 -24.28
CA TYR G 185 19.62 -28.58 -24.04
C TYR G 185 20.81 -27.87 -23.42
N GLU G 186 20.81 -26.55 -23.45
CA GLU G 186 22.00 -25.82 -22.98
C GLU G 186 21.66 -24.49 -22.32
N SER G 187 22.71 -23.82 -21.83
CA SER G 187 22.57 -22.47 -21.28
C SER G 187 23.47 -21.48 -22.02
N ALA G 188 23.30 -20.20 -21.70
CA ALA G 188 23.89 -19.12 -22.49
C ALA G 188 25.41 -19.12 -22.54
N GLN G 189 26.06 -19.42 -21.43
CA GLN G 189 27.52 -19.37 -21.38
C GLN G 189 28.14 -20.55 -22.13
N PHE G 190 27.40 -21.65 -22.22
CA PHE G 190 27.83 -22.77 -23.05
C PHE G 190 27.73 -22.42 -24.52
N LEU G 191 26.71 -21.62 -24.86
CA LEU G 191 26.55 -21.10 -26.21
C LEU G 191 27.76 -20.27 -26.61
N TYR G 192 28.09 -19.30 -25.76
CA TYR G 192 29.17 -18.35 -26.02
C TYR G 192 30.55 -19.01 -26.14
N ILE G 193 30.86 -19.89 -25.21
CA ILE G 193 32.19 -20.49 -25.14
C ILE G 193 32.43 -21.43 -26.32
N LEU G 194 31.36 -22.04 -26.82
CA LEU G 194 31.48 -22.99 -27.91
C LEU G 194 31.45 -22.30 -29.27
N VAL G 195 30.81 -21.14 -29.34
CA VAL G 195 30.92 -20.30 -30.52
C VAL G 195 32.38 -19.91 -30.69
N ALA G 196 33.00 -19.47 -29.60
CA ALA G 196 34.41 -19.11 -29.61
C ALA G 196 35.30 -20.34 -29.88
N ALA G 197 34.94 -21.46 -29.27
CA ALA G 197 35.71 -22.68 -29.43
C ALA G 197 35.68 -23.19 -30.86
N CYS G 198 34.51 -23.11 -31.50
CA CYS G 198 34.36 -23.61 -32.86
C CYS G 198 35.03 -22.71 -33.90
N LEU G 199 34.87 -21.40 -33.73
CA LEU G 199 35.37 -20.45 -34.72
C LEU G 199 36.89 -20.36 -34.73
N PHE G 200 37.52 -20.65 -33.59
CA PHE G 200 38.98 -20.60 -33.51
C PHE G 200 39.58 -21.99 -33.43
N SER G 201 38.80 -22.99 -33.83
CA SER G 201 39.21 -24.39 -33.72
C SER G 201 40.36 -24.78 -34.65
N ASN G 202 40.57 -24.02 -35.71
CA ASN G 202 41.65 -24.30 -36.66
C ASN G 202 42.91 -23.52 -36.36
N TYR G 203 42.88 -22.76 -35.27
CA TYR G 203 44.03 -21.96 -34.86
C TYR G 203 45.11 -22.84 -34.25
N PRO G 204 46.38 -22.43 -34.39
CA PRO G 204 47.49 -23.15 -33.77
C PRO G 204 47.33 -23.22 -32.27
N ARG G 205 47.69 -24.35 -31.67
CA ARG G 205 47.56 -24.53 -30.23
C ARG G 205 48.33 -23.50 -29.41
N GLU G 206 49.30 -22.86 -30.05
CA GLU G 206 50.09 -21.83 -29.42
C GLU G 206 49.24 -20.62 -29.00
N THR G 207 48.24 -20.26 -29.81
CA THR G 207 47.43 -19.07 -29.53
C THR G 207 45.93 -19.34 -29.45
N ARG G 208 45.52 -20.57 -29.72
CA ARG G 208 44.11 -20.91 -29.86
C ARG G 208 43.26 -20.55 -28.64
N LEU G 209 43.63 -21.09 -27.47
CA LEU G 209 42.85 -20.88 -26.25
C LEU G 209 42.91 -19.43 -25.79
N GLN G 210 43.96 -18.71 -26.19
CA GLN G 210 44.08 -17.30 -25.87
C GLN G 210 43.03 -16.50 -26.63
N TYR G 211 42.79 -16.89 -27.87
CA TYR G 211 41.77 -16.25 -28.69
C TYR G 211 40.37 -16.65 -28.23
N VAL G 212 40.22 -17.90 -27.83
CA VAL G 212 38.93 -18.42 -27.39
C VAL G 212 38.46 -17.67 -26.16
N LYS G 213 39.36 -17.44 -25.20
CA LYS G 213 39.01 -16.72 -23.99
C LYS G 213 38.70 -15.27 -24.27
N ARG G 214 39.54 -14.60 -25.05
CA ARG G 214 39.33 -13.20 -25.38
C ARG G 214 38.01 -12.99 -26.11
N PHE G 215 37.70 -13.89 -27.03
CA PHE G 215 36.49 -13.75 -27.82
C PHE G 215 35.26 -14.06 -26.97
N TYR G 216 35.38 -15.06 -26.10
CA TYR G 216 34.30 -15.39 -25.18
C TYR G 216 33.98 -14.21 -24.27
N ASP G 217 35.01 -13.56 -23.73
CA ASP G 217 34.83 -12.42 -22.86
C ASP G 217 34.17 -11.26 -23.60
N ALA G 218 34.57 -11.07 -24.85
CA ALA G 218 34.05 -9.96 -25.65
C ALA G 218 32.56 -10.11 -25.93
N VAL G 219 32.11 -11.32 -26.17
CA VAL G 219 30.70 -11.54 -26.55
C VAL G 219 29.79 -11.78 -25.35
N SER G 220 30.32 -12.39 -24.29
CA SER G 220 29.50 -12.67 -23.11
C SER G 220 29.37 -11.44 -22.22
N THR G 221 30.24 -10.45 -22.45
CA THR G 221 30.14 -9.18 -21.74
C THR G 221 29.62 -8.10 -22.68
N PHE G 222 29.12 -8.54 -23.84
CA PHE G 222 28.32 -7.72 -24.76
C PHE G 222 29.10 -6.63 -25.48
N LYS G 223 30.40 -6.82 -25.65
CA LYS G 223 31.21 -5.88 -26.41
C LYS G 223 31.04 -6.08 -27.91
N ILE G 224 30.90 -7.35 -28.30
CA ILE G 224 30.64 -7.72 -29.67
C ILE G 224 29.30 -8.41 -29.76
N SER G 225 28.50 -8.04 -30.74
CA SER G 225 27.18 -8.63 -30.92
C SER G 225 27.16 -9.62 -32.08
N LEU G 226 26.65 -10.82 -31.83
CA LEU G 226 26.58 -11.85 -32.85
C LEU G 226 25.17 -11.96 -33.43
N PRO G 227 25.08 -12.22 -34.75
CA PRO G 227 23.79 -12.33 -35.43
C PRO G 227 23.09 -13.65 -35.12
N THR G 228 21.83 -13.74 -35.52
CA THR G 228 20.98 -14.88 -35.22
C THR G 228 21.51 -16.24 -35.70
N PRO G 229 21.95 -16.34 -36.99
CA PRO G 229 22.37 -17.68 -37.39
C PRO G 229 23.66 -18.16 -36.73
N ILE G 230 24.46 -17.23 -36.22
CA ILE G 230 25.66 -17.59 -35.48
C ILE G 230 25.31 -18.01 -34.05
N MET G 231 24.47 -17.21 -33.40
CA MET G 231 24.03 -17.49 -32.04
C MET G 231 23.35 -18.85 -31.92
N SER G 232 22.55 -19.20 -32.92
CA SER G 232 21.78 -20.43 -32.86
C SER G 232 22.43 -21.60 -33.59
N GLY G 233 23.47 -21.30 -34.36
CA GLY G 233 24.04 -22.29 -35.25
C GLY G 233 25.43 -22.79 -34.91
N VAL G 234 26.32 -21.87 -34.57
CA VAL G 234 27.74 -22.21 -34.41
C VAL G 234 27.98 -23.07 -33.17
N ARG G 235 27.96 -24.39 -33.41
CA ARG G 235 28.29 -25.48 -32.47
C ARG G 235 27.50 -26.71 -32.88
N THR G 236 26.48 -26.47 -33.70
CA THR G 236 25.59 -27.53 -34.19
C THR G 236 26.16 -28.17 -35.46
N PRO G 237 25.70 -29.39 -35.79
CA PRO G 237 26.19 -30.09 -36.98
C PRO G 237 25.88 -29.40 -38.31
N THR G 238 24.88 -28.51 -38.34
CA THR G 238 24.54 -27.78 -39.55
C THR G 238 25.37 -26.50 -39.62
N ARG G 239 26.36 -26.48 -40.51
CA ARG G 239 27.25 -25.34 -40.60
C ARG G 239 26.84 -24.36 -41.69
N GLN G 240 26.04 -23.38 -41.31
CA GLN G 240 25.67 -22.29 -42.18
C GLN G 240 25.32 -21.10 -41.30
N PHE G 241 26.15 -20.07 -41.34
CA PHE G 241 26.03 -18.97 -40.37
C PHE G 241 26.03 -17.61 -41.04
N SER G 242 26.06 -17.59 -42.36
CA SER G 242 25.91 -16.36 -43.11
C SER G 242 24.45 -15.96 -43.12
N SER G 243 24.18 -14.69 -42.82
CA SER G 243 22.82 -14.19 -42.69
C SER G 243 22.21 -13.80 -44.02
N CYS G 244 23.08 -13.39 -44.94
CA CYS G 244 22.63 -12.79 -46.19
C CYS G 244 23.08 -13.59 -47.39
N VAL G 245 22.13 -13.90 -48.27
CA VAL G 245 22.42 -14.60 -49.51
C VAL G 245 21.91 -13.80 -50.70
N LEU G 246 22.81 -13.47 -51.62
CA LEU G 246 22.46 -12.66 -52.77
C LEU G 246 22.56 -13.48 -54.06
N ILE G 247 21.42 -13.71 -54.69
CA ILE G 247 21.36 -14.53 -55.89
C ILE G 247 20.88 -13.70 -57.08
N GLU G 248 21.67 -13.69 -58.14
CA GLU G 248 21.29 -13.01 -59.37
C GLU G 248 20.69 -14.01 -60.36
N CYS G 249 19.50 -13.71 -60.85
CA CYS G 249 18.82 -14.60 -61.77
C CYS G 249 18.98 -14.11 -63.21
N GLY G 250 19.31 -15.03 -64.10
CA GLY G 250 19.48 -14.72 -65.51
C GLY G 250 18.19 -14.90 -66.28
N ASP G 251 18.18 -14.42 -67.53
CA ASP G 251 16.99 -14.48 -68.37
C ASP G 251 16.88 -15.83 -69.08
N SER G 252 16.76 -16.89 -68.30
CA SER G 252 16.63 -18.23 -68.84
C SER G 252 15.96 -19.15 -67.83
N LEU G 253 15.33 -20.22 -68.31
CA LEU G 253 14.69 -21.17 -67.41
C LEU G 253 15.69 -21.91 -66.54
N ASP G 254 16.85 -22.23 -67.10
CA ASP G 254 17.89 -22.90 -66.33
C ASP G 254 18.33 -22.06 -65.14
N SER G 255 18.41 -20.75 -65.35
CA SER G 255 18.83 -19.85 -64.28
C SER G 255 17.74 -19.63 -63.24
N ILE G 256 16.49 -19.54 -63.71
CA ILE G 256 15.35 -19.37 -62.82
C ILE G 256 15.22 -20.58 -61.90
N ASN G 257 15.43 -21.76 -62.46
CA ASN G 257 15.40 -23.01 -61.70
C ASN G 257 16.54 -23.09 -60.69
N ALA G 258 17.74 -22.69 -61.11
CA ALA G 258 18.90 -22.69 -60.24
C ALA G 258 18.69 -21.73 -59.09
N THR G 259 18.16 -20.55 -59.41
CA THR G 259 17.87 -19.54 -58.41
C THR G 259 16.85 -20.05 -57.40
N SER G 260 15.80 -20.67 -57.90
CA SER G 260 14.76 -21.23 -57.05
C SER G 260 15.30 -22.32 -56.13
N SER G 261 16.20 -23.15 -56.66
CA SER G 261 16.80 -24.22 -55.87
C SER G 261 17.73 -23.66 -54.78
N ALA G 262 18.49 -22.64 -55.14
CA ALA G 262 19.43 -22.02 -54.21
C ALA G 262 18.70 -21.28 -53.09
N ILE G 263 17.54 -20.72 -53.40
CA ILE G 263 16.73 -20.04 -52.40
C ILE G 263 16.25 -21.02 -51.33
N VAL G 264 15.63 -22.10 -51.76
CA VAL G 264 15.10 -23.11 -50.85
C VAL G 264 16.19 -23.65 -49.94
N LYS G 265 17.35 -23.92 -50.52
CA LYS G 265 18.47 -24.47 -49.77
C LYS G 265 19.00 -23.54 -48.70
N TYR G 266 19.13 -22.26 -49.02
CA TYR G 266 19.75 -21.34 -48.08
C TYR G 266 18.77 -20.77 -47.06
N VAL G 267 17.49 -20.69 -47.42
CA VAL G 267 16.47 -20.30 -46.44
C VAL G 267 16.41 -21.34 -45.33
N SER G 268 16.40 -22.61 -45.70
CA SER G 268 16.34 -23.70 -44.73
C SER G 268 17.59 -23.75 -43.85
N GLN G 269 18.67 -23.13 -44.31
CA GLN G 269 19.89 -23.10 -43.53
C GLN G 269 20.21 -21.68 -43.04
N ARG G 270 19.20 -21.04 -42.47
CA ARG G 270 19.32 -19.84 -41.64
C ARG G 270 19.59 -18.52 -42.37
N ALA G 271 19.43 -18.49 -43.68
CA ALA G 271 19.81 -17.29 -44.43
C ALA G 271 18.63 -16.49 -44.97
N GLY G 272 18.81 -15.17 -45.03
CA GLY G 272 17.86 -14.28 -45.67
C GLY G 272 18.30 -14.02 -47.10
N ILE G 273 17.33 -13.80 -47.99
CA ILE G 273 17.65 -13.78 -49.42
C ILE G 273 17.44 -12.42 -50.09
N GLY G 274 18.39 -12.04 -50.92
CA GLY G 274 18.23 -10.92 -51.82
C GLY G 274 18.23 -11.45 -53.24
N ILE G 275 17.16 -11.18 -53.98
CA ILE G 275 17.04 -11.71 -55.33
C ILE G 275 17.06 -10.62 -56.40
N ASN G 276 17.95 -10.77 -57.37
CA ASN G 276 17.94 -9.87 -58.52
C ASN G 276 17.27 -10.57 -59.70
N ALA G 277 16.07 -10.11 -60.05
CA ALA G 277 15.34 -10.72 -61.15
C ALA G 277 15.08 -9.70 -62.25
N GLY G 278 15.93 -8.68 -62.32
CA GLY G 278 15.75 -7.61 -63.27
C GLY G 278 16.10 -7.99 -64.70
N ARG G 279 16.89 -9.03 -64.88
CA ARG G 279 17.29 -9.45 -66.22
C ARG G 279 16.16 -10.13 -66.97
N ILE G 280 15.15 -10.61 -66.25
CA ILE G 280 14.05 -11.32 -66.87
C ILE G 280 13.27 -10.41 -67.83
N ARG G 281 13.14 -10.86 -69.08
CA ARG G 281 12.52 -10.05 -70.12
C ARG G 281 11.05 -9.84 -69.81
N ALA G 282 10.47 -8.82 -70.43
CA ALA G 282 9.11 -8.41 -70.09
C ALA G 282 8.06 -9.29 -70.77
N LEU G 283 6.86 -9.22 -70.22
CA LEU G 283 5.67 -9.86 -70.78
C LEU G 283 5.47 -9.49 -72.24
N GLY G 284 5.27 -10.50 -73.08
CA GLY G 284 4.97 -10.26 -74.47
C GLY G 284 6.17 -10.38 -75.38
N SER G 285 7.33 -10.58 -74.77
CA SER G 285 8.57 -10.73 -75.50
C SER G 285 8.61 -12.04 -76.25
N PRO G 286 9.23 -12.05 -77.43
CA PRO G 286 9.36 -13.31 -78.17
C PRO G 286 10.34 -14.27 -77.49
N ILE G 287 10.05 -15.55 -77.56
CA ILE G 287 10.93 -16.58 -77.05
C ILE G 287 11.30 -17.50 -78.20
N ARG G 288 12.60 -17.74 -78.38
CA ARG G 288 13.10 -18.55 -79.49
C ARG G 288 12.55 -18.09 -80.85
N GLY G 289 12.58 -16.78 -81.06
CA GLY G 289 12.16 -16.20 -82.32
C GLY G 289 10.67 -16.10 -82.52
N GLY G 290 9.91 -16.38 -81.47
CA GLY G 290 8.46 -16.30 -81.54
C GLY G 290 7.79 -17.65 -81.41
N GLU G 291 8.55 -18.66 -81.00
CA GLU G 291 7.98 -19.97 -80.73
C GLU G 291 7.09 -19.92 -79.50
N ALA G 292 7.33 -18.93 -78.65
CA ALA G 292 6.53 -18.76 -77.45
C ALA G 292 6.33 -17.29 -77.13
N PHE G 293 5.25 -17.00 -76.42
CA PHE G 293 4.92 -15.68 -75.94
C PHE G 293 5.31 -15.60 -74.46
N HIS G 294 6.21 -14.70 -74.11
CA HIS G 294 6.67 -14.60 -72.73
C HIS G 294 5.55 -14.14 -71.81
N THR G 295 5.27 -14.93 -70.79
CA THR G 295 4.11 -14.72 -69.94
C THR G 295 4.35 -13.77 -68.77
N GLY G 296 5.53 -13.16 -68.72
CA GLY G 296 5.82 -12.12 -67.76
C GLY G 296 6.73 -12.50 -66.62
N CYS G 297 7.12 -11.52 -65.83
CA CYS G 297 7.99 -11.73 -64.68
C CYS G 297 7.21 -12.25 -63.49
N ILE G 298 5.98 -11.74 -63.35
CA ILE G 298 5.15 -12.03 -62.18
C ILE G 298 4.90 -13.52 -61.93
N PRO G 299 4.63 -14.31 -62.98
CA PRO G 299 4.51 -15.75 -62.67
C PRO G 299 5.80 -16.36 -62.13
N PHE G 300 6.94 -15.78 -62.49
CA PHE G 300 8.22 -16.24 -61.98
C PHE G 300 8.51 -15.67 -60.59
N TYR G 301 8.04 -14.45 -60.33
CA TYR G 301 8.15 -13.85 -59.01
C TYR G 301 7.40 -14.69 -57.97
N LYS G 302 6.22 -15.17 -58.36
CA LYS G 302 5.42 -16.04 -57.52
C LYS G 302 6.17 -17.32 -57.18
N HIS G 303 6.92 -17.83 -58.13
CA HIS G 303 7.67 -19.06 -57.95
C HIS G 303 8.85 -18.85 -57.01
N PHE G 304 9.41 -17.65 -57.03
CA PHE G 304 10.45 -17.28 -56.09
C PHE G 304 9.88 -17.15 -54.69
N GLN G 305 8.66 -16.63 -54.60
CA GLN G 305 8.00 -16.44 -53.32
C GLN G 305 7.70 -17.77 -52.63
N THR G 306 7.20 -18.74 -53.39
CA THR G 306 6.89 -20.04 -52.83
C THR G 306 8.16 -20.78 -52.45
N ALA G 307 9.27 -20.43 -53.09
CA ALA G 307 10.56 -21.01 -52.76
C ALA G 307 11.02 -20.49 -51.40
N VAL G 308 10.75 -19.21 -51.13
CA VAL G 308 11.13 -18.57 -49.88
C VAL G 308 10.28 -19.07 -48.71
N LYS G 309 9.00 -19.28 -48.95
CA LYS G 309 8.05 -19.62 -47.89
C LYS G 309 7.87 -21.12 -47.70
N SER G 310 8.58 -21.91 -48.50
CA SER G 310 8.45 -23.36 -48.44
C SER G 310 9.11 -23.93 -47.19
N CYS G 311 10.11 -23.21 -46.68
CA CYS G 311 10.86 -23.64 -45.52
C CYS G 311 10.88 -22.60 -44.41
N SER G 312 11.14 -23.04 -43.20
CA SER G 312 11.46 -22.13 -42.12
C SER G 312 12.93 -21.76 -42.23
N GLN G 313 13.32 -20.67 -41.60
CA GLN G 313 14.71 -20.24 -41.65
C GLN G 313 15.53 -20.96 -40.58
N GLY G 314 15.91 -22.20 -40.88
CA GLY G 314 16.69 -22.99 -39.96
C GLY G 314 15.91 -23.40 -38.72
N GLY G 315 14.58 -23.35 -38.81
CA GLY G 315 13.72 -23.74 -37.71
C GLY G 315 13.54 -22.67 -36.65
N VAL G 316 14.16 -21.51 -36.87
CA VAL G 316 14.16 -20.42 -35.90
C VAL G 316 13.07 -19.39 -36.17
N ARG G 317 12.96 -18.99 -37.43
CA ARG G 317 11.97 -17.99 -37.84
C ARG G 317 11.54 -18.25 -39.27
N GLY G 318 10.67 -17.38 -39.79
CA GLY G 318 10.17 -17.55 -41.14
C GLY G 318 11.16 -17.07 -42.18
N GLY G 319 11.04 -17.62 -43.39
CA GLY G 319 11.89 -17.20 -44.49
C GLY G 319 11.40 -15.90 -45.09
N ALA G 320 12.35 -15.11 -45.59
CA ALA G 320 12.03 -13.81 -46.16
C ALA G 320 12.97 -13.47 -47.29
N ALA G 321 12.50 -12.66 -48.22
CA ALA G 321 13.31 -12.25 -49.35
C ALA G 321 12.92 -10.87 -49.88
N THR G 322 13.90 -10.16 -50.41
CA THR G 322 13.66 -8.93 -51.12
C THR G 322 14.13 -9.10 -52.56
N LEU G 323 13.26 -8.73 -53.50
CA LEU G 323 13.55 -8.87 -54.92
C LEU G 323 13.84 -7.52 -55.55
N PHE G 324 14.82 -7.48 -56.45
CA PHE G 324 15.28 -6.22 -57.02
C PHE G 324 15.06 -6.14 -58.53
N TYR G 325 14.67 -4.95 -58.99
CA TYR G 325 14.46 -4.70 -60.41
C TYR G 325 14.68 -3.22 -60.72
N PRO G 326 15.08 -2.90 -61.97
CA PRO G 326 15.31 -1.51 -62.36
C PRO G 326 14.02 -0.72 -62.55
N MET G 327 14.09 0.58 -62.31
CA MET G 327 12.94 1.46 -62.42
C MET G 327 12.45 1.58 -63.87
N TRP G 328 13.35 1.37 -64.82
CA TRP G 328 13.01 1.52 -66.24
C TRP G 328 12.55 0.22 -66.89
N HIS G 329 12.27 -0.80 -66.08
CA HIS G 329 11.77 -2.07 -66.60
C HIS G 329 10.39 -1.84 -67.22
N LEU G 330 10.09 -2.58 -68.28
CA LEU G 330 8.84 -2.39 -69.01
C LEU G 330 7.61 -2.73 -68.18
N GLU G 331 7.77 -3.63 -67.21
CA GLU G 331 6.67 -4.04 -66.36
C GLU G 331 6.65 -3.31 -65.02
N VAL G 332 7.47 -2.27 -64.87
CA VAL G 332 7.70 -1.64 -63.57
C VAL G 332 6.42 -1.16 -62.87
N GLU G 333 5.44 -0.72 -63.65
CA GLU G 333 4.19 -0.21 -63.11
C GLU G 333 3.36 -1.34 -62.50
N SER G 334 3.51 -2.54 -63.04
CA SER G 334 2.83 -3.70 -62.52
C SER G 334 3.57 -4.28 -61.32
N LEU G 335 4.89 -4.11 -61.32
CA LEU G 335 5.75 -4.66 -60.28
C LEU G 335 5.66 -3.86 -58.98
N LEU G 336 5.38 -2.57 -59.09
CA LEU G 336 5.36 -1.69 -57.94
C LEU G 336 4.17 -1.97 -57.04
N VAL G 337 3.10 -2.51 -57.62
CA VAL G 337 1.86 -2.71 -56.90
C VAL G 337 1.63 -4.18 -56.52
N LEU G 338 2.71 -4.95 -56.48
CA LEU G 338 2.62 -6.37 -56.18
C LEU G 338 2.21 -6.65 -54.74
N LYS G 339 2.39 -5.67 -53.86
CA LYS G 339 2.02 -5.82 -52.46
C LYS G 339 0.67 -5.17 -52.15
N ASN G 340 0.10 -4.48 -53.13
CA ASN G 340 -1.18 -3.80 -52.96
C ASN G 340 -2.29 -4.81 -52.71
N ASN G 341 -3.01 -4.66 -51.61
CA ASN G 341 -4.03 -5.63 -51.24
C ASN G 341 -5.32 -5.47 -52.05
N ARG G 342 -5.37 -4.46 -52.89
CA ARG G 342 -6.55 -4.20 -53.70
C ARG G 342 -6.41 -4.74 -55.11
N GLY G 343 -6.28 -6.07 -55.23
CA GLY G 343 -6.14 -6.68 -56.54
C GLY G 343 -6.30 -8.19 -56.48
N VAL G 344 -6.48 -8.81 -57.64
CA VAL G 344 -6.63 -10.25 -57.73
C VAL G 344 -5.28 -10.94 -57.52
N GLU G 345 -5.34 -12.22 -57.18
CA GLU G 345 -4.13 -13.00 -56.92
C GLU G 345 -3.32 -13.23 -58.19
N GLY G 346 -3.94 -12.98 -59.35
CA GLY G 346 -3.27 -13.16 -60.62
C GLY G 346 -2.10 -12.22 -60.81
N ASN G 347 -2.16 -11.06 -60.14
CA ASN G 347 -1.09 -10.09 -60.23
C ASN G 347 -0.68 -9.54 -58.86
N ARG G 348 -0.61 -10.41 -57.87
CA ARG G 348 -0.18 -10.01 -56.53
C ARG G 348 0.80 -11.00 -55.92
N VAL G 349 1.99 -10.49 -55.58
CA VAL G 349 3.00 -11.28 -54.88
C VAL G 349 3.38 -10.51 -53.62
N ARG G 350 2.58 -10.68 -52.56
CA ARG G 350 2.62 -9.79 -51.40
C ARG G 350 3.65 -10.17 -50.35
N HIS G 351 4.02 -11.44 -50.32
CA HIS G 351 4.85 -11.94 -49.23
C HIS G 351 6.33 -11.92 -49.56
N MET G 352 6.71 -11.01 -50.46
CA MET G 352 8.11 -10.67 -50.68
C MET G 352 8.23 -9.16 -50.66
N ASP G 353 9.41 -8.67 -50.34
CA ASP G 353 9.66 -7.23 -50.40
C ASP G 353 10.39 -6.88 -51.69
N TYR G 354 10.41 -5.60 -52.04
CA TYR G 354 10.97 -5.20 -53.31
C TYR G 354 11.89 -3.99 -53.18
N GLY G 355 12.96 -4.01 -53.96
CA GLY G 355 13.89 -2.91 -54.01
C GLY G 355 13.94 -2.34 -55.41
N VAL G 356 13.53 -1.09 -55.54
CA VAL G 356 13.56 -0.42 -56.84
C VAL G 356 14.92 0.21 -57.07
N GLN G 357 15.53 -0.11 -58.21
CA GLN G 357 16.86 0.37 -58.52
C GLN G 357 16.83 1.64 -59.37
N ILE G 358 17.47 2.69 -58.86
CA ILE G 358 17.41 4.02 -59.47
C ILE G 358 18.82 4.60 -59.64
N ASN G 359 19.00 5.44 -60.65
CA ASN G 359 20.26 6.16 -60.81
C ASN G 359 20.02 7.65 -61.05
N LYS G 360 21.10 8.39 -61.28
CA LYS G 360 21.04 9.84 -61.42
C LYS G 360 20.10 10.28 -62.53
N LEU G 361 20.13 9.57 -63.64
CA LEU G 361 19.35 9.94 -64.81
C LEU G 361 17.85 9.91 -64.52
N MET G 362 17.40 8.93 -63.74
CA MET G 362 15.99 8.83 -63.40
C MET G 362 15.53 10.01 -62.56
N TYR G 363 16.34 10.40 -61.57
CA TYR G 363 16.04 11.55 -60.73
C TYR G 363 16.03 12.83 -61.54
N THR G 364 16.91 12.91 -62.52
CA THR G 364 17.04 14.08 -63.38
C THR G 364 15.75 14.30 -64.17
N ARG G 365 15.19 13.21 -64.68
CA ARG G 365 13.91 13.27 -65.38
C ARG G 365 12.78 13.72 -64.45
N LEU G 366 12.88 13.34 -63.18
CA LEU G 366 11.90 13.73 -62.18
C LEU G 366 11.94 15.24 -61.94
N LEU G 367 13.14 15.77 -61.74
CA LEU G 367 13.33 17.18 -61.45
C LEU G 367 13.00 18.08 -62.64
N LYS G 368 13.28 17.59 -63.85
CA LYS G 368 13.03 18.37 -65.05
C LYS G 368 11.60 18.22 -65.55
N GLY G 369 10.81 17.43 -64.83
CA GLY G 369 9.42 17.19 -65.19
C GLY G 369 9.28 16.52 -66.53
N GLU G 370 10.19 15.60 -66.82
CA GLU G 370 10.22 14.94 -68.12
C GLU G 370 9.74 13.50 -68.06
N ASP G 371 9.96 12.76 -69.14
CA ASP G 371 9.48 11.39 -69.25
C ASP G 371 10.57 10.37 -69.00
N ILE G 372 10.15 9.20 -68.55
CA ILE G 372 11.03 8.06 -68.44
C ILE G 372 10.58 6.99 -69.42
N THR G 373 11.52 6.48 -70.22
CA THR G 373 11.20 5.43 -71.17
C THR G 373 11.47 4.08 -70.55
N LEU G 374 10.50 3.18 -70.65
CA LEU G 374 10.62 1.84 -70.10
C LEU G 374 11.01 0.85 -71.19
N PHE G 375 11.98 -0.02 -70.87
CA PHE G 375 12.42 -1.04 -71.81
C PHE G 375 12.37 -2.44 -71.19
N SER G 376 12.31 -3.45 -72.03
CA SER G 376 12.63 -4.80 -71.61
C SER G 376 14.12 -5.00 -71.81
N PRO G 377 14.83 -5.45 -70.78
CA PRO G 377 16.29 -5.56 -70.82
C PRO G 377 16.80 -6.45 -71.95
N SER G 378 15.92 -7.27 -72.53
CA SER G 378 16.28 -8.15 -73.63
C SER G 378 16.33 -7.42 -74.97
N ASP G 379 15.78 -6.21 -75.01
CA ASP G 379 15.71 -5.44 -76.24
C ASP G 379 16.73 -4.32 -76.32
N VAL G 380 17.47 -4.09 -75.24
CA VAL G 380 18.38 -2.96 -75.17
C VAL G 380 19.81 -3.38 -74.82
N PRO G 381 20.59 -3.77 -75.84
CA PRO G 381 21.96 -4.28 -75.68
C PRO G 381 22.87 -3.35 -74.87
N GLY G 382 23.45 -3.87 -73.80
CA GLY G 382 24.41 -3.11 -73.03
C GLY G 382 23.83 -2.16 -72.01
N LEU G 383 22.52 -1.93 -72.08
CA LEU G 383 21.87 -0.97 -71.19
C LEU G 383 21.83 -1.41 -69.74
N TYR G 384 21.54 -2.68 -69.52
CA TYR G 384 21.42 -3.21 -68.16
C TYR G 384 22.77 -3.15 -67.45
N ASP G 385 23.83 -3.53 -68.15
CA ASP G 385 25.16 -3.53 -67.58
C ASP G 385 25.62 -2.13 -67.20
N ALA G 386 25.36 -1.17 -68.09
CA ALA G 386 25.80 0.21 -67.91
C ALA G 386 25.06 0.89 -66.77
N PHE G 387 23.86 0.40 -66.49
CA PHE G 387 23.03 0.93 -65.43
C PHE G 387 23.71 0.88 -64.07
N PHE G 388 24.57 -0.13 -63.89
CA PHE G 388 25.27 -0.32 -62.62
C PHE G 388 26.72 0.11 -62.71
N ALA G 389 27.34 -0.12 -63.86
CA ALA G 389 28.79 0.02 -63.99
C ALA G 389 29.25 1.38 -64.53
N ASP G 390 28.49 1.96 -65.44
CA ASP G 390 28.93 3.16 -66.16
C ASP G 390 27.79 4.13 -66.45
N GLN G 391 27.67 5.17 -65.64
CA GLN G 391 26.54 6.11 -65.77
C GLN G 391 26.59 6.91 -67.06
N GLU G 392 27.80 7.20 -67.52
CA GLU G 392 27.98 7.93 -68.76
C GLU G 392 27.58 7.07 -69.96
N GLU G 393 27.97 5.80 -69.93
CA GLU G 393 27.59 4.87 -70.97
C GLU G 393 26.09 4.55 -70.92
N PHE G 394 25.52 4.54 -69.72
CA PHE G 394 24.07 4.32 -69.58
C PHE G 394 23.30 5.44 -70.26
N GLU G 395 23.70 6.67 -70.01
CA GLU G 395 23.05 7.84 -70.60
C GLU G 395 23.18 7.87 -72.11
N ARG G 396 24.31 7.41 -72.64
CA ARG G 396 24.51 7.36 -74.08
C ARG G 396 23.55 6.35 -74.72
N LEU G 397 23.53 5.15 -74.18
CA LEU G 397 22.69 4.07 -74.69
C LEU G 397 21.21 4.36 -74.46
N TYR G 398 20.90 4.97 -73.33
CA TYR G 398 19.50 5.24 -72.98
C TYR G 398 18.86 6.20 -73.96
N THR G 399 19.50 7.33 -74.21
CA THR G 399 18.96 8.34 -75.11
C THR G 399 18.93 7.83 -76.55
N LYS G 400 19.89 7.00 -76.89
CA LYS G 400 19.95 6.40 -78.21
C LYS G 400 18.76 5.46 -78.45
N TYR G 401 18.49 4.60 -77.47
CA TYR G 401 17.40 3.64 -77.59
C TYR G 401 16.04 4.32 -77.47
N GLU G 402 16.02 5.46 -76.80
CA GLU G 402 14.81 6.24 -76.66
C GLU G 402 14.38 6.80 -78.01
N LYS G 403 15.33 6.91 -78.93
CA LYS G 403 15.12 7.52 -80.22
C LYS G 403 14.87 6.48 -81.32
N ASP G 404 15.03 5.21 -80.96
CA ASP G 404 14.91 4.10 -81.91
C ASP G 404 13.48 3.58 -82.00
N ASP G 405 12.90 3.70 -83.18
CA ASP G 405 11.52 3.27 -83.41
C ASP G 405 11.38 1.77 -83.48
N SER G 406 12.48 1.07 -83.77
CA SER G 406 12.43 -0.37 -83.92
C SER G 406 12.43 -1.11 -82.59
N ILE G 407 12.61 -0.35 -81.51
CA ILE G 407 12.70 -0.94 -80.18
C ILE G 407 11.40 -0.77 -79.40
N ARG G 408 10.89 -1.87 -78.87
CA ARG G 408 9.69 -1.86 -78.05
C ARG G 408 9.92 -1.00 -76.81
N LYS G 409 9.03 -0.05 -76.54
CA LYS G 409 9.22 0.85 -75.42
C LYS G 409 7.91 1.45 -74.94
N GLN G 410 7.96 2.14 -73.82
CA GLN G 410 6.81 2.81 -73.25
C GLN G 410 7.26 4.04 -72.47
N ARG G 411 6.59 5.16 -72.68
CA ARG G 411 6.93 6.40 -71.99
C ARG G 411 5.96 6.67 -70.87
N VAL G 412 6.51 7.01 -69.72
CA VAL G 412 5.72 7.33 -68.54
C VAL G 412 6.28 8.62 -67.97
N LYS G 413 5.40 9.48 -67.45
CA LYS G 413 5.85 10.67 -66.75
C LYS G 413 6.61 10.29 -65.49
N ALA G 414 7.80 10.85 -65.34
CA ALA G 414 8.68 10.55 -64.21
C ALA G 414 8.01 10.92 -62.89
N VAL G 415 7.23 11.99 -62.90
CA VAL G 415 6.52 12.44 -61.71
C VAL G 415 5.48 11.40 -61.29
N GLU G 416 4.78 10.82 -62.27
CA GLU G 416 3.78 9.80 -61.99
C GLU G 416 4.42 8.47 -61.58
N LEU G 417 5.55 8.13 -62.19
CA LEU G 417 6.23 6.87 -61.88
C LEU G 417 6.81 6.89 -60.48
N PHE G 418 7.49 7.98 -60.13
CA PHE G 418 8.04 8.14 -58.80
C PHE G 418 6.96 8.20 -57.75
N SER G 419 5.86 8.85 -58.07
CA SER G 419 4.75 8.99 -57.13
C SER G 419 4.10 7.66 -56.86
N LEU G 420 3.96 6.85 -57.91
CA LEU G 420 3.42 5.51 -57.77
C LEU G 420 4.31 4.68 -56.85
N MET G 421 5.62 4.82 -57.01
CA MET G 421 6.59 4.11 -56.21
C MET G 421 6.50 4.47 -54.73
N MET G 422 6.50 5.77 -54.44
CA MET G 422 6.48 6.25 -53.07
C MET G 422 5.13 6.02 -52.41
N GLN G 423 4.07 5.98 -53.21
CA GLN G 423 2.74 5.69 -52.73
C GLN G 423 2.63 4.25 -52.23
N GLU G 424 3.20 3.33 -52.98
CA GLU G 424 3.22 1.93 -52.58
C GLU G 424 4.21 1.72 -51.43
N ARG G 425 5.27 2.52 -51.43
CA ARG G 425 6.23 2.49 -50.34
C ARG G 425 5.61 2.98 -49.04
N ALA G 426 4.73 3.98 -49.14
CA ALA G 426 4.08 4.52 -47.97
C ALA G 426 3.02 3.54 -47.41
N SER G 427 2.33 2.87 -48.32
CA SER G 427 1.25 1.96 -47.93
C SER G 427 1.75 0.73 -47.20
N THR G 428 2.81 0.13 -47.71
CA THR G 428 3.31 -1.13 -47.19
C THR G 428 4.52 -0.91 -46.27
N GLY G 429 5.30 0.13 -46.58
CA GLY G 429 6.52 0.40 -45.85
C GLY G 429 7.66 -0.47 -46.33
N ARG G 430 7.38 -1.34 -47.30
CA ARG G 430 8.32 -2.37 -47.70
C ARG G 430 8.67 -2.34 -49.18
N ILE G 431 8.53 -1.18 -49.80
CA ILE G 431 9.07 -0.97 -51.14
C ILE G 431 10.33 -0.15 -50.99
N TYR G 432 11.46 -0.75 -51.33
CA TYR G 432 12.76 -0.18 -51.01
C TYR G 432 13.42 0.48 -52.21
N ILE G 433 14.46 1.27 -51.94
CA ILE G 433 15.16 2.01 -52.98
C ILE G 433 16.66 1.70 -52.93
N GLN G 434 17.24 1.37 -54.09
CA GLN G 434 18.67 1.23 -54.22
C GLN G 434 19.21 2.17 -55.27
N ASN G 435 20.04 3.12 -54.86
CA ASN G 435 20.73 3.99 -55.79
C ASN G 435 21.97 3.30 -56.33
N VAL G 436 21.82 2.68 -57.50
CA VAL G 436 22.86 1.79 -58.03
C VAL G 436 24.12 2.53 -58.47
N ASP G 437 24.01 3.82 -58.75
CA ASP G 437 25.20 4.59 -59.08
C ASP G 437 26.04 4.82 -57.84
N HIS G 438 25.39 5.14 -56.73
CA HIS G 438 26.09 5.31 -55.47
C HIS G 438 26.79 4.02 -55.03
N CYS G 439 26.14 2.90 -55.32
CA CYS G 439 26.66 1.60 -54.93
C CYS G 439 27.90 1.18 -55.72
N ASN G 440 28.19 1.90 -56.79
CA ASN G 440 29.31 1.52 -57.66
C ASN G 440 30.35 2.61 -57.84
N THR G 441 29.98 3.87 -57.58
CA THR G 441 30.97 4.94 -57.61
C THR G 441 31.64 5.04 -56.25
N HIS G 442 30.90 4.72 -55.20
CA HIS G 442 31.43 4.68 -53.85
C HIS G 442 31.39 3.24 -53.36
N SER G 443 32.37 2.44 -53.77
CA SER G 443 32.32 1.01 -53.53
C SER G 443 33.71 0.41 -53.36
N PRO G 444 33.80 -0.68 -52.59
CA PRO G 444 35.05 -1.45 -52.48
C PRO G 444 35.32 -2.32 -53.69
N PHE G 445 34.45 -2.26 -54.70
CA PHE G 445 34.61 -3.08 -55.89
C PHE G 445 34.72 -2.24 -57.15
N ASP G 446 35.49 -2.73 -58.11
CA ASP G 446 35.61 -2.10 -59.43
C ASP G 446 34.43 -2.51 -60.30
N PRO G 447 33.58 -1.55 -60.69
CA PRO G 447 32.38 -1.79 -61.48
C PRO G 447 32.67 -2.42 -62.85
N ALA G 448 33.89 -2.26 -63.34
CA ALA G 448 34.27 -2.82 -64.63
C ALA G 448 34.58 -4.31 -64.54
N ILE G 449 34.83 -4.78 -63.31
CA ILE G 449 35.21 -6.17 -63.07
C ILE G 449 34.16 -6.90 -62.23
N ALA G 450 33.75 -6.27 -61.13
CA ALA G 450 32.81 -6.87 -60.21
C ALA G 450 31.80 -5.84 -59.73
N PRO G 451 30.80 -5.54 -60.57
CA PRO G 451 29.79 -4.55 -60.21
C PRO G 451 28.81 -5.04 -59.15
N VAL G 452 28.27 -4.11 -58.38
CA VAL G 452 27.22 -4.41 -57.43
C VAL G 452 25.89 -4.18 -58.12
N ARG G 453 25.14 -5.25 -58.35
CA ARG G 453 23.91 -5.16 -59.13
C ARG G 453 22.66 -5.40 -58.29
N GLN G 454 22.81 -5.56 -56.99
CA GLN G 454 21.67 -5.78 -56.11
C GLN G 454 22.01 -5.56 -54.64
N SER G 455 21.01 -5.70 -53.79
CA SER G 455 21.21 -5.65 -52.35
C SER G 455 20.55 -6.87 -51.72
N ASN G 456 20.31 -6.82 -50.41
CA ASN G 456 19.76 -7.97 -49.71
C ASN G 456 18.37 -7.73 -49.15
N LEU G 457 18.02 -8.49 -48.12
CA LEU G 457 16.71 -8.42 -47.49
C LEU G 457 16.48 -7.08 -46.80
N CYS G 458 17.48 -6.63 -46.06
CA CYS G 458 17.32 -5.42 -45.25
C CYS G 458 18.14 -4.26 -45.79
N LEU G 459 18.66 -4.43 -47.00
CA LEU G 459 19.24 -3.35 -47.79
C LEU G 459 20.53 -2.76 -47.22
N GLU G 460 21.31 -3.56 -46.50
CA GLU G 460 22.58 -3.09 -45.98
C GLU G 460 23.75 -3.79 -46.66
N ILE G 461 23.45 -4.83 -47.43
CA ILE G 461 24.49 -5.61 -48.08
C ILE G 461 24.57 -5.26 -49.56
N ALA G 462 25.79 -5.07 -50.05
CA ALA G 462 26.02 -4.75 -51.45
C ALA G 462 27.25 -5.47 -51.96
N LEU G 463 27.04 -6.60 -52.62
CA LEU G 463 28.15 -7.44 -53.05
C LEU G 463 27.98 -7.83 -54.52
N PRO G 464 29.10 -8.17 -55.19
CA PRO G 464 29.05 -8.63 -56.58
C PRO G 464 28.43 -10.02 -56.71
N THR G 465 27.75 -10.26 -57.83
CA THR G 465 27.12 -11.56 -58.10
C THR G 465 27.28 -11.97 -59.55
N LYS G 466 27.01 -13.23 -59.83
CA LYS G 466 26.96 -13.71 -61.21
C LYS G 466 25.90 -14.81 -61.30
N PRO G 467 24.98 -14.71 -62.26
CA PRO G 467 23.90 -15.69 -62.44
C PRO G 467 24.38 -17.10 -62.75
N LEU G 468 23.58 -18.09 -62.37
CA LEU G 468 23.91 -19.51 -62.55
C LEU G 468 23.08 -20.12 -63.67
N ASN G 469 23.60 -21.16 -64.32
CA ASN G 469 22.82 -21.90 -65.31
C ASN G 469 22.38 -23.25 -64.76
N ASP G 470 22.82 -23.54 -63.54
CA ASP G 470 22.50 -24.78 -62.85
C ASP G 470 22.77 -24.56 -61.37
N VAL G 471 22.12 -25.33 -60.51
CA VAL G 471 22.32 -25.18 -59.07
C VAL G 471 23.74 -25.55 -58.66
N ASN G 472 24.40 -26.39 -59.46
CA ASN G 472 25.77 -26.80 -59.17
C ASN G 472 26.78 -26.16 -60.12
N ASP G 473 26.37 -25.08 -60.77
CA ASP G 473 27.22 -24.36 -61.71
C ASP G 473 28.45 -23.77 -61.03
N GLU G 474 29.62 -24.09 -61.56
CA GLU G 474 30.89 -23.65 -60.98
C GLU G 474 31.24 -22.22 -61.38
N ASN G 475 30.58 -21.70 -62.40
CA ASN G 475 30.94 -20.40 -62.94
C ASN G 475 30.00 -19.28 -62.52
N GLY G 476 29.03 -19.60 -61.68
CA GLY G 476 28.14 -18.59 -61.16
C GLY G 476 28.69 -18.05 -59.86
N GLU G 477 28.13 -16.95 -59.37
CA GLU G 477 28.58 -16.40 -58.11
C GLU G 477 27.43 -15.92 -57.23
N ILE G 478 27.28 -16.56 -56.08
CA ILE G 478 26.34 -16.13 -55.06
C ILE G 478 27.08 -15.42 -53.94
N ALA G 479 26.60 -14.24 -53.56
CA ALA G 479 27.26 -13.48 -52.51
C ALA G 479 26.78 -13.89 -51.12
N LEU G 480 27.71 -14.24 -50.24
CA LEU G 480 27.40 -14.49 -48.84
C LEU G 480 28.04 -13.44 -47.96
N CYS G 481 27.30 -12.98 -46.97
CA CYS G 481 27.86 -12.05 -46.00
C CYS G 481 27.62 -12.55 -44.59
N THR G 482 28.69 -12.55 -43.81
CA THR G 482 28.64 -12.94 -42.41
C THR G 482 28.69 -11.68 -41.57
N LEU G 483 27.83 -11.61 -40.54
CA LEU G 483 27.63 -10.35 -39.82
C LEU G 483 28.15 -10.40 -38.39
N SER G 484 28.25 -9.19 -37.82
CA SER G 484 28.51 -8.97 -36.40
C SER G 484 28.38 -7.48 -36.15
N ALA G 485 28.46 -7.06 -34.89
CA ALA G 485 28.30 -5.66 -34.57
C ALA G 485 29.06 -5.25 -33.31
N PHE G 486 29.52 -4.00 -33.28
CA PHE G 486 30.10 -3.43 -32.08
C PHE G 486 29.03 -2.79 -31.21
N ASN G 487 29.09 -3.05 -29.92
CA ASN G 487 28.21 -2.39 -28.97
C ASN G 487 28.79 -1.04 -28.58
N LEU G 488 28.26 0.03 -29.17
CA LEU G 488 28.78 1.37 -28.95
C LEU G 488 28.60 1.86 -27.52
N GLY G 489 27.71 1.21 -26.77
CA GLY G 489 27.49 1.58 -25.38
C GLY G 489 28.44 0.89 -24.43
N ALA G 490 29.32 0.04 -24.97
CA ALA G 490 30.21 -0.76 -24.15
C ALA G 490 31.65 -0.32 -24.28
N ILE G 491 31.89 0.76 -25.01
CA ILE G 491 33.26 1.29 -25.15
C ILE G 491 33.43 2.64 -24.48
N ASN G 492 34.60 2.86 -23.91
CA ASN G 492 34.93 4.10 -23.24
C ASN G 492 35.75 5.01 -24.15
N ASN G 493 36.51 4.37 -25.02
CA ASN G 493 37.39 5.07 -25.95
C ASN G 493 37.28 4.44 -27.33
N LEU G 494 37.51 5.23 -28.36
CA LEU G 494 37.40 4.74 -29.72
C LEU G 494 38.55 3.81 -30.09
N ASP G 495 39.64 3.90 -29.34
CA ASP G 495 40.81 3.08 -29.61
C ASP G 495 40.62 1.67 -29.10
N GLU G 496 39.54 1.45 -28.36
CA GLU G 496 39.16 0.12 -27.91
C GLU G 496 38.59 -0.70 -29.06
N LEU G 497 38.29 -0.03 -30.16
CA LEU G 497 37.78 -0.69 -31.35
C LEU G 497 38.87 -1.51 -32.04
N GLU G 498 40.13 -1.22 -31.77
CA GLU G 498 41.24 -1.93 -32.38
C GLU G 498 41.21 -3.40 -31.99
N GLU G 499 41.13 -3.63 -30.68
CA GLU G 499 41.07 -4.97 -30.10
C GLU G 499 39.80 -5.70 -30.53
N LEU G 500 38.69 -4.99 -30.51
CA LEU G 500 37.41 -5.57 -30.86
C LEU G 500 37.33 -5.94 -32.34
N ALA G 501 37.93 -5.13 -33.19
CA ALA G 501 37.94 -5.40 -34.62
C ALA G 501 38.76 -6.63 -34.95
N ILE G 502 39.90 -6.78 -34.27
CA ILE G 502 40.74 -7.94 -34.47
C ILE G 502 40.00 -9.21 -34.13
N LEU G 503 39.33 -9.21 -32.98
CA LEU G 503 38.56 -10.37 -32.53
C LEU G 503 37.39 -10.66 -33.47
N ALA G 504 36.67 -9.62 -33.88
CA ALA G 504 35.52 -9.78 -34.74
C ALA G 504 35.89 -10.25 -36.15
N VAL G 505 36.91 -9.63 -36.73
CA VAL G 505 37.34 -9.99 -38.08
C VAL G 505 37.95 -11.41 -38.10
N ARG G 506 38.79 -11.71 -37.12
CA ARG G 506 39.42 -13.03 -37.06
C ARG G 506 38.41 -14.15 -36.85
N ALA G 507 37.39 -13.88 -36.06
CA ALA G 507 36.36 -14.88 -35.78
C ALA G 507 35.50 -15.14 -37.01
N LEU G 508 35.09 -14.08 -37.69
CA LEU G 508 34.23 -14.20 -38.85
C LEU G 508 34.97 -14.76 -40.06
N ASP G 509 36.24 -14.43 -40.17
CA ASP G 509 37.05 -14.92 -41.29
C ASP G 509 37.38 -16.40 -41.12
N ALA G 510 37.57 -16.83 -39.88
CA ALA G 510 37.84 -18.23 -39.59
C ALA G 510 36.57 -19.05 -39.79
N LEU G 511 35.43 -18.39 -39.58
CA LEU G 511 34.12 -19.00 -39.78
C LEU G 511 33.93 -19.45 -41.23
N LEU G 512 34.47 -18.66 -42.16
CA LEU G 512 34.29 -18.92 -43.59
C LEU G 512 34.89 -20.25 -44.03
N ASP G 513 36.04 -20.61 -43.45
CA ASP G 513 36.67 -21.88 -43.78
C ASP G 513 36.05 -22.99 -42.97
N TYR G 514 35.39 -22.62 -41.88
CA TYR G 514 34.80 -23.58 -40.96
C TYR G 514 33.44 -24.06 -41.43
N GLN G 515 32.62 -23.15 -41.95
CA GLN G 515 31.26 -23.51 -42.31
C GLN G 515 31.20 -24.21 -43.65
N ASP G 516 30.05 -24.79 -43.97
CA ASP G 516 29.85 -25.48 -45.23
C ASP G 516 29.02 -24.64 -46.19
N TYR G 517 28.97 -25.08 -47.45
CA TYR G 517 28.27 -24.35 -48.49
C TYR G 517 27.42 -25.29 -49.35
N PRO G 518 26.10 -25.23 -49.18
CA PRO G 518 25.16 -26.08 -49.91
C PRO G 518 25.16 -25.80 -51.41
N ILE G 519 25.54 -24.57 -51.79
CA ILE G 519 25.61 -24.20 -53.20
C ILE G 519 27.04 -23.87 -53.59
N PRO G 520 27.57 -24.54 -54.62
CA PRO G 520 28.93 -24.31 -55.10
C PRO G 520 29.22 -22.85 -55.45
N ALA G 521 28.23 -22.17 -56.02
CA ALA G 521 28.39 -20.76 -56.40
C ALA G 521 28.54 -19.87 -55.18
N ALA G 522 28.01 -20.32 -54.04
CA ALA G 522 28.10 -19.56 -52.81
C ALA G 522 29.49 -19.70 -52.20
N LYS G 523 30.06 -20.89 -52.31
CA LYS G 523 31.42 -21.12 -51.85
C LYS G 523 32.40 -20.31 -52.70
N ARG G 524 32.08 -20.12 -53.97
CA ARG G 524 32.88 -19.30 -54.86
C ARG G 524 33.02 -17.86 -54.39
N GLY G 525 31.89 -17.22 -54.11
CA GLY G 525 31.88 -15.84 -53.66
C GLY G 525 32.48 -15.67 -52.29
N ALA G 526 32.22 -16.62 -51.41
CA ALA G 526 32.72 -16.57 -50.05
C ALA G 526 34.24 -16.82 -49.98
N MET G 527 34.73 -17.78 -50.75
CA MET G 527 36.15 -18.08 -50.73
C MET G 527 36.93 -17.10 -51.59
N GLY G 528 36.25 -16.52 -52.58
CA GLY G 528 36.89 -15.59 -53.48
C GLY G 528 37.03 -14.19 -52.90
N ARG G 529 35.97 -13.71 -52.25
CA ARG G 529 35.94 -12.34 -51.75
C ARG G 529 36.03 -12.24 -50.22
N ARG G 530 35.57 -13.29 -49.54
CA ARG G 530 35.58 -13.35 -48.07
C ARG G 530 34.97 -12.12 -47.43
N THR G 531 33.78 -11.76 -47.88
CA THR G 531 33.13 -10.51 -47.49
C THR G 531 32.48 -10.55 -46.11
N LEU G 532 32.82 -9.56 -45.28
CA LEU G 532 32.24 -9.45 -43.95
C LEU G 532 31.37 -8.21 -43.85
N GLY G 533 30.43 -8.22 -42.91
CA GLY G 533 29.55 -7.08 -42.72
C GLY G 533 29.38 -6.76 -41.26
N ILE G 534 30.27 -5.95 -40.71
CA ILE G 534 30.25 -5.61 -39.30
C ILE G 534 29.67 -4.22 -39.09
N GLY G 535 28.65 -4.14 -38.24
CA GLY G 535 27.99 -2.88 -37.98
C GLY G 535 28.05 -2.47 -36.53
N VAL G 536 27.05 -1.73 -36.09
CA VAL G 536 26.98 -1.24 -34.71
C VAL G 536 25.59 -1.39 -34.10
N ILE G 537 25.55 -1.39 -32.77
CA ILE G 537 24.30 -1.29 -32.04
C ILE G 537 24.48 -0.24 -30.95
N ASN G 538 23.37 0.13 -30.30
CA ASN G 538 23.39 1.11 -29.21
C ASN G 538 23.87 2.49 -29.63
N PHE G 539 23.57 2.87 -30.86
CA PHE G 539 23.97 4.18 -31.38
C PHE G 539 23.17 5.31 -30.73
N ALA G 540 21.88 5.07 -30.48
CA ALA G 540 21.04 6.04 -29.82
C ALA G 540 21.50 6.23 -28.37
N TYR G 541 21.90 5.12 -27.75
CA TYR G 541 22.43 5.15 -26.41
C TYR G 541 23.76 5.89 -26.38
N TYR G 542 24.54 5.69 -27.44
CA TYR G 542 25.83 6.33 -27.63
C TYR G 542 25.69 7.85 -27.73
N LEU G 543 24.73 8.31 -28.51
CA LEU G 543 24.49 9.73 -28.71
C LEU G 543 23.98 10.38 -27.43
N ALA G 544 23.16 9.64 -26.69
CA ALA G 544 22.60 10.13 -25.44
C ALA G 544 23.69 10.36 -24.40
N LYS G 545 24.69 9.48 -24.39
CA LYS G 545 25.79 9.61 -23.45
C LYS G 545 26.68 10.80 -23.79
N HIS G 546 26.71 11.20 -25.06
CA HIS G 546 27.50 12.35 -25.49
C HIS G 546 26.66 13.62 -25.56
N GLY G 547 25.38 13.52 -25.22
CA GLY G 547 24.50 14.67 -25.22
C GLY G 547 24.20 15.23 -26.59
N LYS G 548 24.13 14.35 -27.59
CA LYS G 548 23.81 14.76 -28.95
C LYS G 548 22.43 14.27 -29.35
N ARG G 549 21.91 14.75 -30.48
CA ARG G 549 20.61 14.32 -30.96
C ARG G 549 20.70 13.89 -32.41
N TYR G 550 19.66 13.21 -32.90
CA TYR G 550 19.59 12.78 -34.28
C TYR G 550 19.21 13.92 -35.22
N SER G 551 18.32 14.79 -34.75
CA SER G 551 17.56 15.67 -35.63
C SER G 551 18.20 17.02 -35.98
N ASP G 552 18.97 17.61 -35.06
CA ASP G 552 19.45 18.97 -35.27
C ASP G 552 20.82 19.07 -35.95
N GLY G 553 21.51 17.94 -36.10
CA GLY G 553 22.82 17.93 -36.72
C GLY G 553 23.96 18.06 -35.74
N SER G 554 23.65 17.96 -34.45
CA SER G 554 24.67 18.09 -33.41
C SER G 554 25.56 16.86 -33.30
N ALA G 555 25.15 15.76 -33.94
CA ALA G 555 25.91 14.53 -33.83
C ALA G 555 26.70 14.24 -35.09
N ASN G 556 26.71 15.20 -36.01
CA ASN G 556 27.37 15.04 -37.31
C ASN G 556 28.87 14.81 -37.21
N ASN G 557 29.57 15.70 -36.52
CA ASN G 557 31.01 15.58 -36.39
C ASN G 557 31.40 14.39 -35.53
N LEU G 558 30.59 14.10 -34.52
CA LEU G 558 30.82 12.95 -33.65
C LEU G 558 30.64 11.65 -34.42
N THR G 559 29.63 11.61 -35.29
CA THR G 559 29.36 10.44 -36.11
C THR G 559 30.50 10.23 -37.09
N HIS G 560 30.99 11.32 -37.67
CA HIS G 560 32.13 11.28 -38.58
C HIS G 560 33.34 10.68 -37.85
N LYS G 561 33.58 11.18 -36.64
CA LYS G 561 34.68 10.73 -35.80
C LYS G 561 34.56 9.27 -35.42
N THR G 562 33.34 8.85 -35.09
CA THR G 562 33.08 7.50 -34.63
C THR G 562 33.25 6.46 -35.73
N PHE G 563 32.65 6.72 -36.90
CA PHE G 563 32.67 5.72 -37.96
C PHE G 563 33.97 5.73 -38.76
N GLU G 564 34.77 6.78 -38.59
CA GLU G 564 36.13 6.77 -39.12
C GLU G 564 36.96 5.75 -38.37
N ALA G 565 36.82 5.74 -37.06
CA ALA G 565 37.55 4.81 -36.21
C ALA G 565 37.11 3.38 -36.46
N ILE G 566 35.83 3.19 -36.70
CA ILE G 566 35.28 1.86 -36.96
C ILE G 566 35.88 1.25 -38.22
N GLN G 567 35.80 1.97 -39.32
CA GLN G 567 36.31 1.47 -40.60
C GLN G 567 37.83 1.38 -40.60
N TYR G 568 38.49 2.35 -39.96
CA TYR G 568 39.95 2.34 -39.88
C TYR G 568 40.47 1.08 -39.20
N TYR G 569 39.87 0.74 -38.06
CA TYR G 569 40.31 -0.41 -37.29
C TYR G 569 39.81 -1.73 -37.89
N LEU G 570 38.71 -1.67 -38.63
CA LEU G 570 38.24 -2.84 -39.35
C LEU G 570 39.20 -3.16 -40.49
N LEU G 571 39.56 -2.14 -41.26
CA LEU G 571 40.52 -2.30 -42.35
C LEU G 571 41.90 -2.71 -41.81
N LYS G 572 42.30 -2.11 -40.70
CA LYS G 572 43.60 -2.38 -40.10
C LYS G 572 43.70 -3.83 -39.65
N ALA G 573 42.62 -4.35 -39.09
CA ALA G 573 42.58 -5.74 -38.65
C ALA G 573 42.63 -6.71 -39.85
N SER G 574 41.88 -6.40 -40.89
CA SER G 574 41.81 -7.25 -42.07
C SER G 574 43.11 -7.18 -42.86
N ASN G 575 43.77 -6.04 -42.79
CA ASN G 575 45.07 -5.86 -43.44
C ASN G 575 46.16 -6.67 -42.74
N GLU G 576 46.17 -6.62 -41.41
CA GLU G 576 47.11 -7.43 -40.64
C GLU G 576 46.82 -8.91 -40.79
N LEU G 577 45.56 -9.24 -41.00
CA LEU G 577 45.18 -10.63 -41.20
C LEU G 577 45.62 -11.12 -42.58
N ALA G 578 45.79 -10.19 -43.51
CA ALA G 578 46.31 -10.49 -44.83
C ALA G 578 47.82 -10.77 -44.80
N LYS G 579 48.53 -10.03 -43.95
CA LYS G 579 49.96 -10.28 -43.80
C LYS G 579 50.21 -11.66 -43.20
N GLU G 580 49.33 -12.08 -42.31
CA GLU G 580 49.50 -13.34 -41.59
C GLU G 580 49.03 -14.55 -42.38
N GLN G 581 47.90 -14.43 -43.06
CA GLN G 581 47.31 -15.61 -43.70
C GLN G 581 47.10 -15.44 -45.19
N GLY G 582 47.41 -14.26 -45.71
CA GLY G 582 47.25 -13.98 -47.13
C GLY G 582 45.96 -13.24 -47.46
N ALA G 583 46.01 -12.39 -48.47
CA ALA G 583 44.84 -11.64 -48.92
C ALA G 583 43.84 -12.57 -49.59
N CYS G 584 42.59 -12.12 -49.70
CA CYS G 584 41.56 -12.92 -50.38
C CYS G 584 41.92 -13.05 -51.86
N PRO G 585 41.63 -14.23 -52.44
CA PRO G 585 41.99 -14.57 -53.82
C PRO G 585 41.63 -13.51 -54.86
N TRP G 586 40.44 -12.93 -54.74
CA TRP G 586 39.96 -11.97 -55.74
C TRP G 586 40.10 -10.53 -55.26
N PHE G 587 41.11 -10.28 -54.44
CA PHE G 587 41.37 -8.94 -53.92
C PHE G 587 41.66 -7.95 -55.06
N ASN G 588 42.21 -8.45 -56.16
CA ASN G 588 42.56 -7.62 -57.29
C ASN G 588 41.35 -6.99 -57.98
N GLU G 589 40.16 -7.46 -57.63
CA GLU G 589 38.93 -6.95 -58.22
C GLU G 589 38.36 -5.80 -57.39
N THR G 590 39.07 -5.43 -56.33
CA THR G 590 38.62 -4.37 -55.43
C THR G 590 39.23 -3.03 -55.80
N THR G 591 38.61 -1.95 -55.31
CA THR G 591 39.19 -0.63 -55.45
C THR G 591 40.34 -0.46 -54.47
N TYR G 592 40.31 -1.23 -53.40
CA TYR G 592 41.39 -1.24 -52.42
C TYR G 592 42.71 -1.65 -53.06
N ALA G 593 42.64 -2.57 -54.02
CA ALA G 593 43.81 -3.05 -54.74
C ALA G 593 44.42 -1.93 -55.58
N LYS G 594 43.57 -1.00 -56.00
CA LYS G 594 44.01 0.12 -56.83
C LYS G 594 44.55 1.25 -55.96
N GLY G 595 44.54 1.05 -54.65
CA GLY G 595 44.99 2.07 -53.72
C GLY G 595 43.92 3.10 -53.45
N ILE G 596 42.67 2.74 -53.69
CA ILE G 596 41.55 3.64 -53.50
C ILE G 596 40.82 3.36 -52.18
N LEU G 597 40.51 4.42 -51.45
CA LEU G 597 39.86 4.31 -50.14
C LEU G 597 38.47 4.94 -50.15
N PRO G 598 37.62 4.56 -49.18
CA PRO G 598 36.30 5.18 -49.04
C PRO G 598 36.36 6.69 -48.89
N ILE G 599 37.46 7.19 -48.32
CA ILE G 599 37.61 8.63 -48.11
C ILE G 599 37.93 9.36 -49.41
N ASP G 600 38.12 8.61 -50.49
CA ASP G 600 38.44 9.21 -51.78
C ASP G 600 37.20 9.30 -52.66
N THR G 601 36.20 8.48 -52.38
CA THR G 601 35.09 8.30 -53.31
C THR G 601 33.72 8.65 -52.72
N TYR G 602 33.70 9.23 -51.52
CA TYR G 602 32.43 9.58 -50.90
C TYR G 602 31.78 10.73 -51.65
N LYS G 603 30.47 10.91 -51.47
CA LYS G 603 29.75 11.97 -52.16
C LYS G 603 30.12 13.35 -51.61
N LYS G 604 30.42 14.27 -52.53
CA LYS G 604 31.02 15.56 -52.21
C LYS G 604 30.17 16.44 -51.27
N ASP G 605 28.86 16.20 -51.25
CA ASP G 605 27.96 17.01 -50.44
C ASP G 605 28.14 16.81 -48.94
N LEU G 606 28.86 15.76 -48.56
CA LEU G 606 29.13 15.49 -47.15
C LEU G 606 30.00 16.59 -46.52
N ASP G 607 30.76 17.29 -47.36
CA ASP G 607 31.65 18.35 -46.90
C ASP G 607 30.89 19.58 -46.40
N THR G 608 29.60 19.63 -46.72
CA THR G 608 28.78 20.77 -46.34
C THR G 608 28.06 20.56 -45.01
N ILE G 609 28.05 19.32 -44.53
CA ILE G 609 27.32 18.99 -43.30
C ILE G 609 28.21 18.40 -42.24
N ALA G 610 29.51 18.31 -42.52
CA ALA G 610 30.48 17.82 -41.55
C ALA G 610 31.87 18.37 -41.85
N ASN G 611 32.51 18.91 -40.82
CA ASN G 611 33.85 19.47 -40.95
C ASN G 611 34.84 18.78 -40.04
N GLU G 612 34.50 17.59 -39.57
CA GLU G 612 35.38 16.82 -38.72
C GLU G 612 36.56 16.27 -39.53
N PRO G 613 37.78 16.53 -39.07
CA PRO G 613 38.99 16.04 -39.74
C PRO G 613 39.27 14.57 -39.45
N LEU G 614 40.09 13.95 -40.29
CA LEU G 614 40.51 12.57 -40.08
C LEU G 614 41.55 12.50 -38.96
N HIS G 615 41.36 11.58 -38.02
CA HIS G 615 42.27 11.48 -36.89
C HIS G 615 43.29 10.36 -36.99
N TYR G 616 43.05 9.41 -37.89
CA TYR G 616 43.95 8.26 -38.01
C TYR G 616 44.75 8.36 -39.30
N ASP G 617 45.86 7.63 -39.37
CA ASP G 617 46.75 7.71 -40.51
C ASP G 617 46.25 6.84 -41.66
N TRP G 618 45.40 7.42 -42.49
CA TRP G 618 44.81 6.71 -43.61
C TRP G 618 45.78 6.52 -44.78
N GLU G 619 46.78 7.38 -44.88
CA GLU G 619 47.74 7.27 -45.98
C GLU G 619 48.67 6.09 -45.76
N ALA G 620 49.05 5.85 -44.51
CA ALA G 620 49.86 4.69 -44.16
C ALA G 620 49.07 3.41 -44.39
N LEU G 621 47.79 3.45 -44.08
CA LEU G 621 46.91 2.31 -44.27
C LEU G 621 46.75 2.03 -45.76
N ARG G 622 46.67 3.10 -46.55
CA ARG G 622 46.59 2.98 -48.01
C ARG G 622 47.82 2.25 -48.55
N GLU G 623 48.99 2.57 -48.02
CA GLU G 623 50.24 1.97 -48.51
C GLU G 623 50.21 0.47 -48.21
N SER G 624 49.78 0.16 -47.00
CA SER G 624 49.77 -1.20 -46.50
C SER G 624 48.72 -2.08 -47.16
N ILE G 625 47.57 -1.50 -47.47
CA ILE G 625 46.51 -2.25 -48.12
C ILE G 625 46.86 -2.61 -49.56
N LYS G 626 47.39 -1.66 -50.32
CA LYS G 626 47.75 -1.95 -51.69
C LYS G 626 48.88 -2.95 -51.79
N THR G 627 49.73 -2.99 -50.78
CA THR G 627 50.92 -3.83 -50.80
C THR G 627 50.64 -5.25 -50.31
N HIS G 628 49.97 -5.36 -49.17
CA HIS G 628 49.73 -6.66 -48.56
C HIS G 628 48.31 -7.15 -48.75
N GLY G 629 47.43 -6.24 -49.17
CA GLY G 629 46.04 -6.59 -49.41
C GLY G 629 45.16 -6.60 -48.18
N LEU G 630 43.91 -7.03 -48.38
CA LEU G 630 42.98 -7.24 -47.29
C LEU G 630 42.56 -8.72 -47.29
N ARG G 631 42.32 -9.27 -46.11
CA ARG G 631 41.83 -10.63 -45.98
C ARG G 631 40.39 -10.70 -46.48
N ASN G 632 39.70 -9.57 -46.38
CA ASN G 632 38.29 -9.49 -46.70
C ASN G 632 37.98 -8.34 -47.64
N SER G 633 37.16 -8.59 -48.65
CA SER G 633 36.83 -7.58 -49.64
C SER G 633 35.98 -6.46 -49.05
N THR G 634 35.07 -6.83 -48.14
CA THR G 634 34.30 -5.84 -47.39
C THR G 634 34.41 -6.13 -45.90
N LEU G 635 34.12 -5.12 -45.09
CA LEU G 635 34.23 -5.26 -43.64
C LEU G 635 33.05 -4.68 -42.89
N SER G 636 32.49 -3.58 -43.40
CA SER G 636 31.43 -2.89 -42.68
C SER G 636 30.09 -2.89 -43.42
N ALA G 637 29.01 -2.97 -42.65
CA ALA G 637 27.64 -2.87 -43.14
C ALA G 637 26.74 -2.64 -41.94
N LEU G 638 25.83 -1.67 -42.03
CA LEU G 638 24.98 -1.34 -40.90
C LEU G 638 23.62 -2.03 -40.99
N MET G 639 23.53 -3.18 -40.35
CA MET G 639 22.30 -3.97 -40.32
C MET G 639 21.34 -3.47 -39.24
N PRO G 640 20.05 -3.81 -39.35
CA PRO G 640 19.09 -3.36 -38.33
C PRO G 640 19.27 -4.02 -36.96
N SER G 641 19.74 -5.26 -36.94
CA SER G 641 19.93 -6.01 -35.69
C SER G 641 18.69 -6.02 -34.79
N GLU G 642 17.52 -6.21 -35.39
CA GLU G 642 16.26 -6.17 -34.65
C GLU G 642 16.22 -7.19 -33.52
N THR G 643 16.75 -8.37 -33.79
CA THR G 643 16.69 -9.47 -32.83
C THR G 643 17.96 -9.57 -31.99
N SER G 644 19.11 -9.58 -32.65
CA SER G 644 20.39 -9.86 -31.99
C SER G 644 20.82 -8.77 -31.01
N SER G 645 20.34 -7.54 -31.21
CA SER G 645 20.71 -6.43 -30.33
C SER G 645 19.98 -6.50 -28.99
N GLN G 646 18.94 -7.32 -28.91
CA GLN G 646 18.18 -7.45 -27.67
C GLN G 646 18.96 -8.24 -26.62
N ILE G 647 19.95 -9.00 -27.07
CA ILE G 647 20.77 -9.81 -26.18
C ILE G 647 21.52 -8.93 -25.17
N SER G 648 21.96 -7.76 -25.60
CA SER G 648 22.65 -6.85 -24.71
C SER G 648 21.74 -5.72 -24.23
N ASN G 649 20.43 -5.86 -24.50
CA ASN G 649 19.45 -4.84 -24.20
C ASN G 649 19.80 -3.51 -24.86
N ALA G 650 20.39 -3.58 -26.04
CA ALA G 650 20.83 -2.39 -26.74
C ALA G 650 19.69 -1.79 -27.56
N THR G 651 19.79 -0.50 -27.84
CA THR G 651 18.93 0.10 -28.85
C THR G 651 19.38 -0.45 -30.18
N ASN G 652 18.45 -0.92 -31.01
CA ASN G 652 18.83 -1.66 -32.22
C ASN G 652 19.52 -0.80 -33.26
N GLY G 653 20.67 -1.27 -33.72
CA GLY G 653 21.40 -0.63 -34.80
C GLY G 653 21.68 0.85 -34.59
N ILE G 654 21.31 1.65 -35.58
CA ILE G 654 21.48 3.09 -35.51
C ILE G 654 20.14 3.78 -35.28
N GLU G 655 19.08 3.00 -35.11
CA GLU G 655 17.73 3.55 -34.99
C GLU G 655 17.44 4.11 -33.60
N PRO G 656 16.73 5.25 -33.56
CA PRO G 656 16.25 5.81 -32.30
C PRO G 656 15.04 5.04 -31.78
N PRO G 657 14.94 4.86 -30.45
CA PRO G 657 13.84 4.13 -29.82
C PRO G 657 12.49 4.80 -30.00
N ARG G 658 11.44 4.00 -30.00
CA ARG G 658 10.07 4.51 -30.17
C ARG G 658 9.62 5.23 -28.91
N GLY G 659 10.07 4.69 -27.78
CA GLY G 659 9.76 5.22 -26.48
C GLY G 659 10.75 4.69 -25.47
N TYR G 660 10.68 5.19 -24.25
CA TYR G 660 11.57 4.75 -23.19
C TYR G 660 11.35 3.28 -22.87
N VAL G 661 10.09 2.84 -22.99
CA VAL G 661 9.76 1.43 -22.88
C VAL G 661 9.14 0.94 -24.19
N SER G 662 9.91 0.17 -24.95
CA SER G 662 9.45 -0.33 -26.24
C SER G 662 8.75 -1.66 -26.09
N ILE G 663 7.68 -1.86 -26.87
CA ILE G 663 6.99 -3.15 -26.92
C ILE G 663 7.31 -3.87 -28.22
N LYS G 664 8.08 -4.95 -28.11
CA LYS G 664 8.48 -5.70 -29.29
C LYS G 664 7.82 -7.08 -29.34
N GLY G 669 4.75 -13.89 -26.67
CA GLY G 669 3.86 -12.76 -26.46
C GLY G 669 4.57 -11.43 -26.60
N ILE G 670 4.08 -10.41 -25.90
CA ILE G 670 4.67 -9.09 -25.96
C ILE G 670 5.85 -8.99 -25.00
N LEU G 671 6.87 -8.24 -25.41
CA LEU G 671 8.02 -8.01 -24.54
C LEU G 671 8.16 -6.53 -24.24
N ARG G 672 8.53 -6.21 -23.02
CA ARG G 672 8.83 -4.83 -22.65
C ARG G 672 10.34 -4.68 -22.55
N GLN G 673 10.86 -3.70 -23.29
CA GLN G 673 12.30 -3.45 -23.31
C GLN G 673 12.57 -2.00 -22.94
N VAL G 674 13.38 -1.81 -21.91
CA VAL G 674 13.70 -0.47 -21.44
C VAL G 674 14.99 0.00 -22.08
N VAL G 675 15.04 1.28 -22.46
CA VAL G 675 16.28 1.85 -22.97
C VAL G 675 17.38 1.76 -21.93
N PRO G 676 18.62 1.51 -22.38
CA PRO G 676 19.74 1.39 -21.44
C PRO G 676 19.97 2.66 -20.64
N ASP G 677 20.13 2.50 -19.33
CA ASP G 677 20.42 3.59 -18.39
C ASP G 677 19.35 4.68 -18.46
N TYR G 678 18.10 4.29 -18.34
CA TYR G 678 16.99 5.24 -18.39
C TYR G 678 17.05 6.20 -17.21
N GLU G 679 17.54 5.71 -16.09
CA GLU G 679 17.61 6.50 -14.87
C GLU G 679 18.42 7.78 -15.03
N HIS G 680 19.57 7.66 -15.69
CA HIS G 680 20.48 8.80 -15.84
C HIS G 680 20.28 9.54 -17.15
N LEU G 681 19.67 8.88 -18.13
CA LEU G 681 19.61 9.44 -19.48
C LEU G 681 18.19 9.65 -20.00
N HIS G 682 17.21 9.79 -19.12
CA HIS G 682 15.83 9.94 -19.54
C HIS G 682 15.61 11.20 -20.41
N ASP G 683 16.32 12.27 -20.12
CA ASP G 683 16.18 13.49 -20.90
C ASP G 683 17.17 13.57 -22.05
N ALA G 684 18.16 12.67 -22.05
CA ALA G 684 19.21 12.70 -23.05
C ALA G 684 18.76 12.02 -24.35
N TYR G 685 17.87 11.04 -24.23
CA TYR G 685 17.38 10.33 -25.41
C TYR G 685 16.47 11.21 -26.24
N GLU G 686 16.51 11.02 -27.55
CA GLU G 686 15.56 11.64 -28.45
C GLU G 686 14.71 10.56 -29.12
N LEU G 687 13.47 10.42 -28.66
CA LEU G 687 12.60 9.38 -29.15
C LEU G 687 12.22 9.63 -30.61
N LEU G 688 11.82 8.56 -31.30
CA LEU G 688 11.57 8.62 -32.74
C LEU G 688 10.54 9.67 -33.18
N TRP G 689 9.41 9.73 -32.49
CA TRP G 689 8.33 10.59 -32.93
C TRP G 689 8.42 11.99 -32.33
N GLU G 690 9.58 12.28 -31.75
CA GLU G 690 9.87 13.60 -31.23
C GLU G 690 10.69 14.40 -32.23
N MET G 691 10.94 13.81 -33.40
CA MET G 691 11.80 14.42 -34.40
C MET G 691 11.01 15.15 -35.47
N PRO G 692 11.52 16.31 -35.92
CA PRO G 692 10.86 17.18 -36.91
C PRO G 692 10.68 16.53 -38.27
N GLY G 693 11.62 15.68 -38.66
CA GLY G 693 11.58 15.06 -39.96
C GLY G 693 12.73 14.08 -40.11
N ASN G 694 13.13 13.82 -41.35
CA ASN G 694 14.16 12.84 -41.63
C ASN G 694 15.52 13.44 -41.97
N ASP G 695 15.56 14.77 -42.05
CA ASP G 695 16.77 15.51 -42.44
C ASP G 695 18.00 15.17 -41.62
N GLY G 696 17.88 15.28 -40.30
CA GLY G 696 19.00 15.00 -39.40
C GLY G 696 19.47 13.56 -39.46
N TYR G 697 18.52 12.64 -39.52
CA TYR G 697 18.83 11.21 -39.58
C TYR G 697 19.54 10.88 -40.89
N LEU G 698 19.02 11.41 -41.99
CA LEU G 698 19.59 11.13 -43.31
C LEU G 698 20.99 11.72 -43.46
N GLN G 699 21.26 12.82 -42.77
CA GLN G 699 22.60 13.40 -42.78
C GLN G 699 23.58 12.51 -42.04
N LEU G 700 23.14 11.94 -40.92
CA LEU G 700 23.98 11.03 -40.16
C LEU G 700 24.29 9.77 -40.96
N VAL G 701 23.29 9.24 -41.65
CA VAL G 701 23.45 8.05 -42.46
C VAL G 701 24.48 8.28 -43.57
N GLY G 702 24.38 9.42 -44.24
CA GLY G 702 25.31 9.77 -45.29
C GLY G 702 26.73 9.87 -44.79
N ILE G 703 26.89 10.45 -43.61
CA ILE G 703 28.20 10.57 -42.98
C ILE G 703 28.75 9.19 -42.63
N MET G 704 27.89 8.30 -42.17
CA MET G 704 28.28 6.92 -41.92
C MET G 704 28.72 6.24 -43.21
N GLN G 705 27.97 6.48 -44.29
CA GLN G 705 28.20 5.83 -45.57
C GLN G 705 29.56 6.19 -46.18
N LYS G 706 30.12 7.31 -45.73
CA LYS G 706 31.44 7.75 -46.16
C LYS G 706 32.50 6.69 -45.87
N PHE G 707 32.29 5.94 -44.79
CA PHE G 707 33.27 4.95 -44.34
C PHE G 707 32.78 3.53 -44.55
N ILE G 708 31.47 3.33 -44.57
CA ILE G 708 30.90 1.99 -44.71
C ILE G 708 31.16 1.41 -46.10
N ASP G 709 31.70 0.20 -46.12
CA ASP G 709 31.99 -0.49 -47.37
C ASP G 709 30.74 -0.78 -48.18
N GLN G 710 29.73 -1.30 -47.49
CA GLN G 710 28.49 -1.65 -48.16
C GLN G 710 27.45 -0.56 -47.95
N SER G 711 26.30 -0.91 -47.38
CA SER G 711 25.25 0.08 -47.22
C SER G 711 24.65 0.05 -45.82
N ILE G 712 23.56 0.78 -45.66
CA ILE G 712 22.92 0.98 -44.38
C ILE G 712 21.41 0.77 -44.48
N SER G 713 20.83 0.07 -43.52
CA SER G 713 19.39 -0.12 -43.49
C SER G 713 18.69 1.16 -43.03
N ALA G 714 18.73 2.18 -43.88
CA ALA G 714 18.21 3.49 -43.53
C ALA G 714 16.70 3.51 -43.55
N ASN G 715 16.11 3.97 -42.45
CA ASN G 715 14.67 4.08 -42.30
C ASN G 715 14.19 5.50 -42.60
N THR G 716 12.95 5.62 -43.08
CA THR G 716 12.29 6.92 -43.11
C THR G 716 11.06 6.83 -42.23
N ASN G 717 10.77 7.91 -41.51
CA ASN G 717 9.67 7.91 -40.56
C ASN G 717 8.77 9.12 -40.72
N TYR G 718 7.47 8.91 -40.58
CA TYR G 718 6.49 9.98 -40.72
C TYR G 718 5.37 9.87 -39.70
N ASP G 719 5.06 10.99 -39.05
CA ASP G 719 3.91 11.07 -38.16
C ASP G 719 2.82 11.85 -38.87
N PRO G 720 1.79 11.14 -39.36
CA PRO G 720 0.68 11.72 -40.13
C PRO G 720 -0.04 12.84 -39.39
N SER G 721 -0.06 12.76 -38.06
CA SER G 721 -0.78 13.73 -37.25
C SER G 721 -0.15 15.12 -37.31
N ARG G 722 1.10 15.18 -37.74
CA ARG G 722 1.84 16.43 -37.87
C ARG G 722 1.60 17.12 -39.21
N PHE G 723 0.83 16.48 -40.07
CA PHE G 723 0.62 16.98 -41.42
C PHE G 723 -0.84 17.38 -41.63
N PRO G 724 -1.09 18.35 -42.52
CA PRO G 724 -2.46 18.81 -42.78
C PRO G 724 -3.41 17.70 -43.19
N SER G 725 -4.59 17.69 -42.56
CA SER G 725 -5.63 16.69 -42.83
C SER G 725 -5.14 15.27 -42.55
N GLY G 726 -4.06 15.15 -41.79
CA GLY G 726 -3.55 13.86 -41.37
C GLY G 726 -2.97 12.98 -42.47
N LYS G 727 -2.55 13.61 -43.56
CA LYS G 727 -1.97 12.84 -44.67
C LYS G 727 -0.64 13.43 -45.10
N VAL G 728 0.38 12.57 -45.18
CA VAL G 728 1.71 12.98 -45.57
C VAL G 728 1.76 13.22 -47.07
N PRO G 729 2.08 14.47 -47.48
CA PRO G 729 2.10 14.84 -48.89
C PRO G 729 3.20 14.15 -49.68
N MET G 730 2.92 13.87 -50.95
CA MET G 730 3.89 13.21 -51.82
C MET G 730 5.13 14.10 -51.98
N GLN G 731 4.91 15.40 -51.93
CA GLN G 731 5.99 16.37 -52.07
C GLN G 731 7.03 16.19 -50.96
N GLN G 732 6.58 15.84 -49.76
CA GLN G 732 7.46 15.60 -48.64
C GLN G 732 8.18 14.26 -48.79
N LEU G 733 7.47 13.27 -49.32
CA LEU G 733 8.05 11.96 -49.57
C LEU G 733 9.18 12.05 -50.59
N LEU G 734 8.95 12.84 -51.64
CA LEU G 734 9.92 13.01 -52.71
C LEU G 734 11.12 13.86 -52.26
N LYS G 735 10.87 14.79 -51.35
CA LYS G 735 11.92 15.66 -50.83
C LYS G 735 12.94 14.87 -50.03
N ASP G 736 12.47 13.99 -49.16
CA ASP G 736 13.36 13.16 -48.35
C ASP G 736 14.13 12.15 -49.21
N LEU G 737 13.48 11.65 -50.25
CA LEU G 737 14.12 10.73 -51.19
C LEU G 737 15.30 11.40 -51.89
N LEU G 738 15.10 12.63 -52.32
CA LEU G 738 16.14 13.38 -53.00
C LEU G 738 17.26 13.80 -52.06
N THR G 739 16.92 14.06 -50.80
CA THR G 739 17.90 14.40 -49.79
C THR G 739 18.87 13.25 -49.54
N ALA G 740 18.31 12.04 -49.45
CA ALA G 740 19.13 10.85 -49.24
C ALA G 740 20.13 10.68 -50.38
N TYR G 741 19.66 10.84 -51.61
CA TYR G 741 20.53 10.72 -52.77
C TYR G 741 21.60 11.81 -52.75
N LYS G 742 21.19 13.01 -52.34
CA LYS G 742 22.09 14.15 -52.28
C LYS G 742 23.29 13.88 -51.37
N PHE G 743 23.04 13.17 -50.27
CA PHE G 743 24.08 12.93 -49.28
C PHE G 743 24.73 11.55 -49.44
N GLY G 744 24.47 10.92 -50.59
CA GLY G 744 25.16 9.70 -50.96
C GLY G 744 24.62 8.43 -50.35
N VAL G 745 23.40 8.50 -49.83
CA VAL G 745 22.74 7.32 -49.28
C VAL G 745 22.49 6.29 -50.38
N LYS G 746 22.97 5.06 -50.15
CA LYS G 746 22.91 4.01 -51.16
C LYS G 746 21.55 3.34 -51.22
N THR G 747 20.96 3.06 -50.06
CA THR G 747 19.71 2.34 -50.01
C THR G 747 18.73 2.95 -49.03
N LEU G 748 17.45 2.65 -49.22
CA LEU G 748 16.40 3.04 -48.27
C LEU G 748 15.58 1.84 -47.85
N TYR G 749 15.53 1.59 -46.55
CA TYR G 749 14.86 0.43 -46.00
C TYR G 749 13.42 0.77 -45.64
N TYR G 750 13.01 0.45 -44.41
CA TYR G 750 11.64 0.67 -43.96
C TYR G 750 11.17 2.12 -44.09
N GLN G 751 9.91 2.32 -44.41
CA GLN G 751 9.24 3.56 -44.10
C GLN G 751 8.23 3.29 -43.00
N ASN G 752 8.44 3.90 -41.85
CA ASN G 752 7.58 3.72 -40.70
C ASN G 752 6.55 4.83 -40.64
N THR G 753 5.28 4.44 -40.54
CA THR G 753 4.20 5.39 -40.40
C THR G 753 3.55 5.22 -39.03
N ARG G 754 3.56 6.27 -38.22
CA ARG G 754 3.03 6.21 -36.87
C ARG G 754 1.53 5.96 -36.87
N ASP G 755 1.07 5.15 -35.91
CA ASP G 755 -0.36 4.89 -35.74
C ASP G 755 -0.98 5.82 -34.71
N ASN H 21 -24.05 1.26 -98.68
CA ASN H 21 -24.16 -0.13 -99.08
C ASN H 21 -23.27 -0.43 -100.26
N GLN H 22 -23.19 0.54 -101.17
CA GLN H 22 -22.12 0.61 -102.15
C GLN H 22 -21.38 1.89 -101.82
N ASN H 23 -20.45 2.31 -102.67
CA ASN H 23 -19.60 3.48 -102.40
C ASN H 23 -18.75 3.23 -101.17
N LEU H 24 -18.81 2.00 -100.69
CA LEU H 24 -17.97 1.53 -99.62
C LEU H 24 -16.63 1.14 -100.22
N LEU H 25 -15.57 1.45 -99.51
CA LEU H 25 -14.24 1.08 -99.95
C LEU H 25 -13.74 -0.05 -99.08
N VAL H 26 -12.85 -0.87 -99.61
CA VAL H 26 -12.22 -1.89 -98.81
C VAL H 26 -10.72 -1.64 -98.85
N THR H 27 -10.01 -2.10 -97.83
CA THR H 27 -8.57 -1.96 -97.81
C THR H 27 -7.94 -3.29 -98.18
N LYS H 28 -7.22 -3.29 -99.30
CA LYS H 28 -6.58 -4.51 -99.77
C LYS H 28 -5.36 -4.82 -98.91
N ARG H 29 -4.70 -5.92 -99.20
CA ARG H 29 -3.57 -6.35 -98.40
C ARG H 29 -2.36 -5.45 -98.62
N ASP H 30 -2.24 -4.89 -99.82
CA ASP H 30 -1.11 -4.03 -100.13
C ASP H 30 -1.25 -2.64 -99.52
N GLY H 31 -2.42 -2.36 -98.97
CA GLY H 31 -2.69 -1.08 -98.37
C GLY H 31 -3.53 -0.16 -99.22
N SER H 32 -3.73 -0.53 -100.49
CA SER H 32 -4.54 0.27 -101.39
C SER H 32 -6.02 0.10 -101.10
N THR H 33 -6.86 0.88 -101.77
CA THR H 33 -8.30 0.77 -101.59
C THR H 33 -8.99 0.55 -102.93
N GLU H 34 -10.13 -0.14 -102.89
CA GLU H 34 -10.96 -0.29 -104.06
C GLU H 34 -12.41 -0.40 -103.66
N ARG H 35 -13.29 -0.10 -104.60
CA ARG H 35 -14.72 -0.15 -104.37
C ARG H 35 -15.14 -1.57 -104.04
N ILE H 36 -16.06 -1.74 -103.09
CA ILE H 36 -16.45 -3.07 -102.64
C ILE H 36 -17.10 -3.88 -103.77
N ASN H 37 -16.76 -5.17 -103.82
CA ASN H 37 -17.26 -6.06 -104.85
C ASN H 37 -17.86 -7.31 -104.23
N LEU H 38 -19.18 -7.33 -104.12
CA LEU H 38 -19.89 -8.43 -103.47
C LEU H 38 -19.83 -9.72 -104.29
N ASP H 39 -19.45 -9.58 -105.56
CA ASP H 39 -19.31 -10.73 -106.43
C ASP H 39 -18.06 -11.53 -106.11
N LYS H 40 -17.01 -10.83 -105.69
CA LYS H 40 -15.77 -11.47 -105.27
C LYS H 40 -15.99 -12.35 -104.06
N ILE H 41 -16.75 -11.83 -103.10
CA ILE H 41 -17.09 -12.58 -101.91
C ILE H 41 -17.98 -13.78 -102.26
N HIS H 42 -18.95 -13.53 -103.14
CA HIS H 42 -19.88 -14.56 -103.56
C HIS H 42 -19.15 -15.71 -104.25
N ARG H 43 -18.10 -15.33 -104.98
CA ARG H 43 -17.30 -16.28 -105.74
C ARG H 43 -16.58 -17.23 -104.79
N VAL H 44 -16.06 -16.65 -103.71
CA VAL H 44 -15.35 -17.40 -102.69
C VAL H 44 -16.29 -18.35 -101.96
N LEU H 45 -17.50 -17.87 -101.71
CA LEU H 45 -18.53 -18.66 -101.04
C LEU H 45 -18.98 -19.85 -101.87
N ASP H 46 -19.03 -19.68 -103.19
CA ASP H 46 -19.43 -20.77 -104.08
C ASP H 46 -18.41 -21.91 -104.06
N ALA H 47 -17.13 -21.57 -103.98
CA ALA H 47 -16.07 -22.56 -103.98
C ALA H 47 -16.09 -23.40 -102.70
N ALA H 48 -16.45 -22.77 -101.59
CA ALA H 48 -16.43 -23.45 -100.30
C ALA H 48 -17.71 -24.25 -100.09
N ALA H 49 -18.74 -23.94 -100.87
CA ALA H 49 -20.03 -24.58 -100.74
C ALA H 49 -20.20 -25.73 -101.72
N GLU H 50 -19.15 -26.01 -102.47
CA GLU H 50 -19.19 -27.06 -103.49
C GLU H 50 -19.41 -28.44 -102.88
N GLY H 51 -20.51 -29.09 -103.27
CA GLY H 51 -20.80 -30.43 -102.82
C GLY H 51 -21.57 -30.51 -101.50
N LEU H 52 -21.90 -29.36 -100.93
CA LEU H 52 -22.61 -29.32 -99.65
C LEU H 52 -24.12 -29.27 -99.88
N HIS H 53 -24.88 -29.68 -98.87
CA HIS H 53 -26.34 -29.70 -99.00
C HIS H 53 -26.98 -28.84 -97.92
N ASN H 54 -28.11 -28.25 -98.27
CA ASN H 54 -28.88 -27.41 -97.35
C ASN H 54 -28.09 -26.24 -96.79
N VAL H 55 -27.13 -25.73 -97.55
CA VAL H 55 -26.42 -24.53 -97.17
C VAL H 55 -26.82 -23.38 -98.08
N SER H 56 -26.80 -22.17 -97.54
CA SER H 56 -27.26 -21.00 -98.27
C SER H 56 -26.20 -19.90 -98.34
N ILE H 57 -25.76 -19.59 -99.56
CA ILE H 57 -24.80 -18.52 -99.78
C ILE H 57 -25.38 -17.18 -99.34
N SER H 58 -26.66 -16.97 -99.64
CA SER H 58 -27.36 -15.73 -99.31
C SER H 58 -27.43 -15.46 -97.81
N GLN H 59 -27.74 -16.48 -97.02
CA GLN H 59 -27.84 -16.34 -95.57
C GLN H 59 -26.51 -15.87 -94.99
N VAL H 60 -25.42 -16.43 -95.48
CA VAL H 60 -24.09 -16.05 -95.04
C VAL H 60 -23.76 -14.61 -95.45
N GLU H 61 -24.13 -14.27 -96.68
CA GLU H 61 -23.91 -12.93 -97.21
C GLU H 61 -24.68 -11.89 -96.40
N LEU H 62 -25.93 -12.21 -96.12
CA LEU H 62 -26.79 -11.32 -95.35
C LEU H 62 -26.22 -11.09 -93.96
N ARG H 63 -25.70 -12.15 -93.37
CA ARG H 63 -25.15 -12.09 -92.03
C ARG H 63 -23.80 -11.38 -91.98
N SER H 64 -23.12 -11.35 -93.13
CA SER H 64 -21.76 -10.79 -93.20
C SER H 64 -21.76 -9.33 -93.63
N HIS H 65 -22.55 -9.02 -94.65
CA HIS H 65 -22.56 -7.70 -95.26
C HIS H 65 -22.94 -6.62 -94.24
N ILE H 66 -23.83 -6.98 -93.32
CA ILE H 66 -24.33 -6.03 -92.33
C ILE H 66 -23.24 -5.54 -91.38
N GLN H 67 -22.14 -6.30 -91.27
CA GLN H 67 -21.09 -5.95 -90.33
C GLN H 67 -19.99 -5.13 -91.01
N PHE H 68 -20.12 -4.95 -92.32
CA PHE H 68 -19.11 -4.24 -93.09
C PHE H 68 -19.20 -2.73 -92.84
N TYR H 69 -18.10 -2.04 -93.05
CA TYR H 69 -18.06 -0.59 -92.93
C TYR H 69 -17.09 0.00 -93.95
N ASP H 70 -17.15 1.32 -94.14
CA ASP H 70 -16.31 1.97 -95.14
C ASP H 70 -14.83 1.82 -94.79
N GLY H 71 -14.06 1.29 -95.72
CA GLY H 71 -12.63 1.13 -95.51
C GLY H 71 -12.25 -0.12 -94.74
N ILE H 72 -13.20 -1.05 -94.64
CA ILE H 72 -12.97 -2.29 -93.92
C ILE H 72 -11.85 -3.08 -94.59
N LYS H 73 -10.94 -3.62 -93.77
CA LYS H 73 -9.83 -4.40 -94.28
C LYS H 73 -10.35 -5.68 -94.92
N THR H 74 -9.72 -6.09 -96.01
CA THR H 74 -10.16 -7.25 -96.77
C THR H 74 -10.02 -8.55 -95.97
N SER H 75 -9.11 -8.56 -95.00
CA SER H 75 -8.90 -9.72 -94.16
C SER H 75 -9.98 -9.84 -93.10
N ASP H 76 -10.49 -8.70 -92.64
CA ASP H 76 -11.58 -8.68 -91.67
C ASP H 76 -12.88 -9.10 -92.34
N ILE H 77 -12.96 -8.85 -93.64
CA ILE H 77 -14.10 -9.30 -94.43
C ILE H 77 -14.11 -10.83 -94.45
N HIS H 78 -12.94 -11.41 -94.67
CA HIS H 78 -12.81 -12.86 -94.74
C HIS H 78 -13.10 -13.51 -93.40
N GLU H 79 -12.64 -12.90 -92.32
CA GLU H 79 -12.92 -13.44 -90.99
C GLU H 79 -14.41 -13.34 -90.66
N THR H 80 -15.06 -12.35 -91.25
CA THR H 80 -16.48 -12.14 -91.02
C THR H 80 -17.34 -13.24 -91.65
N ILE H 81 -17.00 -13.63 -92.87
CA ILE H 81 -17.78 -14.64 -93.58
C ILE H 81 -17.56 -16.04 -93.00
N ILE H 82 -16.40 -16.24 -92.38
CA ILE H 82 -16.09 -17.51 -91.73
C ILE H 82 -16.95 -17.69 -90.49
N LYS H 83 -16.97 -16.68 -89.63
CA LYS H 83 -17.76 -16.69 -88.41
C LYS H 83 -19.25 -16.73 -88.72
N ALA H 84 -19.65 -16.04 -89.78
CA ALA H 84 -21.04 -16.02 -90.21
C ALA H 84 -21.49 -17.42 -90.60
N ALA H 85 -20.63 -18.15 -91.31
CA ALA H 85 -20.90 -19.51 -91.71
C ALA H 85 -20.87 -20.45 -90.52
N ALA H 86 -19.98 -20.17 -89.57
CA ALA H 86 -19.82 -21.00 -88.39
C ALA H 86 -21.00 -20.86 -87.44
N ASP H 87 -21.67 -19.71 -87.49
CA ASP H 87 -22.82 -19.47 -86.62
C ASP H 87 -24.03 -20.24 -87.08
N LEU H 88 -24.00 -20.71 -88.33
CA LEU H 88 -25.14 -21.38 -88.90
C LEU H 88 -25.04 -22.90 -88.81
N ILE H 89 -23.97 -23.39 -88.17
CA ILE H 89 -23.82 -24.82 -87.95
C ILE H 89 -24.92 -25.31 -87.00
N SER H 90 -25.76 -26.22 -87.48
CA SER H 90 -26.92 -26.67 -86.70
C SER H 90 -27.33 -28.09 -87.09
N ARG H 91 -28.36 -28.61 -86.43
CA ARG H 91 -28.89 -29.93 -86.78
C ARG H 91 -29.61 -29.89 -88.12
N ASP H 92 -30.25 -28.76 -88.42
CA ASP H 92 -30.97 -28.61 -89.67
C ASP H 92 -30.01 -28.51 -90.85
N ALA H 93 -28.90 -27.82 -90.65
CA ALA H 93 -27.90 -27.66 -91.70
C ALA H 93 -26.49 -27.88 -91.19
N PRO H 94 -26.11 -29.15 -90.98
CA PRO H 94 -24.79 -29.49 -90.45
C PRO H 94 -23.64 -29.19 -91.40
N ASP H 95 -23.92 -29.09 -92.70
CA ASP H 95 -22.87 -28.87 -93.70
C ASP H 95 -22.23 -27.50 -93.63
N TYR H 96 -22.70 -26.65 -92.74
CA TYR H 96 -22.06 -25.37 -92.49
C TYR H 96 -20.70 -25.57 -91.82
N GLN H 97 -20.50 -26.76 -91.26
CA GLN H 97 -19.23 -27.10 -90.62
C GLN H 97 -18.11 -27.21 -91.65
N TYR H 98 -18.47 -27.59 -92.88
CA TYR H 98 -17.48 -27.73 -93.94
C TYR H 98 -17.36 -26.44 -94.72
N LEU H 99 -18.44 -25.68 -94.79
CA LEU H 99 -18.44 -24.38 -95.45
C LEU H 99 -17.53 -23.42 -94.70
N ALA H 100 -17.71 -23.36 -93.39
CA ALA H 100 -16.91 -22.51 -92.53
C ALA H 100 -15.45 -22.96 -92.51
N ALA H 101 -15.23 -24.27 -92.52
CA ALA H 101 -13.89 -24.83 -92.48
C ALA H 101 -13.10 -24.46 -93.74
N ARG H 102 -13.72 -24.67 -94.89
CA ARG H 102 -13.08 -24.38 -96.17
C ARG H 102 -12.78 -22.90 -96.33
N LEU H 103 -13.70 -22.05 -95.89
CA LEU H 103 -13.47 -20.60 -95.91
C LEU H 103 -12.28 -20.25 -95.02
N ALA H 104 -12.15 -20.95 -93.91
CA ALA H 104 -11.04 -20.75 -93.00
C ALA H 104 -9.74 -21.26 -93.61
N ILE H 105 -9.82 -22.39 -94.32
CA ILE H 105 -8.69 -22.96 -95.03
C ILE H 105 -8.18 -21.98 -96.08
N PHE H 106 -9.10 -21.37 -96.80
CA PHE H 106 -8.77 -20.38 -97.83
C PHE H 106 -7.93 -19.25 -97.26
N HIS H 107 -8.37 -18.70 -96.14
CA HIS H 107 -7.70 -17.57 -95.52
C HIS H 107 -6.32 -17.95 -95.01
N LEU H 108 -6.21 -19.16 -94.50
CA LEU H 108 -4.95 -19.66 -93.97
C LEU H 108 -3.90 -19.82 -95.08
N ARG H 109 -4.36 -20.16 -96.29
CA ARG H 109 -3.48 -20.27 -97.45
C ARG H 109 -2.84 -18.91 -97.77
N LYS H 110 -3.65 -17.87 -97.80
CA LYS H 110 -3.18 -16.52 -98.07
C LYS H 110 -2.23 -16.05 -96.98
N LYS H 111 -2.54 -16.38 -95.74
CA LYS H 111 -1.71 -15.99 -94.61
C LYS H 111 -0.35 -16.65 -94.64
N ALA H 112 -0.30 -17.89 -95.11
CA ALA H 112 0.95 -18.65 -95.09
C ALA H 112 1.75 -18.45 -96.38
N TYR H 113 1.05 -18.34 -97.51
CA TYR H 113 1.72 -18.34 -98.80
C TYR H 113 1.51 -17.08 -99.63
N GLY H 114 0.48 -16.32 -99.31
CA GLY H 114 0.16 -15.15 -100.10
C GLY H 114 -0.66 -15.52 -101.32
N GLN H 115 -1.02 -16.78 -101.41
CA GLN H 115 -1.81 -17.29 -102.53
C GLN H 115 -2.54 -18.55 -102.09
N PHE H 116 -3.45 -19.04 -102.92
CA PHE H 116 -4.21 -20.23 -102.57
C PHE H 116 -3.36 -21.49 -102.69
N GLU H 117 -2.65 -21.61 -103.81
CA GLU H 117 -1.87 -22.80 -104.10
C GLU H 117 -0.58 -22.85 -103.30
N PRO H 118 -0.37 -23.94 -102.55
CA PRO H 118 0.86 -24.10 -101.79
C PRO H 118 2.07 -24.25 -102.71
N PRO H 119 3.26 -23.82 -102.26
CA PRO H 119 4.47 -23.95 -103.05
C PRO H 119 4.95 -25.39 -103.10
N ALA H 120 6.03 -25.64 -103.83
CA ALA H 120 6.65 -26.95 -103.83
C ALA H 120 7.20 -27.23 -102.43
N LEU H 121 7.08 -28.47 -101.99
CA LEU H 121 7.47 -28.86 -100.65
C LEU H 121 8.92 -28.50 -100.34
N TYR H 122 9.81 -28.74 -101.30
CA TYR H 122 11.22 -28.47 -101.10
C TYR H 122 11.52 -27.00 -100.86
N ASP H 123 10.92 -26.13 -101.68
CA ASP H 123 11.14 -24.70 -101.54
C ASP H 123 10.64 -24.18 -100.19
N HIS H 124 9.51 -24.72 -99.76
CA HIS H 124 8.90 -24.37 -98.48
C HIS H 124 9.83 -24.71 -97.33
N VAL H 125 10.32 -25.95 -97.32
CA VAL H 125 11.21 -26.42 -96.26
C VAL H 125 12.50 -25.61 -96.23
N VAL H 126 13.08 -25.36 -97.40
CA VAL H 126 14.31 -24.57 -97.49
C VAL H 126 14.13 -23.18 -96.89
N LYS H 127 13.05 -22.51 -97.26
CA LYS H 127 12.74 -21.19 -96.75
C LYS H 127 12.51 -21.20 -95.24
N MET H 128 11.79 -22.23 -94.78
CA MET H 128 11.44 -22.35 -93.37
C MET H 128 12.61 -22.72 -92.47
N VAL H 129 13.54 -23.51 -92.99
CA VAL H 129 14.76 -23.86 -92.26
C VAL H 129 15.64 -22.63 -92.09
N GLU H 130 15.74 -21.82 -93.14
CA GLU H 130 16.47 -20.55 -93.06
C GLU H 130 15.87 -19.57 -92.07
N MET H 131 14.54 -19.55 -91.98
CA MET H 131 13.86 -18.65 -91.05
C MET H 131 13.94 -19.19 -89.63
N GLY H 132 14.41 -20.42 -89.49
CA GLY H 132 14.58 -21.05 -88.20
C GLY H 132 13.29 -21.62 -87.65
N LYS H 133 12.33 -21.87 -88.54
CA LYS H 133 11.03 -22.37 -88.13
C LYS H 133 10.95 -23.89 -88.20
N TYR H 134 11.78 -24.48 -89.06
CA TYR H 134 11.88 -25.93 -89.14
C TYR H 134 13.24 -26.41 -88.66
N ASP H 135 13.31 -27.67 -88.25
CA ASP H 135 14.57 -28.26 -87.79
C ASP H 135 15.54 -28.42 -88.95
N ASN H 136 16.83 -28.20 -88.67
CA ASN H 136 17.88 -28.28 -89.67
C ASN H 136 18.01 -29.65 -90.33
N HIS H 137 17.67 -30.69 -89.57
CA HIS H 137 17.91 -32.07 -90.01
C HIS H 137 17.16 -32.44 -91.29
N LEU H 138 16.08 -31.75 -91.58
CA LEU H 138 15.26 -32.07 -92.75
C LEU H 138 16.04 -31.96 -94.06
N LEU H 139 16.85 -30.93 -94.18
CA LEU H 139 17.63 -30.71 -95.39
C LEU H 139 18.87 -31.59 -95.42
N GLU H 140 19.17 -32.24 -94.30
CA GLU H 140 20.30 -33.13 -94.20
C GLU H 140 19.92 -34.58 -94.46
N ASP H 141 18.71 -34.96 -94.06
CA ASP H 141 18.29 -36.35 -94.11
C ASP H 141 17.58 -36.69 -95.42
N TYR H 142 17.07 -35.67 -96.09
CA TYR H 142 16.38 -35.86 -97.37
C TYR H 142 16.99 -35.00 -98.46
N THR H 143 17.07 -35.55 -99.66
CA THR H 143 17.56 -34.80 -100.80
C THR H 143 16.41 -34.04 -101.46
N GLU H 144 16.75 -33.11 -102.34
CA GLU H 144 15.75 -32.34 -103.07
C GLU H 144 14.87 -33.26 -103.90
N GLU H 145 15.47 -34.32 -104.43
CA GLU H 145 14.74 -35.31 -105.22
C GLU H 145 13.73 -36.03 -104.33
N GLU H 146 14.11 -36.27 -103.07
CA GLU H 146 13.24 -36.94 -102.13
C GLU H 146 12.11 -36.02 -101.65
N PHE H 147 12.38 -34.72 -101.59
CA PHE H 147 11.37 -33.75 -101.24
C PHE H 147 10.35 -33.58 -102.36
N LYS H 148 10.83 -33.60 -103.60
CA LYS H 148 9.92 -33.54 -104.75
C LYS H 148 9.11 -34.81 -104.85
N GLN H 149 9.69 -35.92 -104.40
CA GLN H 149 9.02 -37.20 -104.39
C GLN H 149 7.98 -37.24 -103.28
N MET H 150 8.30 -36.65 -102.13
CA MET H 150 7.37 -36.57 -101.02
C MET H 150 6.22 -35.62 -101.35
N ASP H 151 6.48 -34.65 -102.23
CA ASP H 151 5.46 -33.70 -102.62
C ASP H 151 4.35 -34.37 -103.43
N THR H 152 4.69 -35.45 -104.13
CA THR H 152 3.70 -36.16 -104.94
C THR H 152 2.80 -37.00 -104.06
N PHE H 153 3.22 -37.23 -102.82
CA PHE H 153 2.38 -37.93 -101.84
C PHE H 153 1.27 -37.00 -101.37
N ILE H 154 1.58 -35.71 -101.33
CA ILE H 154 0.70 -34.70 -100.77
C ILE H 154 -0.54 -34.46 -101.62
N ASP H 155 -1.70 -34.48 -100.96
CA ASP H 155 -2.95 -34.09 -101.56
C ASP H 155 -3.53 -32.91 -100.78
N HIS H 156 -3.30 -31.70 -101.28
CA HIS H 156 -3.74 -30.49 -100.60
C HIS H 156 -5.26 -30.37 -100.54
N ASP H 157 -5.95 -31.13 -101.38
CA ASP H 157 -7.41 -31.09 -101.42
C ASP H 157 -8.02 -31.76 -100.21
N ARG H 158 -7.19 -32.41 -99.40
CA ARG H 158 -7.65 -33.04 -98.18
C ARG H 158 -7.94 -32.00 -97.12
N ASP H 159 -7.47 -30.78 -97.37
CA ASP H 159 -7.76 -29.65 -96.49
C ASP H 159 -9.23 -29.27 -96.55
N MET H 160 -9.92 -29.76 -97.58
CA MET H 160 -11.34 -29.48 -97.77
C MET H 160 -12.20 -30.54 -97.11
N THR H 161 -11.56 -31.43 -96.36
CA THR H 161 -12.28 -32.50 -95.66
C THR H 161 -12.39 -32.21 -94.16
N PHE H 162 -11.74 -31.16 -93.72
CA PHE H 162 -11.82 -30.74 -92.31
C PHE H 162 -13.17 -30.14 -91.96
N SER H 163 -13.59 -30.33 -90.72
CA SER H 163 -14.73 -29.61 -90.18
C SER H 163 -14.19 -28.33 -89.52
N TYR H 164 -15.08 -27.42 -89.17
CA TYR H 164 -14.69 -26.11 -88.67
C TYR H 164 -13.87 -26.17 -87.39
N ALA H 165 -14.28 -27.05 -86.48
CA ALA H 165 -13.57 -27.23 -85.22
C ALA H 165 -12.13 -27.69 -85.46
N ALA H 166 -11.93 -28.51 -86.47
CA ALA H 166 -10.59 -29.00 -86.81
C ALA H 166 -9.68 -27.85 -87.24
N VAL H 167 -10.21 -26.99 -88.11
CA VAL H 167 -9.42 -25.91 -88.67
C VAL H 167 -9.07 -24.86 -87.62
N LYS H 168 -9.96 -24.66 -86.66
CA LYS H 168 -9.72 -23.71 -85.58
C LYS H 168 -8.64 -24.21 -84.63
N GLN H 169 -8.58 -25.52 -84.42
CA GLN H 169 -7.52 -26.08 -83.60
C GLN H 169 -6.22 -26.06 -84.37
N LEU H 170 -6.31 -26.19 -85.69
CA LEU H 170 -5.14 -26.13 -86.55
C LEU H 170 -4.47 -24.76 -86.47
N GLU H 171 -5.24 -23.71 -86.71
CA GLU H 171 -4.70 -22.36 -86.75
C GLU H 171 -4.37 -21.83 -85.37
N GLY H 172 -5.10 -22.30 -84.36
CA GLY H 172 -4.91 -21.82 -83.02
C GLY H 172 -3.72 -22.45 -82.33
N LYS H 173 -3.52 -23.74 -82.55
CA LYS H 173 -2.53 -24.48 -81.78
C LYS H 173 -1.48 -25.20 -82.63
N TYR H 174 -1.92 -25.87 -83.68
CA TYR H 174 -1.08 -26.87 -84.33
C TYR H 174 -0.18 -26.31 -85.43
N LEU H 175 -0.73 -25.49 -86.32
CA LEU H 175 0.06 -24.97 -87.43
C LEU H 175 1.22 -24.12 -86.93
N VAL H 176 2.38 -24.31 -87.54
CA VAL H 176 3.57 -23.56 -87.16
C VAL H 176 3.32 -22.08 -87.37
N GLN H 177 3.55 -21.30 -86.32
CA GLN H 177 3.19 -19.89 -86.33
C GLN H 177 4.01 -19.09 -85.34
N ASN H 178 3.96 -17.76 -85.49
CA ASN H 178 4.61 -16.86 -84.56
C ASN H 178 3.64 -16.52 -83.44
N ARG H 179 4.00 -16.86 -82.21
CA ARG H 179 3.10 -16.70 -81.07
C ARG H 179 3.04 -15.25 -80.58
N VAL H 180 3.89 -14.40 -81.14
CA VAL H 180 3.89 -12.98 -80.82
C VAL H 180 3.24 -12.17 -81.93
N THR H 181 3.58 -12.51 -83.17
CA THR H 181 3.09 -11.79 -84.34
C THR H 181 1.71 -12.27 -84.77
N GLY H 182 1.51 -13.58 -84.73
CA GLY H 182 0.27 -14.18 -85.16
C GLY H 182 0.38 -14.74 -86.56
N GLU H 183 1.56 -14.64 -87.14
CA GLU H 183 1.80 -15.05 -88.51
C GLU H 183 1.79 -16.56 -88.69
N ILE H 184 0.98 -17.04 -89.63
CA ILE H 184 0.91 -18.46 -89.96
C ILE H 184 1.96 -18.77 -91.03
N TYR H 185 2.63 -19.90 -90.89
CA TYR H 185 3.75 -20.23 -91.76
C TYR H 185 3.50 -21.43 -92.68
N GLU H 186 2.48 -22.23 -92.38
CA GLU H 186 2.27 -23.47 -93.12
C GLU H 186 0.80 -23.84 -93.29
N SER H 187 0.55 -24.94 -94.00
CA SER H 187 -0.80 -25.48 -94.14
C SER H 187 -0.83 -26.92 -93.63
N ALA H 188 -2.04 -27.47 -93.55
CA ALA H 188 -2.26 -28.75 -92.86
C ALA H 188 -1.52 -29.93 -93.49
N GLN H 189 -1.45 -29.96 -94.81
CA GLN H 189 -0.82 -31.10 -95.48
C GLN H 189 0.70 -31.04 -95.37
N PHE H 190 1.25 -29.84 -95.22
CA PHE H 190 2.67 -29.70 -94.95
C PHE H 190 2.98 -30.17 -93.53
N LEU H 191 2.06 -29.91 -92.62
CA LEU H 191 2.17 -30.39 -91.25
C LEU H 191 2.27 -31.91 -91.26
N TYR H 192 1.30 -32.53 -91.92
CA TYR H 192 1.16 -33.98 -91.95
C TYR H 192 2.36 -34.69 -92.59
N ILE H 193 2.81 -34.20 -93.73
CA ILE H 193 3.86 -34.87 -94.46
C ILE H 193 5.21 -34.74 -93.76
N LEU H 194 5.41 -33.64 -93.04
CA LEU H 194 6.67 -33.39 -92.38
C LEU H 194 6.75 -34.05 -91.01
N VAL H 195 5.59 -34.23 -90.38
CA VAL H 195 5.53 -35.04 -89.18
C VAL H 195 5.95 -36.46 -89.52
N ALA H 196 5.41 -36.97 -90.63
CA ALA H 196 5.77 -38.30 -91.12
C ALA H 196 7.23 -38.34 -91.55
N ALA H 197 7.70 -37.29 -92.21
CA ALA H 197 9.07 -37.23 -92.71
C ALA H 197 10.08 -37.25 -91.58
N CYS H 198 9.76 -36.55 -90.49
CA CYS H 198 10.66 -36.45 -89.35
C CYS H 198 10.71 -37.74 -88.55
N LEU H 199 9.56 -38.36 -88.34
CA LEU H 199 9.49 -39.56 -87.50
C LEU H 199 10.12 -40.78 -88.16
N PHE H 200 10.20 -40.78 -89.50
CA PHE H 200 10.82 -41.89 -90.20
C PHE H 200 12.14 -41.48 -90.84
N SER H 201 12.71 -40.37 -90.38
CA SER H 201 13.92 -39.84 -90.98
C SER H 201 15.14 -40.73 -90.74
N ASN H 202 15.10 -41.57 -89.71
CA ASN H 202 16.24 -42.43 -89.39
C ASN H 202 16.06 -43.80 -90.03
N TYR H 203 14.98 -43.97 -90.77
CA TYR H 203 14.71 -45.22 -91.45
C TYR H 203 15.60 -45.39 -92.67
N PRO H 204 15.92 -46.64 -93.00
CA PRO H 204 16.72 -46.97 -94.18
C PRO H 204 16.05 -46.47 -95.46
N ARG H 205 16.84 -45.90 -96.37
CA ARG H 205 16.29 -45.31 -97.59
C ARG H 205 15.53 -46.30 -98.47
N GLU H 206 15.76 -47.59 -98.24
CA GLU H 206 15.07 -48.61 -99.01
C GLU H 206 13.58 -48.61 -98.74
N THR H 207 13.21 -48.34 -97.49
CA THR H 207 11.82 -48.43 -97.06
C THR H 207 11.30 -47.13 -96.48
N ARG H 208 12.18 -46.15 -96.34
CA ARG H 208 11.84 -44.90 -95.64
C ARG H 208 10.65 -44.16 -96.24
N LEU H 209 10.71 -43.85 -97.53
CA LEU H 209 9.65 -43.10 -98.18
C LEU H 209 8.35 -43.90 -98.30
N GLN H 210 8.45 -45.22 -98.27
CA GLN H 210 7.25 -46.05 -98.26
C GLN H 210 6.53 -45.93 -96.93
N TYR H 211 7.28 -45.80 -95.85
CA TYR H 211 6.70 -45.60 -94.53
C TYR H 211 6.14 -44.19 -94.38
N VAL H 212 6.81 -43.22 -94.98
CA VAL H 212 6.36 -41.84 -94.95
C VAL H 212 5.01 -41.67 -95.63
N LYS H 213 4.85 -42.26 -96.80
CA LYS H 213 3.59 -42.14 -97.54
C LYS H 213 2.45 -42.84 -96.83
N ARG H 214 2.69 -44.05 -96.35
CA ARG H 214 1.65 -44.79 -95.65
C ARG H 214 1.18 -44.05 -94.39
N PHE H 215 2.13 -43.47 -93.67
CA PHE H 215 1.80 -42.77 -92.42
C PHE H 215 1.11 -41.44 -92.72
N TYR H 216 1.57 -40.75 -93.75
CA TYR H 216 0.93 -39.51 -94.17
C TYR H 216 -0.51 -39.76 -94.56
N ASP H 217 -0.74 -40.84 -95.30
CA ASP H 217 -2.09 -41.20 -95.71
C ASP H 217 -2.96 -41.52 -94.51
N ALA H 218 -2.38 -42.21 -93.53
CA ALA H 218 -3.12 -42.65 -92.36
C ALA H 218 -3.59 -41.48 -91.49
N VAL H 219 -2.78 -40.44 -91.37
CA VAL H 219 -3.13 -39.33 -90.50
C VAL H 219 -3.95 -38.26 -91.21
N SER H 220 -3.69 -38.08 -92.51
CA SER H 220 -4.39 -37.05 -93.27
C SER H 220 -5.77 -37.52 -93.71
N THR H 221 -6.03 -38.82 -93.63
CA THR H 221 -7.37 -39.33 -93.88
C THR H 221 -8.02 -39.78 -92.57
N PHE H 222 -7.39 -39.37 -91.46
CA PHE H 222 -7.99 -39.47 -90.13
C PHE H 222 -8.13 -40.88 -89.57
N LYS H 223 -7.32 -41.82 -90.04
CA LYS H 223 -7.33 -43.17 -89.49
C LYS H 223 -6.57 -43.23 -88.16
N ILE H 224 -5.48 -42.47 -88.07
CA ILE H 224 -4.72 -42.36 -86.83
C ILE H 224 -4.78 -40.91 -86.36
N SER H 225 -5.03 -40.72 -85.07
CA SER H 225 -5.10 -39.39 -84.48
C SER H 225 -3.84 -39.07 -83.67
N LEU H 226 -3.24 -37.91 -83.93
CA LEU H 226 -2.02 -37.50 -83.25
C LEU H 226 -2.31 -36.47 -82.15
N PRO H 227 -1.52 -36.51 -81.06
CA PRO H 227 -1.68 -35.62 -79.91
C PRO H 227 -1.21 -34.21 -80.20
N THR H 228 -1.53 -33.29 -79.28
CA THR H 228 -1.19 -31.89 -79.43
C THR H 228 0.32 -31.61 -79.60
N PRO H 229 1.19 -32.16 -78.71
CA PRO H 229 2.60 -31.79 -78.88
C PRO H 229 3.26 -32.38 -80.11
N ILE H 230 2.70 -33.46 -80.66
CA ILE H 230 3.20 -34.02 -81.91
C ILE H 230 2.72 -33.19 -83.09
N MET H 231 1.43 -32.87 -83.09
CA MET H 231 0.83 -32.07 -84.15
C MET H 231 1.48 -30.70 -84.29
N SER H 232 1.83 -30.08 -83.16
CA SER H 232 2.40 -28.73 -83.18
C SER H 232 3.92 -28.71 -83.09
N GLY H 233 4.52 -29.86 -82.82
CA GLY H 233 5.95 -29.90 -82.52
C GLY H 233 6.86 -30.57 -83.54
N VAL H 234 6.45 -31.74 -84.04
CA VAL H 234 7.33 -32.55 -84.86
C VAL H 234 7.57 -31.94 -86.24
N ARG H 235 8.65 -31.16 -86.33
CA ARG H 235 9.23 -30.54 -87.53
C ARG H 235 9.92 -29.26 -87.09
N THR H 236 9.66 -28.87 -85.86
CA THR H 236 10.23 -27.66 -85.27
C THR H 236 11.59 -27.95 -84.64
N PRO H 237 12.42 -26.91 -84.44
CA PRO H 237 13.73 -27.08 -83.81
C PRO H 237 13.68 -27.56 -82.36
N THR H 238 12.55 -27.35 -81.69
CA THR H 238 12.37 -27.83 -80.31
C THR H 238 11.78 -29.23 -80.29
N ARG H 239 12.59 -30.22 -79.93
CA ARG H 239 12.15 -31.60 -79.97
C ARG H 239 11.70 -32.16 -78.62
N GLN H 240 10.40 -32.05 -78.35
CA GLN H 240 9.79 -32.67 -77.19
C GLN H 240 8.32 -32.90 -77.52
N PHE H 241 7.92 -34.17 -77.62
CA PHE H 241 6.61 -34.51 -78.15
C PHE H 241 5.83 -35.47 -77.25
N SER H 242 6.39 -35.81 -76.10
CA SER H 242 5.68 -36.60 -75.11
C SER H 242 4.67 -35.73 -74.37
N SER H 243 3.45 -36.22 -74.26
CA SER H 243 2.36 -35.46 -73.67
C SER H 243 2.34 -35.54 -72.16
N CYS H 244 2.84 -36.64 -71.63
CA CYS H 244 2.73 -36.92 -70.20
C CYS H 244 4.09 -37.10 -69.55
N VAL H 245 4.30 -36.38 -68.46
CA VAL H 245 5.52 -36.49 -67.68
C VAL H 245 5.16 -36.82 -66.23
N LEU H 246 5.72 -37.90 -65.72
CA LEU H 246 5.42 -38.36 -64.37
C LEU H 246 6.65 -38.23 -63.48
N ILE H 247 6.57 -37.35 -62.49
CA ILE H 247 7.71 -37.08 -61.61
C ILE H 247 7.40 -37.47 -60.17
N GLU H 248 8.23 -38.35 -59.61
CA GLU H 248 8.09 -38.72 -58.21
C GLU H 248 9.00 -37.87 -57.34
N CYS H 249 8.43 -37.25 -56.32
CA CYS H 249 9.19 -36.42 -55.41
C CYS H 249 9.52 -37.16 -54.12
N GLY H 250 10.79 -37.11 -53.71
CA GLY H 250 11.22 -37.74 -52.48
C GLY H 250 11.13 -36.81 -51.29
N ASP H 251 11.30 -37.36 -50.09
CA ASP H 251 11.17 -36.56 -48.88
C ASP H 251 12.47 -35.83 -48.53
N SER H 252 12.89 -34.92 -49.41
CA SER H 252 14.08 -34.12 -49.18
C SER H 252 14.03 -32.85 -50.01
N LEU H 253 14.72 -31.81 -49.55
CA LEU H 253 14.78 -30.55 -50.27
C LEU H 253 15.45 -30.70 -51.63
N ASP H 254 16.45 -31.57 -51.70
CA ASP H 254 17.12 -31.83 -52.97
C ASP H 254 16.17 -32.39 -54.01
N SER H 255 15.30 -33.30 -53.57
CA SER H 255 14.33 -33.92 -54.46
C SER H 255 13.23 -32.95 -54.84
N ILE H 256 12.83 -32.14 -53.87
CA ILE H 256 11.82 -31.11 -54.11
C ILE H 256 12.33 -30.07 -55.12
N ASN H 257 13.60 -29.70 -54.98
CA ASN H 257 14.20 -28.77 -55.93
C ASN H 257 14.32 -29.37 -57.32
N ALA H 258 14.73 -30.63 -57.37
CA ALA H 258 14.87 -31.35 -58.62
C ALA H 258 13.53 -31.49 -59.32
N THR H 259 12.51 -31.82 -58.54
CA THR H 259 11.15 -31.99 -59.06
C THR H 259 10.62 -30.69 -59.66
N SER H 260 10.79 -29.59 -58.95
CA SER H 260 10.34 -28.28 -59.42
C SER H 260 11.04 -27.86 -60.70
N SER H 261 12.33 -28.17 -60.80
CA SER H 261 13.09 -27.82 -62.00
C SER H 261 12.61 -28.62 -63.21
N ALA H 262 12.33 -29.91 -62.99
CA ALA H 262 11.87 -30.79 -64.06
C ALA H 262 10.47 -30.38 -64.54
N ILE H 263 9.66 -29.89 -63.61
CA ILE H 263 8.33 -29.41 -63.94
C ILE H 263 8.41 -28.22 -64.89
N VAL H 264 9.19 -27.21 -64.49
CA VAL H 264 9.34 -25.99 -65.28
C VAL H 264 9.85 -26.29 -66.68
N LYS H 265 10.84 -27.16 -66.77
CA LYS H 265 11.45 -27.52 -68.05
C LYS H 265 10.47 -28.26 -68.96
N TYR H 266 9.70 -29.18 -68.40
CA TYR H 266 8.83 -30.01 -69.22
C TYR H 266 7.50 -29.35 -69.52
N VAL H 267 7.04 -28.45 -68.66
CA VAL H 267 5.87 -27.66 -68.98
C VAL H 267 6.17 -26.77 -70.17
N SER H 268 7.32 -26.11 -70.14
CA SER H 268 7.71 -25.20 -71.21
C SER H 268 7.90 -25.92 -72.54
N GLN H 269 8.12 -27.23 -72.48
CA GLN H 269 8.32 -28.01 -73.68
C GLN H 269 7.17 -28.99 -73.90
N ARG H 270 5.95 -28.46 -73.80
CA ARG H 270 4.71 -29.10 -74.29
C ARG H 270 4.12 -30.24 -73.46
N ALA H 271 4.59 -30.44 -72.24
CA ALA H 271 4.14 -31.60 -71.49
C ALA H 271 3.21 -31.25 -70.33
N GLY H 272 2.29 -32.16 -70.03
CA GLY H 272 1.46 -32.09 -68.85
C GLY H 272 2.11 -32.92 -67.77
N ILE H 273 1.93 -32.53 -66.52
CA ILE H 273 2.70 -33.11 -65.43
C ILE H 273 1.86 -33.93 -64.46
N GLY H 274 2.38 -35.08 -64.06
CA GLY H 274 1.85 -35.85 -62.95
C GLY H 274 2.85 -35.84 -61.82
N ILE H 275 2.45 -35.34 -60.66
CA ILE H 275 3.36 -35.21 -59.53
C ILE H 275 3.00 -36.13 -58.36
N ASN H 276 3.95 -36.95 -57.94
CA ASN H 276 3.77 -37.77 -56.76
C ASN H 276 4.51 -37.13 -55.59
N ALA H 277 3.75 -36.55 -54.68
CA ALA H 277 4.34 -35.85 -53.54
C ALA H 277 3.89 -36.50 -52.23
N GLY H 278 3.52 -37.76 -52.31
CA GLY H 278 3.01 -38.48 -51.16
C GLY H 278 4.08 -38.89 -50.15
N ARG H 279 5.33 -38.93 -50.58
CA ARG H 279 6.43 -39.35 -49.71
C ARG H 279 6.77 -38.28 -48.67
N ILE H 280 6.41 -37.03 -48.96
CA ILE H 280 6.77 -35.90 -48.11
C ILE H 280 6.14 -36.02 -46.73
N ARG H 281 6.98 -35.94 -45.70
CA ARG H 281 6.55 -36.13 -44.33
C ARG H 281 5.59 -35.03 -43.89
N ALA H 282 4.79 -35.32 -42.87
CA ALA H 282 3.70 -34.45 -42.48
C ALA H 282 4.13 -33.27 -41.62
N LEU H 283 3.25 -32.28 -41.57
CA LEU H 283 3.39 -31.12 -40.70
C LEU H 283 3.66 -31.54 -39.27
N GLY H 284 4.72 -31.00 -38.67
CA GLY H 284 5.05 -31.33 -37.29
C GLY H 284 6.12 -32.37 -37.13
N SER H 285 6.57 -32.94 -38.23
CA SER H 285 7.63 -33.95 -38.18
C SER H 285 8.96 -33.31 -37.83
N PRO H 286 9.80 -34.04 -37.08
CA PRO H 286 11.14 -33.56 -36.78
C PRO H 286 12.04 -33.58 -38.01
N ILE H 287 12.92 -32.59 -38.11
CA ILE H 287 13.90 -32.56 -39.18
C ILE H 287 15.29 -32.56 -38.57
N ARG H 288 16.13 -33.47 -39.04
CA ARG H 288 17.48 -33.66 -38.51
C ARG H 288 17.45 -33.84 -36.99
N GLY H 289 16.56 -34.69 -36.51
CA GLY H 289 16.48 -35.01 -35.10
C GLY H 289 15.81 -33.93 -34.27
N GLY H 290 15.21 -32.95 -34.93
CA GLY H 290 14.52 -31.89 -34.23
C GLY H 290 15.16 -30.52 -34.37
N GLU H 291 16.09 -30.39 -35.31
CA GLU H 291 16.71 -29.10 -35.58
C GLU H 291 15.68 -28.17 -36.21
N ALA H 292 14.66 -28.75 -36.80
CA ALA H 292 13.57 -27.96 -37.39
C ALA H 292 12.23 -28.66 -37.23
N PHE H 293 11.17 -27.86 -37.24
CA PHE H 293 9.79 -28.31 -37.20
C PHE H 293 9.25 -28.29 -38.62
N HIS H 294 8.86 -29.45 -39.14
CA HIS H 294 8.40 -29.53 -40.53
C HIS H 294 7.14 -28.74 -40.74
N THR H 295 7.18 -27.81 -41.70
CA THR H 295 6.11 -26.84 -41.90
C THR H 295 5.00 -27.36 -42.81
N GLY H 296 5.08 -28.61 -43.23
CA GLY H 296 3.99 -29.24 -43.94
C GLY H 296 4.16 -29.45 -45.43
N CYS H 297 3.20 -30.15 -46.02
CA CYS H 297 3.22 -30.44 -47.46
C CYS H 297 2.70 -29.27 -48.28
N ILE H 298 1.69 -28.59 -47.77
CA ILE H 298 1.04 -27.51 -48.50
C ILE H 298 1.98 -26.39 -48.98
N PRO H 299 2.93 -25.95 -48.13
CA PRO H 299 3.86 -24.95 -48.67
C PRO H 299 4.71 -25.47 -49.83
N PHE H 300 4.93 -26.77 -49.88
CA PHE H 300 5.66 -27.35 -50.99
C PHE H 300 4.76 -27.57 -52.21
N TYR H 301 3.49 -27.86 -51.95
CA TYR H 301 2.50 -27.98 -53.01
C TYR H 301 2.34 -26.67 -53.77
N LYS H 302 2.34 -25.55 -53.03
CA LYS H 302 2.27 -24.22 -53.61
C LYS H 302 3.45 -23.97 -54.55
N HIS H 303 4.61 -24.49 -54.17
CA HIS H 303 5.83 -24.32 -54.93
C HIS H 303 5.80 -25.13 -56.23
N PHE H 304 5.15 -26.28 -56.16
CA PHE H 304 4.95 -27.10 -57.36
C PHE H 304 3.96 -26.41 -58.29
N GLN H 305 2.96 -25.76 -57.70
CA GLN H 305 1.92 -25.08 -58.47
C GLN H 305 2.48 -23.89 -59.25
N THR H 306 3.32 -23.09 -58.60
CA THR H 306 3.89 -21.93 -59.27
C THR H 306 4.89 -22.36 -60.34
N ALA H 307 5.44 -23.56 -60.19
CA ALA H 307 6.33 -24.11 -61.19
C ALA H 307 5.56 -24.46 -62.46
N VAL H 308 4.34 -24.97 -62.27
CA VAL H 308 3.46 -25.35 -63.37
C VAL H 308 2.91 -24.13 -64.10
N LYS H 309 2.62 -23.07 -63.34
CA LYS H 309 2.00 -21.87 -63.90
C LYS H 309 3.01 -20.82 -64.33
N SER H 310 4.30 -21.12 -64.18
CA SER H 310 5.36 -20.17 -64.53
C SER H 310 5.56 -20.04 -66.03
N CYS H 311 5.23 -21.10 -66.76
CA CYS H 311 5.42 -21.14 -68.21
C CYS H 311 4.15 -21.52 -68.94
N SER H 312 4.08 -21.19 -70.22
CA SER H 312 3.04 -21.73 -71.08
C SER H 312 3.49 -23.10 -71.53
N GLN H 313 2.54 -23.91 -71.99
CA GLN H 313 2.86 -25.24 -72.47
C GLN H 313 3.33 -25.20 -73.93
N GLY H 314 4.59 -24.84 -74.12
CA GLY H 314 5.19 -24.76 -75.44
C GLY H 314 4.63 -23.63 -76.29
N GLY H 315 4.01 -22.66 -75.65
CA GLY H 315 3.43 -21.52 -76.33
C GLY H 315 2.05 -21.80 -76.90
N VAL H 316 1.56 -23.01 -76.66
CA VAL H 316 0.29 -23.46 -77.23
C VAL H 316 -0.87 -23.24 -76.25
N ARG H 317 -0.67 -23.65 -75.00
CA ARG H 317 -1.70 -23.54 -73.98
C ARG H 317 -1.08 -23.41 -72.60
N GLY H 318 -1.91 -23.35 -71.57
CA GLY H 318 -1.42 -23.24 -70.22
C GLY H 318 -0.96 -24.57 -69.67
N GLY H 319 -0.05 -24.52 -68.70
CA GLY H 319 0.45 -25.71 -68.04
C GLY H 319 -0.50 -26.19 -66.98
N ALA H 320 -0.52 -27.50 -66.75
CA ALA H 320 -1.42 -28.09 -65.78
C ALA H 320 -0.77 -29.30 -65.12
N ALA H 321 -1.20 -29.60 -63.90
CA ALA H 321 -0.64 -30.73 -63.17
C ALA H 321 -1.65 -31.37 -62.22
N THR H 322 -1.50 -32.67 -62.03
CA THR H 322 -2.25 -33.41 -61.02
C THR H 322 -1.28 -33.95 -60.00
N LEU H 323 -1.57 -33.75 -58.73
CA LEU H 323 -0.70 -34.20 -57.65
C LEU H 323 -1.32 -35.40 -56.94
N PHE H 324 -0.48 -36.36 -56.58
CA PHE H 324 -0.96 -37.61 -55.98
C PHE H 324 -0.45 -37.80 -54.56
N TYR H 325 -1.31 -38.32 -53.71
CA TYR H 325 -0.97 -38.64 -52.33
C TYR H 325 -1.86 -39.76 -51.84
N PRO H 326 -1.35 -40.61 -50.93
CA PRO H 326 -2.15 -41.71 -50.39
C PRO H 326 -3.22 -41.21 -49.42
N MET H 327 -4.33 -41.94 -49.33
CA MET H 327 -5.45 -41.56 -48.50
C MET H 327 -5.10 -41.58 -47.01
N TRP H 328 -4.14 -42.42 -46.63
CA TRP H 328 -3.78 -42.57 -45.22
C TRP H 328 -2.69 -41.60 -44.77
N HIS H 329 -2.39 -40.61 -45.60
CA HIS H 329 -1.43 -39.58 -45.25
C HIS H 329 -1.98 -38.79 -44.06
N LEU H 330 -1.10 -38.36 -43.16
CA LEU H 330 -1.53 -37.70 -41.94
C LEU H 330 -2.22 -36.37 -42.19
N GLU H 331 -1.88 -35.72 -43.29
CA GLU H 331 -2.44 -34.40 -43.61
C GLU H 331 -3.61 -34.48 -44.58
N VAL H 332 -4.10 -35.69 -44.85
CA VAL H 332 -5.07 -35.92 -45.92
C VAL H 332 -6.33 -35.06 -45.82
N GLU H 333 -6.78 -34.77 -44.60
CA GLU H 333 -8.00 -33.97 -44.43
C GLU H 333 -7.76 -32.54 -44.86
N SER H 334 -6.53 -32.07 -44.75
CA SER H 334 -6.17 -30.74 -45.21
C SER H 334 -5.91 -30.74 -46.71
N LEU H 335 -5.45 -31.87 -47.22
CA LEU H 335 -5.09 -31.98 -48.62
C LEU H 335 -6.33 -32.10 -49.51
N LEU H 336 -7.39 -32.66 -48.96
CA LEU H 336 -8.62 -32.88 -49.72
C LEU H 336 -9.34 -31.58 -50.06
N VAL H 337 -9.15 -30.56 -49.24
CA VAL H 337 -9.90 -29.32 -49.39
C VAL H 337 -9.07 -28.19 -50.00
N LEU H 338 -7.99 -28.55 -50.69
CA LEU H 338 -7.08 -27.56 -51.24
C LEU H 338 -7.66 -26.75 -52.38
N LYS H 339 -8.71 -27.26 -53.03
CA LYS H 339 -9.34 -26.56 -54.15
C LYS H 339 -10.59 -25.79 -53.72
N ASN H 340 -10.99 -25.97 -52.47
CA ASN H 340 -12.19 -25.34 -51.92
C ASN H 340 -12.07 -23.82 -51.88
N ASN H 341 -13.07 -23.12 -52.41
CA ASN H 341 -13.03 -21.66 -52.50
C ASN H 341 -13.29 -20.95 -51.17
N ARG H 342 -13.63 -21.73 -50.13
CA ARG H 342 -13.94 -21.19 -48.82
C ARG H 342 -12.78 -21.32 -47.83
N GLY H 343 -11.70 -20.59 -48.06
CA GLY H 343 -10.56 -20.64 -47.16
C GLY H 343 -9.54 -19.55 -47.39
N VAL H 344 -8.64 -19.36 -46.43
CA VAL H 344 -7.57 -18.39 -46.56
C VAL H 344 -6.53 -18.90 -47.56
N GLU H 345 -5.71 -18.00 -48.09
CA GLU H 345 -4.72 -18.38 -49.09
C GLU H 345 -3.62 -19.25 -48.47
N GLY H 346 -3.52 -19.20 -47.15
CA GLY H 346 -2.50 -19.96 -46.43
C GLY H 346 -2.66 -21.46 -46.53
N ASN H 347 -3.89 -21.92 -46.76
CA ASN H 347 -4.15 -23.35 -46.84
C ASN H 347 -4.98 -23.72 -48.07
N ARG H 348 -4.71 -23.06 -49.18
CA ARG H 348 -5.43 -23.32 -50.43
C ARG H 348 -4.50 -23.36 -51.63
N VAL H 349 -4.53 -24.49 -52.35
CA VAL H 349 -3.79 -24.65 -53.59
C VAL H 349 -4.75 -25.07 -54.69
N ARG H 350 -5.41 -24.11 -55.31
CA ARG H 350 -6.57 -24.37 -56.15
C ARG H 350 -6.25 -24.71 -57.61
N HIS H 351 -5.09 -24.29 -58.09
CA HIS H 351 -4.79 -24.42 -59.51
C HIS H 351 -3.99 -25.66 -59.86
N MET H 352 -4.11 -26.67 -59.02
CA MET H 352 -3.63 -28.00 -59.36
C MET H 352 -4.72 -29.00 -59.05
N ASP H 353 -4.72 -30.12 -59.76
CA ASP H 353 -5.69 -31.17 -59.48
C ASP H 353 -5.03 -32.24 -58.63
N TYR H 354 -5.84 -33.10 -58.02
CA TYR H 354 -5.32 -34.05 -57.07
C TYR H 354 -5.88 -35.44 -57.27
N GLY H 355 -5.04 -36.44 -57.07
CA GLY H 355 -5.46 -37.82 -57.14
C GLY H 355 -5.24 -38.53 -55.82
N VAL H 356 -6.32 -38.95 -55.19
CA VAL H 356 -6.23 -39.67 -53.94
C VAL H 356 -6.00 -41.16 -54.19
N GLN H 357 -4.97 -41.71 -53.57
CA GLN H 357 -4.59 -43.09 -53.80
C GLN H 357 -5.21 -44.02 -52.77
N ILE H 358 -5.95 -45.00 -53.25
CA ILE H 358 -6.73 -45.90 -52.40
C ILE H 358 -6.45 -47.37 -52.72
N ASN H 359 -6.57 -48.25 -51.74
CA ASN H 359 -6.49 -49.68 -51.99
C ASN H 359 -7.63 -50.44 -51.32
N LYS H 360 -7.59 -51.76 -51.41
CA LYS H 360 -8.68 -52.61 -50.91
C LYS H 360 -8.96 -52.42 -49.42
N LEU H 361 -7.92 -52.31 -48.61
CA LEU H 361 -8.07 -52.18 -47.17
C LEU H 361 -8.84 -50.92 -46.79
N MET H 362 -8.59 -49.84 -47.51
CA MET H 362 -9.29 -48.59 -47.26
C MET H 362 -10.78 -48.74 -47.51
N TYR H 363 -11.13 -49.40 -48.62
CA TYR H 363 -12.52 -49.67 -48.96
C TYR H 363 -13.17 -50.59 -47.93
N THR H 364 -12.39 -51.54 -47.41
CA THR H 364 -12.87 -52.48 -46.41
C THR H 364 -13.30 -51.76 -45.13
N ARG H 365 -12.48 -50.81 -44.69
CA ARG H 365 -12.79 -50.03 -43.50
C ARG H 365 -14.08 -49.23 -43.69
N LEU H 366 -14.32 -48.80 -44.93
CA LEU H 366 -15.53 -48.06 -45.26
C LEU H 366 -16.77 -48.95 -45.14
N LEU H 367 -16.68 -50.16 -45.69
CA LEU H 367 -17.79 -51.09 -45.70
C LEU H 367 -18.14 -51.62 -44.31
N LYS H 368 -17.12 -51.79 -43.48
CA LYS H 368 -17.31 -52.32 -42.13
C LYS H 368 -17.67 -51.23 -41.13
N GLY H 369 -17.72 -49.98 -41.61
CA GLY H 369 -18.02 -48.85 -40.76
C GLY H 369 -16.97 -48.65 -39.70
N GLU H 370 -15.72 -48.90 -40.05
CA GLU H 370 -14.62 -48.83 -39.08
C GLU H 370 -13.77 -47.58 -39.29
N ASP H 371 -12.64 -47.54 -38.61
CA ASP H 371 -11.78 -46.36 -38.65
C ASP H 371 -10.58 -46.57 -39.56
N ILE H 372 -10.09 -45.47 -40.12
CA ILE H 372 -8.85 -45.45 -40.89
C ILE H 372 -7.79 -44.68 -40.13
N THR H 373 -6.62 -45.28 -39.99
CA THR H 373 -5.53 -44.63 -39.26
C THR H 373 -4.64 -43.86 -40.22
N LEU H 374 -4.38 -42.60 -39.89
CA LEU H 374 -3.54 -41.74 -40.70
C LEU H 374 -2.12 -41.74 -40.18
N PHE H 375 -1.16 -41.88 -41.09
CA PHE H 375 0.26 -41.88 -40.74
C PHE H 375 1.02 -40.86 -41.55
N SER H 376 2.16 -40.43 -41.02
CA SER H 376 3.15 -39.76 -41.84
C SER H 376 4.05 -40.85 -42.40
N PRO H 377 4.26 -40.84 -43.72
CA PRO H 377 5.03 -41.92 -44.36
C PRO H 377 6.43 -42.09 -43.80
N SER H 378 6.92 -41.05 -43.12
CA SER H 378 8.24 -41.07 -42.51
C SER H 378 8.26 -41.84 -41.19
N ASP H 379 7.09 -42.08 -40.62
CA ASP H 379 6.99 -42.74 -39.32
C ASP H 379 6.61 -44.21 -39.44
N VAL H 380 6.32 -44.67 -40.65
CA VAL H 380 5.87 -46.04 -40.86
C VAL H 380 6.68 -46.77 -41.93
N PRO H 381 7.86 -47.28 -41.54
CA PRO H 381 8.81 -47.96 -42.44
C PRO H 381 8.19 -49.10 -43.24
N GLY H 382 8.35 -49.05 -44.55
CA GLY H 382 7.91 -50.11 -45.44
C GLY H 382 6.45 -50.03 -45.83
N LEU H 383 5.69 -49.18 -45.15
CA LEU H 383 4.26 -49.07 -45.41
C LEU H 383 3.98 -48.46 -46.78
N TYR H 384 4.73 -47.42 -47.12
CA TYR H 384 4.52 -46.71 -48.37
C TYR H 384 4.81 -47.60 -49.57
N ASP H 385 5.92 -48.34 -49.49
CA ASP H 385 6.30 -49.23 -50.59
C ASP H 385 5.27 -50.32 -50.80
N ALA H 386 4.81 -50.91 -49.70
CA ALA H 386 3.86 -52.02 -49.76
C ALA H 386 2.49 -51.57 -50.24
N PHE H 387 2.20 -50.29 -50.04
CA PHE H 387 0.93 -49.71 -50.45
C PHE H 387 0.66 -49.91 -51.95
N PHE H 388 1.75 -49.98 -52.72
CA PHE H 388 1.65 -50.15 -54.16
C PHE H 388 2.04 -51.56 -54.60
N ALA H 389 3.04 -52.14 -53.95
CA ALA H 389 3.66 -53.38 -54.44
C ALA H 389 3.08 -54.65 -53.83
N ASP H 390 2.71 -54.60 -52.56
CA ASP H 390 2.32 -55.81 -51.84
C ASP H 390 1.16 -55.53 -50.87
N GLN H 391 -0.03 -55.90 -51.29
CA GLN H 391 -1.23 -55.64 -50.48
C GLN H 391 -1.24 -56.46 -49.21
N GLU H 392 -0.63 -57.64 -49.25
CA GLU H 392 -0.56 -58.49 -48.08
C GLU H 392 0.43 -57.92 -47.08
N GLU H 393 1.58 -57.47 -47.56
CA GLU H 393 2.59 -56.85 -46.71
C GLU H 393 2.09 -55.52 -46.16
N PHE H 394 1.31 -54.81 -46.96
CA PHE H 394 0.75 -53.55 -46.51
C PHE H 394 -0.16 -53.75 -45.30
N GLU H 395 -1.07 -54.71 -45.41
CA GLU H 395 -2.02 -54.99 -44.33
C GLU H 395 -1.30 -55.44 -43.07
N ARG H 396 -0.23 -56.21 -43.26
CA ARG H 396 0.56 -56.69 -42.13
C ARG H 396 1.20 -55.52 -41.40
N LEU H 397 1.84 -54.65 -42.17
CA LEU H 397 2.49 -53.47 -41.61
C LEU H 397 1.49 -52.47 -41.08
N TYR H 398 0.39 -52.27 -41.81
CA TYR H 398 -0.60 -51.26 -41.46
C TYR H 398 -1.23 -51.55 -40.11
N THR H 399 -1.69 -52.79 -39.93
CA THR H 399 -2.33 -53.19 -38.67
C THR H 399 -1.33 -53.20 -37.52
N LYS H 400 -0.07 -53.52 -37.84
CA LYS H 400 0.99 -53.52 -36.85
C LYS H 400 1.24 -52.13 -36.29
N TYR H 401 1.35 -51.15 -37.19
CA TYR H 401 1.63 -49.78 -36.82
C TYR H 401 0.44 -49.12 -36.15
N GLU H 402 -0.76 -49.64 -36.44
CA GLU H 402 -1.99 -49.19 -35.81
C GLU H 402 -1.97 -49.56 -34.32
N LYS H 403 -1.21 -50.60 -34.00
CA LYS H 403 -1.19 -51.16 -32.65
C LYS H 403 -0.02 -50.61 -31.83
N ASP H 404 0.83 -49.83 -32.49
CA ASP H 404 2.04 -49.29 -31.87
C ASP H 404 1.80 -47.91 -31.25
N ASP H 405 1.96 -47.83 -29.93
CA ASP H 405 1.72 -46.58 -29.20
C ASP H 405 2.81 -45.56 -29.43
N SER H 406 3.99 -46.03 -29.85
CA SER H 406 5.15 -45.17 -30.03
C SER H 406 5.14 -44.41 -31.37
N ILE H 407 4.18 -44.75 -32.23
CA ILE H 407 4.10 -44.13 -33.54
C ILE H 407 3.01 -43.06 -33.61
N ARG H 408 3.39 -41.89 -34.10
CA ARG H 408 2.46 -40.79 -34.31
C ARG H 408 1.38 -41.21 -35.28
N LYS H 409 0.12 -41.02 -34.90
CA LYS H 409 -0.99 -41.46 -35.73
C LYS H 409 -2.24 -40.65 -35.43
N GLN H 410 -3.27 -40.84 -36.26
CA GLN H 410 -4.54 -40.19 -36.07
C GLN H 410 -5.64 -41.08 -36.62
N ARG H 411 -6.71 -41.24 -35.86
CA ARG H 411 -7.84 -42.07 -36.29
C ARG H 411 -9.00 -41.23 -36.78
N VAL H 412 -9.54 -41.64 -37.92
CA VAL H 412 -10.68 -40.99 -38.54
C VAL H 412 -11.68 -42.05 -38.96
N LYS H 413 -12.98 -41.76 -38.84
CA LYS H 413 -13.99 -42.66 -39.36
C LYS H 413 -13.90 -42.75 -40.88
N ALA H 414 -13.85 -43.98 -41.39
CA ALA H 414 -13.68 -44.22 -42.81
C ALA H 414 -14.81 -43.62 -43.63
N VAL H 415 -16.01 -43.60 -43.05
CA VAL H 415 -17.17 -43.02 -43.71
C VAL H 415 -17.00 -41.52 -43.89
N GLU H 416 -16.50 -40.85 -42.86
CA GLU H 416 -16.33 -39.41 -42.90
C GLU H 416 -15.21 -39.00 -43.84
N LEU H 417 -14.16 -39.80 -43.90
CA LEU H 417 -13.03 -39.50 -44.77
C LEU H 417 -13.41 -39.65 -46.23
N PHE H 418 -14.07 -40.75 -46.57
CA PHE H 418 -14.53 -40.98 -47.94
C PHE H 418 -15.54 -39.90 -48.33
N SER H 419 -16.40 -39.52 -47.39
CA SER H 419 -17.41 -38.51 -47.66
C SER H 419 -16.78 -37.15 -47.93
N LEU H 420 -15.75 -36.82 -47.18
CA LEU H 420 -15.03 -35.57 -47.39
C LEU H 420 -14.42 -35.52 -48.78
N MET H 421 -13.82 -36.64 -49.18
CA MET H 421 -13.21 -36.76 -50.50
C MET H 421 -14.22 -36.59 -51.62
N MET H 422 -15.34 -37.31 -51.52
CA MET H 422 -16.37 -37.27 -52.55
C MET H 422 -17.10 -35.93 -52.55
N GLN H 423 -17.13 -35.28 -51.40
CA GLN H 423 -17.70 -33.95 -51.28
C GLN H 423 -16.88 -32.94 -52.08
N GLU H 424 -15.57 -33.02 -51.95
CA GLU H 424 -14.67 -32.14 -52.67
C GLU H 424 -14.57 -32.54 -54.14
N ARG H 425 -14.73 -33.82 -54.43
CA ARG H 425 -14.76 -34.28 -55.81
C ARG H 425 -16.00 -33.76 -56.51
N ALA H 426 -17.11 -33.68 -55.78
CA ALA H 426 -18.37 -33.20 -56.36
C ALA H 426 -18.35 -31.70 -56.59
N SER H 427 -17.76 -30.95 -55.66
CA SER H 427 -17.74 -29.50 -55.75
C SER H 427 -16.88 -29.00 -56.89
N THR H 428 -15.72 -29.61 -57.06
CA THR H 428 -14.74 -29.15 -58.03
C THR H 428 -14.76 -29.98 -59.30
N GLY H 429 -15.08 -31.26 -59.18
CA GLY H 429 -15.05 -32.17 -60.29
C GLY H 429 -13.64 -32.64 -60.58
N ARG H 430 -12.69 -32.14 -59.80
CA ARG H 430 -11.28 -32.34 -60.07
C ARG H 430 -10.51 -32.96 -58.92
N ILE H 431 -11.21 -33.70 -58.06
CA ILE H 431 -10.53 -34.56 -57.09
C ILE H 431 -10.64 -35.98 -57.60
N TYR H 432 -9.49 -36.57 -57.93
CA TYR H 432 -9.45 -37.84 -58.63
C TYR H 432 -9.13 -39.01 -57.71
N ILE H 433 -9.35 -40.22 -58.20
CA ILE H 433 -9.09 -41.44 -57.43
C ILE H 433 -8.16 -42.36 -58.22
N GLN H 434 -7.13 -42.89 -57.56
CA GLN H 434 -6.31 -43.93 -58.15
C GLN H 434 -6.31 -45.17 -57.27
N ASN H 435 -6.83 -46.26 -57.80
CA ASN H 435 -6.79 -47.54 -57.08
C ASN H 435 -5.45 -48.21 -57.32
N VAL H 436 -4.52 -47.99 -56.40
CA VAL H 436 -3.13 -48.37 -56.61
C VAL H 436 -2.90 -49.88 -56.59
N ASP H 437 -3.79 -50.62 -55.95
CA ASP H 437 -3.68 -52.07 -55.96
C ASP H 437 -4.04 -52.62 -57.34
N HIS H 438 -5.11 -52.08 -57.93
CA HIS H 438 -5.51 -52.45 -59.28
C HIS H 438 -4.43 -52.10 -60.29
N CYS H 439 -3.74 -50.99 -60.05
CA CYS H 439 -2.70 -50.53 -60.95
C CYS H 439 -1.46 -51.42 -60.91
N ASN H 440 -1.40 -52.33 -59.94
CA ASN H 440 -0.21 -53.16 -59.79
C ASN H 440 -0.45 -54.66 -59.88
N THR H 441 -1.69 -55.09 -59.65
CA THR H 441 -2.03 -56.50 -59.82
C THR H 441 -2.40 -56.76 -61.28
N HIS H 442 -2.96 -55.75 -61.92
CA HIS H 442 -3.27 -55.81 -63.34
C HIS H 442 -2.41 -54.79 -64.07
N SER H 443 -1.15 -55.14 -64.31
CA SER H 443 -0.17 -54.22 -64.83
C SER H 443 0.86 -54.93 -65.70
N PRO H 444 1.41 -54.21 -66.70
CA PRO H 444 2.51 -54.75 -67.49
C PRO H 444 3.84 -54.71 -66.75
N PHE H 445 3.82 -54.29 -65.49
CA PHE H 445 5.04 -54.20 -64.71
C PHE H 445 5.00 -55.07 -63.47
N ASP H 446 6.16 -55.61 -63.10
CA ASP H 446 6.33 -56.35 -61.88
C ASP H 446 6.54 -55.36 -60.73
N PRO H 447 5.61 -55.33 -59.77
CA PRO H 447 5.64 -54.40 -58.63
C PRO H 447 6.87 -54.56 -57.76
N ALA H 448 7.53 -55.72 -57.83
CA ALA H 448 8.72 -55.96 -57.04
C ALA H 448 9.94 -55.28 -57.63
N ILE H 449 9.85 -54.89 -58.90
CA ILE H 449 10.97 -54.23 -59.57
C ILE H 449 10.60 -52.81 -59.98
N ALA H 450 9.43 -52.67 -60.59
CA ALA H 450 8.99 -51.39 -61.12
C ALA H 450 7.52 -51.16 -60.80
N PRO H 451 7.24 -50.75 -59.56
CA PRO H 451 5.86 -50.48 -59.14
C PRO H 451 5.32 -49.21 -59.76
N VAL H 452 4.00 -49.15 -59.93
CA VAL H 452 3.34 -47.93 -60.37
C VAL H 452 2.80 -47.18 -59.14
N ARG H 453 3.37 -46.01 -58.87
CA ARG H 453 3.07 -45.29 -57.65
C ARG H 453 2.29 -43.99 -57.88
N GLN H 454 1.92 -43.74 -59.13
CA GLN H 454 1.20 -42.52 -59.46
C GLN H 454 0.57 -42.58 -60.84
N SER H 455 -0.12 -41.51 -61.21
CA SER H 455 -0.64 -41.35 -62.56
C SER H 455 -0.22 -39.99 -63.12
N ASN H 456 -0.95 -39.53 -64.13
CA ASN H 456 -0.61 -38.26 -64.78
C ASN H 456 -1.69 -37.20 -64.60
N LEU H 457 -1.73 -36.25 -65.51
CA LEU H 457 -2.69 -35.15 -65.45
C LEU H 457 -4.14 -35.64 -65.61
N CYS H 458 -4.39 -36.52 -66.57
CA CYS H 458 -5.74 -36.95 -66.89
C CYS H 458 -6.04 -38.38 -66.51
N LEU H 459 -5.14 -38.98 -65.74
CA LEU H 459 -5.38 -40.28 -65.07
C LEU H 459 -5.49 -41.47 -66.00
N GLU H 460 -4.85 -41.41 -67.16
CA GLU H 460 -4.88 -42.56 -68.08
C GLU H 460 -3.50 -43.18 -68.18
N ILE H 461 -2.50 -42.50 -67.64
CA ILE H 461 -1.13 -42.99 -67.70
C ILE H 461 -0.71 -43.57 -66.35
N ALA H 462 -0.08 -44.74 -66.40
CA ALA H 462 0.39 -45.41 -65.19
C ALA H 462 1.74 -46.06 -65.45
N LEU H 463 2.81 -45.38 -65.06
CA LEU H 463 4.16 -45.84 -65.34
C LEU H 463 5.05 -45.78 -64.10
N PRO H 464 6.14 -46.56 -64.08
CA PRO H 464 7.10 -46.55 -62.96
C PRO H 464 7.92 -45.26 -62.89
N THR H 465 8.26 -44.85 -61.68
CA THR H 465 9.08 -43.67 -61.45
C THR H 465 10.10 -43.93 -60.35
N LYS H 466 11.09 -43.05 -60.26
CA LYS H 466 12.05 -43.06 -59.17
C LYS H 466 12.49 -41.63 -58.90
N PRO H 467 12.42 -41.21 -57.63
CA PRO H 467 12.74 -39.83 -57.26
C PRO H 467 14.17 -39.42 -57.61
N LEU H 468 14.37 -38.13 -57.82
CA LEU H 468 15.67 -37.57 -58.17
C LEU H 468 16.24 -36.84 -56.96
N ASN H 469 17.57 -36.76 -56.86
CA ASN H 469 18.18 -35.93 -55.83
C ASN H 469 18.76 -34.65 -56.44
N ASP H 470 18.68 -34.57 -57.76
CA ASP H 470 19.15 -33.43 -58.54
C ASP H 470 18.47 -33.46 -59.90
N VAL H 471 18.40 -32.31 -60.56
CA VAL H 471 17.76 -32.22 -61.86
C VAL H 471 18.54 -33.02 -62.91
N ASN H 472 19.84 -33.18 -62.68
CA ASN H 472 20.70 -33.94 -63.58
C ASN H 472 21.10 -35.30 -63.03
N ASP H 473 20.36 -35.76 -62.01
CA ASP H 473 20.63 -37.06 -61.42
C ASP H 473 20.38 -38.17 -62.43
N GLU H 474 21.41 -38.98 -62.67
CA GLU H 474 21.35 -40.05 -63.65
C GLU H 474 20.63 -41.29 -63.12
N ASN H 475 20.43 -41.35 -61.81
CA ASN H 475 19.90 -42.56 -61.20
C ASN H 475 18.41 -42.46 -60.86
N GLY H 476 17.79 -41.35 -61.25
CA GLY H 476 16.37 -41.17 -61.07
C GLY H 476 15.61 -41.64 -62.30
N GLU H 477 14.29 -41.72 -62.20
CA GLU H 477 13.50 -42.08 -63.36
C GLU H 477 12.21 -41.24 -63.47
N ILE H 478 12.12 -40.50 -64.57
CA ILE H 478 10.90 -39.79 -64.89
C ILE H 478 10.19 -40.51 -66.02
N ALA H 479 8.90 -40.77 -65.85
CA ALA H 479 8.14 -41.50 -66.86
C ALA H 479 7.62 -40.56 -67.94
N LEU H 480 7.91 -40.91 -69.19
CA LEU H 480 7.34 -40.18 -70.32
C LEU H 480 6.43 -41.12 -71.10
N CYS H 481 5.28 -40.60 -71.52
CA CYS H 481 4.42 -41.38 -72.39
C CYS H 481 4.09 -40.59 -73.64
N THR H 482 4.30 -41.23 -74.78
CA THR H 482 4.01 -40.63 -76.07
C THR H 482 2.71 -41.23 -76.61
N LEU H 483 1.82 -40.38 -77.09
CA LEU H 483 0.46 -40.79 -77.35
C LEU H 483 0.09 -40.83 -78.83
N SER H 484 -1.06 -41.45 -79.09
CA SER H 484 -1.73 -41.42 -80.38
C SER H 484 -3.06 -42.13 -80.18
N ALA H 485 -3.91 -42.14 -81.21
CA ALA H 485 -5.22 -42.76 -81.08
C ALA H 485 -5.73 -43.34 -82.39
N PHE H 486 -6.46 -44.44 -82.28
CA PHE H 486 -7.17 -45.03 -83.40
C PHE H 486 -8.54 -44.39 -83.56
N ASN H 487 -8.86 -44.01 -84.79
CA ASN H 487 -10.18 -43.50 -85.09
C ASN H 487 -11.13 -44.66 -85.37
N LEU H 488 -11.93 -45.03 -84.37
CA LEU H 488 -12.82 -46.18 -84.47
C LEU H 488 -13.94 -45.98 -85.49
N GLY H 489 -14.19 -44.74 -85.87
CA GLY H 489 -15.22 -44.46 -86.85
C GLY H 489 -14.72 -44.56 -88.27
N ALA H 490 -13.44 -44.86 -88.43
CA ALA H 490 -12.83 -44.89 -89.74
C ALA H 490 -12.41 -46.31 -90.16
N ILE H 491 -12.76 -47.30 -89.35
CA ILE H 491 -12.43 -48.68 -89.68
C ILE H 491 -13.69 -49.45 -90.04
N ASN H 492 -13.55 -50.34 -91.01
CA ASN H 492 -14.65 -51.17 -91.47
C ASN H 492 -14.59 -52.55 -90.86
N ASN H 493 -13.38 -52.98 -90.54
CA ASN H 493 -13.14 -54.27 -89.93
C ASN H 493 -12.07 -54.15 -88.85
N LEU H 494 -12.11 -55.02 -87.85
CA LEU H 494 -11.17 -54.94 -86.75
C LEU H 494 -9.77 -55.37 -87.16
N ASP H 495 -9.68 -56.10 -88.27
CA ASP H 495 -8.40 -56.60 -88.75
C ASP H 495 -7.64 -55.49 -89.48
N GLU H 496 -8.30 -54.35 -89.69
CA GLU H 496 -7.65 -53.17 -90.23
C GLU H 496 -6.77 -52.52 -89.18
N LEU H 497 -6.94 -52.94 -87.93
CA LEU H 497 -6.12 -52.43 -86.83
C LEU H 497 -4.69 -52.94 -86.90
N GLU H 498 -4.48 -54.05 -87.61
CA GLU H 498 -3.14 -54.62 -87.73
C GLU H 498 -2.19 -53.66 -88.41
N GLU H 499 -2.60 -53.14 -89.56
CA GLU H 499 -1.80 -52.17 -90.29
C GLU H 499 -1.66 -50.87 -89.52
N LEU H 500 -2.76 -50.43 -88.92
CA LEU H 500 -2.76 -49.18 -88.16
C LEU H 500 -1.92 -49.27 -86.89
N ALA H 501 -1.91 -50.44 -86.25
CA ALA H 501 -1.11 -50.63 -85.06
C ALA H 501 0.37 -50.60 -85.41
N ILE H 502 0.71 -51.22 -86.54
CA ILE H 502 2.09 -51.22 -87.02
C ILE H 502 2.60 -49.80 -87.27
N LEU H 503 1.82 -49.01 -88.00
CA LEU H 503 2.19 -47.65 -88.33
C LEU H 503 2.30 -46.75 -87.10
N ALA H 504 1.36 -46.89 -86.18
CA ALA H 504 1.33 -46.06 -84.98
C ALA H 504 2.51 -46.35 -84.04
N VAL H 505 2.78 -47.63 -83.80
CA VAL H 505 3.85 -48.03 -82.91
C VAL H 505 5.21 -47.66 -83.49
N ARG H 506 5.39 -47.93 -84.78
CA ARG H 506 6.66 -47.63 -85.44
C ARG H 506 6.98 -46.14 -85.42
N ALA H 507 5.97 -45.31 -85.61
CA ALA H 507 6.17 -43.87 -85.63
C ALA H 507 6.51 -43.32 -84.25
N LEU H 508 5.78 -43.78 -83.24
CA LEU H 508 5.97 -43.29 -81.88
C LEU H 508 7.28 -43.79 -81.28
N ASP H 509 7.67 -45.01 -81.65
CA ASP H 509 8.90 -45.59 -81.16
C ASP H 509 10.11 -44.93 -81.81
N ALA H 510 9.97 -44.58 -83.08
CA ALA H 510 11.02 -43.88 -83.79
C ALA H 510 11.12 -42.45 -83.27
N LEU H 511 10.00 -41.91 -82.82
CA LEU H 511 9.96 -40.59 -82.22
C LEU H 511 10.84 -40.50 -80.98
N LEU H 512 10.88 -41.59 -80.20
CA LEU H 512 11.63 -41.62 -78.95
C LEU H 512 13.13 -41.38 -79.17
N ASP H 513 13.68 -41.93 -80.24
CA ASP H 513 15.09 -41.73 -80.56
C ASP H 513 15.34 -40.42 -81.29
N TYR H 514 14.27 -39.87 -81.87
CA TYR H 514 14.36 -38.65 -82.66
C TYR H 514 14.35 -37.41 -81.76
N GLN H 515 13.54 -37.44 -80.72
CA GLN H 515 13.36 -36.27 -79.85
C GLN H 515 14.50 -36.15 -78.83
N ASP H 516 14.54 -35.00 -78.17
CA ASP H 516 15.55 -34.72 -77.16
C ASP H 516 14.96 -34.78 -75.76
N TYR H 517 15.81 -34.77 -74.74
CA TYR H 517 15.37 -34.90 -73.36
C TYR H 517 16.06 -33.91 -72.45
N PRO H 518 15.32 -32.88 -72.01
CA PRO H 518 15.86 -31.83 -71.15
C PRO H 518 16.29 -32.34 -69.76
N ILE H 519 15.67 -33.42 -69.30
CA ILE H 519 16.02 -34.04 -68.03
C ILE H 519 16.55 -35.45 -68.27
N PRO H 520 17.77 -35.74 -67.81
CA PRO H 520 18.39 -37.06 -67.96
C PRO H 520 17.56 -38.21 -67.38
N ALA H 521 16.88 -37.99 -66.25
CA ALA H 521 16.07 -39.03 -65.63
C ALA H 521 14.87 -39.39 -66.51
N ALA H 522 14.46 -38.46 -67.35
CA ALA H 522 13.37 -38.68 -68.29
C ALA H 522 13.85 -39.52 -69.46
N LYS H 523 15.08 -39.26 -69.91
CA LYS H 523 15.68 -40.06 -70.98
C LYS H 523 15.88 -41.49 -70.53
N ARG H 524 16.18 -41.65 -69.24
CA ARG H 524 16.35 -42.96 -68.64
C ARG H 524 15.10 -43.81 -68.78
N GLY H 525 13.96 -43.23 -68.41
CA GLY H 525 12.69 -43.92 -68.50
C GLY H 525 12.24 -44.17 -69.92
N ALA H 526 12.48 -43.21 -70.79
CA ALA H 526 12.07 -43.30 -72.18
C ALA H 526 12.89 -44.32 -72.95
N MET H 527 14.19 -44.36 -72.71
CA MET H 527 15.06 -45.30 -73.40
C MET H 527 15.00 -46.69 -72.81
N GLY H 528 14.70 -46.77 -71.52
CA GLY H 528 14.66 -48.04 -70.83
C GLY H 528 13.40 -48.84 -71.08
N ARG H 529 12.25 -48.15 -71.05
CA ARG H 529 10.97 -48.85 -71.16
C ARG H 529 10.29 -48.60 -72.49
N ARG H 530 10.58 -47.46 -73.11
CA ARG H 530 10.00 -47.06 -74.39
C ARG H 530 8.47 -47.18 -74.34
N THR H 531 7.89 -46.57 -73.31
CA THR H 531 6.46 -46.71 -73.04
C THR H 531 5.61 -45.85 -73.96
N LEU H 532 4.62 -46.49 -74.59
CA LEU H 532 3.68 -45.80 -75.46
C LEU H 532 2.28 -45.83 -74.86
N GLY H 533 1.44 -44.89 -75.29
CA GLY H 533 0.07 -44.83 -74.83
C GLY H 533 -0.87 -44.53 -75.97
N ILE H 534 -1.31 -45.57 -76.66
CA ILE H 534 -2.20 -45.42 -77.80
C ILE H 534 -3.63 -45.78 -77.40
N GLY H 535 -4.56 -44.88 -77.67
CA GLY H 535 -5.94 -45.09 -77.30
C GLY H 535 -6.89 -45.06 -78.48
N VAL H 536 -8.12 -44.62 -78.25
CA VAL H 536 -9.13 -44.57 -79.28
C VAL H 536 -9.91 -43.26 -79.26
N ILE H 537 -10.50 -42.92 -80.40
CA ILE H 537 -11.46 -41.82 -80.48
C ILE H 537 -12.67 -42.31 -81.27
N ASN H 538 -13.73 -41.50 -81.30
CA ASN H 538 -14.95 -41.83 -82.04
C ASN H 538 -15.63 -43.10 -81.55
N PHE H 539 -15.53 -43.37 -80.25
CA PHE H 539 -16.13 -44.57 -79.69
C PHE H 539 -17.66 -44.48 -79.65
N ALA H 540 -18.17 -43.28 -79.37
CA ALA H 540 -19.61 -43.07 -79.34
C ALA H 540 -20.22 -43.23 -80.73
N TYR H 541 -19.50 -42.71 -81.73
CA TYR H 541 -19.88 -42.87 -83.12
C TYR H 541 -19.81 -44.33 -83.52
N TYR H 542 -18.79 -45.01 -82.99
CA TYR H 542 -18.61 -46.43 -83.23
C TYR H 542 -19.78 -47.24 -82.68
N LEU H 543 -20.22 -46.90 -81.48
CA LEU H 543 -21.35 -47.60 -80.86
C LEU H 543 -22.66 -47.33 -81.60
N ALA H 544 -22.82 -46.10 -82.09
CA ALA H 544 -24.04 -45.71 -82.78
C ALA H 544 -24.25 -46.48 -84.08
N LYS H 545 -23.15 -46.73 -84.79
CA LYS H 545 -23.21 -47.48 -86.03
C LYS H 545 -23.55 -48.93 -85.79
N HIS H 546 -23.25 -49.41 -84.59
CA HIS H 546 -23.54 -50.79 -84.23
C HIS H 546 -24.86 -50.92 -83.48
N GLY H 547 -25.56 -49.80 -83.33
CA GLY H 547 -26.86 -49.77 -82.69
C GLY H 547 -26.81 -50.13 -81.22
N LYS H 548 -25.70 -49.77 -80.58
CA LYS H 548 -25.53 -50.04 -79.16
C LYS H 548 -25.57 -48.75 -78.35
N ARG H 549 -25.71 -48.88 -77.04
CA ARG H 549 -25.72 -47.73 -76.13
C ARG H 549 -24.75 -47.95 -74.97
N TYR H 550 -24.52 -46.88 -74.22
CA TYR H 550 -23.65 -46.93 -73.05
C TYR H 550 -24.32 -47.55 -71.82
N SER H 551 -25.59 -47.25 -71.63
CA SER H 551 -26.23 -47.43 -70.32
C SER H 551 -26.84 -48.80 -70.04
N ASP H 552 -27.32 -49.49 -71.08
CA ASP H 552 -28.08 -50.71 -70.86
C ASP H 552 -27.25 -51.98 -70.82
N GLY H 553 -25.98 -51.89 -71.20
CA GLY H 553 -25.11 -53.05 -71.20
C GLY H 553 -25.12 -53.76 -72.54
N SER H 554 -25.74 -53.13 -73.52
CA SER H 554 -25.89 -53.70 -74.85
C SER H 554 -24.57 -53.69 -75.63
N ALA H 555 -23.59 -52.95 -75.11
CA ALA H 555 -22.31 -52.80 -75.80
C ALA H 555 -21.17 -53.55 -75.13
N ASN H 556 -21.49 -54.35 -74.11
CA ASN H 556 -20.47 -55.05 -73.33
C ASN H 556 -19.59 -55.99 -74.14
N ASN H 557 -20.22 -56.90 -74.88
CA ASN H 557 -19.49 -57.88 -75.68
C ASN H 557 -18.76 -57.26 -76.86
N LEU H 558 -19.37 -56.23 -77.45
CA LEU H 558 -18.76 -55.51 -78.55
C LEU H 558 -17.49 -54.79 -78.11
N THR H 559 -17.53 -54.22 -76.91
CA THR H 559 -16.37 -53.55 -76.35
C THR H 559 -15.25 -54.55 -76.08
N HIS H 560 -15.62 -55.71 -75.55
CA HIS H 560 -14.66 -56.78 -75.30
C HIS H 560 -13.98 -57.21 -76.60
N LYS H 561 -14.80 -57.43 -77.63
CA LYS H 561 -14.30 -57.85 -78.93
C LYS H 561 -13.41 -56.77 -79.55
N THR H 562 -13.84 -55.52 -79.40
CA THR H 562 -13.15 -54.40 -80.01
C THR H 562 -11.79 -54.16 -79.40
N PHE H 563 -11.74 -54.13 -78.07
CA PHE H 563 -10.50 -53.81 -77.37
C PHE H 563 -9.56 -55.00 -77.23
N GLU H 564 -10.08 -56.21 -77.42
CA GLU H 564 -9.22 -57.37 -77.53
C GLU H 564 -8.36 -57.26 -78.79
N ALA H 565 -9.02 -56.87 -79.89
CA ALA H 565 -8.35 -56.72 -81.17
C ALA H 565 -7.34 -55.59 -81.12
N ILE H 566 -7.69 -54.51 -80.43
CA ILE H 566 -6.81 -53.36 -80.29
C ILE H 566 -5.52 -53.72 -79.59
N GLN H 567 -5.63 -54.35 -78.42
CA GLN H 567 -4.46 -54.70 -77.63
C GLN H 567 -3.63 -55.79 -78.31
N TYR H 568 -4.31 -56.76 -78.92
CA TYR H 568 -3.63 -57.86 -79.59
C TYR H 568 -2.75 -57.35 -80.73
N TYR H 569 -3.29 -56.45 -81.53
CA TYR H 569 -2.55 -55.92 -82.67
C TYR H 569 -1.50 -54.91 -82.25
N LEU H 570 -1.69 -54.28 -81.11
CA LEU H 570 -0.68 -53.40 -80.54
C LEU H 570 0.51 -54.22 -80.06
N LEU H 571 0.22 -55.29 -79.32
CA LEU H 571 1.24 -56.19 -78.85
C LEU H 571 1.95 -56.87 -80.01
N LYS H 572 1.18 -57.27 -81.01
CA LYS H 572 1.72 -57.96 -82.17
C LYS H 572 2.68 -57.06 -82.92
N ALA H 573 2.30 -55.79 -83.07
CA ALA H 573 3.14 -54.83 -83.77
C ALA H 573 4.43 -54.56 -83.00
N SER H 574 4.32 -54.42 -81.69
CA SER H 574 5.46 -54.14 -80.85
C SER H 574 6.35 -55.37 -80.73
N ASN H 575 5.74 -56.55 -80.83
CA ASN H 575 6.47 -57.80 -80.82
C ASN H 575 7.26 -57.97 -82.11
N GLU H 576 6.64 -57.64 -83.24
CA GLU H 576 7.31 -57.71 -84.52
C GLU H 576 8.43 -56.70 -84.59
N LEU H 577 8.23 -55.56 -83.94
CA LEU H 577 9.22 -54.49 -83.90
C LEU H 577 10.40 -54.87 -83.02
N ALA H 578 10.16 -55.75 -82.04
CA ALA H 578 11.21 -56.26 -81.18
C ALA H 578 12.10 -57.22 -81.95
N LYS H 579 11.50 -58.00 -82.85
CA LYS H 579 12.26 -58.90 -83.70
C LYS H 579 13.19 -58.13 -84.62
N GLU H 580 12.74 -56.96 -85.06
CA GLU H 580 13.50 -56.18 -86.03
C GLU H 580 14.59 -55.31 -85.40
N GLN H 581 14.28 -54.68 -84.27
CA GLN H 581 15.20 -53.71 -83.69
C GLN H 581 15.60 -54.02 -82.25
N GLY H 582 15.05 -55.09 -81.69
CA GLY H 582 15.38 -55.49 -80.34
C GLY H 582 14.37 -55.01 -79.33
N ALA H 583 14.16 -55.81 -78.29
CA ALA H 583 13.24 -55.43 -77.23
C ALA H 583 13.81 -54.28 -76.41
N CYS H 584 12.96 -53.58 -75.67
CA CYS H 584 13.41 -52.48 -74.83
C CYS H 584 14.31 -53.02 -73.72
N PRO H 585 15.34 -52.26 -73.35
CA PRO H 585 16.34 -52.66 -72.35
C PRO H 585 15.76 -53.20 -71.04
N TRP H 586 14.68 -52.61 -70.55
CA TRP H 586 14.12 -53.02 -69.27
C TRP H 586 12.89 -53.90 -69.43
N PHE H 587 12.86 -54.67 -70.52
CA PHE H 587 11.74 -55.57 -70.78
C PHE H 587 11.64 -56.65 -69.69
N ASN H 588 12.77 -57.02 -69.09
CA ASN H 588 12.77 -58.03 -68.04
C ASN H 588 12.06 -57.61 -66.76
N GLU H 589 11.72 -56.33 -66.64
CA GLU H 589 11.01 -55.84 -65.46
C GLU H 589 9.51 -55.91 -65.68
N THR H 590 9.09 -56.41 -66.83
CA THR H 590 7.67 -56.49 -67.16
C THR H 590 7.08 -57.86 -66.86
N THR H 591 5.76 -57.90 -66.73
CA THR H 591 5.04 -59.16 -66.57
C THR H 591 5.00 -59.93 -67.88
N TYR H 592 5.11 -59.21 -69.00
CA TYR H 592 5.17 -59.82 -70.32
C TYR H 592 6.39 -60.73 -70.45
N ALA H 593 7.48 -60.35 -69.80
CA ALA H 593 8.71 -61.13 -69.85
C ALA H 593 8.54 -62.47 -69.15
N LYS H 594 7.62 -62.52 -68.18
CA LYS H 594 7.33 -63.75 -67.44
C LYS H 594 6.28 -64.57 -68.17
N GLY H 595 5.82 -64.08 -69.31
CA GLY H 595 4.80 -64.77 -70.08
C GLY H 595 3.41 -64.48 -69.55
N ILE H 596 3.26 -63.38 -68.83
CA ILE H 596 1.96 -62.98 -68.29
C ILE H 596 1.30 -61.93 -69.17
N LEU H 597 0.03 -62.15 -69.48
CA LEU H 597 -0.73 -61.26 -70.35
C LEU H 597 -1.86 -60.59 -69.58
N PRO H 598 -2.40 -59.49 -70.13
CA PRO H 598 -3.54 -58.81 -69.50
C PRO H 598 -4.75 -59.70 -69.29
N ILE H 599 -4.92 -60.69 -70.17
CA ILE H 599 -6.06 -61.59 -70.10
C ILE H 599 -5.93 -62.60 -68.96
N ASP H 600 -4.80 -62.55 -68.26
CA ASP H 600 -4.54 -63.44 -67.14
C ASP H 600 -4.78 -62.78 -65.79
N THR H 601 -4.72 -61.45 -65.75
CA THR H 601 -4.66 -60.74 -64.48
C THR H 601 -5.80 -59.74 -64.24
N TYR H 602 -6.80 -59.75 -65.10
CA TYR H 602 -7.91 -58.81 -64.97
C TYR H 602 -8.79 -59.12 -63.77
N LYS H 603 -9.63 -58.16 -63.38
CA LYS H 603 -10.53 -58.36 -62.25
C LYS H 603 -11.60 -59.39 -62.64
N LYS H 604 -11.74 -60.44 -61.85
CA LYS H 604 -12.56 -61.58 -62.22
C LYS H 604 -14.06 -61.26 -62.28
N ASP H 605 -14.47 -60.17 -61.65
CA ASP H 605 -15.86 -59.76 -61.64
C ASP H 605 -16.33 -59.36 -63.04
N LEU H 606 -15.39 -59.14 -63.95
CA LEU H 606 -15.72 -58.80 -65.33
C LEU H 606 -16.43 -59.95 -66.02
N ASP H 607 -16.22 -61.16 -65.53
CA ASP H 607 -16.82 -62.35 -66.12
C ASP H 607 -18.34 -62.39 -65.96
N THR H 608 -18.87 -61.53 -65.11
CA THR H 608 -20.31 -61.49 -64.86
C THR H 608 -21.04 -60.49 -65.76
N ILE H 609 -20.29 -59.64 -66.45
CA ILE H 609 -20.92 -58.59 -67.26
C ILE H 609 -20.57 -58.69 -68.75
N ALA H 610 -19.76 -59.68 -69.11
CA ALA H 610 -19.42 -59.90 -70.51
C ALA H 610 -18.97 -61.34 -70.73
N ASN H 611 -19.51 -61.99 -71.75
CA ASN H 611 -19.15 -63.37 -72.05
C ASN H 611 -18.56 -63.55 -73.44
N GLU H 612 -18.03 -62.46 -73.99
CA GLU H 612 -17.42 -62.49 -75.31
C GLU H 612 -16.11 -63.28 -75.29
N PRO H 613 -16.00 -64.28 -76.17
CA PRO H 613 -14.78 -65.10 -76.22
C PRO H 613 -13.62 -64.40 -76.93
N LEU H 614 -12.40 -64.85 -76.67
CA LEU H 614 -11.24 -64.34 -77.37
C LEU H 614 -11.21 -64.90 -78.79
N HIS H 615 -11.05 -64.02 -79.77
CA HIS H 615 -11.10 -64.41 -81.16
C HIS H 615 -9.69 -64.56 -81.74
N TYR H 616 -8.70 -64.07 -81.02
CA TYR H 616 -7.33 -64.10 -81.49
C TYR H 616 -6.45 -65.09 -80.73
N ASP H 617 -5.34 -65.46 -81.34
CA ASP H 617 -4.42 -66.45 -80.77
C ASP H 617 -3.47 -65.82 -79.76
N TRP H 618 -3.91 -65.73 -78.51
CA TRP H 618 -3.11 -65.12 -77.46
C TRP H 618 -1.99 -66.00 -76.93
N GLU H 619 -2.16 -67.31 -77.08
CA GLU H 619 -1.15 -68.25 -76.58
C GLU H 619 0.08 -68.25 -77.49
N ALA H 620 -0.14 -68.10 -78.79
CA ALA H 620 0.96 -67.98 -79.73
C ALA H 620 1.68 -66.65 -79.50
N LEU H 621 0.90 -65.61 -79.21
CA LEU H 621 1.46 -64.29 -78.94
C LEU H 621 2.23 -64.29 -77.63
N ARG H 622 1.69 -64.98 -76.63
CA ARG H 622 2.34 -65.10 -75.34
C ARG H 622 3.73 -65.69 -75.49
N GLU H 623 3.83 -66.75 -76.27
CA GLU H 623 5.09 -67.43 -76.50
C GLU H 623 6.05 -66.55 -77.27
N SER H 624 5.53 -65.82 -78.24
CA SER H 624 6.36 -64.96 -79.07
C SER H 624 6.89 -63.76 -78.27
N ILE H 625 6.08 -63.24 -77.37
CA ILE H 625 6.50 -62.14 -76.51
C ILE H 625 7.54 -62.61 -75.50
N LYS H 626 7.31 -63.79 -74.93
CA LYS H 626 8.23 -64.34 -73.96
C LYS H 626 9.60 -64.61 -74.57
N THR H 627 9.62 -64.91 -75.86
CA THR H 627 10.85 -65.27 -76.57
C THR H 627 11.55 -64.06 -77.17
N HIS H 628 10.78 -63.23 -77.87
CA HIS H 628 11.37 -62.12 -78.61
C HIS H 628 11.15 -60.76 -77.94
N GLY H 629 10.26 -60.70 -76.97
CA GLY H 629 10.04 -59.48 -76.21
C GLY H 629 9.14 -58.44 -76.87
N LEU H 630 9.03 -57.28 -76.22
CA LEU H 630 8.32 -56.14 -76.76
C LEU H 630 9.27 -54.97 -76.93
N ARG H 631 9.05 -54.17 -77.96
CA ARG H 631 9.81 -52.95 -78.18
C ARG H 631 9.39 -51.92 -77.14
N ASN H 632 8.14 -52.03 -76.69
CA ASN H 632 7.56 -51.08 -75.76
C ASN H 632 6.92 -51.79 -74.57
N SER H 633 7.20 -51.31 -73.38
CA SER H 633 6.68 -51.92 -72.15
C SER H 633 5.17 -51.74 -72.02
N THR H 634 4.68 -50.60 -72.46
CA THR H 634 3.25 -50.35 -72.52
C THR H 634 2.87 -49.91 -73.93
N LEU H 635 1.60 -50.07 -74.28
CA LEU H 635 1.17 -49.74 -75.63
C LEU H 635 -0.18 -49.02 -75.65
N SER H 636 -1.06 -49.37 -74.72
CA SER H 636 -2.41 -48.83 -74.74
C SER H 636 -2.72 -47.97 -73.51
N ALA H 637 -3.48 -46.90 -73.76
CA ALA H 637 -3.96 -46.01 -72.72
C ALA H 637 -5.05 -45.14 -73.31
N LEU H 638 -6.17 -45.00 -72.61
CA LEU H 638 -7.29 -44.25 -73.15
C LEU H 638 -7.33 -42.81 -72.64
N MET H 639 -6.75 -41.90 -73.43
CA MET H 639 -6.71 -40.49 -73.09
C MET H 639 -8.02 -39.79 -73.49
N PRO H 640 -8.32 -38.63 -72.90
CA PRO H 640 -9.57 -37.93 -73.24
C PRO H 640 -9.56 -37.33 -74.64
N SER H 641 -8.40 -36.90 -75.13
CA SER H 641 -8.26 -36.30 -76.45
C SER H 641 -9.25 -35.17 -76.71
N GLU H 642 -9.39 -34.26 -75.74
CA GLU H 642 -10.31 -33.15 -75.84
C GLU H 642 -10.08 -32.33 -77.09
N THR H 643 -8.81 -32.08 -77.38
CA THR H 643 -8.43 -31.20 -78.46
C THR H 643 -8.12 -31.94 -79.75
N SER H 644 -7.30 -32.98 -79.65
CA SER H 644 -6.78 -33.66 -80.84
C SER H 644 -7.84 -34.41 -81.64
N SER H 645 -8.93 -34.81 -80.99
CA SER H 645 -9.97 -35.58 -81.67
C SER H 645 -10.83 -34.71 -82.58
N GLN H 646 -10.75 -33.39 -82.41
CA GLN H 646 -11.56 -32.47 -83.22
C GLN H 646 -11.04 -32.40 -84.66
N ILE H 647 -9.80 -32.79 -84.86
CA ILE H 647 -9.18 -32.74 -86.18
C ILE H 647 -9.90 -33.63 -87.18
N SER H 648 -10.39 -34.77 -86.71
CA SER H 648 -11.14 -35.69 -87.56
C SER H 648 -12.65 -35.59 -87.30
N ASN H 649 -13.04 -34.56 -86.54
CA ASN H 649 -14.42 -34.35 -86.14
C ASN H 649 -14.99 -35.53 -85.37
N ALA H 650 -14.15 -36.20 -84.61
CA ALA H 650 -14.57 -37.37 -83.86
C ALA H 650 -15.19 -36.99 -82.52
N THR H 651 -16.01 -37.88 -81.97
CA THR H 651 -16.41 -37.75 -80.58
C THR H 651 -15.18 -38.07 -79.73
N ASN H 652 -14.90 -37.24 -78.74
CA ASN H 652 -13.63 -37.34 -78.03
C ASN H 652 -13.53 -38.62 -77.19
N GLY H 653 -12.44 -39.35 -77.40
CA GLY H 653 -12.13 -40.54 -76.63
C GLY H 653 -13.24 -41.57 -76.57
N ILE H 654 -13.59 -41.99 -75.36
CA ILE H 654 -14.67 -42.96 -75.18
C ILE H 654 -15.93 -42.29 -74.63
N GLU H 655 -15.87 -40.98 -74.48
CA GLU H 655 -16.97 -40.21 -73.90
C GLU H 655 -18.12 -39.99 -74.87
N PRO H 656 -19.36 -40.07 -74.36
CA PRO H 656 -20.54 -39.72 -75.15
C PRO H 656 -20.67 -38.21 -75.30
N PRO H 657 -21.10 -37.74 -76.47
CA PRO H 657 -21.23 -36.30 -76.72
C PRO H 657 -22.31 -35.65 -75.85
N ARG H 658 -22.11 -34.37 -75.52
CA ARG H 658 -23.08 -33.61 -74.75
C ARG H 658 -24.32 -33.27 -75.58
N GLY H 659 -24.15 -33.17 -76.89
CA GLY H 659 -25.26 -32.90 -77.78
C GLY H 659 -24.93 -33.28 -79.20
N TYR H 660 -25.93 -33.25 -80.07
CA TYR H 660 -25.70 -33.52 -81.49
C TYR H 660 -24.82 -32.42 -82.04
N VAL H 661 -25.03 -31.21 -81.53
CA VAL H 661 -24.13 -30.09 -81.78
C VAL H 661 -23.56 -29.65 -80.44
N SER H 662 -22.30 -29.97 -80.20
CA SER H 662 -21.64 -29.63 -78.95
C SER H 662 -20.98 -28.27 -79.04
N ILE H 663 -20.99 -27.54 -77.93
CA ILE H 663 -20.32 -26.25 -77.87
C ILE H 663 -19.01 -26.38 -77.10
N LYS H 664 -17.91 -26.26 -77.84
CA LYS H 664 -16.59 -26.44 -77.25
C LYS H 664 -15.78 -25.14 -77.26
N ALA H 665 -14.73 -25.11 -76.45
CA ALA H 665 -13.94 -23.91 -76.21
C ALA H 665 -12.80 -23.72 -77.20
N SER H 666 -12.45 -22.46 -77.43
CA SER H 666 -11.31 -22.11 -78.27
C SER H 666 -10.82 -20.72 -77.90
N LYS H 667 -9.59 -20.40 -78.31
CA LYS H 667 -9.01 -19.09 -78.03
C LYS H 667 -9.72 -17.96 -78.77
N ASP H 668 -10.32 -18.27 -79.91
CA ASP H 668 -11.03 -17.26 -80.72
C ASP H 668 -12.47 -17.08 -80.22
N GLY H 669 -13.09 -18.17 -79.80
CA GLY H 669 -14.44 -18.13 -79.27
C GLY H 669 -15.00 -19.53 -79.14
N ILE H 670 -16.33 -19.65 -79.13
CA ILE H 670 -16.94 -20.97 -78.99
C ILE H 670 -17.01 -21.66 -80.34
N LEU H 671 -16.87 -22.98 -80.33
CA LEU H 671 -16.98 -23.76 -81.55
C LEU H 671 -18.17 -24.68 -81.48
N ARG H 672 -18.84 -24.85 -82.62
CA ARG H 672 -19.93 -25.80 -82.73
C ARG H 672 -19.45 -27.05 -83.44
N GLN H 673 -19.62 -28.19 -82.80
CA GLN H 673 -19.15 -29.43 -83.39
C GLN H 673 -20.29 -30.43 -83.50
N VAL H 674 -20.50 -30.93 -84.72
CA VAL H 674 -21.54 -31.90 -84.98
C VAL H 674 -21.01 -33.30 -84.84
N VAL H 675 -21.79 -34.19 -84.24
CA VAL H 675 -21.43 -35.60 -84.19
C VAL H 675 -21.34 -36.12 -85.62
N PRO H 676 -20.39 -37.02 -85.87
CA PRO H 676 -20.22 -37.56 -87.23
C PRO H 676 -21.48 -38.27 -87.72
N ASP H 677 -21.88 -37.99 -88.96
CA ASP H 677 -23.04 -38.63 -89.58
C ASP H 677 -24.34 -38.38 -88.80
N TYR H 678 -24.64 -37.12 -88.51
CA TYR H 678 -25.85 -36.78 -87.77
C TYR H 678 -27.12 -37.15 -88.53
N GLU H 679 -27.06 -37.04 -89.85
CA GLU H 679 -28.21 -37.28 -90.71
C GLU H 679 -28.77 -38.70 -90.58
N HIS H 680 -27.88 -39.68 -90.54
CA HIS H 680 -28.28 -41.08 -90.52
C HIS H 680 -28.38 -41.64 -89.10
N LEU H 681 -27.72 -40.99 -88.15
CA LEU H 681 -27.60 -41.54 -86.81
C LEU H 681 -28.15 -40.67 -85.68
N HIS H 682 -29.07 -39.77 -85.99
CA HIS H 682 -29.62 -38.87 -84.97
C HIS H 682 -30.32 -39.63 -83.83
N ASP H 683 -30.92 -40.78 -84.13
CA ASP H 683 -31.58 -41.57 -83.11
C ASP H 683 -30.64 -42.60 -82.48
N ALA H 684 -29.49 -42.80 -83.12
CA ALA H 684 -28.57 -43.86 -82.73
C ALA H 684 -27.67 -43.50 -81.55
N TYR H 685 -27.38 -42.20 -81.41
CA TYR H 685 -26.53 -41.71 -80.34
C TYR H 685 -27.21 -41.73 -78.97
N GLU H 686 -26.42 -41.95 -77.93
CA GLU H 686 -26.90 -41.74 -76.57
C GLU H 686 -26.10 -40.60 -75.95
N LEU H 687 -26.72 -39.43 -75.87
CA LEU H 687 -26.05 -38.23 -75.38
C LEU H 687 -25.71 -38.35 -73.91
N LEU H 688 -24.79 -37.50 -73.45
CA LEU H 688 -24.27 -37.58 -72.08
C LEU H 688 -25.34 -37.58 -71.01
N TRP H 689 -26.28 -36.65 -71.11
CA TRP H 689 -27.29 -36.50 -70.06
C TRP H 689 -28.57 -37.27 -70.35
N GLU H 690 -28.51 -38.19 -71.31
CA GLU H 690 -29.63 -39.09 -71.57
C GLU H 690 -29.44 -40.41 -70.85
N MET H 691 -28.39 -40.48 -70.03
CA MET H 691 -28.08 -41.73 -69.34
C MET H 691 -28.63 -41.72 -67.91
N PRO H 692 -29.20 -42.85 -67.49
CA PRO H 692 -29.82 -43.06 -66.18
C PRO H 692 -28.81 -42.99 -65.03
N GLY H 693 -27.57 -43.37 -65.30
CA GLY H 693 -26.54 -43.36 -64.29
C GLY H 693 -25.19 -43.69 -64.87
N ASN H 694 -24.28 -44.17 -64.03
CA ASN H 694 -22.90 -44.45 -64.45
C ASN H 694 -22.59 -45.93 -64.62
N ASP H 695 -23.53 -46.78 -64.23
CA ASP H 695 -23.34 -48.23 -64.23
C ASP H 695 -22.94 -48.80 -65.59
N GLY H 696 -23.68 -48.46 -66.63
CA GLY H 696 -23.39 -48.96 -67.96
C GLY H 696 -22.04 -48.49 -68.49
N TYR H 697 -21.71 -47.23 -68.23
CA TYR H 697 -20.44 -46.65 -68.64
C TYR H 697 -19.26 -47.31 -67.94
N LEU H 698 -19.37 -47.48 -66.62
CA LEU H 698 -18.30 -48.06 -65.84
C LEU H 698 -18.04 -49.52 -66.20
N GLN H 699 -19.08 -50.22 -66.64
CA GLN H 699 -18.93 -51.60 -67.07
C GLN H 699 -18.11 -51.64 -68.36
N LEU H 700 -18.36 -50.67 -69.24
CA LEU H 700 -17.59 -50.56 -70.46
C LEU H 700 -16.13 -50.22 -70.14
N VAL H 701 -15.93 -49.33 -69.18
CA VAL H 701 -14.59 -48.96 -68.76
C VAL H 701 -13.83 -50.15 -68.17
N GLY H 702 -14.52 -50.92 -67.34
CA GLY H 702 -13.93 -52.12 -66.76
C GLY H 702 -13.57 -53.15 -67.80
N ILE H 703 -14.45 -53.34 -68.78
CA ILE H 703 -14.20 -54.28 -69.86
C ILE H 703 -13.02 -53.81 -70.70
N MET H 704 -12.94 -52.50 -70.93
CA MET H 704 -11.78 -51.93 -71.63
C MET H 704 -10.50 -52.21 -70.85
N GLN H 705 -10.55 -52.01 -69.54
CA GLN H 705 -9.37 -52.14 -68.69
C GLN H 705 -8.80 -53.56 -68.67
N LYS H 706 -9.60 -54.53 -69.11
CA LYS H 706 -9.15 -55.91 -69.20
C LYS H 706 -7.94 -56.04 -70.13
N PHE H 707 -7.88 -55.18 -71.15
CA PHE H 707 -6.83 -55.28 -72.15
C PHE H 707 -5.85 -54.11 -72.10
N ILE H 708 -6.30 -52.97 -71.58
CA ILE H 708 -5.48 -51.77 -71.54
C ILE H 708 -4.31 -51.91 -70.56
N ASP H 709 -3.11 -51.62 -71.07
CA ASP H 709 -1.90 -51.69 -70.28
C ASP H 709 -1.88 -50.69 -69.13
N GLN H 710 -2.22 -49.44 -69.43
CA GLN H 710 -2.19 -48.40 -68.42
C GLN H 710 -3.58 -48.17 -67.84
N SER H 711 -4.10 -46.96 -67.97
CA SER H 711 -5.41 -46.68 -67.40
C SER H 711 -6.33 -45.96 -68.38
N ILE H 712 -7.45 -45.47 -67.87
CA ILE H 712 -8.48 -44.82 -68.67
C ILE H 712 -8.96 -43.55 -67.97
N SER H 713 -9.13 -42.48 -68.74
CA SER H 713 -9.66 -41.24 -68.18
C SER H 713 -11.16 -41.32 -67.95
N ALA H 714 -11.56 -42.13 -66.98
CA ALA H 714 -12.98 -42.40 -66.74
C ALA H 714 -13.69 -41.26 -66.02
N ASN H 715 -14.79 -40.80 -66.60
CA ASN H 715 -15.60 -39.73 -66.02
C ASN H 715 -16.77 -40.29 -65.22
N THR H 716 -17.24 -39.55 -64.24
CA THR H 716 -18.53 -39.87 -63.62
C THR H 716 -19.46 -38.68 -63.85
N ASN H 717 -20.72 -38.95 -64.09
CA ASN H 717 -21.66 -37.89 -64.44
C ASN H 717 -22.91 -37.94 -63.59
N TYR H 718 -23.40 -36.77 -63.18
CA TYR H 718 -24.59 -36.70 -62.35
C TYR H 718 -25.49 -35.53 -62.72
N ASP H 719 -26.77 -35.82 -62.84
CA ASP H 719 -27.78 -34.81 -63.09
C ASP H 719 -28.58 -34.58 -61.81
N PRO H 720 -28.36 -33.44 -61.15
CA PRO H 720 -29.00 -33.11 -59.88
C PRO H 720 -30.53 -33.14 -59.96
N SER H 721 -31.08 -32.78 -61.11
CA SER H 721 -32.52 -32.73 -61.29
C SER H 721 -33.15 -34.12 -61.31
N ARG H 722 -32.34 -35.15 -61.53
CA ARG H 722 -32.84 -36.53 -61.52
C ARG H 722 -32.95 -37.07 -60.11
N PHE H 723 -32.51 -36.28 -59.13
CA PHE H 723 -32.51 -36.71 -57.75
C PHE H 723 -33.47 -35.88 -56.91
N PRO H 724 -34.04 -36.49 -55.86
CA PRO H 724 -34.93 -35.79 -54.93
C PRO H 724 -34.26 -34.58 -54.30
N SER H 725 -34.99 -33.47 -54.24
CA SER H 725 -34.50 -32.21 -53.68
C SER H 725 -33.32 -31.64 -54.48
N GLY H 726 -33.13 -32.13 -55.70
CA GLY H 726 -32.16 -31.58 -56.61
C GLY H 726 -30.70 -31.70 -56.19
N LYS H 727 -30.41 -32.66 -55.32
CA LYS H 727 -29.04 -32.88 -54.85
C LYS H 727 -28.65 -34.35 -54.90
N VAL H 728 -27.45 -34.61 -55.40
CA VAL H 728 -26.93 -35.97 -55.49
C VAL H 728 -26.53 -36.49 -54.11
N PRO H 729 -27.17 -37.58 -53.66
CA PRO H 729 -26.87 -38.16 -52.34
C PRO H 729 -25.47 -38.76 -52.27
N MET H 730 -24.85 -38.68 -51.09
CA MET H 730 -23.51 -39.21 -50.89
C MET H 730 -23.46 -40.72 -51.10
N GLN H 731 -24.57 -41.40 -50.79
CA GLN H 731 -24.65 -42.85 -50.95
C GLN H 731 -24.47 -43.26 -52.40
N GLN H 732 -24.97 -42.44 -53.32
CA GLN H 732 -24.84 -42.71 -54.74
C GLN H 732 -23.40 -42.52 -55.20
N LEU H 733 -22.73 -41.50 -54.65
CA LEU H 733 -21.35 -41.23 -54.98
C LEU H 733 -20.43 -42.37 -54.54
N LEU H 734 -20.65 -42.88 -53.33
CA LEU H 734 -19.85 -43.96 -52.80
C LEU H 734 -20.16 -45.28 -53.50
N LYS H 735 -21.42 -45.43 -53.93
CA LYS H 735 -21.86 -46.64 -54.62
C LYS H 735 -21.18 -46.78 -55.97
N ASP H 736 -21.13 -45.69 -56.73
CA ASP H 736 -20.49 -45.69 -58.03
C ASP H 736 -18.98 -45.88 -57.89
N LEU H 737 -18.42 -45.33 -56.82
CA LEU H 737 -17.00 -45.48 -56.52
C LEU H 737 -16.67 -46.95 -56.29
N LEU H 738 -17.53 -47.64 -55.55
CA LEU H 738 -17.36 -49.06 -55.26
C LEU H 738 -17.65 -49.95 -56.46
N THR H 739 -18.55 -49.52 -57.32
CA THR H 739 -18.84 -50.24 -58.55
C THR H 739 -17.60 -50.23 -59.44
N ALA H 740 -16.96 -49.06 -59.51
CA ALA H 740 -15.73 -48.90 -60.30
C ALA H 740 -14.64 -49.83 -59.81
N TYR H 741 -14.44 -49.88 -58.50
CA TYR H 741 -13.42 -50.75 -57.93
C TYR H 741 -13.73 -52.22 -58.20
N LYS H 742 -15.01 -52.57 -58.10
CA LYS H 742 -15.48 -53.93 -58.31
C LYS H 742 -15.12 -54.45 -59.71
N PHE H 743 -15.19 -53.58 -60.71
CA PHE H 743 -14.94 -54.00 -62.08
C PHE H 743 -13.52 -53.69 -62.54
N GLY H 744 -12.65 -53.39 -61.59
CA GLY H 744 -11.23 -53.27 -61.84
C GLY H 744 -10.78 -51.94 -62.42
N VAL H 745 -11.64 -50.93 -62.32
CA VAL H 745 -11.29 -49.60 -62.80
C VAL H 745 -10.14 -49.02 -61.98
N LYS H 746 -9.08 -48.62 -62.66
CA LYS H 746 -7.85 -48.17 -62.00
C LYS H 746 -7.92 -46.74 -61.49
N THR H 747 -8.49 -45.85 -62.29
CA THR H 747 -8.55 -44.43 -61.96
C THR H 747 -9.91 -43.82 -62.25
N LEU H 748 -10.18 -42.67 -61.62
CA LEU H 748 -11.37 -41.90 -61.93
C LEU H 748 -10.99 -40.44 -62.22
N TYR H 749 -11.41 -39.96 -63.38
CA TYR H 749 -11.07 -38.60 -63.83
C TYR H 749 -12.14 -37.59 -63.41
N TYR H 750 -12.64 -36.82 -64.37
N TYR H 750 -12.65 -36.82 -64.37
CA TYR H 750 -13.64 -35.78 -64.13
CA TYR H 750 -13.57 -35.72 -64.08
C TYR H 750 -14.90 -36.34 -63.48
C TYR H 750 -14.95 -36.20 -63.63
N GLN H 751 -15.52 -35.54 -62.62
CA GLN H 751 -16.91 -35.75 -62.28
C GLN H 751 -17.72 -34.58 -62.84
N ASN H 752 -18.62 -34.89 -63.77
CA ASN H 752 -19.45 -33.87 -64.37
C ASN H 752 -20.78 -33.73 -63.66
N THR H 753 -21.09 -32.51 -63.24
CA THR H 753 -22.39 -32.24 -62.65
C THR H 753 -23.15 -31.27 -63.56
N ARG H 754 -24.29 -31.72 -64.08
CA ARG H 754 -25.06 -30.92 -65.02
C ARG H 754 -25.64 -29.67 -64.38
N ASP H 755 -25.71 -28.58 -65.13
CA ASP H 755 -26.28 -27.34 -64.65
C ASP H 755 -27.76 -27.22 -65.03
S SO4 I . -28.65 18.36 65.21
O1 SO4 I . -30.10 18.21 65.11
O2 SO4 I . -28.18 17.74 66.44
O3 SO4 I . -28.03 17.71 64.06
O4 SO4 I . -28.32 19.79 65.23
S SO4 J . 6.17 17.47 104.07
O1 SO4 J . 5.31 16.30 104.23
O2 SO4 J . 6.73 17.84 105.36
O3 SO4 J . 7.25 17.13 103.13
O4 SO4 J . 5.39 18.58 103.54
S SO4 K . -34.84 25.88 76.64
O1 SO4 K . -36.21 25.57 77.03
O2 SO4 K . -34.02 24.68 76.75
O3 SO4 K . -34.85 26.35 75.25
O4 SO4 K . -34.30 26.92 77.50
PG ATP L . -12.86 55.09 63.52
O1G ATP L . -13.96 54.17 63.75
O2G ATP L . -13.11 56.10 62.41
O3G ATP L . -12.45 55.84 64.77
PB ATP L . -10.08 54.69 62.70
O1B ATP L . -9.74 55.98 63.33
O2B ATP L . -9.97 54.75 61.20
O3B ATP L . -11.57 54.27 63.06
PA ATP L . -9.20 52.96 64.78
O1A ATP L . -10.04 53.85 65.61
O2A ATP L . -9.78 51.57 64.73
O3A ATP L . -9.16 53.54 63.29
O5' ATP L . -7.72 52.87 65.32
C5' ATP L . -6.72 51.98 64.79
C4' ATP L . -5.38 52.58 65.09
O4' ATP L . -5.07 53.62 64.15
C3' ATP L . -5.25 53.19 66.48
O3' ATP L . -4.00 52.85 67.07
C2' ATP L . -5.33 54.70 66.20
O2' ATP L . -4.62 55.45 67.17
C1' ATP L . -4.63 54.77 64.85
N9 ATP L . -4.95 55.95 64.07
C8 ATP L . -6.19 56.48 63.80
N7 ATP L . -6.18 57.55 63.07
C5 ATP L . -4.83 57.76 62.82
C6 ATP L . -4.15 58.75 62.09
N6 ATP L . -4.74 59.77 61.48
N1 ATP L . -2.79 58.67 62.03
C2 ATP L . -2.19 57.67 62.68
N3 ATP L . -2.73 56.68 63.39
C4 ATP L . -4.06 56.79 63.43
MG MG M . -10.42 55.91 65.31
PG ATP N . -9.91 59.31 65.49
O1G ATP N . -9.42 59.85 64.21
O2G ATP N . -10.72 60.30 66.30
O3G ATP N . -10.70 58.02 65.32
PB ATP N . -8.26 57.55 67.09
O1B ATP N . -6.83 57.55 67.47
O2B ATP N . -8.57 56.43 66.12
O3B ATP N . -8.67 58.93 66.41
PA ATP N . -10.39 56.37 68.64
O1A ATP N . -10.97 55.96 67.34
O2A ATP N . -11.39 57.11 69.47
O3A ATP N . -9.17 57.35 68.38
O5' ATP N . -9.79 55.16 69.50
C5' ATP N . -8.56 54.53 69.10
C4' ATP N . -8.40 53.22 69.82
O4' ATP N . -8.37 53.46 71.25
C3' ATP N . -9.53 52.20 69.58
O3' ATP N . -9.02 50.89 69.42
C2' ATP N . -10.40 52.33 70.83
O2' ATP N . -11.00 51.10 71.17
C1' ATP N . -9.39 52.74 71.90
N9 ATP N . -9.96 53.60 72.94
C8 ATP N . -10.87 54.61 72.77
N7 ATP N . -11.23 55.19 73.88
C5 ATP N . -10.50 54.52 74.85
C6 ATP N . -10.42 54.67 76.26
N6 ATP N . -11.15 55.55 76.96
N1 ATP N . -9.58 53.85 76.92
C2 ATP N . -8.87 52.96 76.24
N3 ATP N . -8.87 52.72 74.92
C4 ATP N . -9.71 53.55 74.29
PG ATP O . -21.55 -12.92 61.63
O1G ATP O . -20.37 -13.68 61.23
O2G ATP O . -21.28 -12.00 62.80
O3G ATP O . -22.73 -13.80 61.97
PB ATP O . -23.20 -10.92 60.30
O1B ATP O . -24.20 -11.36 59.32
O2B ATP O . -23.82 -10.74 61.68
O3B ATP O . -22.02 -11.99 60.43
PA ATP O . -21.85 -8.40 60.73
O1A ATP O . -22.43 -7.09 60.40
O2A ATP O . -22.09 -8.73 62.19
O3A ATP O . -22.56 -9.53 59.86
O5' ATP O . -20.31 -8.55 60.44
C5' ATP O . -19.41 -9.22 61.34
C4' ATP O . -18.02 -8.68 61.14
O4' ATP O . -17.61 -8.90 59.78
C3' ATP O . -17.86 -7.18 61.40
O3' ATP O . -16.60 -6.90 61.98
C2' ATP O . -17.99 -6.58 60.00
O2' ATP O . -17.27 -5.36 59.91
C1' ATP O . -17.33 -7.66 59.15
N9 ATP O . -17.82 -7.72 57.77
C8 ATP O . -19.09 -7.99 57.35
N7 ATP O . -19.24 -8.07 56.05
C5 ATP O . -17.95 -7.83 55.58
C6 ATP O . -17.42 -7.81 54.27
N6 ATP O . -18.14 -8.04 53.17
N1 ATP O . -16.09 -7.57 54.14
C2 ATP O . -15.37 -7.35 55.25
N3 ATP O . -15.76 -7.35 56.52
C4 ATP O . -17.07 -7.60 56.62
MG MG P . -22.55 -10.43 63.32
O3B CDP Q . -9.21 23.31 74.79
PB CDP Q . -9.28 22.84 76.21
O1B CDP Q . -10.66 22.93 76.77
O2B CDP Q . -8.19 23.37 77.09
O3A CDP Q . -9.01 21.25 76.09
PA CDP Q . -8.15 20.36 77.13
O1A CDP Q . -8.66 20.56 78.53
O2A CDP Q . -6.68 20.49 76.81
O5' CDP Q . -8.58 18.90 76.65
C5' CDP Q . -9.49 18.12 77.41
C4' CDP Q . -10.46 17.48 76.43
O4' CDP Q . -10.73 18.42 75.38
C3' CDP Q . -9.89 16.26 75.75
O3' CDP Q . -10.26 15.06 76.44
C2' CDP Q . -10.45 16.31 74.35
O2' CDP Q . -11.61 15.49 74.25
C1' CDP Q . -10.83 17.75 74.12
N1 CDP Q . -9.89 18.32 73.14
C2 CDP Q . -10.20 18.28 71.76
O2 CDP Q . -11.27 17.78 71.36
N3 CDP Q . -9.33 18.79 70.86
C4 CDP Q . -8.17 19.35 71.26
N4 CDP Q . -7.32 19.85 70.35
C5 CDP Q . -7.86 19.39 72.62
C6 CDP Q . -8.75 18.86 73.55
S SO4 R . 9.13 51.68 85.53
O1 SO4 R . 7.76 51.42 85.98
O2 SO4 R . 9.96 50.51 85.72
O3 SO4 R . 9.11 52.05 84.12
O4 SO4 R . 9.67 52.80 86.30
S SO4 S . -39.58 30.98 89.22
O1 SO4 S . -40.43 29.98 88.58
O2 SO4 S . -39.40 30.63 90.62
O3 SO4 S . -38.29 31.02 88.56
O4 SO4 S . -40.21 32.29 89.13
S SO4 T . 13.61 30.05 79.38
O1 SO4 T . 13.02 29.49 80.60
O2 SO4 T . 13.64 29.02 78.34
O3 SO4 T . 14.98 30.48 79.67
O4 SO4 T . 12.83 31.19 78.93
S SO4 U . 13.67 36.02 77.06
O1 SO4 U . 13.12 36.73 78.21
O2 SO4 U . 14.11 34.69 77.47
O3 SO4 U . 14.81 36.77 76.54
O4 SO4 U . 12.64 35.89 76.03
S SO4 V . -15.49 -23.88 82.02
O1 SO4 V . -15.42 -23.61 83.44
O2 SO4 V . -16.67 -24.70 81.74
O3 SO4 V . -14.29 -24.59 81.61
O4 SO4 V . -15.60 -22.62 81.29
S SO4 W . -28.83 -7.14 57.07
O1 SO4 W . -29.82 -6.84 58.11
O2 SO4 W . -28.56 -8.58 57.05
O3 SO4 W . -27.61 -6.42 57.38
O4 SO4 W . -29.34 -6.73 55.78
S SO4 X . -27.11 -2.70 4.99
O1 SO4 X . -27.52 -3.69 5.98
O2 SO4 X . -27.52 -3.16 3.66
O3 SO4 X . -25.66 -2.54 5.02
O4 SO4 X . -27.74 -1.42 5.27
S SO4 Y . -39.29 -16.91 51.40
O1 SO4 Y . -40.74 -16.99 51.57
O2 SO4 Y . -38.64 -17.26 52.66
O3 SO4 Y . -38.93 -15.54 51.04
O4 SO4 Y . -38.86 -17.82 50.35
PG ATP Z . -9.44 -40.71 45.98
O1G ATP Z . -10.46 -40.11 46.86
O2G ATP Z . -8.61 -41.79 46.69
O3G ATP Z . -9.99 -41.28 44.69
PB ATP Z . -6.96 -39.66 44.85
O1B ATP Z . -6.82 -40.89 44.04
O2B ATP Z . -5.90 -39.59 45.94
O3B ATP Z . -8.40 -39.59 45.53
PA ATP Z . -7.90 -38.01 42.74
O1A ATP Z . -8.87 -39.10 42.56
O2A ATP Z . -8.61 -36.71 43.10
O3A ATP Z . -6.91 -38.37 43.92
O5' ATP Z . -7.02 -37.76 41.44
C5' ATP Z . -6.19 -36.58 41.26
C4' ATP Z . -5.17 -36.89 40.19
O4' ATP Z . -4.16 -37.77 40.72
C3' ATP Z . -5.74 -37.58 38.94
O3' ATP Z . -5.26 -36.97 37.76
C2' ATP Z . -5.25 -39.03 39.08
O2' ATP Z . -5.03 -39.63 37.81
C1' ATP Z . -3.91 -38.82 39.80
N9 ATP Z . -3.44 -39.97 40.52
C8 ATP Z . -4.11 -40.71 41.47
N7 ATP Z . -3.44 -41.71 41.96
C5 ATP Z . -2.22 -41.64 41.30
C6 ATP Z . -1.05 -42.43 41.37
N6 ATP Z . -0.93 -43.49 42.17
N1 ATP Z . -0.02 -42.09 40.58
C2 ATP Z . -0.14 -41.03 39.77
N3 ATP Z . -1.19 -40.22 39.62
C4 ATP Z . -2.20 -40.58 40.41
MG MG AA . -8.68 -41.13 43.08
PG ATP BA . -7.53 -44.32 42.33
O1G ATP BA . -6.23 -44.82 42.84
O2G ATP BA . -8.58 -45.40 42.26
O3G ATP BA . -8.06 -43.15 43.15
PB ATP BA . -7.56 -42.35 40.21
O1B ATP BA . -6.57 -42.09 39.16
O2B ATP BA . -7.47 -41.33 41.34
O3B ATP BA . -7.36 -43.80 40.84
PA ATP BA . -10.37 -41.63 40.19
O1A ATP BA . -10.19 -41.33 41.63
O2A ATP BA . -11.48 -42.64 39.99
O3A ATP BA . -9.03 -42.24 39.59
O5' ATP BA . -10.64 -40.34 39.30
C5' ATP BA . -9.57 -39.47 38.88
C4' ATP BA . -10.15 -38.18 38.38
O4' ATP BA . -10.98 -38.44 37.22
C3' ATP BA . -11.02 -37.41 39.37
O3' ATP BA . -10.80 -36.01 39.26
C2' ATP BA . -12.44 -37.81 38.98
O2' ATP BA . -13.38 -36.78 39.25
C1' ATP BA . -12.30 -38.02 37.47
N9 ATP BA . -13.21 -39.04 36.96
C8 ATP BA . -13.62 -40.18 37.60
N7 ATP BA . -14.47 -40.90 36.92
C5 ATP BA . -14.63 -40.20 35.74
C6 ATP BA . -15.41 -40.44 34.59
N6 ATP BA . -16.23 -41.49 34.46
N1 ATP BA . -15.34 -39.55 33.58
C2 ATP BA . -14.53 -38.49 33.72
N3 ATP BA . -13.76 -38.15 34.75
C4 ATP BA . -13.85 -39.06 35.74
PG ATP CA . -26.75 24.89 57.11
O1G ATP CA . -25.66 25.79 56.74
O2G ATP CA . -27.08 23.89 56.03
O3G ATP CA . -28.02 25.62 57.46
PB ATP CA . -26.97 22.73 59.04
O1B ATP CA . -27.32 22.94 60.46
O2B ATP CA . -28.21 22.34 58.24
O3B ATP CA . -26.35 24.05 58.40
PA ATP CA . -25.74 20.46 57.75
O1A ATP CA . -25.82 19.11 58.34
O2A ATP CA . -26.87 20.68 56.77
O3A ATP CA . -25.92 21.55 58.90
O5' ATP CA . -24.39 20.79 56.99
C5' ATP CA . -24.39 21.61 55.80
C4' ATP CA . -23.13 21.39 55.01
O4' ATP CA . -21.98 21.76 55.81
C3' ATP CA . -22.87 19.94 54.57
O3' ATP CA . -22.18 19.92 53.33
C2' ATP CA . -22.00 19.40 55.70
O2' ATP CA . -21.17 18.35 55.22
C1' ATP CA . -21.15 20.63 56.04
N9 ATP CA . -20.68 20.68 57.42
C8 ATP CA . -21.44 20.76 58.55
N7 ATP CA . -20.75 20.90 59.66
C5 ATP CA . -19.43 20.90 59.22
C6 ATP CA . -18.20 21.05 59.89
N6 ATP CA . -18.10 21.25 61.21
N1 ATP CA . -17.07 21.02 59.16
C2 ATP CA . -17.17 20.85 57.83
N3 ATP CA . -18.28 20.71 57.08
C4 ATP CA . -19.38 20.75 57.85
MG MG DA . -28.24 22.13 56.13
O3B CDP EA . -19.18 -9.20 36.90
PB CDP EA . -20.28 -8.84 35.94
O1B CDP EA . -21.64 -9.21 36.44
O2B CDP EA . -20.00 -9.20 34.51
O3A CDP EA . -20.30 -7.23 35.96
PA CDP EA . -20.36 -6.26 34.67
O1A CDP EA . -21.55 -6.60 33.83
O2A CDP EA . -18.98 -6.14 34.08
O5' CDP EA . -20.68 -4.89 35.42
C5' CDP EA . -22.00 -4.40 35.50
C4' CDP EA . -22.21 -3.90 36.92
O4' CDP EA . -21.59 -4.81 37.83
C3' CDP EA . -21.52 -2.56 37.16
O3' CDP EA . -22.42 -1.47 36.97
C2' CDP EA . -21.04 -2.63 38.59
O2' CDP EA . -22.00 -2.04 39.47
C1' CDP EA . -20.96 -4.11 38.91
N1 CDP EA . -19.56 -4.51 39.04
C2 CDP EA . -18.88 -4.34 40.26
O2 CDP EA . -19.47 -3.83 41.24
N3 CDP EA . -17.58 -4.70 40.39
C4 CDP EA . -16.93 -5.25 39.34
N4 CDP EA . -15.64 -5.62 39.48
C5 CDP EA . -17.59 -5.43 38.14
C6 CDP EA . -18.92 -5.05 38.01
S SO4 FA . -0.47 -37.56 21.43
O1 SO4 FA . -0.43 -38.47 20.30
O2 SO4 FA . -0.20 -38.30 22.66
O3 SO4 FA . -1.78 -36.93 21.52
O4 SO4 FA . 0.56 -36.53 21.25
S SO4 GA . 52.10 -4.50 63.82
O1 SO4 GA . 51.20 -5.42 63.12
O2 SO4 GA . 52.21 -4.90 65.21
O3 SO4 GA . 53.41 -4.54 63.18
O4 SO4 GA . 51.57 -3.14 63.75
S SO4 HA . 50.48 46.51 76.80
O1 SO4 HA . 49.26 46.51 76.01
O2 SO4 HA . 50.58 45.25 77.55
O3 SO4 HA . 51.62 46.64 75.90
O4 SO4 HA . 50.47 47.62 77.73
S SO4 IA . 62.38 -2.27 75.12
O1 SO4 IA . 63.67 -2.91 74.88
O2 SO4 IA . 61.38 -3.31 75.32
O3 SO4 IA . 62.03 -1.45 73.97
O4 SO4 IA . 62.45 -1.44 76.31
PG ATP JA . 31.44 -4.08 98.81
O1G ATP JA . 32.68 -4.46 98.07
O2G ATP JA . 30.76 -5.25 99.48
O3G ATP JA . 31.67 -2.97 99.83
PB ATP JA . 28.91 -2.91 97.98
O1B ATP JA . 28.71 -2.51 99.38
O2B ATP JA . 27.90 -3.95 97.54
O3B ATP JA . 30.37 -3.52 97.77
PA ATP JA . 29.86 -0.36 97.09
O1A ATP JA . 30.77 -0.53 98.24
O2A ATP JA . 30.65 -0.30 95.80
O3A ATP JA . 28.89 -1.62 97.04
O5' ATP JA . 29.00 0.95 97.24
C5' ATP JA . 28.21 1.53 96.18
C4' ATP JA . 27.25 2.50 96.81
O4' ATP JA . 26.19 1.78 97.47
C3' ATP JA . 27.88 3.41 97.88
O3' ATP JA . 27.49 4.77 97.70
C2' ATP JA . 27.33 2.84 99.20
O2' ATP JA . 27.18 3.87 100.18
C1' ATP JA . 25.99 2.30 98.76
N9 ATP JA . 25.47 1.24 99.62
C8 ATP JA . 26.11 0.11 100.02
N7 ATP JA . 25.39 -0.67 100.80
C5 ATP JA . 24.19 0.01 100.91
C6 ATP JA . 22.99 -0.29 101.60
N6 ATP JA . 22.81 -1.39 102.34
N1 ATP JA . 21.97 0.60 101.51
C2 ATP JA . 22.15 1.69 100.77
N3 ATP JA . 23.22 2.08 100.08
C4 ATP JA . 24.21 1.19 100.19
MG MG KA . 30.32 -1.40 100.12
PG ATP LA . 29.32 -1.63 103.28
O1G ATP LA . 28.07 -2.41 103.15
O2G ATP LA . 30.00 -1.83 104.62
O3G ATP LA . 30.32 -1.93 102.16
PB ATP LA . 29.42 1.00 102.07
O1B ATP LA . 28.56 2.19 102.18
O2B ATP LA . 29.24 0.32 100.70
O3B ATP LA . 29.03 -0.07 103.18
PA ATP LA . 32.26 0.91 101.49
O1A ATP LA . 32.00 -0.38 100.82
O2A ATP LA . 33.37 0.76 102.52
O3A ATP LA . 30.95 1.39 102.25
O5' ATP LA . 32.65 2.09 100.51
C5' ATP LA . 31.67 2.75 99.67
C4' ATP LA . 32.38 3.71 98.77
O4' ATP LA . 33.18 4.61 99.56
C3' ATP LA . 33.30 3.08 97.72
O3' ATP LA . 33.03 3.55 96.41
C2' ATP LA . 34.72 3.44 98.21
O2' ATP LA . 35.57 3.75 97.12
C1' ATP LA . 34.50 4.68 99.06
N9 ATP LA . 35.41 4.75 100.20
C8 ATP LA . 35.74 3.73 101.05
N7 ATP LA . 36.62 4.04 101.95
C5 ATP LA . 36.89 5.39 101.70
C6 ATP LA . 37.75 6.31 102.31
N6 ATP LA . 38.55 6.01 103.33
N1 ATP LA . 37.78 7.57 101.81
C2 ATP LA . 37.00 7.86 100.77
N3 ATP LA . 36.15 7.07 100.10
C4 ATP LA . 36.15 5.83 100.62
PG ATP MA . 50.94 5.73 33.51
O1G ATP MA . 49.91 6.38 32.68
O2G ATP MA . 51.18 6.44 34.83
O3G ATP MA . 52.24 5.55 32.79
PB ATP MA . 51.07 3.22 34.94
O1B ATP MA . 51.35 1.94 34.25
O2B ATP MA . 52.33 3.80 35.55
O3B ATP MA . 50.46 4.27 33.91
PA ATP MA . 49.82 3.75 37.50
O1A ATP MA . 49.85 2.76 38.59
O2A ATP MA . 50.96 4.73 37.66
O3A ATP MA . 50.02 2.99 36.11
O5' ATP MA . 48.49 4.60 37.40
C5' ATP MA . 48.52 5.97 36.94
C4' ATP MA . 47.25 6.68 37.33
O4' ATP MA . 46.12 6.05 36.68
C3' ATP MA . 46.92 6.67 38.83
O3' ATP MA . 46.25 7.86 39.21
C2' ATP MA . 46.01 5.45 38.96
O2' ATP MA . 45.14 5.63 40.06
C1' ATP MA . 45.23 5.52 37.65
N9 ATP MA . 44.75 4.24 37.16
C8 ATP MA . 45.51 3.17 36.76
N7 ATP MA . 44.82 2.15 36.28
C5 ATP MA . 43.50 2.60 36.39
C6 ATP MA . 42.28 2.00 36.03
N6 ATP MA . 42.17 0.79 35.47
N1 ATP MA . 41.16 2.71 36.24
C2 ATP MA . 41.25 3.92 36.79
N3 ATP MA . 42.34 4.59 37.17
C4 ATP MA . 43.45 3.86 36.94
MG MG NA . 52.33 5.73 36.43
O3B CDP OA . 43.19 16.34 72.82
PB CDP OA . 43.50 15.10 72.03
O1B CDP OA . 42.37 14.11 71.97
O2B CDP OA . 44.82 14.46 72.34
O3A CDP OA . 43.65 15.56 70.50
PA CDP OA . 43.71 17.09 70.00
O1A CDP OA . 42.34 17.69 70.08
O2A CDP OA . 44.90 17.76 70.62
O5' CDP OA . 44.05 16.87 68.45
C5' CDP OA . 45.36 17.09 67.96
C4' CDP OA . 45.72 15.87 67.13
O4' CDP OA . 45.07 14.73 67.67
C3' CDP OA . 45.24 16.02 65.71
O3' CDP OA . 46.33 16.36 64.85
C2' CDP OA . 44.68 14.67 65.33
O2' CDP OA . 45.59 13.99 64.46
C1' CDP OA . 44.53 13.90 66.63
N1 CDP OA . 43.11 13.66 66.87
C2 CDP OA . 42.49 12.51 66.36
O2 CDP OA . 43.15 11.68 65.71
N3 CDP OA . 41.17 12.29 66.57
C4 CDP OA . 40.44 13.19 67.28
N4 CDP OA . 39.12 12.97 67.50
C5 CDP OA . 41.05 14.33 67.78
C6 CDP OA . 42.39 14.54 67.56
S SO4 PA . 23.10 20.07 103.53
O1 SO4 PA . 23.09 21.00 104.65
O2 SO4 PA . 22.82 18.72 104.01
O3 SO4 PA . 24.41 20.11 102.89
O4 SO4 PA . 22.07 20.48 102.57
S SO4 QA . 26.96 30.46 80.42
O1 SO4 QA . 26.38 29.73 79.30
O2 SO4 QA . 27.17 29.55 81.55
O3 SO4 QA . 28.22 31.05 80.02
O4 SO4 QA . 26.03 31.51 80.84
S SO4 RA . 52.35 -4.12 37.32
O1 SO4 RA . 51.58 -3.24 38.18
O2 SO4 RA . 52.05 -5.50 37.65
O3 SO4 RA . 53.78 -3.86 37.53
O4 SO4 RA . 52.02 -3.85 35.92
S SO4 SA . 16.53 -40.08 24.51
O1 SO4 SA . 16.94 -41.29 25.21
O2 SO4 SA . 15.66 -40.44 23.40
O3 SO4 SA . 15.81 -39.20 25.43
O4 SO4 SA . 17.70 -39.39 23.98
S SO4 TA . 58.76 -12.95 26.50
O1 SO4 TA . 60.09 -13.52 26.60
O2 SO4 TA . 57.94 -13.48 27.58
O3 SO4 TA . 58.85 -11.49 26.62
O4 SO4 TA . 58.17 -13.31 25.21
PG ATP UA . 38.56 8.55 1.60
O1G ATP UA . 39.65 8.06 2.47
O2G ATP UA . 38.87 9.90 0.97
O3G ATP UA . 38.19 7.57 0.50
PB ATP UA . 35.79 9.31 2.08
O1B ATP UA . 35.50 9.11 0.65
O2B ATP UA . 35.68 10.77 2.48
O3B ATP UA . 37.24 8.78 2.45
PA ATP UA . 34.73 6.85 3.10
O1A ATP UA . 35.63 6.25 2.08
O2A ATP UA . 35.21 6.48 4.47
O3A ATP UA . 34.80 8.43 2.97
O5' ATP UA . 33.22 6.42 2.93
C5' ATP UA . 32.18 6.84 3.85
C4' ATP UA . 30.86 6.83 3.13
O4' ATP UA . 30.71 8.03 2.34
C3' ATP UA . 30.66 5.65 2.15
O3' ATP UA . 29.37 5.08 2.31
C2' ATP UA . 30.83 6.31 0.78
O2' ATP UA . 30.08 5.63 -0.22
C1' ATP UA . 30.27 7.70 1.05
N9 ATP UA . 30.71 8.73 0.12
C8 ATP UA . 32.01 9.11 -0.13
N7 ATP UA . 32.12 10.06 -1.02
C5 ATP UA . 30.81 10.34 -1.38
C6 ATP UA . 30.24 11.25 -2.30
N6 ATP UA . 30.96 12.10 -3.03
N1 ATP UA . 28.90 11.26 -2.42
C2 ATP UA . 28.18 10.42 -1.67
N3 ATP UA . 28.60 9.51 -0.78
C4 ATP UA . 29.93 9.52 -0.69
MG MG VA . 36.16 7.16 0.25
PG ATP WA . 35.80 7.87 -3.09
O1G ATP WA . 35.31 9.26 -3.21
O2G ATP WA . 36.67 7.44 -4.25
O3G ATP WA . 36.54 7.61 -1.78
PB ATP WA . 33.94 6.04 -1.87
O1B ATP WA . 32.48 5.90 -2.04
O2B ATP WA . 34.27 6.78 -0.58
O3B ATP WA . 34.57 6.86 -3.08
PA ATP WA . 35.92 4.11 -1.03
O1A ATP WA . 36.69 5.27 -0.52
O2A ATP WA . 36.77 3.26 -1.96
O3A ATP WA . 34.64 4.62 -1.83
O5' ATP WA . 35.32 3.18 0.10
C5' ATP WA . 34.09 3.55 0.74
C4' ATP WA . 33.79 2.57 1.84
O4' ATP WA . 33.69 1.24 1.30
C3' ATP WA . 34.83 2.50 2.96
O3' ATP WA . 34.21 2.37 4.24
C2' ATP WA . 35.69 1.29 2.58
O2' ATP WA . 36.16 0.61 3.74
C1' ATP WA . 34.71 0.40 1.81
N9 ATP WA . 35.32 -0.29 0.69
C8 ATP WA . 36.32 0.18 -0.13
N7 ATP WA . 36.75 -0.69 -1.02
C5 ATP WA . 35.98 -1.81 -0.77
C6 ATP WA . 35.95 -3.09 -1.37
N6 ATP WA . 36.76 -3.46 -2.36
N1 ATP WA . 35.05 -3.98 -0.89
C2 ATP WA . 34.25 -3.62 0.11
N3 ATP WA . 34.19 -2.45 0.76
C4 ATP WA . 35.09 -1.58 0.27
PG ATP XA . 44.08 -10.56 67.73
O1G ATP XA . 42.81 -10.33 68.43
O2G ATP XA . 43.91 -11.33 66.44
O3G ATP XA . 45.10 -11.28 68.59
PB ATP XA . 45.95 -8.83 66.33
O1B ATP XA . 47.04 -8.13 67.02
O2B ATP XA . 46.44 -10.14 65.72
O3B ATP XA . 44.77 -9.18 67.34
PA ATP XA . 44.64 -8.27 63.80
O1A ATP XA . 45.25 -7.52 62.70
O2A ATP XA . 44.81 -9.76 63.57
O3A ATP XA . 45.37 -7.91 65.18
O5' ATP XA . 43.08 -7.99 64.03
C5' ATP XA . 42.15 -9.07 64.23
C4' ATP XA . 40.80 -8.68 63.67
O4' ATP XA . 40.35 -7.45 64.29
C3' ATP XA . 40.75 -8.43 62.17
O3' ATP XA . 39.48 -8.82 61.65
C2' ATP XA . 40.94 -6.92 62.07
O2' ATP XA . 40.35 -6.39 60.89
C1' ATP XA . 40.19 -6.44 63.31
N9 ATP XA . 40.69 -5.19 63.87
C8 ATP XA . 41.96 -4.94 64.32
N7 ATP XA . 42.11 -3.74 64.83
C5 ATP XA . 40.85 -3.17 64.71
C6 ATP XA . 40.33 -1.92 65.10
N6 ATP XA . 41.06 -0.98 65.71
N1 ATP XA . 39.03 -1.67 64.85
C2 ATP XA . 38.30 -2.61 64.25
N3 ATP XA . 38.67 -3.82 63.84
C4 ATP XA . 39.96 -4.04 64.10
MG MG YA . 45.13 -11.48 64.73
O3B CDP ZA . 32.84 -11.01 28.74
PB CDP ZA . 33.00 -12.50 28.80
O1B CDP ZA . 32.02 -13.25 27.94
O2B CDP ZA . 34.43 -12.94 28.65
O3A CDP ZA . 32.66 -12.86 30.32
PA CDP ZA . 31.67 -14.03 30.84
O1A CDP ZA . 32.09 -15.36 30.29
O2A CDP ZA . 30.25 -13.54 30.73
O5' CDP ZA . 32.06 -14.03 32.38
C5' CDP ZA . 32.93 -15.03 32.89
C4' CDP ZA . 33.90 -14.35 33.83
O4' CDP ZA . 34.29 -13.09 33.29
C3' CDP ZA . 33.28 -14.05 35.19
O3' CDP ZA . 33.51 -15.10 36.11
C2' CDP ZA . 33.93 -12.74 35.61
O2' CDP ZA . 35.06 -12.97 36.45
C1' CDP ZA . 34.39 -12.10 34.32
N1 CDP ZA . 33.51 -10.95 34.05
C2 CDP ZA . 33.75 -9.71 34.67
O2 CDP ZA . 34.71 -9.56 35.45
N3 CDP ZA . 32.94 -8.66 34.43
C4 CDP ZA . 31.90 -8.78 33.59
N4 CDP ZA . 31.09 -7.71 33.36
C5 CDP ZA . 31.65 -9.99 32.98
C6 CDP ZA . 32.48 -11.08 33.22
S SO4 AB . 10.69 -8.18 15.12
O1 SO4 AB . 11.34 -9.20 14.30
O2 SO4 AB . 10.15 -8.79 16.33
O3 SO4 AB . 9.59 -7.58 14.35
O4 SO4 AB . 11.66 -7.15 15.47
S SO4 BB . 48.77 -31.95 18.34
O1 SO4 BB . 49.26 -32.99 17.45
O2 SO4 BB . 48.58 -32.50 19.69
O3 SO4 BB . 47.50 -31.44 17.83
O4 SO4 BB . 49.74 -30.86 18.40
S SO4 CB . 10.33 -12.03 20.52
O1 SO4 CB . 9.32 -12.98 20.98
O2 SO4 CB . 11.58 -12.74 20.25
O3 SO4 CB . 9.89 -11.40 19.28
O4 SO4 CB . 10.57 -11.02 21.55
S SO4 DB . 21.38 -16.91 10.83
O1 SO4 DB . 20.44 -17.16 9.74
O2 SO4 DB . 21.75 -18.18 11.45
O3 SO4 DB . 22.58 -16.28 10.28
O4 SO4 DB . 20.77 -16.04 11.82
S SO4 EB . -30.11 34.09 -49.58
O1 SO4 EB . -30.20 32.94 -50.47
O2 SO4 EB . -29.88 33.64 -48.22
O3 SO4 EB . -31.37 34.84 -49.64
O4 SO4 EB . -29.02 34.95 -49.99
S SO4 FB . -18.63 25.98 1.13
O1 SO4 FB . -18.20 24.72 0.54
O2 SO4 FB . -18.29 25.99 2.56
O3 SO4 FB . -20.07 26.12 0.99
O4 SO4 FB . -17.96 27.10 0.46
S SO4 GB . -28.29 47.70 -42.87
O1 SO4 GB . -28.01 47.13 -44.19
O2 SO4 GB . -28.92 46.69 -42.02
O3 SO4 GB . -29.21 48.83 -43.02
O4 SO4 GB . -27.06 48.16 -42.26
PG ATP HB . 9.82 41.03 -48.06
O1G ATP HB . 8.47 41.45 -48.46
O2G ATP HB . 10.88 41.29 -49.12
O3G ATP HB . 10.28 41.66 -46.75
PB ATP HB . 10.97 38.41 -47.51
O1B ATP HB . 12.18 39.09 -47.01
O2B ATP HB . 11.26 37.66 -48.80
O3B ATP HB . 9.82 39.46 -47.82
PA ATP HB . 9.62 37.80 -45.06
O1A ATP HB . 9.83 39.23 -44.75
O2A ATP HB . 8.15 37.55 -45.31
O3A ATP HB . 10.40 37.44 -46.40
O5' ATP HB . 10.13 36.88 -43.88
C5' ATP HB . 9.98 35.45 -43.85
C4' ATP HB . 11.14 34.88 -43.07
O4' ATP HB . 12.28 34.72 -43.92
C3' ATP HB . 11.59 35.73 -41.88
O3' ATP HB . 11.76 34.94 -40.72
C2' ATP HB . 12.92 36.33 -42.36
O2' ATP HB . 13.81 36.55 -41.28
C1' ATP HB . 13.43 35.22 -43.26
N9 ATP HB . 14.40 35.64 -44.25
C8 ATP HB . 14.26 36.64 -45.17
N7 ATP HB . 15.31 36.83 -45.93
C5 ATP HB . 16.21 35.87 -45.48
C6 ATP HB . 17.53 35.56 -45.86
N6 ATP HB . 18.20 36.19 -46.83
N1 ATP HB . 18.15 34.55 -45.21
C2 ATP HB . 17.49 33.92 -44.24
N3 ATP HB . 16.25 34.13 -43.78
C4 ATP HB . 15.67 35.14 -44.46
MG MG IB . 11.42 40.39 -45.55
PG ATP JB . 14.60 41.75 -45.57
O1G ATP JB . 15.64 41.19 -46.47
O2G ATP JB . 14.72 43.26 -45.37
O3G ATP JB . 13.18 41.43 -46.03
PB ATP JB . 13.71 40.35 -43.19
O1B ATP JB . 14.40 39.40 -42.30
O2B ATP JB . 12.71 39.64 -44.08
O3B ATP JB . 14.76 41.10 -44.12
PA ATP JB . 11.45 42.00 -42.54
O1A ATP JB . 11.01 41.66 -43.92
O2A ATP JB . 11.45 43.50 -42.35
O3A ATP JB . 12.92 41.44 -42.34
O5' ATP JB . 10.56 41.32 -41.39
C5' ATP JB . 10.61 39.90 -41.17
C4' ATP JB . 9.45 39.48 -40.32
O4' ATP JB . 9.45 40.25 -39.09
C3' ATP JB . 8.07 39.64 -40.94
O3' ATP JB . 7.25 38.49 -40.74
C2' ATP JB . 7.49 40.89 -40.27
O2' ATP JB . 6.09 40.77 -40.07
C1' ATP JB . 8.21 40.89 -38.91
N9 ATP JB . 8.46 42.24 -38.40
C8 ATP JB . 8.79 43.34 -39.14
N7 ATP JB . 8.89 44.45 -38.44
C5 ATP JB . 8.61 44.03 -37.14
C6 ATP JB . 8.56 44.73 -35.92
N6 ATP JB . 8.77 46.05 -35.80
N1 ATP JB . 8.26 44.03 -34.81
C2 ATP JB . 8.04 42.71 -34.93
N3 ATP JB . 8.06 41.95 -36.02
C4 ATP JB . 8.35 42.68 -37.10
PG ATP KB . -52.01 10.89 -45.48
O1G ATP KB . -51.98 9.46 -45.13
O2G ATP KB . -51.33 11.77 -44.44
O3G ATP KB . -53.43 11.40 -45.71
PB ATP KB . -51.01 12.48 -47.69
O1B ATP KB . -51.70 12.40 -48.99
O2B ATP KB . -51.53 13.66 -46.87
O3B ATP KB . -51.24 11.15 -46.85
PA ATP KB . -48.27 13.20 -46.97
O1A ATP KB . -47.41 14.16 -47.71
O2A ATP KB . -48.91 13.89 -45.78
O3A ATP KB . -49.43 12.67 -47.92
O5' ATP KB . -47.50 11.93 -46.43
C5' ATP KB . -47.76 11.42 -45.11
C4' ATP KB . -46.63 10.51 -44.69
O4' ATP KB . -46.47 9.44 -45.65
C3' ATP KB . -45.27 11.18 -44.57
O3' ATP KB . -44.51 10.63 -43.49
C2' ATP KB . -44.62 10.87 -45.93
O2' ATP KB . -43.20 10.84 -45.80
C1' ATP KB . -45.17 9.48 -46.20
N9 ATP KB . -45.25 9.14 -47.62
C8 ATP KB . -46.09 9.69 -48.55
N7 ATP KB . -45.99 9.17 -49.75
C5 ATP KB . -45.01 8.19 -49.59
C6 ATP KB . -44.45 7.26 -50.48
N6 ATP KB . -44.80 7.15 -51.77
N1 ATP KB . -43.50 6.42 -50.01
C2 ATP KB . -43.14 6.53 -48.71
N3 ATP KB . -43.61 7.35 -47.78
C4 ATP KB . -44.54 8.16 -48.28
MG MG LB . -50.81 13.76 -44.89
O3B CDP MB . -16.96 26.86 -32.43
PB CDP MB . -17.75 27.44 -31.30
O1B CDP MB . -17.04 27.43 -29.96
O2B CDP MB . -18.43 28.73 -31.65
O3A CDP MB . -18.97 26.41 -31.12
PA CDP MB . -19.42 25.75 -29.72
O1A CDP MB . -18.51 24.60 -29.40
O2A CDP MB . -19.69 26.82 -28.70
O5' CDP MB . -20.83 25.16 -30.19
C5' CDP MB . -22.02 25.87 -29.92
C4' CDP MB . -22.92 25.79 -31.14
O4' CDP MB . -22.12 25.90 -32.31
C3' CDP MB . -23.61 24.44 -31.23
O3' CDP MB . -24.96 24.52 -30.77
C2' CDP MB . -23.59 24.09 -32.71
O2' CDP MB . -24.88 24.35 -33.27
C1' CDP MB . -22.57 25.02 -33.34
N1 CDP MB . -21.46 24.20 -33.84
C2 CDP MB . -21.50 23.70 -35.15
O2 CDP MB . -22.47 23.97 -35.88
N3 CDP MB . -20.49 22.95 -35.61
C4 CDP MB . -19.43 22.67 -34.83
N4 CDP MB . -18.41 21.92 -35.31
C5 CDP MB . -19.38 23.15 -33.53
C6 CDP MB . -20.42 23.93 -33.05
S SO4 NB . 19.25 30.92 -25.87
O1 SO4 NB . 19.01 29.74 -25.03
O2 SO4 NB . 19.28 30.53 -27.27
O3 SO4 NB . 20.54 31.51 -25.50
O4 SO4 NB . 18.19 31.90 -25.66
S SO4 OB . -50.36 17.06 -53.66
O1 SO4 OB . -49.50 16.61 -52.57
O2 SO4 OB . -51.74 16.60 -53.42
O3 SO4 OB . -50.34 18.52 -53.73
O4 SO4 OB . -49.89 16.51 -54.93
S SO4 PB . -37.50 -5.43 -99.19
O1 SO4 PB . -36.46 -6.12 -98.45
O2 SO4 PB . -38.81 -5.66 -98.57
O3 SO4 PB . -37.21 -4.01 -99.21
O4 SO4 PB . -37.53 -5.93 -100.56
S SO4 QB . -62.94 17.00 -62.45
O1 SO4 QB . -62.98 16.48 -61.09
O2 SO4 QB . -64.06 16.45 -63.21
O3 SO4 QB . -63.06 18.45 -62.41
O4 SO4 QB . -61.70 16.64 -63.10
PG ATP RB . -66.74 -20.08 -50.40
O1G ATP RB . -66.88 -18.65 -50.11
O2G ATP RB . -67.38 -20.96 -49.34
O3G ATP RB . -67.30 -20.46 -51.77
PB ATP RB . -64.45 -21.88 -50.47
O1B ATP RB . -65.35 -22.93 -50.99
O2B ATP RB . -63.97 -22.24 -49.09
O3B ATP RB . -65.20 -20.48 -50.41
PA ATP RB . -63.28 -21.12 -52.95
O1A ATP RB . -64.69 -21.08 -53.39
O2A ATP RB . -62.68 -19.71 -52.96
O3A ATP RB . -63.23 -21.67 -51.46
O5' ATP RB . -62.39 -22.06 -53.87
C5' ATP RB . -60.98 -22.23 -53.70
C4' ATP RB . -60.60 -23.59 -54.23
O4' ATP RB . -60.91 -24.61 -53.25
C3' ATP RB . -61.33 -24.00 -55.52
O3' ATP RB . -60.42 -24.54 -56.47
C2' ATP RB . -62.33 -25.04 -55.05
O2' ATP RB . -62.62 -26.01 -56.05
C1' ATP RB . -61.57 -25.67 -53.89
N9 ATP RB . -62.42 -26.34 -52.91
C8 ATP RB . -63.58 -25.87 -52.35
N7 ATP RB . -64.16 -26.70 -51.51
C5 ATP RB . -63.31 -27.80 -51.52
C6 ATP RB . -63.36 -29.03 -50.85
N6 ATP RB . -64.34 -29.39 -50.00
N1 ATP RB . -62.36 -29.92 -51.07
C2 ATP RB . -61.39 -29.57 -51.92
N3 ATP RB . -61.24 -28.45 -52.61
C4 ATP RB . -62.24 -27.59 -52.36
MG MG SB . -66.36 -22.13 -52.62
PG ATP TB . -68.32 -24.92 -52.58
O1G ATP TB . -68.55 -26.05 -51.65
O2G ATP TB . -69.59 -24.29 -53.10
O3G ATP TB . -67.44 -23.82 -51.98
PB ATP TB . -66.49 -24.63 -54.78
O1B ATP TB . -65.59 -25.57 -55.49
O2B ATP TB . -65.69 -23.70 -53.87
O3B ATP TB . -67.54 -25.40 -53.88
PA ATP TB . -67.45 -22.13 -55.78
O1A ATP TB . -67.43 -21.67 -54.37
O2A ATP TB . -68.78 -21.77 -56.44
O3A ATP TB . -67.25 -23.70 -55.82
O5' ATP TB . -66.26 -21.52 -56.66
C5' ATP TB . -64.91 -21.96 -56.47
C4' ATP TB . -64.02 -21.30 -57.48
O4' ATP TB . -64.57 -21.48 -58.80
C3' ATP TB . -63.81 -19.79 -57.28
O3' ATP TB . -62.44 -19.43 -57.41
C2' ATP TB . -64.69 -19.17 -58.38
O2' ATP TB . -64.10 -17.98 -58.89
C1' ATP TB . -64.71 -20.24 -59.46
N9 ATP TB . -65.95 -20.27 -60.22
C8 ATP TB . -67.22 -20.26 -59.71
N7 ATP TB . -68.16 -20.25 -60.63
C5 ATP TB . -67.46 -20.26 -61.83
C6 ATP TB . -67.88 -20.27 -63.17
N6 ATP TB . -69.15 -20.24 -63.55
N1 ATP TB . -66.92 -20.28 -64.12
C2 ATP TB . -65.64 -20.30 -63.74
N3 ATP TB . -65.13 -20.28 -62.51
C4 ATP TB . -66.09 -20.28 -61.59
PG ATP UB . -22.20 32.42 -56.52
O1G ATP UB . -20.94 31.68 -56.52
O2G ATP UB . -23.22 31.87 -57.50
O3G ATP UB . -22.03 33.91 -56.78
PB ATP UB . -24.40 32.35 -54.62
O1B ATP UB . -24.59 33.39 -53.59
O2B ATP UB . -25.26 32.64 -55.84
O3B ATP UB . -22.88 32.31 -55.09
PA ATP UB . -25.44 29.65 -54.76
O1A ATP UB . -26.66 29.21 -54.04
O2A ATP UB . -25.78 30.04 -56.18
O3A ATP UB . -24.84 30.93 -54.05
O5' ATP UB . -24.26 28.60 -54.81
C5' ATP UB . -23.46 28.44 -56.00
C4' ATP UB . -22.95 27.03 -56.08
O4' ATP UB . -22.15 26.73 -54.91
C3' ATP UB . -24.01 25.93 -56.15
O3' ATP UB . -23.56 24.84 -56.96
C2' ATP UB . -24.17 25.53 -54.69
O2' ATP UB . -24.59 24.18 -54.57
C1' ATP UB . -22.74 25.67 -54.18
N9 ATP UB . -22.63 25.98 -52.77
C8 ATP UB . -23.08 27.09 -52.11
N7 ATP UB . -22.78 27.14 -50.85
C5 ATP UB . -22.06 25.97 -50.64
C6 ATP UB . -21.42 25.44 -49.50
N6 ATP UB . -21.36 26.05 -48.33
N1 ATP UB . -20.79 24.25 -49.64
C2 ATP UB . -20.80 23.65 -50.83
N3 ATP UB . -21.36 24.06 -51.97
C4 ATP UB . -21.98 25.23 -51.80
MG MG VB . -25.29 31.48 -57.60
O3B CDP WB . -44.15 -0.71 -69.10
PB CDP WB . -44.15 0.29 -67.98
O1B CDP WB . -44.12 -0.31 -66.59
O2B CDP WB . -45.16 1.38 -68.13
O3A CDP WB . -42.74 1.06 -68.06
PA CDP WB . -41.79 1.15 -69.36
O1A CDP WB . -40.81 0.02 -69.33
O2A CDP WB . -42.63 1.44 -70.57
O5' CDP WB . -40.96 2.48 -69.02
C5' CDP WB . -41.14 3.68 -69.75
C4' CDP WB . -41.13 4.82 -68.75
O4' CDP WB . -41.69 4.36 -67.53
C3' CDP WB . -39.73 5.28 -68.42
O3' CDP WB . -39.44 6.52 -69.07
C2' CDP WB . -39.68 5.48 -66.92
O2' CDP WB . -39.73 6.87 -66.61
C1' CDP WB . -40.95 4.81 -66.40
N1 CDP WB . -40.56 3.67 -65.55
C2 CDP WB . -40.33 3.85 -64.17
O2 CDP WB . -40.46 4.98 -63.67
N3 CDP WB . -39.97 2.81 -63.40
C4 CDP WB . -39.84 1.58 -63.94
N4 CDP WB . -39.48 0.53 -63.15
C5 CDP WB . -40.06 1.38 -65.29
C6 CDP WB . -40.43 2.46 -66.09
S SO4 XB . -50.77 -17.78 -78.76
O1 SO4 XB . -51.12 -18.72 -79.83
O2 SO4 XB . -50.73 -18.49 -77.48
O3 SO4 XB . -49.46 -17.22 -79.04
O4 SO4 XB . -51.76 -16.71 -78.70
S SO4 YB . 23.60 -29.96 -47.43
O1 SO4 YB . 22.18 -30.02 -47.74
O2 SO4 YB . 23.84 -30.55 -46.12
O3 SO4 YB . 24.35 -30.71 -48.44
O4 SO4 YB . 24.06 -28.58 -47.43
S SO4 ZB . 30.99 19.59 -32.66
O1 SO4 ZB . 29.66 19.98 -33.15
O2 SO4 ZB . 30.92 18.27 -32.05
O3 SO4 ZB . 31.92 19.56 -33.78
O4 SO4 ZB . 31.44 20.56 -31.67
PG ATP AC . 12.93 -30.43 -8.67
O1G ATP AC . 13.70 -31.00 -9.78
O2G ATP AC . 12.31 -31.49 -7.77
O3G ATP AC . 13.73 -29.46 -7.81
PB ATP AC . 10.50 -28.84 -8.58
O1B ATP AC . 10.80 -28.56 -7.16
O2B ATP AC . 9.27 -29.68 -8.72
O3B ATP AC . 11.70 -29.60 -9.27
PA ATP AC . 11.44 -26.33 -9.59
O1A ATP AC . 12.63 -26.65 -8.76
O2A ATP AC . 11.81 -26.35 -11.05
O3A ATP AC . 10.34 -27.45 -9.35
O5' ATP AC . 10.85 -24.91 -9.22
C5' ATP AC . 9.76 -24.27 -9.92
C4' ATP AC . 9.12 -23.29 -8.98
O4' ATP AC . 8.24 -23.97 -8.05
C3' ATP AC . 10.09 -22.47 -8.11
O3' ATP AC . 9.70 -21.12 -8.07
C2' ATP AC . 9.96 -23.13 -6.73
O2' ATP AC . 10.24 -22.21 -5.69
C1' ATP AC . 8.49 -23.52 -6.75
N9 ATP AC . 8.12 -24.56 -5.80
C8 ATP AC . 8.72 -25.77 -5.62
N7 ATP AC . 8.18 -26.51 -4.69
C5 ATP AC . 7.15 -25.73 -4.21
C6 ATP AC . 6.18 -25.93 -3.20
N6 ATP AC . 6.11 -27.04 -2.46
N1 ATP AC . 5.30 -24.95 -2.97
C2 ATP AC . 5.37 -23.82 -3.70
N3 ATP AC . 6.23 -23.52 -4.67
C4 ATP AC . 7.10 -24.52 -4.88
MG MG BC . 12.74 -27.80 -6.98
PG ATP CC . 12.56 -28.25 -3.60
O1G ATP CC . 11.23 -28.74 -3.23
O2G ATP CC . 13.66 -28.74 -2.68
O3G ATP CC . 12.93 -28.60 -5.04
PB ATP CC . 12.64 -25.53 -4.61
O1B ATP CC . 11.89 -24.32 -4.22
O2B ATP CC . 12.07 -26.13 -5.90
O3B ATP CC . 12.59 -26.66 -3.49
PA ATP CC . 15.17 -25.70 -6.00
O1A ATP CC . 14.61 -26.91 -6.63
O2A ATP CC . 16.50 -26.04 -5.35
O3A ATP CC . 14.17 -25.18 -4.88
O5' ATP CC . 15.37 -24.47 -6.97
C5' ATP CC . 14.24 -23.68 -7.39
C4' ATP CC . 14.69 -22.70 -8.45
O4' ATP CC . 15.79 -21.90 -7.93
C3' ATP CC . 15.16 -23.32 -9.76
O3' ATP CC . 14.64 -22.60 -10.89
C2' ATP CC . 16.68 -23.24 -9.67
O2' ATP CC . 17.26 -23.02 -10.96
C1' ATP CC . 16.91 -22.02 -8.79
N9 ATP CC . 18.10 -22.12 -7.96
C8 ATP CC . 18.57 -23.26 -7.36
N7 ATP CC . 19.73 -23.12 -6.75
C5 ATP CC . 20.04 -21.78 -6.97
C6 ATP CC . 21.14 -20.99 -6.60
N6 ATP CC . 22.21 -21.47 -5.93
N1 ATP CC . 21.14 -19.70 -6.95
C2 ATP CC . 20.10 -19.22 -7.65
N3 ATP CC . 19.00 -19.87 -8.06
C4 ATP CC . 19.04 -21.15 -7.70
PG ATP DC . 15.78 -17.47 -76.15
O1G ATP DC . 14.71 -16.47 -76.35
O2G ATP DC . 16.75 -17.08 -75.03
O3G ATP DC . 16.58 -17.75 -77.40
PB ATP DC . 15.81 -20.09 -74.92
O1B ATP DC . 15.66 -21.32 -75.72
O2B ATP DC . 17.28 -19.77 -74.69
O3B ATP DC . 15.16 -18.86 -75.70
PA ATP DC . 15.37 -19.60 -72.09
O1A ATP DC . 15.53 -20.65 -71.06
O2A ATP DC . 16.63 -18.77 -72.20
O3A ATP DC . 15.11 -20.27 -73.51
O5' ATP DC . 14.15 -18.63 -71.87
C5' ATP DC . 14.19 -17.23 -72.22
C4' ATP DC . 13.22 -16.45 -71.37
O4' ATP DC . 11.86 -16.87 -71.68
C3' ATP DC . 13.36 -16.63 -69.86
O3' ATP DC . 13.02 -15.43 -69.18
C2' ATP DC . 12.39 -17.77 -69.55
O2' ATP DC . 11.90 -17.69 -68.23
C1' ATP DC . 11.27 -17.49 -70.55
N9 ATP DC . 10.55 -18.67 -71.00
C8 ATP DC . 11.06 -19.72 -71.71
N7 ATP DC . 10.16 -20.61 -72.09
C5 ATP DC . 8.96 -20.09 -71.59
C6 ATP DC . 7.64 -20.52 -71.69
N6 ATP DC . 7.26 -21.62 -72.36
N1 ATP DC . 6.68 -19.77 -71.11
C2 ATP DC . 7.05 -18.65 -70.47
N3 ATP DC . 8.28 -18.14 -70.31
C4 ATP DC . 9.21 -18.91 -70.91
MG MG EC . 17.99 -18.09 -73.65
O3B CDP FC . 19.74 -9.21 -35.62
PB CDP FC . 19.51 -10.41 -36.49
O1B CDP FC . 18.25 -11.15 -36.19
O2B CDP FC . 20.69 -11.32 -36.66
O3A CDP FC . 19.26 -9.85 -37.97
PA CDP FC . 19.43 -8.32 -38.47
O1A CDP FC . 18.21 -7.55 -38.08
O2A CDP FC . 20.81 -7.82 -38.12
O5' CDP FC . 19.34 -8.58 -40.05
C5' CDP FC . 20.48 -8.51 -40.89
C4' CDP FC . 20.38 -9.64 -41.90
O4' CDP FC . 19.81 -10.79 -41.26
C3' CDP FC . 19.45 -9.32 -43.05
O3' CDP FC . 20.17 -8.82 -44.18
C2' CDP FC . 18.77 -10.63 -43.38
O2' CDP FC . 19.45 -11.29 -44.45
C1' CDP FC . 18.90 -11.46 -42.12
N1 CDP FC . 17.56 -11.56 -41.51
C2 CDP FC . 16.69 -12.60 -41.86
O2 CDP FC . 17.06 -13.47 -42.68
N3 CDP FC . 15.46 -12.68 -41.31
C4 CDP FC . 15.05 -11.75 -40.42
N4 CDP FC . 13.83 -11.85 -39.87
C5 CDP FC . 15.90 -10.71 -40.06
C6 CDP FC . 17.17 -10.63 -40.62
S SO4 GC . 9.04 -5.96 -0.90
O1 SO4 GC . 8.68 -6.86 -1.99
O2 SO4 GC . 9.04 -6.70 0.35
O3 SO4 GC . 10.37 -5.41 -1.13
O4 SO4 GC . 8.07 -4.87 -0.82
S SO4 HC . -24.25 -59.43 -77.83
O1 SO4 HC . -23.19 -60.25 -77.28
O2 SO4 HC . -25.32 -60.30 -78.33
O3 SO4 HC . -24.80 -58.56 -76.78
O4 SO4 HC . -23.72 -58.61 -78.92
S SO4 IC . 19.23 -36.02 -86.05
O1 SO4 IC . 20.48 -36.61 -86.53
O2 SO4 IC . 18.67 -36.86 -85.00
O3 SO4 IC . 19.50 -34.68 -85.54
O4 SO4 IC . 18.28 -35.93 -87.15
PG ATP JC . -4.40 -10.11 -102.39
O1G ATP JC . -3.20 -10.81 -101.89
O2G ATP JC . -4.06 -8.78 -103.06
O3G ATP JC . -5.23 -10.97 -103.34
PB ATP JC . -6.81 -9.16 -101.05
O1B ATP JC . -7.54 -9.29 -102.32
O2B ATP JC . -6.73 -7.72 -100.59
O3B ATP JC . -5.34 -9.74 -101.16
PA ATP JC . -7.81 -11.61 -100.00
O1A ATP JC . -7.38 -12.12 -101.33
O2A ATP JC . -7.03 -12.29 -98.89
O3A ATP JC . -7.51 -10.05 -99.94
O5' ATP JC . -9.36 -11.84 -99.78
C5' ATP JC . -10.03 -11.77 -98.51
C4' ATP JC . -11.52 -11.72 -98.78
O4' ATP JC . -11.89 -10.41 -99.24
C3' ATP JC . -12.01 -12.71 -99.84
O3' ATP JC . -13.23 -13.33 -99.45
C2' ATP JC . -12.21 -11.82 -101.07
O2' ATP JC . -13.22 -12.32 -101.94
C1' ATP JC . -12.64 -10.51 -100.42
N9 ATP JC . -12.42 -9.33 -101.23
C8 ATP JC . -11.30 -8.99 -101.93
N7 ATP JC . -11.39 -7.87 -102.60
C5 ATP JC . -12.68 -7.44 -102.33
C6 ATP JC . -13.40 -6.30 -102.73
N6 ATP JC . -12.91 -5.36 -103.56
N1 ATP JC . -14.66 -6.15 -102.27
C2 ATP JC . -15.16 -7.09 -101.46
N3 ATP JC . -14.57 -8.20 -101.02
C4 ATP JC . -13.33 -8.31 -101.49
MG MG KC . -7.33 -11.17 -103.23
PG ATP LC . -8.72 -9.80 -106.10
O1G ATP LC . -9.11 -8.39 -105.98
O2G ATP LC . -8.27 -10.20 -107.48
O3G ATP LC . -7.67 -10.21 -105.09
PB ATP LC . -10.16 -11.84 -104.65
O1B ATP LC . -11.59 -12.06 -104.36
O2B ATP LC . -9.41 -11.39 -103.41
O3B ATP LC . -9.98 -10.74 -105.78
PA ATP LC . -8.26 -14.03 -104.69
O1A ATP LC . -7.33 -13.14 -103.95
O2A ATP LC . -7.58 -14.65 -105.88
O3A ATP LC . -9.51 -13.19 -105.20
O5' ATP LC . -8.90 -15.18 -103.81
C5' ATP LC . -9.79 -14.90 -102.72
C4' ATP LC . -9.78 -16.06 -101.76
O4' ATP LC . -10.11 -17.27 -102.47
C3' ATP LC . -8.45 -16.31 -101.04
O3' ATP LC . -8.66 -16.66 -99.67
C2' ATP LC . -7.84 -17.45 -101.84
O2' ATP LC . -7.04 -18.31 -101.03
C1' ATP LC . -9.07 -18.22 -102.33
N9 ATP LC . -8.87 -18.86 -103.62
C8 ATP LC . -8.12 -18.39 -104.67
N7 ATP LC . -8.05 -19.21 -105.69
C5 ATP LC . -8.81 -20.29 -105.29
C6 ATP LC . -9.11 -21.52 -105.92
N6 ATP LC . -8.66 -21.88 -107.12
N1 ATP LC . -9.91 -22.39 -105.24
C2 ATP LC . -10.34 -22.06 -104.02
N3 ATP LC . -10.10 -20.94 -103.32
C4 ATP LC . -9.33 -20.10 -104.03
PG ATP MC . 16.33 -35.62 -42.31
O1G ATP MC . 15.23 -35.27 -41.39
O2G ATP MC . 15.86 -36.24 -43.61
O3G ATP MC . 17.36 -36.54 -41.69
PB ATP MC . 17.92 -33.92 -44.03
O1B ATP MC . 19.19 -33.27 -43.66
O2B ATP MC . 18.14 -35.17 -44.86
O3B ATP MC . 17.11 -34.30 -42.71
PA ATP MC . 15.95 -33.13 -46.02
O1A ATP MC . 16.30 -32.34 -47.22
O2A ATP MC . 15.90 -34.61 -46.34
O3A ATP MC . 17.04 -32.90 -44.89
O5' ATP MC . 14.57 -32.73 -45.34
C5' ATP MC . 13.61 -33.73 -44.94
C4' ATP MC . 12.23 -33.14 -45.06
O4' ATP MC . 12.15 -31.92 -44.31
C3' ATP MC . 11.78 -32.79 -46.48
O3' ATP MC . 10.39 -33.03 -46.64
C2' ATP MC . 12.11 -31.30 -46.58
O2' ATP MC . 11.23 -30.64 -47.48
C1' ATP MC . 11.82 -30.83 -45.15
N9 ATP MC . 12.60 -29.68 -44.72
C8 ATP MC . 13.96 -29.59 -44.59
N7 ATP MC . 14.39 -28.46 -44.09
C5 ATP MC . 13.23 -27.74 -43.89
C6 ATP MC . 12.99 -26.47 -43.33
N6 ATP MC . 13.95 -25.67 -42.85
N1 ATP MC . 11.71 -26.05 -43.25
C2 ATP MC . 10.74 -26.86 -43.69
N3 ATP MC . 10.84 -28.08 -44.22
C4 ATP MC . 12.12 -28.46 -44.29
MG MG NC . 16.61 -36.42 -45.57
O3B CDP OC . -4.61 -32.22 -76.73
PB CDP OC . -4.60 -33.73 -76.71
O1B CDP OC . -5.85 -34.35 -77.27
O2B CDP OC . -3.31 -34.31 -77.21
O3A CDP OC . -4.60 -34.11 -75.15
PA CDP OC . -5.49 -35.29 -74.49
O1A CDP OC . -5.34 -36.54 -75.30
O2A CDP OC . -6.84 -34.73 -74.14
O5' CDP OC . -4.70 -35.49 -73.12
C5' CDP OC . -3.82 -36.58 -72.95
C4' CDP OC . -2.58 -36.03 -72.28
O4' CDP OC . -2.33 -34.73 -72.81
C3' CDP OC . -2.77 -35.85 -70.80
O3' CDP OC . -2.25 -36.96 -70.06
C2' CDP OC . -2.00 -34.59 -70.47
O2' CDP OC . -0.70 -34.95 -70.01
C1' CDP OC . -1.86 -33.85 -71.78
N1 CDP OC . -2.66 -32.62 -71.75
C2 CDP OC . -2.11 -31.45 -71.18
O2 CDP OC . -0.98 -31.46 -70.71
N3 CDP OC . -2.83 -30.32 -71.14
C4 CDP OC . -4.08 -30.28 -71.64
N4 CDP OC . -4.79 -29.13 -71.60
C5 CDP OC . -4.63 -31.43 -72.21
C6 CDP OC . -3.89 -32.59 -72.25
S SO4 PC . -28.79 -19.57 -101.86
O1 SO4 PC . -30.19 -19.92 -101.61
O2 SO4 PC . -27.99 -20.79 -101.92
O3 SO4 PC . -28.67 -18.84 -103.12
O4 SO4 PC . -28.31 -18.73 -100.78
S SO4 QC . -28.94 -26.43 -83.12
O1 SO4 QC . -29.37 -27.22 -84.27
O2 SO4 QC . -28.56 -27.33 -82.03
O3 SO4 QC . -27.80 -25.60 -83.48
O4 SO4 QC . -30.04 -25.58 -82.68
S SO4 RC . 20.47 -46.00 -95.79
O1 SO4 RC . 19.12 -45.45 -95.74
O2 SO4 RC . 20.40 -47.45 -95.69
O3 SO4 RC . 21.10 -45.62 -97.05
O4 SO4 RC . 21.23 -45.47 -94.67
#